data_9G9T
#
_entry.id   9G9T
#
_cell.length_a   1.00
_cell.length_b   1.00
_cell.length_c   1.00
_cell.angle_alpha   90.00
_cell.angle_beta   90.00
_cell.angle_gamma   90.00
#
_symmetry.space_group_name_H-M   'P 1'
#
loop_
_entity.id
_entity.type
_entity.pdbx_description
1 polymer 'Cytochrome b'
2 polymer 'Cytochrome c1, heme protein'
3 polymer 'Putative ubiquinol cytochrome c oxidoreductase'
4 polymer 'Putative peptidase M16 family protein'
5 polymer Alpha-MPP
6 polymer 'Putative ubiquinol-cytochrome c reductase hinge protein'
7 polymer 'Ubiquinol-cytochrome c reductase'
8 polymer QCR8/TGGT1_227910
9 polymer 'Ubiquinol-cytochrome C family reductase UQCRX/QCR9-like protein'
10 polymer 'Transmembrane protein'
11 polymer 'Transmembrane protein'
12 polymer 'Transmembrane protein'
13 non-polymer CARDIOLIPIN
14 non-polymer 6-chloranyl-7-methoxy-2-methyl-3-[4-[4-(trifluoromethyloxy)phenoxy]phenyl]-1~{H}-quinolin-4-one
15 non-polymer 'PROTOPORPHYRIN IX CONTAINING FE'
16 non-polymer 'MAGNESIUM ION'
17 non-polymer 'HEME C'
18 non-polymer 1,2-DIACYL-SN-GLYCERO-3-PHOSPHOCHOLINE
19 non-polymer 'ZINC ION'
20 water water
#
loop_
_entity_poly.entity_id
_entity_poly.type
_entity_poly.pdbx_seq_one_letter_code
_entity_poly.pdbx_strand_id
1 'polypeptide(L)'
;FMSLFRAHLVFYRCALNLNSSYNFGFLVAMTFVLQIITGITLAFRYTSEASCAFASVQHLVREVAAGWEFRMLHATTASF
VFLCILIHMTRGLYNWSYSYLTTAWMSGLVLYLLTIATAFLGYVLPWGQMSFWGATVITNLLSPIPYLVPWLLGGYYVSD
VTLKRFFVLHFILPFIGCIIIVLHIFYLHLNGSSNPAGIDTALKVAFYPHMLMTDAKCLSYLIGLIFLQAAFGLMELSHP
DNSIPVNRFVTPLHIVPEWYFLAYYAVLKVIPSKTGGLLVFMSSLINLGLLSEIRALNTRMLIRQQFMTRNVVSGWVIIW
VYSMIFLIIIGSAIPQATYILYGRLATILYLTTGLVLCLY
;
A,a
2 'polypeptide(L)'
;MGGGGGGALNKLFPGYKDKIWMKVPVQWRQQMIQHWNKSYEKQVYSESVALNRTFQARNQLVLDRLKPSGAYRLPAVDYK
RQLSRGTLVEGADFYLPTAQEQQRLARHFEPYSEQEQEERRKFRFQSISVYLAVALGASFVHDYFYQRRPVAWCLEKEPP
HPPSYPFWFKSLFHSHDIPSVRRGYEVYRKVCATCHSMEQLHFRHLVGEVLPEKRVKQIAAEYDVTDGPNDQGEMYTRPG
ILGDAFPSPYPNEEAARYANGGAYPPDLSLITAARHFGPDYLMALLGGYRDPPEGVELRPGLYWNVWFPGNAIAMPPPLM
DEMIDYEDGTPCNISQMSKDVVNFLTWATEPTADERKLYGLKCVSAIAIGTVLMTLWWRFYWAMYATRRIDFGKLKYL
;
B,b
3 'polypeptide(L)'
;MRHLARCASRRAVKWTERDSPVANFLRSSSCCPFQLLQASRAKIQRLRTSERFRLRSAQKLAPTRFPPFTHGPLFFSLPS
RLTVPSSLRSLSAFSAPLSLPFRGTMAFLSSPLFAAKASLAARVHALGCSTTSLTSPLAARALAASSLSLFSVSPRRHFS
VHSHNIRPDKHELPASEVPLYYNRFDQADHPSLWQLEEEQQRKHLDQEVTDVSQLVEPVSSPHQTEGWFKRLRYWHYKET
AEPTFPRTPDLSKGELAAGATVTRTSVWHDPNEPAIVSVSRFAPDNFRAVGFAENVPNPESTNSDSHPDFREYRLGPGSV
DRRPFVYFMSASYFFITASMMRSFLCKWVHYWWVSRDMLAAGTTEVDLRPIQEGMTAVFKWRGKPVFVRHRTAEDIAKAQ
ADDALIGTMKDPQLDSERCPRPQWLINIGVCTHLGCIPTDGGNYGGWFCPCHGSHYDTSGRIRLGPAPSNLELPPTVFLD
DHTVKLG
;
C,c
4 'polypeptide(L)'
;MMFRFLPRVASGASSLSVSQRRLRASFSSSLQSRGFFSAAPAAATAGVSPLARSVDAAIPEEAFNQPPTLTTTLPNGIRV
ATQRLPFHQTATVGVWIDSGSRYDTKETNGAAHFLEHMTFKGTKRRSRIQLEQEIENMGAHLNAYTSREQTVYYAKAFKK
DIPQCVDILSDILLNSTIDEEAVQMEKHVILREMEEVERQTEEVIFDRLHTTAFRDSPLGYTILGPEENIRNMTREHILE
YINRNYTSDRMVVAAAGDVDHKELTALVEKHFAGLPQPKRSKIILPTEKPFFCGSELLHRNDDMGPTAHVAVGFEGVPWK
SPDAVTFMLMQAIVGSYRKHDEGIVPGKVSANATVRNVCNKMTVGCADMFSAFNTCYSDTGLFGFYAQCDEVALEHCVME
IMFGITSLSYAVTDEEVERAKAQLKTQLLGHLDSTTAVAEDIGRQMLAYGRRMPLAEFLKRLEVIDAEEVKRVAWKYLHD
AEVAVAGLGPLFGMPQLINLRRATFWLRY
;
D,d
5 'polypeptide(L)'
;MNASILFRRNAPGVSTCLRRRCLRPAALAAASASGVSTPASGVWTPAFQRTEKRFLSGAALQPKAGPAPEYRRVPFVKED
MEKVMEEVPEFKYYYVGKENTKGNVYEGIPLDQSILEPADLRDYVPPHSNIQYSKLDNGLRIASMDRGGLTASLGLFVHA
GTRFEDVTNFGVTHMIQNLAFASTAHLSLLRTVKTIEVLGANAGCVVGREHLVYSAECLRSHMPLLVPMLTGNVLFPRFL
PWELKACKEKLIMARKRLEHMPDQMVSELLHTTAWHNNTLGHKLHCTERSLGHYNPDVIRHYMLQHFSPENMVFVGVNVN
HDELCTWLMRAFVDYNAIPPSKRTVASPVYTGGDVRLETPSPHAHMAIAFETPGGWNGGDLVAYSVLQTILGGGGAFSTG
GPGKGMYTRLYLNVLNQNEWVESAMAFNTQYTDSGIFGLYMLADPTKSANAVKVMAEQFGKMGSVTKEELQRAKNSLKSS
IFMNLECRGIVMEDVGRQLLMSNRVISPQEFCTAIDAVTEADIKRVVDAMYKKPPTVVAYGDVSTVPHYEEVRAALRAAG
VGK
;
E,e
6 'polypeptide(L)'
;MSYPYYCEFFVKFPNYIPPKDPAERLVDPRQKLEPGCTARCSLWVNEYDACTKRVRARTDNKGNCSGQYEELHVCIDRCV
AKDIFKYLK
;
F,f
7 'polypeptide(L)'
;MAQFHREIGKLFASYSNKITANSPVQYVPSPPTKGKVRRALSSALMPVWFKFFRGPLDRWNLAVMAKYLRDHGLMYDDLY
SDKEPVFARALELLPPDIQAARFRRLMRGTYLNHLRLYLPVHEQNYDPFIPYMAPYVEEAKFQLQEEEELLGYHMWEGVW
YSGGVTGFGDKEPGEHFLVALPNLYGAGGSPMQAGGKHFSSHAASAARARLATLAQKRLEEAMQQRERQSVSQN
;
G,g
8 'polypeptide(L)'
;MAASRLCQYLAGRGQTGLLSLSAPRLGAPKFERKMLGSYPVSPEFEMVWRDRLTAHGGYIQQTISPYQLKFIYPFWHTFF
ARCWCKCSAYAWPWVWPGLITFGLVKKMNHDVEEDIRDHYWY
;
H,h
9 'polypeptide(L)'
;MHFSGVFLRTSRVFLASESSAAGSKVAKSLPGIRFGNPWRDDYPEWIWKSLRVSRKDKDMFAPFFKLLNATKLYEYCLKD
NRRYCMFVMGVGLVSSWMWSEWWNSVWRRINKGKLYNDVPYVYPEEDE
;
I,i
10 'polypeptide(L)' MSRAVYAKLWASTAQYTQRRHYAWYQIWSRVIPWSVPWGIFAMWMVFPAMPVEYRQALTFGIWQKPNIGTHGPDPADAKK J,j
11 'polypeptide(L)'
;MATHNCLRQTAAQMLGQNANVFRFFSKSAPSRPSGNVALESVKNAAVAETETFAGRANVAAGTGKLEGSLLPPPHIPGIR
RAPREPASPKMAGMEGRMPVRLPPEGSRFRQYVDPRADVYFPLTAVLVTLGPLYMFSKAFF
;
K,k
12 'polypeptide(L)'
;MNCPNLPAPEEFVVPVFSAGPPVGKNCFHCGIRLRRGHSSPTYSFPPYCVTMSYGNGTVLMPIVRRVFIGALVGIYAYAA
TDVVLIPGYAQLMQKWKKGSSTPAHGGGH
;
L,l
#
loop_
_chem_comp.id
_chem_comp.type
_chem_comp.name
_chem_comp.formula
A1IJD non-polymer 6-chloranyl-7-methoxy-2-methyl-3-[4-[4-(trifluoromethyloxy)phenoxy]phenyl]-1~{H}-quinolin-4-one 'C24 H17 Cl F3 N O4'
CDL non-polymer CARDIOLIPIN 'C81 H156 O17 P2 -2'
HEC non-polymer 'HEME C' 'C34 H34 Fe N4 O4'
HEM non-polymer 'PROTOPORPHYRIN IX CONTAINING FE' 'C34 H32 Fe N4 O4'
MG non-polymer 'MAGNESIUM ION' 'Mg 2'
PC1 non-polymer 1,2-DIACYL-SN-GLYCERO-3-PHOSPHOCHOLINE 'C44 H88 N O8 P'
ZN non-polymer 'ZINC ION' 'Zn 2'
#
# COMPACT_ATOMS: atom_id res chain seq x y z
N PHE A 1 5.27 7.95 6.49
CA PHE A 1 6.14 6.81 6.78
C PHE A 1 6.01 6.34 8.22
N MET A 2 5.12 6.99 8.99
CA MET A 2 4.95 6.64 10.39
C MET A 2 4.15 5.36 10.60
N SER A 3 3.31 4.96 9.63
CA SER A 3 2.67 3.66 9.71
C SER A 3 3.67 2.54 9.47
N LEU A 4 4.70 2.78 8.67
CA LEU A 4 5.77 1.81 8.50
C LEU A 4 6.63 1.73 9.76
N PHE A 5 6.80 2.86 10.45
CA PHE A 5 7.62 2.89 11.65
C PHE A 5 6.97 2.10 12.78
N ARG A 6 5.65 2.24 12.94
CA ARG A 6 4.96 1.54 14.02
C ARG A 6 4.70 0.07 13.67
N ALA A 7 4.60 -0.24 12.37
CA ALA A 7 4.36 -1.61 11.95
C ALA A 7 5.59 -2.49 12.14
N HIS A 8 6.79 -1.91 12.03
CA HIS A 8 8.02 -2.67 12.01
C HIS A 8 8.89 -2.49 13.24
N LEU A 9 8.58 -1.50 14.10
CA LEU A 9 9.36 -1.25 15.30
C LEU A 9 8.53 -1.16 16.56
N VAL A 10 7.21 -1.32 16.48
CA VAL A 10 6.36 -1.25 17.67
C VAL A 10 5.50 -2.51 17.80
N PHE A 11 4.73 -2.82 16.77
CA PHE A 11 3.77 -3.93 16.81
C PHE A 11 4.30 -5.22 16.21
N TYR A 12 5.52 -5.21 15.67
CA TYR A 12 6.13 -6.43 15.13
C TYR A 12 6.31 -7.47 16.24
N ARG A 13 5.85 -8.69 15.98
CA ARG A 13 5.82 -9.76 16.98
C ARG A 13 7.05 -10.65 16.86
N CYS A 14 7.61 -11.03 18.00
CA CYS A 14 8.85 -11.82 18.04
C CYS A 14 8.72 -12.94 19.07
N ALA A 15 9.46 -14.03 18.82
CA ALA A 15 9.46 -15.18 19.72
C ALA A 15 10.00 -14.80 21.09
N LEU A 16 9.44 -15.40 22.14
CA LEU A 16 9.78 -15.01 23.50
C LEU A 16 11.19 -15.41 23.90
N ASN A 17 11.77 -16.42 23.25
CA ASN A 17 13.06 -16.95 23.66
C ASN A 17 14.25 -16.31 22.93
N LEU A 18 14.09 -15.09 22.42
CA LEU A 18 15.21 -14.35 21.89
C LEU A 18 16.17 -13.95 23.01
N ASN A 19 17.42 -13.75 22.66
CA ASN A 19 18.44 -13.36 23.63
C ASN A 19 19.46 -12.46 22.93
N SER A 20 20.62 -12.26 23.56
CA SER A 20 21.58 -11.28 23.09
C SER A 20 22.23 -11.67 21.77
N SER A 21 22.21 -12.94 21.40
CA SER A 21 22.72 -13.35 20.10
C SER A 21 21.93 -12.72 18.94
N TYR A 22 20.74 -12.17 19.22
CA TYR A 22 19.91 -11.53 18.20
C TYR A 22 19.91 -10.01 18.31
N ASN A 23 20.89 -9.44 19.02
CA ASN A 23 20.98 -7.99 19.22
C ASN A 23 22.11 -7.34 18.44
N PHE A 24 22.98 -8.10 17.80
CA PHE A 24 24.17 -7.53 17.17
C PHE A 24 23.92 -6.93 15.80
N GLY A 25 22.76 -7.18 15.18
CA GLY A 25 22.41 -6.46 13.98
C GLY A 25 22.16 -4.99 14.25
N PHE A 26 21.47 -4.69 15.35
CA PHE A 26 21.25 -3.30 15.76
C PHE A 26 22.56 -2.61 16.07
N LEU A 27 23.48 -3.30 16.74
CA LEU A 27 24.75 -2.67 17.13
C LEU A 27 25.58 -2.28 15.90
N VAL A 28 25.62 -3.14 14.89
CA VAL A 28 26.34 -2.79 13.65
C VAL A 28 25.75 -1.52 13.04
N ALA A 29 24.42 -1.47 12.93
CA ALA A 29 23.78 -0.29 12.38
C ALA A 29 24.19 0.97 13.15
N MET A 30 24.23 0.90 14.48
CA MET A 30 24.59 2.06 15.27
C MET A 30 26.04 2.46 15.06
N THR A 31 26.91 1.50 14.77
CA THR A 31 28.30 1.85 14.47
C THR A 31 28.42 2.61 13.16
N PHE A 32 27.62 2.26 12.15
CA PHE A 32 27.59 3.03 10.91
C PHE A 32 27.20 4.48 11.18
N VAL A 33 26.13 4.67 11.96
CA VAL A 33 25.68 6.02 12.31
C VAL A 33 26.80 6.81 12.95
N LEU A 34 27.46 6.23 13.96
CA LEU A 34 28.54 6.94 14.64
C LEU A 34 29.67 7.29 13.70
N GLN A 35 29.98 6.38 12.76
CA GLN A 35 31.05 6.65 11.80
C GLN A 35 30.68 7.79 10.85
N ILE A 36 29.43 7.82 10.39
CA ILE A 36 29.00 8.89 9.49
C ILE A 36 29.09 10.25 10.20
N ILE A 37 28.71 10.29 11.47
CA ILE A 37 28.73 11.55 12.21
C ILE A 37 30.17 12.01 12.42
N THR A 38 31.03 11.13 12.94
CA THR A 38 32.42 11.49 13.18
C THR A 38 33.19 11.67 11.88
N GLY A 39 32.87 10.87 10.86
CA GLY A 39 33.57 10.99 9.59
C GLY A 39 33.36 12.34 8.93
N ILE A 40 32.10 12.76 8.78
CA ILE A 40 31.80 14.07 8.21
C ILE A 40 32.52 15.17 8.99
N THR A 41 32.53 15.06 10.32
CA THR A 41 33.19 16.07 11.14
C THR A 41 34.69 16.12 10.86
N LEU A 42 35.33 14.96 10.71
CA LEU A 42 36.75 14.95 10.37
C LEU A 42 37.00 15.55 8.99
N ALA A 43 36.05 15.39 8.07
CA ALA A 43 36.24 15.86 6.70
C ALA A 43 36.34 17.38 6.64
N PHE A 44 35.74 18.09 7.59
CA PHE A 44 35.81 19.55 7.60
C PHE A 44 37.24 20.07 7.76
N ARG A 45 38.18 19.24 8.22
CA ARG A 45 39.55 19.69 8.48
C ARG A 45 40.61 18.76 7.90
N TYR A 46 40.24 17.80 7.06
CA TYR A 46 41.20 16.91 6.43
C TYR A 46 41.61 17.43 5.05
N THR A 47 42.86 17.15 4.69
CA THR A 47 43.43 17.56 3.40
C THR A 47 43.90 16.33 2.64
N SER A 48 43.33 16.10 1.46
CA SER A 48 43.68 14.97 0.61
C SER A 48 45.01 15.14 -0.11
N GLU A 49 45.57 16.35 -0.12
CA GLU A 49 46.84 16.58 -0.78
C GLU A 49 47.94 15.75 -0.11
N ALA A 50 48.59 14.89 -0.89
CA ALA A 50 49.56 13.95 -0.33
C ALA A 50 50.66 14.68 0.45
N SER A 51 51.11 15.82 -0.07
CA SER A 51 52.21 16.54 0.57
C SER A 51 51.82 17.13 1.91
N CYS A 52 50.52 17.19 2.23
CA CYS A 52 50.06 17.80 3.47
C CYS A 52 49.04 16.96 4.22
N ALA A 53 48.70 15.77 3.73
CA ALA A 53 47.70 14.94 4.40
C ALA A 53 48.16 14.53 5.79
N PHE A 54 49.34 13.92 5.87
CA PHE A 54 49.85 13.45 7.16
C PHE A 54 49.88 14.57 8.19
N ALA A 55 50.24 15.78 7.75
CA ALA A 55 50.34 16.91 8.69
C ALA A 55 48.96 17.39 9.12
N SER A 56 47.96 17.31 8.25
CA SER A 56 46.63 17.80 8.61
C SER A 56 46.00 16.97 9.71
N VAL A 57 46.32 15.67 9.77
CA VAL A 57 45.78 14.83 10.84
C VAL A 57 46.43 15.20 12.17
N GLN A 58 47.75 15.40 12.19
CA GLN A 58 48.43 15.75 13.44
C GLN A 58 48.01 17.12 13.94
N HIS A 59 47.96 18.11 13.05
CA HIS A 59 47.51 19.44 13.45
C HIS A 59 46.09 19.39 14.00
N LEU A 60 45.27 18.51 13.45
CA LEU A 60 43.90 18.35 13.94
C LEU A 60 43.89 17.91 15.40
N VAL A 61 44.79 16.99 15.76
CA VAL A 61 44.84 16.47 17.13
C VAL A 61 45.48 17.48 18.08
N ARG A 62 46.53 18.16 17.63
CA ARG A 62 47.37 18.94 18.52
C ARG A 62 46.89 20.37 18.73
N GLU A 63 46.00 20.89 17.88
CA GLU A 63 45.67 22.31 17.92
C GLU A 63 44.17 22.58 18.05
N VAL A 64 43.34 21.69 17.54
CA VAL A 64 41.91 21.93 17.45
C VAL A 64 41.21 21.39 18.69
N ALA A 65 40.30 22.19 19.24
CA ALA A 65 39.55 21.78 20.41
C ALA A 65 38.73 20.53 20.12
N ALA A 66 38.84 19.52 20.99
CA ALA A 66 38.13 18.26 20.86
C ALA A 66 38.56 17.46 19.64
N GLY A 67 39.61 17.90 18.93
CA GLY A 67 40.06 17.17 17.76
C GLY A 67 40.51 15.76 18.07
N TRP A 68 41.07 15.54 19.27
CA TRP A 68 41.51 14.20 19.64
C TRP A 68 40.32 13.25 19.77
N GLU A 69 39.17 13.76 20.20
CA GLU A 69 38.02 12.90 20.47
C GLU A 69 37.43 12.33 19.17
N PHE A 70 37.28 13.16 18.15
CA PHE A 70 36.70 12.68 16.90
C PHE A 70 37.66 11.78 16.14
N ARG A 71 38.96 12.03 16.26
CA ARG A 71 39.95 11.18 15.59
C ARG A 71 40.00 9.79 16.23
N MET A 72 40.06 9.74 17.56
CA MET A 72 40.20 8.46 18.25
C MET A 72 38.88 7.67 18.26
N LEU A 73 37.74 8.35 18.27
CA LEU A 73 36.47 7.64 18.18
C LEU A 73 36.28 6.99 16.82
N HIS A 74 36.68 7.67 15.75
CA HIS A 74 36.55 7.11 14.41
C HIS A 74 37.43 5.88 14.24
N ALA A 75 38.62 5.91 14.82
CA ALA A 75 39.55 4.78 14.69
C ALA A 75 39.10 3.58 15.52
N THR A 76 38.65 3.83 16.75
CA THR A 76 38.23 2.74 17.62
C THR A 76 36.95 2.09 17.11
N THR A 77 35.95 2.90 16.77
CA THR A 77 34.67 2.36 16.33
C THR A 77 34.81 1.45 15.11
N ALA A 78 35.79 1.74 14.24
CA ALA A 78 36.02 0.88 13.08
C ALA A 78 36.34 -0.55 13.50
N SER A 79 37.10 -0.72 14.58
CA SER A 79 37.40 -2.06 15.07
C SER A 79 36.14 -2.77 15.57
N PHE A 80 35.26 -2.02 16.25
CA PHE A 80 34.02 -2.60 16.75
C PHE A 80 33.03 -2.94 15.64
N VAL A 81 33.13 -2.26 14.49
CA VAL A 81 32.32 -2.63 13.34
C VAL A 81 32.58 -4.08 12.94
N PHE A 82 33.84 -4.47 12.87
CA PHE A 82 34.20 -5.80 12.39
C PHE A 82 33.99 -6.87 13.45
N LEU A 83 34.10 -6.52 14.74
CA LEU A 83 33.84 -7.50 15.78
C LEU A 83 32.37 -7.84 15.84
N CYS A 84 31.49 -6.84 15.78
CA CYS A 84 30.06 -7.08 15.76
C CYS A 84 29.66 -7.90 14.53
N ILE A 85 30.18 -7.56 13.35
CA ILE A 85 29.84 -8.31 12.15
C ILE A 85 30.22 -9.77 12.30
N LEU A 86 31.40 -10.03 12.87
CA LEU A 86 31.87 -11.40 13.03
C LEU A 86 30.94 -12.20 13.94
N ILE A 87 30.52 -11.63 15.06
CA ILE A 87 29.58 -12.30 15.94
C ILE A 87 28.23 -12.45 15.25
N HIS A 88 27.85 -11.46 14.44
CA HIS A 88 26.58 -11.50 13.72
C HIS A 88 26.55 -12.65 12.72
N MET A 89 27.63 -12.82 11.96
CA MET A 89 27.70 -13.90 10.98
C MET A 89 27.79 -15.27 11.65
N THR A 90 28.45 -15.36 12.81
CA THR A 90 28.65 -16.65 13.45
C THR A 90 27.36 -17.21 14.01
N ARG A 91 26.48 -16.34 14.52
CA ARG A 91 25.16 -16.78 14.94
C ARG A 91 24.42 -17.47 13.81
N GLY A 92 24.49 -16.90 12.60
CA GLY A 92 23.80 -17.49 11.47
C GLY A 92 24.29 -18.88 11.12
N LEU A 93 25.61 -19.09 11.19
CA LEU A 93 26.18 -20.39 10.89
C LEU A 93 25.93 -21.40 11.98
N TYR A 94 25.68 -20.96 13.21
CA TYR A 94 25.37 -21.84 14.32
C TYR A 94 23.92 -22.34 14.25
N ASN A 95 23.02 -21.51 13.74
CA ASN A 95 21.60 -21.81 13.69
C ASN A 95 21.09 -22.13 12.28
N TRP A 96 21.96 -22.21 11.29
CA TRP A 96 21.55 -22.43 9.91
C TRP A 96 20.43 -21.47 9.50
N SER A 97 20.65 -20.19 9.77
CA SER A 97 19.63 -19.18 9.49
C SER A 97 19.37 -19.03 8.01
N TYR A 98 20.39 -19.26 7.18
CA TYR A 98 20.28 -19.15 5.74
C TYR A 98 19.38 -20.22 5.12
N SER A 99 18.91 -21.20 5.89
CA SER A 99 18.04 -22.23 5.34
C SER A 99 16.81 -21.63 4.68
N TYR A 100 16.11 -20.76 5.39
CA TYR A 100 14.91 -20.11 4.87
C TYR A 100 15.03 -18.60 4.74
N LEU A 101 16.08 -17.99 5.28
CA LEU A 101 16.31 -16.55 5.12
C LEU A 101 17.42 -16.36 4.09
N THR A 102 17.08 -16.72 2.86
CA THR A 102 18.07 -16.90 1.80
C THR A 102 18.57 -15.55 1.29
N THR A 103 17.66 -14.69 0.84
CA THR A 103 18.05 -13.38 0.33
C THR A 103 18.57 -12.47 1.43
N ALA A 104 18.20 -12.72 2.68
CA ALA A 104 18.80 -11.97 3.79
C ALA A 104 20.29 -12.31 3.92
N TRP A 105 20.63 -13.58 3.72
CA TRP A 105 22.03 -14.00 3.78
C TRP A 105 22.84 -13.39 2.63
N MET A 106 22.30 -13.45 1.42
CA MET A 106 23.03 -12.92 0.26
C MET A 106 23.22 -11.42 0.37
N SER A 107 22.14 -10.69 0.68
CA SER A 107 22.26 -9.25 0.87
C SER A 107 23.30 -8.92 1.94
N GLY A 108 23.33 -9.69 3.02
CA GLY A 108 24.35 -9.48 4.04
C GLY A 108 25.76 -9.63 3.51
N LEU A 109 25.98 -10.64 2.67
CA LEU A 109 27.32 -10.85 2.11
C LEU A 109 27.76 -9.63 1.30
N VAL A 110 26.83 -9.00 0.58
CA VAL A 110 27.19 -7.79 -0.17
C VAL A 110 27.57 -6.67 0.79
N LEU A 111 26.85 -6.53 1.88
CA LEU A 111 27.19 -5.51 2.87
C LEU A 111 28.58 -5.75 3.46
N TYR A 112 28.95 -7.03 3.65
CA TYR A 112 30.26 -7.34 4.21
C TYR A 112 31.36 -6.91 3.26
N LEU A 113 31.21 -7.17 1.96
CA LEU A 113 32.22 -6.77 0.99
C LEU A 113 32.33 -5.25 0.91
N LEU A 114 31.18 -4.56 0.97
CA LEU A 114 31.19 -3.10 0.96
C LEU A 114 31.93 -2.53 2.16
N THR A 115 31.76 -3.15 3.34
CA THR A 115 32.45 -2.65 4.53
C THR A 115 33.94 -2.92 4.47
N ILE A 116 34.34 -4.07 3.91
CA ILE A 116 35.76 -4.36 3.73
C ILE A 116 36.42 -3.29 2.86
N ALA A 117 35.80 -2.98 1.72
CA ALA A 117 36.38 -2.00 0.80
C ALA A 117 36.45 -0.62 1.44
N THR A 118 35.41 -0.24 2.19
CA THR A 118 35.41 1.07 2.84
C THR A 118 36.56 1.19 3.82
N ALA A 119 36.74 0.18 4.68
CA ALA A 119 37.81 0.23 5.67
C ALA A 119 39.18 0.31 5.01
N PHE A 120 39.38 -0.43 3.91
CA PHE A 120 40.67 -0.40 3.23
C PHE A 120 40.96 0.99 2.68
N LEU A 121 39.93 1.65 2.12
CA LEU A 121 40.12 3.00 1.61
C LEU A 121 40.48 3.98 2.71
N GLY A 122 39.83 3.85 3.87
CA GLY A 122 40.07 4.78 4.96
C GLY A 122 41.44 4.67 5.58
N TYR A 123 42.03 3.47 5.54
CA TYR A 123 43.32 3.26 6.20
C TYR A 123 44.47 3.88 5.42
N VAL A 124 44.27 4.20 4.14
CA VAL A 124 45.31 4.83 3.34
C VAL A 124 45.36 6.35 3.54
N LEU A 125 44.28 6.95 4.01
CA LEU A 125 44.13 8.41 4.05
C LEU A 125 45.14 9.11 4.96
N PRO A 126 45.43 8.62 6.17
CA PRO A 126 46.40 9.33 7.03
C PRO A 126 47.79 9.41 6.41
N TRP A 127 48.11 8.59 5.43
CA TRP A 127 49.32 8.73 4.62
C TRP A 127 50.59 8.62 5.45
N GLY A 128 50.68 7.54 6.22
CA GLY A 128 51.92 7.13 6.85
C GLY A 128 52.56 5.96 6.12
N GLN A 129 53.64 5.46 6.71
CA GLN A 129 54.38 4.36 6.09
C GLN A 129 53.48 3.15 5.82
N MET A 130 52.67 2.77 6.80
CA MET A 130 51.82 1.60 6.61
C MET A 130 50.71 1.88 5.62
N SER A 131 50.22 3.12 5.56
CA SER A 131 49.27 3.51 4.52
C SER A 131 49.82 3.20 3.13
N PHE A 132 51.05 3.64 2.86
CA PHE A 132 51.60 3.54 1.51
C PHE A 132 51.99 2.09 1.17
N TRP A 133 52.70 1.43 2.06
CA TRP A 133 53.26 0.12 1.74
C TRP A 133 52.22 -0.99 1.84
N GLY A 134 51.19 -0.80 2.65
CA GLY A 134 50.09 -1.76 2.68
C GLY A 134 49.22 -1.68 1.46
N ALA A 135 49.03 -0.47 0.92
CA ALA A 135 48.26 -0.32 -0.31
C ALA A 135 49.04 -0.87 -1.51
N THR A 136 50.36 -0.67 -1.52
CA THR A 136 51.18 -1.17 -2.61
C THR A 136 51.11 -2.69 -2.71
N VAL A 137 51.14 -3.38 -1.56
CA VAL A 137 51.14 -4.84 -1.56
C VAL A 137 49.75 -5.37 -1.90
N ILE A 138 48.73 -4.95 -1.14
CA ILE A 138 47.40 -5.49 -1.32
C ILE A 138 46.87 -5.22 -2.72
N THR A 139 47.38 -4.18 -3.38
CA THR A 139 46.99 -3.87 -4.76
C THR A 139 47.81 -4.64 -5.78
N ASN A 140 48.81 -5.42 -5.35
CA ASN A 140 49.56 -6.28 -6.25
C ASN A 140 49.03 -7.71 -6.29
N LEU A 141 48.41 -8.17 -5.21
CA LEU A 141 47.74 -9.47 -5.25
C LEU A 141 46.68 -9.52 -6.33
N LEU A 142 46.16 -8.36 -6.75
CA LEU A 142 45.21 -8.28 -7.85
C LEU A 142 45.90 -8.12 -9.20
N SER A 143 47.22 -8.30 -9.25
CA SER A 143 47.94 -8.16 -10.52
C SER A 143 47.54 -9.24 -11.53
N PRO A 144 47.27 -10.48 -11.15
CA PRO A 144 46.85 -11.48 -12.16
C PRO A 144 45.74 -10.99 -13.06
N ILE A 145 44.78 -10.24 -12.53
CA ILE A 145 43.76 -9.63 -13.38
C ILE A 145 44.42 -8.52 -14.19
N PRO A 146 44.27 -8.50 -15.53
CA PRO A 146 45.04 -7.56 -16.34
C PRO A 146 44.52 -6.14 -16.21
N TYR A 147 45.44 -5.21 -15.96
CA TYR A 147 45.16 -3.77 -15.97
C TYR A 147 44.12 -3.35 -14.94
N LEU A 148 43.93 -4.13 -13.88
CA LEU A 148 43.03 -3.78 -12.81
C LEU A 148 43.68 -2.90 -11.75
N VAL A 149 44.95 -2.53 -11.93
CA VAL A 149 45.72 -1.83 -10.91
C VAL A 149 46.12 -0.44 -11.37
N PRO A 150 46.82 -0.29 -12.51
CA PRO A 150 47.34 1.04 -12.87
C PRO A 150 46.27 2.12 -13.02
N TRP A 151 45.01 1.74 -13.19
CA TRP A 151 43.95 2.73 -13.38
C TRP A 151 43.35 3.19 -12.06
N LEU A 152 43.13 2.27 -11.12
CA LEU A 152 42.62 2.64 -9.81
C LEU A 152 43.53 3.65 -9.13
N LEU A 153 44.83 3.61 -9.42
CA LEU A 153 45.78 4.55 -8.87
C LEU A 153 45.97 5.78 -9.75
N GLY A 154 45.74 5.66 -11.05
CA GLY A 154 45.98 6.77 -11.96
C GLY A 154 47.42 7.18 -12.03
N GLY A 155 48.34 6.21 -12.08
CA GLY A 155 49.75 6.52 -12.11
C GLY A 155 50.56 5.24 -12.10
N TYR A 156 51.88 5.42 -12.10
CA TYR A 156 52.81 4.30 -12.07
C TYR A 156 53.08 3.78 -10.66
N TYR A 157 52.48 4.40 -9.65
CA TYR A 157 52.70 3.99 -8.27
C TYR A 157 51.68 4.73 -7.41
N VAL A 158 51.45 4.18 -6.21
CA VAL A 158 50.56 4.81 -5.24
C VAL A 158 51.02 6.24 -5.02
N SER A 159 50.63 7.13 -5.93
CA SER A 159 51.09 8.51 -5.94
C SER A 159 50.08 9.40 -5.22
N ASP A 160 50.14 10.70 -5.49
CA ASP A 160 49.25 11.66 -4.85
C ASP A 160 47.87 11.69 -5.48
N VAL A 161 47.71 11.13 -6.68
CA VAL A 161 46.40 11.11 -7.32
C VAL A 161 45.52 10.01 -6.75
N THR A 162 46.13 8.90 -6.34
CA THR A 162 45.37 7.83 -5.71
C THR A 162 44.70 8.30 -4.43
N LEU A 163 45.40 9.16 -3.68
CA LEU A 163 44.89 9.62 -2.39
C LEU A 163 43.65 10.49 -2.56
N LYS A 164 43.63 11.33 -3.59
CA LYS A 164 42.47 12.19 -3.83
C LYS A 164 41.21 11.37 -4.11
N ARG A 165 41.34 10.29 -4.88
CA ARG A 165 40.16 9.53 -5.28
C ARG A 165 39.73 8.54 -4.20
N PHE A 166 40.67 8.03 -3.40
CA PHE A 166 40.29 7.20 -2.26
C PHE A 166 39.47 7.99 -1.26
N PHE A 167 39.69 9.31 -1.18
CA PHE A 167 38.89 10.15 -0.29
C PHE A 167 37.44 10.23 -0.76
N VAL A 168 37.22 10.40 -2.06
CA VAL A 168 35.85 10.54 -2.57
C VAL A 168 35.09 9.22 -2.43
N LEU A 169 35.72 8.11 -2.80
CA LEU A 169 35.09 6.80 -2.67
C LEU A 169 34.75 6.50 -1.22
N HIS A 170 35.70 6.74 -0.32
CA HIS A 170 35.46 6.52 1.11
C HIS A 170 34.29 7.36 1.62
N PHE A 171 34.15 8.58 1.09
CA PHE A 171 33.03 9.44 1.46
C PHE A 171 31.71 8.82 1.02
N ILE A 172 31.68 8.19 -0.14
CA ILE A 172 30.41 7.82 -0.80
C ILE A 172 29.92 6.46 -0.35
N LEU A 173 30.79 5.45 -0.33
CA LEU A 173 30.34 4.07 -0.13
C LEU A 173 29.47 3.85 1.10
N PRO A 174 29.75 4.47 2.26
CA PRO A 174 28.88 4.21 3.42
C PRO A 174 27.42 4.53 3.17
N PHE A 175 27.13 5.59 2.42
CA PHE A 175 25.74 5.94 2.14
C PHE A 175 25.09 4.95 1.19
N ILE A 176 25.85 4.38 0.26
CA ILE A 176 25.34 3.28 -0.55
C ILE A 176 25.00 2.10 0.36
N GLY A 177 25.87 1.80 1.33
CA GLY A 177 25.58 0.75 2.29
C GLY A 177 24.25 0.96 3.00
N CYS A 178 23.96 2.20 3.38
CA CYS A 178 22.69 2.48 4.04
C CYS A 178 21.50 2.13 3.15
N ILE A 179 21.65 2.24 1.83
CA ILE A 179 20.59 1.83 0.93
C ILE A 179 20.40 0.32 0.98
N ILE A 180 21.50 -0.43 1.02
CA ILE A 180 21.40 -1.89 1.01
C ILE A 180 20.92 -2.43 2.34
N ILE A 181 21.11 -1.69 3.44
CA ILE A 181 20.51 -2.12 4.70
C ILE A 181 19.01 -2.17 4.60
N VAL A 182 18.41 -1.27 3.81
CA VAL A 182 16.96 -1.27 3.62
C VAL A 182 16.51 -2.54 2.92
N LEU A 183 17.25 -2.98 1.89
CA LEU A 183 16.93 -4.24 1.24
C LEU A 183 17.08 -5.40 2.20
N HIS A 184 18.19 -5.43 2.94
CA HIS A 184 18.43 -6.46 3.95
C HIS A 184 17.22 -6.63 4.86
N ILE A 185 16.68 -5.53 5.39
CA ILE A 185 15.53 -5.61 6.27
C ILE A 185 14.27 -6.04 5.52
N PHE A 186 14.13 -5.63 4.25
CA PHE A 186 12.99 -6.08 3.46
C PHE A 186 12.95 -7.60 3.37
N TYR A 187 14.09 -8.23 3.08
CA TYR A 187 14.11 -9.67 2.90
C TYR A 187 13.94 -10.41 4.23
N LEU A 188 14.32 -9.79 5.34
CA LEU A 188 14.16 -10.42 6.65
C LEU A 188 12.69 -10.46 7.06
N HIS A 189 12.08 -9.29 7.19
CA HIS A 189 10.68 -9.20 7.62
C HIS A 189 9.71 -9.85 6.65
N LEU A 190 10.18 -10.22 5.45
CA LEU A 190 9.33 -11.01 4.55
C LEU A 190 9.01 -12.38 5.15
N ASN A 191 10.00 -13.02 5.76
CA ASN A 191 9.83 -14.34 6.36
C ASN A 191 9.67 -14.30 7.87
N GLY A 192 10.22 -13.30 8.53
CA GLY A 192 10.28 -13.31 9.98
C GLY A 192 11.54 -13.97 10.49
N SER A 193 11.96 -13.56 11.68
CA SER A 193 13.21 -14.04 12.26
C SER A 193 13.03 -15.43 12.87
N SER A 194 14.16 -16.12 13.07
CA SER A 194 14.17 -17.44 13.69
C SER A 194 14.32 -17.27 15.20
N ASN A 195 14.68 -18.35 15.90
CA ASN A 195 14.90 -18.30 17.34
C ASN A 195 15.95 -19.33 17.70
N PRO A 196 16.48 -19.26 18.93
CA PRO A 196 17.62 -20.14 19.29
C PRO A 196 17.30 -21.62 19.24
N ALA A 197 16.05 -22.02 19.44
CA ALA A 197 15.70 -23.43 19.48
C ALA A 197 15.43 -24.03 18.10
N GLY A 198 15.17 -23.19 17.10
CA GLY A 198 14.98 -23.66 15.75
C GLY A 198 13.61 -24.26 15.47
N ILE A 199 12.59 -23.84 16.20
CA ILE A 199 11.25 -24.40 16.07
C ILE A 199 10.26 -23.30 15.69
N ASP A 200 9.15 -23.71 15.08
CA ASP A 200 8.01 -22.83 14.91
C ASP A 200 7.26 -22.71 16.22
N THR A 201 6.68 -21.54 16.47
CA THR A 201 6.00 -21.32 17.73
C THR A 201 5.04 -20.15 17.63
N ALA A 202 3.95 -20.25 18.39
CA ALA A 202 2.96 -19.19 18.51
C ALA A 202 3.12 -18.38 19.79
N LEU A 203 4.18 -18.62 20.56
CA LEU A 203 4.44 -17.86 21.78
C LEU A 203 5.32 -16.66 21.43
N LYS A 204 4.67 -15.62 20.89
CA LYS A 204 5.33 -14.41 20.45
C LYS A 204 4.74 -13.20 21.15
N VAL A 205 5.53 -12.14 21.23
CA VAL A 205 5.11 -10.88 21.84
C VAL A 205 5.64 -9.72 21.00
N ALA A 206 5.07 -8.54 21.26
CA ALA A 206 5.39 -7.36 20.46
C ALA A 206 6.80 -6.86 20.77
N PHE A 207 7.40 -6.21 19.76
CA PHE A 207 8.76 -5.69 19.90
C PHE A 207 8.85 -4.68 21.04
N TYR A 208 7.92 -3.74 21.09
CA TYR A 208 7.92 -2.70 22.12
C TYR A 208 6.95 -3.07 23.23
N PRO A 209 7.35 -2.99 24.51
CA PRO A 209 8.64 -2.57 25.06
C PRO A 209 9.64 -3.71 25.32
N HIS A 210 9.19 -4.96 25.36
CA HIS A 210 10.01 -6.06 25.86
C HIS A 210 11.33 -6.16 25.09
N MET A 211 11.27 -6.31 23.77
CA MET A 211 12.49 -6.52 22.99
C MET A 211 13.24 -5.22 22.72
N LEU A 212 12.55 -4.08 22.69
CA LEU A 212 13.24 -2.82 22.46
C LEU A 212 14.19 -2.48 23.60
N MET A 213 13.86 -2.90 24.83
CA MET A 213 14.72 -2.60 25.97
C MET A 213 15.98 -3.47 26.01
N THR A 214 15.98 -4.63 25.35
CA THR A 214 17.21 -5.42 25.26
C THR A 214 18.20 -4.76 24.32
N ASP A 215 17.73 -4.29 23.17
CA ASP A 215 18.60 -3.54 22.26
C ASP A 215 19.20 -2.32 22.96
N ALA A 216 18.40 -1.61 23.75
CA ALA A 216 18.89 -0.43 24.44
C ALA A 216 19.97 -0.77 25.46
N LYS A 217 19.77 -1.87 26.21
CA LYS A 217 20.77 -2.29 27.18
C LYS A 217 22.11 -2.58 26.50
N CYS A 218 22.08 -3.27 25.36
CA CYS A 218 23.32 -3.59 24.67
C CYS A 218 24.00 -2.34 24.13
N LEU A 219 23.21 -1.37 23.67
CA LEU A 219 23.79 -0.11 23.20
C LEU A 219 24.63 0.55 24.29
N SER A 220 24.15 0.53 25.54
CA SER A 220 24.91 1.13 26.63
C SER A 220 26.29 0.52 26.75
N TYR A 221 26.37 -0.82 26.74
CA TYR A 221 27.67 -1.48 26.82
C TYR A 221 28.58 -1.08 25.68
N LEU A 222 28.03 -0.97 24.46
CA LEU A 222 28.84 -0.63 23.31
C LEU A 222 29.45 0.77 23.46
N ILE A 223 28.64 1.75 23.85
CA ILE A 223 29.11 3.12 23.98
C ILE A 223 30.16 3.22 25.09
N GLY A 224 29.98 2.44 26.16
CA GLY A 224 30.92 2.50 27.27
C GLY A 224 32.26 1.87 26.94
N LEU A 225 32.24 0.77 26.17
CA LEU A 225 33.49 0.11 25.82
C LEU A 225 34.26 0.90 24.75
N ILE A 226 33.54 1.52 23.82
CA ILE A 226 34.19 2.38 22.82
C ILE A 226 34.91 3.53 23.51
N PHE A 227 34.23 4.22 24.43
CA PHE A 227 34.83 5.37 25.09
C PHE A 227 35.97 4.95 26.01
N LEU A 228 35.81 3.80 26.68
CA LEU A 228 36.88 3.27 27.52
C LEU A 228 38.17 3.10 26.73
N GLN A 229 38.09 2.40 25.59
CA GLN A 229 39.26 2.17 24.77
C GLN A 229 39.76 3.46 24.12
N ALA A 230 38.84 4.30 23.65
CA ALA A 230 39.23 5.52 22.94
C ALA A 230 39.98 6.49 23.85
N ALA A 231 39.50 6.66 25.08
CA ALA A 231 40.03 7.70 25.96
C ALA A 231 41.18 7.24 26.84
N PHE A 232 41.45 5.93 26.93
CA PHE A 232 42.51 5.42 27.79
C PHE A 232 43.54 4.58 27.06
N GLY A 233 43.21 3.99 25.93
CA GLY A 233 44.15 3.17 25.20
C GLY A 233 44.60 1.94 25.96
N LEU A 234 43.71 0.97 26.09
CA LEU A 234 44.03 -0.27 26.78
C LEU A 234 44.59 -1.33 25.83
N MET A 235 44.03 -1.44 24.63
CA MET A 235 44.51 -2.36 23.62
C MET A 235 45.25 -1.62 22.52
N GLU A 236 46.07 -2.37 21.79
CA GLU A 236 46.86 -1.83 20.68
C GLU A 236 46.17 -2.22 19.39
N LEU A 237 45.35 -1.32 18.85
CA LEU A 237 44.59 -1.58 17.64
C LEU A 237 45.25 -1.02 16.38
N SER A 238 46.18 -0.08 16.52
CA SER A 238 46.85 0.53 15.39
C SER A 238 48.36 0.25 15.47
N HIS A 239 49.00 0.24 14.30
CA HIS A 239 50.42 -0.05 14.19
C HIS A 239 51.25 1.23 14.36
N PRO A 240 52.39 1.16 15.05
CA PRO A 240 53.17 2.38 15.28
C PRO A 240 53.79 2.98 14.04
N ASP A 241 54.11 2.17 13.02
CA ASP A 241 54.78 2.69 11.84
C ASP A 241 53.94 3.72 11.10
N ASN A 242 52.63 3.71 11.26
CA ASN A 242 51.80 4.72 10.61
C ASN A 242 51.93 6.10 11.27
N SER A 243 52.70 6.21 12.35
CA SER A 243 53.06 7.49 12.91
C SER A 243 54.37 8.03 12.31
N ILE A 244 54.82 7.44 11.20
CA ILE A 244 56.05 7.84 10.53
C ILE A 244 55.70 8.34 9.14
N PRO A 245 56.33 9.41 8.64
CA PRO A 245 56.03 9.88 7.28
C PRO A 245 56.42 8.88 6.21
N VAL A 246 55.70 8.94 5.08
CA VAL A 246 55.97 8.05 3.96
C VAL A 246 57.40 8.21 3.47
N ASN A 247 58.02 7.09 3.13
CA ASN A 247 59.30 7.07 2.43
C ASN A 247 59.22 6.00 1.35
N ARG A 248 59.32 6.41 0.10
CA ARG A 248 59.13 5.49 -1.02
C ARG A 248 60.31 4.57 -1.23
N PHE A 249 61.47 4.87 -0.64
CA PHE A 249 62.69 4.11 -0.88
C PHE A 249 63.19 3.39 0.37
N VAL A 250 62.32 3.17 1.34
CA VAL A 250 62.69 2.48 2.58
C VAL A 250 61.46 1.69 3.04
N THR A 251 61.53 0.37 2.94
CA THR A 251 60.44 -0.48 3.36
C THR A 251 60.55 -0.78 4.86
N PRO A 252 59.45 -0.75 5.61
CA PRO A 252 59.53 -1.05 7.04
C PRO A 252 59.89 -2.51 7.28
N LEU A 253 60.38 -2.77 8.50
CA LEU A 253 60.92 -4.08 8.81
C LEU A 253 59.84 -5.15 8.89
N HIS A 254 58.62 -4.78 9.26
CA HIS A 254 57.52 -5.74 9.42
C HIS A 254 56.24 -5.11 8.88
N ILE A 255 55.71 -5.65 7.79
CA ILE A 255 54.48 -5.16 7.18
C ILE A 255 53.35 -6.10 7.57
N VAL A 256 52.35 -5.57 8.27
CA VAL A 256 51.18 -6.34 8.66
C VAL A 256 49.96 -5.43 8.67
N PRO A 257 48.82 -5.85 8.11
CA PRO A 257 47.65 -4.98 8.11
C PRO A 257 46.89 -5.00 9.43
N GLU A 258 45.69 -4.43 9.45
CA GLU A 258 44.86 -4.42 10.65
C GLU A 258 44.42 -5.84 10.99
N TRP A 259 44.07 -6.03 12.27
CA TRP A 259 43.81 -7.37 12.76
C TRP A 259 42.66 -8.05 12.01
N TYR A 260 41.65 -7.28 11.60
CA TYR A 260 40.50 -7.87 10.94
C TYR A 260 40.78 -8.29 9.50
N PHE A 261 41.99 -8.08 8.99
CA PHE A 261 42.42 -8.60 7.70
C PHE A 261 43.55 -9.62 7.82
N LEU A 262 44.01 -9.91 9.04
CA LEU A 262 45.23 -10.69 9.20
C LEU A 262 45.06 -12.14 8.76
N ALA A 263 43.96 -12.77 9.15
CA ALA A 263 43.82 -14.21 8.95
C ALA A 263 43.93 -14.57 7.48
N TYR A 264 43.14 -13.92 6.63
CA TYR A 264 43.19 -14.24 5.20
C TYR A 264 44.48 -13.75 4.56
N TYR A 265 45.13 -12.74 5.13
CA TYR A 265 46.46 -12.35 4.66
C TYR A 265 47.48 -13.44 4.96
N ALA A 266 47.27 -14.20 6.03
CA ALA A 266 48.18 -15.31 6.34
C ALA A 266 47.95 -16.48 5.38
N VAL A 267 46.69 -16.80 5.10
CA VAL A 267 46.38 -17.86 4.15
C VAL A 267 47.09 -17.60 2.82
N LEU A 268 46.97 -16.38 2.31
CA LEU A 268 47.60 -16.03 1.05
C LEU A 268 49.12 -16.00 1.14
N LYS A 269 49.68 -15.96 2.35
CA LYS A 269 51.13 -15.92 2.52
C LYS A 269 51.77 -17.30 2.54
N VAL A 270 51.05 -18.33 2.98
CA VAL A 270 51.61 -19.67 3.04
C VAL A 270 51.46 -20.42 1.72
N ILE A 271 50.66 -19.90 0.79
CA ILE A 271 50.53 -20.49 -0.54
C ILE A 271 51.55 -19.81 -1.45
N PRO A 272 52.53 -20.53 -1.99
CA PRO A 272 53.60 -19.84 -2.73
C PRO A 272 53.12 -19.24 -4.04
N SER A 273 52.29 -19.95 -4.80
CA SER A 273 51.81 -19.42 -6.07
C SER A 273 50.97 -18.18 -5.85
N LYS A 274 51.11 -17.21 -6.76
CA LYS A 274 50.35 -15.98 -6.70
C LYS A 274 48.99 -16.11 -7.37
N THR A 275 48.90 -16.90 -8.44
CA THR A 275 47.61 -17.12 -9.10
C THR A 275 46.75 -18.10 -8.32
N GLY A 276 47.36 -19.13 -7.73
CA GLY A 276 46.61 -20.08 -6.95
C GLY A 276 46.07 -19.49 -5.66
N GLY A 277 46.74 -18.46 -5.14
CA GLY A 277 46.27 -17.83 -3.92
C GLY A 277 45.03 -16.99 -4.13
N LEU A 278 44.88 -16.41 -5.33
CA LEU A 278 43.70 -15.61 -5.61
C LEU A 278 42.49 -16.49 -5.96
N LEU A 279 42.71 -17.63 -6.59
CA LEU A 279 41.63 -18.59 -6.79
C LEU A 279 41.07 -19.05 -5.45
N VAL A 280 41.94 -19.26 -4.47
CA VAL A 280 41.50 -19.63 -3.13
C VAL A 280 40.58 -18.56 -2.56
N PHE A 281 40.80 -17.29 -2.92
CA PHE A 281 39.95 -16.23 -2.42
C PHE A 281 38.55 -16.33 -2.98
N MET A 282 38.43 -16.58 -4.29
CA MET A 282 37.10 -16.68 -4.89
C MET A 282 36.34 -17.89 -4.36
N SER A 283 37.01 -19.04 -4.24
CA SER A 283 36.33 -20.25 -3.81
C SER A 283 35.68 -20.07 -2.45
N SER A 284 36.32 -19.30 -1.57
CA SER A 284 35.78 -19.11 -0.22
C SER A 284 34.50 -18.29 -0.25
N LEU A 285 34.49 -17.19 -1.01
CA LEU A 285 33.27 -16.40 -1.15
C LEU A 285 32.17 -17.20 -1.83
N ILE A 286 32.52 -17.98 -2.85
CA ILE A 286 31.53 -18.78 -3.56
C ILE A 286 30.87 -19.77 -2.61
N ASN A 287 31.64 -20.35 -1.70
CA ASN A 287 31.10 -21.29 -0.73
C ASN A 287 30.08 -20.62 0.18
N LEU A 288 30.39 -19.41 0.66
CA LEU A 288 29.46 -18.71 1.54
C LEU A 288 28.16 -18.38 0.81
N GLY A 289 28.26 -18.01 -0.47
CA GLY A 289 27.06 -17.67 -1.23
C GLY A 289 26.19 -18.88 -1.51
N LEU A 290 26.81 -20.03 -1.76
CA LEU A 290 26.06 -21.24 -2.08
C LEU A 290 25.20 -21.72 -0.91
N LEU A 291 25.48 -21.30 0.32
CA LEU A 291 24.67 -21.71 1.45
C LEU A 291 23.24 -21.21 1.34
N SER A 292 22.99 -20.18 0.53
CA SER A 292 21.63 -19.71 0.30
C SER A 292 20.74 -20.77 -0.33
N GLU A 293 21.33 -21.78 -0.98
CA GLU A 293 20.60 -22.85 -1.65
C GLU A 293 20.87 -24.20 -1.00
N ILE A 294 20.99 -24.22 0.33
CA ILE A 294 21.34 -25.45 1.03
C ILE A 294 20.19 -26.44 1.01
N ARG A 295 18.95 -25.97 0.95
CA ARG A 295 17.80 -26.87 0.91
C ARG A 295 17.85 -27.80 -0.29
N ALA A 296 18.38 -27.33 -1.41
CA ALA A 296 18.32 -28.07 -2.67
C ALA A 296 19.49 -29.04 -2.87
N LEU A 297 20.53 -28.97 -2.04
CA LEU A 297 21.72 -29.78 -2.27
C LEU A 297 21.56 -31.24 -1.84
N ASN A 298 20.48 -31.57 -1.14
CA ASN A 298 20.20 -32.96 -0.79
C ASN A 298 18.68 -33.11 -0.66
N THR A 299 18.18 -34.29 -1.06
CA THR A 299 16.74 -34.51 -1.07
C THR A 299 16.16 -34.73 0.32
N ARG A 300 16.98 -35.11 1.30
CA ARG A 300 16.51 -35.18 2.67
C ARG A 300 16.13 -33.79 3.18
N MET A 301 15.01 -33.73 3.90
CA MET A 301 14.49 -32.48 4.44
C MET A 301 15.29 -32.06 5.65
N LEU A 302 15.82 -30.83 5.63
CA LEU A 302 16.73 -30.37 6.68
C LEU A 302 15.95 -29.84 7.88
N ILE A 303 16.67 -29.69 8.99
CA ILE A 303 16.16 -29.07 10.20
C ILE A 303 17.11 -27.95 10.62
N ARG A 304 16.58 -26.97 11.33
CA ARG A 304 17.39 -25.83 11.75
C ARG A 304 18.22 -26.13 12.99
N GLN A 305 17.74 -27.02 13.86
CA GLN A 305 18.48 -27.39 15.07
C GLN A 305 19.64 -28.31 14.70
N GLN A 306 20.86 -27.92 15.09
CA GLN A 306 22.06 -28.65 14.72
C GLN A 306 22.65 -29.49 15.84
N PHE A 307 22.12 -29.42 17.05
CA PHE A 307 22.48 -30.31 18.15
C PHE A 307 23.97 -30.24 18.49
N MET A 308 24.42 -29.03 18.82
CA MET A 308 25.75 -28.84 19.39
C MET A 308 25.75 -28.96 20.91
N THR A 309 24.59 -28.93 21.56
CA THR A 309 24.52 -28.97 23.01
C THR A 309 24.96 -30.33 23.53
N ARG A 310 26.02 -30.34 24.34
CA ARG A 310 26.58 -31.53 24.98
C ARG A 310 27.16 -32.53 23.99
N ASN A 311 27.53 -32.07 22.79
CA ASN A 311 27.97 -32.95 21.72
C ASN A 311 29.49 -32.90 21.60
N VAL A 312 30.13 -34.08 21.66
CA VAL A 312 31.59 -34.14 21.65
C VAL A 312 32.18 -33.99 20.26
N VAL A 313 31.39 -34.11 19.20
CA VAL A 313 31.90 -33.86 17.85
C VAL A 313 31.86 -32.38 17.48
N SER A 314 31.35 -31.52 18.36
CA SER A 314 31.35 -30.08 18.13
C SER A 314 30.57 -29.72 16.88
N GLY A 315 30.90 -28.59 16.27
CA GLY A 315 30.28 -28.18 15.03
C GLY A 315 31.30 -27.49 14.15
N TRP A 316 31.00 -27.47 12.84
CA TRP A 316 31.96 -26.96 11.87
C TRP A 316 32.27 -25.49 12.09
N VAL A 317 31.29 -24.70 12.52
CA VAL A 317 31.53 -23.27 12.72
C VAL A 317 32.50 -23.05 13.88
N ILE A 318 32.40 -23.86 14.92
CA ILE A 318 33.33 -23.74 16.06
C ILE A 318 34.75 -24.06 15.62
N ILE A 319 34.91 -25.13 14.83
CA ILE A 319 36.24 -25.50 14.36
C ILE A 319 36.81 -24.42 13.47
N TRP A 320 35.97 -23.78 12.66
CA TRP A 320 36.46 -22.67 11.85
C TRP A 320 36.94 -21.52 12.72
N VAL A 321 36.18 -21.17 13.76
CA VAL A 321 36.54 -20.03 14.60
C VAL A 321 37.95 -20.19 15.15
N TYR A 322 38.29 -21.39 15.64
CA TYR A 322 39.61 -21.60 16.22
C TYR A 322 40.71 -21.62 15.15
N SER A 323 40.38 -22.05 13.94
CA SER A 323 41.38 -21.99 12.87
C SER A 323 41.66 -20.54 12.48
N MET A 324 40.63 -19.69 12.49
CA MET A 324 40.84 -18.27 12.23
C MET A 324 41.72 -17.64 13.30
N ILE A 325 41.46 -17.94 14.57
CA ILE A 325 42.29 -17.40 15.65
C ILE A 325 43.73 -17.87 15.49
N PHE A 326 43.93 -19.13 15.12
CA PHE A 326 45.27 -19.67 14.97
C PHE A 326 46.03 -18.94 13.87
N LEU A 327 45.34 -18.55 12.80
CA LEU A 327 45.99 -17.88 11.69
C LEU A 327 46.29 -16.41 11.99
N ILE A 328 45.48 -15.75 12.82
CA ILE A 328 45.80 -14.40 13.25
C ILE A 328 47.14 -14.37 13.96
N ILE A 329 47.47 -15.43 14.70
CA ILE A 329 48.76 -15.52 15.37
C ILE A 329 49.87 -15.69 14.35
N ILE A 330 49.66 -16.55 13.35
CA ILE A 330 50.69 -16.77 12.33
C ILE A 330 50.93 -15.49 11.53
N GLY A 331 49.85 -14.79 11.19
CA GLY A 331 50.00 -13.58 10.39
C GLY A 331 50.80 -12.50 11.08
N SER A 332 50.79 -12.48 12.41
CA SER A 332 51.49 -11.47 13.19
C SER A 332 52.92 -11.86 13.52
N ALA A 333 53.43 -12.94 12.94
CA ALA A 333 54.76 -13.46 13.25
C ALA A 333 55.73 -13.20 12.11
N ILE A 334 57.02 -13.20 12.45
CA ILE A 334 58.07 -13.07 11.44
C ILE A 334 58.12 -14.34 10.61
N PRO A 335 58.34 -14.25 9.29
CA PRO A 335 58.42 -15.46 8.47
C PRO A 335 59.49 -16.42 8.99
N GLN A 336 59.11 -17.67 9.18
CA GLN A 336 60.03 -18.71 9.62
C GLN A 336 59.48 -20.05 9.16
N ALA A 337 60.38 -20.94 8.76
CA ALA A 337 59.97 -22.23 8.19
C ALA A 337 58.97 -22.94 9.08
N THR A 338 59.18 -22.90 10.40
CA THR A 338 58.28 -23.59 11.31
C THR A 338 56.90 -22.93 11.32
N TYR A 339 56.85 -21.60 11.34
CA TYR A 339 55.56 -20.92 11.27
C TYR A 339 54.83 -21.28 9.99
N ILE A 340 55.56 -21.43 8.89
CA ILE A 340 54.93 -21.71 7.61
C ILE A 340 54.31 -23.10 7.60
N LEU A 341 54.97 -24.06 8.25
CA LEU A 341 54.45 -25.42 8.30
C LEU A 341 53.09 -25.47 8.99
N TYR A 342 53.02 -24.90 10.21
CA TYR A 342 51.76 -24.92 10.94
C TYR A 342 50.71 -24.04 10.26
N GLY A 343 51.12 -22.95 9.65
CA GLY A 343 50.16 -22.10 8.94
C GLY A 343 49.45 -22.85 7.83
N ARG A 344 50.16 -23.75 7.15
CA ARG A 344 49.52 -24.57 6.12
C ARG A 344 48.58 -25.60 6.73
N LEU A 345 48.95 -26.15 7.88
CA LEU A 345 48.06 -27.06 8.59
C LEU A 345 46.72 -26.40 8.88
N ALA A 346 46.75 -25.17 9.40
CA ALA A 346 45.51 -24.48 9.75
C ALA A 346 44.73 -24.04 8.51
N THR A 347 45.44 -23.68 7.44
CA THR A 347 44.76 -23.27 6.21
C THR A 347 43.87 -24.38 5.67
N ILE A 348 44.31 -25.63 5.79
CA ILE A 348 43.49 -26.75 5.32
C ILE A 348 42.19 -26.82 6.12
N LEU A 349 42.27 -26.70 7.44
CA LEU A 349 41.07 -26.67 8.26
C LEU A 349 40.21 -25.45 7.93
N TYR A 350 40.85 -24.30 7.72
CA TYR A 350 40.11 -23.08 7.43
C TYR A 350 39.24 -23.24 6.19
N LEU A 351 39.75 -23.93 5.17
CA LEU A 351 39.03 -24.09 3.91
C LEU A 351 38.08 -25.30 3.92
N THR A 352 38.53 -26.43 4.46
CA THR A 352 37.72 -27.63 4.44
C THR A 352 36.43 -27.46 5.22
N THR A 353 36.48 -26.74 6.36
CA THR A 353 35.28 -26.54 7.16
C THR A 353 34.21 -25.81 6.36
N GLY A 354 34.60 -24.84 5.55
CA GLY A 354 33.64 -24.15 4.71
C GLY A 354 32.95 -25.09 3.74
N LEU A 355 33.73 -25.95 3.09
CA LEU A 355 33.17 -26.84 2.06
C LEU A 355 32.18 -27.84 2.67
N VAL A 356 32.51 -28.42 3.83
CA VAL A 356 31.66 -29.46 4.40
C VAL A 356 30.37 -28.92 4.99
N LEU A 357 30.27 -27.60 5.19
CA LEU A 357 29.01 -27.03 5.62
C LEU A 357 27.90 -27.23 4.59
N CYS A 358 28.27 -27.46 3.33
CA CYS A 358 27.30 -27.73 2.28
C CYS A 358 26.86 -29.20 2.23
N LEU A 359 27.29 -30.01 3.20
CA LEU A 359 26.98 -31.42 3.23
C LEU A 359 26.11 -31.73 4.45
N TYR A 360 25.16 -32.64 4.26
CA TYR A 360 24.33 -33.12 5.36
C TYR A 360 23.51 -34.32 4.90
N GLU B 156 66.05 -13.46 9.98
CA GLU B 156 65.93 -12.58 11.13
C GLU B 156 65.18 -13.26 12.27
N LYS B 157 64.98 -12.53 13.36
CA LYS B 157 64.26 -13.03 14.51
C LYS B 157 63.48 -11.90 15.16
N GLU B 158 62.57 -12.27 16.04
CA GLU B 158 61.79 -11.27 16.77
C GLU B 158 62.67 -10.60 17.82
N PRO B 159 62.73 -9.28 17.86
CA PRO B 159 63.53 -8.61 18.90
C PRO B 159 62.96 -8.89 20.29
N PRO B 160 63.78 -8.75 21.32
CA PRO B 160 63.28 -9.01 22.68
C PRO B 160 62.33 -7.92 23.16
N HIS B 161 61.34 -8.33 23.94
CA HIS B 161 60.40 -7.37 24.51
C HIS B 161 61.08 -6.60 25.63
N PRO B 162 60.96 -5.27 25.67
CA PRO B 162 61.60 -4.50 26.73
C PRO B 162 60.91 -4.69 28.06
N PRO B 163 61.59 -4.43 29.17
CA PRO B 163 60.96 -4.55 30.48
C PRO B 163 60.02 -3.40 30.78
N SER B 164 59.13 -3.65 31.74
CA SER B 164 58.11 -2.69 32.14
C SER B 164 58.63 -1.84 33.29
N TYR B 165 58.90 -0.56 33.02
CA TYR B 165 59.34 0.36 34.05
C TYR B 165 58.12 1.07 34.65
N PRO B 166 58.12 1.36 35.95
CA PRO B 166 56.94 1.97 36.59
C PRO B 166 56.86 3.48 36.40
N PHE B 167 56.54 3.90 35.19
CA PHE B 167 56.26 5.31 34.93
C PHE B 167 54.92 5.70 35.55
N TRP B 168 54.90 6.88 36.16
CA TRP B 168 53.70 7.33 36.89
C TRP B 168 52.49 7.40 35.98
N PHE B 169 52.67 7.82 34.72
CA PHE B 169 51.54 8.05 33.83
C PHE B 169 50.82 6.78 33.41
N LYS B 170 51.36 5.60 33.71
CA LYS B 170 50.80 4.35 33.20
C LYS B 170 49.45 3.98 33.85
N SER B 171 49.05 4.66 34.91
CA SER B 171 47.80 4.33 35.58
C SER B 171 46.64 5.14 35.00
N LEU B 172 45.45 4.54 35.06
CA LEU B 172 44.23 5.21 34.60
C LEU B 172 44.05 6.57 35.26
N PHE B 173 44.35 6.66 36.56
CA PHE B 173 44.03 7.82 37.37
C PHE B 173 45.17 8.83 37.47
N HIS B 174 46.23 8.66 36.70
CA HIS B 174 47.44 9.47 36.88
C HIS B 174 47.69 10.43 35.73
N SER B 175 48.40 11.50 36.04
CA SER B 175 48.82 12.54 35.12
C SER B 175 50.32 12.42 34.83
N HIS B 176 50.82 13.35 34.02
CA HIS B 176 52.25 13.46 33.77
C HIS B 176 52.97 14.02 34.99
N ASP B 177 54.25 13.68 35.13
CA ASP B 177 55.10 14.16 36.21
C ASP B 177 55.88 15.37 35.70
N ILE B 178 55.37 16.57 35.97
CA ILE B 178 55.84 17.79 35.34
C ILE B 178 57.26 18.15 35.79
N PRO B 179 57.61 18.00 37.06
CA PRO B 179 59.01 18.27 37.45
C PRO B 179 60.02 17.48 36.64
N SER B 180 59.69 16.24 36.27
CA SER B 180 60.58 15.44 35.44
C SER B 180 60.51 15.82 33.97
N VAL B 181 59.35 16.28 33.51
CA VAL B 181 59.23 16.77 32.14
C VAL B 181 60.11 18.00 31.94
N ARG B 182 60.22 18.85 32.97
CA ARG B 182 61.06 20.04 32.86
C ARG B 182 62.52 19.67 32.70
N ARG B 183 63.01 18.71 33.48
CA ARG B 183 64.41 18.33 33.41
C ARG B 183 64.74 17.64 32.09
N GLY B 184 63.81 16.89 31.54
CA GLY B 184 64.03 16.24 30.25
C GLY B 184 64.11 17.22 29.10
N TYR B 185 63.53 18.41 29.24
CA TYR B 185 63.62 19.42 28.21
C TYR B 185 64.99 20.08 28.19
N GLU B 186 65.65 20.17 29.35
CA GLU B 186 67.03 20.60 29.39
C GLU B 186 67.94 19.58 28.70
N VAL B 187 67.65 18.29 28.86
CA VAL B 187 68.46 17.26 28.25
C VAL B 187 68.33 17.30 26.73
N TYR B 188 67.10 17.49 26.22
CA TYR B 188 66.93 17.61 24.79
C TYR B 188 67.67 18.82 24.23
N ARG B 189 67.53 19.97 24.89
CA ARG B 189 68.10 21.20 24.37
C ARG B 189 69.62 21.17 24.32
N LYS B 190 70.26 20.47 25.27
CA LYS B 190 71.70 20.51 25.42
C LYS B 190 72.42 19.27 24.89
N VAL B 191 71.69 18.24 24.46
CA VAL B 191 72.33 17.02 23.99
C VAL B 191 71.72 16.54 22.68
N CYS B 192 70.40 16.30 22.68
CA CYS B 192 69.76 15.63 21.55
C CYS B 192 69.51 16.59 20.39
N ALA B 193 69.23 17.86 20.69
CA ALA B 193 68.88 18.82 19.66
C ALA B 193 70.01 19.06 18.67
N THR B 194 71.24 18.64 18.99
CA THR B 194 72.36 18.82 18.07
C THR B 194 72.22 17.96 16.82
N CYS B 195 71.46 16.87 16.89
CA CYS B 195 71.28 15.97 15.76
C CYS B 195 69.83 15.72 15.39
N HIS B 196 68.88 15.99 16.28
CA HIS B 196 67.48 15.64 16.08
C HIS B 196 66.61 16.89 16.05
N SER B 197 65.63 16.89 15.14
CA SER B 197 64.61 17.93 15.08
C SER B 197 63.32 17.46 15.71
N MET B 198 62.51 18.43 16.16
CA MET B 198 61.13 18.22 16.61
C MET B 198 60.29 19.30 15.93
N GLU B 199 59.94 19.05 14.66
CA GLU B 199 59.39 20.09 13.80
C GLU B 199 57.94 20.44 14.11
N GLN B 200 57.21 19.59 14.82
CA GLN B 200 55.81 19.85 15.11
C GLN B 200 55.60 20.65 16.41
N LEU B 201 56.64 20.81 17.22
CA LEU B 201 56.52 21.51 18.49
C LEU B 201 56.79 23.00 18.32
N HIS B 202 56.04 23.82 19.06
CA HIS B 202 56.19 25.26 19.08
C HIS B 202 56.34 25.75 20.51
N PHE B 203 57.05 26.86 20.68
CA PHE B 203 57.36 27.36 22.01
C PHE B 203 56.08 27.64 22.81
N ARG B 204 55.03 28.12 22.14
CA ARG B 204 53.78 28.42 22.84
C ARG B 204 53.17 27.18 23.48
N HIS B 205 53.52 25.99 23.00
CA HIS B 205 53.00 24.76 23.59
C HIS B 205 53.46 24.55 25.03
N LEU B 206 54.58 25.17 25.41
CA LEU B 206 55.14 24.98 26.75
C LEU B 206 54.52 25.88 27.80
N VAL B 207 53.82 26.94 27.40
CA VAL B 207 53.38 27.96 28.33
C VAL B 207 52.19 27.45 29.13
N GLY B 208 52.29 27.60 30.46
CA GLY B 208 51.23 27.18 31.36
C GLY B 208 51.09 25.70 31.56
N GLU B 209 51.87 24.89 30.85
CA GLU B 209 51.84 23.44 30.97
C GLU B 209 53.14 22.84 31.46
N VAL B 210 54.27 23.53 31.28
CA VAL B 210 55.57 23.02 31.66
C VAL B 210 56.38 24.15 32.30
N LEU B 211 56.41 25.30 31.63
CA LEU B 211 57.13 26.48 32.09
C LEU B 211 56.24 27.71 32.02
N PRO B 212 56.54 28.72 32.83
CA PRO B 212 55.77 29.97 32.74
C PRO B 212 56.21 30.84 31.57
N GLU B 213 55.35 31.80 31.24
CA GLU B 213 55.48 32.54 29.98
C GLU B 213 56.81 33.30 29.91
N LYS B 214 57.14 34.05 30.95
CA LYS B 214 58.33 34.88 30.92
C LYS B 214 59.60 34.05 30.74
N ARG B 215 59.61 32.81 31.23
CA ARG B 215 60.78 31.96 31.07
C ARG B 215 60.89 31.41 29.65
N VAL B 216 59.75 31.13 29.01
CA VAL B 216 59.78 30.61 27.65
C VAL B 216 60.28 31.67 26.68
N LYS B 217 59.92 32.93 26.90
CA LYS B 217 60.41 34.01 26.05
C LYS B 217 61.93 34.06 26.06
N GLN B 218 62.54 33.93 27.24
CA GLN B 218 63.99 33.99 27.35
C GLN B 218 64.65 32.87 26.55
N ILE B 219 64.02 31.69 26.54
CA ILE B 219 64.60 30.56 25.80
C ILE B 219 64.48 30.79 24.30
N ALA B 220 63.33 31.28 23.86
CA ALA B 220 63.12 31.51 22.43
C ALA B 220 64.07 32.58 21.89
N ALA B 221 64.31 33.63 22.67
CA ALA B 221 65.14 34.74 22.20
C ALA B 221 66.60 34.36 22.07
N GLU B 222 67.03 33.26 22.67
CA GLU B 222 68.41 32.83 22.57
C GLU B 222 68.73 32.18 21.23
N TYR B 223 67.75 32.05 20.34
CA TYR B 223 67.95 31.48 19.02
C TYR B 223 67.77 32.54 17.94
N ASP B 224 68.38 32.30 16.79
CA ASP B 224 68.29 33.17 15.63
C ASP B 224 67.42 32.49 14.58
N VAL B 225 66.32 33.14 14.21
CA VAL B 225 65.32 32.57 13.33
C VAL B 225 65.25 33.39 12.05
N THR B 226 65.09 32.70 10.91
CA THR B 226 65.00 33.35 9.61
C THR B 226 63.57 33.79 9.33
N ASP B 227 63.43 35.00 8.79
CA ASP B 227 62.13 35.55 8.46
C ASP B 227 62.25 36.40 7.20
N GLY B 228 61.10 36.72 6.62
CA GLY B 228 61.04 37.55 5.44
C GLY B 228 59.92 37.16 4.51
N PRO B 229 59.93 37.69 3.27
CA PRO B 229 60.89 38.66 2.72
C PRO B 229 60.63 40.09 3.18
N ASN B 230 61.65 40.94 3.16
CA ASN B 230 61.50 42.34 3.56
C ASN B 230 61.00 43.16 2.37
N ASP B 231 60.94 44.48 2.55
CA ASP B 231 60.44 45.36 1.49
C ASP B 231 61.27 45.26 0.24
N GLN B 232 62.56 44.94 0.37
CA GLN B 232 63.45 44.80 -0.78
C GLN B 232 63.53 43.37 -1.30
N GLY B 233 62.68 42.48 -0.81
CA GLY B 233 62.71 41.10 -1.25
C GLY B 233 63.92 40.32 -0.81
N GLU B 234 64.39 40.54 0.41
CA GLU B 234 65.54 39.82 0.95
C GLU B 234 65.16 39.14 2.26
N MET B 235 65.99 38.18 2.66
CA MET B 235 65.80 37.46 3.91
C MET B 235 66.69 38.02 5.00
N TYR B 236 66.26 37.82 6.25
CA TYR B 236 66.98 38.34 7.41
C TYR B 236 66.75 37.39 8.58
N THR B 237 67.43 37.67 9.69
CA THR B 237 67.32 36.90 10.91
C THR B 237 66.87 37.79 12.06
N ARG B 238 66.24 37.16 13.05
CA ARG B 238 65.77 37.87 14.24
C ARG B 238 65.66 36.87 15.39
N PRO B 239 65.61 37.34 16.63
CA PRO B 239 65.38 36.44 17.75
C PRO B 239 64.02 35.78 17.70
N GLY B 240 63.92 34.64 18.38
CA GLY B 240 62.70 33.85 18.34
C GLY B 240 61.62 34.40 19.25
N ILE B 241 60.38 33.98 18.95
CA ILE B 241 59.20 34.38 19.70
C ILE B 241 58.35 33.14 19.96
N LEU B 242 57.31 33.33 20.78
CA LEU B 242 56.49 32.21 21.20
C LEU B 242 55.87 31.47 20.03
N GLY B 243 55.66 32.15 18.90
CA GLY B 243 55.02 31.54 17.76
C GLY B 243 55.90 30.65 16.91
N ASP B 244 57.20 30.64 17.18
CA ASP B 244 58.15 29.90 16.36
C ASP B 244 58.22 28.44 16.77
N ALA B 245 58.63 27.61 15.83
CA ALA B 245 58.83 26.18 16.04
C ALA B 245 60.22 25.92 16.61
N PHE B 246 60.36 24.77 17.25
CA PHE B 246 61.66 24.33 17.74
C PHE B 246 62.67 24.36 16.58
N PRO B 247 63.85 24.93 16.78
CA PRO B 247 64.80 25.04 15.66
C PRO B 247 65.35 23.70 15.23
N SER B 248 65.51 23.53 13.93
CA SER B 248 66.07 22.30 13.37
C SER B 248 67.56 22.45 13.12
N PRO B 249 68.35 21.39 13.33
CA PRO B 249 69.81 21.51 13.12
C PRO B 249 70.25 21.47 11.68
N TYR B 250 69.47 20.87 10.79
CA TYR B 250 69.85 20.75 9.38
C TYR B 250 68.73 21.27 8.48
N PRO B 251 69.07 21.81 7.31
CA PRO B 251 68.03 22.32 6.40
C PRO B 251 67.28 21.22 5.65
N ASN B 252 67.97 20.16 5.27
CA ASN B 252 67.35 19.06 4.53
C ASN B 252 67.93 17.74 5.00
N GLU B 253 67.28 16.66 4.57
CA GLU B 253 67.69 15.31 4.97
C GLU B 253 69.05 14.93 4.40
N GLU B 254 69.37 15.39 3.19
CA GLU B 254 70.64 15.05 2.59
C GLU B 254 71.80 15.63 3.39
N ALA B 255 71.63 16.84 3.92
CA ALA B 255 72.66 17.44 4.76
C ALA B 255 72.82 16.71 6.08
N ALA B 256 71.74 16.13 6.60
CA ALA B 256 71.83 15.41 7.87
C ALA B 256 72.64 14.14 7.71
N ARG B 257 72.38 13.36 6.67
CA ARG B 257 73.13 12.12 6.44
C ARG B 257 74.60 12.39 6.21
N TYR B 258 74.91 13.45 5.45
CA TYR B 258 76.30 13.78 5.17
C TYR B 258 77.10 14.02 6.45
N ALA B 259 76.46 14.55 7.48
CA ALA B 259 77.12 14.83 8.75
C ALA B 259 77.10 13.66 9.71
N ASN B 260 76.37 12.59 9.41
CA ASN B 260 76.26 11.42 10.28
C ASN B 260 76.57 10.14 9.50
N GLY B 261 77.55 10.22 8.60
CA GLY B 261 78.01 9.03 7.91
C GLY B 261 76.94 8.31 7.11
N GLY B 262 75.98 9.03 6.56
CA GLY B 262 74.95 8.43 5.74
C GLY B 262 73.70 8.02 6.48
N ALA B 263 73.66 8.16 7.79
CA ALA B 263 72.50 7.79 8.60
C ALA B 263 71.68 9.04 8.92
N TYR B 264 70.35 8.88 8.93
CA TYR B 264 69.45 10.00 9.16
C TYR B 264 68.88 9.92 10.56
N PRO B 265 69.16 10.88 11.45
CA PRO B 265 68.50 10.91 12.76
C PRO B 265 67.04 11.30 12.61
N PRO B 266 66.10 10.45 13.00
CA PRO B 266 64.69 10.74 12.75
C PRO B 266 64.14 11.85 13.63
N ASP B 267 63.07 12.48 13.13
CA ASP B 267 62.36 13.49 13.89
C ASP B 267 61.65 12.86 15.07
N LEU B 268 61.71 13.53 16.22
CA LEU B 268 61.26 12.98 17.49
C LEU B 268 59.98 13.65 18.00
N SER B 269 59.10 14.07 17.10
CA SER B 269 57.87 14.73 17.50
C SER B 269 56.80 13.74 17.94
N LEU B 270 56.81 12.52 17.42
CA LEU B 270 55.85 11.48 17.76
C LEU B 270 56.56 10.17 18.12
N ILE B 271 57.73 10.25 18.75
CA ILE B 271 58.64 9.11 18.79
C ILE B 271 58.08 7.99 19.65
N THR B 272 57.39 8.31 20.76
CA THR B 272 56.87 7.26 21.62
C THR B 272 55.62 6.58 21.05
N ALA B 273 55.00 7.18 20.03
CA ALA B 273 53.91 6.54 19.31
C ALA B 273 54.39 5.79 18.08
N ALA B 274 55.66 5.92 17.71
CA ALA B 274 56.19 5.41 16.46
C ALA B 274 57.08 4.18 16.63
N ARG B 275 57.18 3.64 17.85
CA ARG B 275 57.93 2.43 18.11
C ARG B 275 57.09 1.50 18.99
N HIS B 276 57.32 0.20 18.82
CA HIS B 276 56.65 -0.79 19.66
C HIS B 276 57.09 -0.64 21.11
N PHE B 277 56.11 -0.69 22.02
CA PHE B 277 56.33 -0.60 23.46
C PHE B 277 56.71 0.80 23.91
N GLY B 278 56.98 1.69 22.96
CA GLY B 278 57.13 3.11 23.23
C GLY B 278 58.15 3.45 24.30
N PRO B 279 57.71 4.10 25.38
CA PRO B 279 58.67 4.63 26.36
C PRO B 279 59.56 3.58 27.00
N ASP B 280 59.05 2.37 27.23
CA ASP B 280 59.90 1.31 27.77
C ASP B 280 61.04 0.98 26.82
N TYR B 281 60.77 0.98 25.51
CA TYR B 281 61.83 0.74 24.53
C TYR B 281 62.89 1.84 24.56
N LEU B 282 62.45 3.10 24.68
CA LEU B 282 63.40 4.22 24.66
C LEU B 282 64.28 4.21 25.89
N MET B 283 63.72 3.86 27.05
CA MET B 283 64.51 3.80 28.27
C MET B 283 65.58 2.72 28.16
N ALA B 284 65.21 1.54 27.68
CA ALA B 284 66.15 0.44 27.54
C ALA B 284 67.23 0.75 26.50
N LEU B 285 66.81 1.28 25.34
CA LEU B 285 67.76 1.65 24.29
C LEU B 285 68.88 2.53 24.84
N LEU B 286 68.53 3.55 25.61
CA LEU B 286 69.52 4.54 26.03
C LEU B 286 70.55 3.96 26.99
N GLY B 287 70.28 2.81 27.59
CA GLY B 287 71.24 2.17 28.47
C GLY B 287 71.64 0.77 28.03
N GLY B 288 71.60 0.52 26.73
CA GLY B 288 71.87 -0.80 26.19
C GLY B 288 73.18 -0.95 25.43
N TYR B 289 74.02 0.08 25.39
CA TYR B 289 75.29 -0.03 24.69
C TYR B 289 76.24 -0.95 25.44
N ARG B 290 76.75 -1.96 24.73
CA ARG B 290 77.68 -2.92 25.30
C ARG B 290 78.81 -3.16 24.30
N ASP B 291 79.87 -3.80 24.78
CA ASP B 291 80.92 -4.25 23.88
C ASP B 291 80.42 -5.43 23.05
N PRO B 292 80.95 -5.61 21.84
CA PRO B 292 80.43 -6.64 20.96
C PRO B 292 80.75 -8.03 21.48
N PRO B 293 79.98 -9.04 21.08
CA PRO B 293 80.29 -10.42 21.48
C PRO B 293 81.40 -11.03 20.63
N GLU B 294 81.91 -12.16 21.11
CA GLU B 294 82.94 -12.88 20.38
C GLU B 294 82.44 -13.30 19.00
N GLY B 295 83.17 -12.92 17.96
CA GLY B 295 82.84 -13.29 16.60
C GLY B 295 82.15 -12.21 15.80
N VAL B 296 81.81 -11.08 16.40
CA VAL B 296 81.15 -9.98 15.71
C VAL B 296 82.09 -8.79 15.71
N GLU B 297 82.53 -8.38 14.53
CA GLU B 297 83.40 -7.22 14.34
C GLU B 297 82.65 -6.19 13.53
N LEU B 298 82.52 -4.98 14.07
CA LEU B 298 81.78 -3.90 13.43
C LEU B 298 82.74 -2.87 12.87
N ARG B 299 82.38 -2.31 11.72
CA ARG B 299 83.18 -1.26 11.10
C ARG B 299 82.89 0.09 11.74
N PRO B 300 83.78 1.05 11.58
CA PRO B 300 83.60 2.36 12.23
C PRO B 300 82.25 2.97 11.88
N GLY B 301 81.66 3.67 12.86
CA GLY B 301 80.37 4.27 12.70
C GLY B 301 79.21 3.43 13.19
N LEU B 302 79.47 2.21 13.66
CA LEU B 302 78.43 1.33 14.17
C LEU B 302 78.76 0.91 15.59
N TYR B 303 77.71 0.67 16.37
CA TYR B 303 77.84 0.36 17.79
C TYR B 303 76.84 -0.74 18.13
N TRP B 304 77.14 -1.50 19.18
CA TRP B 304 76.34 -2.65 19.57
C TRP B 304 75.37 -2.24 20.68
N ASN B 305 74.11 -2.64 20.52
CA ASN B 305 73.06 -2.30 21.47
C ASN B 305 72.13 -3.49 21.65
N VAL B 306 71.76 -3.75 22.91
CA VAL B 306 70.97 -4.93 23.24
C VAL B 306 69.62 -4.90 22.56
N TRP B 307 68.98 -3.75 22.51
CA TRP B 307 67.57 -3.65 22.18
C TRP B 307 67.29 -3.14 20.77
N PHE B 308 68.27 -2.58 20.09
CA PHE B 308 68.06 -2.08 18.74
C PHE B 308 67.98 -3.25 17.76
N PRO B 309 66.97 -3.32 16.90
CA PRO B 309 66.88 -4.44 15.95
C PRO B 309 68.17 -4.61 15.16
N GLY B 310 68.66 -5.84 15.12
CA GLY B 310 69.93 -6.14 14.49
C GLY B 310 71.14 -5.86 15.35
N ASN B 311 70.97 -5.15 16.47
CA ASN B 311 72.03 -4.89 17.44
C ASN B 311 73.00 -3.79 16.99
N ALA B 312 73.10 -3.54 15.69
CA ALA B 312 74.05 -2.56 15.15
C ALA B 312 73.34 -1.24 14.89
N ILE B 313 73.72 -0.21 15.64
CA ILE B 313 73.12 1.11 15.53
C ILE B 313 74.21 2.12 15.16
N ALA B 314 73.81 3.18 14.48
CA ALA B 314 74.74 4.22 14.04
C ALA B 314 74.77 5.44 14.96
N MET B 315 73.94 5.48 16.00
CA MET B 315 74.01 6.54 16.99
C MET B 315 75.07 6.22 18.03
N PRO B 316 76.05 7.11 18.26
CA PRO B 316 76.98 6.89 19.36
C PRO B 316 76.27 7.02 20.70
N PRO B 317 76.85 6.49 21.77
CA PRO B 317 76.23 6.64 23.10
C PRO B 317 76.06 8.10 23.45
N PRO B 318 74.82 8.59 23.56
CA PRO B 318 74.62 10.03 23.75
C PRO B 318 74.80 10.51 25.18
N LEU B 319 74.67 9.65 26.17
CA LEU B 319 74.68 10.06 27.57
C LEU B 319 75.91 9.53 28.29
N MET B 320 76.40 10.33 29.24
CA MET B 320 77.48 9.93 30.13
C MET B 320 77.31 10.67 31.45
N ASP B 321 77.75 10.03 32.53
CA ASP B 321 77.57 10.60 33.86
C ASP B 321 78.22 11.98 33.95
N GLU B 322 77.51 12.91 34.61
CA GLU B 322 78.01 14.25 34.83
C GLU B 322 78.33 14.95 33.50
N MET B 323 77.39 15.77 33.02
CA MET B 323 77.57 16.46 31.76
C MET B 323 76.75 17.74 31.70
N ILE B 324 75.67 17.81 32.48
CA ILE B 324 74.88 19.02 32.61
C ILE B 324 74.49 19.19 34.08
N ASP B 325 74.10 20.41 34.43
CA ASP B 325 73.68 20.75 35.78
C ASP B 325 72.21 21.14 35.75
N TYR B 326 71.36 20.27 36.29
CA TYR B 326 69.95 20.60 36.43
C TYR B 326 69.77 21.90 37.21
N GLU B 327 68.63 22.54 36.98
CA GLU B 327 68.35 23.82 37.64
C GLU B 327 67.74 23.64 39.03
N ASP B 328 67.09 22.51 39.29
CA ASP B 328 66.45 22.26 40.58
C ASP B 328 67.37 21.55 41.57
N GLY B 329 68.61 21.25 41.19
CA GLY B 329 69.57 20.66 42.09
C GLY B 329 69.62 19.15 42.11
N THR B 330 68.80 18.47 41.30
CA THR B 330 68.81 17.02 41.28
C THR B 330 70.15 16.53 40.77
N PRO B 331 70.82 15.60 41.48
CA PRO B 331 72.09 15.08 40.96
C PRO B 331 71.90 14.34 39.65
N CYS B 332 72.85 14.54 38.74
CA CYS B 332 72.77 14.01 37.39
C CYS B 332 73.55 12.70 37.27
N ASN B 333 72.95 11.74 36.58
CA ASN B 333 73.62 10.51 36.20
C ASN B 333 72.87 9.93 35.00
N ILE B 334 73.49 8.92 34.38
CA ILE B 334 72.95 8.38 33.13
C ILE B 334 71.52 7.90 33.32
N SER B 335 71.24 7.24 34.44
CA SER B 335 69.91 6.68 34.65
C SER B 335 68.89 7.78 34.90
N GLN B 336 69.26 8.81 35.66
CA GLN B 336 68.35 9.92 35.90
C GLN B 336 68.00 10.63 34.59
N MET B 337 69.01 10.93 33.77
CA MET B 337 68.75 11.63 32.51
C MET B 337 67.87 10.79 31.59
N SER B 338 68.05 9.47 31.59
CA SER B 338 67.22 8.61 30.75
C SER B 338 65.76 8.69 31.15
N LYS B 339 65.47 8.56 32.44
CA LYS B 339 64.08 8.64 32.90
C LYS B 339 63.47 9.99 32.57
N ASP B 340 64.24 11.07 32.71
CA ASP B 340 63.69 12.40 32.50
C ASP B 340 63.43 12.68 31.03
N VAL B 341 64.38 12.32 30.15
CA VAL B 341 64.21 12.61 28.74
C VAL B 341 63.07 11.78 28.15
N VAL B 342 62.79 10.61 28.72
CA VAL B 342 61.68 9.79 28.26
C VAL B 342 60.35 10.45 28.61
N ASN B 343 60.25 11.00 29.82
CA ASN B 343 59.03 11.69 30.24
C ASN B 343 58.74 12.88 29.34
N PHE B 344 59.76 13.69 29.05
CA PHE B 344 59.57 14.84 28.17
C PHE B 344 59.07 14.41 26.80
N LEU B 345 59.68 13.37 26.21
CA LEU B 345 59.32 12.97 24.87
C LEU B 345 57.96 12.28 24.82
N THR B 346 57.52 11.67 25.92
CA THR B 346 56.18 11.11 25.97
C THR B 346 55.14 12.21 26.00
N TRP B 347 55.37 13.26 26.81
CA TRP B 347 54.47 14.41 26.80
C TRP B 347 54.43 15.06 25.44
N ALA B 348 55.59 15.25 24.81
CA ALA B 348 55.65 15.93 23.52
C ALA B 348 54.94 15.14 22.42
N THR B 349 54.82 13.82 22.58
CA THR B 349 54.11 13.03 21.59
C THR B 349 52.62 13.32 21.58
N GLU B 350 52.04 13.64 22.74
CA GLU B 350 50.63 14.05 22.81
C GLU B 350 50.36 14.89 24.06
N PRO B 351 50.47 16.22 23.96
CA PRO B 351 50.21 17.07 25.14
C PRO B 351 48.77 17.05 25.64
N THR B 352 47.83 16.47 24.88
CA THR B 352 46.43 16.40 25.28
C THR B 352 46.11 15.16 26.11
N ALA B 353 47.11 14.44 26.61
CA ALA B 353 46.85 13.18 27.28
C ALA B 353 46.08 13.39 28.58
N ASP B 354 46.42 14.43 29.34
CA ASP B 354 45.78 14.66 30.63
C ASP B 354 44.32 15.10 30.46
N GLU B 355 44.05 15.98 29.49
CA GLU B 355 42.67 16.35 29.21
C GLU B 355 41.85 15.14 28.78
N ARG B 356 42.45 14.25 27.99
CA ARG B 356 41.74 13.08 27.50
C ARG B 356 41.37 12.13 28.64
N LYS B 357 42.29 11.88 29.56
CA LYS B 357 42.05 10.91 30.62
C LYS B 357 41.04 11.43 31.64
N LEU B 358 41.12 12.72 31.97
CA LEU B 358 40.20 13.27 32.96
C LEU B 358 38.77 13.31 32.44
N TYR B 359 38.58 13.55 31.14
CA TYR B 359 37.25 13.51 30.55
C TYR B 359 36.70 12.10 30.48
N GLY B 360 37.58 11.12 30.27
CA GLY B 360 37.13 9.74 30.19
C GLY B 360 36.60 9.21 31.51
N LEU B 361 37.24 9.59 32.62
CA LEU B 361 36.76 9.16 33.93
C LEU B 361 35.34 9.65 34.18
N LYS B 362 35.08 10.92 33.88
CA LYS B 362 33.73 11.46 34.06
C LYS B 362 32.72 10.72 33.18
N CYS B 363 33.13 10.36 31.96
CA CYS B 363 32.19 9.77 31.00
C CYS B 363 31.93 8.30 31.29
N VAL B 364 32.99 7.51 31.47
CA VAL B 364 32.82 6.08 31.65
C VAL B 364 32.06 5.79 32.94
N SER B 365 32.24 6.62 33.96
CA SER B 365 31.49 6.43 35.21
C SER B 365 30.02 6.74 35.03
N ALA B 366 29.70 7.82 34.33
CA ALA B 366 28.31 8.16 34.05
C ALA B 366 27.62 7.07 33.23
N ILE B 367 28.26 6.64 32.15
CA ILE B 367 27.65 5.64 31.27
C ILE B 367 27.39 4.35 32.05
N ALA B 368 28.34 3.96 32.91
CA ALA B 368 28.16 2.73 33.69
C ALA B 368 26.91 2.82 34.56
N ILE B 369 26.68 3.96 35.20
CA ILE B 369 25.52 4.11 36.07
C ILE B 369 24.23 4.00 35.25
N GLY B 370 24.21 4.62 34.06
CA GLY B 370 23.06 4.49 33.20
C GLY B 370 22.83 3.08 32.70
N THR B 371 23.91 2.30 32.57
CA THR B 371 23.76 0.90 32.17
C THR B 371 23.05 0.09 33.25
N VAL B 372 23.33 0.38 34.51
CA VAL B 372 22.64 -0.30 35.61
C VAL B 372 21.15 0.02 35.57
N LEU B 373 20.81 1.30 35.41
CA LEU B 373 19.41 1.70 35.38
C LEU B 373 18.66 1.05 34.23
N MET B 374 19.29 0.94 33.06
CA MET B 374 18.63 0.31 31.92
C MET B 374 18.46 -1.19 32.15
N THR B 375 19.37 -1.80 32.90
CA THR B 375 19.23 -3.22 33.24
C THR B 375 18.00 -3.45 34.11
N LEU B 376 17.75 -2.57 35.07
CA LEU B 376 16.57 -2.68 35.92
C LEU B 376 15.29 -2.50 35.11
N TRP B 377 15.30 -1.53 34.19
CA TRP B 377 14.11 -1.26 33.37
C TRP B 377 13.81 -2.43 32.44
N TRP B 378 14.83 -3.15 31.97
CA TRP B 378 14.62 -4.31 31.12
C TRP B 378 14.04 -5.47 31.92
N ARG B 379 14.59 -5.75 33.10
CA ARG B 379 14.09 -6.85 33.91
C ARG B 379 12.70 -6.56 34.45
N PHE B 380 12.34 -5.29 34.60
CA PHE B 380 10.98 -4.91 34.97
C PHE B 380 9.96 -5.48 33.99
N TYR B 381 10.24 -5.40 32.69
CA TYR B 381 9.34 -5.96 31.68
C TYR B 381 9.56 -7.44 31.44
N TRP B 382 10.75 -7.96 31.75
CA TRP B 382 11.02 -9.40 31.58
C TRP B 382 10.16 -10.25 32.51
N ALA B 383 9.85 -9.74 33.71
CA ALA B 383 9.22 -10.56 34.74
C ALA B 383 7.74 -10.84 34.45
N MET B 384 7.07 -9.96 33.69
CA MET B 384 5.63 -10.16 33.48
C MET B 384 5.35 -11.32 32.54
N TYR B 385 6.28 -11.64 31.64
CA TYR B 385 6.14 -12.78 30.76
C TYR B 385 6.94 -14.00 31.23
N ALA B 386 7.91 -13.83 32.12
CA ALA B 386 8.63 -14.97 32.67
C ALA B 386 7.84 -15.67 33.77
N THR B 387 6.94 -14.95 34.44
CA THR B 387 6.08 -15.50 35.48
C THR B 387 4.67 -15.79 34.99
N ARG B 388 4.42 -15.66 33.69
CA ARG B 388 3.09 -15.87 33.13
C ARG B 388 2.72 -17.35 33.14
N ARG B 389 1.43 -17.63 33.38
CA ARG B 389 0.87 -18.97 33.33
C ARG B 389 -0.08 -19.12 32.15
N ILE B 390 0.05 -20.23 31.42
CA ILE B 390 -0.85 -20.58 30.33
C ILE B 390 -1.30 -22.03 30.53
N ASP B 391 -2.61 -22.23 30.62
CA ASP B 391 -3.20 -23.54 30.83
C ASP B 391 -4.02 -23.96 29.62
N PHE B 392 -3.96 -25.25 29.28
CA PHE B 392 -4.73 -25.83 28.19
C PHE B 392 -5.86 -26.67 28.78
N GLY B 393 -7.04 -26.57 28.17
CA GLY B 393 -8.19 -27.33 28.63
C GLY B 393 -8.97 -26.63 29.73
N LYS B 394 -8.41 -26.60 30.94
CA LYS B 394 -9.11 -26.07 32.10
C LYS B 394 -8.15 -25.24 32.94
N LEU B 395 -8.73 -24.37 33.76
CA LEU B 395 -7.97 -23.49 34.63
C LEU B 395 -7.51 -24.27 35.87
N LYS B 396 -6.22 -24.18 36.18
CA LYS B 396 -5.64 -24.91 37.31
C LYS B 396 -5.61 -24.04 38.57
N TYR B 397 -4.78 -23.01 38.58
CA TYR B 397 -4.59 -22.18 39.75
C TYR B 397 -4.84 -20.71 39.42
N LEU B 398 -5.22 -19.96 40.44
CA LEU B 398 -5.34 -18.50 40.34
C LEU B 398 -4.13 -17.83 40.95
N SER C 160 -10.56 15.27 1.28
CA SER C 160 -9.69 16.25 0.64
C SER C 160 -8.86 16.98 1.69
N VAL C 161 -7.90 17.77 1.23
CA VAL C 161 -7.02 18.54 2.10
C VAL C 161 -7.36 20.03 2.08
N HIS C 162 -8.49 20.41 1.50
CA HIS C 162 -8.88 21.81 1.36
C HIS C 162 -10.08 22.10 2.25
N SER C 163 -9.98 23.20 2.99
CA SER C 163 -11.06 23.68 3.85
C SER C 163 -11.80 24.81 3.18
N HIS C 164 -13.08 24.94 3.54
CA HIS C 164 -13.86 26.10 3.10
C HIS C 164 -13.58 27.29 4.00
N ASN C 165 -14.00 28.47 3.55
CA ASN C 165 -13.72 29.73 4.23
C ASN C 165 -15.01 30.49 4.51
N ILE C 166 -16.02 29.77 5.01
CA ILE C 166 -17.29 30.37 5.40
C ILE C 166 -17.10 31.07 6.74
N ARG C 167 -17.07 32.40 6.72
CA ARG C 167 -16.89 33.19 7.93
C ARG C 167 -17.58 34.53 7.75
N PRO C 168 -17.81 35.26 8.83
CA PRO C 168 -18.34 36.63 8.70
C PRO C 168 -17.29 37.58 8.14
N ASP C 169 -17.78 38.65 7.53
CA ASP C 169 -16.93 39.63 6.85
C ASP C 169 -17.62 40.98 6.88
N LYS C 170 -16.87 42.02 7.25
CA LYS C 170 -17.44 43.36 7.35
C LYS C 170 -17.37 44.15 6.06
N HIS C 171 -16.52 43.76 5.11
CA HIS C 171 -16.43 44.43 3.83
C HIS C 171 -17.13 43.68 2.70
N GLU C 172 -17.14 42.36 2.74
CA GLU C 172 -17.86 41.54 1.77
C GLU C 172 -19.18 41.13 2.43
N LEU C 173 -20.21 41.95 2.23
CA LEU C 173 -21.50 41.70 2.85
C LEU C 173 -22.10 40.40 2.32
N PRO C 174 -23.09 39.85 3.03
CA PRO C 174 -23.67 38.58 2.61
C PRO C 174 -24.48 38.69 1.32
N ALA C 175 -24.51 37.58 0.58
CA ALA C 175 -25.16 37.58 -0.72
C ALA C 175 -26.65 37.90 -0.63
N SER C 176 -27.29 37.58 0.50
CA SER C 176 -28.69 37.96 0.69
C SER C 176 -28.86 39.47 0.76
N GLU C 177 -27.77 40.23 0.76
CA GLU C 177 -27.81 41.68 0.77
C GLU C 177 -27.08 42.33 -0.40
N VAL C 178 -26.01 41.71 -0.91
CA VAL C 178 -25.33 42.18 -2.11
C VAL C 178 -25.01 40.95 -2.97
N PRO C 179 -25.84 40.63 -3.98
CA PRO C 179 -25.69 39.34 -4.67
C PRO C 179 -24.58 39.29 -5.72
N LEU C 180 -24.12 40.42 -6.24
CA LEU C 180 -23.13 40.46 -7.32
C LEU C 180 -23.73 39.96 -8.64
N TYR C 181 -24.23 38.74 -8.67
CA TYR C 181 -24.89 38.23 -9.86
C TYR C 181 -26.23 38.93 -10.08
N TYR C 182 -26.66 38.96 -11.33
CA TYR C 182 -27.93 39.58 -11.70
C TYR C 182 -29.08 38.82 -11.05
N ASN C 183 -29.84 39.50 -10.20
CA ASN C 183 -30.78 38.86 -9.28
C ASN C 183 -32.20 38.93 -9.81
N ARG C 184 -32.41 38.24 -10.93
CA ARG C 184 -33.73 38.08 -11.52
C ARG C 184 -33.90 36.63 -11.95
N PHE C 185 -34.90 35.96 -11.38
CA PHE C 185 -35.14 34.53 -11.61
C PHE C 185 -36.62 34.27 -11.81
N ASP C 186 -36.93 33.36 -12.73
CA ASP C 186 -38.27 32.80 -12.89
C ASP C 186 -38.44 31.63 -11.92
N GLN C 187 -39.68 31.17 -11.76
CA GLN C 187 -40.01 30.14 -10.78
C GLN C 187 -41.10 29.23 -11.32
N ALA C 188 -40.80 27.93 -11.38
CA ALA C 188 -41.73 26.92 -11.87
C ALA C 188 -42.40 26.20 -10.72
N ASP C 189 -43.68 25.87 -10.89
CA ASP C 189 -44.40 25.09 -9.89
C ASP C 189 -43.85 23.68 -9.78
N HIS C 190 -43.38 23.10 -10.88
CA HIS C 190 -42.83 21.77 -10.89
C HIS C 190 -41.74 21.75 -11.96
N PRO C 191 -40.54 21.26 -11.66
CA PRO C 191 -39.42 21.42 -12.60
C PRO C 191 -39.62 20.69 -13.92
N SER C 192 -40.60 19.81 -14.05
CA SER C 192 -40.88 19.19 -15.34
C SER C 192 -41.35 20.20 -16.37
N LEU C 193 -41.84 21.36 -15.94
CA LEU C 193 -42.31 22.38 -16.86
C LEU C 193 -41.19 23.02 -17.68
N TRP C 194 -39.94 22.93 -17.22
CA TRP C 194 -38.84 23.53 -17.98
C TRP C 194 -38.66 22.87 -19.33
N GLN C 195 -39.14 21.64 -19.51
CA GLN C 195 -39.04 20.99 -20.81
C GLN C 195 -39.89 21.70 -21.86
N LEU C 196 -40.99 22.33 -21.44
CA LEU C 196 -41.81 23.08 -22.39
C LEU C 196 -41.17 24.41 -22.75
N GLU C 197 -40.54 25.07 -21.78
CA GLU C 197 -39.80 26.29 -22.06
C GLU C 197 -38.70 26.06 -23.08
N GLU C 198 -38.08 24.89 -23.05
CA GLU C 198 -36.96 24.60 -23.94
C GLU C 198 -37.37 24.31 -25.37
N GLU C 199 -38.66 24.07 -25.62
CA GLU C 199 -39.15 23.82 -26.97
C GLU C 199 -39.99 24.94 -27.54
N GLN C 200 -40.37 25.93 -26.73
CA GLN C 200 -41.17 27.05 -27.21
C GLN C 200 -40.41 28.37 -27.27
N GLN C 201 -39.24 28.47 -26.67
CA GLN C 201 -38.42 29.67 -26.73
C GLN C 201 -37.36 29.53 -27.81
N ARG C 202 -36.99 30.67 -28.40
CA ARG C 202 -35.98 30.71 -29.45
C ARG C 202 -34.59 30.85 -28.86
N LYS C 203 -33.59 30.37 -29.61
CA LYS C 203 -32.20 30.40 -29.20
C LYS C 203 -31.41 31.34 -30.10
N HIS C 204 -30.52 32.13 -29.51
CA HIS C 204 -29.70 33.05 -30.29
C HIS C 204 -28.77 32.30 -31.23
N LEU C 205 -28.26 31.14 -30.81
CA LEU C 205 -27.31 30.39 -31.63
C LEU C 205 -27.94 29.82 -32.89
N ASP C 206 -29.26 29.93 -33.06
CA ASP C 206 -29.91 29.50 -34.29
C ASP C 206 -30.02 30.60 -35.32
N GLN C 207 -29.73 31.85 -34.95
CA GLN C 207 -29.67 32.95 -35.90
C GLN C 207 -28.28 33.05 -36.50
N GLU C 208 -28.21 33.65 -37.68
CA GLU C 208 -26.95 33.79 -38.42
C GLU C 208 -26.45 35.22 -38.28
N VAL C 209 -25.26 35.37 -37.70
CA VAL C 209 -24.57 36.65 -37.61
C VAL C 209 -23.20 36.50 -38.23
N THR C 210 -22.65 37.61 -38.74
CA THR C 210 -21.40 37.58 -39.47
C THR C 210 -20.30 38.48 -38.88
N ASP C 211 -20.65 39.48 -38.07
CA ASP C 211 -19.69 40.44 -37.57
C ASP C 211 -19.76 40.52 -36.04
N VAL C 212 -18.60 40.72 -35.41
CA VAL C 212 -18.51 40.81 -33.96
C VAL C 212 -19.44 41.88 -33.43
N SER C 213 -19.67 42.95 -34.20
CA SER C 213 -20.51 44.05 -33.75
C SER C 213 -21.99 43.68 -33.65
N GLN C 214 -22.40 42.55 -34.21
CA GLN C 214 -23.79 42.10 -34.18
C GLN C 214 -24.06 41.09 -33.09
N LEU C 215 -23.08 40.78 -32.25
CA LEU C 215 -23.27 39.80 -31.19
C LEU C 215 -24.17 40.37 -30.08
N VAL C 216 -24.93 39.47 -29.45
CA VAL C 216 -25.87 39.88 -28.42
C VAL C 216 -25.15 40.55 -27.27
N GLU C 217 -25.79 41.57 -26.68
CA GLU C 217 -25.23 42.30 -25.54
C GLU C 217 -25.67 41.65 -24.23
N PRO C 218 -24.75 41.40 -23.30
CA PRO C 218 -25.15 40.80 -22.02
C PRO C 218 -26.06 41.72 -21.20
N VAL C 219 -26.93 41.11 -20.41
CA VAL C 219 -27.79 41.86 -19.50
C VAL C 219 -27.08 42.22 -18.21
N SER C 220 -25.90 41.66 -17.95
CA SER C 220 -25.12 41.99 -16.77
C SER C 220 -24.35 43.30 -16.98
N SER C 221 -24.22 44.08 -15.90
CA SER C 221 -23.54 45.36 -15.94
C SER C 221 -22.04 45.18 -15.66
N PRO C 222 -21.17 45.94 -16.33
CA PRO C 222 -19.73 45.84 -16.06
C PRO C 222 -19.27 46.51 -14.79
N HIS C 223 -20.10 47.36 -14.18
CA HIS C 223 -19.71 48.11 -12.99
C HIS C 223 -20.16 47.35 -11.75
N GLN C 224 -19.20 46.87 -10.97
CA GLN C 224 -19.47 45.98 -9.85
C GLN C 224 -18.41 46.08 -8.77
N THR C 225 -17.33 45.30 -8.89
CA THR C 225 -16.30 45.24 -7.86
C THR C 225 -15.32 46.40 -7.99
N GLU C 226 -15.07 47.07 -6.87
CA GLU C 226 -14.23 48.26 -6.80
C GLU C 226 -13.17 48.08 -5.72
N GLY C 227 -12.05 48.78 -5.87
CA GLY C 227 -11.01 48.74 -4.85
C GLY C 227 -9.64 49.06 -5.40
N TRP C 228 -8.73 49.35 -4.47
CA TRP C 228 -7.35 49.63 -4.82
C TRP C 228 -6.66 48.37 -5.33
N PHE C 229 -6.00 48.48 -6.48
CA PHE C 229 -5.23 47.40 -7.07
C PHE C 229 -6.07 46.16 -7.34
N LYS C 230 -7.37 46.36 -7.56
CA LYS C 230 -8.26 45.27 -7.95
C LYS C 230 -8.28 45.19 -9.47
N ARG C 231 -7.55 44.21 -9.99
CA ARG C 231 -7.36 44.08 -11.44
C ARG C 231 -8.61 43.56 -12.13
N LEU C 232 -9.17 42.46 -11.64
CA LEU C 232 -10.39 41.89 -12.21
C LEU C 232 -11.61 42.53 -11.57
N ARG C 233 -12.62 42.81 -12.38
CA ARG C 233 -13.70 43.71 -12.00
C ARG C 233 -15.08 43.06 -12.01
N TYR C 234 -15.18 41.74 -12.21
CA TYR C 234 -16.46 41.07 -12.27
C TYR C 234 -16.38 39.69 -11.64
N TRP C 235 -17.29 39.41 -10.69
CA TRP C 235 -17.33 38.14 -9.98
C TRP C 235 -18.79 37.73 -9.76
N HIS C 236 -19.00 36.51 -9.26
CA HIS C 236 -20.33 35.99 -8.96
C HIS C 236 -20.50 35.59 -7.49
N TYR C 237 -19.75 34.61 -6.99
CA TYR C 237 -20.09 33.93 -5.75
C TYR C 237 -19.08 34.21 -4.63
N LYS C 238 -19.55 34.08 -3.39
CA LYS C 238 -18.75 34.33 -2.20
C LYS C 238 -19.22 33.43 -1.06
N GLU C 239 -18.33 33.24 -0.08
CA GLU C 239 -18.55 32.32 1.05
C GLU C 239 -18.88 33.05 2.35
N THR C 240 -19.34 34.29 2.29
CA THR C 240 -19.64 35.03 3.50
C THR C 240 -20.78 34.37 4.28
N ALA C 241 -20.62 34.36 5.60
CA ALA C 241 -21.60 33.72 6.48
C ALA C 241 -22.92 34.48 6.47
N GLU C 242 -24.03 33.76 6.55
CA GLU C 242 -25.35 34.38 6.61
C GLU C 242 -25.77 34.60 8.06
N PRO C 243 -26.40 35.72 8.38
CA PRO C 243 -26.75 36.01 9.78
C PRO C 243 -27.95 35.21 10.25
N THR C 244 -28.35 35.47 11.50
CA THR C 244 -29.45 34.73 12.10
C THR C 244 -30.78 35.06 11.43
N PHE C 245 -30.98 36.34 11.09
CA PHE C 245 -32.22 36.83 10.50
C PHE C 245 -31.89 37.53 9.19
N PRO C 246 -31.81 36.79 8.08
CA PRO C 246 -31.46 37.41 6.80
C PRO C 246 -32.61 38.23 6.21
N ARG C 247 -32.27 39.01 5.19
CA ARG C 247 -33.26 39.81 4.49
C ARG C 247 -34.22 38.91 3.73
N THR C 248 -35.49 39.30 3.72
CA THR C 248 -36.53 38.53 3.04
C THR C 248 -36.52 38.83 1.55
N PRO C 249 -36.36 37.83 0.67
CA PRO C 249 -36.37 38.12 -0.76
C PRO C 249 -37.70 38.69 -1.23
N ASP C 250 -37.63 39.58 -2.21
CA ASP C 250 -38.82 40.18 -2.82
C ASP C 250 -39.09 39.44 -4.12
N LEU C 251 -40.04 38.50 -4.09
CA LEU C 251 -40.32 37.67 -5.25
C LEU C 251 -40.95 38.48 -6.38
N SER C 252 -41.62 39.59 -6.06
CA SER C 252 -42.24 40.41 -7.08
C SER C 252 -41.21 41.06 -8.00
N LYS C 253 -39.98 41.25 -7.53
CA LYS C 253 -38.91 41.80 -8.34
C LYS C 253 -38.02 40.72 -8.97
N GLY C 254 -38.36 39.45 -8.78
CA GLY C 254 -37.58 38.36 -9.35
C GLY C 254 -36.43 37.86 -8.51
N GLU C 255 -36.37 38.21 -7.23
CA GLU C 255 -35.23 37.84 -6.39
C GLU C 255 -35.22 36.34 -6.11
N LEU C 256 -34.00 35.81 -5.91
CA LEU C 256 -33.82 34.39 -5.64
C LEU C 256 -34.09 34.08 -4.16
N ALA C 257 -34.69 32.93 -3.92
CA ALA C 257 -34.90 32.41 -2.57
C ALA C 257 -34.30 31.01 -2.50
N ALA C 258 -33.24 30.85 -1.70
CA ALA C 258 -32.56 29.57 -1.60
C ALA C 258 -31.73 29.53 -0.32
N GLY C 259 -31.63 28.34 0.25
CA GLY C 259 -30.77 28.14 1.40
C GLY C 259 -31.33 28.82 2.64
N ALA C 260 -30.51 29.67 3.26
CA ALA C 260 -30.89 30.32 4.51
C ALA C 260 -32.09 31.24 4.33
N THR C 261 -32.31 31.76 3.13
CA THR C 261 -33.44 32.66 2.89
C THR C 261 -34.75 31.93 2.69
N VAL C 262 -34.74 30.60 2.69
CA VAL C 262 -35.96 29.80 2.77
C VAL C 262 -36.22 29.33 4.20
N THR C 263 -35.17 28.90 4.90
CA THR C 263 -35.34 28.27 6.20
C THR C 263 -35.60 29.29 7.30
N ARG C 264 -35.00 30.48 7.21
CA ARG C 264 -35.08 31.48 8.28
C ARG C 264 -35.83 32.74 7.85
N THR C 265 -36.74 32.62 6.89
CA THR C 265 -37.66 33.69 6.54
C THR C 265 -39.03 33.09 6.22
N SER C 266 -40.04 33.95 6.13
CA SER C 266 -41.41 33.56 5.83
C SER C 266 -41.76 33.78 4.36
N VAL C 267 -40.77 33.75 3.47
CA VAL C 267 -40.97 34.08 2.07
C VAL C 267 -41.92 33.10 1.37
N TRP C 268 -42.11 31.90 1.91
CA TRP C 268 -42.84 30.85 1.23
C TRP C 268 -44.30 30.75 1.64
N HIS C 269 -44.77 31.62 2.54
CA HIS C 269 -46.15 31.53 2.98
C HIS C 269 -47.10 32.01 1.89
N ASP C 270 -48.20 31.27 1.73
CA ASP C 270 -49.24 31.60 0.75
C ASP C 270 -50.59 31.46 1.43
N PRO C 271 -51.40 32.53 1.51
CA PRO C 271 -52.65 32.44 2.28
C PRO C 271 -53.63 31.40 1.77
N ASN C 272 -53.62 31.08 0.47
CA ASN C 272 -54.63 30.23 -0.13
C ASN C 272 -54.10 28.86 -0.52
N GLU C 273 -53.12 28.35 0.22
CA GLU C 273 -52.56 27.04 -0.05
C GLU C 273 -52.03 26.44 1.25
N PRO C 274 -52.07 25.12 1.39
CA PRO C 274 -51.41 24.49 2.53
C PRO C 274 -49.91 24.68 2.49
N ALA C 275 -49.30 24.76 3.67
CA ALA C 275 -47.86 25.00 3.76
C ALA C 275 -47.07 23.89 3.07
N ILE C 276 -47.52 22.64 3.17
CA ILE C 276 -46.79 21.54 2.56
C ILE C 276 -46.76 21.69 1.05
N VAL C 277 -47.78 22.33 0.47
CA VAL C 277 -47.81 22.53 -0.98
C VAL C 277 -46.92 23.70 -1.38
N SER C 278 -47.03 24.82 -0.66
CA SER C 278 -46.28 26.02 -1.02
C SER C 278 -44.77 25.78 -1.01
N VAL C 279 -44.25 25.21 0.09
CA VAL C 279 -42.81 25.06 0.22
C VAL C 279 -42.24 24.00 -0.72
N SER C 280 -43.09 23.19 -1.36
CA SER C 280 -42.61 22.23 -2.35
C SER C 280 -42.09 22.89 -3.61
N ARG C 281 -42.36 24.19 -3.80
CA ARG C 281 -41.94 24.92 -4.98
C ARG C 281 -40.66 25.72 -4.77
N PHE C 282 -39.96 25.53 -3.66
CA PHE C 282 -38.78 26.31 -3.33
C PHE C 282 -37.52 25.45 -3.24
N ALA C 283 -37.49 24.37 -3.99
CA ALA C 283 -36.24 23.64 -4.15
C ALA C 283 -35.40 24.27 -5.27
N PRO C 284 -34.08 24.14 -5.22
CA PRO C 284 -33.24 24.85 -6.21
C PRO C 284 -33.59 24.53 -7.66
N ASP C 285 -34.11 23.33 -7.96
CA ASP C 285 -34.49 23.02 -9.33
C ASP C 285 -35.72 23.80 -9.80
N ASN C 286 -36.36 24.56 -8.92
CA ASN C 286 -37.56 25.32 -9.27
C ASN C 286 -37.26 26.71 -9.80
N PHE C 287 -36.02 27.18 -9.69
CA PHE C 287 -35.62 28.52 -10.10
C PHE C 287 -34.67 28.46 -11.29
N ARG C 288 -34.83 29.40 -12.21
CA ARG C 288 -33.92 29.53 -13.36
C ARG C 288 -33.76 31.00 -13.73
N ALA C 289 -32.50 31.41 -13.88
CA ALA C 289 -32.19 32.80 -14.22
C ALA C 289 -32.80 33.20 -15.55
N VAL C 290 -33.23 34.46 -15.65
CA VAL C 290 -33.71 34.99 -16.92
C VAL C 290 -32.62 34.89 -17.96
N GLY C 291 -33.00 34.48 -19.17
CA GLY C 291 -32.07 34.27 -20.26
C GLY C 291 -31.53 32.86 -20.38
N PHE C 292 -31.97 31.93 -19.53
CA PHE C 292 -31.41 30.58 -19.52
C PHE C 292 -31.66 29.88 -20.85
N ALA C 293 -32.90 29.88 -21.32
CA ALA C 293 -33.24 29.11 -22.51
C ALA C 293 -32.65 29.72 -23.77
N GLU C 294 -32.52 31.03 -23.83
CA GLU C 294 -32.03 31.71 -25.02
C GLU C 294 -30.52 31.59 -25.23
N ASN C 295 -29.75 31.29 -24.19
CA ASN C 295 -28.30 31.51 -24.23
C ASN C 295 -27.46 30.27 -23.99
N VAL C 296 -27.68 29.54 -22.90
CA VAL C 296 -26.74 28.51 -22.44
C VAL C 296 -26.52 27.47 -23.52
N PRO C 297 -25.29 27.28 -24.00
CA PRO C 297 -25.06 26.30 -25.07
C PRO C 297 -25.14 24.85 -24.60
N ASN C 298 -25.38 23.98 -25.57
CA ASN C 298 -25.39 22.53 -25.35
C ASN C 298 -24.77 21.89 -26.59
N PRO C 299 -23.45 21.71 -26.61
CA PRO C 299 -22.77 21.32 -27.85
C PRO C 299 -23.16 19.93 -28.32
N GLU C 300 -23.04 19.72 -29.64
CA GLU C 300 -23.24 18.42 -30.26
C GLU C 300 -21.94 17.66 -30.50
N SER C 301 -20.80 18.34 -30.51
CA SER C 301 -19.50 17.70 -30.68
C SER C 301 -18.43 18.60 -30.10
N THR C 302 -17.24 18.03 -29.91
CA THR C 302 -16.07 18.84 -29.61
C THR C 302 -15.55 19.55 -30.84
N ASN C 303 -15.89 19.06 -32.03
CA ASN C 303 -15.33 19.53 -33.28
C ASN C 303 -16.25 20.54 -33.96
N SER C 304 -15.65 21.57 -34.54
CA SER C 304 -16.37 22.58 -35.32
C SER C 304 -16.31 22.21 -36.80
N ASP C 305 -17.42 22.43 -37.50
CA ASP C 305 -17.46 22.19 -38.93
C ASP C 305 -16.56 23.14 -39.71
N SER C 306 -16.14 24.25 -39.09
CA SER C 306 -15.21 25.18 -39.71
C SER C 306 -13.76 24.75 -39.56
N HIS C 307 -13.49 23.62 -38.90
CA HIS C 307 -12.16 23.13 -38.63
C HIS C 307 -11.95 21.75 -39.26
N PRO C 308 -10.71 21.38 -39.57
CA PRO C 308 -10.45 20.04 -40.12
C PRO C 308 -10.40 18.96 -39.05
N ASP C 309 -10.55 17.71 -39.50
CA ASP C 309 -10.46 16.51 -38.66
C ASP C 309 -9.82 15.40 -39.49
N PHE C 310 -9.92 14.16 -39.00
CA PHE C 310 -9.16 13.07 -39.63
C PHE C 310 -9.64 12.75 -41.05
N ARG C 311 -10.85 13.17 -41.42
CA ARG C 311 -11.32 12.93 -42.78
C ARG C 311 -10.43 13.59 -43.81
N GLU C 312 -9.80 14.71 -43.46
CA GLU C 312 -8.93 15.43 -44.38
C GLU C 312 -7.55 14.79 -44.49
N TYR C 313 -7.10 14.07 -43.46
CA TYR C 313 -5.73 13.63 -43.34
C TYR C 313 -5.53 12.12 -43.42
N ARG C 314 -6.59 11.33 -43.56
CA ARG C 314 -6.47 9.87 -43.47
C ARG C 314 -5.89 9.30 -44.77
N LEU C 315 -5.00 8.31 -44.61
CA LEU C 315 -4.43 7.57 -45.74
C LEU C 315 -5.29 6.35 -45.98
N GLY C 316 -5.98 6.31 -47.12
CA GLY C 316 -6.92 5.27 -47.43
C GLY C 316 -6.42 4.32 -48.49
N PRO C 317 -7.34 3.70 -49.24
CA PRO C 317 -6.92 2.75 -50.27
C PRO C 317 -5.99 3.40 -51.27
N GLY C 318 -5.06 2.58 -51.78
CA GLY C 318 -4.03 3.06 -52.67
C GLY C 318 -2.82 3.68 -51.99
N SER C 319 -2.80 3.71 -50.66
CA SER C 319 -1.72 4.34 -49.92
C SER C 319 -0.59 3.35 -49.67
N VAL C 320 0.60 3.89 -49.48
CA VAL C 320 1.81 3.11 -49.22
C VAL C 320 1.93 2.82 -47.73
N ASP C 321 2.56 1.70 -47.39
CA ASP C 321 2.75 1.32 -46.00
C ASP C 321 3.81 2.21 -45.35
N ARG C 322 3.51 2.66 -44.13
CA ARG C 322 4.38 3.58 -43.39
C ARG C 322 5.28 2.89 -42.37
N ARG C 323 5.01 1.64 -42.00
CA ARG C 323 5.80 0.97 -40.96
C ARG C 323 7.30 1.08 -41.18
N PRO C 324 7.84 0.81 -42.37
CA PRO C 324 9.31 0.91 -42.54
C PRO C 324 9.86 2.29 -42.23
N PHE C 325 9.11 3.36 -42.54
CA PHE C 325 9.59 4.70 -42.29
C PHE C 325 9.54 5.04 -40.80
N VAL C 326 8.48 4.61 -40.11
CA VAL C 326 8.31 4.95 -38.71
C VAL C 326 9.44 4.37 -37.87
N TYR C 327 9.88 3.16 -38.20
CA TYR C 327 10.90 2.47 -37.43
C TYR C 327 12.31 2.83 -37.87
N PHE C 328 12.49 3.33 -39.09
CA PHE C 328 13.78 3.91 -39.47
C PHE C 328 13.97 5.27 -38.82
N MET C 329 12.88 6.00 -38.55
CA MET C 329 12.94 7.24 -37.80
C MET C 329 13.43 6.99 -36.37
N SER C 330 12.86 5.98 -35.70
CA SER C 330 13.22 5.74 -34.31
C SER C 330 14.60 5.13 -34.19
N ALA C 331 14.98 4.25 -35.13
CA ALA C 331 16.29 3.63 -35.08
C ALA C 331 17.40 4.66 -35.29
N SER C 332 17.16 5.66 -36.14
CA SER C 332 18.17 6.68 -36.38
C SER C 332 18.41 7.52 -35.14
N TYR C 333 17.33 7.89 -34.45
CA TYR C 333 17.49 8.60 -33.18
C TYR C 333 18.33 7.81 -32.20
N PHE C 334 18.20 6.48 -32.20
CA PHE C 334 18.87 5.67 -31.19
C PHE C 334 20.34 5.44 -31.52
N PHE C 335 20.70 5.27 -32.79
CA PHE C 335 22.13 5.11 -33.09
C PHE C 335 22.88 6.43 -32.98
N ILE C 336 22.16 7.56 -33.00
CA ILE C 336 22.78 8.85 -32.68
C ILE C 336 22.93 9.00 -31.18
N THR C 337 21.91 8.61 -30.42
CA THR C 337 21.98 8.72 -28.96
C THR C 337 22.95 7.72 -28.37
N ALA C 338 23.11 6.56 -29.00
CA ALA C 338 24.09 5.57 -28.52
C ALA C 338 25.51 6.07 -28.73
N SER C 339 25.77 6.71 -29.87
CA SER C 339 27.10 7.28 -30.11
C SER C 339 27.42 8.39 -29.12
N MET C 340 26.43 9.23 -28.79
CA MET C 340 26.64 10.27 -27.81
C MET C 340 27.02 9.69 -26.45
N MET C 341 26.37 8.58 -26.05
CA MET C 341 26.68 7.96 -24.77
C MET C 341 28.06 7.34 -24.78
N ARG C 342 28.41 6.63 -25.85
CA ARG C 342 29.72 5.99 -25.92
C ARG C 342 30.84 7.01 -25.83
N SER C 343 30.64 8.19 -26.43
CA SER C 343 31.68 9.22 -26.40
C SER C 343 31.83 9.80 -25.00
N PHE C 344 30.73 10.01 -24.30
CA PHE C 344 30.80 10.58 -22.95
C PHE C 344 31.48 9.61 -21.99
N LEU C 345 31.26 8.31 -22.16
CA LEU C 345 31.91 7.33 -21.29
C LEU C 345 33.41 7.24 -21.58
N CYS C 346 33.79 7.26 -22.87
CA CYS C 346 35.20 7.23 -23.21
C CYS C 346 35.93 8.45 -22.66
N LYS C 347 35.28 9.60 -22.66
CA LYS C 347 35.91 10.80 -22.11
C LYS C 347 36.03 10.71 -20.59
N TRP C 348 35.07 10.08 -19.92
CA TRP C 348 35.16 9.88 -18.48
C TRP C 348 36.31 8.96 -18.13
N VAL C 349 36.55 7.93 -18.94
CA VAL C 349 37.63 6.98 -18.66
C VAL C 349 38.99 7.64 -18.88
N HIS C 350 39.13 8.41 -19.97
CA HIS C 350 40.37 9.15 -20.19
C HIS C 350 40.71 10.04 -18.99
N TYR C 351 39.73 10.80 -18.52
CA TYR C 351 39.93 11.65 -17.34
C TYR C 351 40.44 10.85 -16.15
N TRP C 352 39.99 9.60 -16.02
CA TRP C 352 40.42 8.73 -14.92
C TRP C 352 41.88 8.33 -15.07
N TRP C 353 42.38 8.23 -16.30
CA TRP C 353 43.72 7.74 -16.57
C TRP C 353 44.75 8.84 -16.31
N VAL C 354 46.03 8.44 -16.35
CA VAL C 354 47.17 9.31 -16.08
C VAL C 354 47.07 10.60 -16.92
N SER C 355 47.70 11.66 -16.44
CA SER C 355 47.66 12.96 -17.08
C SER C 355 48.92 13.19 -17.92
N ARG C 356 48.91 14.29 -18.67
CA ARG C 356 50.00 14.57 -19.60
C ARG C 356 51.28 14.96 -18.89
N ASP C 357 51.19 15.50 -17.67
CA ASP C 357 52.39 15.90 -16.95
C ASP C 357 53.11 14.71 -16.34
N MET C 358 52.38 13.66 -15.95
CA MET C 358 52.99 12.49 -15.35
C MET C 358 53.51 11.50 -16.38
N LEU C 359 52.89 11.43 -17.56
CA LEU C 359 53.39 10.57 -18.62
C LEU C 359 54.78 10.99 -19.06
N ALA C 360 55.09 12.28 -18.99
CA ALA C 360 56.39 12.77 -19.42
C ALA C 360 57.46 12.51 -18.37
N ALA C 361 57.11 12.63 -17.09
CA ALA C 361 58.08 12.40 -16.03
C ALA C 361 58.62 10.98 -16.05
N GLY C 362 57.82 10.01 -16.51
CA GLY C 362 58.27 8.64 -16.57
C GLY C 362 59.30 8.36 -17.63
N THR C 363 59.39 9.22 -18.65
CA THR C 363 60.34 9.04 -19.73
C THR C 363 61.67 9.70 -19.35
N THR C 364 62.73 8.91 -19.36
CA THR C 364 64.06 9.41 -19.01
C THR C 364 65.13 8.70 -19.83
N VAL D 48 -31.26 43.87 26.50
CA VAL D 48 -32.60 44.38 26.25
C VAL D 48 -33.31 43.50 25.24
N SER D 49 -32.54 42.72 24.48
CA SER D 49 -33.14 41.85 23.48
C SER D 49 -33.99 40.77 24.17
N PRO D 50 -35.14 40.40 23.58
CA PRO D 50 -35.91 39.29 24.15
C PRO D 50 -35.12 37.99 24.23
N LEU D 51 -34.01 37.86 23.51
CA LEU D 51 -33.18 36.67 23.57
C LEU D 51 -32.41 36.54 24.87
N ALA D 52 -32.49 37.53 25.75
CA ALA D 52 -31.80 37.50 27.04
C ALA D 52 -32.77 37.54 28.21
N ARG D 53 -34.05 37.27 27.97
CA ARG D 53 -35.07 37.25 29.01
C ARG D 53 -35.78 35.89 29.05
N SER D 54 -35.07 34.82 28.69
CA SER D 54 -35.65 33.49 28.70
C SER D 54 -35.88 33.02 30.14
N VAL D 55 -36.77 32.04 30.27
CA VAL D 55 -37.10 31.47 31.58
C VAL D 55 -35.98 30.52 31.98
N ASP D 56 -35.23 30.90 33.02
CA ASP D 56 -34.08 30.14 33.50
C ASP D 56 -34.48 29.50 34.83
N ALA D 57 -35.11 28.34 34.76
CA ALA D 57 -35.54 27.58 35.94
C ALA D 57 -34.66 26.34 36.04
N ALA D 58 -33.67 26.39 36.92
CA ALA D 58 -32.71 25.32 37.06
C ALA D 58 -33.40 24.01 37.45
N ILE D 59 -33.97 23.97 38.64
CA ILE D 59 -34.60 22.77 39.20
C ILE D 59 -36.10 23.01 39.23
N PRO D 60 -36.90 22.21 38.52
CA PRO D 60 -38.35 22.44 38.52
C PRO D 60 -38.94 22.30 39.93
N GLU D 61 -40.02 23.05 40.16
CA GLU D 61 -40.69 23.04 41.44
C GLU D 61 -41.23 21.66 41.82
N GLU D 62 -41.50 20.80 40.82
CA GLU D 62 -42.01 19.47 41.11
C GLU D 62 -41.02 18.66 41.93
N ALA D 63 -39.73 18.98 41.83
CA ALA D 63 -38.72 18.26 42.60
C ALA D 63 -38.89 18.49 44.09
N PHE D 64 -39.37 19.67 44.49
CA PHE D 64 -39.57 19.99 45.88
C PHE D 64 -40.91 19.51 46.41
N ASN D 65 -41.93 19.40 45.55
CA ASN D 65 -43.27 19.01 45.98
C ASN D 65 -43.47 17.52 45.73
N GLN D 66 -42.71 16.72 46.48
CA GLN D 66 -42.78 15.27 46.44
C GLN D 66 -43.28 14.73 47.77
N PRO D 67 -43.96 13.59 47.78
CA PRO D 67 -44.42 13.01 49.05
C PRO D 67 -43.24 12.50 49.86
N PRO D 68 -43.27 12.67 51.18
CA PRO D 68 -42.14 12.24 52.01
C PRO D 68 -42.05 10.73 52.12
N THR D 69 -40.84 10.26 52.40
CA THR D 69 -40.59 8.86 52.71
C THR D 69 -40.47 8.74 54.24
N LEU D 70 -41.43 8.06 54.85
CA LEU D 70 -41.50 7.93 56.30
C LEU D 70 -40.71 6.71 56.77
N THR D 71 -40.08 6.85 57.94
CA THR D 71 -39.20 5.81 58.47
C THR D 71 -39.49 5.60 59.95
N THR D 72 -39.31 4.36 60.41
CA THR D 72 -39.39 4.03 61.82
C THR D 72 -38.47 2.85 62.12
N THR D 73 -37.89 2.87 63.32
CA THR D 73 -37.07 1.77 63.81
C THR D 73 -37.80 1.10 64.96
N LEU D 74 -37.95 -0.22 64.87
CA LEU D 74 -38.66 -0.98 65.88
C LEU D 74 -37.72 -1.40 67.01
N PRO D 75 -38.27 -1.82 68.15
CA PRO D 75 -37.41 -2.17 69.29
C PRO D 75 -36.40 -3.27 68.97
N ASN D 76 -36.78 -4.27 68.18
CA ASN D 76 -35.89 -5.37 67.87
C ASN D 76 -34.87 -5.04 66.79
N GLY D 77 -34.94 -3.87 66.17
CA GLY D 77 -33.94 -3.42 65.23
C GLY D 77 -34.38 -3.40 63.77
N ILE D 78 -35.56 -3.94 63.45
CA ILE D 78 -36.06 -3.89 62.08
C ILE D 78 -36.44 -2.47 61.73
N ARG D 79 -36.13 -2.07 60.50
CA ARG D 79 -36.43 -0.73 59.99
C ARG D 79 -37.51 -0.82 58.93
N VAL D 80 -38.47 0.10 59.00
CA VAL D 80 -39.61 0.16 58.08
C VAL D 80 -39.59 1.52 57.40
N ALA D 81 -39.80 1.53 56.07
CA ALA D 81 -39.79 2.76 55.28
C ALA D 81 -40.86 2.68 54.20
N THR D 82 -41.61 3.78 54.03
CA THR D 82 -42.74 3.81 53.11
C THR D 82 -42.89 5.18 52.46
N GLN D 83 -43.30 5.18 51.19
CA GLN D 83 -43.71 6.40 50.49
C GLN D 83 -45.07 6.15 49.83
N ARG D 84 -46.04 6.98 50.16
CA ARG D 84 -47.38 6.86 49.62
C ARG D 84 -47.51 7.61 48.30
N LEU D 85 -48.00 6.92 47.28
CA LEU D 85 -48.24 7.50 45.96
C LEU D 85 -49.73 7.40 45.67
N PRO D 86 -50.52 8.45 45.93
CA PRO D 86 -51.98 8.31 45.88
C PRO D 86 -52.52 7.88 44.52
N PHE D 87 -51.82 8.20 43.44
CA PHE D 87 -52.30 7.87 42.09
C PHE D 87 -52.01 6.43 41.69
N HIS D 88 -52.20 5.49 42.60
CA HIS D 88 -51.98 4.08 42.31
C HIS D 88 -52.99 3.26 43.11
N GLN D 89 -53.37 2.11 42.53
CA GLN D 89 -54.26 1.17 43.19
C GLN D 89 -53.56 -0.09 43.67
N THR D 90 -52.40 -0.42 43.12
CA THR D 90 -51.60 -1.55 43.55
C THR D 90 -50.50 -1.08 44.49
N ALA D 91 -49.56 -1.97 44.78
CA ALA D 91 -48.47 -1.66 45.70
C ALA D 91 -47.43 -2.77 45.62
N THR D 92 -46.21 -2.45 46.08
CA THR D 92 -45.12 -3.41 46.19
C THR D 92 -44.55 -3.35 47.59
N VAL D 93 -44.45 -4.50 48.24
CA VAL D 93 -43.85 -4.63 49.56
C VAL D 93 -42.80 -5.73 49.51
N GLY D 94 -41.71 -5.55 50.25
CA GLY D 94 -40.60 -6.48 50.19
C GLY D 94 -39.69 -6.36 51.39
N VAL D 95 -38.66 -7.22 51.38
CA VAL D 95 -37.66 -7.28 52.44
C VAL D 95 -36.29 -7.19 51.79
N TRP D 96 -35.49 -6.22 52.23
CA TRP D 96 -34.13 -6.02 51.73
C TRP D 96 -33.16 -6.42 52.83
N ILE D 97 -32.25 -7.35 52.51
CA ILE D 97 -31.33 -7.94 53.47
C ILE D 97 -29.90 -7.61 53.07
N ASP D 98 -29.04 -7.39 54.07
CA ASP D 98 -27.66 -7.01 53.84
C ASP D 98 -26.75 -8.23 53.98
N SER D 99 -26.90 -9.15 53.03
CA SER D 99 -26.08 -10.35 52.98
C SER D 99 -26.04 -10.85 51.55
N GLY D 100 -25.09 -11.74 51.29
CA GLY D 100 -24.94 -12.29 49.95
C GLY D 100 -23.77 -13.24 49.86
N SER D 101 -23.33 -13.48 48.63
CA SER D 101 -22.24 -14.43 48.39
C SER D 101 -20.95 -13.99 49.07
N ARG D 102 -20.77 -12.69 49.29
CA ARG D 102 -19.55 -12.22 49.95
C ARG D 102 -19.49 -12.69 51.40
N TYR D 103 -20.62 -13.07 51.99
CA TYR D 103 -20.68 -13.56 53.36
C TYR D 103 -20.71 -15.08 53.44
N ASP D 104 -20.41 -15.77 52.35
CA ASP D 104 -20.20 -17.20 52.38
C ASP D 104 -18.79 -17.53 52.85
N THR D 105 -18.59 -18.78 53.25
CA THR D 105 -17.26 -19.28 53.55
C THR D 105 -16.63 -19.86 52.29
N LYS D 106 -15.29 -19.86 52.27
CA LYS D 106 -14.58 -20.40 51.12
C LYS D 106 -14.94 -21.86 50.87
N GLU D 107 -15.24 -22.62 51.93
CA GLU D 107 -15.53 -24.03 51.78
C GLU D 107 -16.97 -24.29 51.34
N THR D 108 -17.87 -23.32 51.53
CA THR D 108 -19.28 -23.50 51.19
C THR D 108 -19.78 -22.37 50.29
N ASN D 109 -18.91 -21.77 49.51
CA ASN D 109 -19.32 -20.74 48.57
C ASN D 109 -20.44 -21.27 47.67
N GLY D 110 -21.60 -20.64 47.75
CA GLY D 110 -22.78 -21.04 47.01
C GLY D 110 -24.00 -21.32 47.86
N ALA D 111 -23.87 -21.34 49.19
CA ALA D 111 -25.02 -21.62 50.04
C ALA D 111 -26.05 -20.49 49.99
N ALA D 112 -25.60 -19.24 49.84
CA ALA D 112 -26.52 -18.12 49.81
C ALA D 112 -27.50 -18.23 48.64
N HIS D 113 -27.00 -18.60 47.47
CA HIS D 113 -27.87 -18.78 46.32
C HIS D 113 -28.70 -20.06 46.46
N PHE D 114 -28.10 -21.11 47.02
CA PHE D 114 -28.86 -22.33 47.29
C PHE D 114 -30.05 -22.04 48.19
N LEU D 115 -29.85 -21.23 49.24
CA LEU D 115 -30.93 -20.88 50.14
C LEU D 115 -32.06 -20.18 49.42
N GLU D 116 -31.76 -19.42 48.37
CA GLU D 116 -32.81 -18.74 47.62
C GLU D 116 -33.84 -19.72 47.08
N HIS D 117 -33.38 -20.80 46.45
CA HIS D 117 -34.30 -21.79 45.89
C HIS D 117 -35.10 -22.47 46.98
N MET D 118 -34.42 -22.88 48.05
CA MET D 118 -35.10 -23.65 49.11
C MET D 118 -36.17 -22.83 49.82
N THR D 119 -36.09 -21.51 49.77
CA THR D 119 -37.07 -20.67 50.44
C THR D 119 -38.46 -20.78 49.81
N PHE D 120 -38.58 -21.39 48.64
CA PHE D 120 -39.87 -21.57 47.98
C PHE D 120 -40.29 -23.03 47.90
N LYS D 121 -39.76 -23.88 48.78
CA LYS D 121 -40.00 -25.32 48.72
C LYS D 121 -40.85 -25.85 49.86
N GLY D 122 -41.16 -25.05 50.86
CA GLY D 122 -42.09 -25.45 51.89
C GLY D 122 -41.74 -24.91 53.27
N THR D 123 -42.77 -24.68 54.05
CA THR D 123 -42.67 -24.31 55.46
C THR D 123 -43.39 -25.34 56.32
N LYS D 124 -43.50 -25.05 57.61
CA LYS D 124 -44.20 -25.94 58.52
C LYS D 124 -45.71 -25.83 58.38
N ARG D 125 -46.21 -24.65 58.01
CA ARG D 125 -47.65 -24.40 57.88
C ARG D 125 -48.12 -24.34 56.43
N ARG D 126 -47.20 -24.30 55.47
CA ARG D 126 -47.53 -24.28 54.06
C ARG D 126 -46.57 -25.19 53.31
N SER D 127 -47.10 -25.92 52.32
CA SER D 127 -46.30 -26.77 51.47
C SER D 127 -45.99 -26.07 50.15
N ARG D 128 -45.22 -26.75 49.30
CA ARG D 128 -44.88 -26.19 47.99
C ARG D 128 -46.14 -25.90 47.19
N ILE D 129 -47.05 -26.87 47.12
CA ILE D 129 -48.26 -26.70 46.33
C ILE D 129 -49.16 -25.64 46.94
N GLN D 130 -49.28 -25.63 48.26
CA GLN D 130 -50.17 -24.67 48.92
C GLN D 130 -49.67 -23.24 48.75
N LEU D 131 -48.36 -23.04 48.81
CA LEU D 131 -47.80 -21.69 48.63
C LEU D 131 -48.11 -21.17 47.23
N GLU D 132 -47.87 -21.99 46.21
CA GLU D 132 -48.06 -21.54 44.83
C GLU D 132 -49.53 -21.18 44.57
N GLN D 133 -50.46 -21.95 45.12
CA GLN D 133 -51.87 -21.71 44.84
C GLN D 133 -52.38 -20.46 45.52
N GLU D 134 -51.89 -20.16 46.72
CA GLU D 134 -52.35 -18.97 47.44
C GLU D 134 -51.99 -17.70 46.68
N ILE D 135 -50.78 -17.65 46.12
CA ILE D 135 -50.37 -16.48 45.35
C ILE D 135 -51.23 -16.33 44.10
N GLU D 136 -51.45 -17.45 43.39
CA GLU D 136 -52.23 -17.39 42.15
C GLU D 136 -53.66 -16.92 42.42
N ASN D 137 -54.25 -17.34 43.53
CA ASN D 137 -55.65 -17.01 43.80
C ASN D 137 -55.84 -15.53 44.09
N MET D 138 -54.78 -14.79 44.40
CA MET D 138 -54.86 -13.35 44.63
C MET D 138 -54.42 -12.54 43.42
N GLY D 139 -53.84 -13.17 42.40
CA GLY D 139 -53.29 -12.44 41.28
C GLY D 139 -52.01 -11.70 41.60
N ALA D 140 -51.36 -12.03 42.71
CA ALA D 140 -50.13 -11.37 43.12
C ALA D 140 -48.91 -12.00 42.45
N HIS D 141 -47.76 -11.39 42.68
CA HIS D 141 -46.49 -11.87 42.17
C HIS D 141 -45.47 -11.91 43.31
N LEU D 142 -44.53 -12.83 43.20
CA LEU D 142 -43.52 -13.06 44.23
C LEU D 142 -42.19 -13.37 43.55
N ASN D 143 -41.19 -12.52 43.78
CA ASN D 143 -39.89 -12.65 43.14
C ASN D 143 -38.77 -12.51 44.17
N ALA D 144 -37.58 -12.93 43.77
CA ALA D 144 -36.40 -12.84 44.63
C ALA D 144 -35.15 -12.92 43.78
N TYR D 145 -34.08 -12.28 44.27
CA TYR D 145 -32.76 -12.39 43.66
C TYR D 145 -31.68 -12.18 44.71
N THR D 146 -30.49 -12.70 44.41
CA THR D 146 -29.35 -12.69 45.30
C THR D 146 -28.13 -12.16 44.57
N SER D 147 -27.39 -11.27 45.23
CA SER D 147 -26.17 -10.70 44.64
C SER D 147 -25.03 -10.87 45.64
N ARG D 148 -23.95 -10.11 45.43
CA ARG D 148 -22.75 -10.26 46.24
C ARG D 148 -22.90 -9.64 47.63
N GLU D 149 -23.68 -8.57 47.76
CA GLU D 149 -23.84 -7.88 49.03
C GLU D 149 -25.28 -7.62 49.42
N GLN D 150 -26.26 -7.92 48.57
CA GLN D 150 -27.66 -7.67 48.88
C GLN D 150 -28.53 -8.83 48.39
N THR D 151 -29.57 -9.12 49.14
CA THR D 151 -30.57 -10.14 48.81
C THR D 151 -31.96 -9.55 48.99
N VAL D 152 -32.86 -9.82 48.04
CA VAL D 152 -34.14 -9.13 47.95
C VAL D 152 -35.28 -10.12 47.75
N TYR D 153 -36.37 -9.91 48.49
CA TYR D 153 -37.66 -10.59 48.31
C TYR D 153 -38.76 -9.54 48.26
N TYR D 154 -39.61 -9.60 47.23
CA TYR D 154 -40.68 -8.61 47.11
C TYR D 154 -41.90 -9.22 46.46
N ALA D 155 -43.05 -8.56 46.70
CA ALA D 155 -44.34 -8.99 46.18
C ALA D 155 -45.12 -7.80 45.65
N LYS D 156 -45.95 -8.06 44.64
CA LYS D 156 -46.81 -7.06 44.03
C LYS D 156 -48.26 -7.55 44.07
N ALA D 157 -49.16 -6.70 44.58
CA ALA D 157 -50.55 -7.09 44.73
C ALA D 157 -51.39 -5.85 44.98
N PHE D 158 -52.71 -6.07 45.13
CA PHE D 158 -53.63 -5.01 45.49
C PHE D 158 -53.45 -4.61 46.96
N LYS D 159 -54.03 -3.47 47.31
CA LYS D 159 -53.92 -2.95 48.67
C LYS D 159 -54.50 -3.93 49.68
N LYS D 160 -55.70 -4.45 49.42
CA LYS D 160 -56.38 -5.32 50.36
C LYS D 160 -55.58 -6.58 50.65
N ASP D 161 -54.71 -7.00 49.74
CA ASP D 161 -53.95 -8.23 49.87
C ASP D 161 -52.55 -8.00 50.44
N ILE D 162 -52.28 -6.82 50.99
CA ILE D 162 -50.94 -6.50 51.48
C ILE D 162 -50.65 -7.27 52.75
N PRO D 163 -51.57 -7.30 53.74
CA PRO D 163 -51.29 -8.09 54.95
C PRO D 163 -50.96 -9.53 54.66
N GLN D 164 -51.72 -10.18 53.79
CA GLN D 164 -51.46 -11.57 53.44
C GLN D 164 -50.10 -11.74 52.77
N CYS D 165 -49.57 -10.68 52.15
CA CYS D 165 -48.23 -10.77 51.57
C CYS D 165 -47.16 -10.68 52.64
N VAL D 166 -47.36 -9.81 53.64
CA VAL D 166 -46.39 -9.69 54.73
C VAL D 166 -46.32 -11.00 55.52
N ASP D 167 -47.47 -11.66 55.69
CA ASP D 167 -47.48 -12.94 56.39
C ASP D 167 -46.68 -14.00 55.65
N ILE D 168 -46.81 -14.02 54.32
CA ILE D 168 -46.10 -15.02 53.52
C ILE D 168 -44.60 -14.74 53.52
N LEU D 169 -44.22 -13.47 53.46
CA LEU D 169 -42.79 -13.12 53.38
C LEU D 169 -42.08 -13.51 54.68
N SER D 170 -42.67 -13.20 55.83
CA SER D 170 -42.04 -13.53 57.09
C SER D 170 -41.94 -15.04 57.30
N ASP D 171 -42.92 -15.78 56.83
CA ASP D 171 -42.94 -17.22 57.07
C ASP D 171 -41.81 -17.93 56.32
N ILE D 172 -41.66 -17.64 55.02
CA ILE D 172 -40.65 -18.33 54.24
C ILE D 172 -39.24 -17.88 54.62
N LEU D 173 -39.10 -16.73 55.26
CA LEU D 173 -37.78 -16.24 55.65
C LEU D 173 -37.36 -16.71 57.04
N LEU D 174 -38.30 -17.14 57.88
CA LEU D 174 -38.00 -17.52 59.25
C LEU D 174 -38.34 -18.95 59.60
N ASN D 175 -39.20 -19.63 58.83
CA ASN D 175 -39.72 -20.93 59.20
C ASN D 175 -39.63 -21.93 58.05
N SER D 176 -38.69 -21.73 57.14
CA SER D 176 -38.54 -22.64 56.02
C SER D 176 -37.93 -23.96 56.49
N THR D 177 -38.50 -25.07 56.03
CA THR D 177 -37.97 -26.40 56.31
C THR D 177 -37.02 -26.79 55.20
N ILE D 178 -35.75 -27.00 55.55
CA ILE D 178 -34.72 -27.32 54.59
C ILE D 178 -34.55 -28.83 54.53
N ASP D 179 -35.55 -29.51 53.98
CA ASP D 179 -35.57 -30.97 54.01
C ASP D 179 -34.39 -31.54 53.23
N GLU D 180 -33.65 -32.46 53.87
CA GLU D 180 -32.49 -33.06 53.25
C GLU D 180 -32.85 -33.72 51.93
N GLU D 181 -34.08 -34.20 51.78
CA GLU D 181 -34.47 -34.88 50.55
C GLU D 181 -34.69 -33.89 49.41
N ALA D 182 -35.12 -32.66 49.72
CA ALA D 182 -35.29 -31.65 48.70
C ALA D 182 -33.97 -31.00 48.31
N VAL D 183 -33.03 -30.89 49.25
CA VAL D 183 -31.72 -30.35 48.93
C VAL D 183 -31.03 -31.18 47.85
N GLN D 184 -31.26 -32.49 47.85
CA GLN D 184 -30.62 -33.34 46.84
C GLN D 184 -31.32 -33.24 45.48
N MET D 185 -32.62 -32.94 45.48
CA MET D 185 -33.32 -32.78 44.22
C MET D 185 -32.93 -31.48 43.52
N GLU D 186 -32.78 -30.39 44.28
CA GLU D 186 -32.42 -29.11 43.67
C GLU D 186 -31.07 -29.17 42.99
N LYS D 187 -30.16 -30.04 43.46
CA LYS D 187 -28.84 -30.13 42.87
C LYS D 187 -28.88 -30.36 41.37
N HIS D 188 -29.97 -30.91 40.84
CA HIS D 188 -30.09 -31.13 39.40
C HIS D 188 -30.61 -29.91 38.68
N VAL D 189 -31.42 -29.08 39.34
CA VAL D 189 -31.92 -27.85 38.73
C VAL D 189 -30.88 -26.74 38.72
N ILE D 190 -29.93 -26.78 39.65
CA ILE D 190 -28.92 -25.73 39.74
C ILE D 190 -27.73 -26.03 38.85
N LEU D 191 -27.34 -27.30 38.74
CA LEU D 191 -26.28 -27.68 37.82
C LEU D 191 -26.67 -27.39 36.38
N ARG D 192 -27.97 -27.39 36.08
CA ARG D 192 -28.42 -27.02 34.74
C ARG D 192 -28.32 -25.51 34.53
N GLU D 193 -28.66 -24.72 35.56
CA GLU D 193 -28.57 -23.28 35.43
C GLU D 193 -27.13 -22.83 35.21
N MET D 194 -26.16 -23.57 35.73
CA MET D 194 -24.76 -23.24 35.50
C MET D 194 -24.38 -23.38 34.04
N GLU D 195 -25.13 -24.17 33.26
CA GLU D 195 -24.85 -24.34 31.84
C GLU D 195 -25.51 -23.24 31.01
N GLU D 196 -26.69 -22.78 31.40
CA GLU D 196 -27.35 -21.70 30.68
C GLU D 196 -26.67 -20.37 30.95
N VAL D 197 -26.25 -20.14 32.19
CA VAL D 197 -25.49 -18.92 32.51
C VAL D 197 -24.24 -18.85 31.66
N GLU D 198 -23.61 -19.98 31.36
CA GLU D 198 -22.46 -20.03 30.47
C GLU D 198 -22.80 -19.65 29.04
N ARG D 199 -24.07 -19.42 28.73
CA ARG D 199 -24.48 -19.01 27.39
C ARG D 199 -24.79 -17.52 27.30
N GLN D 200 -25.02 -16.84 28.41
CA GLN D 200 -25.13 -15.38 28.43
C GLN D 200 -23.74 -14.81 28.69
N THR D 201 -23.10 -14.34 27.62
CA THR D 201 -21.67 -14.06 27.66
C THR D 201 -21.35 -12.85 28.53
N GLU D 202 -22.20 -11.83 28.51
CA GLU D 202 -21.92 -10.61 29.28
C GLU D 202 -21.83 -10.92 30.77
N GLU D 203 -22.71 -11.79 31.27
CA GLU D 203 -22.68 -12.14 32.68
C GLU D 203 -21.42 -12.93 33.03
N VAL D 204 -20.95 -13.76 32.11
CA VAL D 204 -19.76 -14.57 32.36
C VAL D 204 -18.52 -13.67 32.41
N ILE D 205 -18.47 -12.64 31.57
CA ILE D 205 -17.30 -11.77 31.50
C ILE D 205 -17.18 -10.93 32.77
N PHE D 206 -18.30 -10.42 33.28
CA PHE D 206 -18.24 -9.62 34.51
C PHE D 206 -17.87 -10.47 35.71
N ASP D 207 -18.30 -11.73 35.76
CA ASP D 207 -17.86 -12.63 36.82
C ASP D 207 -16.35 -12.85 36.76
N ARG D 208 -15.83 -13.09 35.56
CA ARG D 208 -14.40 -13.28 35.40
C ARG D 208 -13.62 -12.01 35.75
N LEU D 209 -14.24 -10.85 35.56
CA LEU D 209 -13.58 -9.60 35.91
C LEU D 209 -13.48 -9.45 37.42
N HIS D 210 -14.52 -9.87 38.15
CA HIS D 210 -14.46 -9.89 39.61
C HIS D 210 -13.46 -10.92 40.12
N THR D 211 -13.32 -12.05 39.42
CA THR D 211 -12.44 -13.11 39.90
C THR D 211 -10.98 -12.69 39.87
N THR D 212 -10.55 -11.97 38.84
CA THR D 212 -9.16 -11.57 38.73
C THR D 212 -8.84 -10.27 39.46
N ALA D 213 -9.82 -9.36 39.55
CA ALA D 213 -9.58 -8.09 40.21
C ALA D 213 -9.53 -8.24 41.73
N PHE D 214 -10.40 -9.07 42.28
CA PHE D 214 -10.51 -9.24 43.73
C PHE D 214 -10.10 -10.65 44.13
N ARG D 215 -8.87 -11.05 43.75
CA ARG D 215 -8.38 -12.40 44.04
C ARG D 215 -8.31 -12.67 45.54
N ASP D 216 -8.04 -11.66 46.35
CA ASP D 216 -7.69 -11.83 47.75
C ASP D 216 -8.84 -11.48 48.69
N SER D 217 -10.08 -11.56 48.24
CA SER D 217 -11.20 -11.13 49.04
C SER D 217 -12.43 -11.97 48.70
N PRO D 218 -13.38 -12.12 49.63
CA PRO D 218 -14.64 -12.78 49.30
C PRO D 218 -15.47 -12.05 48.26
N LEU D 219 -15.20 -10.76 48.02
CA LEU D 219 -15.91 -10.03 46.98
C LEU D 219 -15.64 -10.60 45.59
N GLY D 220 -14.62 -11.45 45.45
CA GLY D 220 -14.32 -12.13 44.20
C GLY D 220 -15.06 -13.43 43.99
N TYR D 221 -15.65 -14.01 45.03
CA TYR D 221 -16.43 -15.24 44.86
C TYR D 221 -17.54 -15.03 43.84
N THR D 222 -17.87 -16.10 43.13
CA THR D 222 -19.06 -16.12 42.29
C THR D 222 -20.30 -16.29 43.16
N ILE D 223 -21.45 -15.95 42.58
CA ILE D 223 -22.71 -16.11 43.28
C ILE D 223 -23.14 -17.57 43.34
N LEU D 224 -22.97 -18.29 42.22
CA LEU D 224 -23.42 -19.69 42.16
C LEU D 224 -22.47 -20.60 42.92
N GLY D 225 -21.16 -20.40 42.78
CA GLY D 225 -20.18 -21.23 43.42
C GLY D 225 -19.68 -22.34 42.50
N PRO D 226 -18.60 -23.01 42.91
CA PRO D 226 -18.05 -24.08 42.08
C PRO D 226 -18.98 -25.29 42.00
N GLU D 227 -18.75 -26.12 40.98
CA GLU D 227 -19.57 -27.31 40.78
C GLU D 227 -19.42 -28.27 41.96
N GLU D 228 -18.17 -28.54 42.37
CA GLU D 228 -17.96 -29.51 43.44
C GLU D 228 -18.64 -29.10 44.73
N ASN D 229 -18.81 -27.79 44.96
CA ASN D 229 -19.51 -27.34 46.14
C ASN D 229 -21.01 -27.58 46.03
N ILE D 230 -21.56 -27.44 44.82
CA ILE D 230 -22.99 -27.71 44.61
C ILE D 230 -23.28 -29.19 44.79
N ARG D 231 -22.36 -30.07 44.39
CA ARG D 231 -22.61 -31.50 44.48
C ARG D 231 -22.54 -32.01 45.91
N ASN D 232 -21.71 -31.39 46.75
CA ASN D 232 -21.53 -31.82 48.14
C ASN D 232 -22.23 -30.91 49.13
N MET D 233 -23.34 -30.29 48.73
CA MET D 233 -24.06 -29.38 49.61
C MET D 233 -25.00 -30.16 50.52
N THR D 234 -25.07 -29.77 51.79
CA THR D 234 -25.94 -30.38 52.77
C THR D 234 -26.76 -29.30 53.47
N ARG D 235 -27.82 -29.74 54.16
CA ARG D 235 -28.69 -28.82 54.86
C ARG D 235 -27.99 -28.14 56.03
N GLU D 236 -26.92 -28.75 56.56
CA GLU D 236 -26.20 -28.13 57.67
C GLU D 236 -25.40 -26.92 57.21
N HIS D 237 -24.86 -26.95 56.00
CA HIS D 237 -24.16 -25.79 55.48
C HIS D 237 -25.10 -24.61 55.31
N ILE D 238 -26.35 -24.89 54.94
CA ILE D 238 -27.31 -23.83 54.68
C ILE D 238 -27.82 -23.23 55.99
N LEU D 239 -28.07 -24.05 57.00
CA LEU D 239 -28.49 -23.54 58.30
C LEU D 239 -27.43 -22.66 58.93
N GLU D 240 -26.15 -22.97 58.71
CA GLU D 240 -25.09 -22.15 59.27
C GLU D 240 -25.09 -20.75 58.64
N TYR D 241 -25.32 -20.68 57.33
CA TYR D 241 -25.41 -19.38 56.68
C TYR D 241 -26.53 -18.54 57.27
N ILE D 242 -27.68 -19.16 57.56
CA ILE D 242 -28.83 -18.44 58.07
C ILE D 242 -28.53 -17.85 59.45
N ASN D 243 -28.05 -18.70 60.36
CA ASN D 243 -27.87 -18.28 61.75
C ASN D 243 -26.79 -17.23 61.91
N ARG D 244 -25.89 -17.09 60.94
CA ARG D 244 -24.79 -16.14 61.03
C ARG D 244 -25.06 -14.82 60.31
N ASN D 245 -26.05 -14.77 59.42
CA ASN D 245 -26.25 -13.62 58.56
C ASN D 245 -27.62 -12.98 58.68
N TYR D 246 -28.68 -13.76 58.82
CA TYR D 246 -30.05 -13.22 58.82
C TYR D 246 -30.41 -12.79 60.24
N THR D 247 -30.06 -11.55 60.57
CA THR D 247 -30.37 -10.94 61.87
C THR D 247 -31.19 -9.68 61.65
N SER D 248 -31.61 -9.08 62.77
CA SER D 248 -32.53 -7.95 62.73
C SER D 248 -31.87 -6.64 62.34
N ASP D 249 -30.57 -6.50 62.56
CA ASP D 249 -29.86 -5.28 62.22
C ASP D 249 -29.47 -5.20 60.76
N ARG D 250 -29.79 -6.22 59.96
CA ARG D 250 -29.40 -6.29 58.56
C ARG D 250 -30.60 -6.44 57.63
N MET D 251 -31.79 -6.00 58.06
CA MET D 251 -33.02 -6.22 57.31
C MET D 251 -33.87 -4.96 57.30
N VAL D 252 -34.39 -4.60 56.11
CA VAL D 252 -35.28 -3.46 55.93
C VAL D 252 -36.55 -3.93 55.24
N VAL D 253 -37.68 -3.42 55.70
CA VAL D 253 -38.98 -3.65 55.08
C VAL D 253 -39.44 -2.33 54.45
N ALA D 254 -39.68 -2.35 53.14
CA ALA D 254 -40.03 -1.15 52.39
C ALA D 254 -41.28 -1.39 51.56
N ALA D 255 -42.04 -0.32 51.34
CA ALA D 255 -43.27 -0.39 50.56
C ALA D 255 -43.49 0.93 49.85
N ALA D 256 -44.27 0.87 48.76
CA ALA D 256 -44.64 2.05 48.01
C ALA D 256 -45.95 1.80 47.28
N GLY D 257 -46.79 2.84 47.25
CA GLY D 257 -48.07 2.78 46.56
C GLY D 257 -49.19 3.31 47.42
N ASP D 258 -50.37 2.69 47.34
CA ASP D 258 -51.48 3.01 48.23
C ASP D 258 -51.25 2.24 49.53
N VAL D 259 -50.37 2.79 50.36
CA VAL D 259 -49.87 2.12 51.56
C VAL D 259 -49.95 3.09 52.73
N ASP D 260 -50.25 2.57 53.91
CA ASP D 260 -50.27 3.34 55.14
C ASP D 260 -49.10 2.91 56.02
N HIS D 261 -48.39 3.88 56.58
CA HIS D 261 -47.16 3.59 57.33
C HIS D 261 -47.47 2.94 58.66
N LYS D 262 -48.39 3.52 59.44
CA LYS D 262 -48.69 2.99 60.76
C LYS D 262 -49.16 1.55 60.71
N GLU D 263 -49.91 1.17 59.67
CA GLU D 263 -50.40 -0.19 59.56
C GLU D 263 -49.31 -1.16 59.11
N LEU D 264 -48.36 -0.70 58.31
CA LEU D 264 -47.24 -1.55 57.91
C LEU D 264 -46.26 -1.75 59.05
N THR D 265 -46.22 -0.83 60.01
CA THR D 265 -45.33 -0.97 61.16
C THR D 265 -45.89 -1.95 62.19
N ALA D 266 -47.22 -2.11 62.23
CA ALA D 266 -47.84 -3.02 63.18
C ALA D 266 -47.85 -4.46 62.66
N LEU D 267 -48.00 -4.63 61.35
CA LEU D 267 -47.92 -5.97 60.78
C LEU D 267 -46.51 -6.53 60.91
N VAL D 268 -45.49 -5.69 60.72
CA VAL D 268 -44.11 -6.13 60.83
C VAL D 268 -43.77 -6.47 62.27
N GLU D 269 -44.26 -5.68 63.22
CA GLU D 269 -43.98 -5.95 64.63
C GLU D 269 -44.59 -7.27 65.07
N LYS D 270 -45.68 -7.70 64.43
CA LYS D 270 -46.37 -8.93 64.82
C LYS D 270 -45.78 -10.17 64.16
N HIS D 271 -45.46 -10.10 62.86
CA HIS D 271 -45.04 -11.27 62.11
C HIS D 271 -43.54 -11.48 62.08
N PHE D 272 -42.75 -10.46 62.42
CA PHE D 272 -41.30 -10.57 62.43
C PHE D 272 -40.73 -10.55 63.85
N ALA D 273 -41.50 -11.05 64.82
CA ALA D 273 -41.05 -11.04 66.21
C ALA D 273 -40.02 -12.12 66.49
N GLY D 274 -40.13 -13.28 65.82
CA GLY D 274 -39.19 -14.36 66.05
C GLY D 274 -37.94 -14.27 65.22
N LEU D 275 -37.31 -13.08 65.22
CA LEU D 275 -36.09 -12.85 64.46
C LEU D 275 -34.93 -12.63 65.43
N PRO D 276 -33.85 -13.41 65.36
CA PRO D 276 -32.79 -13.27 66.34
C PRO D 276 -32.03 -11.96 66.18
N GLN D 277 -31.53 -11.46 67.31
CA GLN D 277 -30.76 -10.24 67.36
C GLN D 277 -29.26 -10.55 67.31
N PRO D 278 -28.44 -9.56 66.95
CA PRO D 278 -27.01 -9.83 66.80
C PRO D 278 -26.34 -10.14 68.14
N LYS D 279 -25.41 -11.08 68.10
CA LYS D 279 -24.61 -11.46 69.27
C LYS D 279 -23.16 -11.04 69.02
N ARG D 280 -22.58 -10.32 69.98
CA ARG D 280 -21.19 -9.87 69.90
C ARG D 280 -20.42 -10.44 71.08
N SER D 281 -19.27 -11.04 70.79
CA SER D 281 -18.41 -11.63 71.81
C SER D 281 -17.29 -10.69 72.22
N LYS D 282 -17.61 -9.41 72.42
CA LYS D 282 -16.60 -8.40 72.79
C LYS D 282 -15.53 -8.29 71.71
N ILE D 283 -15.95 -8.33 70.45
CA ILE D 283 -15.05 -8.26 69.30
C ILE D 283 -15.46 -7.03 68.49
N ILE D 284 -14.60 -6.01 68.48
CA ILE D 284 -14.83 -4.80 67.71
C ILE D 284 -13.65 -4.61 66.76
N LEU D 285 -13.53 -5.48 65.76
CA LEU D 285 -12.44 -5.44 64.82
C LEU D 285 -12.94 -5.01 63.44
N PRO D 286 -12.30 -4.04 62.80
CA PRO D 286 -12.75 -3.65 61.45
C PRO D 286 -12.39 -4.55 60.28
N THR D 287 -13.23 -4.49 59.25
CA THR D 287 -13.02 -5.28 58.06
C THR D 287 -11.94 -4.64 57.18
N GLU D 288 -11.18 -5.49 56.49
CA GLU D 288 -10.10 -5.04 55.62
C GLU D 288 -10.65 -4.72 54.23
N LYS D 289 -10.22 -3.59 53.69
CA LYS D 289 -10.67 -3.17 52.37
C LYS D 289 -10.13 -4.12 51.30
N PRO D 290 -10.93 -4.55 50.34
CA PRO D 290 -10.42 -5.45 49.30
C PRO D 290 -9.27 -4.82 48.52
N PHE D 291 -8.28 -5.66 48.19
CA PHE D 291 -7.12 -5.25 47.43
C PHE D 291 -7.37 -5.46 45.94
N PHE D 292 -7.00 -4.47 45.14
CA PHE D 292 -7.25 -4.48 43.70
C PHE D 292 -6.00 -4.96 42.96
N CYS D 293 -6.13 -6.08 42.26
CA CYS D 293 -5.02 -6.68 41.52
C CYS D 293 -5.12 -6.30 40.04
N GLY D 294 -4.09 -5.64 39.53
CA GLY D 294 -3.97 -5.41 38.11
C GLY D 294 -3.52 -6.66 37.39
N SER D 295 -4.39 -7.24 36.58
CA SER D 295 -4.12 -8.53 35.95
C SER D 295 -5.09 -8.75 34.81
N GLU D 296 -4.82 -9.77 34.00
CA GLU D 296 -5.68 -10.16 32.89
C GLU D 296 -5.98 -11.65 32.95
N LEU D 297 -7.19 -12.01 32.54
CA LEU D 297 -7.64 -13.40 32.45
C LEU D 297 -8.40 -13.57 31.14
N LEU D 298 -7.78 -14.27 30.18
CA LEU D 298 -8.26 -14.34 28.80
C LEU D 298 -8.49 -15.79 28.39
N HIS D 299 -9.65 -16.06 27.78
CA HIS D 299 -9.98 -17.37 27.22
C HIS D 299 -9.95 -17.27 25.69
N ARG D 300 -8.87 -17.77 25.08
CA ARG D 300 -8.75 -17.80 23.63
C ARG D 300 -9.51 -18.98 23.05
N ASN D 301 -10.30 -18.73 22.01
CA ASN D 301 -11.12 -19.76 21.38
C ASN D 301 -11.45 -19.30 19.97
N ASP D 302 -10.90 -20.00 18.97
CA ASP D 302 -11.12 -19.67 17.57
C ASP D 302 -12.23 -20.50 16.94
N ASP D 303 -13.04 -21.19 17.74
CA ASP D 303 -14.10 -22.05 17.26
C ASP D 303 -15.46 -21.62 17.80
N MET D 304 -15.67 -20.30 17.96
CA MET D 304 -16.94 -19.80 18.46
C MET D 304 -17.40 -18.53 17.73
N GLY D 305 -17.02 -18.38 16.45
CA GLY D 305 -17.47 -17.27 15.66
C GLY D 305 -16.49 -16.12 15.58
N PRO D 306 -16.85 -15.07 14.84
CA PRO D 306 -15.93 -13.95 14.62
C PRO D 306 -15.98 -12.83 15.65
N THR D 307 -16.81 -12.94 16.68
CA THR D 307 -17.01 -11.86 17.63
C THR D 307 -16.30 -12.14 18.96
N ALA D 308 -15.53 -11.16 19.42
CA ALA D 308 -14.85 -11.20 20.71
C ALA D 308 -15.59 -10.34 21.73
N HIS D 309 -15.39 -10.67 23.01
CA HIS D 309 -16.01 -9.97 24.13
C HIS D 309 -14.93 -9.61 25.15
N VAL D 310 -14.98 -8.37 25.66
CA VAL D 310 -13.94 -7.86 26.55
C VAL D 310 -14.56 -6.90 27.56
N ALA D 311 -13.92 -6.80 28.73
CA ALA D 311 -14.30 -5.86 29.77
C ALA D 311 -13.05 -5.39 30.50
N VAL D 312 -12.99 -4.08 30.78
CA VAL D 312 -11.88 -3.46 31.49
C VAL D 312 -12.43 -2.74 32.71
N GLY D 313 -11.66 -2.74 33.80
CA GLY D 313 -12.13 -2.20 35.05
C GLY D 313 -11.05 -1.42 35.79
N PHE D 314 -11.50 -0.40 36.51
CA PHE D 314 -10.69 0.40 37.43
C PHE D 314 -11.25 0.26 38.84
N GLU D 315 -10.39 0.48 39.83
CA GLU D 315 -10.86 0.62 41.21
C GLU D 315 -11.67 1.90 41.36
N GLY D 316 -12.87 1.78 41.92
CA GLY D 316 -13.80 2.88 42.07
C GLY D 316 -13.89 3.37 43.51
N VAL D 317 -15.09 3.83 43.89
CA VAL D 317 -15.33 4.39 45.21
C VAL D 317 -16.55 3.74 45.83
N PRO D 318 -16.68 3.79 47.15
CA PRO D 318 -17.84 3.17 47.81
C PRO D 318 -19.05 4.09 47.83
N TRP D 319 -20.19 3.51 48.28
CA TRP D 319 -21.47 4.21 48.21
C TRP D 319 -21.37 5.63 48.78
N LYS D 320 -20.88 5.76 50.01
CA LYS D 320 -20.94 7.00 50.77
C LYS D 320 -19.84 8.00 50.38
N SER D 321 -19.07 7.73 49.34
CA SER D 321 -17.96 8.61 48.99
C SER D 321 -18.48 10.00 48.63
N PRO D 322 -17.78 11.07 49.05
CA PRO D 322 -18.14 12.41 48.57
C PRO D 322 -18.00 12.59 47.07
N ASP D 323 -17.35 11.65 46.37
CA ASP D 323 -17.15 11.75 44.93
C ASP D 323 -18.00 10.75 44.15
N ALA D 324 -18.97 10.12 44.79
CA ALA D 324 -19.77 9.10 44.11
C ALA D 324 -20.64 9.70 43.01
N VAL D 325 -21.21 10.89 43.25
CA VAL D 325 -22.05 11.52 42.23
C VAL D 325 -21.25 11.79 40.96
N THR D 326 -20.00 12.22 41.11
CA THR D 326 -19.17 12.51 39.95
C THR D 326 -18.86 11.25 39.13
N PHE D 327 -18.70 10.10 39.80
CA PHE D 327 -18.49 8.86 39.06
C PHE D 327 -19.71 8.48 38.24
N MET D 328 -20.91 8.73 38.78
CA MET D 328 -22.13 8.54 38.00
C MET D 328 -22.09 9.38 36.72
N LEU D 329 -21.66 10.63 36.84
CA LEU D 329 -21.60 11.51 35.68
C LEU D 329 -20.53 11.05 34.69
N MET D 330 -19.34 10.69 35.18
CA MET D 330 -18.28 10.22 34.29
C MET D 330 -18.72 8.98 33.50
N GLN D 331 -19.56 8.13 34.11
CA GLN D 331 -20.09 6.99 33.39
C GLN D 331 -20.95 7.41 32.21
N ALA D 332 -21.68 8.52 32.34
CA ALA D 332 -22.57 8.99 31.29
C ALA D 332 -21.84 9.75 30.18
N ILE D 333 -20.67 10.33 30.48
CA ILE D 333 -19.91 11.03 29.45
C ILE D 333 -19.35 10.04 28.44
N VAL D 334 -18.91 8.87 28.90
CA VAL D 334 -18.43 7.83 27.98
C VAL D 334 -19.62 7.19 27.27
N GLY D 335 -20.67 6.87 28.01
CA GLY D 335 -21.93 6.47 27.40
C GLY D 335 -21.89 5.09 26.75
N SER D 336 -22.75 4.92 25.75
CA SER D 336 -23.00 3.61 25.14
C SER D 336 -23.33 3.78 23.67
N TYR D 337 -23.39 2.66 22.96
CA TYR D 337 -23.63 2.65 21.52
C TYR D 337 -23.97 1.23 21.06
N ARG D 338 -24.95 1.13 20.17
CA ARG D 338 -25.28 -0.12 19.49
C ARG D 338 -25.37 0.15 18.00
N LYS D 339 -24.73 -0.73 17.20
CA LYS D 339 -24.71 -0.53 15.76
C LYS D 339 -26.07 -0.81 15.12
N HIS D 340 -26.82 -1.77 15.67
CA HIS D 340 -28.13 -2.14 15.14
C HIS D 340 -29.28 -1.40 15.81
N ASP D 341 -28.99 -0.31 16.53
CA ASP D 341 -30.04 0.48 17.15
C ASP D 341 -29.53 1.87 17.49
N GLU D 342 -29.11 2.62 16.47
CA GLU D 342 -28.56 3.95 16.69
C GLU D 342 -29.66 4.94 17.10
N GLY D 343 -30.83 4.84 16.47
CA GLY D 343 -31.90 5.79 16.71
C GLY D 343 -32.05 6.77 15.56
N ILE D 344 -32.31 8.04 15.88
CA ILE D 344 -32.47 9.06 14.85
C ILE D 344 -31.20 9.91 14.67
N VAL D 345 -30.22 9.78 15.56
CA VAL D 345 -28.95 10.49 15.43
C VAL D 345 -27.91 9.50 14.89
N PRO D 346 -27.41 9.67 13.66
CA PRO D 346 -26.36 8.78 13.18
C PRO D 346 -25.09 8.91 14.01
N GLY D 347 -24.48 7.77 14.29
CA GLY D 347 -23.30 7.75 15.14
C GLY D 347 -22.16 8.61 14.63
N LYS D 348 -22.05 8.75 13.30
CA LYS D 348 -20.97 9.53 12.71
C LYS D 348 -21.06 11.01 13.04
N VAL D 349 -22.24 11.51 13.41
CA VAL D 349 -22.43 12.92 13.73
C VAL D 349 -22.89 13.11 15.18
N SER D 350 -22.69 12.10 16.04
CA SER D 350 -23.07 12.20 17.44
C SER D 350 -22.30 13.31 18.15
N ALA D 351 -22.92 13.85 19.21
CA ALA D 351 -22.24 14.80 20.08
C ALA D 351 -21.23 14.12 20.98
N ASN D 352 -21.46 12.85 21.31
CA ASN D 352 -20.53 12.07 22.12
C ASN D 352 -19.26 11.80 21.34
N ALA D 353 -18.14 12.33 21.82
CA ALA D 353 -16.88 12.21 21.09
C ALA D 353 -16.44 10.76 20.96
N THR D 354 -16.66 9.95 22.00
CA THR D 354 -16.27 8.54 21.95
C THR D 354 -17.02 7.80 20.84
N VAL D 355 -18.34 7.96 20.80
CA VAL D 355 -19.14 7.35 19.75
C VAL D 355 -18.66 7.80 18.38
N ARG D 356 -18.41 9.10 18.22
CA ARG D 356 -18.02 9.64 16.93
C ARG D 356 -16.71 9.04 16.44
N ASN D 357 -15.72 8.90 17.34
CA ASN D 357 -14.43 8.35 16.95
C ASN D 357 -14.55 6.86 16.62
N VAL D 358 -15.39 6.13 17.33
CA VAL D 358 -15.55 4.70 17.08
C VAL D 358 -16.24 4.46 15.75
N CYS D 359 -17.29 5.22 15.46
CA CYS D 359 -18.08 4.98 14.25
C CYS D 359 -17.31 5.37 12.98
N ASN D 360 -16.39 6.32 13.07
CA ASN D 360 -15.65 6.80 11.90
C ASN D 360 -14.34 6.05 11.66
N LYS D 361 -14.06 5.00 12.42
CA LYS D 361 -12.76 4.34 12.32
C LYS D 361 -12.67 3.53 11.03
N MET D 362 -11.60 3.75 10.28
CA MET D 362 -11.37 3.11 8.97
C MET D 362 -12.57 3.29 8.04
N THR D 363 -13.32 4.38 8.24
CA THR D 363 -14.50 4.75 7.47
C THR D 363 -15.62 3.73 7.55
N VAL D 364 -15.55 2.76 8.45
CA VAL D 364 -16.58 1.73 8.54
C VAL D 364 -17.08 1.48 9.97
N GLY D 365 -16.34 1.86 11.01
CA GLY D 365 -16.77 1.60 12.37
C GLY D 365 -16.14 0.35 12.96
N CYS D 366 -15.73 0.41 14.24
CA CYS D 366 -14.93 -0.63 14.86
C CYS D 366 -15.58 -1.29 16.06
N ALA D 367 -16.91 -1.17 16.22
CA ALA D 367 -17.58 -1.80 17.34
C ALA D 367 -18.98 -2.22 16.96
N ASP D 368 -19.38 -3.41 17.43
CA ASP D 368 -20.79 -3.80 17.38
C ASP D 368 -21.58 -3.13 18.49
N MET D 369 -21.01 -3.04 19.69
CA MET D 369 -21.63 -2.36 20.82
C MET D 369 -20.60 -2.13 21.91
N PHE D 370 -20.86 -1.12 22.75
CA PHE D 370 -20.09 -0.93 23.97
C PHE D 370 -20.93 -0.14 24.96
N SER D 371 -20.56 -0.25 26.24
CA SER D 371 -21.27 0.45 27.31
C SER D 371 -20.34 0.62 28.51
N ALA D 372 -20.44 1.78 29.16
CA ALA D 372 -19.72 2.06 30.39
C ALA D 372 -20.57 1.66 31.59
N PHE D 373 -19.90 1.32 32.69
CA PHE D 373 -20.57 0.92 33.92
C PHE D 373 -19.85 1.53 35.12
N ASN D 374 -20.60 1.67 36.20
CA ASN D 374 -20.07 2.09 37.49
C ASN D 374 -20.84 1.34 38.57
N THR D 375 -20.11 0.61 39.42
CA THR D 375 -20.71 -0.23 40.45
C THR D 375 -20.10 0.11 41.81
N CYS D 376 -20.96 0.33 42.80
CA CYS D 376 -20.56 0.69 44.15
C CYS D 376 -20.79 -0.47 45.11
N TYR D 377 -19.87 -0.61 46.06
CA TYR D 377 -20.04 -1.57 47.16
C TYR D 377 -19.85 -0.85 48.50
N SER D 378 -19.79 -1.61 49.58
CA SER D 378 -19.74 -0.99 50.92
C SER D 378 -18.39 -0.33 51.17
N ASP D 379 -17.30 -0.90 50.67
CA ASP D 379 -15.96 -0.40 50.98
C ASP D 379 -15.07 -0.26 49.75
N THR D 380 -15.59 -0.45 48.54
CA THR D 380 -14.85 -0.19 47.32
C THR D 380 -15.85 -0.12 46.16
N GLY D 381 -15.33 -0.01 44.94
CA GLY D 381 -16.16 0.08 43.76
C GLY D 381 -15.41 -0.37 42.52
N LEU D 382 -16.12 -0.34 41.38
CA LEU D 382 -15.58 -0.81 40.11
C LEU D 382 -16.14 0.03 38.97
N PHE D 383 -15.24 0.61 38.16
CA PHE D 383 -15.58 1.49 37.05
C PHE D 383 -14.91 0.99 35.77
N GLY D 384 -15.64 0.99 34.66
CA GLY D 384 -15.07 0.52 33.41
C GLY D 384 -16.07 0.45 32.26
N PHE D 385 -15.82 -0.49 31.34
CA PHE D 385 -16.64 -0.63 30.14
C PHE D 385 -16.60 -2.07 29.62
N TYR D 386 -17.66 -2.43 28.88
CA TYR D 386 -17.79 -3.70 28.18
C TYR D 386 -18.03 -3.46 26.69
N ALA D 387 -17.59 -4.40 25.85
CA ALA D 387 -17.66 -4.20 24.41
C ALA D 387 -17.67 -5.54 23.68
N GLN D 388 -18.26 -5.52 22.48
CA GLN D 388 -18.22 -6.62 21.52
C GLN D 388 -17.70 -6.07 20.20
N CYS D 389 -16.94 -6.88 19.47
CA CYS D 389 -16.27 -6.38 18.27
C CYS D 389 -15.79 -7.53 17.40
N ASP D 390 -15.51 -7.20 16.14
CA ASP D 390 -14.96 -8.14 15.17
C ASP D 390 -13.52 -8.48 15.51
N GLU D 391 -13.10 -9.68 15.10
CA GLU D 391 -11.75 -10.16 15.38
C GLU D 391 -10.69 -9.11 15.03
N VAL D 392 -10.73 -8.62 13.79
CA VAL D 392 -9.69 -7.72 13.29
C VAL D 392 -9.85 -6.29 13.77
N ALA D 393 -10.97 -5.96 14.42
CA ALA D 393 -11.24 -4.62 14.92
C ALA D 393 -10.97 -4.45 16.41
N LEU D 394 -10.57 -5.52 17.10
CA LEU D 394 -10.54 -5.50 18.56
C LEU D 394 -9.57 -4.45 19.10
N GLU D 395 -8.37 -4.37 18.53
CA GLU D 395 -7.37 -3.44 19.07
C GLU D 395 -7.84 -2.00 18.92
N HIS D 396 -8.33 -1.62 17.74
CA HIS D 396 -8.85 -0.28 17.54
C HIS D 396 -9.94 0.06 18.55
N CYS D 397 -10.89 -0.85 18.74
CA CYS D 397 -12.04 -0.57 19.59
C CYS D 397 -11.62 -0.31 21.04
N VAL D 398 -10.80 -1.20 21.59
CA VAL D 398 -10.42 -1.07 23.00
C VAL D 398 -9.63 0.21 23.24
N MET D 399 -8.71 0.55 22.33
CA MET D 399 -7.88 1.72 22.54
C MET D 399 -8.65 3.02 22.36
N GLU D 400 -9.72 3.03 21.54
CA GLU D 400 -10.52 4.24 21.38
C GLU D 400 -11.30 4.56 22.66
N ILE D 401 -11.87 3.54 23.29
CA ILE D 401 -12.64 3.77 24.52
C ILE D 401 -11.72 4.16 25.66
N MET D 402 -10.54 3.55 25.75
CA MET D 402 -9.55 3.99 26.74
C MET D 402 -9.20 5.45 26.54
N PHE D 403 -9.05 5.88 25.29
CA PHE D 403 -8.72 7.28 25.00
C PHE D 403 -9.79 8.22 25.53
N GLY D 404 -11.05 7.78 25.55
CA GLY D 404 -12.13 8.64 26.03
C GLY D 404 -12.15 8.79 27.54
N ILE D 405 -11.77 7.74 28.27
CA ILE D 405 -11.69 7.83 29.72
C ILE D 405 -10.53 8.73 30.13
N THR D 406 -9.38 8.58 29.49
CA THR D 406 -8.21 9.40 29.80
C THR D 406 -8.41 10.86 29.39
N SER D 407 -9.35 11.14 28.50
CA SER D 407 -9.67 12.53 28.16
C SER D 407 -10.34 13.26 29.31
N LEU D 408 -10.98 12.52 30.22
CA LEU D 408 -11.62 13.13 31.38
C LEU D 408 -10.63 13.89 32.26
N SER D 409 -9.36 13.50 32.24
CA SER D 409 -8.34 14.13 33.07
C SER D 409 -7.67 15.33 32.42
N TYR D 410 -7.88 15.55 31.12
CA TYR D 410 -7.09 16.52 30.37
C TYR D 410 -7.94 17.56 29.63
N ALA D 411 -9.00 17.12 28.93
CA ALA D 411 -9.55 17.94 27.85
C ALA D 411 -11.07 17.93 27.72
N VAL D 412 -11.81 17.36 28.66
CA VAL D 412 -13.27 17.33 28.53
C VAL D 412 -13.81 18.76 28.60
N THR D 413 -14.85 19.02 27.81
CA THR D 413 -15.46 20.34 27.71
C THR D 413 -16.77 20.42 28.47
N ASP D 414 -17.19 21.65 28.76
CA ASP D 414 -18.45 21.87 29.45
C ASP D 414 -19.67 21.54 28.59
N GLU D 415 -19.53 21.58 27.26
CA GLU D 415 -20.60 21.09 26.40
C GLU D 415 -20.83 19.60 26.62
N GLU D 416 -19.73 18.83 26.74
CA GLU D 416 -19.85 17.39 26.94
C GLU D 416 -20.43 17.07 28.32
N VAL D 417 -20.06 17.84 29.34
CA VAL D 417 -20.57 17.60 30.69
C VAL D 417 -22.07 17.86 30.74
N GLU D 418 -22.54 18.95 30.13
CA GLU D 418 -23.95 19.29 30.22
C GLU D 418 -24.81 18.36 29.37
N ARG D 419 -24.27 17.84 28.26
CA ARG D 419 -24.98 16.81 27.50
C ARG D 419 -25.15 15.55 28.35
N ALA D 420 -24.10 15.15 29.07
CA ALA D 420 -24.17 13.96 29.89
C ALA D 420 -25.13 14.16 31.07
N LYS D 421 -25.12 15.34 31.68
CA LYS D 421 -26.05 15.63 32.76
C LYS D 421 -27.49 15.47 32.32
N ALA D 422 -27.83 15.99 31.13
CA ALA D 422 -29.21 15.94 30.66
C ALA D 422 -29.66 14.50 30.43
N GLN D 423 -28.79 13.66 29.90
CA GLN D 423 -29.15 12.27 29.65
C GLN D 423 -29.33 11.50 30.95
N LEU D 424 -28.38 11.66 31.87
CA LEU D 424 -28.48 11.02 33.19
C LEU D 424 -29.79 11.37 33.87
N LYS D 425 -30.18 12.65 33.86
CA LYS D 425 -31.42 13.05 34.52
C LYS D 425 -32.63 12.40 33.88
N THR D 426 -32.66 12.30 32.54
CA THR D 426 -33.82 11.73 31.86
C THR D 426 -34.01 10.27 32.24
N GLN D 427 -32.91 9.53 32.35
CA GLN D 427 -32.99 8.09 32.62
C GLN D 427 -33.33 7.82 34.09
N LEU D 428 -32.53 8.39 35.01
CA LEU D 428 -32.75 8.15 36.42
C LEU D 428 -34.15 8.58 36.85
N LEU D 429 -34.51 9.83 36.59
CA LEU D 429 -35.82 10.34 36.99
C LEU D 429 -36.96 9.66 36.23
N GLY D 430 -36.68 9.08 35.07
CA GLY D 430 -37.72 8.41 34.31
C GLY D 430 -38.05 7.04 34.82
N HIS D 431 -37.09 6.35 35.43
CA HIS D 431 -37.28 4.98 35.88
C HIS D 431 -38.06 4.89 37.17
N LEU D 432 -38.35 6.02 37.83
CA LEU D 432 -39.11 6.03 39.08
C LEU D 432 -40.61 6.15 38.83
N ASP D 433 -41.13 5.31 37.94
CA ASP D 433 -42.55 5.35 37.58
C ASP D 433 -43.38 4.32 38.32
N SER D 434 -42.99 3.04 38.30
CA SER D 434 -43.77 2.00 38.94
C SER D 434 -43.51 1.95 40.44
N THR D 435 -44.33 1.18 41.15
CA THR D 435 -44.15 1.01 42.58
C THR D 435 -42.96 0.14 42.90
N THR D 436 -42.60 -0.77 41.99
CA THR D 436 -41.47 -1.67 42.21
C THR D 436 -40.15 -0.89 42.15
N ALA D 437 -39.97 -0.08 41.12
CA ALA D 437 -38.73 0.69 41.00
C ALA D 437 -38.55 1.63 42.19
N VAL D 438 -39.64 2.23 42.66
CA VAL D 438 -39.56 3.11 43.81
C VAL D 438 -39.18 2.34 45.07
N ALA D 439 -39.81 1.17 45.28
CA ALA D 439 -39.50 0.37 46.45
C ALA D 439 -38.04 -0.10 46.42
N GLU D 440 -37.56 -0.51 45.25
CA GLU D 440 -36.15 -0.86 45.13
C GLU D 440 -35.24 0.31 45.47
N ASP D 441 -35.68 1.54 45.17
CA ASP D 441 -34.87 2.71 45.46
C ASP D 441 -34.87 3.00 46.96
N ILE D 442 -36.00 2.80 47.62
CA ILE D 442 -36.06 2.98 49.07
C ILE D 442 -35.15 1.98 49.77
N GLY D 443 -35.34 0.69 49.48
CA GLY D 443 -34.60 -0.33 50.20
C GLY D 443 -33.11 -0.26 49.95
N ARG D 444 -32.71 -0.11 48.69
CA ARG D 444 -31.29 -0.06 48.35
C ARG D 444 -30.60 1.11 49.04
N GLN D 445 -31.29 2.25 49.16
CA GLN D 445 -30.67 3.42 49.78
C GLN D 445 -30.62 3.31 51.30
N MET D 446 -31.59 2.64 51.91
CA MET D 446 -31.58 2.46 53.35
C MET D 446 -30.40 1.60 53.80
N LEU D 447 -29.99 0.63 52.98
CA LEU D 447 -28.84 -0.20 53.33
C LEU D 447 -27.53 0.52 53.02
N ALA D 448 -27.46 1.19 51.87
CA ALA D 448 -26.22 1.84 51.45
C ALA D 448 -25.94 3.09 52.27
N TYR D 449 -26.88 4.03 52.30
CA TYR D 449 -26.65 5.34 52.90
C TYR D 449 -27.17 5.47 54.33
N GLY D 450 -28.01 4.54 54.78
CA GLY D 450 -28.72 4.72 56.03
C GLY D 450 -29.92 5.64 55.95
N ARG D 451 -30.32 6.06 54.75
CA ARG D 451 -31.41 7.01 54.56
C ARG D 451 -31.74 7.03 53.07
N ARG D 452 -32.86 7.66 52.74
CA ARG D 452 -33.21 7.95 51.35
C ARG D 452 -32.91 9.41 51.06
N MET D 453 -32.19 9.64 49.96
CA MET D 453 -31.89 11.01 49.54
C MET D 453 -33.07 11.57 48.75
N PRO D 454 -33.62 12.73 49.12
CA PRO D 454 -34.68 13.33 48.31
C PRO D 454 -34.19 13.72 46.93
N LEU D 455 -35.13 13.76 45.97
CA LEU D 455 -34.77 14.08 44.60
C LEU D 455 -34.10 15.45 44.49
N ALA D 456 -34.58 16.43 45.27
CA ALA D 456 -34.04 17.78 45.17
C ALA D 456 -32.59 17.83 45.61
N GLU D 457 -32.20 17.02 46.60
CA GLU D 457 -30.82 17.02 47.06
C GLU D 457 -29.89 16.45 45.99
N PHE D 458 -30.28 15.36 45.36
CA PHE D 458 -29.47 14.80 44.28
C PHE D 458 -29.26 15.81 43.16
N LEU D 459 -30.33 16.50 42.76
CA LEU D 459 -30.22 17.47 41.67
C LEU D 459 -29.38 18.67 42.06
N LYS D 460 -29.40 19.07 43.34
CA LYS D 460 -28.54 20.16 43.78
C LYS D 460 -27.07 19.75 43.77
N ARG D 461 -26.76 18.51 44.15
CA ARG D 461 -25.38 18.05 44.11
C ARG D 461 -24.88 17.87 42.68
N LEU D 462 -25.77 17.44 41.78
CA LEU D 462 -25.38 17.24 40.38
C LEU D 462 -25.20 18.56 39.64
N GLU D 463 -25.85 19.63 40.11
CA GLU D 463 -25.85 20.88 39.36
C GLU D 463 -24.50 21.59 39.41
N VAL D 464 -23.77 21.47 40.51
CA VAL D 464 -22.57 22.28 40.73
C VAL D 464 -21.31 21.57 40.26
N ILE D 465 -21.47 20.47 39.53
CA ILE D 465 -20.33 19.73 38.98
C ILE D 465 -20.08 20.22 37.55
N ASP D 466 -18.93 20.84 37.33
CA ASP D 466 -18.52 21.33 36.03
C ASP D 466 -17.34 20.52 35.50
N ALA D 467 -16.72 21.01 34.42
CA ALA D 467 -15.63 20.28 33.77
C ALA D 467 -14.35 20.28 34.62
N GLU D 468 -14.13 21.33 35.41
CA GLU D 468 -12.92 21.39 36.22
C GLU D 468 -12.98 20.44 37.41
N GLU D 469 -14.20 20.12 37.88
CA GLU D 469 -14.35 19.15 38.95
C GLU D 469 -14.23 17.71 38.44
N VAL D 470 -14.70 17.46 37.22
CA VAL D 470 -14.47 16.16 36.59
C VAL D 470 -12.98 15.91 36.44
N LYS D 471 -12.23 16.92 35.98
CA LYS D 471 -10.80 16.75 35.81
C LYS D 471 -10.11 16.46 37.13
N ARG D 472 -10.55 17.09 38.21
CA ARG D 472 -9.94 16.86 39.52
C ARG D 472 -10.12 15.42 39.98
N VAL D 473 -11.32 14.88 39.82
CA VAL D 473 -11.62 13.54 40.31
C VAL D 473 -10.93 12.48 39.45
N ALA D 474 -10.90 12.67 38.13
CA ALA D 474 -10.27 11.69 37.25
C ALA D 474 -8.76 11.68 37.45
N TRP D 475 -8.17 12.85 37.68
CA TRP D 475 -6.74 12.93 37.93
C TRP D 475 -6.36 12.19 39.20
N LYS D 476 -7.27 12.15 40.18
CA LYS D 476 -6.97 11.54 41.47
C LYS D 476 -7.12 10.03 41.45
N TYR D 477 -8.11 9.51 40.72
CA TYR D 477 -8.45 8.09 40.77
C TYR D 477 -8.12 7.31 39.50
N LEU D 478 -8.27 7.91 38.32
CA LEU D 478 -8.17 7.17 37.07
C LEU D 478 -6.85 7.38 36.32
N HIS D 479 -6.22 8.53 36.48
CA HIS D 479 -4.98 8.82 35.76
C HIS D 479 -3.82 7.99 36.31
N ASP D 480 -3.15 7.26 35.42
CA ASP D 480 -1.95 6.47 35.77
C ASP D 480 -2.28 5.43 36.85
N ALA D 481 -3.34 4.66 36.61
CA ALA D 481 -3.86 3.71 37.58
C ALA D 481 -3.82 2.29 37.02
N GLU D 482 -3.99 1.34 37.93
CA GLU D 482 -4.01 -0.08 37.58
C GLU D 482 -5.34 -0.46 36.93
N VAL D 483 -5.28 -1.40 36.00
CA VAL D 483 -6.46 -1.91 35.30
C VAL D 483 -6.47 -3.42 35.34
N ALA D 484 -7.69 -3.99 35.29
CA ALA D 484 -7.90 -5.43 35.18
C ALA D 484 -8.75 -5.72 33.95
N VAL D 485 -8.50 -6.86 33.32
CA VAL D 485 -9.09 -7.20 32.02
C VAL D 485 -9.58 -8.64 32.02
N ALA D 486 -10.74 -8.87 31.39
CA ALA D 486 -11.25 -10.20 31.11
C ALA D 486 -11.76 -10.25 29.67
N GLY D 487 -11.59 -11.40 29.03
CA GLY D 487 -11.92 -11.54 27.62
C GLY D 487 -12.23 -12.97 27.24
N LEU D 488 -12.91 -13.11 26.09
CA LEU D 488 -13.31 -14.41 25.56
C LEU D 488 -13.49 -14.31 24.05
N GLY D 489 -13.02 -15.33 23.35
CA GLY D 489 -13.24 -15.46 21.92
C GLY D 489 -11.98 -15.40 21.09
N PRO D 490 -12.11 -14.97 19.82
CA PRO D 490 -10.93 -14.87 18.95
C PRO D 490 -10.07 -13.65 19.26
N LEU D 491 -9.06 -13.84 20.12
CA LEU D 491 -8.34 -12.74 20.75
C LEU D 491 -6.91 -12.59 20.22
N PHE D 492 -6.64 -13.01 18.99
CA PHE D 492 -5.26 -12.93 18.47
C PHE D 492 -4.74 -11.50 18.46
N GLY D 493 -5.61 -10.53 18.21
CA GLY D 493 -5.18 -9.15 18.11
C GLY D 493 -5.37 -8.32 19.36
N MET D 494 -5.52 -8.98 20.50
CA MET D 494 -5.75 -8.28 21.76
C MET D 494 -4.51 -7.49 22.18
N PRO D 495 -4.66 -6.26 22.67
CA PRO D 495 -3.50 -5.52 23.17
C PRO D 495 -2.86 -6.19 24.38
N GLN D 496 -1.57 -5.91 24.57
CA GLN D 496 -0.88 -6.35 25.78
C GLN D 496 -1.44 -5.62 26.99
N LEU D 497 -1.42 -6.30 28.14
CA LEU D 497 -1.84 -5.66 29.39
C LEU D 497 -1.08 -4.37 29.62
N ILE D 498 0.22 -4.36 29.33
CA ILE D 498 1.02 -3.16 29.56
C ILE D 498 0.61 -2.04 28.61
N ASN D 499 0.18 -2.37 27.38
CA ASN D 499 -0.35 -1.35 26.49
C ASN D 499 -1.58 -0.68 27.11
N LEU D 500 -2.50 -1.48 27.64
CA LEU D 500 -3.67 -0.93 28.32
C LEU D 500 -3.29 -0.12 29.55
N ARG D 501 -2.23 -0.53 30.25
CA ARG D 501 -1.84 0.15 31.48
C ARG D 501 -1.25 1.53 31.20
N ARG D 502 -0.51 1.68 30.11
CA ARG D 502 0.12 2.95 29.78
C ARG D 502 -0.80 3.87 28.97
N ALA D 503 -1.95 3.38 28.52
CA ALA D 503 -2.95 4.23 27.89
C ALA D 503 -3.77 5.02 28.90
N THR D 504 -3.52 4.83 30.20
CA THR D 504 -4.16 5.60 31.24
C THR D 504 -3.52 6.97 31.44
N PHE D 505 -2.43 7.26 30.74
CA PHE D 505 -1.82 8.58 30.73
C PHE D 505 -1.43 8.94 29.31
N TRP D 506 -1.27 10.23 29.06
CA TRP D 506 -0.79 10.74 27.78
C TRP D 506 0.60 11.34 27.95
N LEU D 507 1.40 11.26 26.89
CA LEU D 507 2.72 11.87 26.88
C LEU D 507 2.70 13.28 26.31
N ARG D 508 1.78 13.57 25.40
CA ARG D 508 1.38 14.95 25.16
C ARG D 508 0.84 15.51 26.46
N TYR D 509 1.24 16.73 26.78
CA TYR D 509 0.91 17.33 28.08
C TYR D 509 1.51 16.52 29.24
N PRO E 67 -71.08 7.66 24.89
CA PRO E 67 -70.86 8.83 25.75
C PRO E 67 -69.46 9.41 25.60
N ALA E 68 -69.27 10.24 24.57
CA ALA E 68 -67.96 10.82 24.30
C ALA E 68 -67.64 11.90 25.32
N PRO E 69 -66.36 12.19 25.52
CA PRO E 69 -65.99 13.23 26.48
C PRO E 69 -66.28 14.63 25.94
N GLU E 70 -66.48 15.56 26.87
CA GLU E 70 -66.76 16.94 26.53
C GLU E 70 -65.44 17.69 26.34
N TYR E 71 -65.22 18.23 25.15
CA TYR E 71 -63.98 18.91 24.81
C TYR E 71 -64.12 20.40 25.04
N ARG E 72 -63.15 20.99 25.75
CA ARG E 72 -63.08 22.43 25.92
C ARG E 72 -62.42 23.08 24.73
N ARG E 73 -62.89 24.28 24.38
CA ARG E 73 -62.41 24.99 23.21
C ARG E 73 -61.18 25.83 23.56
N VAL E 74 -60.21 25.82 22.66
CA VAL E 74 -59.03 26.66 22.74
C VAL E 74 -58.94 27.49 21.47
N PRO E 75 -59.33 28.76 21.52
CA PRO E 75 -59.36 29.57 20.29
C PRO E 75 -57.98 30.09 19.89
N PHE E 76 -57.83 30.30 18.59
CA PHE E 76 -56.62 30.93 18.06
C PHE E 76 -56.55 32.39 18.49
N VAL E 77 -55.36 32.83 18.86
CA VAL E 77 -55.12 34.21 19.28
C VAL E 77 -53.83 34.70 18.65
N LYS E 78 -53.83 35.96 18.20
CA LYS E 78 -52.65 36.60 17.64
C LYS E 78 -51.89 37.30 18.75
N GLU E 79 -50.59 36.99 18.86
CA GLU E 79 -49.76 37.50 19.94
C GLU E 79 -48.49 38.14 19.38
N ASP E 80 -47.99 39.13 20.10
CA ASP E 80 -46.73 39.76 19.73
C ASP E 80 -45.58 38.76 19.89
N MET E 81 -44.76 38.64 18.84
CA MET E 81 -43.68 37.67 18.86
C MET E 81 -42.69 37.95 19.98
N GLU E 82 -42.34 39.22 20.19
CA GLU E 82 -41.32 39.56 21.17
C GLU E 82 -41.77 39.23 22.59
N LYS E 83 -43.08 39.22 22.84
CA LYS E 83 -43.59 38.92 24.18
C LYS E 83 -43.64 37.42 24.43
N VAL E 84 -43.94 36.62 23.39
CA VAL E 84 -43.95 35.18 23.52
C VAL E 84 -42.54 34.63 23.73
N MET E 85 -41.51 35.37 23.30
CA MET E 85 -40.14 34.92 23.50
C MET E 85 -39.72 34.99 24.96
N GLU E 86 -40.41 35.78 25.78
CA GLU E 86 -40.16 35.80 27.21
C GLU E 86 -40.64 34.55 27.92
N GLU E 87 -41.31 33.63 27.22
CA GLU E 87 -41.79 32.39 27.81
C GLU E 87 -41.06 31.16 27.33
N VAL E 88 -40.19 31.27 26.35
CA VAL E 88 -39.47 30.09 25.84
C VAL E 88 -38.44 29.65 26.88
N PRO E 89 -38.33 28.37 27.18
CA PRO E 89 -37.32 27.93 28.15
C PRO E 89 -35.91 28.24 27.68
N GLU E 90 -35.02 28.50 28.64
CA GLU E 90 -33.63 28.74 28.32
C GLU E 90 -33.00 27.49 27.70
N PHE E 91 -32.10 27.73 26.74
CA PHE E 91 -31.44 26.65 26.01
C PHE E 91 -30.07 27.17 25.57
N LYS E 92 -29.04 26.34 25.77
CA LYS E 92 -27.69 26.69 25.37
C LYS E 92 -27.07 25.54 24.59
N TYR E 93 -26.42 25.87 23.48
CA TYR E 93 -25.61 24.94 22.73
C TYR E 93 -24.11 25.18 22.89
N TYR E 94 -23.71 26.42 23.07
CA TYR E 94 -22.33 26.81 23.36
C TYR E 94 -22.23 27.32 24.80
N TYR E 95 -21.08 27.06 25.42
CA TYR E 95 -20.75 27.61 26.74
C TYR E 95 -19.47 28.42 26.58
N VAL E 96 -19.63 29.72 26.35
CA VAL E 96 -18.51 30.64 26.14
C VAL E 96 -18.16 31.19 27.52
N GLY E 97 -17.20 30.55 28.18
CA GLY E 97 -16.88 30.87 29.54
C GLY E 97 -18.00 30.50 30.50
N LYS E 98 -17.81 30.86 31.77
CA LYS E 98 -18.79 30.62 32.81
C LYS E 98 -18.77 31.77 33.80
N GLU E 99 -19.97 32.23 34.18
CA GLU E 99 -20.08 33.32 35.14
C GLU E 99 -19.82 32.85 36.57
N ASN E 100 -20.46 31.75 36.97
CA ASN E 100 -20.28 31.25 38.32
C ASN E 100 -18.86 30.74 38.52
N THR E 101 -18.29 31.04 39.69
CA THR E 101 -16.91 30.68 39.99
C THR E 101 -16.76 30.04 41.36
N LYS E 102 -17.82 29.47 41.91
CA LYS E 102 -17.79 28.89 43.25
C LYS E 102 -17.48 27.39 43.25
N GLY E 103 -17.56 26.72 42.11
CA GLY E 103 -17.19 25.33 42.05
C GLY E 103 -18.17 24.43 42.79
N ASN E 104 -17.67 23.26 43.17
CA ASN E 104 -18.44 22.27 43.91
C ASN E 104 -18.46 22.70 45.38
N VAL E 105 -19.57 23.33 45.79
CA VAL E 105 -19.69 23.79 47.18
C VAL E 105 -19.98 22.66 48.16
N TYR E 106 -20.23 21.45 47.67
CA TYR E 106 -20.45 20.29 48.50
C TYR E 106 -19.25 19.35 48.53
N GLU E 107 -18.06 19.88 48.26
CA GLU E 107 -16.85 19.08 48.28
C GLU E 107 -16.57 18.58 49.69
N GLY E 108 -16.22 17.31 49.80
CA GLY E 108 -15.83 16.73 51.07
C GLY E 108 -16.97 16.25 51.95
N ILE E 109 -18.21 16.38 51.51
CA ILE E 109 -19.38 16.02 52.32
C ILE E 109 -19.89 14.66 51.83
N PRO E 110 -19.93 13.64 52.68
CA PRO E 110 -20.38 12.33 52.22
C PRO E 110 -21.90 12.25 52.11
N LEU E 111 -22.35 11.23 51.38
CA LEU E 111 -23.76 11.08 51.04
C LEU E 111 -24.61 10.53 52.19
N ASP E 112 -24.02 10.17 53.31
CA ASP E 112 -24.80 9.85 54.50
C ASP E 112 -25.24 11.09 55.26
N GLN E 113 -24.94 12.28 54.74
CA GLN E 113 -25.27 13.55 55.37
C GLN E 113 -26.01 14.43 54.37
N SER E 114 -27.06 15.11 54.84
CA SER E 114 -27.90 15.92 53.98
C SER E 114 -27.39 17.35 53.90
N ILE E 115 -27.54 17.96 52.72
CA ILE E 115 -27.11 19.33 52.47
C ILE E 115 -28.29 20.26 52.21
N LEU E 116 -29.51 19.82 52.49
CA LEU E 116 -30.68 20.65 52.26
C LEU E 116 -30.89 21.64 53.41
N GLU E 117 -31.64 22.70 53.10
CA GLU E 117 -31.97 23.78 54.04
C GLU E 117 -33.47 23.84 54.25
N PRO E 118 -33.93 24.48 55.33
CA PRO E 118 -35.38 24.55 55.58
C PRO E 118 -36.17 25.19 54.46
N ALA E 119 -35.58 26.12 53.71
CA ALA E 119 -36.27 26.73 52.59
C ALA E 119 -36.56 25.75 51.46
N ASP E 120 -36.00 24.54 51.50
CA ASP E 120 -36.21 23.53 50.49
C ASP E 120 -37.30 22.53 50.86
N LEU E 121 -37.96 22.73 52.00
CA LEU E 121 -39.02 21.83 52.47
C LEU E 121 -40.39 22.40 52.13
N ARG E 122 -41.33 21.50 51.83
CA ARG E 122 -42.68 21.89 51.45
C ARG E 122 -43.67 20.92 52.06
N ASP E 123 -44.94 21.36 52.12
CA ASP E 123 -46.06 20.48 52.44
C ASP E 123 -46.65 19.95 51.14
N TYR E 124 -46.69 18.64 51.00
CA TYR E 124 -47.05 18.03 49.73
C TYR E 124 -48.50 18.33 49.36
N VAL E 125 -48.71 18.66 48.09
CA VAL E 125 -50.05 18.88 47.54
C VAL E 125 -50.20 17.98 46.32
N PRO E 126 -51.11 17.00 46.34
CA PRO E 126 -51.20 16.07 45.22
C PRO E 126 -51.54 16.79 43.94
N PRO E 127 -51.14 16.25 42.78
CA PRO E 127 -51.46 16.89 41.50
C PRO E 127 -52.81 16.46 40.93
N HIS E 128 -53.13 16.94 39.74
CA HIS E 128 -54.36 16.61 39.03
C HIS E 128 -54.08 15.41 38.14
N SER E 129 -54.53 14.23 38.57
CA SER E 129 -54.20 12.98 37.91
C SER E 129 -55.29 12.49 36.95
N ASN E 130 -56.46 13.12 36.95
CA ASN E 130 -57.49 12.78 35.98
C ASN E 130 -57.13 13.35 34.62
N ILE E 131 -57.67 12.72 33.58
CA ILE E 131 -57.43 13.16 32.20
C ILE E 131 -58.30 14.38 31.92
N GLN E 132 -57.69 15.42 31.35
CA GLN E 132 -58.41 16.59 30.90
C GLN E 132 -58.40 16.65 29.36
N TYR E 133 -59.49 17.17 28.80
CA TYR E 133 -59.73 17.13 27.35
C TYR E 133 -59.91 18.55 26.80
N SER E 134 -59.36 18.78 25.61
CA SER E 134 -59.49 20.06 24.93
C SER E 134 -59.40 19.85 23.43
N LYS E 135 -59.84 20.85 22.67
CA LYS E 135 -59.81 20.79 21.21
C LYS E 135 -59.53 22.17 20.62
N LEU E 136 -58.71 22.20 19.57
CA LEU E 136 -58.45 23.42 18.83
C LEU E 136 -59.52 23.64 17.76
N ASP E 137 -59.46 24.80 17.12
CA ASP E 137 -60.45 25.15 16.10
C ASP E 137 -60.23 24.43 14.78
N ASN E 138 -59.01 23.97 14.51
CA ASN E 138 -58.75 23.17 13.33
C ASN E 138 -59.11 21.71 13.50
N GLY E 139 -59.57 21.30 14.67
CA GLY E 139 -60.04 19.95 14.91
C GLY E 139 -59.11 19.05 15.70
N LEU E 140 -57.92 19.51 16.07
CA LEU E 140 -56.99 18.69 16.83
C LEU E 140 -57.52 18.44 18.24
N ARG E 141 -57.59 17.18 18.63
CA ARG E 141 -57.99 16.78 19.98
C ARG E 141 -56.76 16.63 20.87
N ILE E 142 -56.87 17.11 22.10
CA ILE E 142 -55.77 17.12 23.06
C ILE E 142 -56.24 16.49 24.37
N ALA E 143 -55.36 15.68 24.98
CA ALA E 143 -55.66 15.03 26.26
C ALA E 143 -54.37 14.86 27.05
N SER E 144 -54.39 15.23 28.34
CA SER E 144 -53.19 15.15 29.16
C SER E 144 -53.55 14.83 30.60
N MET E 145 -52.55 14.33 31.32
CA MET E 145 -52.67 13.98 32.74
C MET E 145 -51.33 14.22 33.42
N ASP E 146 -51.39 14.63 34.69
CA ASP E 146 -50.20 14.94 35.47
C ASP E 146 -50.14 14.06 36.72
N ARG E 147 -49.03 13.36 36.89
CA ARG E 147 -48.82 12.49 38.05
C ARG E 147 -47.75 13.04 39.00
N GLY E 148 -47.14 14.17 38.68
CA GLY E 148 -46.15 14.78 39.54
C GLY E 148 -44.73 14.36 39.27
N GLY E 149 -44.50 13.53 38.25
CA GLY E 149 -43.15 13.16 37.89
C GLY E 149 -42.40 14.28 37.18
N LEU E 150 -41.12 14.04 36.95
CA LEU E 150 -40.22 15.02 36.36
C LEU E 150 -39.90 14.74 34.89
N THR E 151 -40.16 13.53 34.41
CA THR E 151 -39.97 13.17 33.00
C THR E 151 -41.34 13.07 32.34
N ALA E 152 -41.52 13.79 31.24
CA ALA E 152 -42.78 13.81 30.51
C ALA E 152 -42.71 12.92 29.28
N SER E 153 -43.88 12.43 28.86
CA SER E 153 -44.04 11.68 27.63
C SER E 153 -44.99 12.44 26.71
N LEU E 154 -44.59 12.59 25.44
CA LEU E 154 -45.36 13.32 24.45
C LEU E 154 -45.59 12.43 23.24
N GLY E 155 -46.79 12.51 22.66
CA GLY E 155 -47.12 11.68 21.53
C GLY E 155 -48.14 12.28 20.58
N LEU E 156 -47.90 12.15 19.29
CA LEU E 156 -48.80 12.61 18.23
C LEU E 156 -49.26 11.40 17.43
N PHE E 157 -50.55 11.08 17.52
CA PHE E 157 -51.13 9.91 16.88
C PHE E 157 -51.87 10.34 15.61
N VAL E 158 -51.62 9.62 14.50
CA VAL E 158 -52.23 9.92 13.22
C VAL E 158 -52.95 8.67 12.71
N HIS E 159 -54.16 8.87 12.21
CA HIS E 159 -54.98 7.77 11.68
C HIS E 159 -54.65 7.56 10.20
N ALA E 160 -53.46 7.00 9.96
CA ALA E 160 -52.97 6.82 8.60
C ALA E 160 -52.01 5.65 8.49
N GLY E 161 -52.49 4.43 8.69
CA GLY E 161 -51.66 3.24 8.66
C GLY E 161 -51.68 2.52 7.33
N THR E 162 -51.04 1.34 7.33
CA THR E 162 -50.88 0.56 6.10
C THR E 162 -52.20 0.06 5.53
N ARG E 163 -53.26 0.03 6.32
CA ARG E 163 -54.54 -0.46 5.80
C ARG E 163 -55.18 0.49 4.80
N PHE E 164 -54.60 1.67 4.56
CA PHE E 164 -55.15 2.64 3.63
C PHE E 164 -54.37 2.71 2.32
N GLU E 165 -53.43 1.79 2.10
CA GLU E 165 -52.59 1.81 0.92
C GLU E 165 -53.25 1.02 -0.22
N ASP E 166 -52.71 1.21 -1.43
CA ASP E 166 -53.20 0.51 -2.61
C ASP E 166 -52.02 0.07 -3.47
N VAL E 167 -52.32 -0.58 -4.60
CA VAL E 167 -51.29 -1.21 -5.42
C VAL E 167 -50.31 -0.20 -5.99
N THR E 168 -50.67 1.07 -6.06
CA THR E 168 -49.76 2.11 -6.51
C THR E 168 -49.03 2.81 -5.36
N ASN E 169 -49.28 2.40 -4.12
CA ASN E 169 -48.73 3.07 -2.95
C ASN E 169 -47.98 2.18 -1.97
N PHE E 170 -48.02 0.86 -2.15
CA PHE E 170 -47.48 -0.05 -1.14
C PHE E 170 -46.09 0.37 -0.71
N GLY E 171 -45.94 0.64 0.58
CA GLY E 171 -44.68 1.03 1.16
C GLY E 171 -44.58 2.48 1.57
N VAL E 172 -45.60 3.30 1.29
CA VAL E 172 -45.47 4.74 1.49
C VAL E 172 -45.45 5.09 2.97
N THR E 173 -46.24 4.39 3.79
CA THR E 173 -46.26 4.69 5.22
C THR E 173 -44.94 4.34 5.88
N HIS E 174 -44.26 3.28 5.41
CA HIS E 174 -42.93 2.96 5.90
C HIS E 174 -41.92 4.01 5.49
N MET E 175 -42.08 4.60 4.30
CA MET E 175 -41.19 5.67 3.86
C MET E 175 -41.33 6.90 4.75
N ILE E 176 -42.56 7.26 5.11
CA ILE E 176 -42.79 8.43 5.96
C ILE E 176 -42.20 8.21 7.35
N GLN E 177 -42.19 6.96 7.83
CA GLN E 177 -41.63 6.69 9.15
C GLN E 177 -40.13 6.87 9.17
N ASN E 178 -39.45 6.47 8.10
CA ASN E 178 -38.00 6.57 8.03
C ASN E 178 -37.51 7.97 7.66
N LEU E 179 -38.41 8.86 7.23
CA LEU E 179 -38.09 10.25 6.97
C LEU E 179 -38.52 11.17 8.11
N ALA E 180 -38.92 10.59 9.24
CA ALA E 180 -39.31 11.40 10.39
C ALA E 180 -38.13 12.22 10.88
N PHE E 181 -38.41 13.45 11.30
CA PHE E 181 -37.42 14.38 11.82
C PHE E 181 -36.40 14.80 10.77
N ALA E 182 -36.78 14.73 9.49
CA ALA E 182 -35.95 15.27 8.42
C ALA E 182 -36.22 16.76 8.30
N SER E 183 -35.70 17.38 7.23
CA SER E 183 -35.74 18.84 7.12
C SER E 183 -37.16 19.33 6.94
N THR E 184 -37.49 20.42 7.63
CA THR E 184 -38.77 21.11 7.53
C THR E 184 -38.54 22.55 7.07
N ALA E 185 -39.65 23.27 6.92
CA ALA E 185 -39.58 24.64 6.40
C ALA E 185 -38.75 25.56 7.29
N HIS E 186 -38.71 25.30 8.60
CA HIS E 186 -38.01 26.16 9.54
C HIS E 186 -36.90 25.45 10.32
N LEU E 187 -36.54 24.23 9.96
CA LEU E 187 -35.46 23.54 10.67
C LEU E 187 -34.93 22.39 9.81
N SER E 188 -33.60 22.28 9.75
CA SER E 188 -32.93 21.25 8.97
C SER E 188 -32.90 19.92 9.72
N LEU E 189 -32.53 18.86 9.00
CA LEU E 189 -32.41 17.54 9.59
C LEU E 189 -31.33 17.52 10.68
N LEU E 190 -30.14 18.04 10.37
CA LEU E 190 -29.03 17.95 11.30
C LEU E 190 -29.32 18.72 12.59
N ARG E 191 -29.86 19.93 12.48
CA ARG E 191 -30.13 20.73 13.68
C ARG E 191 -31.27 20.13 14.51
N THR E 192 -32.17 19.38 13.88
CA THR E 192 -33.28 18.78 14.62
C THR E 192 -32.81 17.63 15.47
N VAL E 193 -32.06 16.68 14.88
CA VAL E 193 -31.65 15.50 15.63
C VAL E 193 -30.51 15.84 16.60
N LYS E 194 -29.69 16.84 16.29
CA LYS E 194 -28.59 17.22 17.18
C LYS E 194 -29.10 17.98 18.40
N THR E 195 -30.16 18.77 18.25
CA THR E 195 -30.70 19.54 19.36
C THR E 195 -31.49 18.65 20.33
N ILE E 196 -32.17 17.63 19.82
CA ILE E 196 -32.86 16.67 20.69
C ILE E 196 -31.86 15.96 21.58
N GLU E 197 -30.76 15.48 20.98
CA GLU E 197 -29.73 14.77 21.75
C GLU E 197 -29.16 15.65 22.86
N VAL E 198 -28.79 16.88 22.53
CA VAL E 198 -28.17 17.77 23.51
C VAL E 198 -29.13 18.12 24.64
N LEU E 199 -30.43 18.07 24.38
CA LEU E 199 -31.42 18.27 25.43
C LEU E 199 -31.55 17.06 26.35
N GLY E 200 -31.06 15.89 25.93
CA GLY E 200 -31.15 14.69 26.72
C GLY E 200 -32.42 13.89 26.49
N ALA E 201 -33.12 14.13 25.40
CA ALA E 201 -34.39 13.48 25.10
C ALA E 201 -34.20 12.33 24.13
N ASN E 202 -35.21 11.48 24.05
CA ASN E 202 -35.29 10.41 23.07
C ASN E 202 -36.59 10.56 22.29
N ALA E 203 -36.53 10.29 20.99
CA ALA E 203 -37.69 10.47 20.11
C ALA E 203 -37.65 9.44 19.00
N GLY E 204 -38.81 9.17 18.42
CA GLY E 204 -38.90 8.21 17.33
C GLY E 204 -40.27 8.20 16.68
N CYS E 205 -40.38 7.36 15.65
CA CYS E 205 -41.61 7.19 14.88
C CYS E 205 -41.84 5.71 14.65
N VAL E 206 -43.08 5.25 14.87
CA VAL E 206 -43.46 3.85 14.72
C VAL E 206 -44.67 3.75 13.81
N VAL E 207 -44.58 2.87 12.79
CA VAL E 207 -45.67 2.65 11.84
C VAL E 207 -46.44 1.39 12.24
N GLY E 208 -47.74 1.41 11.97
CA GLY E 208 -48.61 0.30 12.27
C GLY E 208 -49.64 0.06 11.18
N ARG E 209 -50.58 -0.84 11.43
CA ARG E 209 -51.60 -1.16 10.44
C ARG E 209 -52.77 -0.18 10.45
N GLU E 210 -53.00 0.51 11.56
CA GLU E 210 -54.07 1.49 11.65
C GLU E 210 -53.60 2.87 12.11
N HIS E 211 -52.43 2.99 12.73
CA HIS E 211 -51.99 4.24 13.32
C HIS E 211 -50.50 4.47 13.06
N LEU E 212 -50.12 5.73 12.98
CA LEU E 212 -48.73 6.18 12.99
C LEU E 212 -48.54 7.08 14.20
N VAL E 213 -47.40 6.93 14.90
CA VAL E 213 -47.16 7.63 16.16
C VAL E 213 -45.77 8.23 16.16
N TYR E 214 -45.70 9.54 16.43
CA TYR E 214 -44.46 10.24 16.75
C TYR E 214 -44.42 10.51 18.25
N SER E 215 -43.28 10.23 18.89
CA SER E 215 -43.18 10.36 20.35
C SER E 215 -41.81 10.89 20.76
N ALA E 216 -41.78 11.51 21.95
CA ALA E 216 -40.55 11.94 22.58
C ALA E 216 -40.73 11.94 24.10
N GLU E 217 -39.62 11.75 24.81
CA GLU E 217 -39.57 11.84 26.27
C GLU E 217 -38.43 12.75 26.69
N CYS E 218 -38.68 13.58 27.70
CA CYS E 218 -37.72 14.60 28.11
C CYS E 218 -38.12 15.16 29.47
N LEU E 219 -37.19 15.89 30.07
CA LEU E 219 -37.49 16.69 31.26
C LEU E 219 -38.69 17.60 30.97
N ARG E 220 -39.57 17.75 31.97
CA ARG E 220 -40.86 18.37 31.73
C ARG E 220 -40.77 19.88 31.51
N SER E 221 -39.61 20.48 31.73
CA SER E 221 -39.40 21.89 31.44
C SER E 221 -39.07 22.15 29.98
N HIS E 222 -38.74 21.11 29.21
CA HIS E 222 -38.38 21.23 27.81
C HIS E 222 -39.55 20.98 26.87
N MET E 223 -40.77 20.84 27.39
CA MET E 223 -41.91 20.53 26.52
C MET E 223 -42.11 21.57 25.43
N PRO E 224 -42.10 22.88 25.72
CA PRO E 224 -42.29 23.85 24.64
C PRO E 224 -41.26 23.73 23.53
N LEU E 225 -40.04 23.29 23.82
CA LEU E 225 -39.02 23.14 22.80
C LEU E 225 -39.25 21.91 21.92
N LEU E 226 -39.90 20.87 22.46
CA LEU E 226 -40.09 19.62 21.73
C LEU E 226 -41.37 19.61 20.89
N VAL E 227 -42.36 20.44 21.23
CA VAL E 227 -43.63 20.42 20.51
C VAL E 227 -43.44 20.73 19.03
N PRO E 228 -42.76 21.82 18.63
CA PRO E 228 -42.63 22.10 17.20
C PRO E 228 -41.85 21.04 16.43
N MET E 229 -40.86 20.40 17.05
CA MET E 229 -40.10 19.36 16.37
C MET E 229 -40.92 18.09 16.16
N LEU E 230 -42.05 17.94 16.85
CA LEU E 230 -42.98 16.85 16.60
C LEU E 230 -44.04 17.22 15.56
N THR E 231 -44.61 18.42 15.66
CA THR E 231 -45.69 18.81 14.75
C THR E 231 -45.17 19.16 13.36
N GLY E 232 -43.91 19.57 13.24
CA GLY E 232 -43.38 19.97 11.96
C GLY E 232 -43.42 18.86 10.92
N ASN E 233 -43.37 17.60 11.37
CA ASN E 233 -43.36 16.48 10.43
C ASN E 233 -44.66 16.39 9.64
N VAL E 234 -45.76 16.90 10.19
CA VAL E 234 -47.07 16.83 9.57
C VAL E 234 -47.56 18.18 9.09
N LEU E 235 -46.83 19.26 9.35
CA LEU E 235 -47.25 20.60 8.97
C LEU E 235 -46.53 21.12 7.72
N PHE E 236 -45.20 21.02 7.66
CA PHE E 236 -44.45 21.49 6.50
C PHE E 236 -43.12 20.74 6.35
N PRO E 237 -43.18 19.44 6.04
CA PRO E 237 -41.98 18.75 5.57
C PRO E 237 -41.66 19.12 4.12
N ARG E 238 -40.36 19.08 3.80
CA ARG E 238 -39.86 19.48 2.49
C ARG E 238 -39.65 18.33 1.52
N PHE E 239 -39.20 17.17 2.00
CA PHE E 239 -38.95 16.00 1.15
C PHE E 239 -37.96 16.35 0.03
N LEU E 240 -36.72 16.59 0.45
CA LEU E 240 -35.65 16.97 -0.47
C LEU E 240 -35.09 15.73 -1.17
N PRO E 241 -34.78 15.84 -2.47
CA PRO E 241 -34.30 14.64 -3.19
C PRO E 241 -33.10 13.97 -2.56
N TRP E 242 -32.05 14.74 -2.26
CA TRP E 242 -30.82 14.17 -1.73
C TRP E 242 -31.00 13.54 -0.36
N GLU E 243 -32.03 13.95 0.40
CA GLU E 243 -32.33 13.28 1.66
C GLU E 243 -33.07 11.97 1.44
N LEU E 244 -33.91 11.89 0.40
CA LEU E 244 -34.55 10.62 0.07
C LEU E 244 -33.53 9.60 -0.43
N LYS E 245 -32.50 10.06 -1.13
CA LYS E 245 -31.50 9.15 -1.67
C LYS E 245 -30.55 8.65 -0.59
N ALA E 246 -30.45 9.35 0.53
CA ALA E 246 -29.62 8.91 1.64
C ALA E 246 -30.35 7.97 2.59
N CYS E 247 -31.67 7.90 2.49
CA CYS E 247 -32.49 7.03 3.34
C CYS E 247 -32.83 5.71 2.67
N LYS E 248 -32.57 5.57 1.37
CA LYS E 248 -32.96 4.38 0.63
C LYS E 248 -32.27 3.11 1.12
N GLU E 249 -31.13 3.24 1.80
CA GLU E 249 -30.41 2.07 2.28
C GLU E 249 -31.16 1.38 3.42
N LYS E 250 -31.45 2.14 4.47
CA LYS E 250 -32.17 1.60 5.63
C LYS E 250 -33.58 1.15 5.30
N LEU E 251 -34.07 1.44 4.08
CA LEU E 251 -35.45 1.08 3.74
C LEU E 251 -35.59 -0.40 3.44
N ILE E 252 -34.54 -1.05 2.92
CA ILE E 252 -34.62 -2.47 2.58
C ILE E 252 -34.14 -3.35 3.74
N MET E 253 -33.23 -2.85 4.58
CA MET E 253 -32.68 -3.64 5.66
C MET E 253 -33.71 -3.97 6.74
N ALA E 254 -34.94 -3.49 6.63
CA ALA E 254 -35.95 -3.77 7.64
C ALA E 254 -36.44 -5.21 7.54
N ARG E 255 -37.01 -5.58 6.39
CA ARG E 255 -37.49 -6.95 6.22
C ARG E 255 -36.34 -7.95 6.30
N LYS E 256 -35.15 -7.57 5.82
CA LYS E 256 -34.00 -8.45 5.95
C LYS E 256 -33.71 -8.76 7.42
N ARG E 257 -33.78 -7.75 8.28
CA ARG E 257 -33.64 -7.96 9.70
C ARG E 257 -34.86 -8.67 10.29
N LEU E 258 -35.99 -8.63 9.59
CA LEU E 258 -37.20 -9.32 10.07
C LEU E 258 -37.11 -10.83 9.86
N GLU E 259 -36.37 -11.27 8.85
CA GLU E 259 -36.31 -12.69 8.53
C GLU E 259 -35.73 -13.49 9.69
N HIS E 260 -34.70 -12.96 10.37
CA HIS E 260 -34.08 -13.64 11.49
C HIS E 260 -34.76 -13.33 12.82
N MET E 261 -36.07 -13.11 12.80
CA MET E 261 -36.87 -12.90 14.01
C MET E 261 -38.12 -13.76 13.87
N PRO E 262 -38.05 -15.01 14.30
CA PRO E 262 -39.16 -15.94 14.00
C PRO E 262 -40.53 -15.45 14.45
N ASP E 263 -40.66 -14.98 15.68
CA ASP E 263 -41.97 -14.58 16.18
C ASP E 263 -42.59 -13.49 15.33
N GLN E 264 -41.80 -12.50 14.90
CA GLN E 264 -42.33 -11.43 14.08
C GLN E 264 -42.68 -11.93 12.68
N MET E 265 -41.99 -12.95 12.18
CA MET E 265 -42.29 -13.48 10.86
C MET E 265 -43.57 -14.31 10.88
N VAL E 266 -43.81 -15.06 11.96
CA VAL E 266 -45.04 -15.83 12.05
C VAL E 266 -46.24 -14.91 12.12
N SER E 267 -46.09 -13.76 12.80
CA SER E 267 -47.19 -12.81 12.92
C SER E 267 -47.53 -12.20 11.55
N GLU E 268 -46.51 -11.76 10.81
CA GLU E 268 -46.75 -11.21 9.48
C GLU E 268 -47.45 -12.24 8.59
N LEU E 269 -46.94 -13.47 8.56
CA LEU E 269 -47.57 -14.51 7.76
C LEU E 269 -49.02 -14.74 8.18
N LEU E 270 -49.33 -14.55 9.46
CA LEU E 270 -50.71 -14.74 9.92
C LEU E 270 -51.62 -13.67 9.34
N HIS E 271 -51.14 -12.44 9.24
CA HIS E 271 -51.97 -11.35 8.73
C HIS E 271 -52.14 -11.44 7.22
N THR E 272 -51.03 -11.62 6.50
CA THR E 272 -51.10 -11.75 5.04
C THR E 272 -52.03 -12.87 4.61
N THR E 273 -52.14 -13.93 5.42
CA THR E 273 -52.96 -15.08 5.07
C THR E 273 -54.41 -14.93 5.55
N ALA E 274 -54.64 -14.20 6.64
CA ALA E 274 -55.99 -14.06 7.16
C ALA E 274 -56.82 -13.12 6.29
N TRP E 275 -56.26 -11.99 5.88
CA TRP E 275 -56.95 -10.98 5.08
C TRP E 275 -56.24 -10.87 3.74
N HIS E 276 -56.52 -11.82 2.85
CA HIS E 276 -55.82 -11.90 1.58
C HIS E 276 -56.05 -10.64 0.75
N ASN E 277 -54.96 -9.94 0.45
CA ASN E 277 -54.95 -8.78 -0.44
C ASN E 277 -56.06 -7.77 -0.10
N ASN E 278 -56.13 -7.36 1.17
CA ASN E 278 -57.04 -6.28 1.52
C ASN E 278 -56.81 -5.84 2.96
N THR E 279 -57.08 -4.56 3.20
CA THR E 279 -57.04 -3.92 4.52
C THR E 279 -55.94 -4.42 5.43
N LEU E 280 -56.30 -5.23 6.43
CA LEU E 280 -55.36 -5.64 7.47
C LEU E 280 -54.32 -6.63 6.97
N GLY E 281 -54.43 -7.10 5.72
CA GLY E 281 -53.48 -8.02 5.16
C GLY E 281 -52.30 -7.41 4.44
N HIS E 282 -52.32 -6.09 4.21
CA HIS E 282 -51.17 -5.43 3.62
C HIS E 282 -49.95 -5.54 4.54
N LYS E 283 -48.77 -5.55 3.94
CA LYS E 283 -47.53 -5.66 4.68
C LYS E 283 -47.18 -4.33 5.34
N LEU E 284 -46.31 -4.41 6.35
CA LEU E 284 -45.89 -3.21 7.08
C LEU E 284 -44.74 -2.50 6.36
N HIS E 285 -43.75 -3.25 5.91
CA HIS E 285 -42.52 -2.68 5.36
C HIS E 285 -42.54 -2.73 3.83
N CYS E 286 -41.58 -2.04 3.24
CA CYS E 286 -41.46 -1.95 1.79
C CYS E 286 -40.82 -3.20 1.22
N THR E 287 -40.89 -3.32 -0.10
CA THR E 287 -40.22 -4.37 -0.86
C THR E 287 -39.46 -3.74 -2.02
N GLU E 288 -38.68 -4.57 -2.72
CA GLU E 288 -37.93 -4.08 -3.86
C GLU E 288 -38.86 -3.50 -4.93
N ARG E 289 -40.08 -4.02 -5.02
CA ARG E 289 -41.06 -3.45 -5.93
C ARG E 289 -41.44 -2.04 -5.52
N SER E 290 -41.51 -1.78 -4.21
CA SER E 290 -41.94 -0.47 -3.72
C SER E 290 -41.03 0.64 -4.20
N LEU E 291 -39.77 0.33 -4.50
CA LEU E 291 -38.81 1.35 -4.91
C LEU E 291 -39.17 2.00 -6.24
N GLY E 292 -40.15 1.47 -6.96
CA GLY E 292 -40.56 2.07 -8.22
C GLY E 292 -41.42 3.31 -8.09
N HIS E 293 -41.89 3.64 -6.89
CA HIS E 293 -42.72 4.81 -6.66
C HIS E 293 -42.26 5.54 -5.41
N TYR E 294 -40.95 5.65 -5.22
CA TYR E 294 -40.37 6.31 -4.06
C TYR E 294 -39.89 7.71 -4.44
N ASN E 295 -40.85 8.57 -4.71
CA ASN E 295 -40.61 9.95 -5.10
C ASN E 295 -41.52 10.89 -4.33
N PRO E 296 -41.13 12.17 -4.21
CA PRO E 296 -41.89 13.09 -3.34
C PRO E 296 -43.36 13.26 -3.72
N ASP E 297 -43.70 13.19 -5.00
CA ASP E 297 -45.07 13.46 -5.40
C ASP E 297 -46.03 12.39 -4.89
N VAL E 298 -45.60 11.14 -4.90
CA VAL E 298 -46.44 10.06 -4.38
C VAL E 298 -46.63 10.22 -2.88
N ILE E 299 -45.55 10.54 -2.16
CA ILE E 299 -45.64 10.73 -0.72
C ILE E 299 -46.59 11.88 -0.39
N ARG E 300 -46.36 13.04 -1.00
CA ARG E 300 -47.16 14.22 -0.68
C ARG E 300 -48.63 14.02 -1.02
N HIS E 301 -48.92 13.18 -2.00
CA HIS E 301 -50.32 12.90 -2.34
C HIS E 301 -50.99 12.05 -1.26
N TYR E 302 -50.23 11.20 -0.59
CA TYR E 302 -50.79 10.36 0.46
C TYR E 302 -51.09 11.17 1.72
N MET E 303 -50.22 12.11 2.07
CA MET E 303 -50.44 12.92 3.25
C MET E 303 -51.62 13.87 3.08
N LEU E 304 -51.89 14.32 1.85
CA LEU E 304 -53.00 15.24 1.63
C LEU E 304 -54.35 14.58 1.80
N GLN E 305 -54.40 13.25 1.77
CA GLN E 305 -55.65 12.51 1.95
C GLN E 305 -55.88 12.05 3.38
N HIS E 306 -54.86 11.99 4.23
CA HIS E 306 -54.99 11.35 5.54
C HIS E 306 -54.47 12.16 6.71
N PHE E 307 -53.62 13.17 6.52
CA PHE E 307 -52.96 13.87 7.62
C PHE E 307 -53.63 15.20 7.96
N SER E 308 -54.96 15.26 7.98
CA SER E 308 -55.64 16.46 8.43
C SER E 308 -55.75 16.47 9.96
N PRO E 309 -55.86 17.65 10.57
CA PRO E 309 -55.95 17.71 12.04
C PRO E 309 -57.09 16.87 12.62
N GLU E 310 -58.22 16.75 11.92
CA GLU E 310 -59.33 15.96 12.44
C GLU E 310 -58.96 14.49 12.63
N ASN E 311 -57.93 14.01 11.94
CA ASN E 311 -57.48 12.63 12.05
C ASN E 311 -56.26 12.48 12.96
N MET E 312 -56.11 13.36 13.94
CA MET E 312 -54.94 13.35 14.81
C MET E 312 -55.31 13.66 16.25
N VAL E 313 -54.56 13.09 17.17
CA VAL E 313 -54.73 13.30 18.61
C VAL E 313 -53.35 13.50 19.22
N PHE E 314 -53.25 14.42 20.17
CA PHE E 314 -52.01 14.69 20.90
C PHE E 314 -52.21 14.38 22.37
N VAL E 315 -51.23 13.70 22.97
CA VAL E 315 -51.31 13.23 24.35
C VAL E 315 -50.01 13.56 25.07
N GLY E 316 -50.13 14.01 26.31
CA GLY E 316 -48.97 14.21 27.16
C GLY E 316 -49.22 13.69 28.56
N VAL E 317 -48.13 13.30 29.22
CA VAL E 317 -48.17 12.79 30.59
C VAL E 317 -47.08 13.50 31.38
N ASN E 318 -47.44 13.97 32.58
CA ASN E 318 -46.56 14.79 33.42
C ASN E 318 -46.33 16.17 32.78
N VAL E 319 -47.43 16.82 32.42
CA VAL E 319 -47.42 18.17 31.88
C VAL E 319 -48.61 18.94 32.45
N ASN E 320 -48.49 20.26 32.40
CA ASN E 320 -49.60 21.14 32.72
C ASN E 320 -50.52 21.25 31.51
N HIS E 321 -51.81 20.95 31.71
CA HIS E 321 -52.75 20.92 30.60
C HIS E 321 -52.83 22.27 29.89
N ASP E 322 -53.04 23.35 30.66
CA ASP E 322 -53.21 24.66 30.06
C ASP E 322 -51.97 25.08 29.28
N GLU E 323 -50.77 24.79 29.80
CA GLU E 323 -49.56 25.17 29.09
C GLU E 323 -49.37 24.38 27.81
N LEU E 324 -49.79 23.12 27.79
CA LEU E 324 -49.67 22.31 26.59
C LEU E 324 -50.59 22.83 25.49
N CYS E 325 -51.79 23.28 25.87
CA CYS E 325 -52.73 23.82 24.88
C CYS E 325 -52.19 25.10 24.26
N THR E 326 -51.59 25.97 25.06
CA THR E 326 -51.08 27.24 24.56
C THR E 326 -50.01 27.04 23.51
N TRP E 327 -49.05 26.13 23.77
CA TRP E 327 -47.97 25.94 22.83
C TRP E 327 -48.40 25.16 21.60
N LEU E 328 -49.42 24.30 21.72
CA LEU E 328 -49.97 23.63 20.54
C LEU E 328 -50.73 24.60 19.67
N MET E 329 -51.44 25.55 20.30
CA MET E 329 -52.13 26.59 19.54
C MET E 329 -51.14 27.46 18.79
N ARG E 330 -50.00 27.79 19.40
CA ARG E 330 -49.00 28.63 18.78
C ARG E 330 -48.30 27.94 17.61
N ALA E 331 -48.28 26.62 17.59
CA ALA E 331 -47.64 25.89 16.49
C ALA E 331 -48.48 25.92 15.22
N PHE E 332 -49.78 26.19 15.31
CA PHE E 332 -50.70 26.10 14.19
C PHE E 332 -51.31 27.43 13.79
N VAL E 333 -51.00 28.53 14.49
CA VAL E 333 -51.77 29.75 14.31
C VAL E 333 -51.35 30.54 13.06
N ASP E 334 -50.07 30.50 12.67
CA ASP E 334 -49.56 31.35 11.61
C ASP E 334 -49.49 30.68 10.24
N TYR E 335 -49.80 29.39 10.13
CA TYR E 335 -49.60 28.66 8.89
C TYR E 335 -50.80 27.76 8.64
N ASN E 336 -50.95 27.33 7.38
CA ASN E 336 -52.12 26.59 6.94
C ASN E 336 -51.86 25.09 7.01
N ALA E 337 -52.81 24.36 7.60
CA ALA E 337 -52.74 22.92 7.72
C ALA E 337 -53.43 22.23 6.55
N ILE E 338 -53.15 20.95 6.39
CA ILE E 338 -53.80 20.15 5.34
C ILE E 338 -55.31 20.20 5.56
N PRO E 339 -56.11 20.48 4.53
CA PRO E 339 -57.55 20.65 4.75
C PRO E 339 -58.25 19.31 4.89
N PRO E 340 -59.41 19.27 5.53
CA PRO E 340 -60.12 18.01 5.75
C PRO E 340 -60.58 17.39 4.44
N SER E 341 -60.93 16.11 4.55
CA SER E 341 -61.42 15.33 3.41
C SER E 341 -62.28 14.20 3.94
N LYS E 342 -63.33 13.87 3.21
CA LYS E 342 -64.22 12.76 3.57
C LYS E 342 -63.71 11.48 2.91
N ARG E 343 -63.48 10.45 3.73
CA ARG E 343 -63.00 9.17 3.26
C ARG E 343 -63.91 8.07 3.76
N THR E 344 -64.12 7.06 2.93
CA THR E 344 -64.91 5.89 3.30
C THR E 344 -63.97 4.74 3.61
N VAL E 345 -64.15 4.13 4.79
CA VAL E 345 -63.27 3.07 5.25
C VAL E 345 -63.84 1.73 4.79
N ALA E 346 -63.07 1.01 3.99
CA ALA E 346 -63.50 -0.29 3.49
C ALA E 346 -63.45 -1.33 4.60
N SER E 347 -64.47 -2.19 4.63
CA SER E 347 -64.54 -3.26 5.63
C SER E 347 -63.57 -4.39 5.27
N PRO E 348 -62.88 -4.95 6.24
CA PRO E 348 -61.98 -6.08 5.94
C PRO E 348 -62.75 -7.30 5.46
N VAL E 349 -62.07 -8.12 4.66
CA VAL E 349 -62.62 -9.36 4.13
C VAL E 349 -61.73 -10.49 4.61
N TYR E 350 -62.26 -11.33 5.50
CA TYR E 350 -61.52 -12.46 6.05
C TYR E 350 -61.69 -13.67 5.15
N THR E 351 -60.56 -14.28 4.78
CA THR E 351 -60.55 -15.44 3.90
C THR E 351 -59.94 -16.70 4.51
N GLY E 352 -59.01 -16.56 5.44
CA GLY E 352 -58.28 -17.71 5.95
C GLY E 352 -57.43 -18.35 4.87
N GLY E 353 -56.75 -19.42 5.26
CA GLY E 353 -55.94 -20.18 4.34
C GLY E 353 -54.74 -20.79 5.04
N ASP E 354 -53.72 -21.10 4.25
CA ASP E 354 -52.55 -21.85 4.71
C ASP E 354 -51.32 -21.34 3.99
N VAL E 355 -50.20 -21.30 4.72
CA VAL E 355 -48.92 -20.88 4.16
C VAL E 355 -47.80 -21.57 4.91
N ARG E 356 -46.76 -21.96 4.19
CA ARG E 356 -45.56 -22.56 4.75
C ARG E 356 -44.35 -21.72 4.38
N LEU E 357 -43.31 -21.80 5.21
CA LEU E 357 -42.05 -21.11 4.92
C LEU E 357 -40.92 -21.92 5.54
N GLU E 358 -40.18 -22.63 4.69
CA GLU E 358 -39.05 -23.43 5.14
C GLU E 358 -37.83 -22.55 5.38
N THR E 359 -37.10 -22.85 6.46
CA THR E 359 -35.92 -22.09 6.84
C THR E 359 -35.08 -22.96 7.76
N PRO E 360 -33.76 -22.79 7.76
CA PRO E 360 -32.91 -23.57 8.69
C PRO E 360 -33.26 -23.25 10.14
N SER E 361 -33.71 -24.26 10.86
CA SER E 361 -34.08 -24.10 12.26
C SER E 361 -34.23 -25.47 12.91
N PRO E 362 -33.94 -25.58 14.21
CA PRO E 362 -34.11 -26.87 14.89
C PRO E 362 -35.54 -27.16 15.33
N HIS E 363 -36.42 -26.16 15.30
CA HIS E 363 -37.80 -26.32 15.74
C HIS E 363 -38.76 -26.16 14.57
N ALA E 364 -39.94 -26.73 14.75
CA ALA E 364 -41.06 -26.55 13.83
C ALA E 364 -42.08 -25.61 14.46
N HIS E 365 -42.13 -24.38 13.97
CA HIS E 365 -43.11 -23.41 14.45
C HIS E 365 -44.43 -23.62 13.73
N MET E 366 -45.53 -23.59 14.50
CA MET E 366 -46.85 -23.84 13.97
C MET E 366 -47.86 -22.94 14.67
N ALA E 367 -48.77 -22.35 13.90
CA ALA E 367 -49.81 -21.47 14.41
C ALA E 367 -51.11 -21.71 13.68
N ILE E 368 -52.21 -21.70 14.43
CA ILE E 368 -53.56 -21.90 13.91
C ILE E 368 -54.46 -20.87 14.58
N ALA E 369 -55.30 -20.21 13.79
CA ALA E 369 -56.11 -19.11 14.31
C ALA E 369 -57.47 -19.06 13.60
N PHE E 370 -58.36 -18.25 14.17
CA PHE E 370 -59.70 -18.02 13.66
C PHE E 370 -60.01 -16.53 13.77
N GLU E 371 -61.11 -16.12 13.14
CA GLU E 371 -61.50 -14.72 13.11
C GLU E 371 -62.35 -14.36 14.34
N THR E 372 -62.18 -13.14 14.81
CA THR E 372 -63.01 -12.57 15.86
C THR E 372 -63.93 -11.52 15.25
N PRO E 373 -65.24 -11.75 15.16
CA PRO E 373 -66.13 -10.76 14.53
C PRO E 373 -66.20 -9.46 15.32
N GLY E 374 -66.07 -8.35 14.62
CA GLY E 374 -66.31 -7.03 15.17
C GLY E 374 -65.09 -6.34 15.76
N GLY E 375 -64.06 -7.10 16.15
CA GLY E 375 -62.88 -6.49 16.69
C GLY E 375 -63.15 -5.72 17.98
N TRP E 376 -62.36 -4.65 18.18
CA TRP E 376 -62.45 -3.87 19.40
C TRP E 376 -63.87 -3.37 19.65
N ASN E 377 -64.63 -3.08 18.59
CA ASN E 377 -65.97 -2.53 18.71
C ASN E 377 -67.05 -3.58 18.44
N GLY E 378 -66.72 -4.87 18.52
CA GLY E 378 -67.69 -5.91 18.28
C GLY E 378 -68.62 -6.20 19.44
N GLY E 379 -68.20 -5.87 20.66
CA GLY E 379 -69.03 -6.05 21.84
C GLY E 379 -68.64 -7.21 22.74
N ASP E 380 -67.57 -7.94 22.41
CA ASP E 380 -67.14 -9.10 23.20
C ASP E 380 -65.64 -9.08 23.44
N LEU E 381 -65.06 -7.87 23.52
CA LEU E 381 -63.62 -7.75 23.73
C LEU E 381 -63.18 -8.42 25.02
N VAL E 382 -63.92 -8.18 26.11
CA VAL E 382 -63.50 -8.68 27.42
C VAL E 382 -63.58 -10.20 27.48
N ALA E 383 -64.52 -10.81 26.75
CA ALA E 383 -64.65 -12.26 26.79
C ALA E 383 -63.43 -12.95 26.20
N TYR E 384 -62.89 -12.41 25.10
CA TYR E 384 -61.71 -13.01 24.49
C TYR E 384 -60.46 -12.83 25.35
N SER E 385 -60.40 -11.75 26.15
CA SER E 385 -59.25 -11.52 27.01
C SER E 385 -59.28 -12.43 28.24
N VAL E 386 -60.48 -12.84 28.67
CA VAL E 386 -60.58 -13.81 29.75
C VAL E 386 -60.20 -15.21 29.27
N LEU E 387 -60.70 -15.59 28.09
CA LEU E 387 -60.32 -16.88 27.51
C LEU E 387 -58.82 -16.99 27.33
N GLN E 388 -58.17 -15.90 26.90
CA GLN E 388 -56.72 -15.93 26.72
C GLN E 388 -56.01 -16.20 28.04
N THR E 389 -56.55 -15.68 29.15
CA THR E 389 -55.89 -15.84 30.44
C THR E 389 -56.02 -17.26 30.96
N ILE E 390 -57.16 -17.90 30.69
CA ILE E 390 -57.37 -19.29 31.08
C ILE E 390 -56.32 -20.18 30.42
N LEU E 391 -56.11 -20.01 29.12
CA LEU E 391 -55.24 -20.92 28.38
C LEU E 391 -53.77 -20.70 28.72
N GLY E 392 -53.35 -19.45 28.78
CA GLY E 392 -51.93 -19.16 29.04
C GLY E 392 -51.29 -18.36 27.92
N GLY E 393 -50.67 -17.25 28.30
CA GLY E 393 -49.98 -16.39 27.36
C GLY E 393 -48.47 -16.47 27.51
N GLY E 394 -47.78 -15.39 27.15
CA GLY E 394 -46.33 -15.34 27.24
C GLY E 394 -45.85 -15.39 28.68
N GLY E 405 -46.59 -18.33 35.52
CA GLY E 405 -47.77 -19.16 35.31
C GLY E 405 -47.45 -20.65 35.33
N MET E 406 -48.20 -21.40 36.13
CA MET E 406 -48.01 -22.84 36.18
C MET E 406 -49.31 -23.59 36.50
N TYR E 407 -50.47 -22.91 36.47
CA TYR E 407 -51.76 -23.58 36.64
C TYR E 407 -52.70 -23.23 35.49
N THR E 408 -52.16 -22.82 34.35
CA THR E 408 -52.95 -22.58 33.14
C THR E 408 -53.22 -23.89 32.41
N ARG E 409 -54.28 -23.87 31.60
CA ARG E 409 -54.70 -25.08 30.90
C ARG E 409 -53.60 -25.62 29.99
N LEU E 410 -52.80 -24.74 29.39
CA LEU E 410 -51.77 -25.19 28.47
C LEU E 410 -50.55 -25.75 29.18
N TYR E 411 -50.28 -25.30 30.41
CA TYR E 411 -49.14 -25.82 31.16
C TYR E 411 -49.43 -27.20 31.72
N LEU E 412 -50.67 -27.45 32.14
CA LEU E 412 -51.03 -28.72 32.77
C LEU E 412 -51.39 -29.80 31.76
N ASN E 413 -52.13 -29.44 30.71
CA ASN E 413 -52.66 -30.42 29.77
C ASN E 413 -51.75 -30.70 28.60
N VAL E 414 -50.81 -29.80 28.29
CA VAL E 414 -49.98 -29.93 27.09
C VAL E 414 -48.52 -30.09 27.46
N LEU E 415 -47.95 -29.10 28.15
CA LEU E 415 -46.51 -29.11 28.39
C LEU E 415 -46.09 -30.26 29.29
N ASN E 416 -46.82 -30.49 30.39
CA ASN E 416 -46.43 -31.52 31.35
C ASN E 416 -46.66 -32.93 30.82
N GLN E 417 -47.56 -33.11 29.86
CA GLN E 417 -47.87 -34.42 29.31
C GLN E 417 -47.14 -34.70 28.01
N ASN E 418 -46.22 -33.83 27.60
CA ASN E 418 -45.46 -34.01 26.37
C ASN E 418 -44.11 -33.34 26.55
N GLU E 419 -43.04 -34.13 26.59
CA GLU E 419 -41.70 -33.61 26.80
C GLU E 419 -41.08 -33.06 25.52
N TRP E 420 -41.61 -33.43 24.35
CA TRP E 420 -41.11 -32.95 23.07
C TRP E 420 -41.64 -31.58 22.68
N VAL E 421 -42.53 -30.98 23.49
CA VAL E 421 -43.01 -29.63 23.24
C VAL E 421 -42.10 -28.66 23.98
N GLU E 422 -41.60 -27.66 23.26
CA GLU E 422 -40.72 -26.66 23.84
C GLU E 422 -41.48 -25.46 24.39
N SER E 423 -42.65 -25.15 23.84
CA SER E 423 -43.44 -24.02 24.31
C SER E 423 -44.81 -24.04 23.64
N ALA E 424 -45.71 -23.23 24.17
CA ALA E 424 -47.09 -23.12 23.69
C ALA E 424 -47.73 -21.92 24.37
N MET E 425 -48.66 -21.28 23.66
CA MET E 425 -49.33 -20.09 24.18
C MET E 425 -50.52 -19.76 23.30
N ALA E 426 -51.34 -18.83 23.80
CA ALA E 426 -52.50 -18.32 23.09
C ALA E 426 -52.35 -16.83 22.87
N PHE E 427 -52.87 -16.35 21.74
CA PHE E 427 -52.78 -14.93 21.38
C PHE E 427 -54.15 -14.38 21.01
N ASN E 428 -54.26 -13.05 21.07
CA ASN E 428 -55.50 -12.34 20.78
C ASN E 428 -55.14 -10.97 20.23
N THR E 429 -55.27 -10.82 18.91
CA THR E 429 -54.91 -9.59 18.20
C THR E 429 -56.17 -8.94 17.66
N GLN E 430 -56.54 -7.79 18.22
CA GLN E 430 -57.78 -7.10 17.89
C GLN E 430 -57.49 -5.75 17.23
N TYR E 431 -58.32 -5.40 16.25
CA TYR E 431 -58.26 -4.12 15.55
C TYR E 431 -59.64 -3.48 15.62
N THR E 432 -59.78 -2.32 14.97
CA THR E 432 -60.98 -1.51 15.14
C THR E 432 -62.24 -2.30 14.79
N ASP E 433 -62.18 -3.15 13.76
CA ASP E 433 -63.37 -3.85 13.31
C ASP E 433 -63.09 -5.29 12.86
N SER E 434 -62.03 -5.91 13.38
CA SER E 434 -61.72 -7.30 13.09
C SER E 434 -60.51 -7.72 13.91
N GLY E 435 -60.40 -9.03 14.14
CA GLY E 435 -59.27 -9.59 14.87
C GLY E 435 -59.15 -11.08 14.63
N ILE E 436 -58.07 -11.66 15.17
CA ILE E 436 -57.85 -13.10 15.13
C ILE E 436 -57.48 -13.62 16.52
N PHE E 437 -57.73 -14.92 16.71
CA PHE E 437 -57.51 -15.63 17.98
C PHE E 437 -57.03 -17.04 17.65
N GLY E 438 -55.97 -17.48 18.31
CA GLY E 438 -55.47 -18.83 18.06
C GLY E 438 -54.35 -19.25 18.97
N LEU E 439 -53.66 -20.33 18.57
CA LEU E 439 -52.60 -20.95 19.33
C LEU E 439 -51.29 -20.92 18.55
N TYR E 440 -50.18 -21.06 19.29
CA TYR E 440 -48.84 -21.01 18.72
C TYR E 440 -47.94 -21.96 19.49
N MET E 441 -47.26 -22.85 18.76
CA MET E 441 -46.48 -23.92 19.37
C MET E 441 -45.14 -24.10 18.67
N LEU E 442 -44.12 -24.44 19.46
CA LEU E 442 -42.87 -25.00 18.98
C LEU E 442 -42.78 -26.46 19.41
N ALA E 443 -42.13 -27.29 18.59
CA ALA E 443 -42.09 -28.72 18.86
C ALA E 443 -40.92 -29.35 18.12
N ASP E 444 -40.74 -30.65 18.35
CA ASP E 444 -39.71 -31.42 17.66
C ASP E 444 -40.08 -31.58 16.19
N PRO E 445 -39.20 -31.23 15.25
CA PRO E 445 -39.56 -31.34 13.83
C PRO E 445 -39.95 -32.74 13.39
N THR E 446 -39.74 -33.77 14.21
CA THR E 446 -40.09 -35.14 13.84
C THR E 446 -41.48 -35.55 14.33
N LYS E 447 -42.19 -34.68 15.04
CA LYS E 447 -43.50 -34.99 15.58
C LYS E 447 -44.51 -33.90 15.27
N SER E 448 -44.43 -33.33 14.06
CA SER E 448 -45.38 -32.29 13.68
C SER E 448 -46.79 -32.83 13.55
N ALA E 449 -46.94 -34.08 13.10
CA ALA E 449 -48.28 -34.67 13.00
C ALA E 449 -48.95 -34.77 14.35
N ASN E 450 -48.18 -35.01 15.41
CA ASN E 450 -48.76 -35.08 16.76
C ASN E 450 -49.03 -33.70 17.32
N ALA E 451 -48.22 -32.71 16.95
CA ALA E 451 -48.48 -31.33 17.37
C ALA E 451 -49.84 -30.86 16.86
N VAL E 452 -50.23 -31.28 15.66
CA VAL E 452 -51.52 -30.86 15.11
C VAL E 452 -52.66 -31.53 15.86
N LYS E 453 -52.47 -32.78 16.29
CA LYS E 453 -53.53 -33.49 16.99
C LYS E 453 -53.79 -32.88 18.36
N VAL E 454 -52.75 -32.42 19.04
CA VAL E 454 -52.94 -31.87 20.38
C VAL E 454 -53.58 -30.49 20.29
N MET E 455 -53.20 -29.69 19.30
CA MET E 455 -53.82 -28.38 19.13
C MET E 455 -55.29 -28.51 18.81
N ALA E 456 -55.65 -29.45 17.93
CA ALA E 456 -57.05 -29.66 17.60
C ALA E 456 -57.86 -30.08 18.83
N GLU E 457 -57.27 -30.90 19.70
CA GLU E 457 -57.99 -31.36 20.88
C GLU E 457 -58.25 -30.20 21.85
N GLN E 458 -57.31 -29.26 21.95
CA GLN E 458 -57.53 -28.10 22.80
C GLN E 458 -58.63 -27.20 22.25
N PHE E 459 -58.65 -26.97 20.94
CA PHE E 459 -59.73 -26.19 20.34
C PHE E 459 -61.08 -26.84 20.59
N GLY E 460 -61.13 -28.18 20.65
CA GLY E 460 -62.37 -28.88 20.86
C GLY E 460 -62.98 -28.70 22.23
N LYS E 461 -62.17 -28.34 23.23
CA LYS E 461 -62.65 -28.15 24.59
C LYS E 461 -62.64 -26.70 25.05
N MET E 462 -62.26 -25.76 24.17
CA MET E 462 -62.17 -24.36 24.58
C MET E 462 -63.49 -23.83 25.11
N GLY E 463 -64.61 -24.34 24.60
CA GLY E 463 -65.91 -23.82 24.98
C GLY E 463 -66.45 -24.39 26.28
N SER E 464 -65.57 -24.86 27.15
CA SER E 464 -65.97 -25.42 28.43
C SER E 464 -64.92 -25.07 29.48
N VAL E 465 -65.36 -24.39 30.53
CA VAL E 465 -64.47 -24.00 31.63
C VAL E 465 -65.18 -24.26 32.95
N THR E 466 -64.39 -24.48 34.00
CA THR E 466 -64.91 -24.71 35.33
C THR E 466 -64.95 -23.40 36.12
N LYS E 467 -65.68 -23.43 37.24
CA LYS E 467 -65.80 -22.24 38.08
C LYS E 467 -64.44 -21.81 38.63
N GLU E 468 -63.61 -22.78 39.02
CA GLU E 468 -62.31 -22.44 39.58
C GLU E 468 -61.40 -21.82 38.52
N GLU E 469 -61.39 -22.37 37.32
CA GLU E 469 -60.58 -21.79 36.24
C GLU E 469 -61.03 -20.38 35.92
N LEU E 470 -62.33 -20.19 35.78
CA LEU E 470 -62.86 -18.88 35.41
C LEU E 470 -62.55 -17.84 36.48
N GLN E 471 -62.79 -18.17 37.74
CA GLN E 471 -62.58 -17.21 38.82
C GLN E 471 -61.11 -16.85 38.96
N ARG E 472 -60.22 -17.82 38.78
CA ARG E 472 -58.78 -17.53 38.87
C ARG E 472 -58.32 -16.69 37.69
N ALA E 473 -58.97 -16.82 36.53
CA ALA E 473 -58.58 -16.03 35.37
C ALA E 473 -58.95 -14.57 35.52
N LYS E 474 -60.18 -14.31 35.98
CA LYS E 474 -60.62 -12.94 36.22
C LYS E 474 -59.66 -12.20 37.14
N ASN E 475 -59.33 -12.79 38.28
CA ASN E 475 -58.43 -12.15 39.23
C ASN E 475 -57.07 -11.88 38.59
N SER E 476 -56.58 -12.81 37.78
CA SER E 476 -55.31 -12.59 37.10
C SER E 476 -55.39 -11.47 36.08
N LEU E 477 -56.54 -11.32 35.42
CA LEU E 477 -56.69 -10.29 34.38
C LEU E 477 -56.75 -8.90 35.00
N LYS E 478 -57.55 -8.73 36.06
CA LYS E 478 -57.67 -7.42 36.69
C LYS E 478 -56.32 -6.93 37.21
N SER E 479 -55.54 -7.82 37.82
CA SER E 479 -54.23 -7.41 38.34
C SER E 479 -53.31 -6.95 37.22
N SER E 480 -53.29 -7.67 36.11
CA SER E 480 -52.43 -7.31 34.99
C SER E 480 -52.75 -5.91 34.48
N ILE E 481 -54.04 -5.61 34.33
CA ILE E 481 -54.45 -4.31 33.80
C ILE E 481 -53.89 -3.18 34.66
N PHE E 482 -54.26 -3.16 35.94
CA PHE E 482 -53.81 -2.08 36.81
C PHE E 482 -52.29 -2.00 36.87
N MET E 483 -51.62 -3.15 36.83
CA MET E 483 -50.16 -3.15 36.93
C MET E 483 -49.51 -2.60 35.66
N ASN E 484 -50.06 -2.94 34.49
CA ASN E 484 -49.51 -2.40 33.26
C ASN E 484 -49.56 -0.88 33.24
N LEU E 485 -50.62 -0.30 33.80
CA LEU E 485 -50.84 1.14 33.76
C LEU E 485 -50.05 1.90 34.82
N GLU E 486 -49.03 1.29 35.42
CA GLU E 486 -48.12 2.03 36.29
C GLU E 486 -47.03 2.75 35.50
N CYS E 487 -46.84 2.42 34.23
CA CYS E 487 -45.76 2.97 33.42
C CYS E 487 -46.27 4.09 32.53
N ARG E 488 -45.47 5.15 32.41
CA ARG E 488 -45.85 6.30 31.59
C ARG E 488 -46.12 5.89 30.14
N GLY E 489 -45.18 5.16 29.54
CA GLY E 489 -45.30 4.84 28.13
C GLY E 489 -46.59 4.11 27.78
N ILE E 490 -46.95 3.12 28.59
CA ILE E 490 -48.14 2.32 28.30
C ILE E 490 -49.40 3.17 28.43
N VAL E 491 -49.44 4.07 29.42
CA VAL E 491 -50.60 4.93 29.60
C VAL E 491 -50.80 5.82 28.39
N MET E 492 -49.71 6.44 27.92
CA MET E 492 -49.80 7.32 26.76
C MET E 492 -50.33 6.58 25.54
N GLU E 493 -49.76 5.41 25.25
CA GLU E 493 -50.17 4.65 24.07
C GLU E 493 -51.61 4.18 24.16
N ASP E 494 -52.07 3.83 25.36
CA ASP E 494 -53.44 3.34 25.52
C ASP E 494 -54.46 4.45 25.31
N VAL E 495 -54.19 5.63 25.86
CA VAL E 495 -55.14 6.74 25.73
C VAL E 495 -55.26 7.19 24.29
N GLY E 496 -54.13 7.38 23.61
CA GLY E 496 -54.17 7.80 22.23
C GLY E 496 -54.78 6.75 21.31
N ARG E 497 -54.45 5.48 21.55
CA ARG E 497 -54.97 4.41 20.71
C ARG E 497 -56.48 4.25 20.87
N GLN E 498 -57.02 4.52 22.06
CA GLN E 498 -58.44 4.38 22.28
C GLN E 498 -59.24 5.52 21.66
N LEU E 499 -58.68 6.73 21.64
CA LEU E 499 -59.42 7.88 21.12
C LEU E 499 -59.50 7.89 19.60
N LEU E 500 -58.58 7.19 18.92
CA LEU E 500 -58.67 7.05 17.48
C LEU E 500 -59.63 5.94 17.07
N MET E 501 -59.71 4.87 17.86
CA MET E 501 -60.51 3.71 17.51
C MET E 501 -61.95 3.80 17.98
N SER E 502 -62.23 4.64 18.97
CA SER E 502 -63.57 4.70 19.54
C SER E 502 -63.99 6.07 20.05
N ASN E 503 -63.12 7.08 20.01
CA ASN E 503 -63.45 8.42 20.47
C ASN E 503 -63.82 8.44 21.95
N ARG E 504 -63.43 7.42 22.70
CA ARG E 504 -63.68 7.37 24.13
C ARG E 504 -62.57 6.57 24.80
N VAL E 505 -62.31 6.88 26.06
CA VAL E 505 -61.33 6.16 26.88
C VAL E 505 -62.06 5.39 27.95
N ILE E 506 -61.89 4.07 27.96
CA ILE E 506 -62.46 3.21 28.98
C ILE E 506 -61.47 3.10 30.13
N SER E 507 -61.93 3.38 31.35
CA SER E 507 -61.08 3.34 32.52
C SER E 507 -60.85 1.91 32.98
N PRO E 508 -59.79 1.68 33.75
CA PRO E 508 -59.57 0.33 34.32
C PRO E 508 -60.68 -0.10 35.27
N GLN E 509 -61.35 0.85 35.93
CA GLN E 509 -62.46 0.49 36.82
C GLN E 509 -63.64 -0.04 36.03
N GLU E 510 -63.87 0.47 34.82
CA GLU E 510 -64.95 -0.04 33.98
C GLU E 510 -64.60 -1.39 33.37
N PHE E 511 -63.33 -1.63 33.08
CA PHE E 511 -62.90 -2.96 32.63
C PHE E 511 -63.22 -4.01 33.69
N CYS E 512 -62.90 -3.72 34.95
CA CYS E 512 -63.13 -4.69 36.02
C CYS E 512 -64.60 -5.06 36.12
N THR E 513 -65.48 -4.07 36.11
CA THR E 513 -66.91 -4.34 36.15
C THR E 513 -67.33 -5.25 35.00
N ALA E 514 -66.71 -5.08 33.83
CA ALA E 514 -67.05 -5.92 32.69
C ALA E 514 -66.45 -7.32 32.83
N ILE E 515 -65.22 -7.41 33.35
CA ILE E 515 -64.59 -8.70 33.57
C ILE E 515 -65.44 -9.54 34.52
N ASP E 516 -65.93 -8.93 35.60
CA ASP E 516 -66.69 -9.67 36.60
C ASP E 516 -68.01 -10.20 36.07
N ALA E 517 -68.52 -9.65 34.97
CA ALA E 517 -69.80 -10.05 34.42
C ALA E 517 -69.68 -11.10 33.32
N VAL E 518 -68.47 -11.60 33.05
CA VAL E 518 -68.29 -12.66 32.06
C VAL E 518 -68.74 -13.99 32.68
N THR E 519 -69.56 -14.72 31.96
CA THR E 519 -70.13 -15.98 32.43
C THR E 519 -69.56 -17.16 31.63
N GLU E 520 -70.01 -18.36 32.00
CA GLU E 520 -69.61 -19.55 31.27
C GLU E 520 -70.30 -19.63 29.93
N ALA E 521 -71.52 -19.11 29.82
CA ALA E 521 -72.25 -19.15 28.57
C ALA E 521 -71.62 -18.24 27.52
N ASP E 522 -71.15 -17.06 27.94
CA ASP E 522 -70.49 -16.15 27.01
C ASP E 522 -69.30 -16.81 26.35
N ILE E 523 -68.45 -17.47 27.15
CA ILE E 523 -67.29 -18.17 26.59
C ILE E 523 -67.74 -19.14 25.51
N LYS E 524 -68.71 -20.00 25.84
CA LYS E 524 -69.17 -21.00 24.89
C LYS E 524 -69.79 -20.36 23.65
N ARG E 525 -70.36 -19.17 23.80
CA ARG E 525 -71.01 -18.52 22.66
C ARG E 525 -69.98 -17.96 21.68
N VAL E 526 -68.91 -17.34 22.18
CA VAL E 526 -67.94 -16.71 21.29
C VAL E 526 -67.02 -17.73 20.63
N VAL E 527 -66.85 -18.91 21.22
CA VAL E 527 -66.04 -19.95 20.58
C VAL E 527 -66.77 -20.53 19.38
N ASP E 528 -68.08 -20.74 19.52
CA ASP E 528 -68.87 -21.29 18.41
C ASP E 528 -68.87 -20.35 17.21
N ALA E 529 -69.16 -19.07 17.43
CA ALA E 529 -69.14 -18.10 16.35
C ALA E 529 -67.76 -18.04 15.70
N MET E 530 -66.71 -18.17 16.50
CA MET E 530 -65.36 -18.14 15.97
C MET E 530 -65.12 -19.26 14.96
N TYR E 531 -65.78 -20.39 15.12
CA TYR E 531 -65.54 -21.57 14.30
C TYR E 531 -66.42 -21.64 13.06
N LYS E 532 -67.25 -20.63 12.80
CA LYS E 532 -68.11 -20.65 11.63
C LYS E 532 -67.40 -20.28 10.35
N LYS E 533 -66.17 -19.75 10.42
CA LYS E 533 -65.37 -19.43 9.26
C LYS E 533 -64.12 -20.29 9.22
N PRO E 534 -63.49 -20.42 8.05
CA PRO E 534 -62.32 -21.30 7.93
C PRO E 534 -61.20 -20.87 8.85
N PRO E 535 -60.22 -21.75 9.08
CA PRO E 535 -59.06 -21.37 9.90
C PRO E 535 -57.95 -20.69 9.11
N THR E 536 -56.92 -20.25 9.82
CA THR E 536 -55.70 -19.69 9.23
C THR E 536 -54.53 -20.46 9.81
N VAL E 537 -53.79 -21.15 8.96
CA VAL E 537 -52.70 -22.04 9.36
C VAL E 537 -51.38 -21.49 8.86
N VAL E 538 -50.37 -21.53 9.72
CA VAL E 538 -49.02 -21.08 9.39
C VAL E 538 -48.02 -22.07 9.95
N ALA E 539 -46.98 -22.35 9.17
CA ALA E 539 -45.88 -23.21 9.61
C ALA E 539 -44.57 -22.57 9.18
N TYR E 540 -43.57 -22.66 10.07
CA TYR E 540 -42.32 -21.96 9.88
C TYR E 540 -41.21 -22.79 10.52
N GLY E 541 -40.05 -22.81 9.87
CA GLY E 541 -38.91 -23.56 10.36
C GLY E 541 -38.64 -24.83 9.57
N ASP E 542 -38.57 -25.96 10.27
CA ASP E 542 -38.38 -27.27 9.65
C ASP E 542 -39.74 -27.93 9.52
N VAL E 543 -40.26 -27.98 8.29
CA VAL E 543 -41.62 -28.43 8.03
C VAL E 543 -41.60 -29.74 7.26
N SER E 544 -40.66 -30.62 7.61
CA SER E 544 -40.50 -31.87 6.86
C SER E 544 -41.60 -32.88 7.12
N THR E 545 -42.30 -32.77 8.25
CA THR E 545 -43.34 -33.73 8.61
C THR E 545 -44.68 -33.05 8.88
N VAL E 546 -44.85 -31.82 8.44
CA VAL E 546 -46.10 -31.09 8.65
C VAL E 546 -47.15 -31.64 7.68
N PRO E 547 -48.30 -32.11 8.17
CA PRO E 547 -49.29 -32.71 7.26
C PRO E 547 -49.73 -31.80 6.12
N HIS E 548 -50.60 -32.33 5.27
CA HIS E 548 -51.11 -31.61 4.13
C HIS E 548 -52.36 -30.80 4.50
N TYR E 549 -52.52 -29.66 3.84
CA TYR E 549 -53.62 -28.74 4.07
C TYR E 549 -54.94 -29.46 4.35
N GLU E 550 -55.25 -30.50 3.58
CA GLU E 550 -56.52 -31.20 3.76
C GLU E 550 -56.52 -32.01 5.05
N GLU E 551 -55.36 -32.44 5.53
CA GLU E 551 -55.30 -33.26 6.73
C GLU E 551 -55.45 -32.43 7.99
N VAL E 552 -54.88 -31.21 7.99
CA VAL E 552 -55.09 -30.30 9.11
C VAL E 552 -56.55 -29.93 9.24
N ARG E 553 -57.19 -29.59 8.12
CA ARG E 553 -58.61 -29.27 8.15
C ARG E 553 -59.44 -30.43 8.65
N ALA E 554 -59.06 -31.65 8.28
CA ALA E 554 -59.86 -32.82 8.67
C ALA E 554 -59.70 -33.12 10.16
N ALA E 555 -58.48 -33.00 10.68
CA ALA E 555 -58.27 -33.21 12.11
C ALA E 555 -59.13 -32.27 12.94
N LEU E 556 -59.19 -30.99 12.55
CA LEU E 556 -60.04 -30.04 13.26
C LEU E 556 -61.50 -30.47 13.21
N ARG E 557 -61.96 -30.98 12.07
CA ARG E 557 -63.36 -31.36 11.92
C ARG E 557 -63.72 -32.60 12.72
N ALA E 558 -62.75 -33.42 13.09
CA ALA E 558 -63.04 -34.63 13.86
C ALA E 558 -63.14 -34.34 15.35
N ALA E 559 -62.47 -33.28 15.81
CA ALA E 559 -62.57 -32.84 17.19
C ALA E 559 -63.76 -31.89 17.42
N GLY E 560 -64.63 -31.74 16.43
CA GLY E 560 -65.79 -30.89 16.57
C GLY E 560 -65.55 -29.43 16.26
N VAL E 561 -64.46 -29.10 15.59
CA VAL E 561 -64.14 -27.71 15.26
C VAL E 561 -64.58 -27.42 13.83
N SER F 2 49.02 4.35 17.83
CA SER F 2 48.45 5.69 17.67
C SER F 2 48.33 6.41 19.01
N TYR F 3 48.84 5.78 20.07
CA TYR F 3 48.84 6.35 21.40
C TYR F 3 50.26 6.56 21.91
N PRO F 4 50.49 7.56 22.75
CA PRO F 4 51.84 7.75 23.30
C PRO F 4 52.28 6.61 24.18
N TYR F 5 51.33 6.00 24.88
CA TYR F 5 51.57 4.85 25.74
C TYR F 5 50.22 4.16 25.93
N TYR F 6 50.28 2.91 26.39
CA TYR F 6 49.08 2.14 26.71
C TYR F 6 49.05 1.88 28.21
N CYS F 7 47.93 2.26 28.84
CA CYS F 7 47.83 2.17 30.29
C CYS F 7 47.82 0.71 30.74
N GLU F 8 48.26 0.50 31.98
CA GLU F 8 48.44 -0.83 32.54
C GLU F 8 47.75 -0.93 33.90
N PHE F 9 47.43 -2.16 34.28
CA PHE F 9 46.82 -2.46 35.56
C PHE F 9 47.82 -3.12 36.50
N PHE F 10 47.65 -2.85 37.79
CA PHE F 10 48.44 -3.51 38.83
C PHE F 10 49.92 -3.19 38.72
N VAL F 11 50.22 -1.90 38.61
CA VAL F 11 51.60 -1.42 38.61
C VAL F 11 51.97 -1.02 40.03
N LYS F 12 53.18 -1.40 40.43
CA LYS F 12 53.71 -1.07 41.76
C LYS F 12 54.59 0.17 41.63
N PHE F 13 54.11 1.29 42.14
CA PHE F 13 54.86 2.54 42.10
C PHE F 13 55.71 2.65 43.35
N PRO F 14 57.04 2.73 43.23
CA PRO F 14 57.91 2.56 44.39
C PRO F 14 58.10 3.86 45.17
N ASN F 15 58.67 3.71 46.36
CA ASN F 15 59.03 4.83 47.22
C ASN F 15 60.50 5.15 47.08
N TYR F 16 60.81 6.44 47.04
CA TYR F 16 62.19 6.88 46.86
C TYR F 16 63.02 6.60 48.11
N ILE F 17 64.24 6.10 47.88
CA ILE F 17 65.17 5.76 48.95
C ILE F 17 66.22 6.87 49.02
N PRO F 18 66.21 7.72 50.05
CA PRO F 18 67.21 8.78 50.12
C PRO F 18 68.60 8.21 50.30
N PRO F 19 69.64 8.90 49.80
CA PRO F 19 71.00 8.44 50.04
C PRO F 19 71.58 8.96 51.34
N LYS F 20 72.83 8.60 51.63
CA LYS F 20 73.52 9.12 52.81
C LYS F 20 74.23 10.43 52.50
N ASP F 21 75.06 10.44 51.46
CA ASP F 21 75.75 11.65 51.01
C ASP F 21 75.22 12.03 49.64
N PRO F 22 74.72 13.25 49.43
CA PRO F 22 74.22 13.62 48.09
C PRO F 22 75.20 13.35 46.97
N ALA F 23 76.51 13.41 47.24
CA ALA F 23 77.50 13.13 46.22
C ALA F 23 77.55 11.67 45.81
N GLU F 24 76.84 10.78 46.54
CA GLU F 24 76.87 9.37 46.19
C GLU F 24 76.16 9.09 44.88
N ARG F 25 75.06 9.80 44.62
CA ARG F 25 74.26 9.57 43.42
C ARG F 25 74.83 10.24 42.18
N LEU F 26 76.06 10.75 42.24
CA LEU F 26 76.71 11.24 41.04
C LEU F 26 77.17 10.11 40.13
N VAL F 27 77.23 8.88 40.65
CA VAL F 27 77.52 7.70 39.85
C VAL F 27 76.21 6.95 39.61
N ASP F 28 76.13 6.30 38.46
CA ASP F 28 74.92 5.59 38.08
C ASP F 28 74.60 4.51 39.12
N PRO F 29 73.41 4.52 39.73
CA PRO F 29 73.10 3.50 40.74
C PRO F 29 72.86 2.11 40.14
N ARG F 30 73.07 1.97 38.85
CA ARG F 30 73.00 0.64 38.25
C ARG F 30 74.15 -0.25 38.71
N GLN F 31 75.28 0.35 39.10
CA GLN F 31 76.44 -0.43 39.51
C GLN F 31 76.15 -1.21 40.79
N LYS F 32 75.31 -0.67 41.68
CA LYS F 32 75.00 -1.36 42.93
C LYS F 32 74.12 -2.58 42.71
N LEU F 33 73.28 -2.57 41.67
CA LEU F 33 72.32 -3.63 41.44
C LEU F 33 72.80 -4.68 40.46
N GLU F 34 73.84 -4.40 39.69
CA GLU F 34 74.27 -5.29 38.62
C GLU F 34 74.92 -6.56 39.19
N PRO F 35 75.79 -6.46 40.20
CA PRO F 35 76.38 -7.69 40.75
C PRO F 35 75.35 -8.72 41.20
N GLY F 36 74.38 -8.30 42.01
CA GLY F 36 73.35 -9.22 42.44
C GLY F 36 72.56 -9.80 41.28
N CYS F 37 72.25 -8.96 40.29
CA CYS F 37 71.52 -9.45 39.12
C CYS F 37 72.39 -10.33 38.24
N THR F 38 73.72 -10.19 38.30
CA THR F 38 74.59 -11.03 37.50
C THR F 38 74.69 -12.44 38.06
N ALA F 39 74.52 -12.59 39.38
CA ALA F 39 74.57 -13.91 40.00
C ALA F 39 73.32 -14.72 39.75
N ARG F 40 72.16 -14.05 39.63
CA ARG F 40 70.91 -14.75 39.40
C ARG F 40 70.74 -15.21 37.95
N CYS F 41 71.47 -14.61 37.02
CA CYS F 41 71.47 -15.05 35.62
C CYS F 41 72.70 -15.89 35.29
N SER F 42 73.32 -16.53 36.29
CA SER F 42 74.54 -17.29 36.07
C SER F 42 74.33 -18.47 35.13
N LEU F 43 73.10 -18.96 34.99
CA LEU F 43 72.84 -20.05 34.06
C LEU F 43 73.23 -19.67 32.64
N TRP F 44 73.17 -18.37 32.30
CA TRP F 44 73.55 -17.90 30.99
C TRP F 44 74.99 -17.41 30.92
N VAL F 45 75.58 -17.03 32.07
CA VAL F 45 77.00 -16.68 32.09
C VAL F 45 77.86 -17.85 31.68
N ASN F 46 77.43 -19.08 32.02
CA ASN F 46 78.23 -20.26 31.72
C ASN F 46 78.03 -20.74 30.29
N GLU F 47 76.81 -20.62 29.76
CA GLU F 47 76.58 -20.99 28.37
C GLU F 47 77.35 -20.10 27.41
N TYR F 48 77.59 -18.85 27.81
CA TYR F 48 78.35 -17.93 26.95
C TYR F 48 79.85 -18.24 27.01
N ASP F 49 80.38 -18.46 28.21
CA ASP F 49 81.79 -18.80 28.33
C ASP F 49 82.12 -20.11 27.65
N ALA F 50 81.18 -21.05 27.63
CA ALA F 50 81.42 -22.34 26.99
C ALA F 50 81.37 -22.24 25.48
N CYS F 51 80.55 -21.34 24.94
CA CYS F 51 80.46 -21.17 23.49
C CYS F 51 81.68 -20.45 22.93
N THR F 52 82.36 -19.64 23.75
CA THR F 52 83.58 -18.98 23.29
C THR F 52 84.70 -19.99 23.05
N LYS F 53 84.82 -20.99 23.94
CA LYS F 53 85.86 -21.99 23.77
C LYS F 53 85.65 -22.80 22.49
N ARG F 54 84.40 -23.16 22.20
CA ARG F 54 84.12 -23.93 20.99
C ARG F 54 84.42 -23.14 19.73
N VAL F 55 84.34 -21.82 19.79
CA VAL F 55 84.61 -20.98 18.64
C VAL F 55 86.11 -20.67 18.52
N ARG F 56 86.79 -20.52 19.65
CA ARG F 56 88.23 -20.28 19.63
C ARG F 56 89.01 -21.47 19.10
N ALA F 57 88.42 -22.67 19.13
CA ALA F 57 89.11 -23.89 18.73
C ALA F 57 88.92 -24.25 17.27
N ARG F 58 87.83 -23.80 16.65
CA ARG F 58 87.58 -24.10 15.25
C ARG F 58 88.74 -23.60 14.39
N THR F 59 89.01 -24.32 13.30
CA THR F 59 90.08 -23.93 12.40
C THR F 59 89.67 -22.76 11.51
N ASP F 60 88.52 -22.89 10.84
CA ASP F 60 88.03 -21.82 9.98
C ASP F 60 87.66 -20.60 10.81
N ASN F 61 87.38 -19.50 10.11
CA ASN F 61 87.03 -18.24 10.75
C ASN F 61 85.52 -18.02 10.66
N LYS F 62 84.79 -18.88 11.37
CA LYS F 62 83.34 -18.84 11.41
C LYS F 62 82.87 -19.12 12.83
N GLY F 63 81.67 -18.65 13.13
CA GLY F 63 81.08 -18.84 14.43
C GLY F 63 81.04 -17.54 15.23
N ASN F 64 80.04 -17.43 16.10
CA ASN F 64 79.91 -16.27 16.97
C ASN F 64 79.13 -16.71 18.22
N CYS F 65 78.96 -15.76 19.14
CA CYS F 65 78.28 -16.01 20.41
C CYS F 65 77.18 -14.98 20.65
N SER F 66 76.63 -14.41 19.58
CA SER F 66 75.63 -13.36 19.75
C SER F 66 74.38 -13.87 20.44
N GLY F 67 73.94 -15.09 20.10
CA GLY F 67 72.76 -15.66 20.70
C GLY F 67 72.82 -15.74 22.20
N GLN F 68 73.85 -16.39 22.73
CA GLN F 68 74.00 -16.50 24.18
C GLN F 68 74.24 -15.15 24.83
N TYR F 69 74.96 -14.26 24.15
CA TYR F 69 75.26 -12.95 24.71
C TYR F 69 73.98 -12.12 24.88
N GLU F 70 73.08 -12.18 23.90
CA GLU F 70 71.85 -11.41 23.98
C GLU F 70 70.96 -11.90 25.11
N GLU F 71 70.83 -13.22 25.26
CA GLU F 71 70.00 -13.75 26.34
C GLU F 71 70.54 -13.36 27.71
N LEU F 72 71.87 -13.39 27.87
CA LEU F 72 72.47 -13.06 29.16
C LEU F 72 72.12 -11.63 29.58
N HIS F 73 72.41 -10.66 28.73
CA HIS F 73 72.23 -9.26 29.11
C HIS F 73 70.77 -8.86 29.16
N VAL F 74 69.89 -9.56 28.44
CA VAL F 74 68.46 -9.31 28.59
C VAL F 74 67.99 -9.73 29.98
N CYS F 75 68.49 -10.86 30.48
CA CYS F 75 68.14 -11.31 31.83
C CYS F 75 68.52 -10.26 32.86
N ILE F 76 69.70 -9.66 32.72
CA ILE F 76 70.18 -8.70 33.70
C ILE F 76 69.35 -7.43 33.67
N ASP F 77 69.07 -6.90 32.48
CA ASP F 77 68.30 -5.67 32.37
C ASP F 77 66.92 -5.84 33.00
N ARG F 78 66.30 -7.01 32.82
CA ARG F 78 64.99 -7.24 33.43
C ARG F 78 65.08 -7.29 34.95
N CYS F 79 66.21 -7.74 35.50
CA CYS F 79 66.38 -7.77 36.94
C CYS F 79 66.59 -6.37 37.50
N VAL F 80 67.29 -5.52 36.75
CA VAL F 80 67.55 -4.15 37.21
C VAL F 80 66.28 -3.33 37.20
N ALA F 81 65.44 -3.51 36.17
CA ALA F 81 64.23 -2.71 36.05
C ALA F 81 63.33 -2.86 37.27
N LYS F 82 63.40 -4.00 37.96
CA LYS F 82 62.51 -4.24 39.10
C LYS F 82 62.70 -3.19 40.20
N ASP F 83 63.87 -2.56 40.29
CA ASP F 83 64.18 -1.71 41.42
C ASP F 83 64.88 -0.39 41.06
N ILE F 84 65.20 -0.16 39.79
CA ILE F 84 66.03 1.01 39.44
C ILE F 84 65.33 2.31 39.81
N PHE F 85 64.01 2.39 39.61
CA PHE F 85 63.31 3.64 39.86
C PHE F 85 63.25 4.01 41.34
N LYS F 86 63.57 3.09 42.24
CA LYS F 86 63.59 3.41 43.66
C LYS F 86 64.65 4.44 44.01
N TYR F 87 65.68 4.58 43.19
CA TYR F 87 66.81 5.48 43.46
C TYR F 87 66.80 6.71 42.55
N LEU F 88 65.75 6.91 41.77
CA LEU F 88 65.63 8.05 40.88
C LEU F 88 64.51 8.96 41.34
N LYS F 89 64.78 10.26 41.35
CA LYS F 89 63.78 11.25 41.70
C LYS F 89 62.64 11.27 40.69
N GLN G 3 15.58 -25.07 -41.19
CA GLN G 3 14.87 -25.65 -40.06
C GLN G 3 15.84 -26.32 -39.08
N PHE G 4 16.62 -25.49 -38.38
CA PHE G 4 17.60 -25.99 -37.43
C PHE G 4 16.94 -26.48 -36.15
N HIS G 5 15.75 -25.95 -35.82
CA HIS G 5 15.06 -26.39 -34.62
C HIS G 5 14.49 -27.79 -34.76
N ARG G 6 14.13 -28.19 -35.98
CA ARG G 6 13.57 -29.52 -36.19
C ARG G 6 14.63 -30.61 -36.13
N GLU G 7 15.88 -30.28 -36.43
CA GLU G 7 16.96 -31.26 -36.34
C GLU G 7 17.32 -31.53 -34.88
N ILE G 8 17.43 -30.49 -34.07
CA ILE G 8 17.69 -30.68 -32.65
C ILE G 8 16.56 -31.49 -32.01
N GLY G 9 15.32 -31.24 -32.45
CA GLY G 9 14.19 -31.98 -31.95
C GLY G 9 14.24 -33.45 -32.30
N LYS G 10 14.95 -33.81 -33.37
CA LYS G 10 15.08 -35.22 -33.72
C LYS G 10 16.01 -35.95 -32.77
N LEU G 11 17.07 -35.29 -32.33
CA LEU G 11 17.99 -35.88 -31.36
C LEU G 11 17.28 -36.10 -30.02
N PHE G 12 16.59 -35.07 -29.51
CA PHE G 12 15.83 -35.23 -28.28
C PHE G 12 14.85 -36.39 -28.40
N ALA G 13 14.24 -36.56 -29.56
CA ALA G 13 13.20 -37.57 -29.72
C ALA G 13 13.79 -38.97 -29.75
N SER G 14 14.98 -39.12 -30.35
CA SER G 14 15.61 -40.44 -30.40
C SER G 14 15.97 -40.91 -29.00
N TYR G 15 16.61 -40.04 -28.21
CA TYR G 15 16.93 -40.38 -26.83
C TYR G 15 15.67 -40.62 -26.00
N SER G 16 14.58 -39.94 -26.33
CA SER G 16 13.33 -40.12 -25.60
C SER G 16 12.73 -41.51 -25.87
N ASN G 17 12.67 -41.91 -27.13
CA ASN G 17 12.09 -43.20 -27.48
C ASN G 17 12.91 -44.36 -26.93
N LYS G 18 14.22 -44.18 -26.79
CA LYS G 18 15.05 -45.24 -26.23
C LYS G 18 14.73 -45.49 -24.76
N ILE G 19 14.53 -44.42 -23.99
CA ILE G 19 14.15 -44.58 -22.58
C ILE G 19 12.85 -45.37 -22.47
N THR G 20 11.87 -45.04 -23.31
CA THR G 20 10.56 -45.68 -23.22
C THR G 20 10.64 -47.16 -23.58
N ALA G 21 11.35 -47.50 -24.64
CA ALA G 21 11.44 -48.88 -25.08
C ALA G 21 12.15 -49.76 -24.05
N ASN G 22 12.94 -49.18 -23.15
CA ASN G 22 13.65 -49.92 -22.13
C ASN G 22 13.10 -49.69 -20.73
N SER G 23 11.83 -49.29 -20.62
CA SER G 23 11.22 -49.02 -19.32
C SER G 23 10.42 -50.22 -18.86
N PRO G 24 10.64 -50.74 -17.66
CA PRO G 24 9.87 -51.91 -17.21
C PRO G 24 8.44 -51.55 -16.87
N VAL G 25 7.61 -52.57 -16.80
CA VAL G 25 6.18 -52.41 -16.56
C VAL G 25 5.79 -52.94 -15.18
N GLN G 26 6.75 -53.02 -14.26
CA GLN G 26 6.48 -53.45 -12.90
C GLN G 26 7.67 -53.04 -12.04
N TYR G 27 7.51 -53.16 -10.73
CA TYR G 27 8.57 -52.76 -9.82
C TYR G 27 9.80 -53.64 -9.99
N VAL G 28 10.96 -52.99 -10.02
CA VAL G 28 12.25 -53.68 -10.09
C VAL G 28 13.22 -52.98 -9.13
N PRO G 29 13.93 -53.71 -8.28
CA PRO G 29 14.84 -53.05 -7.33
C PRO G 29 15.87 -52.18 -8.04
N SER G 30 16.21 -51.05 -7.40
CA SER G 30 17.22 -50.17 -7.93
C SER G 30 18.59 -50.85 -7.88
N PRO G 31 19.50 -50.50 -8.78
CA PRO G 31 20.82 -51.13 -8.80
C PRO G 31 21.70 -50.59 -7.68
N PRO G 32 22.65 -51.38 -7.20
CA PRO G 32 23.58 -50.86 -6.17
C PRO G 32 24.32 -49.62 -6.66
N THR G 33 24.43 -48.64 -5.77
CA THR G 33 25.13 -47.41 -6.10
C THR G 33 26.64 -47.59 -6.08
N LYS G 34 27.19 -47.94 -4.91
CA LYS G 34 28.62 -48.10 -4.78
C LYS G 34 29.11 -49.27 -5.62
N GLY G 35 30.34 -49.16 -6.11
CA GLY G 35 30.93 -50.21 -6.90
C GLY G 35 31.42 -51.37 -6.05
N LYS G 36 31.79 -52.46 -6.75
CA LYS G 36 32.23 -53.66 -6.04
C LYS G 36 33.56 -53.44 -5.34
N VAL G 37 34.41 -52.55 -5.88
CA VAL G 37 35.70 -52.28 -5.24
C VAL G 37 35.48 -51.54 -3.93
N ARG G 38 34.46 -50.69 -3.85
CA ARG G 38 34.20 -49.94 -2.63
C ARG G 38 33.45 -50.77 -1.61
N ARG G 39 32.56 -51.67 -2.06
CA ARG G 39 31.83 -52.54 -1.14
C ARG G 39 32.69 -53.67 -0.60
N ALA G 40 33.91 -53.83 -1.09
CA ALA G 40 34.81 -54.87 -0.60
C ALA G 40 35.76 -54.33 0.48
N LEU G 41 36.25 -53.11 0.29
CA LEU G 41 37.09 -52.50 1.32
C LEU G 41 36.30 -52.22 2.59
N SER G 42 35.05 -51.77 2.44
CA SER G 42 34.23 -51.46 3.60
C SER G 42 33.97 -52.70 4.45
N SER G 43 33.61 -53.81 3.80
CA SER G 43 33.31 -55.03 4.53
C SER G 43 34.56 -55.60 5.19
N ALA G 44 35.73 -55.35 4.63
CA ALA G 44 36.97 -55.86 5.21
C ALA G 44 37.40 -55.04 6.42
N LEU G 45 37.26 -53.72 6.36
CA LEU G 45 37.59 -52.85 7.47
C LEU G 45 36.43 -52.65 8.44
N MET G 46 35.25 -53.16 8.11
CA MET G 46 34.07 -52.96 8.96
C MET G 46 34.28 -53.40 10.41
N PRO G 47 34.76 -54.60 10.70
CA PRO G 47 34.83 -55.03 12.11
C PRO G 47 35.64 -54.11 13.00
N VAL G 48 36.58 -53.34 12.43
CA VAL G 48 37.42 -52.44 13.21
C VAL G 48 36.90 -51.00 13.14
N TRP G 49 36.48 -50.56 11.96
CA TRP G 49 35.96 -49.21 11.82
C TRP G 49 34.66 -49.04 12.59
N PHE G 50 33.78 -50.04 12.55
CA PHE G 50 32.48 -49.92 13.21
C PHE G 50 32.63 -50.02 14.72
N LYS G 51 33.49 -50.92 15.20
CA LYS G 51 33.61 -51.16 16.63
C LYS G 51 34.08 -49.92 17.36
N PHE G 52 35.10 -49.24 16.85
CA PHE G 52 35.81 -48.20 17.59
C PHE G 52 35.46 -46.78 17.15
N PHE G 53 34.82 -46.58 16.01
CA PHE G 53 34.51 -45.22 15.56
C PHE G 53 33.04 -45.05 15.16
N ARG G 54 32.63 -45.67 14.05
CA ARG G 54 31.30 -45.40 13.51
C ARG G 54 30.20 -45.82 14.48
N GLY G 55 30.41 -46.93 15.20
CA GLY G 55 29.43 -47.42 16.13
C GLY G 55 29.16 -46.46 17.27
N PRO G 56 30.21 -46.06 17.99
CA PRO G 56 30.02 -45.08 19.08
C PRO G 56 29.57 -43.71 18.59
N LEU G 57 29.93 -43.32 17.37
CA LEU G 57 29.42 -42.07 16.81
C LEU G 57 27.90 -42.11 16.68
N ASP G 58 27.36 -43.21 16.17
CA ASP G 58 25.91 -43.34 16.03
C ASP G 58 25.22 -43.29 17.40
N ARG G 59 25.83 -43.91 18.41
CA ARG G 59 25.19 -44.01 19.72
C ARG G 59 25.27 -42.70 20.48
N TRP G 60 26.38 -41.96 20.35
CA TRP G 60 26.46 -40.63 20.95
C TRP G 60 25.44 -39.69 20.33
N ASN G 61 25.29 -39.74 19.01
CA ASN G 61 24.35 -38.86 18.31
C ASN G 61 22.93 -39.02 18.87
N LEU G 62 22.46 -40.24 19.03
CA LEU G 62 21.08 -40.44 19.48
C LEU G 62 20.90 -40.05 20.94
N ALA G 63 21.95 -40.17 21.76
CA ALA G 63 21.88 -39.72 23.14
C ALA G 63 21.81 -38.19 23.22
N VAL G 64 22.61 -37.51 22.42
CA VAL G 64 22.59 -36.04 22.39
C VAL G 64 21.20 -35.54 21.98
N MET G 65 20.64 -36.13 20.92
CA MET G 65 19.32 -35.71 20.45
C MET G 65 18.25 -35.97 21.50
N ALA G 66 18.28 -37.16 22.11
CA ALA G 66 17.22 -37.54 23.04
C ALA G 66 17.21 -36.67 24.29
N LYS G 67 18.40 -36.29 24.79
CA LYS G 67 18.45 -35.50 26.01
C LYS G 67 18.00 -34.07 25.78
N TYR G 68 18.29 -33.51 24.60
CA TYR G 68 17.88 -32.14 24.29
C TYR G 68 16.36 -32.06 24.12
N LEU G 69 15.79 -33.00 23.37
CA LEU G 69 14.35 -33.02 23.15
C LEU G 69 13.59 -33.21 24.47
N ARG G 70 14.04 -34.16 25.29
CA ARG G 70 13.35 -34.46 26.53
C ARG G 70 13.43 -33.31 27.53
N ASP G 71 14.54 -32.56 27.52
CA ASP G 71 14.64 -31.40 28.40
C ASP G 71 13.56 -30.37 28.10
N HIS G 72 13.12 -30.30 26.84
CA HIS G 72 12.13 -29.34 26.40
C HIS G 72 10.75 -29.96 26.20
N GLY G 73 10.61 -31.27 26.39
CA GLY G 73 9.33 -31.93 26.21
C GLY G 73 8.89 -32.10 24.77
N LEU G 74 9.84 -32.20 23.84
CA LEU G 74 9.56 -32.19 22.42
C LEU G 74 9.71 -33.57 21.79
N MET G 75 9.06 -33.73 20.63
CA MET G 75 9.25 -34.84 19.72
C MET G 75 10.16 -34.41 18.56
N TYR G 76 10.83 -35.39 17.95
CA TYR G 76 11.71 -35.10 16.82
C TYR G 76 10.96 -34.41 15.68
N ASP G 77 9.76 -34.88 15.35
CA ASP G 77 9.00 -34.31 14.24
C ASP G 77 8.55 -32.88 14.50
N ASP G 78 8.58 -32.42 15.76
CA ASP G 78 8.29 -31.03 16.05
C ASP G 78 9.34 -30.07 15.50
N LEU G 79 10.50 -30.58 15.05
CA LEU G 79 11.59 -29.74 14.60
C LEU G 79 11.45 -29.30 13.14
N TYR G 80 10.49 -29.83 12.40
CA TYR G 80 10.30 -29.43 11.01
C TYR G 80 9.47 -28.16 10.92
N SER G 81 9.75 -27.36 9.89
CA SER G 81 9.18 -26.04 9.72
C SER G 81 7.99 -26.06 8.76
N ASP G 82 7.02 -25.18 9.02
CA ASP G 82 5.90 -24.98 8.11
C ASP G 82 6.25 -24.12 6.90
N LYS G 83 7.50 -23.66 6.80
CA LYS G 83 7.96 -22.95 5.62
C LYS G 83 8.36 -23.89 4.48
N GLU G 84 8.42 -25.20 4.74
CA GLU G 84 8.57 -26.18 3.67
C GLU G 84 7.22 -26.44 3.01
N PRO G 85 7.12 -26.34 1.68
CA PRO G 85 5.81 -26.57 1.04
C PRO G 85 5.24 -27.95 1.31
N VAL G 86 6.06 -29.00 1.29
CA VAL G 86 5.57 -30.35 1.56
C VAL G 86 5.01 -30.44 2.97
N PHE G 87 5.77 -29.97 3.95
CA PHE G 87 5.34 -30.09 5.33
C PHE G 87 4.13 -29.20 5.62
N ALA G 88 4.04 -28.04 4.96
CA ALA G 88 2.87 -27.20 5.12
C ALA G 88 1.61 -27.90 4.65
N ARG G 89 1.68 -28.59 3.51
CA ARG G 89 0.52 -29.35 3.02
C ARG G 89 0.16 -30.48 3.98
N ALA G 90 1.18 -31.13 4.56
CA ALA G 90 0.93 -32.22 5.49
C ALA G 90 0.20 -31.71 6.74
N LEU G 91 0.59 -30.55 7.24
CA LEU G 91 -0.06 -29.98 8.42
C LEU G 91 -1.52 -29.65 8.15
N GLU G 92 -1.86 -29.28 6.91
CA GLU G 92 -3.25 -28.99 6.57
C GLU G 92 -4.13 -30.24 6.60
N LEU G 93 -3.54 -31.43 6.47
CA LEU G 93 -4.29 -32.68 6.42
C LEU G 93 -4.48 -33.32 7.79
N LEU G 94 -3.95 -32.73 8.85
CA LEU G 94 -3.98 -33.38 10.16
C LEU G 94 -5.38 -33.36 10.76
N PRO G 95 -5.70 -34.34 11.59
CA PRO G 95 -6.95 -34.29 12.35
C PRO G 95 -6.80 -33.43 13.60
N PRO G 96 -7.91 -32.97 14.20
CA PRO G 96 -7.81 -31.99 15.28
C PRO G 96 -6.94 -32.42 16.45
N ASP G 97 -7.05 -33.68 16.88
CA ASP G 97 -6.40 -34.10 18.12
C ASP G 97 -4.88 -34.05 18.01
N ILE G 98 -4.32 -34.45 16.86
CA ILE G 98 -2.88 -34.42 16.67
C ILE G 98 -2.38 -32.99 16.51
N GLN G 99 -3.17 -32.12 15.86
CA GLN G 99 -2.77 -30.74 15.69
C GLN G 99 -2.73 -30.00 17.02
N ALA G 100 -3.66 -30.31 17.91
CA ALA G 100 -3.71 -29.64 19.21
C ALA G 100 -2.52 -29.99 20.08
N ALA G 101 -2.09 -31.26 20.06
CA ALA G 101 -0.96 -31.67 20.89
C ALA G 101 0.33 -31.06 20.41
N ARG G 102 0.51 -30.91 19.10
CA ARG G 102 1.70 -30.25 18.55
C ARG G 102 1.72 -28.78 18.94
N PHE G 103 0.59 -28.08 18.80
CA PHE G 103 0.50 -26.68 19.21
C PHE G 103 0.95 -26.51 20.65
N ARG G 104 0.53 -27.41 21.53
CA ARG G 104 0.82 -27.27 22.95
C ARG G 104 2.30 -27.55 23.24
N ARG G 105 2.87 -28.57 22.61
CA ARG G 105 4.28 -28.88 22.84
C ARG G 105 5.19 -27.75 22.37
N LEU G 106 4.84 -27.10 21.25
CA LEU G 106 5.67 -26.01 20.74
C LEU G 106 5.60 -24.80 21.66
N MET G 107 4.43 -24.51 22.22
CA MET G 107 4.32 -23.41 23.18
C MET G 107 5.17 -23.69 24.41
N ARG G 108 5.08 -24.92 24.95
CA ARG G 108 5.80 -25.24 26.18
C ARG G 108 7.32 -25.24 25.96
N GLY G 109 7.78 -25.64 24.78
CA GLY G 109 9.20 -25.70 24.53
C GLY G 109 9.85 -24.35 24.34
N THR G 110 9.10 -23.39 23.80
CA THR G 110 9.61 -22.02 23.70
C THR G 110 9.74 -21.39 25.08
N TYR G 111 8.79 -21.68 25.96
CA TYR G 111 8.83 -21.16 27.32
C TYR G 111 10.00 -21.73 28.11
N LEU G 112 10.27 -23.03 27.95
CA LEU G 112 11.36 -23.67 28.69
C LEU G 112 12.72 -23.19 28.19
N ASN G 113 12.85 -22.99 26.87
CA ASN G 113 14.10 -22.47 26.33
C ASN G 113 14.35 -21.03 26.76
N HIS G 114 13.27 -20.28 27.03
CA HIS G 114 13.41 -18.91 27.51
C HIS G 114 13.94 -18.89 28.94
N LEU G 115 13.44 -19.78 29.80
CA LEU G 115 13.89 -19.81 31.19
C LEU G 115 15.21 -20.55 31.36
N ARG G 116 15.54 -21.46 30.44
CA ARG G 116 16.70 -22.34 30.58
C ARG G 116 16.66 -23.13 31.88
N LEU G 117 15.54 -23.85 32.08
CA LEU G 117 15.34 -24.73 33.22
C LEU G 117 14.88 -26.09 32.73
N TYR G 118 15.55 -27.15 33.18
CA TYR G 118 15.19 -28.50 32.78
C TYR G 118 13.85 -28.94 33.35
N LEU G 119 13.18 -29.84 32.64
CA LEU G 119 12.04 -30.55 33.21
C LEU G 119 12.51 -31.58 34.22
N PRO G 120 11.67 -31.93 35.21
CA PRO G 120 11.99 -33.06 36.09
C PRO G 120 12.10 -34.36 35.31
N VAL G 121 12.84 -35.30 35.89
CA VAL G 121 13.12 -36.56 35.21
C VAL G 121 11.84 -37.33 34.93
N HIS G 122 10.86 -37.26 35.83
CA HIS G 122 9.64 -38.03 35.66
C HIS G 122 8.72 -37.46 34.58
N GLU G 123 9.03 -36.27 34.05
CA GLU G 123 8.32 -35.74 32.91
C GLU G 123 9.05 -36.01 31.59
N GLN G 124 10.18 -36.70 31.64
CA GLN G 124 10.98 -37.02 30.47
C GLN G 124 10.86 -38.47 30.04
N ASN G 125 9.98 -39.24 30.66
CA ASN G 125 9.90 -40.68 30.42
C ASN G 125 8.99 -40.95 29.21
N TYR G 126 9.54 -40.71 28.02
CA TYR G 126 8.84 -40.99 26.78
C TYR G 126 9.84 -41.11 25.63
N ASP G 127 9.42 -41.80 24.58
CA ASP G 127 10.23 -41.98 23.38
C ASP G 127 9.97 -40.83 22.41
N PRO G 128 10.95 -39.98 22.11
CA PRO G 128 10.69 -38.83 21.24
C PRO G 128 10.76 -39.11 19.75
N PHE G 129 11.06 -40.35 19.32
CA PHE G 129 11.32 -40.65 17.92
C PHE G 129 10.16 -41.37 17.23
N ILE G 130 8.93 -41.23 17.73
CA ILE G 130 7.75 -41.81 17.10
C ILE G 130 7.38 -40.97 15.88
N PRO G 131 7.31 -41.54 14.67
CA PRO G 131 6.98 -40.74 13.46
C PRO G 131 5.49 -40.51 13.25
N TYR G 132 4.94 -39.53 13.98
CA TYR G 132 3.50 -39.26 13.94
C TYR G 132 3.05 -38.50 12.70
N MET G 133 3.97 -37.95 11.91
CA MET G 133 3.64 -37.19 10.71
C MET G 133 3.75 -37.99 9.42
N ALA G 134 4.22 -39.24 9.48
CA ALA G 134 4.60 -39.95 8.27
C ALA G 134 3.44 -40.15 7.29
N PRO G 135 2.27 -40.63 7.70
CA PRO G 135 1.19 -40.82 6.71
C PRO G 135 0.81 -39.56 5.97
N TYR G 136 0.88 -38.41 6.64
CA TYR G 136 0.50 -37.14 6.02
C TYR G 136 1.61 -36.57 5.15
N VAL G 137 2.87 -36.89 5.46
CA VAL G 137 3.98 -36.43 4.62
C VAL G 137 3.98 -37.16 3.28
N GLU G 138 3.69 -38.47 3.29
CA GLU G 138 3.75 -39.24 2.05
C GLU G 138 2.58 -38.91 1.13
N GLU G 139 1.43 -38.52 1.69
CA GLU G 139 0.30 -38.09 0.85
C GLU G 139 0.56 -36.70 0.28
N ALA G 140 1.20 -35.82 1.05
CA ALA G 140 1.54 -34.50 0.54
C ALA G 140 2.50 -34.60 -0.64
N LYS G 141 3.52 -35.45 -0.53
CA LYS G 141 4.47 -35.63 -1.62
C LYS G 141 3.79 -36.06 -2.91
N PHE G 142 2.76 -36.91 -2.78
CA PHE G 142 2.04 -37.40 -3.95
C PHE G 142 1.24 -36.28 -4.62
N GLN G 143 0.59 -35.44 -3.82
CA GLN G 143 -0.22 -34.36 -4.38
C GLN G 143 0.64 -33.35 -5.13
N LEU G 144 1.78 -32.97 -4.56
CA LEU G 144 2.62 -31.94 -5.14
C LEU G 144 3.46 -32.44 -6.31
N GLN G 145 3.74 -33.74 -6.37
CA GLN G 145 4.44 -34.30 -7.53
C GLN G 145 3.52 -34.35 -8.75
N GLU G 146 2.22 -34.59 -8.53
CA GLU G 146 1.26 -34.53 -9.64
C GLU G 146 1.16 -33.13 -10.21
N GLU G 147 0.98 -32.13 -9.34
CA GLU G 147 0.86 -30.75 -9.80
C GLU G 147 2.07 -30.33 -10.61
N GLU G 148 3.28 -30.72 -10.19
CA GLU G 148 4.48 -30.29 -10.87
C GLU G 148 4.62 -30.93 -12.24
N GLU G 149 4.20 -32.20 -12.37
CA GLU G 149 4.34 -32.90 -13.65
C GLU G 149 3.28 -32.48 -14.66
N LEU G 150 2.09 -32.08 -14.20
CA LEU G 150 0.98 -31.76 -15.08
C LEU G 150 0.92 -30.28 -15.45
N LEU G 151 1.52 -29.40 -14.65
CA LEU G 151 1.44 -27.96 -14.88
C LEU G 151 2.80 -27.28 -15.01
N GLY G 152 3.87 -27.86 -14.47
CA GLY G 152 5.15 -27.17 -14.41
C GLY G 152 6.26 -27.77 -15.26
N TYR G 153 5.91 -28.30 -16.42
CA TYR G 153 6.87 -28.96 -17.29
C TYR G 153 7.50 -28.04 -18.31
N HIS G 154 7.17 -26.75 -18.30
CA HIS G 154 7.71 -25.78 -19.26
C HIS G 154 7.90 -24.43 -18.57
N MET G 155 8.81 -23.63 -19.13
CA MET G 155 9.07 -22.28 -18.66
C MET G 155 8.11 -21.34 -19.38
N TRP G 156 7.03 -20.95 -18.70
CA TRP G 156 5.98 -20.16 -19.32
C TRP G 156 6.32 -18.67 -19.28
N GLU G 157 5.86 -17.95 -20.31
CA GLU G 157 6.01 -16.50 -20.40
C GLU G 157 4.86 -15.80 -19.68
N GLY G 158 5.04 -14.50 -19.42
CA GLY G 158 3.98 -13.73 -18.80
C GLY G 158 4.22 -12.24 -18.90
N VAL G 159 3.15 -11.48 -18.61
CA VAL G 159 3.23 -10.03 -18.58
C VAL G 159 4.03 -9.58 -17.36
N TRP G 160 4.99 -8.68 -17.57
CA TRP G 160 5.93 -8.28 -16.55
C TRP G 160 5.40 -7.11 -15.72
N TYR G 161 5.60 -7.19 -14.41
CA TYR G 161 5.25 -6.13 -13.46
C TYR G 161 3.84 -5.63 -13.70
N SER G 162 2.90 -6.56 -13.57
CA SER G 162 1.48 -6.34 -13.78
C SER G 162 0.71 -7.18 -12.77
N GLY G 163 -0.29 -6.56 -12.13
CA GLY G 163 -1.12 -7.27 -11.19
C GLY G 163 -0.48 -7.53 -9.83
N GLY G 164 0.56 -6.78 -9.48
CA GLY G 164 1.23 -6.94 -8.22
C GLY G 164 2.34 -7.98 -8.20
N VAL G 165 2.51 -8.73 -9.28
CA VAL G 165 3.54 -9.77 -9.36
C VAL G 165 4.54 -9.39 -10.44
N THR G 166 5.69 -10.09 -10.45
CA THR G 166 6.77 -9.76 -11.36
C THR G 166 6.51 -10.24 -12.78
N GLY G 167 5.81 -11.36 -12.94
CA GLY G 167 5.55 -11.95 -14.23
C GLY G 167 6.38 -13.17 -14.56
N PHE G 168 7.30 -13.57 -13.68
CA PHE G 168 8.16 -14.72 -13.92
C PHE G 168 7.72 -15.97 -13.17
N GLY G 169 6.55 -15.94 -12.52
CA GLY G 169 5.97 -17.14 -11.94
C GLY G 169 5.28 -16.96 -10.60
N ASP G 170 5.56 -15.86 -9.89
CA ASP G 170 4.96 -15.65 -8.59
C ASP G 170 3.46 -15.38 -8.70
N LYS G 171 2.71 -15.89 -7.73
CA LYS G 171 1.26 -15.70 -7.64
C LYS G 171 0.83 -14.82 -6.47
N GLU G 172 1.58 -14.81 -5.37
CA GLU G 172 1.22 -13.95 -4.25
C GLU G 172 1.94 -12.61 -4.38
N PRO G 173 1.25 -11.49 -4.22
CA PRO G 173 1.83 -10.19 -4.59
C PRO G 173 2.73 -9.58 -3.53
N GLY G 174 3.68 -8.78 -4.02
CA GLY G 174 4.51 -7.97 -3.15
C GLY G 174 5.57 -8.71 -2.38
N GLU G 175 6.09 -9.81 -2.93
CA GLU G 175 7.07 -10.65 -2.24
C GLU G 175 8.46 -10.56 -2.85
N HIS G 176 8.70 -9.62 -3.75
CA HIS G 176 10.02 -9.36 -4.32
C HIS G 176 10.22 -7.85 -4.35
N PHE G 177 11.49 -7.43 -4.25
CA PHE G 177 11.77 -6.02 -4.00
C PHE G 177 11.25 -5.12 -5.11
N LEU G 178 11.39 -5.55 -6.37
CA LEU G 178 10.94 -4.74 -7.49
C LEU G 178 9.42 -4.64 -7.59
N VAL G 179 8.66 -5.30 -6.71
CA VAL G 179 7.23 -5.05 -6.57
C VAL G 179 6.87 -4.60 -5.14
N ALA G 180 7.86 -4.11 -4.40
CA ALA G 180 7.63 -3.55 -3.08
C ALA G 180 6.95 -2.19 -3.18
N LEU G 181 6.30 -1.80 -2.08
CA LEU G 181 5.65 -0.49 -1.96
C LEU G 181 4.56 -0.33 -3.02
N PRO G 182 3.44 -1.04 -2.88
CA PRO G 182 2.42 -1.02 -3.93
C PRO G 182 1.71 0.31 -4.09
N ASN G 183 1.56 1.10 -3.02
CA ASN G 183 0.78 2.32 -3.07
C ASN G 183 1.52 3.47 -2.38
N LEU G 184 1.28 4.68 -2.88
CA LEU G 184 1.80 5.90 -2.27
C LEU G 184 0.77 6.60 -1.41
N TYR G 185 -0.51 6.54 -1.78
CA TYR G 185 -1.61 7.11 -1.03
C TYR G 185 -2.55 5.99 -0.56
N GLY G 186 -3.52 6.37 0.27
CA GLY G 186 -4.53 5.44 0.73
C GLY G 186 -4.16 4.76 2.05
N ALA G 187 -4.91 3.70 2.35
CA ALA G 187 -4.70 2.89 3.54
C ALA G 187 -4.30 1.45 3.23
N GLY G 188 -4.02 1.12 1.96
CA GLY G 188 -3.56 -0.21 1.63
C GLY G 188 -4.65 -1.27 1.80
N GLY G 189 -4.21 -2.49 2.05
CA GLY G 189 -5.12 -3.61 2.19
C GLY G 189 -4.38 -4.92 2.27
N SER G 190 -5.15 -5.99 2.52
CA SER G 190 -4.65 -7.35 2.68
C SER G 190 -5.01 -8.22 1.50
N PRO G 191 -4.06 -9.02 0.98
CA PRO G 191 -4.44 -9.98 -0.07
C PRO G 191 -5.45 -11.03 0.39
N MET G 192 -5.52 -11.29 1.70
CA MET G 192 -6.46 -12.27 2.24
C MET G 192 -7.88 -11.74 2.34
N GLN G 193 -8.12 -10.48 2.00
CA GLN G 193 -9.44 -9.87 2.06
C GLN G 193 -9.88 -9.35 0.70
N ALA G 194 -9.45 -10.02 -0.37
CA ALA G 194 -9.82 -9.63 -1.72
C ALA G 194 -11.20 -10.18 -2.10
N GLY H 27 6.22 -14.97 6.72
CA GLY H 27 4.98 -14.99 7.45
C GLY H 27 4.44 -16.39 7.68
N ALA H 28 3.17 -16.48 8.05
CA ALA H 28 2.54 -17.76 8.34
C ALA H 28 2.05 -18.42 7.06
N PRO H 29 1.72 -19.70 7.11
CA PRO H 29 1.14 -20.37 5.95
C PRO H 29 -0.26 -19.84 5.64
N LYS H 30 -0.67 -20.06 4.39
CA LYS H 30 -1.95 -19.52 3.93
C LYS H 30 -3.11 -20.04 4.76
N PHE H 31 -3.11 -21.34 5.09
CA PHE H 31 -4.23 -21.92 5.83
C PHE H 31 -4.30 -21.41 7.26
N GLU H 32 -3.26 -20.76 7.76
CA GLU H 32 -3.29 -20.10 9.06
C GLU H 32 -3.61 -18.62 8.97
N ARG H 33 -3.24 -17.96 7.86
CA ARG H 33 -3.46 -16.52 7.72
C ARG H 33 -4.93 -16.16 7.54
N LYS H 34 -5.77 -17.13 7.17
CA LYS H 34 -7.18 -16.84 6.93
C LYS H 34 -7.83 -16.27 8.19
N MET H 35 -8.50 -15.14 8.03
CA MET H 35 -9.11 -14.43 9.15
C MET H 35 -10.58 -14.82 9.30
N LEU H 36 -11.06 -14.76 10.54
CA LEU H 36 -12.46 -15.03 10.87
C LEU H 36 -13.33 -13.79 10.69
N GLY H 37 -12.80 -12.62 11.03
CA GLY H 37 -13.53 -11.37 10.89
C GLY H 37 -13.43 -10.78 9.49
N SER H 38 -14.05 -9.60 9.34
CA SER H 38 -14.14 -8.93 8.04
C SER H 38 -13.65 -7.49 8.03
N TYR H 39 -13.50 -6.84 9.18
CA TYR H 39 -12.93 -5.50 9.31
C TYR H 39 -11.60 -5.42 8.57
N PRO H 40 -11.26 -4.28 7.96
CA PRO H 40 -10.01 -4.21 7.19
C PRO H 40 -8.76 -4.10 8.07
N VAL H 41 -7.67 -4.64 7.54
CA VAL H 41 -6.37 -4.58 8.22
C VAL H 41 -5.82 -3.17 8.12
N SER H 42 -5.55 -2.56 9.25
CA SER H 42 -4.98 -1.22 9.29
C SER H 42 -3.49 -1.26 8.99
N PRO H 43 -2.94 -0.20 8.39
CA PRO H 43 -1.53 -0.26 7.96
C PRO H 43 -0.53 -0.48 9.09
N GLU H 44 -0.77 0.07 10.28
CA GLU H 44 0.15 -0.17 11.38
C GLU H 44 0.13 -1.61 11.87
N PHE H 45 -0.83 -2.42 11.43
CA PHE H 45 -0.96 -3.82 11.85
C PHE H 45 -0.71 -4.81 10.70
N GLU H 46 -0.03 -4.38 9.63
CA GLU H 46 0.17 -5.26 8.48
C GLU H 46 1.01 -6.48 8.85
N MET H 47 2.05 -6.28 9.66
CA MET H 47 2.95 -7.37 9.98
C MET H 47 2.34 -8.32 11.01
N VAL H 48 1.47 -7.80 11.89
CA VAL H 48 0.80 -8.65 12.87
C VAL H 48 -0.03 -9.73 12.17
N TRP H 49 -0.83 -9.34 11.18
CA TRP H 49 -1.75 -10.27 10.55
C TRP H 49 -1.09 -11.10 9.44
N ARG H 50 0.11 -10.73 8.99
CA ARG H 50 0.86 -11.60 8.11
C ARG H 50 1.37 -12.85 8.83
N ASP H 51 1.35 -12.86 10.16
CA ASP H 51 1.81 -14.00 10.94
C ASP H 51 0.72 -14.54 11.86
N ARG H 52 -0.55 -14.41 11.46
CA ARG H 52 -1.63 -14.98 12.24
C ARG H 52 -1.48 -16.49 12.35
N LEU H 53 -1.79 -17.02 13.53
CA LEU H 53 -1.73 -18.45 13.80
C LEU H 53 -2.93 -18.87 14.63
N THR H 54 -3.61 -19.93 14.20
CA THR H 54 -4.79 -20.41 14.91
C THR H 54 -4.39 -21.13 16.18
N ALA H 55 -5.10 -20.83 17.27
CA ALA H 55 -4.86 -21.45 18.58
C ALA H 55 -5.64 -22.77 18.63
N HIS H 56 -5.03 -23.81 18.05
CA HIS H 56 -5.65 -25.13 17.99
C HIS H 56 -5.87 -25.68 19.40
N GLY H 57 -7.14 -25.84 19.78
CA GLY H 57 -7.50 -26.35 21.07
C GLY H 57 -7.82 -25.30 22.12
N GLY H 58 -7.35 -24.07 21.94
CA GLY H 58 -7.62 -23.00 22.89
C GLY H 58 -6.61 -22.96 24.04
N TYR H 59 -6.68 -21.86 24.79
CA TYR H 59 -5.86 -21.73 25.99
C TYR H 59 -6.41 -20.62 26.88
N ILE H 60 -5.95 -20.62 28.14
CA ILE H 60 -6.31 -19.65 29.15
C ILE H 60 -5.02 -18.99 29.66
N GLN H 61 -4.98 -17.66 29.62
CA GLN H 61 -3.78 -16.89 29.93
C GLN H 61 -4.00 -16.01 31.15
N GLN H 62 -3.01 -15.99 32.05
CA GLN H 62 -3.00 -15.11 33.21
C GLN H 62 -1.68 -14.37 33.28
N THR H 63 -1.74 -13.03 33.40
CA THR H 63 -0.57 -12.19 33.50
C THR H 63 -0.81 -11.14 34.59
N ILE H 64 0.24 -10.83 35.36
CA ILE H 64 0.19 -9.84 36.42
C ILE H 64 0.88 -8.57 35.95
N SER H 65 0.44 -7.43 36.48
CA SER H 65 1.04 -6.16 36.11
C SER H 65 2.47 -6.08 36.64
N PRO H 66 3.40 -5.53 35.86
CA PRO H 66 4.79 -5.41 36.35
C PRO H 66 4.92 -4.52 37.56
N TYR H 67 3.97 -3.62 37.79
CA TYR H 67 3.99 -2.76 38.98
C TYR H 67 3.66 -3.52 40.26
N GLN H 68 3.27 -4.80 40.16
CA GLN H 68 2.89 -5.61 41.32
C GLN H 68 3.68 -6.92 41.36
N LEU H 69 4.93 -6.92 40.88
CA LEU H 69 5.79 -8.09 40.90
C LEU H 69 7.18 -7.72 41.42
N LYS H 70 7.80 -8.66 42.13
CA LYS H 70 9.24 -8.61 42.32
C LYS H 70 9.93 -8.99 41.01
N PHE H 71 10.82 -8.13 40.51
CA PHE H 71 11.40 -8.33 39.19
C PHE H 71 12.91 -8.52 39.15
N ILE H 72 13.61 -8.45 40.28
CA ILE H 72 15.03 -8.78 40.34
C ILE H 72 15.28 -10.08 41.11
N TYR H 73 14.55 -10.29 42.21
CA TYR H 73 14.70 -11.54 42.94
C TYR H 73 14.48 -12.78 42.09
N PRO H 74 13.46 -12.86 41.23
CA PRO H 74 13.32 -14.05 40.38
C PRO H 74 14.56 -14.41 39.58
N PHE H 75 15.33 -13.40 39.14
CA PHE H 75 16.55 -13.71 38.39
C PHE H 75 17.55 -14.47 39.25
N TRP H 76 17.74 -14.06 40.49
CA TRP H 76 18.71 -14.71 41.36
C TRP H 76 18.16 -15.98 42.00
N HIS H 77 16.85 -16.05 42.18
CA HIS H 77 16.24 -17.27 42.72
C HIS H 77 16.55 -18.48 41.83
N THR H 78 16.59 -18.27 40.52
CA THR H 78 16.83 -19.33 39.54
C THR H 78 18.23 -19.30 38.96
N PHE H 79 19.16 -18.58 39.60
CA PHE H 79 20.49 -18.38 39.00
C PHE H 79 21.22 -19.70 38.84
N PHE H 80 21.26 -20.53 39.89
CA PHE H 80 22.06 -21.75 39.85
C PHE H 80 21.55 -22.71 38.78
N ALA H 81 20.22 -22.82 38.64
CA ALA H 81 19.67 -23.72 37.63
C ALA H 81 19.95 -23.22 36.22
N ARG H 82 19.80 -21.93 35.98
CA ARG H 82 20.07 -21.37 34.66
C ARG H 82 21.54 -21.49 34.30
N CYS H 83 22.43 -21.23 35.26
CA CYS H 83 23.87 -21.30 34.99
C CYS H 83 24.30 -22.73 34.70
N TRP H 84 23.74 -23.71 35.42
CA TRP H 84 24.05 -25.10 35.15
C TRP H 84 23.67 -25.50 33.73
N CYS H 85 22.45 -25.13 33.31
CA CYS H 85 21.97 -25.49 31.99
C CYS H 85 22.86 -24.91 30.88
N LYS H 86 23.23 -23.64 31.00
CA LYS H 86 24.04 -23.01 29.95
C LYS H 86 25.45 -23.58 29.92
N CYS H 87 26.12 -23.63 31.06
CA CYS H 87 27.51 -24.09 31.08
C CYS H 87 27.64 -25.55 30.70
N SER H 88 26.65 -26.39 31.06
CA SER H 88 26.71 -27.80 30.68
C SER H 88 26.59 -27.96 29.17
N ALA H 89 25.77 -27.13 28.52
CA ALA H 89 25.58 -27.24 27.08
C ALA H 89 26.87 -26.91 26.32
N TYR H 90 27.64 -25.95 26.80
CA TYR H 90 28.79 -25.42 26.06
C TYR H 90 30.08 -26.20 26.30
N ALA H 91 30.15 -27.05 27.33
CA ALA H 91 31.39 -27.68 27.72
C ALA H 91 32.06 -28.45 26.57
N TRP H 92 31.50 -29.59 26.20
CA TRP H 92 32.08 -30.40 25.13
C TRP H 92 32.32 -29.59 23.86
N PRO H 93 31.31 -28.94 23.29
CA PRO H 93 31.48 -28.38 21.94
C PRO H 93 32.47 -27.23 21.85
N TRP H 94 32.61 -26.41 22.89
CA TRP H 94 33.50 -25.25 22.85
C TRP H 94 34.81 -25.44 23.60
N VAL H 95 34.77 -26.03 24.80
CA VAL H 95 35.95 -26.05 25.65
C VAL H 95 36.98 -27.07 25.16
N TRP H 96 36.51 -28.25 24.74
CA TRP H 96 37.39 -29.35 24.39
C TRP H 96 38.20 -29.03 23.13
N PRO H 97 37.60 -28.39 22.11
CA PRO H 97 38.43 -27.93 20.98
C PRO H 97 39.34 -26.76 21.35
N GLY H 98 38.96 -25.95 22.34
CA GLY H 98 39.80 -24.83 22.73
C GLY H 98 41.07 -25.28 23.43
N LEU H 99 40.97 -26.27 24.30
CA LEU H 99 42.16 -26.80 24.96
C LEU H 99 43.14 -27.39 23.96
N ILE H 100 42.62 -28.06 22.94
CA ILE H 100 43.48 -28.64 21.91
C ILE H 100 44.18 -27.54 21.12
N THR H 101 43.45 -26.47 20.78
CA THR H 101 44.06 -25.37 20.06
C THR H 101 45.13 -24.68 20.89
N PHE H 102 44.88 -24.53 22.20
CA PHE H 102 45.87 -23.94 23.09
C PHE H 102 47.14 -24.78 23.14
N GLY H 103 46.99 -26.10 23.24
CA GLY H 103 48.17 -26.96 23.26
C GLY H 103 48.98 -26.88 21.98
N LEU H 104 48.30 -26.85 20.83
CA LEU H 104 49.01 -26.73 19.57
C LEU H 104 49.79 -25.42 19.49
N VAL H 105 49.29 -24.37 20.13
CA VAL H 105 49.98 -23.09 20.11
C VAL H 105 51.30 -23.19 20.86
N LYS H 106 51.33 -23.97 21.94
CA LYS H 106 52.55 -24.13 22.73
C LYS H 106 53.56 -25.00 22.02
N LYS H 107 53.11 -26.14 21.48
CA LYS H 107 54.01 -27.00 20.72
C LYS H 107 54.64 -26.25 19.56
N MET H 108 53.87 -25.40 18.89
CA MET H 108 54.40 -24.61 17.78
C MET H 108 55.53 -23.71 18.24
N ASN H 109 55.33 -23.02 19.37
CA ASN H 109 56.32 -22.08 19.85
C ASN H 109 57.56 -22.78 20.41
N HIS H 110 57.43 -24.04 20.83
CA HIS H 110 58.57 -24.79 21.31
C HIS H 110 59.46 -25.29 20.18
N ASP H 111 58.88 -25.57 19.02
CA ASP H 111 59.64 -26.03 17.87
C ASP H 111 60.31 -24.87 17.14
N VAL H 112 59.75 -23.66 17.23
CA VAL H 112 60.35 -22.51 16.59
C VAL H 112 61.68 -22.16 17.26
N GLU H 113 61.69 -22.16 18.59
CA GLU H 113 62.92 -21.83 19.33
C GLU H 113 64.02 -22.82 19.03
N GLU H 114 63.72 -24.12 19.10
CA GLU H 114 64.73 -25.13 18.84
C GLU H 114 65.25 -25.07 17.41
N ASP H 115 64.39 -24.69 16.47
CA ASP H 115 64.81 -24.59 15.07
C ASP H 115 65.71 -23.39 14.83
N ILE H 116 65.62 -22.35 15.66
CA ILE H 116 66.48 -21.18 15.50
C ILE H 116 67.88 -21.48 15.98
N ARG H 117 68.02 -22.34 17.00
CA ARG H 117 69.33 -22.62 17.55
C ARG H 117 70.07 -23.70 16.77
N ASP H 118 69.34 -24.57 16.08
CA ASP H 118 69.96 -25.57 15.23
C ASP H 118 70.47 -25.00 13.91
N HIS H 119 70.23 -23.72 13.65
CA HIS H 119 70.65 -23.07 12.42
C HIS H 119 71.57 -21.88 12.61
N TYR H 120 71.46 -21.18 13.74
CA TYR H 120 72.20 -19.95 13.97
C TYR H 120 73.15 -20.00 15.16
N TRP H 121 72.92 -20.86 16.14
CA TRP H 121 73.76 -20.92 17.32
C TRP H 121 74.90 -21.91 17.12
N TYR H 122 76.04 -21.59 17.73
CA TYR H 122 77.23 -22.44 17.67
C TYR H 122 77.57 -23.00 19.03
N ILE I 33 -8.79 48.10 -36.68
CA ILE I 33 -7.78 47.07 -36.48
C ILE I 33 -8.34 45.93 -35.64
N ARG I 34 -8.33 44.72 -36.19
CA ARG I 34 -8.82 43.56 -35.48
C ARG I 34 -7.73 42.83 -34.71
N PHE I 35 -6.50 42.84 -35.21
CA PHE I 35 -5.40 42.15 -34.54
C PHE I 35 -5.19 42.70 -33.15
N GLY I 36 -5.18 41.82 -32.15
CA GLY I 36 -4.87 42.17 -30.78
C GLY I 36 -5.92 42.98 -30.07
N ASN I 37 -7.10 43.16 -30.66
CA ASN I 37 -8.11 44.06 -30.13
C ASN I 37 -9.28 43.26 -29.59
N PRO I 38 -9.58 43.32 -28.29
CA PRO I 38 -10.69 42.54 -27.76
C PRO I 38 -12.05 43.04 -28.19
N TRP I 39 -12.14 44.22 -28.82
CA TRP I 39 -13.40 44.75 -29.32
C TRP I 39 -13.69 44.37 -30.76
N ARG I 40 -12.74 43.75 -31.49
CA ARG I 40 -12.94 43.51 -32.91
C ARG I 40 -12.28 42.24 -33.46
N ASP I 41 -11.50 41.52 -32.65
CA ASP I 41 -10.61 40.50 -33.20
C ASP I 41 -11.39 39.41 -33.93
N ASP I 42 -10.93 39.08 -35.14
CA ASP I 42 -11.43 37.96 -35.92
C ASP I 42 -10.42 37.65 -37.01
N TYR I 43 -10.43 36.40 -37.48
CA TYR I 43 -9.54 36.02 -38.58
C TYR I 43 -9.95 36.78 -39.84
N PRO I 44 -8.98 37.29 -40.62
CA PRO I 44 -9.31 37.79 -41.95
C PRO I 44 -9.82 36.67 -42.84
N GLU I 45 -10.34 37.06 -44.00
CA GLU I 45 -10.97 36.09 -44.89
C GLU I 45 -9.95 35.16 -45.54
N TRP I 46 -8.71 35.61 -45.69
CA TRP I 46 -7.71 34.76 -46.35
C TRP I 46 -7.20 33.66 -45.44
N ILE I 47 -7.40 33.78 -44.13
CA ILE I 47 -7.06 32.68 -43.22
C ILE I 47 -8.18 31.65 -43.18
N TRP I 48 -9.44 32.10 -43.16
CA TRP I 48 -10.55 31.16 -43.23
C TRP I 48 -10.48 30.33 -44.50
N LYS I 49 -9.96 30.89 -45.59
CA LYS I 49 -9.85 30.13 -46.83
C LYS I 49 -8.77 29.06 -46.74
N SER I 50 -7.62 29.40 -46.15
CA SER I 50 -6.55 28.41 -46.01
C SER I 50 -7.02 27.19 -45.23
N LEU I 51 -7.93 27.38 -44.28
CA LEU I 51 -8.45 26.25 -43.52
C LEU I 51 -9.41 25.39 -44.33
N ARG I 52 -9.92 25.90 -45.45
CA ARG I 52 -10.84 25.14 -46.29
C ARG I 52 -10.14 24.37 -47.41
N VAL I 53 -8.87 24.67 -47.67
CA VAL I 53 -8.15 23.94 -48.71
C VAL I 53 -8.14 22.44 -48.39
N SER I 54 -8.06 21.63 -49.44
CA SER I 54 -8.11 20.18 -49.29
C SER I 54 -7.10 19.52 -50.21
N ARG I 55 -6.32 18.59 -49.67
CA ARG I 55 -5.39 17.76 -50.41
C ARG I 55 -5.65 16.29 -50.14
N LYS I 56 -6.93 15.93 -49.99
CA LYS I 56 -7.30 14.54 -49.73
C LYS I 56 -6.87 13.66 -50.90
N ASP I 57 -6.31 12.49 -50.57
CA ASP I 57 -5.92 11.48 -51.55
C ASP I 57 -4.76 11.94 -52.43
N LYS I 58 -3.90 12.82 -51.93
CA LYS I 58 -2.69 13.24 -52.62
C LYS I 58 -1.48 12.95 -51.75
N ASP I 59 -0.38 12.55 -52.40
CA ASP I 59 0.86 12.24 -51.68
C ASP I 59 2.02 12.42 -52.66
N MET I 60 2.67 13.57 -52.59
CA MET I 60 3.77 13.88 -53.50
C MET I 60 5.06 13.14 -53.17
N PHE I 61 5.20 12.62 -51.94
CA PHE I 61 6.40 11.93 -51.51
C PHE I 61 6.28 10.42 -51.65
N ALA I 62 5.19 9.92 -52.21
CA ALA I 62 5.00 8.47 -52.33
C ALA I 62 6.16 7.77 -53.03
N PRO I 63 6.75 8.29 -54.10
CA PRO I 63 7.88 7.59 -54.73
C PRO I 63 9.05 7.36 -53.79
N PHE I 64 9.16 8.14 -52.72
CA PHE I 64 10.23 7.92 -51.75
C PHE I 64 9.91 6.75 -50.82
N PHE I 65 8.65 6.61 -50.42
CA PHE I 65 8.28 5.51 -49.55
C PHE I 65 8.35 4.17 -50.28
N LYS I 66 8.12 4.17 -51.60
CA LYS I 66 8.20 2.94 -52.36
C LYS I 66 9.63 2.42 -52.44
N LEU I 67 10.59 3.32 -52.63
CA LEU I 67 12.00 2.92 -52.71
C LEU I 67 12.46 2.30 -51.38
N LEU I 68 12.17 2.97 -50.27
CA LEU I 68 12.55 2.45 -48.96
C LEU I 68 11.97 1.06 -48.73
N ASN I 69 10.71 0.85 -49.09
CA ASN I 69 10.06 -0.42 -48.85
C ASN I 69 10.59 -1.54 -49.74
N ALA I 70 11.23 -1.18 -50.85
CA ALA I 70 11.76 -2.18 -51.77
C ALA I 70 13.14 -2.70 -51.36
N THR I 71 13.77 -2.11 -50.35
CA THR I 71 15.06 -2.59 -49.89
C THR I 71 14.95 -3.73 -48.88
N LYS I 72 13.76 -3.95 -48.32
CA LYS I 72 13.51 -5.00 -47.34
C LYS I 72 14.28 -4.79 -46.05
N LEU I 73 14.69 -3.55 -45.77
CA LEU I 73 15.34 -3.24 -44.50
C LEU I 73 14.45 -3.56 -43.31
N TYR I 74 13.14 -3.41 -43.47
CA TYR I 74 12.21 -3.71 -42.38
C TYR I 74 12.16 -5.20 -42.09
N GLU I 75 12.08 -6.03 -43.12
CA GLU I 75 11.92 -7.47 -42.93
C GLU I 75 13.17 -8.10 -42.34
N TYR I 76 14.35 -7.55 -42.64
CA TYR I 76 15.61 -8.19 -42.27
C TYR I 76 16.32 -7.55 -41.09
N CYS I 77 15.94 -6.33 -40.68
CA CYS I 77 16.74 -5.60 -39.70
C CYS I 77 15.94 -4.84 -38.66
N LEU I 78 14.66 -4.54 -38.86
CA LEU I 78 13.91 -3.70 -37.94
C LEU I 78 12.67 -4.35 -37.35
N LYS I 79 12.17 -5.46 -37.93
CA LYS I 79 10.96 -6.08 -37.40
C LYS I 79 11.23 -6.83 -36.09
N ASP I 80 12.43 -7.36 -35.90
CA ASP I 80 12.82 -8.07 -34.70
C ASP I 80 13.68 -7.17 -33.82
N ASN I 81 13.31 -7.04 -32.55
CA ASN I 81 14.00 -6.09 -31.68
C ASN I 81 15.45 -6.50 -31.42
N ARG I 82 15.73 -7.80 -31.35
CA ARG I 82 17.12 -8.24 -31.22
C ARG I 82 17.96 -7.75 -32.39
N ARG I 83 17.43 -7.88 -33.62
CA ARG I 83 18.16 -7.41 -34.78
C ARG I 83 18.15 -5.88 -34.88
N TYR I 84 17.03 -5.26 -34.50
CA TYR I 84 16.94 -3.80 -34.44
C TYR I 84 18.09 -3.22 -33.61
N CYS I 85 18.38 -3.85 -32.47
CA CYS I 85 19.46 -3.35 -31.62
C CYS I 85 20.84 -3.66 -32.20
N MET I 86 20.98 -4.78 -32.92
CA MET I 86 22.22 -5.01 -33.67
C MET I 86 22.43 -3.89 -34.69
N PHE I 87 21.36 -3.48 -35.36
CA PHE I 87 21.44 -2.41 -36.35
C PHE I 87 21.85 -1.09 -35.71
N VAL I 88 21.30 -0.80 -34.53
CA VAL I 88 21.62 0.46 -33.84
C VAL I 88 23.10 0.52 -33.50
N MET I 89 23.60 -0.50 -32.80
CA MET I 89 24.99 -0.47 -32.34
C MET I 89 25.97 -0.52 -33.51
N GLY I 90 25.67 -1.32 -34.53
CA GLY I 90 26.58 -1.45 -35.64
C GLY I 90 26.64 -0.21 -36.51
N VAL I 91 25.47 0.31 -36.91
CA VAL I 91 25.43 1.50 -37.75
C VAL I 91 26.01 2.70 -37.01
N GLY I 92 25.74 2.79 -35.70
CA GLY I 92 26.28 3.90 -34.93
C GLY I 92 27.80 3.86 -34.84
N LEU I 93 28.37 2.66 -34.75
CA LEU I 93 29.82 2.53 -34.70
C LEU I 93 30.47 3.04 -35.98
N VAL I 94 29.91 2.68 -37.13
CA VAL I 94 30.52 3.05 -38.41
C VAL I 94 30.23 4.51 -38.73
N SER I 95 29.00 4.97 -38.47
CA SER I 95 28.64 6.34 -38.81
C SER I 95 29.45 7.36 -38.00
N SER I 96 29.61 7.10 -36.70
CA SER I 96 30.39 8.01 -35.87
C SER I 96 31.81 8.17 -36.38
N TRP I 97 32.39 7.11 -36.93
CA TRP I 97 33.76 7.19 -37.42
C TRP I 97 33.84 8.01 -38.70
N MET I 98 32.89 7.82 -39.62
CA MET I 98 32.89 8.59 -40.86
C MET I 98 32.59 10.06 -40.59
N TRP I 99 31.75 10.35 -39.59
CA TRP I 99 31.41 11.72 -39.26
C TRP I 99 32.64 12.49 -38.78
N SER I 100 33.46 11.88 -37.93
CA SER I 100 34.66 12.54 -37.43
C SER I 100 35.67 12.76 -38.55
N GLU I 101 35.87 11.76 -39.40
CA GLU I 101 36.84 11.88 -40.49
C GLU I 101 36.45 13.02 -41.43
N TRP I 102 35.17 13.13 -41.76
CA TRP I 102 34.72 14.17 -42.67
C TRP I 102 34.94 15.56 -42.06
N TRP I 103 34.55 15.74 -40.79
CA TRP I 103 34.71 17.05 -40.15
C TRP I 103 36.18 17.44 -40.05
N ASN I 104 37.08 16.47 -39.89
CA ASN I 104 38.50 16.80 -39.83
C ASN I 104 39.00 17.32 -41.17
N SER I 105 38.47 16.79 -42.27
CA SER I 105 38.88 17.27 -43.59
C SER I 105 38.39 18.69 -43.84
N VAL I 106 37.15 18.98 -43.47
CA VAL I 106 36.64 20.35 -43.58
C VAL I 106 37.50 21.30 -42.77
N TRP I 107 37.82 20.91 -41.53
CA TRP I 107 38.64 21.72 -40.65
C TRP I 107 39.99 22.04 -41.29
N ARG I 108 40.62 21.06 -41.93
CA ARG I 108 41.92 21.28 -42.54
C ARG I 108 41.83 22.17 -43.78
N ARG I 109 40.71 22.10 -44.50
CA ARG I 109 40.58 22.90 -45.72
C ARG I 109 40.33 24.36 -45.39
N ILE I 110 39.41 24.64 -44.47
CA ILE I 110 39.14 26.01 -44.07
C ILE I 110 40.38 26.68 -43.50
N ASN I 111 41.23 25.90 -42.82
CA ASN I 111 42.38 26.44 -42.09
C ASN I 111 43.70 26.14 -42.78
N LYS I 112 43.67 26.01 -44.10
CA LYS I 112 44.90 25.77 -44.85
C LYS I 112 45.87 26.93 -44.69
N GLY I 113 47.10 26.62 -44.33
CA GLY I 113 48.13 27.63 -44.15
C GLY I 113 48.28 28.16 -42.74
N LYS I 114 47.36 27.84 -41.83
CA LYS I 114 47.43 28.31 -40.45
C LYS I 114 47.77 27.22 -39.45
N LEU I 115 47.66 25.95 -39.81
CA LEU I 115 47.93 24.86 -38.87
C LEU I 115 49.42 24.53 -38.87
N TYR I 116 49.85 23.87 -37.79
CA TYR I 116 51.27 23.61 -37.57
C TYR I 116 51.88 22.81 -38.72
N ASN I 117 51.19 21.77 -39.19
CA ASN I 117 51.77 20.90 -40.21
C ASN I 117 51.86 21.56 -41.57
N ASP I 118 51.33 22.78 -41.74
CA ASP I 118 51.28 23.43 -43.04
C ASP I 118 52.43 24.40 -43.27
N VAL I 119 53.18 24.75 -42.24
CA VAL I 119 54.26 25.73 -42.36
C VAL I 119 55.53 25.17 -41.72
N PRO I 120 56.33 24.41 -42.45
CA PRO I 120 57.56 23.85 -41.86
C PRO I 120 58.47 24.95 -41.33
N TYR I 121 59.03 24.70 -40.15
CA TYR I 121 59.93 25.66 -39.51
C TYR I 121 61.33 25.51 -40.10
N VAL I 122 61.95 26.65 -40.43
CA VAL I 122 63.29 26.69 -41.00
C VAL I 122 64.25 27.16 -39.93
N TYR I 123 65.32 26.38 -39.73
CA TYR I 123 66.32 26.72 -38.74
C TYR I 123 67.29 27.78 -39.28
N PRO I 124 67.84 28.63 -38.41
CA PRO I 124 68.80 29.65 -38.85
C PRO I 124 70.12 29.04 -39.32
N SER J 2 -43.70 27.02 17.15
CA SER J 2 -43.90 28.47 17.18
C SER J 2 -42.68 29.21 16.63
N ARG J 3 -42.93 30.38 16.04
CA ARG J 3 -41.83 31.15 15.47
C ARG J 3 -40.85 31.61 16.54
N ALA J 4 -41.34 31.89 17.75
CA ALA J 4 -40.44 32.27 18.84
C ALA J 4 -39.47 31.14 19.18
N VAL J 5 -39.96 29.92 19.28
CA VAL J 5 -39.08 28.78 19.56
C VAL J 5 -38.06 28.62 18.45
N TYR J 6 -38.50 28.65 17.20
CA TYR J 6 -37.58 28.47 16.09
C TYR J 6 -36.49 29.54 16.09
N ALA J 7 -36.82 30.75 16.54
CA ALA J 7 -35.83 31.83 16.56
C ALA J 7 -34.74 31.56 17.58
N LYS J 8 -35.10 31.03 18.75
CA LYS J 8 -34.10 30.76 19.78
C LYS J 8 -33.18 29.62 19.37
N LEU J 9 -33.72 28.61 18.69
CA LEU J 9 -32.88 27.53 18.19
C LEU J 9 -31.91 28.03 17.13
N TRP J 10 -32.38 28.90 16.22
CA TRP J 10 -31.50 29.46 15.21
C TRP J 10 -30.33 30.22 15.85
N ALA J 11 -30.62 31.02 16.88
CA ALA J 11 -29.62 31.89 17.50
C ALA J 11 -28.64 31.15 18.41
N SER J 12 -28.94 29.90 18.76
CA SER J 12 -28.09 29.16 19.70
C SER J 12 -26.64 29.11 19.24
N THR J 13 -26.39 29.15 17.94
CA THR J 13 -25.04 29.03 17.38
C THR J 13 -24.58 30.33 16.73
N ALA J 14 -25.04 31.47 17.23
CA ALA J 14 -24.68 32.75 16.63
C ALA J 14 -23.23 33.13 16.93
N GLN J 15 -22.70 32.75 18.08
CA GLN J 15 -21.37 33.15 18.52
C GLN J 15 -20.30 32.10 18.20
N TYR J 16 -20.32 31.57 16.98
CA TYR J 16 -19.31 30.61 16.55
C TYR J 16 -17.90 31.17 16.73
N THR J 17 -17.67 32.39 16.25
CA THR J 17 -16.32 32.95 16.25
C THR J 17 -15.79 33.10 17.67
N GLN J 18 -16.65 33.50 18.61
CA GLN J 18 -16.21 33.67 19.99
C GLN J 18 -15.86 32.33 20.63
N ARG J 19 -16.64 31.29 20.33
CA ARG J 19 -16.37 29.98 20.90
C ARG J 19 -15.08 29.39 20.37
N ARG J 20 -14.74 29.66 19.10
CA ARG J 20 -13.44 29.23 18.59
C ARG J 20 -12.30 29.94 19.32
N HIS J 21 -12.51 31.20 19.70
CA HIS J 21 -11.49 31.91 20.46
C HIS J 21 -11.31 31.31 21.84
N TYR J 22 -12.41 30.86 22.46
CA TYR J 22 -12.32 30.18 23.75
C TYR J 22 -11.60 28.85 23.60
N ALA J 23 -11.73 28.20 22.44
CA ALA J 23 -10.95 26.98 22.19
C ALA J 23 -9.46 27.28 22.12
N TRP J 24 -9.10 28.38 21.45
CA TRP J 24 -7.70 28.79 21.38
C TRP J 24 -7.08 28.89 22.78
N TYR J 25 -7.76 29.57 23.69
CA TYR J 25 -7.26 29.73 25.04
C TYR J 25 -7.03 28.39 25.72
N GLN J 26 -8.02 27.49 25.66
CA GLN J 26 -7.91 26.21 26.34
C GLN J 26 -6.70 25.42 25.85
N ILE J 27 -6.49 25.35 24.53
CA ILE J 27 -5.40 24.53 24.00
C ILE J 27 -4.06 25.18 24.30
N TRP J 28 -3.94 26.50 24.11
CA TRP J 28 -2.67 27.17 24.35
C TRP J 28 -2.26 27.13 25.81
N SER J 29 -3.21 27.00 26.73
CA SER J 29 -2.88 26.87 28.14
C SER J 29 -2.26 25.51 28.45
N ARG J 30 -2.64 24.47 27.70
CA ARG J 30 -2.05 23.15 27.90
C ARG J 30 -0.69 23.04 27.23
N VAL J 31 -0.44 23.81 26.19
CA VAL J 31 0.79 23.66 25.40
C VAL J 31 1.92 24.54 25.92
N ILE J 32 1.62 25.71 26.47
CA ILE J 32 2.64 26.72 26.75
C ILE J 32 3.66 26.24 27.78
N PRO J 33 3.34 25.34 28.71
CA PRO J 33 4.37 24.91 29.67
C PRO J 33 5.55 24.18 29.03
N TRP J 34 5.40 23.65 27.82
CA TRP J 34 6.52 23.01 27.15
C TRP J 34 7.66 23.97 26.84
N SER J 35 7.45 25.27 27.03
CA SER J 35 8.51 26.24 26.76
C SER J 35 9.60 26.22 27.82
N VAL J 36 9.32 25.65 29.00
CA VAL J 36 10.27 25.64 30.11
C VAL J 36 11.34 24.58 29.87
N PRO J 37 10.97 23.31 29.61
CA PRO J 37 12.01 22.32 29.25
C PRO J 37 12.88 22.77 28.09
N TRP J 38 12.26 23.23 26.99
CA TRP J 38 13.02 23.64 25.83
C TRP J 38 13.86 24.88 26.12
N GLY J 39 13.42 25.71 27.07
CA GLY J 39 14.15 26.89 27.43
C GLY J 39 15.39 26.59 28.29
N ILE J 40 15.26 25.62 29.19
CA ILE J 40 16.40 25.24 30.01
C ILE J 40 17.52 24.68 29.14
N PHE J 41 17.16 23.84 28.16
CA PHE J 41 18.18 23.23 27.32
C PHE J 41 18.89 24.26 26.46
N ALA J 42 18.16 25.28 26.00
CA ALA J 42 18.77 26.32 25.16
C ALA J 42 19.84 27.08 25.94
N MET J 43 19.50 27.57 27.14
CA MET J 43 20.48 28.27 27.95
C MET J 43 21.63 27.33 28.32
N TRP J 44 21.30 26.08 28.62
CA TRP J 44 22.33 25.08 28.93
C TRP J 44 23.34 24.93 27.79
N MET J 45 22.91 25.13 26.55
CA MET J 45 23.80 24.95 25.41
C MET J 45 24.66 26.18 25.15
N VAL J 46 24.11 27.39 25.32
CA VAL J 46 24.85 28.61 25.01
C VAL J 46 25.61 29.16 26.21
N PHE J 47 25.47 28.54 27.38
CA PHE J 47 26.17 29.02 28.57
C PHE J 47 27.68 29.07 28.38
N PRO J 48 28.34 28.06 27.82
CA PRO J 48 29.81 28.11 27.75
C PRO J 48 30.36 29.07 26.71
N ALA J 49 29.53 29.61 25.82
CA ALA J 49 29.98 30.57 24.82
C ALA J 49 29.92 32.01 25.31
N MET J 50 29.42 32.25 26.51
CA MET J 50 29.32 33.60 27.05
C MET J 50 30.53 33.94 27.89
N PRO J 51 30.78 35.23 28.12
CA PRO J 51 31.95 35.62 28.92
C PRO J 51 31.88 35.08 30.34
N VAL J 52 33.06 35.02 30.97
CA VAL J 52 33.15 34.54 32.35
C VAL J 52 32.34 35.43 33.28
N GLU J 53 32.39 36.74 33.06
CA GLU J 53 31.71 37.66 33.96
C GLU J 53 30.20 37.44 33.96
N TYR J 54 29.64 37.12 32.79
CA TYR J 54 28.20 36.88 32.72
C TYR J 54 27.82 35.53 33.31
N ARG J 55 28.70 34.53 33.18
CA ARG J 55 28.39 33.21 33.70
C ARG J 55 28.27 33.22 35.23
N GLN J 56 29.01 34.10 35.90
CA GLN J 56 28.93 34.20 37.35
C GLN J 56 27.71 34.99 37.83
N ALA J 57 27.04 35.71 36.94
CA ALA J 57 25.89 36.52 37.33
C ALA J 57 24.59 35.71 37.31
N LEU J 58 24.38 34.92 36.26
CA LEU J 58 23.18 34.10 36.15
C LEU J 58 23.09 33.03 37.24
N THR J 59 24.18 32.75 37.94
CA THR J 59 24.22 31.69 38.94
C THR J 59 24.41 32.23 40.35
N PHE J 60 24.51 33.54 40.52
CA PHE J 60 24.65 34.16 41.84
C PHE J 60 25.98 33.75 42.50
N GLY J 61 27.05 33.81 41.72
CA GLY J 61 28.38 33.51 42.24
C GLY J 61 28.65 32.05 42.51
N ILE J 62 27.73 31.15 42.18
CA ILE J 62 27.95 29.73 42.43
C ILE J 62 29.00 29.19 41.46
N TRP J 63 28.80 29.44 40.16
CA TRP J 63 29.72 28.92 39.16
C TRP J 63 31.08 29.62 39.27
N GLN J 64 32.14 28.84 39.06
CA GLN J 64 33.50 29.35 39.05
C GLN J 64 34.30 28.58 38.00
N LYS J 65 35.46 29.12 37.65
CA LYS J 65 36.31 28.47 36.67
C LYS J 65 36.75 27.10 37.17
N PRO J 66 36.96 26.14 36.27
CA PRO J 66 37.46 24.83 36.71
C PRO J 66 38.87 24.92 37.27
N ASN J 67 39.14 24.11 38.29
CA ASN J 67 40.46 24.00 38.90
C ASN J 67 41.00 22.60 38.60
N ILE J 68 41.81 22.51 37.54
CA ILE J 68 42.38 21.24 37.09
C ILE J 68 43.88 21.18 37.29
N GLY J 69 44.49 22.23 37.84
CA GLY J 69 45.91 22.20 38.17
C GLY J 69 46.84 22.72 37.11
N THR J 70 46.38 23.55 36.18
CA THR J 70 47.24 24.11 35.14
C THR J 70 46.99 25.61 35.02
N HIS J 71 47.95 26.27 34.36
CA HIS J 71 47.87 27.71 34.04
C HIS J 71 47.71 28.55 35.30
N GLY J 72 48.69 28.42 36.20
CA GLY J 72 48.70 29.18 37.42
C GLY J 72 49.50 30.47 37.28
N PRO J 73 49.44 31.32 38.31
CA PRO J 73 50.14 32.60 38.23
C PRO J 73 51.64 32.43 38.04
N ASP J 74 52.25 33.40 37.34
CA ASP J 74 53.68 33.43 37.08
C ASP J 74 54.40 34.09 38.24
N PRO J 75 55.47 33.48 38.79
CA PRO J 75 56.20 34.10 39.90
C PRO J 75 56.75 35.48 39.55
N LYS K 65 9.76 -57.35 28.22
CA LYS K 65 8.97 -58.28 27.42
C LYS K 65 9.10 -57.97 25.93
N LEU K 66 8.79 -56.72 25.57
CA LEU K 66 8.98 -56.22 24.22
C LEU K 66 10.17 -55.28 24.17
N GLU K 67 10.84 -55.27 23.01
CA GLU K 67 11.99 -54.40 22.84
C GLU K 67 11.55 -52.95 22.69
N GLY K 68 12.33 -52.04 23.28
CA GLY K 68 12.11 -50.63 23.10
C GLY K 68 11.10 -50.03 24.05
N SER K 69 10.25 -49.15 23.53
CA SER K 69 9.31 -48.36 24.33
C SER K 69 7.86 -48.82 24.15
N LEU K 70 7.64 -50.06 23.76
CA LEU K 70 6.31 -50.56 23.47
C LEU K 70 5.78 -51.39 24.64
N LEU K 71 4.46 -51.43 24.75
CA LEU K 71 3.72 -52.25 25.70
C LEU K 71 2.74 -53.16 24.95
N PRO K 72 2.31 -54.25 25.56
CA PRO K 72 1.33 -55.13 24.90
C PRO K 72 0.08 -54.36 24.51
N PRO K 73 -0.33 -54.42 23.25
CA PRO K 73 -1.50 -53.66 22.82
C PRO K 73 -2.78 -54.30 23.28
N PRO K 74 -3.79 -53.52 23.67
CA PRO K 74 -5.10 -54.11 23.97
C PRO K 74 -5.77 -54.62 22.70
N HIS K 75 -6.60 -55.63 22.87
CA HIS K 75 -7.37 -56.19 21.76
C HIS K 75 -8.63 -55.36 21.57
N ILE K 76 -8.72 -54.68 20.42
CA ILE K 76 -9.89 -53.85 20.09
C ILE K 76 -10.36 -54.23 18.69
N PRO K 77 -11.55 -54.81 18.55
CA PRO K 77 -12.02 -55.18 17.20
C PRO K 77 -12.02 -54.00 16.26
N GLY K 78 -11.42 -54.21 15.08
CA GLY K 78 -11.31 -53.19 14.07
C GLY K 78 -9.90 -52.65 13.88
N ILE K 79 -9.01 -52.87 14.84
CA ILE K 79 -7.64 -52.39 14.77
C ILE K 79 -6.74 -53.59 14.50
N ARG K 80 -6.20 -53.65 13.28
CA ARG K 80 -5.16 -54.63 12.94
C ARG K 80 -3.83 -54.17 13.53
N ARG K 81 -3.11 -55.10 14.16
CA ARG K 81 -1.89 -54.79 14.89
C ARG K 81 -0.67 -55.31 14.14
N ALA K 82 0.35 -54.47 14.03
CA ALA K 82 1.61 -54.89 13.44
C ALA K 82 2.38 -55.79 14.40
N PRO K 83 3.24 -56.67 13.89
CA PRO K 83 4.08 -57.49 14.77
C PRO K 83 5.12 -56.64 15.49
N ARG K 84 5.39 -57.02 16.74
CA ARG K 84 6.30 -56.29 17.61
C ARG K 84 7.45 -57.17 18.04
N GLU K 85 8.66 -56.61 18.01
CA GLU K 85 9.85 -57.37 18.34
C GLU K 85 9.88 -57.71 19.83
N PRO K 86 10.31 -58.92 20.19
CA PRO K 86 10.52 -59.24 21.60
C PRO K 86 11.84 -58.73 22.13
N ALA K 87 11.93 -58.65 23.44
CA ALA K 87 13.14 -58.14 24.10
C ALA K 87 14.32 -59.07 23.84
N SER K 88 15.50 -58.48 23.76
CA SER K 88 16.74 -59.22 23.52
C SER K 88 17.69 -59.06 24.70
N PRO K 89 18.77 -59.86 24.76
CA PRO K 89 19.71 -59.74 25.89
C PRO K 89 20.54 -58.47 25.81
N LYS K 90 21.02 -58.06 26.98
CA LYS K 90 21.88 -56.90 27.11
C LYS K 90 23.35 -57.30 27.07
N MET K 91 24.22 -56.29 26.94
CA MET K 91 25.66 -56.46 26.96
C MET K 91 26.25 -55.64 28.10
N ALA K 92 27.53 -55.89 28.37
CA ALA K 92 28.23 -55.19 29.45
C ALA K 92 28.63 -53.80 29.02
N GLY K 93 28.51 -52.85 29.94
CA GLY K 93 29.01 -51.51 29.74
C GLY K 93 27.99 -50.38 29.68
N MET K 94 26.74 -50.62 30.10
CA MET K 94 25.69 -49.61 30.02
C MET K 94 25.11 -49.23 31.37
N GLU K 95 25.69 -49.70 32.46
CA GLU K 95 25.16 -49.40 33.79
C GLU K 95 25.27 -47.91 34.08
N GLY K 96 24.18 -47.34 34.59
CA GLY K 96 24.15 -45.94 34.98
C GLY K 96 23.95 -44.94 33.86
N ARG K 97 23.78 -45.39 32.63
CA ARG K 97 23.65 -44.51 31.47
C ARG K 97 22.24 -44.57 30.91
N MET K 98 21.85 -43.51 30.23
CA MET K 98 20.54 -43.45 29.57
C MET K 98 20.50 -44.49 28.45
N PRO K 99 19.48 -45.36 28.42
CA PRO K 99 19.54 -46.51 27.50
C PRO K 99 19.34 -46.13 26.04
N VAL K 100 20.12 -46.79 25.19
CA VAL K 100 19.99 -46.72 23.73
C VAL K 100 20.11 -48.14 23.21
N ARG K 101 19.25 -48.50 22.25
CA ARG K 101 19.13 -49.91 21.88
C ARG K 101 20.34 -50.37 21.07
N LEU K 102 20.55 -51.67 21.07
CA LEU K 102 21.55 -52.36 20.29
C LEU K 102 20.98 -52.76 18.93
N PRO K 103 21.83 -53.09 17.96
CA PRO K 103 21.33 -53.57 16.67
C PRO K 103 20.56 -54.86 16.83
N PRO K 104 19.67 -55.19 15.90
CA PRO K 104 18.87 -56.41 16.04
C PRO K 104 19.73 -57.67 16.09
N GLU K 105 19.11 -58.75 16.54
CA GLU K 105 19.80 -60.03 16.69
C GLU K 105 20.44 -60.47 15.37
N GLY K 106 19.62 -60.71 14.35
CA GLY K 106 20.14 -61.11 13.06
C GLY K 106 20.66 -59.92 12.27
N SER K 107 21.90 -59.54 12.52
CA SER K 107 22.49 -58.38 11.88
C SER K 107 24.00 -58.41 12.09
N ARG K 108 24.74 -57.99 11.06
CA ARG K 108 26.19 -57.93 11.17
C ARG K 108 26.63 -56.85 12.16
N PHE K 109 25.85 -55.77 12.27
CA PHE K 109 26.21 -54.70 13.20
C PHE K 109 26.26 -55.21 14.64
N ARG K 110 25.34 -56.11 15.00
CA ARG K 110 25.34 -56.62 16.37
C ARG K 110 26.59 -57.44 16.66
N GLN K 111 27.15 -58.10 15.64
CA GLN K 111 28.33 -58.91 15.83
C GLN K 111 29.57 -58.07 16.14
N TYR K 112 29.52 -56.76 15.85
CA TYR K 112 30.68 -55.89 16.00
C TYR K 112 30.53 -54.81 17.06
N VAL K 113 29.32 -54.51 17.52
CA VAL K 113 29.12 -53.42 18.47
C VAL K 113 29.65 -53.82 19.84
N ASP K 114 30.16 -52.83 20.57
CA ASP K 114 30.59 -53.00 21.96
C ASP K 114 30.39 -51.70 22.73
N PRO K 115 29.39 -51.61 23.60
CA PRO K 115 29.12 -50.34 24.29
C PRO K 115 30.29 -49.81 25.10
N ARG K 116 31.28 -50.64 25.43
CA ARG K 116 32.41 -50.16 26.22
C ARG K 116 33.27 -49.16 25.46
N ALA K 117 33.21 -49.16 24.13
CA ALA K 117 33.98 -48.21 23.34
C ALA K 117 33.41 -46.80 23.37
N ASP K 118 32.17 -46.61 23.85
CA ASP K 118 31.61 -45.27 23.93
C ASP K 118 32.47 -44.37 24.82
N VAL K 119 33.07 -44.93 25.87
CA VAL K 119 33.78 -44.12 26.84
C VAL K 119 35.04 -43.50 26.24
N TYR K 120 35.69 -44.20 25.31
CA TYR K 120 36.93 -43.72 24.71
C TYR K 120 36.71 -42.85 23.48
N PHE K 121 35.46 -42.69 23.03
CA PHE K 121 35.22 -42.00 21.77
C PHE K 121 35.73 -40.56 21.74
N PRO K 122 35.66 -39.79 22.83
CA PRO K 122 36.14 -38.40 22.75
C PRO K 122 37.58 -38.27 22.29
N LEU K 123 38.41 -39.28 22.53
CA LEU K 123 39.79 -39.29 22.06
C LEU K 123 39.91 -39.86 20.66
N THR K 124 39.22 -40.98 20.40
CA THR K 124 39.27 -41.59 19.08
C THR K 124 38.91 -40.59 17.98
N ALA K 125 37.94 -39.72 18.26
CA ALA K 125 37.49 -38.76 17.25
C ALA K 125 38.59 -37.76 16.91
N VAL K 126 39.35 -37.32 17.92
CA VAL K 126 40.43 -36.39 17.68
C VAL K 126 41.55 -37.04 16.87
N LEU K 127 41.76 -38.35 17.05
CA LEU K 127 42.90 -39.00 16.43
C LEU K 127 42.67 -39.32 14.96
N VAL K 128 41.44 -39.72 14.59
CA VAL K 128 41.19 -40.12 13.22
C VAL K 128 41.20 -38.90 12.29
N THR K 129 40.81 -37.73 12.80
CA THR K 129 40.74 -36.52 11.99
C THR K 129 42.06 -35.74 12.03
N LEU K 130 42.43 -35.25 13.20
CA LEU K 130 43.61 -34.41 13.35
C LEU K 130 44.91 -35.20 13.29
N GLY K 131 44.87 -36.50 13.51
CA GLY K 131 46.06 -37.32 13.54
C GLY K 131 46.74 -37.38 12.18
N PRO K 132 46.04 -37.92 11.18
CA PRO K 132 46.63 -37.98 9.83
C PRO K 132 47.08 -36.62 9.32
N LEU K 133 46.29 -35.58 9.58
CA LEU K 133 46.66 -34.24 9.11
C LEU K 133 47.96 -33.77 9.75
N TYR K 134 48.16 -34.08 11.03
CA TYR K 134 49.36 -33.63 11.72
C TYR K 134 50.59 -34.36 11.20
N MET K 135 50.48 -35.67 10.95
CA MET K 135 51.62 -36.42 10.45
C MET K 135 51.92 -36.07 9.00
N PHE K 136 50.88 -35.92 8.18
CA PHE K 136 51.08 -35.51 6.79
C PHE K 136 51.72 -34.14 6.71
N SER K 137 51.35 -33.24 7.63
CA SER K 137 51.89 -31.88 7.62
C SER K 137 53.33 -31.86 8.11
N LYS K 138 53.66 -32.70 9.08
CA LYS K 138 55.01 -32.74 9.65
C LYS K 138 56.01 -33.45 8.74
N ALA K 139 55.56 -34.01 7.63
CA ALA K 139 56.43 -34.76 6.71
C ALA K 139 56.68 -34.05 5.39
N PHE K 140 55.67 -33.38 4.84
CA PHE K 140 55.77 -32.74 3.54
C PHE K 140 55.66 -31.23 3.56
N PHE K 141 54.90 -30.67 4.50
CA PHE K 141 54.78 -29.21 4.60
C PHE K 141 55.95 -28.63 5.38
N SER L 53 9.96 -24.30 -8.30
CA SER L 53 8.82 -25.12 -8.71
C SER L 53 7.65 -24.25 -9.16
N TYR L 54 6.57 -24.89 -9.58
CA TYR L 54 5.41 -24.16 -10.08
C TYR L 54 4.73 -23.38 -8.97
N GLY L 55 4.52 -22.09 -9.19
CA GLY L 55 3.78 -21.25 -8.29
C GLY L 55 4.55 -20.13 -7.63
N ASN L 56 5.88 -20.07 -7.76
CA ASN L 56 6.67 -19.03 -7.12
C ASN L 56 7.59 -18.38 -8.15
N GLY L 57 8.14 -17.23 -7.76
CA GLY L 57 9.00 -16.45 -8.63
C GLY L 57 10.45 -16.36 -8.20
N THR L 58 10.93 -17.35 -7.46
CA THR L 58 12.34 -17.47 -7.14
C THR L 58 13.04 -18.11 -8.34
N VAL L 59 13.48 -17.28 -9.27
CA VAL L 59 13.92 -17.73 -10.58
C VAL L 59 15.40 -17.45 -10.85
N LEU L 60 16.06 -16.63 -10.04
CA LEU L 60 17.48 -16.35 -10.22
C LEU L 60 18.37 -17.23 -9.33
N MET L 61 17.94 -17.52 -8.11
CA MET L 61 18.77 -18.32 -7.22
C MET L 61 19.09 -19.71 -7.78
N PRO L 62 18.17 -20.40 -8.46
CA PRO L 62 18.56 -21.68 -9.09
C PRO L 62 19.64 -21.52 -10.14
N ILE L 63 19.74 -20.36 -10.79
CA ILE L 63 20.80 -20.13 -11.75
C ILE L 63 22.12 -19.87 -11.03
N VAL L 64 22.09 -19.09 -9.96
CA VAL L 64 23.29 -18.83 -9.16
C VAL L 64 23.86 -20.13 -8.60
N ARG L 65 22.98 -21.05 -8.21
CA ARG L 65 23.43 -22.32 -7.65
C ARG L 65 24.27 -23.11 -8.66
N ARG L 66 23.80 -23.18 -9.91
CA ARG L 66 24.50 -23.98 -10.91
C ARG L 66 25.80 -23.32 -11.37
N VAL L 67 25.87 -21.99 -11.32
CA VAL L 67 27.11 -21.31 -11.70
C VAL L 67 28.17 -21.46 -10.62
N PHE L 68 27.76 -21.34 -9.35
CA PHE L 68 28.72 -21.47 -8.25
C PHE L 68 29.32 -22.87 -8.21
N ILE L 69 28.46 -23.90 -8.27
CA ILE L 69 28.96 -25.27 -8.26
C ILE L 69 29.97 -25.48 -9.39
N GLY L 70 29.60 -25.10 -10.61
CA GLY L 70 30.51 -25.26 -11.73
C GLY L 70 31.83 -24.56 -11.52
N ALA L 71 31.79 -23.35 -10.94
CA ALA L 71 33.03 -22.61 -10.68
C ALA L 71 33.92 -23.35 -9.70
N LEU L 72 33.33 -23.98 -8.68
CA LEU L 72 34.14 -24.70 -7.70
C LEU L 72 34.80 -25.93 -8.32
N VAL L 73 34.07 -26.67 -9.15
CA VAL L 73 34.63 -27.85 -9.78
C VAL L 73 35.83 -27.49 -10.65
N GLY L 74 35.83 -26.28 -11.22
CA GLY L 74 36.92 -25.89 -12.09
C GLY L 74 38.14 -25.39 -11.34
N ILE L 75 37.94 -24.79 -10.16
CA ILE L 75 39.06 -24.26 -9.40
C ILE L 75 39.87 -25.40 -8.80
N TYR L 76 39.21 -26.40 -8.22
CA TYR L 76 39.90 -27.51 -7.59
C TYR L 76 40.36 -28.56 -8.59
N ALA L 77 39.95 -28.46 -9.85
CA ALA L 77 40.50 -29.32 -10.90
C ALA L 77 41.71 -28.71 -11.57
N TYR L 78 41.80 -27.38 -11.59
CA TYR L 78 42.95 -26.70 -12.15
C TYR L 78 44.14 -26.72 -11.21
N ALA L 79 43.91 -26.90 -9.90
CA ALA L 79 44.98 -26.96 -8.93
C ALA L 79 45.57 -28.37 -8.82
N ALA L 80 44.74 -29.40 -8.93
CA ALA L 80 45.25 -30.76 -8.86
C ALA L 80 46.16 -31.09 -10.03
N THR L 81 45.75 -30.70 -11.24
CA THR L 81 46.56 -30.94 -12.42
C THR L 81 47.90 -30.22 -12.36
N ASP L 82 47.99 -29.15 -11.55
CA ASP L 82 49.24 -28.43 -11.41
C ASP L 82 50.12 -28.99 -10.29
N VAL L 83 49.52 -29.61 -9.28
CA VAL L 83 50.26 -30.16 -8.14
C VAL L 83 50.41 -31.67 -8.26
N VAL L 84 49.32 -32.38 -8.48
CA VAL L 84 49.34 -33.83 -8.53
C VAL L 84 49.66 -34.29 -9.95
N LEU L 85 48.64 -34.36 -10.81
CA LEU L 85 48.85 -34.79 -12.19
C LEU L 85 49.76 -33.81 -12.93
N PHE M 1 9.34 -1.48 -6.55
CA PHE M 1 9.08 -0.08 -6.83
C PHE M 1 8.64 0.13 -8.28
N MET M 2 8.52 -0.96 -9.04
CA MET M 2 8.14 -0.87 -10.44
C MET M 2 6.65 -0.59 -10.63
N SER M 3 5.81 -0.94 -9.66
CA SER M 3 4.41 -0.54 -9.74
C SER M 3 4.24 0.95 -9.51
N LEU M 4 5.12 1.55 -8.70
CA LEU M 4 5.13 3.00 -8.55
C LEU M 4 5.64 3.68 -9.81
N PHE M 5 6.58 3.05 -10.50
CA PHE M 5 7.15 3.63 -11.71
C PHE M 5 6.12 3.69 -12.83
N ARG M 6 5.33 2.62 -12.99
CA ARG M 6 4.35 2.56 -14.05
C ARG M 6 3.10 3.35 -13.69
N ALA M 7 2.80 3.50 -12.40
CA ALA M 7 1.62 4.24 -11.99
C ALA M 7 1.79 5.74 -12.17
N HIS M 8 3.03 6.24 -12.07
CA HIS M 8 3.29 7.67 -12.06
C HIS M 8 4.00 8.18 -13.30
N LEU M 9 4.53 7.30 -14.15
CA LEU M 9 5.23 7.70 -15.36
C LEU M 9 4.72 7.01 -16.62
N VAL M 10 3.72 6.14 -16.53
CA VAL M 10 3.20 5.46 -17.71
C VAL M 10 1.69 5.68 -17.83
N PHE M 11 0.94 5.31 -16.79
CA PHE M 11 -0.52 5.34 -16.84
C PHE M 11 -1.11 6.61 -16.23
N TYR M 12 -0.29 7.50 -15.71
CA TYR M 12 -0.77 8.79 -15.17
C TYR M 12 -1.43 9.60 -16.27
N ARG M 13 -2.65 10.09 -16.01
CA ARG M 13 -3.47 10.77 -17.00
C ARG M 13 -3.30 12.29 -16.89
N CYS M 14 -3.20 12.96 -18.04
CA CYS M 14 -2.97 14.40 -18.08
C CYS M 14 -3.88 15.06 -19.11
N ALA M 15 -4.19 16.34 -18.86
CA ALA M 15 -5.05 17.10 -19.75
C ALA M 15 -4.41 17.25 -21.13
N LEU M 16 -5.24 17.23 -22.17
CA LEU M 16 -4.73 17.21 -23.54
C LEU M 16 -4.08 18.52 -23.94
N ASN M 17 -4.43 19.64 -23.31
CA ASN M 17 -3.97 20.96 -23.71
C ASN M 17 -2.69 21.40 -23.00
N LEU M 18 -1.89 20.46 -22.50
CA LEU M 18 -0.58 20.81 -21.97
C LEU M 18 0.35 21.23 -23.09
N ASN M 19 1.34 22.05 -22.75
CA ASN M 19 2.31 22.52 -23.73
C ASN M 19 3.66 22.68 -23.03
N SER M 20 4.58 23.40 -23.68
CA SER M 20 5.96 23.45 -23.21
C SER M 20 6.11 24.20 -21.89
N SER M 21 5.16 25.04 -21.52
CA SER M 21 5.20 25.69 -20.22
C SER M 21 5.15 24.70 -19.07
N TYR M 22 4.76 23.44 -19.34
CA TYR M 22 4.67 22.41 -18.32
C TYR M 22 5.81 21.39 -18.42
N ASN M 23 6.88 21.73 -19.14
CA ASN M 23 8.01 20.83 -19.34
C ASN M 23 9.26 21.22 -18.57
N PHE M 24 9.29 22.38 -17.92
CA PHE M 24 10.51 22.88 -17.32
C PHE M 24 10.80 22.29 -15.94
N GLY M 25 9.84 21.60 -15.31
CA GLY M 25 10.15 20.86 -14.11
C GLY M 25 11.07 19.69 -14.38
N PHE M 26 10.82 18.98 -15.48
CA PHE M 26 11.69 17.88 -15.89
C PHE M 26 13.09 18.38 -16.21
N LEU M 27 13.19 19.53 -16.88
CA LEU M 27 14.49 20.05 -17.28
C LEU M 27 15.35 20.40 -16.07
N VAL M 28 14.75 21.02 -15.05
CA VAL M 28 15.50 21.32 -13.82
C VAL M 28 16.04 20.03 -13.21
N ALA M 29 15.19 19.01 -13.09
CA ALA M 29 15.65 17.74 -12.54
C ALA M 29 16.84 17.19 -13.30
N MET M 30 16.80 17.27 -14.63
CA MET M 30 17.90 16.75 -15.43
C MET M 30 19.18 17.56 -15.23
N THR M 31 19.06 18.85 -14.94
CA THR M 31 20.25 19.65 -14.66
C THR M 31 20.90 19.22 -13.35
N PHE M 32 20.10 18.87 -12.34
CA PHE M 32 20.67 18.34 -11.10
C PHE M 32 21.47 17.08 -11.37
N VAL M 33 20.89 16.16 -12.14
CA VAL M 33 21.58 14.92 -12.49
C VAL M 33 22.93 15.21 -13.13
N LEU M 34 22.94 16.09 -14.14
CA LEU M 34 24.17 16.40 -14.84
C LEU M 34 25.20 17.01 -13.90
N GLN M 35 24.75 17.86 -12.96
CA GLN M 35 25.67 18.48 -12.00
C GLN M 35 26.26 17.45 -11.06
N ILE M 36 25.45 16.49 -10.59
CA ILE M 36 25.95 15.45 -9.69
C ILE M 36 27.02 14.61 -10.40
N ILE M 37 26.80 14.29 -11.67
CA ILE M 37 27.74 13.47 -12.41
C ILE M 37 29.04 14.22 -12.63
N THR M 38 28.96 15.44 -13.16
CA THR M 38 30.17 16.23 -13.41
C THR M 38 30.82 16.69 -12.11
N GLY M 39 30.03 16.98 -11.08
CA GLY M 39 30.59 17.43 -9.83
C GLY M 39 31.46 16.37 -9.16
N ILE M 40 30.92 15.16 -9.01
CA ILE M 40 31.69 14.07 -8.43
C ILE M 40 32.97 13.85 -9.22
N THR M 41 32.90 13.94 -10.55
CA THR M 41 34.08 13.73 -11.37
C THR M 41 35.14 14.81 -11.11
N LEU M 42 34.71 16.07 -10.97
CA LEU M 42 35.65 17.13 -10.63
C LEU M 42 36.27 16.91 -9.25
N ALA M 43 35.52 16.32 -8.32
CA ALA M 43 36.01 16.16 -6.96
C ALA M 43 37.20 15.21 -6.89
N PHE M 44 37.32 14.29 -7.84
CA PHE M 44 38.45 13.36 -7.86
C PHE M 44 39.79 14.07 -8.03
N ARG M 45 39.80 15.32 -8.50
CA ARG M 45 41.05 16.03 -8.76
C ARG M 45 41.08 17.45 -8.19
N TYR M 46 40.13 17.82 -7.34
CA TYR M 46 40.11 19.13 -6.71
C TYR M 46 40.79 19.09 -5.35
N THR M 47 41.42 20.21 -4.98
CA THR M 47 42.11 20.35 -3.71
C THR M 47 41.52 21.54 -2.94
N SER M 48 40.97 21.27 -1.76
CA SER M 48 40.37 22.29 -0.91
C SER M 48 41.40 23.16 -0.20
N GLU M 49 42.67 22.76 -0.19
CA GLU M 49 43.70 23.55 0.46
C GLU M 49 43.82 24.92 -0.22
N ALA M 50 43.62 25.98 0.56
CA ALA M 50 43.58 27.33 -0.02
C ALA M 50 44.84 27.66 -0.79
N SER M 51 45.99 27.22 -0.28
CA SER M 51 47.26 27.56 -0.93
C SER M 51 47.43 26.86 -2.27
N CYS M 52 46.61 25.87 -2.58
CA CYS M 52 46.73 25.10 -3.82
C CYS M 52 45.42 24.91 -4.56
N ALA M 53 44.32 25.46 -4.06
CA ALA M 53 43.03 25.28 -4.72
C ALA M 53 43.03 25.88 -6.12
N PHE M 54 43.37 27.17 -6.21
CA PHE M 54 43.35 27.86 -7.50
C PHE M 54 44.21 27.12 -8.52
N ALA M 55 45.34 26.57 -8.10
CA ALA M 55 46.23 25.89 -9.03
C ALA M 55 45.67 24.54 -9.46
N SER M 56 44.94 23.86 -8.58
CA SER M 56 44.41 22.55 -8.93
C SER M 56 43.36 22.64 -10.03
N VAL M 57 42.61 23.74 -10.09
CA VAL M 57 41.62 23.90 -11.16
C VAL M 57 42.32 24.13 -12.49
N GLN M 58 43.36 24.96 -12.52
CA GLN M 58 44.07 25.23 -13.76
C GLN M 58 44.80 24.00 -14.26
N HIS M 59 45.51 23.31 -13.38
CA HIS M 59 46.19 22.07 -13.78
C HIS M 59 45.20 21.06 -14.33
N LEU M 60 43.99 21.03 -13.76
CA LEU M 60 42.96 20.13 -14.25
C LEU M 60 42.61 20.42 -15.71
N VAL M 61 42.54 21.70 -16.07
CA VAL M 61 42.18 22.08 -17.43
C VAL M 61 43.35 21.88 -18.39
N ARG M 62 44.56 22.20 -17.95
CA ARG M 62 45.70 22.30 -18.85
C ARG M 62 46.43 20.97 -19.07
N GLU M 63 46.23 19.97 -18.21
CA GLU M 63 47.06 18.77 -18.25
C GLU M 63 46.25 17.48 -18.37
N VAL M 64 45.04 17.46 -17.85
CA VAL M 64 44.26 16.24 -17.75
C VAL M 64 43.38 16.08 -18.99
N ALA M 65 43.34 14.87 -19.54
CA ALA M 65 42.54 14.59 -20.71
C ALA M 65 41.06 14.81 -20.39
N ALA M 66 40.39 15.57 -21.26
CA ALA M 66 38.98 15.90 -21.13
C ALA M 66 38.68 16.75 -19.91
N GLY M 67 39.71 17.24 -19.21
CA GLY M 67 39.48 18.07 -18.05
C GLY M 67 38.74 19.34 -18.35
N TRP M 68 38.95 19.91 -19.56
CA TRP M 68 38.24 21.12 -19.92
C TRP M 68 36.74 20.89 -20.05
N GLU M 69 36.34 19.68 -20.46
CA GLU M 69 34.93 19.42 -20.72
C GLU M 69 34.12 19.36 -19.43
N PHE M 70 34.64 18.70 -18.41
CA PHE M 70 33.90 18.59 -17.16
C PHE M 70 33.89 19.92 -16.40
N ARG M 71 34.94 20.72 -16.53
CA ARG M 71 34.97 22.01 -15.86
C ARG M 71 33.98 22.98 -16.50
N MET M 72 33.97 23.06 -17.83
CA MET M 72 33.11 24.01 -18.52
C MET M 72 31.66 23.57 -18.51
N LEU M 73 31.38 22.27 -18.53
CA LEU M 73 30.00 21.80 -18.43
C LEU M 73 29.40 22.11 -17.06
N HIS M 74 30.19 21.95 -16.00
CA HIS M 74 29.68 22.23 -14.66
C HIS M 74 29.37 23.71 -14.49
N ALA M 75 30.18 24.58 -15.08
CA ALA M 75 29.97 26.01 -14.95
C ALA M 75 28.79 26.49 -15.77
N THR M 76 28.65 25.99 -17.00
CA THR M 76 27.55 26.40 -17.87
C THR M 76 26.21 25.89 -17.35
N THR M 77 26.15 24.60 -17.00
CA THR M 77 24.89 24.02 -16.55
C THR M 77 24.32 24.74 -15.34
N ALA M 78 25.19 25.28 -14.47
CA ALA M 78 24.72 26.03 -13.31
C ALA M 78 23.87 27.22 -13.73
N SER M 79 24.26 27.90 -14.81
CA SER M 79 23.45 29.02 -15.31
C SER M 79 22.09 28.55 -15.81
N PHE M 80 22.04 27.40 -16.47
CA PHE M 80 20.78 26.86 -16.97
C PHE M 80 19.88 26.37 -15.85
N VAL M 81 20.45 26.00 -14.70
CA VAL M 81 19.63 25.64 -13.55
C VAL M 81 18.74 26.80 -13.14
N PHE M 82 19.30 28.00 -13.08
CA PHE M 82 18.55 29.16 -12.60
C PHE M 82 17.62 29.73 -13.66
N LEU M 83 17.94 29.57 -14.95
CA LEU M 83 17.04 30.03 -15.99
C LEU M 83 15.78 29.16 -16.04
N CYS M 84 15.95 27.85 -15.97
CA CYS M 84 14.81 26.95 -15.94
C CYS M 84 13.93 27.20 -14.70
N ILE M 85 14.54 27.37 -13.53
CA ILE M 85 13.76 27.61 -12.32
C ILE M 85 12.94 28.89 -12.48
N LEU M 86 13.53 29.93 -13.06
CA LEU M 86 12.84 31.20 -13.22
C LEU M 86 11.61 31.05 -14.11
N ILE M 87 11.75 30.34 -15.24
CA ILE M 87 10.61 30.09 -16.11
C ILE M 87 9.59 29.19 -15.41
N HIS M 88 10.08 28.25 -14.60
CA HIS M 88 9.21 27.34 -13.87
C HIS M 88 8.34 28.09 -12.87
N MET M 89 8.94 29.01 -12.11
CA MET M 89 8.19 29.80 -11.13
C MET M 89 7.23 30.77 -11.80
N THR M 90 7.61 31.31 -12.97
CA THR M 90 6.78 32.33 -13.61
C THR M 90 5.49 31.75 -14.16
N ARG M 91 5.55 30.51 -14.67
CA ARG M 91 4.33 29.83 -15.08
C ARG M 91 3.33 29.74 -13.94
N GLY M 92 3.81 29.43 -12.72
CA GLY M 92 2.90 29.31 -11.59
C GLY M 92 2.22 30.61 -11.24
N LEU M 93 2.95 31.73 -11.32
CA LEU M 93 2.37 33.03 -11.02
C LEU M 93 1.43 33.51 -12.11
N TYR M 94 1.60 33.02 -13.34
CA TYR M 94 0.72 33.39 -14.45
C TYR M 94 -0.61 32.64 -14.37
N ASN M 95 -0.60 31.42 -13.85
CA ASN M 95 -1.78 30.57 -13.80
C ASN M 95 -2.35 30.41 -12.39
N TRP M 96 -1.82 31.12 -11.39
CA TRP M 96 -2.25 30.98 -10.01
C TRP M 96 -2.29 29.50 -9.60
N SER M 97 -1.18 28.80 -9.86
CA SER M 97 -1.14 27.36 -9.59
C SER M 97 -1.18 27.08 -8.10
N TYR M 98 -0.66 27.99 -7.29
CA TYR M 98 -0.66 27.84 -5.83
C TYR M 98 -2.05 27.90 -5.21
N SER M 99 -3.09 28.20 -5.98
CA SER M 99 -4.44 28.25 -5.43
C SER M 99 -4.81 26.94 -4.75
N TYR M 100 -4.64 25.83 -5.46
CA TYR M 100 -4.96 24.50 -4.93
C TYR M 100 -3.76 23.59 -4.80
N LEU M 101 -2.61 23.94 -5.36
CA LEU M 101 -1.39 23.16 -5.21
C LEU M 101 -0.50 23.85 -4.18
N THR M 102 -1.00 23.85 -2.95
CA THR M 102 -0.45 24.70 -1.89
C THR M 102 0.89 24.17 -1.38
N THR M 103 0.92 22.92 -0.93
CA THR M 103 2.16 22.33 -0.43
C THR M 103 3.18 22.10 -1.53
N ALA M 104 2.74 21.99 -2.78
CA ALA M 104 3.69 21.93 -3.89
C ALA M 104 4.43 23.26 -4.04
N TRP M 105 3.73 24.37 -3.83
CA TRP M 105 4.35 25.68 -3.90
C TRP M 105 5.35 25.88 -2.76
N MET M 106 4.95 25.53 -1.53
CA MET M 106 5.84 25.71 -0.39
C MET M 106 7.08 24.85 -0.50
N SER M 107 6.90 23.55 -0.81
CA SER M 107 8.04 22.68 -1.00
C SER M 107 8.98 23.22 -2.07
N GLY M 108 8.42 23.75 -3.15
CA GLY M 108 9.25 24.37 -4.18
C GLY M 108 10.09 25.51 -3.66
N LEU M 109 9.50 26.37 -2.82
CA LEU M 109 10.25 27.48 -2.27
C LEU M 109 11.45 27.01 -1.46
N VAL M 110 11.30 25.90 -0.74
CA VAL M 110 12.43 25.35 0.01
C VAL M 110 13.52 24.88 -0.95
N LEU M 111 13.14 24.24 -2.04
CA LEU M 111 14.11 23.81 -3.04
C LEU M 111 14.86 25.00 -3.63
N TYR M 112 14.16 26.12 -3.82
CA TYR M 112 14.81 27.30 -4.38
C TYR M 112 15.88 27.85 -3.46
N LEU M 113 15.59 27.91 -2.16
CA LEU M 113 16.57 28.39 -1.20
C LEU M 113 17.77 27.44 -1.11
N LEU M 114 17.51 26.13 -1.16
CA LEU M 114 18.59 25.16 -1.15
C LEU M 114 19.51 25.32 -2.36
N THR M 115 18.93 25.61 -3.54
CA THR M 115 19.75 25.78 -4.74
C THR M 115 20.55 27.08 -4.69
N ILE M 116 19.97 28.13 -4.12
CA ILE M 116 20.72 29.39 -3.95
C ILE M 116 21.95 29.16 -3.09
N ALA M 117 21.77 28.49 -1.95
CA ALA M 117 22.88 28.27 -1.03
C ALA M 117 23.96 27.39 -1.67
N THR M 118 23.54 26.37 -2.41
CA THR M 118 24.50 25.48 -3.07
C THR M 118 25.36 26.25 -4.06
N ALA M 119 24.73 27.07 -4.91
CA ALA M 119 25.48 27.82 -5.91
C ALA M 119 26.46 28.78 -5.26
N PHE M 120 26.05 29.43 -4.17
CA PHE M 120 26.95 30.36 -3.49
C PHE M 120 28.18 29.65 -2.94
N LEU M 121 27.98 28.45 -2.38
CA LEU M 121 29.11 27.68 -1.86
C LEU M 121 30.07 27.28 -2.98
N GLY M 122 29.53 26.89 -4.13
CA GLY M 122 30.38 26.43 -5.22
C GLY M 122 31.21 27.53 -5.85
N TYR M 123 30.71 28.77 -5.82
CA TYR M 123 31.43 29.86 -6.48
C TYR M 123 32.66 30.30 -5.71
N VAL M 124 32.77 29.94 -4.43
CA VAL M 124 33.94 30.30 -3.64
C VAL M 124 35.10 29.32 -3.83
N LEU M 125 34.82 28.11 -4.31
CA LEU M 125 35.80 27.02 -4.35
C LEU M 125 36.99 27.29 -5.26
N PRO M 126 36.81 27.82 -6.48
CA PRO M 126 37.98 28.07 -7.34
C PRO M 126 38.98 29.04 -6.73
N TRP M 127 38.58 29.84 -5.75
CA TRP M 127 39.52 30.64 -4.95
C TRP M 127 40.29 31.65 -5.79
N GLY M 128 39.54 32.44 -6.56
CA GLY M 128 40.06 33.63 -7.19
C GLY M 128 39.64 34.89 -6.46
N GLN M 129 39.98 36.03 -7.06
CA GLN M 129 39.67 37.32 -6.44
C GLN M 129 38.18 37.47 -6.16
N MET M 130 37.34 37.12 -7.14
CA MET M 130 35.90 37.27 -6.95
C MET M 130 35.36 36.26 -5.94
N SER M 131 35.96 35.07 -5.88
CA SER M 131 35.61 34.11 -4.84
C SER M 131 35.76 34.72 -3.46
N PHE M 132 36.92 35.35 -3.18
CA PHE M 132 37.21 35.83 -1.84
C PHE M 132 36.41 37.08 -1.50
N TRP M 133 36.40 38.06 -2.40
CA TRP M 133 35.79 39.36 -2.07
C TRP M 133 34.27 39.33 -2.17
N GLY M 134 33.71 38.43 -2.98
CA GLY M 134 32.28 38.27 -3.00
C GLY M 134 31.75 37.56 -1.76
N ALA M 135 32.52 36.62 -1.23
CA ALA M 135 32.12 35.96 0.01
C ALA M 135 32.24 36.90 1.20
N THR M 136 33.28 37.75 1.21
CA THR M 136 33.46 38.69 2.29
C THR M 136 32.28 39.66 2.39
N VAL M 137 31.80 40.15 1.25
CA VAL M 137 30.72 41.12 1.24
C VAL M 137 29.39 40.45 1.59
N ILE M 138 29.03 39.41 0.84
CA ILE M 138 27.72 38.78 1.03
C ILE M 138 27.57 38.22 2.43
N THR M 139 28.69 37.90 3.10
CA THR M 139 28.66 37.42 4.47
C THR M 139 28.65 38.54 5.49
N ASN M 140 28.74 39.79 5.05
CA ASN M 140 28.61 40.94 5.95
C ASN M 140 27.20 41.50 6.00
N LEU M 141 26.43 41.35 4.91
CA LEU M 141 25.02 41.72 4.96
C LEU M 141 24.27 40.98 6.06
N LEU M 142 24.78 39.82 6.47
CA LEU M 142 24.22 39.06 7.58
C LEU M 142 24.81 39.47 8.92
N SER M 143 25.56 40.57 8.97
CA SER M 143 26.15 41.01 10.22
C SER M 143 25.09 41.44 11.25
N PRO M 144 23.98 42.08 10.87
CA PRO M 144 22.98 42.45 11.88
C PRO M 144 22.59 41.29 12.79
N ILE M 145 22.50 40.08 12.26
CA ILE M 145 22.28 38.91 13.12
C ILE M 145 23.54 38.66 13.94
N PRO M 146 23.45 38.54 15.26
CA PRO M 146 24.68 38.48 16.06
C PRO M 146 25.38 37.13 15.93
N TYR M 147 26.69 37.19 15.67
CA TYR M 147 27.58 36.03 15.68
C TYR M 147 27.18 34.97 14.67
N LEU M 148 26.47 35.36 13.61
CA LEU M 148 26.11 34.44 12.53
C LEU M 148 27.20 34.33 11.48
N VAL M 149 28.33 35.03 11.65
CA VAL M 149 29.35 35.12 10.62
C VAL M 149 30.66 34.48 11.09
N PRO M 150 31.24 34.90 12.22
CA PRO M 150 32.59 34.40 12.56
C PRO M 150 32.67 32.90 12.72
N TRP M 151 31.54 32.20 12.89
CA TRP M 151 31.55 30.76 13.09
C TRP M 151 31.49 29.99 11.78
N LEU M 152 30.66 30.45 10.84
CA LEU M 152 30.59 29.81 9.54
C LEU M 152 31.94 29.82 8.84
N LEU M 153 32.77 30.81 9.13
CA LEU M 153 34.11 30.88 8.58
C LEU M 153 35.16 30.19 9.45
N GLY M 154 34.91 30.12 10.75
CA GLY M 154 35.90 29.55 11.65
C GLY M 154 37.19 30.34 11.71
N GLY M 155 37.07 31.66 11.76
CA GLY M 155 38.25 32.50 11.78
C GLY M 155 37.85 33.96 11.77
N TYR M 156 38.86 34.82 11.77
CA TYR M 156 38.66 36.26 11.74
C TYR M 156 38.45 36.81 10.33
N TYR M 157 38.51 35.95 9.31
CA TYR M 157 38.34 36.37 7.93
C TYR M 157 38.19 35.13 7.07
N VAL M 158 37.63 35.31 5.87
CA VAL M 158 37.49 34.23 4.92
C VAL M 158 38.86 33.61 4.69
N SER M 159 39.27 32.72 5.60
CA SER M 159 40.59 32.15 5.60
C SER M 159 40.57 30.80 4.88
N ASP M 160 41.57 29.96 5.15
CA ASP M 160 41.69 28.66 4.52
C ASP M 160 40.78 27.61 5.15
N VAL M 161 40.27 27.87 6.35
CA VAL M 161 39.39 26.91 7.01
C VAL M 161 37.98 27.00 6.44
N THR M 162 37.55 28.19 6.03
CA THR M 162 36.24 28.35 5.41
C THR M 162 36.15 27.53 4.13
N LEU M 163 37.25 27.47 3.38
CA LEU M 163 37.23 26.78 2.09
C LEU M 163 37.04 25.28 2.27
N LYS M 164 37.67 24.70 3.30
CA LYS M 164 37.52 23.27 3.54
C LYS M 164 36.07 22.89 3.83
N ARG M 165 35.36 23.71 4.60
CA ARG M 165 34.02 23.35 5.00
C ARG M 165 32.98 23.70 3.94
N PHE M 166 33.23 24.73 3.13
CA PHE M 166 32.35 25.00 2.00
C PHE M 166 32.39 23.85 1.00
N PHE M 167 33.50 23.13 0.91
CA PHE M 167 33.59 21.98 0.02
C PHE M 167 32.68 20.85 0.50
N VAL M 168 32.66 20.58 1.81
CA VAL M 168 31.85 19.47 2.33
C VAL M 168 30.36 19.80 2.19
N LEU M 169 29.97 21.01 2.56
CA LEU M 169 28.57 21.42 2.44
C LEU M 169 28.11 21.37 0.99
N HIS M 170 28.92 21.91 0.08
CA HIS M 170 28.59 21.87 -1.34
C HIS M 170 28.43 20.45 -1.85
N PHE M 171 29.24 19.53 -1.32
CA PHE M 171 29.12 18.12 -1.68
C PHE M 171 27.77 17.54 -1.24
N ILE M 172 27.29 17.95 -0.07
CA ILE M 172 26.17 17.26 0.58
C ILE M 172 24.83 17.81 0.15
N LEU M 173 24.66 19.13 0.12
CA LEU M 173 23.34 19.73 -0.06
C LEU M 173 22.59 19.23 -1.29
N PRO M 174 23.22 19.01 -2.46
CA PRO M 174 22.44 18.53 -3.61
C PRO M 174 21.70 17.24 -3.35
N PHE M 175 22.29 16.31 -2.60
CA PHE M 175 21.63 15.05 -2.32
C PHE M 175 20.46 15.22 -1.36
N ILE M 176 20.55 16.19 -0.43
CA ILE M 176 19.40 16.55 0.37
C ILE M 176 18.29 17.09 -0.52
N GLY M 177 18.66 17.93 -1.49
CA GLY M 177 17.68 18.41 -2.45
C GLY M 177 16.94 17.29 -3.15
N CYS M 178 17.65 16.23 -3.54
CA CYS M 178 17.01 15.10 -4.19
C CYS M 178 15.96 14.47 -3.30
N ILE M 179 16.15 14.51 -1.98
CA ILE M 179 15.13 14.00 -1.07
C ILE M 179 13.88 14.87 -1.11
N ILE M 180 14.06 16.19 -1.16
CA ILE M 180 12.92 17.10 -1.14
C ILE M 180 12.19 17.10 -2.47
N ILE M 181 12.85 16.74 -3.57
CA ILE M 181 12.13 16.58 -4.84
C ILE M 181 11.07 15.50 -4.71
N VAL M 182 11.35 14.45 -3.93
CA VAL M 182 10.37 13.38 -3.74
C VAL M 182 9.14 13.90 -3.01
N LEU M 183 9.33 14.75 -1.99
CA LEU M 183 8.17 15.36 -1.34
C LEU M 183 7.41 16.25 -2.31
N HIS M 184 8.13 17.09 -3.05
CA HIS M 184 7.52 17.95 -4.06
C HIS M 184 6.58 17.17 -4.96
N ILE M 185 7.03 16.03 -5.49
CA ILE M 185 6.19 15.22 -6.36
C ILE M 185 5.04 14.59 -5.60
N PHE M 186 5.25 14.20 -4.35
CA PHE M 186 4.16 13.67 -3.53
C PHE M 186 3.00 14.67 -3.44
N TYR M 187 3.31 15.93 -3.15
CA TYR M 187 2.25 16.91 -2.99
C TYR M 187 1.58 17.27 -4.31
N LEU M 188 2.30 17.14 -5.42
CA LEU M 188 1.70 17.44 -6.72
C LEU M 188 0.70 16.38 -7.13
N HIS M 189 1.14 15.13 -7.25
CA HIS M 189 0.26 14.05 -7.68
C HIS M 189 -0.85 13.76 -6.69
N LEU M 190 -0.82 14.36 -5.50
CA LEU M 190 -1.96 14.27 -4.59
C LEU M 190 -3.20 14.93 -5.19
N ASN M 191 -3.01 16.10 -5.80
CA ASN M 191 -4.10 16.86 -6.40
C ASN M 191 -4.19 16.71 -7.91
N GLY M 192 -3.08 16.45 -8.58
CA GLY M 192 -3.05 16.49 -10.04
C GLY M 192 -2.71 17.87 -10.54
N SER M 193 -2.12 17.90 -11.73
CA SER M 193 -1.65 19.14 -12.33
C SER M 193 -2.80 19.94 -12.93
N SER M 194 -2.56 21.24 -13.13
CA SER M 194 -3.54 22.13 -13.75
C SER M 194 -3.31 22.13 -15.27
N ASN M 195 -3.87 23.11 -15.97
CA ASN M 195 -3.69 23.23 -17.40
C ASN M 195 -3.75 24.72 -17.78
N PRO M 196 -3.35 25.06 -19.01
CA PRO M 196 -3.25 26.48 -19.36
C PRO M 196 -4.56 27.25 -19.32
N ALA M 197 -5.70 26.58 -19.51
CA ALA M 197 -6.98 27.27 -19.54
C ALA M 197 -7.58 27.47 -18.16
N GLY M 198 -7.13 26.72 -17.16
CA GLY M 198 -7.61 26.90 -15.81
C GLY M 198 -8.97 26.30 -15.53
N ILE M 199 -9.35 25.25 -16.25
CA ILE M 199 -10.66 24.63 -16.11
C ILE M 199 -10.50 23.16 -15.72
N ASP M 200 -11.55 22.62 -15.11
CA ASP M 200 -11.66 21.18 -14.93
C ASP M 200 -12.09 20.54 -16.24
N THR M 201 -11.62 19.33 -16.47
CA THR M 201 -11.91 18.67 -17.74
C THR M 201 -11.69 17.18 -17.62
N ALA M 202 -12.50 16.44 -18.39
CA ALA M 202 -12.39 14.99 -18.51
C ALA M 202 -11.68 14.55 -19.79
N LEU M 203 -11.14 15.50 -20.56
CA LEU M 203 -10.42 15.18 -21.78
C LEU M 203 -8.94 15.03 -21.44
N LYS M 204 -8.60 13.85 -20.90
CA LYS M 204 -7.26 13.52 -20.46
C LYS M 204 -6.76 12.26 -21.16
N VAL M 205 -5.44 12.15 -21.26
CA VAL M 205 -4.79 10.98 -21.86
C VAL M 205 -3.58 10.60 -21.03
N ALA M 206 -3.08 9.39 -21.27
CA ALA M 206 -1.99 8.84 -20.49
C ALA M 206 -0.67 9.54 -20.80
N PHE M 207 0.21 9.56 -19.80
CA PHE M 207 1.51 10.21 -19.95
C PHE M 207 2.32 9.61 -21.09
N TYR M 208 2.40 8.27 -21.14
CA TYR M 208 3.16 7.58 -22.17
C TYR M 208 2.23 7.10 -23.28
N PRO M 209 2.54 7.33 -24.56
CA PRO M 209 3.72 8.02 -25.11
C PRO M 209 3.54 9.52 -25.38
N HIS M 210 2.31 10.03 -25.41
CA HIS M 210 2.04 11.37 -25.91
C HIS M 210 2.86 12.42 -25.16
N MET M 211 2.72 12.47 -23.83
CA MET M 211 3.38 13.53 -23.06
C MET M 211 4.85 13.22 -22.80
N LEU M 212 5.23 11.94 -22.76
CA LEU M 212 6.63 11.59 -22.54
C LEU M 212 7.52 12.07 -23.70
N MET M 213 6.98 12.10 -24.91
CA MET M 213 7.77 12.54 -26.06
C MET M 213 7.97 14.05 -26.10
N THR M 214 7.11 14.84 -25.46
CA THR M 214 7.35 16.27 -25.37
C THR M 214 8.51 16.57 -24.42
N ASP M 215 8.56 15.91 -23.27
CA ASP M 215 9.70 16.05 -22.37
C ASP M 215 11.00 15.68 -23.08
N ALA M 216 10.99 14.61 -23.87
CA ALA M 216 12.19 14.17 -24.56
C ALA M 216 12.65 15.20 -25.59
N LYS M 217 11.70 15.77 -26.33
CA LYS M 217 12.07 16.80 -27.31
C LYS M 217 12.74 17.99 -26.64
N CYS M 218 12.22 18.43 -25.50
CA CYS M 218 12.82 19.58 -24.82
C CYS M 218 14.20 19.24 -24.29
N LEU M 219 14.40 18.00 -23.83
CA LEU M 219 15.72 17.59 -23.36
C LEU M 219 16.77 17.76 -24.44
N SER M 220 16.42 17.43 -25.69
CA SER M 220 17.37 17.57 -26.79
C SER M 220 17.85 19.01 -26.92
N TYR M 221 16.92 19.97 -26.92
CA TYR M 221 17.29 21.38 -27.01
C TYR M 221 18.21 21.78 -25.86
N LEU M 222 17.92 21.31 -24.65
CA LEU M 222 18.73 21.68 -23.49
C LEU M 222 20.17 21.19 -23.65
N ILE M 223 20.34 19.93 -24.04
CA ILE M 223 21.68 19.37 -24.17
C ILE M 223 22.45 20.07 -25.28
N GLY M 224 21.75 20.44 -26.36
CA GLY M 224 22.42 21.10 -27.47
C GLY M 224 22.85 22.52 -27.14
N LEU M 225 22.04 23.26 -26.38
CA LEU M 225 22.38 24.63 -26.03
C LEU M 225 23.48 24.67 -24.98
N ILE M 226 23.47 23.71 -24.04
CA ILE M 226 24.55 23.63 -23.05
C ILE M 226 25.89 23.39 -23.73
N PHE M 227 25.93 22.41 -24.65
CA PHE M 227 27.19 22.09 -25.32
C PHE M 227 27.63 23.21 -26.25
N LEU M 228 26.68 23.86 -26.91
CA LEU M 228 27.00 25.00 -27.76
C LEU M 228 27.73 26.08 -26.98
N GLN M 229 27.17 26.48 -25.84
CA GLN M 229 27.79 27.52 -25.02
C GLN M 229 29.08 27.03 -24.38
N ALA M 230 29.09 25.78 -23.91
CA ALA M 230 30.25 25.26 -23.20
C ALA M 230 31.47 25.16 -24.12
N ALA M 231 31.28 24.68 -25.35
CA ALA M 231 32.40 24.37 -26.23
C ALA M 231 32.83 25.54 -27.11
N PHE M 232 32.04 26.60 -27.20
CA PHE M 232 32.37 27.73 -28.06
C PHE M 232 32.44 29.07 -27.35
N GLY M 233 31.78 29.22 -26.21
CA GLY M 233 31.82 30.46 -25.48
C GLY M 233 31.20 31.62 -26.25
N LEU M 234 29.88 31.62 -26.36
CA LEU M 234 29.17 32.69 -27.06
C LEU M 234 28.77 33.82 -26.11
N MET M 235 28.33 33.48 -24.91
CA MET M 235 27.95 34.45 -23.89
C MET M 235 29.02 34.51 -22.81
N GLU M 236 29.03 35.62 -22.08
CA GLU M 236 29.96 35.85 -20.97
C GLU M 236 29.21 35.61 -19.67
N LEU M 237 29.32 34.39 -19.15
CA LEU M 237 28.62 34.01 -17.92
C LEU M 237 29.49 34.13 -16.66
N SER M 238 30.81 34.19 -16.81
CA SER M 238 31.72 34.29 -15.68
C SER M 238 32.53 35.58 -15.76
N HIS M 239 32.95 36.07 -14.60
CA HIS M 239 33.69 37.32 -14.51
C HIS M 239 35.19 37.07 -14.69
N PRO M 240 35.91 37.96 -15.38
CA PRO M 240 37.34 37.72 -15.63
C PRO M 240 38.21 37.78 -14.38
N ASP M 241 37.83 38.57 -13.38
CA ASP M 241 38.67 38.72 -12.19
C ASP M 241 38.87 37.40 -11.44
N ASN M 242 37.98 36.43 -11.60
CA ASN M 242 38.18 35.15 -10.94
C ASN M 242 39.27 34.32 -11.61
N SER M 243 39.88 34.81 -12.69
CA SER M 243 41.07 34.21 -13.26
C SER M 243 42.34 34.83 -12.67
N ILE M 244 42.22 35.56 -11.57
CA ILE M 244 43.35 36.20 -10.90
C ILE M 244 43.48 35.61 -9.50
N PRO M 245 44.70 35.37 -9.01
CA PRO M 245 44.85 34.83 -7.66
C PRO M 245 44.38 35.79 -6.58
N VAL M 246 43.95 35.23 -5.45
CA VAL M 246 43.47 36.03 -4.33
C VAL M 246 44.56 36.97 -3.85
N ASN M 247 44.15 38.19 -3.50
CA ASN M 247 45.00 39.17 -2.82
C ASN M 247 44.15 39.82 -1.74
N ARG M 248 44.54 39.62 -0.48
CA ARG M 248 43.73 40.10 0.64
C ARG M 248 43.84 41.61 0.84
N PHE M 249 44.84 42.26 0.25
CA PHE M 249 45.10 43.67 0.48
C PHE M 249 44.89 44.52 -0.77
N VAL M 250 44.14 44.02 -1.75
CA VAL M 250 43.87 44.74 -2.99
C VAL M 250 42.47 44.37 -3.43
N THR M 251 41.53 45.31 -3.33
CA THR M 251 40.16 45.07 -3.75
C THR M 251 40.01 45.35 -5.24
N PRO M 252 39.29 44.50 -5.98
CA PRO M 252 39.11 44.77 -7.41
C PRO M 252 38.26 46.01 -7.66
N LEU M 253 38.40 46.55 -8.87
CA LEU M 253 37.79 47.84 -9.19
C LEU M 253 36.26 47.75 -9.26
N HIS M 254 35.72 46.58 -9.62
CA HIS M 254 34.28 46.42 -9.77
C HIS M 254 33.88 45.04 -9.23
N ILE M 255 33.14 45.02 -8.13
CA ILE M 255 32.68 43.78 -7.51
C ILE M 255 31.21 43.57 -7.89
N VAL M 256 30.93 42.48 -8.60
CA VAL M 256 29.57 42.12 -8.98
C VAL M 256 29.43 40.61 -8.98
N PRO M 257 28.37 40.05 -8.40
CA PRO M 257 28.22 38.59 -8.41
C PRO M 257 27.68 38.05 -9.72
N GLU M 258 27.30 36.77 -9.72
CA GLU M 258 26.75 36.15 -10.92
C GLU M 258 25.39 36.76 -11.26
N TRP M 259 25.01 36.63 -12.54
CA TRP M 259 23.83 37.34 -13.04
C TRP M 259 22.57 36.95 -12.27
N TYR M 260 22.47 35.69 -11.86
CA TYR M 260 21.25 35.23 -11.18
C TYR M 260 21.14 35.73 -9.75
N PHE M 261 22.12 36.48 -9.24
CA PHE M 261 22.02 37.15 -7.95
C PHE M 261 22.02 38.67 -8.09
N LEU M 262 22.11 39.20 -9.29
CA LEU M 262 22.36 40.63 -9.46
C LEU M 262 21.16 41.48 -9.03
N ALA M 263 19.95 41.08 -9.41
CA ALA M 263 18.80 41.96 -9.20
C ALA M 263 18.61 42.29 -7.73
N TYR M 264 18.57 41.27 -6.87
CA TYR M 264 18.38 41.53 -5.45
C TYR M 264 19.60 42.16 -4.82
N TYR M 265 20.79 41.95 -5.40
CA TYR M 265 21.97 42.67 -4.94
C TYR M 265 21.84 44.16 -5.24
N ALA M 266 21.14 44.52 -6.32
CA ALA M 266 20.92 45.93 -6.62
C ALA M 266 19.91 46.55 -5.67
N VAL M 267 18.82 45.84 -5.37
CA VAL M 267 17.84 46.33 -4.41
C VAL M 267 18.51 46.68 -3.09
N LEU M 268 19.34 45.77 -2.59
CA LEU M 268 20.03 46.01 -1.33
C LEU M 268 21.07 47.11 -1.43
N LYS M 269 21.47 47.50 -2.64
CA LYS M 269 22.48 48.54 -2.81
C LYS M 269 21.89 49.94 -2.83
N VAL M 270 20.64 50.09 -3.28
CA VAL M 270 20.02 51.42 -3.33
C VAL M 270 19.36 51.81 -2.02
N ILE M 271 19.22 50.88 -1.08
CA ILE M 271 18.70 51.17 0.25
C ILE M 271 19.89 51.47 1.15
N PRO M 272 20.02 52.69 1.69
CA PRO M 272 21.26 53.02 2.42
C PRO M 272 21.39 52.27 3.74
N SER M 273 20.31 52.13 4.49
CA SER M 273 20.38 51.43 5.77
C SER M 273 20.74 49.96 5.56
N LYS M 274 21.55 49.43 6.46
CA LYS M 274 21.95 48.03 6.40
C LYS M 274 20.95 47.11 7.09
N THR M 275 20.31 47.58 8.15
CA THR M 275 19.29 46.78 8.83
C THR M 275 17.98 46.80 8.05
N GLY M 276 17.62 47.94 7.46
CA GLY M 276 16.40 48.01 6.68
C GLY M 276 16.48 47.23 5.40
N GLY M 277 17.68 47.02 4.87
CA GLY M 277 17.83 46.24 3.65
C GLY M 277 17.62 44.76 3.87
N LEU M 278 17.95 44.27 5.07
CA LEU M 278 17.76 42.86 5.37
C LEU M 278 16.30 42.55 5.71
N LEU M 279 15.60 43.49 6.35
CA LEU M 279 14.17 43.33 6.56
C LEU M 279 13.44 43.22 5.23
N VAL M 280 13.87 44.01 4.23
CA VAL M 280 13.30 43.91 2.89
C VAL M 280 13.47 42.52 2.33
N PHE M 281 14.56 41.83 2.68
CA PHE M 281 14.77 40.48 2.19
C PHE M 281 13.75 39.51 2.76
N MET M 282 13.49 39.59 4.07
CA MET M 282 12.53 38.68 4.69
C MET M 282 11.12 38.93 4.16
N SER M 283 10.72 40.19 4.04
CA SER M 283 9.36 40.51 3.61
C SER M 283 9.06 39.90 2.25
N SER M 284 10.05 39.85 1.36
CA SER M 284 9.82 39.32 0.02
C SER M 284 9.57 37.82 0.06
N LEU M 285 10.37 37.07 0.82
CA LEU M 285 10.14 35.64 0.97
C LEU M 285 8.82 35.36 1.65
N ILE M 286 8.48 36.15 2.67
CA ILE M 286 7.22 35.96 3.39
C ILE M 286 6.04 36.12 2.44
N ASN M 287 6.13 37.10 1.53
CA ASN M 287 5.05 37.32 0.56
C ASN M 287 4.87 36.10 -0.34
N LEU M 288 5.96 35.52 -0.83
CA LEU M 288 5.86 34.36 -1.69
C LEU M 288 5.23 33.18 -0.96
N GLY M 289 5.58 33.00 0.32
CA GLY M 289 5.03 31.90 1.08
C GLY M 289 3.55 32.05 1.38
N LEU M 290 3.11 33.29 1.61
CA LEU M 290 1.72 33.56 1.94
C LEU M 290 0.78 33.23 0.78
N LEU M 291 1.28 33.16 -0.44
CA LEU M 291 0.42 32.82 -1.57
C LEU M 291 -0.16 31.43 -1.46
N SER M 292 0.43 30.56 -0.64
CA SER M 292 -0.13 29.23 -0.40
C SER M 292 -1.52 29.30 0.23
N GLU M 293 -1.87 30.41 0.88
CA GLU M 293 -3.15 30.58 1.56
C GLU M 293 -3.96 31.70 0.91
N ILE M 294 -3.90 31.80 -0.42
CA ILE M 294 -4.58 32.87 -1.13
C ILE M 294 -6.09 32.69 -1.09
N ARG M 295 -6.57 31.44 -1.03
CA ARG M 295 -8.00 31.20 -0.99
C ARG M 295 -8.66 31.87 0.22
N ALA M 296 -7.95 31.95 1.34
CA ALA M 296 -8.53 32.41 2.59
C ALA M 296 -8.46 33.92 2.78
N LEU M 297 -7.72 34.64 1.95
CA LEU M 297 -7.51 36.07 2.18
C LEU M 297 -8.70 36.92 1.75
N ASN M 298 -9.69 36.35 1.06
CA ASN M 298 -10.90 37.07 0.71
C ASN M 298 -12.04 36.05 0.60
N THR M 299 -13.24 36.46 1.01
CA THR M 299 -14.38 35.55 1.02
C THR M 299 -14.94 35.27 -0.37
N ARG M 300 -14.66 36.12 -1.35
CA ARG M 300 -15.04 35.81 -2.72
C ARG M 300 -14.27 34.60 -3.23
N MET M 301 -14.98 33.73 -3.95
CA MET M 301 -14.41 32.51 -4.48
C MET M 301 -13.56 32.81 -5.70
N LEU M 302 -12.30 32.38 -5.68
CA LEU M 302 -11.37 32.74 -6.73
C LEU M 302 -11.49 31.80 -7.93
N ILE M 303 -10.91 32.23 -9.04
CA ILE M 303 -10.80 31.42 -10.26
C ILE M 303 -9.33 31.39 -10.68
N ARG M 304 -8.97 30.32 -11.39
CA ARG M 304 -7.57 30.15 -11.82
C ARG M 304 -7.25 30.97 -13.07
N GLN M 305 -8.23 31.21 -13.94
CA GLN M 305 -8.02 32.00 -15.14
C GLN M 305 -7.92 33.48 -14.79
N GLN M 306 -6.82 34.13 -15.19
CA GLN M 306 -6.53 35.51 -14.82
C GLN M 306 -6.78 36.51 -15.93
N PHE M 307 -7.08 36.05 -17.15
CA PHE M 307 -7.51 36.92 -18.25
C PHE M 307 -6.45 37.97 -18.60
N MET M 308 -5.26 37.49 -18.93
CA MET M 308 -4.24 38.35 -19.51
C MET M 308 -4.33 38.43 -21.03
N THR M 309 -5.09 37.54 -21.66
CA THR M 309 -5.18 37.50 -23.12
C THR M 309 -5.89 38.76 -23.64
N ARG M 310 -5.19 39.54 -24.46
CA ARG M 310 -5.71 40.74 -25.11
C ARG M 310 -6.04 41.85 -24.11
N ASN M 311 -5.45 41.83 -22.92
CA ASN M 311 -5.80 42.75 -21.85
C ASN M 311 -4.74 43.85 -21.73
N VAL M 312 -5.18 45.10 -21.80
CA VAL M 312 -4.25 46.23 -21.80
C VAL M 312 -3.73 46.58 -20.41
N VAL M 313 -4.35 46.06 -19.34
CA VAL M 313 -3.81 46.28 -18.00
C VAL M 313 -2.74 45.26 -17.64
N SER M 314 -2.45 44.30 -18.51
CA SER M 314 -1.38 43.34 -18.28
C SER M 314 -1.64 42.53 -17.02
N GLY M 315 -0.57 42.00 -16.42
CA GLY M 315 -0.67 41.28 -15.18
C GLY M 315 0.52 41.57 -14.30
N TRP M 316 0.35 41.34 -13.00
CA TRP M 316 1.37 41.72 -12.03
C TRP M 316 2.68 40.96 -12.26
N VAL M 317 2.59 39.69 -12.68
CA VAL M 317 3.81 38.92 -12.88
C VAL M 317 4.62 39.49 -14.04
N ILE M 318 3.94 39.95 -15.09
CA ILE M 318 4.65 40.55 -16.23
C ILE M 318 5.37 41.81 -15.80
N ILE M 319 4.69 42.66 -15.02
CA ILE M 319 5.30 43.89 -14.56
C ILE M 319 6.50 43.60 -13.66
N TRP M 320 6.41 42.54 -12.85
CA TRP M 320 7.57 42.16 -12.04
C TRP M 320 8.74 41.75 -12.92
N VAL M 321 8.49 40.96 -13.95
CA VAL M 321 9.57 40.45 -14.79
C VAL M 321 10.39 41.60 -15.37
N TYR M 322 9.72 42.65 -15.84
CA TYR M 322 10.46 43.76 -16.44
C TYR M 322 11.18 44.60 -15.38
N SER M 323 10.66 44.65 -14.16
CA SER M 323 11.37 45.35 -13.09
C SER M 323 12.64 44.59 -12.72
N MET M 324 12.58 43.26 -12.72
CA MET M 324 13.77 42.46 -12.47
C MET M 324 14.82 42.69 -13.53
N ILE M 325 14.42 42.69 -14.80
CA ILE M 325 15.36 42.94 -15.89
C ILE M 325 16.00 44.31 -15.73
N PHE M 326 15.18 45.31 -15.37
CA PHE M 326 15.70 46.67 -15.23
C PHE M 326 16.75 46.74 -14.13
N LEU M 327 16.58 45.98 -13.06
CA LEU M 327 17.52 46.01 -11.95
C LEU M 327 18.81 45.25 -12.26
N ILE M 328 18.75 44.21 -13.08
CA ILE M 328 19.96 43.53 -13.52
C ILE M 328 20.89 44.50 -14.24
N ILE M 329 20.31 45.46 -14.98
CA ILE M 329 21.11 46.47 -15.65
C ILE M 329 21.73 47.42 -14.64
N ILE M 330 20.96 47.83 -13.64
CA ILE M 330 21.49 48.75 -12.63
C ILE M 330 22.61 48.07 -11.83
N GLY M 331 22.41 46.80 -11.48
CA GLY M 331 23.41 46.11 -10.69
C GLY M 331 24.75 45.96 -11.39
N SER M 332 24.74 45.95 -12.71
CA SER M 332 25.95 45.79 -13.50
C SER M 332 26.62 47.11 -13.84
N ALA M 333 26.17 48.21 -13.26
CA ALA M 333 26.68 49.54 -13.58
C ALA M 333 27.53 50.08 -12.44
N ILE M 334 28.38 51.04 -12.79
CA ILE M 334 29.20 51.74 -11.79
C ILE M 334 28.30 52.63 -10.95
N PRO M 335 28.52 52.74 -9.64
CA PRO M 335 27.67 53.62 -8.82
C PRO M 335 27.68 55.05 -9.34
N GLN M 336 26.49 55.61 -9.52
CA GLN M 336 26.35 56.99 -9.97
C GLN M 336 24.98 57.48 -9.51
N ALA M 337 24.93 58.75 -9.11
CA ALA M 337 23.71 59.30 -8.53
C ALA M 337 22.50 59.04 -9.42
N THR M 338 22.67 59.16 -10.74
CA THR M 338 21.54 58.96 -11.64
C THR M 338 21.11 57.49 -11.64
N TYR M 339 22.06 56.56 -11.67
CA TYR M 339 21.70 55.15 -11.59
C TYR M 339 20.94 54.85 -10.31
N ILE M 340 21.33 55.51 -9.21
CA ILE M 340 20.70 55.23 -7.91
C ILE M 340 19.26 55.70 -7.91
N LEU M 341 18.98 56.83 -8.57
CA LEU M 341 17.63 57.36 -8.60
C LEU M 341 16.68 56.39 -9.29
N TYR M 342 17.04 55.95 -10.50
CA TYR M 342 16.19 55.02 -11.22
C TYR M 342 16.13 53.65 -10.55
N GLY M 343 17.23 53.22 -9.93
CA GLY M 343 17.21 51.96 -9.22
C GLY M 343 16.18 51.93 -8.11
N ARG M 344 15.99 53.06 -7.43
CA ARG M 344 14.96 53.14 -6.39
C ARG M 344 13.56 53.13 -6.99
N LEU M 345 13.40 53.78 -8.15
CA LEU M 345 12.12 53.72 -8.86
C LEU M 345 11.71 52.28 -9.13
N ALA M 346 12.63 51.48 -9.66
CA ALA M 346 12.31 50.10 -10.00
C ALA M 346 12.13 49.24 -8.76
N THR M 347 12.88 49.52 -7.68
CA THR M 347 12.73 48.74 -6.47
C THR M 347 11.31 48.83 -5.91
N ILE M 348 10.68 50.00 -6.03
CA ILE M 348 9.31 50.14 -5.56
C ILE M 348 8.37 49.22 -6.34
N LEU M 349 8.51 49.20 -7.66
CA LEU M 349 7.73 48.28 -8.48
C LEU M 349 8.05 46.83 -8.14
N TYR M 350 9.34 46.53 -7.94
CA TYR M 350 9.74 45.17 -7.64
C TYR M 350 9.03 44.63 -6.41
N LEU M 351 8.88 45.47 -5.39
CA LEU M 351 8.28 45.05 -4.13
C LEU M 351 6.76 45.17 -4.12
N THR M 352 6.22 46.26 -4.67
CA THR M 352 4.77 46.46 -4.64
C THR M 352 4.04 45.39 -5.41
N THR M 353 4.60 44.94 -6.54
CA THR M 353 3.94 43.92 -7.34
C THR M 353 3.76 42.63 -6.53
N GLY M 354 4.76 42.27 -5.73
CA GLY M 354 4.61 41.10 -4.88
C GLY M 354 3.46 41.22 -3.91
N LEU M 355 3.35 42.39 -3.25
CA LEU M 355 2.32 42.56 -2.23
C LEU M 355 0.92 42.51 -2.83
N VAL M 356 0.70 43.12 -3.99
CA VAL M 356 -0.64 43.20 -4.55
C VAL M 356 -1.11 41.88 -5.14
N LEU M 357 -0.20 40.93 -5.34
CA LEU M 357 -0.62 39.60 -5.76
C LEU M 357 -1.51 38.92 -4.72
N CYS M 358 -1.44 39.35 -3.47
CA CYS M 358 -2.28 38.81 -2.41
C CYS M 358 -3.65 39.47 -2.36
N LEU M 359 -3.97 40.34 -3.32
CA LEU M 359 -5.24 41.05 -3.35
C LEU M 359 -6.05 40.61 -4.56
N TYR M 360 -7.36 40.52 -4.37
CA TYR M 360 -8.29 40.21 -5.46
C TYR M 360 -9.72 40.43 -5.00
N GLU N 156 34.27 57.98 -10.38
CA GLU N 156 34.84 57.30 -11.53
C GLU N 156 33.82 57.20 -12.67
N LYS N 157 34.23 56.55 -13.76
CA LYS N 157 33.36 56.36 -14.91
C LYS N 157 33.67 55.02 -15.56
N GLU N 158 32.77 54.58 -16.42
CA GLU N 158 32.98 53.34 -17.14
C GLU N 158 34.06 53.53 -18.20
N PRO N 159 35.09 52.69 -18.25
CA PRO N 159 36.11 52.83 -19.30
C PRO N 159 35.52 52.59 -20.68
N PRO N 160 36.16 53.10 -21.72
CA PRO N 160 35.62 52.90 -23.08
C PRO N 160 35.80 51.47 -23.55
N HIS N 161 34.82 51.01 -24.32
CA HIS N 161 34.90 49.67 -24.89
C HIS N 161 35.92 49.64 -26.02
N PRO N 162 36.82 48.66 -26.07
CA PRO N 162 37.82 48.63 -27.12
C PRO N 162 37.20 48.23 -28.45
N PRO N 163 37.85 48.56 -29.56
CA PRO N 163 37.33 48.17 -30.87
C PRO N 163 37.54 46.70 -31.16
N SER N 164 36.76 46.20 -32.12
CA SER N 164 36.79 44.79 -32.51
C SER N 164 37.76 44.61 -33.67
N TYR N 165 38.88 43.96 -33.40
CA TYR N 165 39.85 43.65 -34.45
C TYR N 165 39.57 42.27 -35.04
N PRO N 166 39.77 42.09 -36.34
CA PRO N 166 39.42 40.80 -36.97
C PRO N 166 40.49 39.72 -36.79
N PHE N 167 40.59 39.21 -35.57
CA PHE N 167 41.44 38.05 -35.32
C PHE N 167 40.83 36.80 -35.93
N TRP N 168 41.69 35.98 -36.56
CA TRP N 168 41.22 34.80 -37.27
C TRP N 168 40.46 33.85 -36.35
N PHE N 169 40.91 33.71 -35.09
CA PHE N 169 40.33 32.71 -34.20
C PHE N 169 38.89 33.04 -33.77
N LYS N 170 38.38 34.23 -34.07
CA LYS N 170 37.09 34.64 -33.55
C LYS N 170 35.91 33.90 -34.18
N SER N 171 36.13 33.14 -35.25
CA SER N 171 35.05 32.43 -35.90
C SER N 171 34.87 31.04 -35.32
N LEU N 172 33.62 30.55 -35.38
CA LEU N 172 33.31 29.21 -34.91
C LEU N 172 34.18 28.15 -35.57
N PHE N 173 34.44 28.31 -36.87
CA PHE N 173 35.09 27.29 -37.68
C PHE N 173 36.59 27.46 -37.80
N HIS N 174 37.20 28.37 -37.04
CA HIS N 174 38.60 28.72 -37.22
C HIS N 174 39.49 28.27 -36.07
N SER N 175 40.76 28.08 -36.40
CA SER N 175 41.83 27.69 -35.48
C SER N 175 42.74 28.88 -35.20
N HIS N 176 43.78 28.63 -34.40
CA HIS N 176 44.82 29.62 -34.16
C HIS N 176 45.71 29.76 -35.40
N ASP N 177 46.31 30.95 -35.53
CA ASP N 177 47.23 31.25 -36.62
C ASP N 177 48.65 31.03 -36.11
N ILE N 178 49.19 29.84 -36.40
CA ILE N 178 50.42 29.37 -35.76
C ILE N 178 51.64 30.18 -36.22
N PRO N 179 51.76 30.54 -37.50
CA PRO N 179 52.89 31.39 -37.90
C PRO N 179 52.99 32.67 -37.09
N SER N 180 51.84 33.26 -36.71
CA SER N 180 51.86 34.47 -35.90
C SER N 180 52.09 34.16 -34.42
N VAL N 181 51.66 32.98 -33.95
CA VAL N 181 51.96 32.56 -32.58
C VAL N 181 53.47 32.40 -32.39
N ARG N 182 54.16 31.91 -33.42
CA ARG N 182 55.61 31.74 -33.33
C ARG N 182 56.32 33.07 -33.17
N ARG N 183 55.91 34.07 -33.95
CA ARG N 183 56.59 35.37 -33.89
C ARG N 183 56.31 36.08 -32.58
N GLY N 184 55.11 35.89 -32.01
CA GLY N 184 54.80 36.49 -30.73
C GLY N 184 55.58 35.90 -29.57
N TYR N 185 56.07 34.68 -29.73
CA TYR N 185 56.90 34.07 -28.69
C TYR N 185 58.31 34.65 -28.68
N GLU N 186 58.80 35.06 -29.85
CA GLU N 186 60.05 35.80 -29.90
C GLU N 186 59.91 37.16 -29.21
N VAL N 187 58.76 37.81 -29.37
CA VAL N 187 58.55 39.11 -28.76
C VAL N 187 58.50 38.99 -27.23
N TYR N 188 57.82 37.95 -26.72
CA TYR N 188 57.79 37.74 -25.28
C TYR N 188 59.19 37.47 -24.74
N ARG N 189 59.95 36.60 -25.40
CA ARG N 189 61.25 36.20 -24.89
C ARG N 189 62.24 37.35 -24.86
N LYS N 190 62.15 38.29 -25.80
CA LYS N 190 63.15 39.34 -25.95
C LYS N 190 62.71 40.70 -25.43
N VAL N 191 61.46 40.86 -24.99
CA VAL N 191 60.99 42.15 -24.52
C VAL N 191 60.23 42.02 -23.21
N CYS N 192 59.17 41.21 -23.20
CA CYS N 192 58.26 41.18 -22.06
C CYS N 192 58.79 40.35 -20.90
N ALA N 193 59.55 39.30 -21.20
CA ALA N 193 60.04 38.39 -20.17
C ALA N 193 60.99 39.07 -19.19
N THR N 194 61.49 40.26 -19.52
CA THR N 194 62.38 40.96 -18.61
C THR N 194 61.67 41.45 -17.36
N CYS N 195 60.34 41.62 -17.42
CA CYS N 195 59.57 42.09 -16.28
C CYS N 195 58.40 41.19 -15.90
N HIS N 196 57.96 40.30 -16.78
CA HIS N 196 56.76 39.49 -16.57
C HIS N 196 57.10 38.01 -16.54
N SER N 197 56.46 37.29 -15.63
CA SER N 197 56.55 35.84 -15.56
C SER N 197 55.32 35.18 -16.19
N MET N 198 55.50 33.95 -16.63
CA MET N 198 54.42 33.06 -17.07
C MET N 198 54.66 31.72 -16.39
N GLU N 199 54.25 31.62 -15.12
CA GLU N 199 54.65 30.52 -14.26
C GLU N 199 53.94 29.21 -14.55
N GLN N 200 52.81 29.23 -15.26
CA GLN N 200 52.06 28.02 -15.55
C GLN N 200 52.50 27.33 -16.84
N LEU N 201 53.31 27.99 -17.67
CA LEU N 201 53.74 27.42 -18.93
C LEU N 201 55.04 26.64 -18.78
N HIS N 202 55.14 25.53 -19.52
CA HIS N 202 56.31 24.66 -19.52
C HIS N 202 56.76 24.45 -20.97
N PHE N 203 58.06 24.23 -21.14
CA PHE N 203 58.62 24.10 -22.48
C PHE N 203 57.97 22.98 -23.26
N ARG N 204 57.62 21.87 -22.60
CA ARG N 204 57.00 20.75 -23.29
C ARG N 204 55.67 21.12 -23.91
N HIS N 205 55.03 22.19 -23.43
CA HIS N 205 53.76 22.62 -24.01
C HIS N 205 53.91 23.10 -25.45
N LEU N 206 55.12 23.51 -25.85
CA LEU N 206 55.33 24.05 -27.19
C LEU N 206 55.58 22.99 -28.23
N VAL N 207 55.90 21.76 -27.83
CA VAL N 207 56.36 20.74 -28.77
C VAL N 207 55.18 20.20 -29.57
N GLY N 208 55.34 20.17 -30.89
CA GLY N 208 54.32 19.65 -31.78
C GLY N 208 53.12 20.56 -31.98
N GLU N 209 53.05 21.68 -31.28
CA GLU N 209 51.96 22.62 -31.39
C GLU N 209 52.39 23.99 -31.88
N VAL N 210 53.65 24.36 -31.71
CA VAL N 210 54.15 25.67 -32.11
C VAL N 210 55.52 25.51 -32.75
N LEU N 211 56.40 24.76 -32.08
CA LEU N 211 57.76 24.51 -32.55
C LEU N 211 58.06 23.03 -32.49
N PRO N 212 59.01 22.56 -33.29
CA PRO N 212 59.43 21.15 -33.21
C PRO N 212 60.37 20.90 -32.03
N GLU N 213 60.51 19.62 -31.71
CA GLU N 213 61.16 19.23 -30.45
C GLU N 213 62.60 19.70 -30.39
N LYS N 214 63.38 19.43 -31.45
CA LYS N 214 64.80 19.77 -31.42
C LYS N 214 65.04 21.26 -31.25
N ARG N 215 64.12 22.09 -31.73
CA ARG N 215 64.27 23.54 -31.57
C ARG N 215 63.94 23.98 -30.16
N VAL N 216 62.98 23.34 -29.49
CA VAL N 216 62.62 23.71 -28.14
C VAL N 216 63.75 23.38 -27.17
N LYS N 217 64.44 22.25 -27.40
CA LYS N 217 65.58 21.90 -26.56
C LYS N 217 66.64 22.99 -26.58
N GLN N 218 66.95 23.52 -27.76
CA GLN N 218 67.96 24.56 -27.88
C GLN N 218 67.56 25.81 -27.09
N ILE N 219 66.28 26.14 -27.06
CA ILE N 219 65.83 27.32 -26.33
C ILE N 219 65.94 27.08 -24.83
N ALA N 220 65.53 25.90 -24.37
CA ALA N 220 65.56 25.59 -22.95
C ALA N 220 66.99 25.59 -22.41
N ALA N 221 67.93 25.04 -23.20
CA ALA N 221 69.31 24.92 -22.75
C ALA N 221 70.02 26.26 -22.63
N GLU N 222 69.48 27.33 -23.22
CA GLU N 222 70.09 28.64 -23.13
C GLU N 222 69.83 29.32 -21.78
N TYR N 223 69.09 28.68 -20.89
CA TYR N 223 68.81 29.20 -19.57
C TYR N 223 69.48 28.37 -18.50
N ASP N 224 69.73 28.99 -17.35
CA ASP N 224 70.31 28.34 -16.18
C ASP N 224 69.23 28.15 -15.14
N VAL N 225 68.98 26.90 -14.75
CA VAL N 225 67.89 26.53 -13.86
C VAL N 225 68.46 25.94 -12.58
N THR N 226 67.85 26.29 -11.45
CA THR N 226 68.28 25.79 -10.14
C THR N 226 67.65 24.44 -9.85
N ASP N 227 68.45 23.53 -9.31
CA ASP N 227 67.99 22.19 -8.98
C ASP N 227 68.70 21.72 -7.72
N GLY N 228 68.17 20.65 -7.14
CA GLY N 228 68.77 20.06 -5.96
C GLY N 228 67.72 19.48 -5.02
N PRO N 229 68.14 19.14 -3.79
CA PRO N 229 69.51 19.20 -3.24
C PRO N 229 70.39 18.05 -3.71
N ASN N 230 71.70 18.23 -3.70
CA ASN N 230 72.63 17.19 -4.10
C ASN N 230 72.92 16.27 -2.90
N ASP N 231 73.86 15.34 -3.09
CA ASP N 231 74.17 14.38 -2.04
C ASP N 231 74.68 15.07 -0.78
N GLN N 232 75.30 16.23 -0.92
CA GLN N 232 75.80 16.99 0.21
C GLN N 232 74.80 18.01 0.75
N GLY N 233 73.57 17.98 0.25
CA GLY N 233 72.56 18.92 0.71
C GLY N 233 72.80 20.35 0.27
N GLU N 234 73.26 20.55 -0.96
CA GLU N 234 73.49 21.87 -1.52
C GLU N 234 72.72 22.05 -2.81
N MET N 235 72.57 23.30 -3.23
CA MET N 235 71.89 23.65 -4.46
C MET N 235 72.91 23.93 -5.56
N TYR N 236 72.46 23.73 -6.80
CA TYR N 236 73.31 23.92 -7.97
C TYR N 236 72.46 24.38 -9.14
N THR N 237 73.11 24.70 -10.25
CA THR N 237 72.45 25.13 -11.48
C THR N 237 72.80 24.19 -12.63
N ARG N 238 71.92 24.16 -13.61
CA ARG N 238 72.11 23.33 -14.79
C ARG N 238 71.29 23.91 -15.93
N PRO N 239 71.60 23.54 -17.18
CA PRO N 239 70.77 23.99 -18.30
C PRO N 239 69.36 23.42 -18.23
N GLY N 240 68.44 24.10 -18.91
CA GLY N 240 67.05 23.73 -18.87
C GLY N 240 66.72 22.55 -19.77
N ILE N 241 65.59 21.92 -19.46
CA ILE N 241 65.09 20.78 -20.20
C ILE N 241 63.59 20.97 -20.45
N LEU N 242 63.03 20.07 -21.26
CA LEU N 242 61.63 20.22 -21.68
C LEU N 242 60.68 20.26 -20.49
N GLY N 243 61.06 19.66 -19.36
CA GLY N 243 60.17 19.59 -18.22
C GLY N 243 60.12 20.84 -17.37
N ASP N 244 60.98 21.81 -17.66
CA ASP N 244 61.07 23.00 -16.83
C ASP N 244 60.04 24.05 -17.25
N ALA N 245 59.71 24.91 -16.30
CA ALA N 245 58.78 26.01 -16.51
C ALA N 245 59.52 27.22 -17.09
N PHE N 246 58.74 28.09 -17.72
CA PHE N 246 59.30 29.34 -18.22
C PHE N 246 60.00 30.08 -17.07
N PRO N 247 61.22 30.58 -17.28
CA PRO N 247 61.95 31.20 -16.17
C PRO N 247 61.31 32.52 -15.75
N SER N 248 61.31 32.76 -14.43
CA SER N 248 60.78 33.99 -13.87
C SER N 248 61.89 35.00 -13.65
N PRO N 249 61.64 36.29 -13.85
CA PRO N 249 62.70 37.29 -13.67
C PRO N 249 62.97 37.66 -12.21
N TYR N 250 62.01 37.48 -11.31
CA TYR N 250 62.19 37.83 -9.91
C TYR N 250 61.82 36.67 -9.01
N PRO N 251 62.47 36.56 -7.83
CA PRO N 251 62.15 35.45 -6.92
C PRO N 251 60.85 35.64 -6.17
N ASN N 252 60.51 36.87 -5.78
CA ASN N 252 59.30 37.14 -5.04
C ASN N 252 58.70 38.46 -5.50
N GLU N 253 57.46 38.70 -5.07
CA GLU N 253 56.74 39.90 -5.47
C GLU N 253 57.37 41.16 -4.91
N GLU N 254 57.93 41.10 -3.70
CA GLU N 254 58.54 42.28 -3.10
C GLU N 254 59.75 42.75 -3.91
N ALA N 255 60.51 41.80 -4.45
CA ALA N 255 61.66 42.17 -5.29
C ALA N 255 61.21 42.77 -6.62
N ALA N 256 60.05 42.36 -7.13
CA ALA N 256 59.56 42.90 -8.39
C ALA N 256 59.17 44.36 -8.25
N ARG N 257 58.42 44.69 -7.19
CA ARG N 257 58.01 46.08 -6.97
C ARG N 257 59.21 46.98 -6.74
N TYR N 258 60.20 46.51 -6.00
CA TYR N 258 61.39 47.32 -5.72
C TYR N 258 62.08 47.75 -7.00
N ALA N 259 62.04 46.92 -8.03
CA ALA N 259 62.69 47.21 -9.31
C ALA N 259 61.80 47.98 -10.27
N ASN N 260 60.51 48.14 -9.95
CA ASN N 260 59.57 48.85 -10.82
C ASN N 260 58.84 49.94 -10.04
N GLY N 261 59.55 50.62 -9.15
CA GLY N 261 58.99 51.77 -8.45
C GLY N 261 57.74 51.47 -7.65
N GLY N 262 57.63 50.27 -7.09
CA GLY N 262 56.51 49.90 -6.27
C GLY N 262 55.35 49.26 -6.99
N ALA N 263 55.42 49.13 -8.31
CA ALA N 263 54.37 48.51 -9.10
C ALA N 263 54.73 47.07 -9.43
N TYR N 264 53.73 46.19 -9.42
CA TYR N 264 53.96 44.77 -9.66
C TYR N 264 53.50 44.39 -11.06
N PRO N 265 54.40 43.95 -11.95
CA PRO N 265 53.95 43.44 -13.25
C PRO N 265 53.28 42.08 -13.10
N PRO N 266 52.01 41.97 -13.48
CA PRO N 266 51.27 40.73 -13.22
C PRO N 266 51.73 39.57 -14.09
N ASP N 267 51.49 38.36 -13.59
CA ASP N 267 51.76 37.15 -14.35
C ASP N 267 50.80 37.04 -15.52
N LEU N 268 51.33 36.64 -16.67
CA LEU N 268 50.61 36.66 -17.94
C LEU N 268 50.25 35.27 -18.44
N SER N 269 49.97 34.34 -17.53
CA SER N 269 49.64 32.98 -17.93
C SER N 269 48.17 32.85 -18.36
N LEU N 270 47.29 33.68 -17.83
CA LEU N 270 45.88 33.66 -18.17
C LEU N 270 45.37 35.06 -18.54
N ILE N 271 46.21 35.88 -19.17
CA ILE N 271 45.97 37.31 -19.20
C ILE N 271 44.75 37.65 -20.07
N THR N 272 44.54 36.93 -21.17
CA THR N 272 43.40 37.24 -22.02
C THR N 272 42.07 36.76 -21.44
N ALA N 273 42.09 35.91 -20.42
CA ALA N 273 40.89 35.53 -19.70
C ALA N 273 40.66 36.39 -18.46
N ALA N 274 41.61 37.25 -18.11
CA ALA N 274 41.61 37.99 -16.84
C ALA N 274 41.28 39.47 -17.03
N ARG N 275 40.95 39.90 -18.24
CA ARG N 275 40.55 41.28 -18.51
C ARG N 275 39.30 41.28 -19.37
N HIS N 276 38.49 42.32 -19.20
CA HIS N 276 37.29 42.48 -20.04
C HIS N 276 37.68 42.70 -21.49
N PHE N 277 36.99 42.01 -22.39
CA PHE N 277 37.19 42.11 -23.83
C PHE N 277 38.49 41.45 -24.29
N GLY N 278 39.34 41.06 -23.34
CA GLY N 278 40.47 40.21 -23.62
C GLY N 278 41.42 40.74 -24.69
N PRO N 279 41.58 39.97 -25.78
CA PRO N 279 42.62 40.32 -26.77
C PRO N 279 42.43 41.69 -27.40
N ASP N 280 41.20 42.12 -27.63
CA ASP N 280 40.98 43.46 -28.18
C ASP N 280 41.51 44.53 -27.23
N TYR N 281 41.34 44.33 -25.92
CA TYR N 281 41.87 45.28 -24.95
C TYR N 281 43.40 45.32 -24.99
N LEU N 282 44.03 44.16 -25.10
CA LEU N 282 45.49 44.11 -25.09
C LEU N 282 46.08 44.77 -26.33
N MET N 283 45.44 44.57 -27.49
CA MET N 283 45.92 45.21 -28.71
C MET N 283 45.84 46.72 -28.60
N ALA N 284 44.71 47.24 -28.12
CA ALA N 284 44.53 48.68 -27.98
C ALA N 284 45.48 49.26 -26.95
N LEU N 285 45.60 48.61 -25.79
CA LEU N 285 46.53 49.07 -24.75
C LEU N 285 47.93 49.32 -25.31
N LEU N 286 48.45 48.35 -26.07
CA LEU N 286 49.84 48.43 -26.51
C LEU N 286 50.10 49.59 -27.47
N GLY N 287 49.06 50.15 -28.07
CA GLY N 287 49.21 51.29 -28.96
C GLY N 287 48.46 52.52 -28.51
N GLY N 288 48.25 52.67 -27.20
CA GLY N 288 47.46 53.76 -26.66
C GLY N 288 48.22 54.83 -25.91
N TYR N 289 49.56 54.76 -25.89
CA TYR N 289 50.33 55.78 -25.19
C TYR N 289 50.27 57.10 -25.94
N ARG N 290 49.88 58.16 -25.24
CA ARG N 290 49.79 59.50 -25.80
C ARG N 290 50.38 60.49 -24.82
N ASP N 291 50.61 61.70 -25.30
CA ASP N 291 50.99 62.79 -24.41
C ASP N 291 49.79 63.21 -23.57
N PRO N 292 50.02 63.72 -22.36
CA PRO N 292 48.90 64.04 -21.47
C PRO N 292 48.09 65.21 -21.99
N PRO N 293 46.83 65.32 -21.58
CA PRO N 293 46.01 66.47 -21.99
C PRO N 293 46.31 67.69 -21.14
N GLU N 294 45.80 68.83 -21.62
CA GLU N 294 45.97 70.09 -20.89
C GLU N 294 45.32 69.99 -19.51
N GLY N 295 46.10 70.29 -18.48
CA GLY N 295 45.62 70.30 -17.11
C GLY N 295 45.95 69.07 -16.31
N VAL N 296 46.56 68.05 -16.92
CA VAL N 296 46.94 66.83 -16.22
C VAL N 296 48.46 66.73 -16.23
N GLU N 297 49.06 66.78 -15.05
CA GLU N 297 50.51 66.65 -14.88
C GLU N 297 50.78 65.40 -14.06
N LEU N 298 51.58 64.50 -14.61
CA LEU N 298 51.89 63.23 -13.98
C LEU N 298 53.30 63.24 -13.42
N ARG N 299 53.49 62.60 -12.26
CA ARG N 299 54.79 62.49 -11.65
C ARG N 299 55.60 61.36 -12.30
N PRO N 300 56.92 61.39 -12.14
CA PRO N 300 57.75 60.37 -12.80
C PRO N 300 57.32 58.96 -12.44
N GLY N 301 57.43 58.06 -13.42
CA GLY N 301 57.01 56.69 -13.25
C GLY N 301 55.61 56.40 -13.73
N LEU N 302 54.88 57.40 -14.19
CA LEU N 302 53.52 57.23 -14.70
C LEU N 302 53.43 57.74 -16.12
N TYR N 303 52.54 57.13 -16.89
CA TYR N 303 52.37 57.43 -18.31
C TYR N 303 50.89 57.42 -18.65
N TRP N 304 50.52 58.16 -19.69
CA TRP N 304 49.14 58.33 -20.08
C TRP N 304 48.77 57.34 -21.18
N ASN N 305 47.62 56.67 -21.01
CA ASN N 305 47.17 55.64 -21.95
C ASN N 305 45.67 55.77 -22.12
N VAL N 306 45.22 55.66 -23.38
CA VAL N 306 43.81 55.88 -23.70
C VAL N 306 42.92 54.85 -23.01
N TRP N 307 43.36 53.59 -22.96
CA TRP N 307 42.48 52.49 -22.63
C TRP N 307 42.67 51.94 -21.22
N PHE N 308 43.76 52.31 -20.54
CA PHE N 308 43.99 51.81 -19.18
C PHE N 308 43.09 52.55 -18.21
N PRO N 309 42.36 51.84 -17.34
CA PRO N 309 41.48 52.54 -16.39
C PRO N 309 42.22 53.60 -15.60
N GLY N 310 41.64 54.79 -15.55
CA GLY N 310 42.27 55.94 -14.94
C GLY N 310 43.28 56.64 -15.81
N ASN N 311 43.70 56.04 -16.92
CA ASN N 311 44.60 56.64 -17.90
C ASN N 311 46.06 56.62 -17.47
N ALA N 312 46.33 56.53 -16.17
CA ALA N 312 47.68 56.59 -15.64
C ALA N 312 48.19 55.18 -15.37
N ILE N 313 49.20 54.77 -16.13
CA ILE N 313 49.78 53.43 -16.02
C ILE N 313 51.25 53.57 -15.67
N ALA N 314 51.79 52.56 -14.98
CA ALA N 314 53.19 52.55 -14.55
C ALA N 314 54.10 51.76 -15.48
N MET N 315 53.57 51.11 -16.51
CA MET N 315 54.40 50.44 -17.50
C MET N 315 54.87 51.44 -18.55
N PRO N 316 56.17 51.57 -18.78
CA PRO N 316 56.62 52.40 -19.90
C PRO N 316 56.24 51.79 -21.23
N PRO N 317 56.22 52.56 -22.31
CA PRO N 317 55.92 52.01 -23.62
C PRO N 317 56.89 50.90 -23.99
N PRO N 318 56.42 49.65 -24.08
CA PRO N 318 57.35 48.54 -24.28
C PRO N 318 57.82 48.35 -25.71
N LEU N 319 57.07 48.81 -26.70
CA LEU N 319 57.38 48.54 -28.10
C LEU N 319 57.81 49.81 -28.83
N MET N 320 58.73 49.64 -29.78
CA MET N 320 59.15 50.70 -30.67
C MET N 320 59.57 50.07 -32.00
N ASP N 321 59.39 50.83 -33.08
CA ASP N 321 59.68 50.30 -34.41
C ASP N 321 61.14 49.86 -34.51
N GLU N 322 61.34 48.71 -35.16
CA GLU N 322 62.68 48.17 -35.39
C GLU N 322 63.41 47.95 -34.08
N MET N 323 63.40 46.71 -33.59
CA MET N 323 64.04 46.39 -32.33
C MET N 323 64.45 44.91 -32.28
N ILE N 324 63.75 44.06 -33.03
CA ILE N 324 64.12 42.66 -33.17
C ILE N 324 63.98 42.27 -34.63
N ASP N 325 64.63 41.15 -34.98
CA ASP N 325 64.59 40.61 -36.34
C ASP N 325 63.89 39.26 -36.29
N TYR N 326 62.67 39.20 -36.83
CA TYR N 326 61.96 37.94 -36.95
C TYR N 326 62.80 36.94 -37.74
N GLU N 327 62.52 35.65 -37.52
CA GLU N 327 63.27 34.60 -38.17
C GLU N 327 62.71 34.25 -39.55
N ASP N 328 61.44 34.53 -39.81
CA ASP N 328 60.82 34.22 -41.09
C ASP N 328 60.90 35.37 -42.08
N GLY N 329 61.51 36.50 -41.71
CA GLY N 329 61.72 37.60 -42.62
C GLY N 329 60.63 38.66 -42.63
N THR N 330 59.59 38.50 -41.81
CA THR N 330 58.51 39.47 -41.79
C THR N 330 59.05 40.82 -41.29
N PRO N 331 58.81 41.92 -41.99
CA PRO N 331 59.28 43.22 -41.50
C PRO N 331 58.61 43.58 -40.17
N CYS N 332 59.40 44.15 -39.28
CA CYS N 332 58.96 44.45 -37.91
C CYS N 332 58.51 45.91 -37.79
N ASN N 333 57.41 46.11 -37.10
CA ASN N 333 56.94 47.44 -36.72
C ASN N 333 56.02 47.28 -35.51
N ILE N 334 55.69 48.41 -34.90
CA ILE N 334 54.94 48.38 -33.64
C ILE N 334 53.62 47.64 -33.82
N SER N 335 52.94 47.87 -34.93
CA SER N 335 51.62 47.26 -35.14
C SER N 335 51.75 45.76 -35.38
N GLN N 336 52.77 45.34 -36.15
CA GLN N 336 52.98 43.92 -36.38
C GLN N 336 53.27 43.19 -35.08
N MET N 337 54.17 43.73 -34.26
CA MET N 337 54.53 43.08 -33.01
C MET N 337 53.33 43.00 -32.07
N SER N 338 52.47 44.02 -32.07
CA SER N 338 51.29 43.99 -31.22
C SER N 338 50.36 42.84 -31.61
N LYS N 339 50.05 42.71 -32.90
CA LYS N 339 49.18 41.63 -33.35
C LYS N 339 49.77 40.26 -33.02
N ASP N 340 51.09 40.11 -33.17
CA ASP N 340 51.72 38.81 -32.96
C ASP N 340 51.75 38.44 -31.49
N VAL N 341 52.13 39.39 -30.62
CA VAL N 341 52.24 39.07 -29.20
C VAL N 341 50.86 38.78 -28.61
N VAL N 342 49.80 39.36 -29.17
CA VAL N 342 48.46 39.09 -28.70
C VAL N 342 48.05 37.66 -29.04
N ASN N 343 48.39 37.21 -30.26
CA ASN N 343 48.06 35.84 -30.66
C ASN N 343 48.77 34.83 -29.77
N PHE N 344 50.05 35.04 -29.49
CA PHE N 344 50.79 34.13 -28.61
C PHE N 344 50.14 34.06 -27.23
N LEU N 345 49.79 35.20 -26.65
CA LEU N 345 49.25 35.22 -25.30
C LEU N 345 47.83 34.67 -25.24
N THR N 346 47.08 34.75 -26.35
CA THR N 346 45.76 34.13 -26.38
C THR N 346 45.87 32.62 -26.40
N TRP N 347 46.80 32.09 -27.21
CA TRP N 347 47.06 30.65 -27.21
C TRP N 347 47.52 30.17 -25.84
N ALA N 348 48.45 30.91 -25.23
CA ALA N 348 48.99 30.51 -23.94
C ALA N 348 47.94 30.52 -22.83
N THR N 349 46.87 31.30 -22.98
CA THR N 349 45.82 31.32 -21.98
C THR N 349 45.03 30.01 -21.97
N GLU N 350 44.87 29.37 -23.13
CA GLU N 350 44.24 28.06 -23.19
C GLU N 350 44.67 27.29 -24.43
N PRO N 351 45.74 26.48 -24.36
CA PRO N 351 46.17 25.71 -25.53
C PRO N 351 45.19 24.66 -26.01
N THR N 352 44.14 24.34 -25.25
CA THR N 352 43.15 23.35 -25.64
C THR N 352 42.00 23.93 -26.46
N ALA N 353 42.14 25.17 -26.96
CA ALA N 353 41.03 25.81 -27.63
C ALA N 353 40.66 25.10 -28.94
N ASP N 354 41.66 24.65 -29.69
CA ASP N 354 41.38 24.01 -30.98
C ASP N 354 40.73 22.65 -30.81
N GLU N 355 41.21 21.86 -29.84
CA GLU N 355 40.56 20.59 -29.54
C GLU N 355 39.11 20.79 -29.10
N ARG N 356 38.86 21.84 -28.32
CA ARG N 356 37.52 22.10 -27.82
C ARG N 356 36.56 22.45 -28.95
N LYS N 357 36.99 23.30 -29.88
CA LYS N 357 36.10 23.78 -30.93
C LYS N 357 35.80 22.68 -31.96
N LEU N 358 36.80 21.86 -32.29
CA LEU N 358 36.58 20.81 -33.28
C LEU N 358 35.66 19.72 -32.74
N TYR N 359 35.73 19.43 -31.44
CA TYR N 359 34.81 18.46 -30.84
C TYR N 359 33.40 19.02 -30.77
N GLY N 360 33.26 20.32 -30.55
CA GLY N 360 31.93 20.92 -30.46
C GLY N 360 31.18 20.88 -31.78
N LEU N 361 31.88 21.09 -32.89
CA LEU N 361 31.24 21.02 -34.19
C LEU N 361 30.64 19.64 -34.44
N LYS N 362 31.41 18.59 -34.14
CA LYS N 362 30.90 17.23 -34.31
C LYS N 362 29.69 16.97 -33.42
N CYS N 363 29.70 17.53 -32.21
CA CYS N 363 28.64 17.23 -31.24
C CYS N 363 27.37 18.02 -31.52
N VAL N 364 27.50 19.34 -31.70
CA VAL N 364 26.31 20.17 -31.89
C VAL N 364 25.58 19.80 -33.17
N SER N 365 26.31 19.37 -34.20
CA SER N 365 25.67 18.94 -35.43
C SER N 365 24.90 17.64 -35.24
N ALA N 366 25.49 16.68 -34.54
CA ALA N 366 24.81 15.41 -34.27
C ALA N 366 23.55 15.64 -33.43
N ILE N 367 23.66 16.41 -32.35
CA ILE N 367 22.53 16.64 -31.48
C ILE N 367 21.39 17.31 -32.25
N ALA N 368 21.72 18.26 -33.10
CA ALA N 368 20.70 18.95 -33.88
C ALA N 368 19.92 17.98 -34.75
N ILE N 369 20.60 17.04 -35.40
CA ILE N 369 19.93 16.06 -36.25
C ILE N 369 18.99 15.19 -35.42
N GLY N 370 19.44 14.76 -34.24
CA GLY N 370 18.58 14.00 -33.36
C GLY N 370 17.38 14.78 -32.87
N THR N 371 17.52 16.09 -32.73
CA THR N 371 16.40 16.93 -32.32
C THR N 371 15.31 16.94 -33.40
N VAL N 372 15.70 16.95 -34.67
CA VAL N 372 14.73 16.89 -35.76
C VAL N 372 13.97 15.57 -35.72
N LEU N 373 14.69 14.46 -35.56
CA LEU N 373 14.05 13.16 -35.51
C LEU N 373 13.07 13.04 -34.35
N MET N 374 13.42 13.58 -33.18
CA MET N 374 12.51 13.51 -32.04
C MET N 374 11.29 14.40 -32.26
N THR N 375 11.44 15.49 -33.02
CA THR N 375 10.29 16.33 -33.35
C THR N 375 9.29 15.56 -34.21
N LEU N 376 9.77 14.79 -35.18
CA LEU N 376 8.89 13.99 -36.02
C LEU N 376 8.18 12.91 -35.20
N TRP N 377 8.90 12.27 -34.28
CA TRP N 377 8.30 11.22 -33.45
C TRP N 377 7.25 11.78 -32.51
N TRP N 378 7.41 13.03 -32.05
CA TRP N 378 6.41 13.65 -31.21
C TRP N 378 5.15 14.00 -31.99
N ARG N 379 5.31 14.59 -33.18
CA ARG N 379 4.15 14.95 -33.98
C ARG N 379 3.41 13.72 -34.51
N PHE N 380 4.13 12.60 -34.66
CA PHE N 380 3.49 11.34 -35.02
C PHE N 380 2.38 10.97 -34.04
N TYR N 381 2.64 11.12 -32.74
CA TYR N 381 1.63 10.83 -31.73
C TYR N 381 0.69 12.00 -31.48
N TRP N 382 1.09 13.23 -31.80
CA TRP N 382 0.22 14.38 -31.62
C TRP N 382 -0.99 14.32 -32.54
N ALA N 383 -0.84 13.75 -33.74
CA ALA N 383 -1.88 13.82 -34.76
C ALA N 383 -3.07 12.92 -34.46
N MET N 384 -2.88 11.83 -33.71
CA MET N 384 -3.97 10.90 -33.49
C MET N 384 -5.02 11.48 -32.54
N TYR N 385 -4.62 12.38 -31.65
CA TYR N 385 -5.56 13.05 -30.76
C TYR N 385 -5.94 14.45 -31.23
N ALA N 386 -5.16 15.07 -32.13
CA ALA N 386 -5.53 16.36 -32.68
C ALA N 386 -6.58 16.24 -33.77
N THR N 387 -6.65 15.08 -34.44
CA THR N 387 -7.64 14.81 -35.47
C THR N 387 -8.81 13.96 -34.98
N ARG N 388 -8.88 13.69 -33.67
CA ARG N 388 -9.91 12.85 -33.10
C ARG N 388 -11.27 13.57 -33.10
N ARG N 389 -12.33 12.80 -33.32
CA ARG N 389 -13.71 13.29 -33.28
C ARG N 389 -14.44 12.69 -32.09
N ILE N 390 -15.17 13.52 -31.36
CA ILE N 390 -16.03 13.10 -30.26
C ILE N 390 -17.41 13.73 -30.44
N ASP N 391 -18.44 12.90 -30.52
CA ASP N 391 -19.81 13.33 -30.73
C ASP N 391 -20.66 13.01 -29.51
N PHE N 392 -21.57 13.93 -29.17
CA PHE N 392 -22.51 13.74 -28.08
C PHE N 392 -23.89 13.48 -28.66
N GLY N 393 -24.61 12.54 -28.04
CA GLY N 393 -25.95 12.19 -28.49
C GLY N 393 -25.97 11.14 -29.59
N LYS N 394 -25.58 11.53 -30.79
CA LYS N 394 -25.66 10.64 -31.95
C LYS N 394 -24.41 10.80 -32.80
N LEU N 395 -24.15 9.78 -33.61
CA LEU N 395 -23.00 9.76 -34.51
C LEU N 395 -23.28 10.62 -35.74
N LYS N 396 -22.34 11.51 -36.05
CA LYS N 396 -22.50 12.42 -37.20
C LYS N 396 -21.85 11.85 -38.45
N TYR N 397 -20.53 11.79 -38.48
CA TYR N 397 -19.78 11.36 -39.65
C TYR N 397 -18.86 10.20 -39.31
N LEU N 398 -18.56 9.40 -40.33
CA LEU N 398 -17.57 8.34 -40.24
C LEU N 398 -16.26 8.79 -40.86
N SER O 160 4.27 -18.07 -1.27
CA SER O 160 5.59 -18.07 -0.65
C SER O 160 6.69 -17.96 -1.70
N VAL O 161 7.91 -17.76 -1.25
CA VAL O 161 9.07 -17.64 -2.14
C VAL O 161 9.94 -18.89 -2.12
N HIS O 162 9.46 -19.97 -1.52
CA HIS O 162 10.25 -21.20 -1.38
C HIS O 162 9.66 -22.30 -2.26
N SER O 163 10.52 -22.97 -3.02
CA SER O 163 10.15 -24.09 -3.86
C SER O 163 10.50 -25.40 -3.19
N HIS O 164 9.74 -26.44 -3.52
CA HIS O 164 10.07 -27.78 -3.09
C HIS O 164 11.13 -28.37 -4.00
N ASN O 165 11.73 -29.48 -3.55
CA ASN O 165 12.85 -30.12 -4.22
C ASN O 165 12.54 -31.60 -4.50
N ILE O 166 11.33 -31.86 -5.01
CA ILE O 166 10.92 -33.21 -5.37
C ILE O 166 11.55 -33.55 -6.72
N ARG O 167 12.56 -34.42 -6.71
CA ARG O 167 13.27 -34.81 -7.92
C ARG O 167 13.79 -36.22 -7.74
N PRO O 168 14.18 -36.88 -8.82
CA PRO O 168 14.84 -38.19 -8.68
C PRO O 168 16.25 -38.06 -8.14
N ASP O 169 16.72 -39.14 -7.52
CA ASP O 169 18.01 -39.16 -6.85
C ASP O 169 18.54 -40.58 -6.88
N LYS O 170 19.82 -40.73 -7.24
CA LYS O 170 20.43 -42.05 -7.36
C LYS O 170 21.07 -42.52 -6.06
N HIS O 171 21.35 -41.62 -5.12
CA HIS O 171 21.93 -41.99 -3.84
C HIS O 171 20.91 -42.02 -2.71
N GLU O 172 19.92 -41.14 -2.74
CA GLU O 172 18.84 -41.12 -1.76
C GLU O 172 17.64 -41.81 -2.41
N LEU O 173 17.56 -43.13 -2.21
CA LEU O 173 16.51 -43.93 -2.82
C LEU O 173 15.14 -43.50 -2.28
N PRO O 174 14.06 -43.86 -2.98
CA PRO O 174 12.73 -43.42 -2.55
C PRO O 174 12.28 -44.11 -1.26
N ALA O 175 11.44 -43.38 -0.52
CA ALA O 175 11.00 -43.86 0.79
C ALA O 175 10.25 -45.17 0.71
N SER O 176 9.57 -45.43 -0.42
CA SER O 176 8.92 -46.72 -0.60
C SER O 176 9.92 -47.87 -0.68
N GLU O 177 11.21 -47.58 -0.69
CA GLU O 177 12.26 -48.59 -0.70
C GLU O 177 13.23 -48.47 0.47
N VAL O 178 13.50 -47.27 0.97
CA VAL O 178 14.31 -47.06 2.17
C VAL O 178 13.63 -45.99 3.03
N PRO O 179 12.83 -46.39 4.04
CA PRO O 179 11.99 -45.41 4.74
C PRO O 179 12.70 -44.55 5.78
N LEU O 180 13.85 -44.97 6.29
CA LEU O 180 14.55 -44.27 7.37
C LEU O 180 13.78 -44.36 8.69
N TYR O 181 12.53 -43.91 8.72
CA TYR O 181 11.73 -44.05 9.92
C TYR O 181 11.35 -45.51 10.14
N TYR O 182 11.09 -45.85 11.41
CA TYR O 182 10.69 -47.21 11.78
C TYR O 182 9.36 -47.55 11.13
N ASN O 183 9.35 -48.58 10.29
CA ASN O 183 8.25 -48.84 9.37
C ASN O 183 7.34 -49.94 9.93
N ARG O 184 6.69 -49.62 11.04
CA ARG O 184 5.69 -50.50 11.65
C ARG O 184 4.51 -49.65 12.09
N PHE O 185 3.33 -49.94 11.51
CA PHE O 185 2.13 -49.16 11.75
C PHE O 185 0.93 -50.08 11.96
N ASP O 186 0.05 -49.69 12.89
CA ASP O 186 -1.26 -50.31 13.04
C ASP O 186 -2.25 -49.65 12.09
N GLN O 187 -3.42 -50.27 11.93
CA GLN O 187 -4.41 -49.82 10.96
C GLN O 187 -5.82 -50.01 11.51
N ALA O 188 -6.58 -48.92 11.57
CA ALA O 188 -7.95 -48.93 12.07
C ALA O 188 -8.93 -48.94 10.92
N ASP O 189 -10.04 -49.67 11.10
CA ASP O 189 -11.10 -49.68 10.11
C ASP O 189 -11.79 -48.33 9.99
N HIS O 190 -11.88 -47.59 11.09
CA HIS O 190 -12.51 -46.29 11.09
C HIS O 190 -11.79 -45.47 12.16
N PRO O 191 -11.34 -44.24 11.85
CA PRO O 191 -10.47 -43.52 12.79
C PRO O 191 -11.13 -43.17 14.12
N SER O 192 -12.44 -43.32 14.25
CA SER O 192 -13.09 -43.10 15.54
C SER O 192 -12.65 -44.12 16.58
N LEU O 193 -12.12 -45.26 16.14
CA LEU O 193 -11.67 -46.29 17.08
C LEU O 193 -10.45 -45.88 17.88
N TRP O 194 -9.67 -44.90 17.41
CA TRP O 194 -8.49 -44.48 18.16
C TRP O 194 -8.84 -43.90 19.52
N GLN O 195 -10.08 -43.42 19.69
CA GLN O 195 -10.48 -42.92 21.00
C GLN O 195 -10.52 -44.02 22.05
N LEU O 196 -10.80 -45.26 21.64
CA LEU O 196 -10.79 -46.37 22.59
C LEU O 196 -9.37 -46.79 22.95
N GLU O 197 -8.47 -46.76 21.97
CA GLU O 197 -7.06 -47.04 22.24
C GLU O 197 -6.49 -46.06 23.26
N GLU O 198 -6.94 -44.81 23.23
CA GLU O 198 -6.39 -43.78 24.10
C GLU O 198 -6.88 -43.89 25.54
N GLU O 199 -7.91 -44.69 25.81
CA GLU O 199 -8.42 -44.87 27.16
C GLU O 199 -8.16 -46.25 27.73
N GLN O 200 -7.68 -47.20 26.92
CA GLN O 200 -7.39 -48.54 27.39
C GLN O 200 -5.90 -48.87 27.46
N GLN O 201 -5.04 -48.06 26.84
CA GLN O 201 -3.60 -48.26 26.90
C GLN O 201 -2.98 -47.38 27.98
N ARG O 202 -1.90 -47.87 28.56
CA ARG O 202 -1.19 -47.14 29.60
C ARG O 202 -0.14 -46.21 29.00
N LYS O 203 0.18 -45.16 29.74
CA LYS O 203 1.13 -44.14 29.32
C LYS O 203 2.36 -44.17 30.22
N HIS O 204 3.54 -44.04 29.61
CA HIS O 204 4.78 -44.05 30.38
C HIS O 204 4.86 -42.86 31.33
N LEU O 205 4.34 -41.71 30.91
CA LEU O 205 4.42 -40.50 31.72
C LEU O 205 3.58 -40.57 32.99
N ASP O 206 2.79 -41.62 33.16
CA ASP O 206 2.03 -41.82 34.39
C ASP O 206 2.79 -42.63 35.43
N GLN O 207 3.89 -43.25 35.06
CA GLN O 207 4.75 -43.95 36.01
C GLN O 207 5.77 -42.98 36.59
N GLU O 208 6.26 -43.32 37.78
CA GLU O 208 7.22 -42.49 38.49
C GLU O 208 8.62 -43.07 38.35
N VAL O 209 9.53 -42.29 37.77
CA VAL O 209 10.93 -42.65 37.67
C VAL O 209 11.75 -41.52 38.29
N THR O 210 12.94 -41.86 38.78
CA THR O 210 13.77 -40.91 39.50
C THR O 210 15.16 -40.71 38.92
N ASP O 211 15.66 -41.64 38.09
CA ASP O 211 17.02 -41.57 37.58
C ASP O 211 17.02 -41.69 36.06
N VAL O 212 17.94 -40.96 35.43
CA VAL O 212 18.07 -40.96 33.98
C VAL O 212 18.23 -42.38 33.45
N SER O 213 18.87 -43.26 34.22
CA SER O 213 19.12 -44.62 33.77
C SER O 213 17.85 -45.46 33.69
N GLN O 214 16.74 -45.00 34.25
CA GLN O 214 15.49 -45.74 34.22
C GLN O 214 14.54 -45.27 33.13
N LEU O 215 14.96 -44.33 32.29
CA LEU O 215 14.12 -43.82 31.23
C LEU O 215 13.91 -44.88 30.14
N VAL O 216 12.74 -44.83 29.50
CA VAL O 216 12.40 -45.82 28.49
C VAL O 216 13.37 -45.73 27.32
N GLU O 217 13.69 -46.90 26.74
CA GLU O 217 14.61 -46.97 25.60
C GLU O 217 13.83 -46.88 24.29
N PRO O 218 14.24 -46.02 23.36
CA PRO O 218 13.52 -45.92 22.07
C PRO O 218 13.60 -47.22 21.27
N VAL O 219 12.55 -47.46 20.48
CA VAL O 219 12.53 -48.60 19.57
C VAL O 219 13.27 -48.33 18.28
N SER O 220 13.65 -47.07 18.02
CA SER O 220 14.40 -46.72 16.82
C SER O 220 15.88 -47.04 17.02
N SER O 221 16.54 -47.47 15.95
CA SER O 221 17.95 -47.81 15.99
C SER O 221 18.83 -46.59 15.69
N PRO O 222 19.97 -46.45 16.35
CA PRO O 222 20.86 -45.31 16.08
C PRO O 222 21.67 -45.43 14.79
N HIS O 223 21.73 -46.62 14.19
CA HIS O 223 22.55 -46.85 13.00
C HIS O 223 21.67 -46.67 11.76
N GLN O 224 21.96 -45.62 10.98
CA GLN O 224 21.11 -45.25 9.86
C GLN O 224 21.89 -44.52 8.77
N THR O 225 22.04 -43.21 8.88
CA THR O 225 22.67 -42.40 7.85
C THR O 225 24.19 -42.46 7.98
N GLU O 226 24.85 -42.72 6.85
CA GLU O 226 26.30 -42.90 6.78
C GLU O 226 26.88 -42.00 5.69
N GLY O 227 28.14 -41.63 5.83
CA GLY O 227 28.81 -40.85 4.81
C GLY O 227 29.96 -40.05 5.34
N TRP O 228 30.79 -39.57 4.41
CA TRP O 228 31.92 -38.73 4.74
C TRP O 228 31.46 -37.37 5.25
N PHE O 229 32.00 -36.95 6.39
CA PHE O 229 31.71 -35.65 6.98
C PHE O 229 30.23 -35.44 7.26
N LYS O 230 29.51 -36.54 7.49
CA LYS O 230 28.10 -36.47 7.88
C LYS O 230 28.04 -36.42 9.40
N ARG O 231 27.79 -35.22 9.93
CA ARG O 231 27.85 -34.98 11.36
C ARG O 231 26.63 -35.56 12.07
N LEU O 232 25.43 -35.24 11.58
CA LEU O 232 24.19 -35.76 12.17
C LEU O 232 23.84 -37.09 11.53
N ARG O 233 23.37 -38.03 12.35
CA ARG O 233 23.32 -39.43 11.98
C ARG O 233 21.90 -40.02 12.00
N TYR O 234 20.87 -39.20 12.20
CA TYR O 234 19.50 -39.71 12.27
C TYR O 234 18.53 -38.71 11.64
N TRP O 235 17.72 -39.20 10.70
CA TRP O 235 16.73 -38.39 9.99
C TRP O 235 15.45 -39.20 9.79
N HIS O 236 14.41 -38.53 9.28
CA HIS O 236 13.13 -39.18 9.00
C HIS O 236 12.70 -39.04 7.53
N TYR O 237 12.49 -37.84 7.02
CA TYR O 237 11.74 -37.62 5.78
C TYR O 237 12.62 -37.06 4.66
N LYS O 238 12.20 -37.34 3.43
CA LYS O 238 12.92 -36.92 2.22
C LYS O 238 11.92 -36.66 1.09
N GLU O 239 12.37 -35.89 0.10
CA GLU O 239 11.54 -35.43 -1.02
C GLU O 239 11.84 -36.17 -2.32
N THR O 240 12.46 -37.34 -2.25
CA THR O 240 12.80 -38.07 -3.47
C THR O 240 11.55 -38.47 -4.24
N ALA O 241 11.63 -38.35 -5.57
CA ALA O 241 10.49 -38.65 -6.44
C ALA O 241 10.18 -40.15 -6.42
N GLU O 242 8.89 -40.48 -6.49
CA GLU O 242 8.47 -41.87 -6.54
C GLU O 242 8.34 -42.33 -7.99
N PRO O 243 8.74 -43.56 -8.30
CA PRO O 243 8.73 -44.02 -9.70
C PRO O 243 7.31 -44.37 -10.16
N THR O 244 7.23 -44.85 -11.41
CA THR O 244 5.94 -45.16 -12.00
C THR O 244 5.31 -46.38 -11.33
N PHE O 245 6.11 -47.37 -10.98
CA PHE O 245 5.66 -48.63 -10.38
C PHE O 245 6.40 -48.85 -9.07
N PRO O 246 5.91 -48.29 -7.97
CA PRO O 246 6.61 -48.43 -6.69
C PRO O 246 6.45 -49.84 -6.10
N ARG O 247 7.26 -50.10 -5.08
CA ARG O 247 7.19 -51.38 -4.38
C ARG O 247 5.89 -51.48 -3.60
N THR O 248 5.32 -52.68 -3.58
CA THR O 248 4.06 -52.93 -2.90
C THR O 248 4.29 -53.12 -1.40
N PRO O 249 3.67 -52.33 -0.53
CA PRO O 249 3.88 -52.51 0.91
C PRO O 249 3.41 -53.88 1.37
N ASP O 250 4.13 -54.44 2.35
CA ASP O 250 3.79 -55.71 2.97
C ASP O 250 3.05 -55.41 4.28
N LEU O 251 1.72 -55.48 4.25
CA LEU O 251 0.92 -55.13 5.41
C LEU O 251 1.11 -56.13 6.55
N SER O 252 1.47 -57.37 6.22
CA SER O 252 1.68 -58.39 7.26
C SER O 252 2.86 -58.06 8.17
N LYS O 253 3.82 -57.26 7.69
CA LYS O 253 4.95 -56.84 8.49
C LYS O 253 4.75 -55.47 9.12
N GLY O 254 3.58 -54.85 8.93
CA GLY O 254 3.30 -53.55 9.50
C GLY O 254 3.71 -52.36 8.65
N GLU O 255 3.99 -52.56 7.36
CA GLU O 255 4.48 -51.47 6.53
C GLU O 255 3.38 -50.45 6.25
N LEU O 256 3.79 -49.20 6.04
CA LEU O 256 2.87 -48.11 5.76
C LEU O 256 2.45 -48.10 4.30
N ALA O 257 1.19 -47.77 4.06
CA ALA O 257 0.65 -47.59 2.71
C ALA O 257 0.02 -46.20 2.64
N ALA O 258 0.60 -45.32 1.83
CA ALA O 258 0.12 -43.96 1.73
C ALA O 258 0.63 -43.31 0.45
N GLY O 259 -0.19 -42.44 -0.12
CA GLY O 259 0.23 -41.68 -1.29
C GLY O 259 0.36 -42.55 -2.52
N ALA O 260 1.53 -42.52 -3.14
CA ALA O 260 1.75 -43.25 -4.39
C ALA O 260 1.63 -44.76 -4.21
N THR O 261 1.87 -45.27 -3.00
CA THR O 261 1.79 -46.69 -2.75
C THR O 261 0.36 -47.18 -2.55
N VAL O 262 -0.62 -46.28 -2.55
CA VAL O 262 -2.02 -46.64 -2.62
C VAL O 262 -2.55 -46.54 -4.04
N THR O 263 -2.18 -45.46 -4.74
CA THR O 263 -2.77 -45.17 -6.05
C THR O 263 -2.18 -46.05 -7.16
N ARG O 264 -0.90 -46.41 -7.07
CA ARG O 264 -0.22 -47.15 -8.13
C ARG O 264 0.21 -48.54 -7.70
N THR O 265 -0.48 -49.13 -6.74
CA THR O 265 -0.31 -50.54 -6.39
C THR O 265 -1.67 -51.14 -6.06
N SER O 266 -1.70 -52.47 -5.96
CA SER O 266 -2.91 -53.22 -5.64
C SER O 266 -2.98 -53.63 -4.18
N VAL O 267 -2.33 -52.86 -3.30
CA VAL O 267 -2.22 -53.23 -1.89
C VAL O 267 -3.57 -53.28 -1.18
N TRP O 268 -4.59 -52.61 -1.72
CA TRP O 268 -5.86 -52.44 -1.03
C TRP O 268 -6.91 -53.47 -1.44
N HIS O 269 -6.59 -54.39 -2.33
CA HIS O 269 -7.58 -55.36 -2.77
C HIS O 269 -7.87 -56.38 -1.67
N ASP O 270 -9.15 -56.70 -1.50
CA ASP O 270 -9.60 -57.68 -0.51
C ASP O 270 -10.61 -58.60 -1.18
N PRO O 271 -10.37 -59.90 -1.26
CA PRO O 271 -11.28 -60.78 -2.02
C PRO O 271 -12.71 -60.81 -1.50
N ASN O 272 -12.92 -60.58 -0.20
CA ASN O 272 -14.22 -60.77 0.42
C ASN O 272 -14.88 -59.44 0.81
N GLU O 273 -14.60 -58.38 0.05
CA GLU O 273 -15.20 -57.07 0.32
C GLU O 273 -15.29 -56.29 -0.97
N PRO O 274 -16.31 -55.44 -1.13
CA PRO O 274 -16.33 -54.52 -2.27
C PRO O 274 -15.18 -53.54 -2.23
N ALA O 275 -14.71 -53.16 -3.42
CA ALA O 275 -13.59 -52.24 -3.52
C ALA O 275 -13.87 -50.92 -2.83
N ILE O 276 -15.10 -50.41 -2.94
CA ILE O 276 -15.42 -49.12 -2.32
C ILE O 276 -15.28 -49.20 -0.80
N VAL O 277 -15.49 -50.38 -0.22
CA VAL O 277 -15.35 -50.53 1.23
C VAL O 277 -13.88 -50.66 1.62
N SER O 278 -13.13 -51.48 0.90
CA SER O 278 -11.73 -51.74 1.25
C SER O 278 -10.91 -50.45 1.23
N VAL O 279 -10.97 -49.69 0.13
CA VAL O 279 -10.13 -48.52 -0.01
C VAL O 279 -10.52 -47.39 0.93
N SER O 280 -11.69 -47.47 1.56
CA SER O 280 -12.08 -46.47 2.55
C SER O 280 -11.22 -46.53 3.81
N ARG O 281 -10.45 -47.59 4.01
CA ARG O 281 -9.61 -47.77 5.18
C ARG O 281 -8.16 -47.36 4.96
N PHE O 282 -7.84 -46.72 3.85
CA PHE O 282 -6.47 -46.37 3.50
C PHE O 282 -6.27 -44.86 3.41
N ALA O 283 -7.04 -44.09 4.17
CA ALA O 283 -6.73 -42.68 4.32
C ALA O 283 -5.70 -42.49 5.42
N PRO O 284 -4.91 -41.42 5.37
CA PRO O 284 -3.82 -41.27 6.35
C PRO O 284 -4.28 -41.31 7.80
N ASP O 285 -5.51 -40.89 8.11
CA ASP O 285 -6.00 -40.95 9.48
C ASP O 285 -6.23 -42.38 9.96
N ASN O 286 -6.13 -43.38 9.09
CA ASN O 286 -6.36 -44.77 9.44
C ASN O 286 -5.11 -45.48 9.97
N PHE O 287 -3.93 -44.88 9.84
CA PHE O 287 -2.68 -45.49 10.25
C PHE O 287 -2.07 -44.73 11.43
N ARG O 288 -1.47 -45.48 12.36
CA ARG O 288 -0.77 -44.89 13.49
C ARG O 288 0.44 -45.75 13.85
N ALA O 289 1.60 -45.11 14.01
CA ALA O 289 2.83 -45.80 14.34
C ALA O 289 2.72 -46.51 15.68
N VAL O 290 3.37 -47.68 15.78
CA VAL O 290 3.45 -48.39 17.04
C VAL O 290 4.11 -47.49 18.08
N GLY O 291 3.56 -47.50 19.30
CA GLY O 291 4.04 -46.67 20.38
C GLY O 291 3.36 -45.33 20.50
N PHE O 292 2.37 -45.03 19.64
CA PHE O 292 1.75 -43.71 19.63
C PHE O 292 1.07 -43.41 20.97
N ALA O 293 0.23 -44.34 21.45
CA ALA O 293 -0.57 -44.07 22.64
C ALA O 293 0.29 -44.03 23.91
N GLU O 294 1.36 -44.82 23.95
CA GLU O 294 2.19 -44.90 25.15
C GLU O 294 3.12 -43.71 25.34
N ASN O 295 3.41 -42.93 24.29
CA ASN O 295 4.55 -42.02 24.33
C ASN O 295 4.18 -40.56 24.08
N VAL O 296 3.49 -40.24 22.99
CA VAL O 296 3.36 -38.86 22.52
C VAL O 296 2.74 -37.98 23.61
N PRO O 297 3.43 -36.93 24.08
CA PRO O 297 2.87 -36.11 25.16
C PRO O 297 1.73 -35.20 24.68
N ASN O 298 0.93 -34.78 25.66
CA ASN O 298 -0.15 -33.82 25.45
C ASN O 298 -0.21 -32.93 26.68
N PRO O 299 0.55 -31.83 26.68
CA PRO O 299 0.72 -31.06 27.93
C PRO O 299 -0.57 -30.40 28.40
N GLU O 300 -0.62 -30.17 29.71
CA GLU O 300 -1.72 -29.44 30.34
C GLU O 300 -1.41 -27.97 30.57
N SER O 301 -0.14 -27.58 30.57
CA SER O 301 0.25 -26.19 30.73
C SER O 301 1.64 -26.00 30.15
N THR O 302 2.01 -24.74 29.94
CA THR O 302 3.40 -24.41 29.64
C THR O 302 4.29 -24.50 30.87
N ASN O 303 3.70 -24.43 32.06
CA ASN O 303 4.43 -24.31 33.31
C ASN O 303 4.57 -25.68 33.99
N SER O 304 5.74 -25.93 34.56
CA SER O 304 6.00 -27.12 35.35
C SER O 304 5.78 -26.83 36.83
N ASP O 305 5.20 -27.81 37.53
CA ASP O 305 5.00 -27.66 38.97
C ASP O 305 6.31 -27.64 39.74
N SER O 306 7.41 -28.07 39.11
CA SER O 306 8.73 -28.00 39.73
C SER O 306 9.39 -26.63 39.56
N HIS O 307 8.72 -25.68 38.90
CA HIS O 307 9.26 -24.36 38.63
C HIS O 307 8.38 -23.28 39.26
N PRO O 308 8.94 -22.11 39.56
CA PRO O 308 8.13 -21.02 40.11
C PRO O 308 7.36 -20.25 39.04
N ASP O 309 6.33 -19.54 39.49
CA ASP O 309 5.50 -18.67 38.66
C ASP O 309 5.10 -17.44 39.49
N PHE O 310 4.12 -16.67 39.00
CA PHE O 310 3.82 -15.38 39.63
C PHE O 310 3.27 -15.52 41.05
N ARG O 311 2.78 -16.69 41.42
CA ARG O 311 2.29 -16.88 42.78
C ARG O 311 3.38 -16.66 43.81
N GLU O 312 4.63 -16.94 43.44
CA GLU O 312 5.75 -16.77 44.37
C GLU O 312 6.21 -15.32 44.47
N TYR O 313 5.96 -14.51 43.44
CA TYR O 313 6.56 -13.20 43.32
C TYR O 313 5.58 -12.04 43.39
N ARG O 314 4.28 -12.29 43.53
CA ARG O 314 3.29 -11.22 43.45
C ARG O 314 3.25 -10.41 44.75
N LEU O 315 3.11 -9.09 44.59
CA LEU O 315 2.96 -8.16 45.70
C LEU O 315 1.48 -7.98 45.96
N GLY O 316 1.01 -8.46 47.10
CA GLY O 316 -0.40 -8.46 47.42
C GLY O 316 -0.77 -7.44 48.48
N PRO O 317 -1.84 -7.71 49.23
CA PRO O 317 -2.26 -6.76 50.26
C PRO O 317 -1.14 -6.49 51.26
N GLY O 318 -1.12 -5.27 51.77
CA GLY O 318 -0.07 -4.81 52.65
C GLY O 318 1.19 -4.33 51.96
N SER O 319 1.22 -4.35 50.63
CA SER O 319 2.41 -3.97 49.87
C SER O 319 2.43 -2.46 49.62
N VAL O 320 3.64 -1.94 49.42
CA VAL O 320 3.87 -0.53 49.15
C VAL O 320 3.72 -0.25 47.66
N ASP O 321 3.30 0.96 47.32
CA ASP O 321 3.15 1.36 45.93
C ASP O 321 4.53 1.54 45.27
N ARG O 322 4.66 1.02 44.05
CA ARG O 322 5.90 1.04 43.31
C ARG O 322 5.99 2.16 42.28
N ARG O 323 4.88 2.80 41.92
CA ARG O 323 4.91 3.83 40.87
C ARG O 323 6.01 4.87 41.08
N PRO O 324 6.17 5.46 42.27
CA PRO O 324 7.23 6.48 42.43
C PRO O 324 8.62 5.95 42.11
N PHE O 325 8.91 4.69 42.42
CA PHE O 325 10.23 4.14 42.16
C PHE O 325 10.45 3.86 40.69
N VAL O 326 9.40 3.38 40.00
CA VAL O 326 9.54 3.01 38.59
C VAL O 326 9.86 4.23 37.75
N TYR O 327 9.25 5.37 38.08
CA TYR O 327 9.43 6.60 37.31
C TYR O 327 10.65 7.40 37.73
N PHE O 328 11.14 7.20 38.95
CA PHE O 328 12.43 7.76 39.31
C PHE O 328 13.57 6.99 38.66
N MET O 329 13.37 5.69 38.41
CA MET O 329 14.33 4.90 37.65
C MET O 329 14.46 5.42 36.22
N SER O 330 13.34 5.68 35.56
CA SER O 330 13.38 6.09 34.17
C SER O 330 13.87 7.53 34.04
N ALA O 331 13.46 8.40 34.97
CA ALA O 331 13.90 9.79 34.92
C ALA O 331 15.40 9.93 35.11
N SER O 332 15.98 9.08 35.97
CA SER O 332 17.42 9.14 36.20
C SER O 332 18.20 8.75 34.96
N TYR O 333 17.74 7.70 34.27
CA TYR O 333 18.36 7.34 33.00
C TYR O 333 18.34 8.50 32.01
N PHE O 334 17.27 9.28 32.01
CA PHE O 334 17.11 10.32 31.00
C PHE O 334 17.93 11.57 31.31
N PHE O 335 18.06 11.96 32.59
CA PHE O 335 18.90 13.11 32.89
C PHE O 335 20.38 12.78 32.77
N ILE O 336 20.73 11.50 32.79
CA ILE O 336 22.10 11.09 32.46
C ILE O 336 22.31 11.09 30.95
N THR O 337 21.32 10.59 30.20
CA THR O 337 21.45 10.57 28.74
C THR O 337 21.35 11.96 28.15
N ALA O 338 20.61 12.86 28.78
CA ALA O 338 20.53 14.24 28.30
C ALA O 338 21.86 14.97 28.50
N SER O 339 22.52 14.73 29.64
CA SER O 339 23.83 15.33 29.87
C SER O 339 24.86 14.82 28.86
N MET O 340 24.81 13.52 28.55
CA MET O 340 25.72 12.97 27.55
C MET O 340 25.53 13.65 26.20
N MET O 341 24.28 13.90 25.81
CA MET O 341 24.02 14.54 24.52
C MET O 341 24.48 16.00 24.53
N ARG O 342 24.19 16.73 25.59
CA ARG O 342 24.60 18.13 25.66
C ARG O 342 26.12 18.27 25.57
N SER O 343 26.85 17.32 26.16
CA SER O 343 28.31 17.41 26.12
C SER O 343 28.85 17.14 24.72
N PHE O 344 28.25 16.16 24.03
CA PHE O 344 28.70 15.83 22.68
C PHE O 344 28.45 16.98 21.71
N LEU O 345 27.34 17.70 21.88
CA LEU O 345 27.04 18.83 21.01
C LEU O 345 27.98 20.00 21.30
N CYS O 346 28.25 20.27 22.57
CA CYS O 346 29.19 21.35 22.91
C CYS O 346 30.58 21.07 22.35
N LYS O 347 31.00 19.80 22.35
CA LYS O 347 32.30 19.46 21.80
C LYS O 347 32.30 19.61 20.28
N TRP O 348 31.18 19.31 19.62
CA TRP O 348 31.10 19.51 18.18
C TRP O 348 31.19 20.98 17.81
N VAL O 349 30.59 21.85 18.62
CA VAL O 349 30.61 23.29 18.34
C VAL O 349 32.01 23.85 18.56
N HIS O 350 32.69 23.45 19.63
CA HIS O 350 34.07 23.86 19.86
C HIS O 350 34.94 23.52 18.65
N TYR O 351 34.85 22.28 18.18
CA TYR O 351 35.60 21.85 17.00
C TYR O 351 35.35 22.77 15.81
N TRP O 352 34.12 23.27 15.69
CA TRP O 352 33.76 24.17 14.59
C TRP O 352 34.44 25.52 14.73
N TRP O 353 34.71 25.96 15.95
CA TRP O 353 35.25 27.28 16.21
C TRP O 353 36.76 27.32 15.93
N VAL O 354 37.32 28.53 15.97
CA VAL O 354 38.73 28.79 15.70
C VAL O 354 39.61 27.85 16.53
N SER O 355 40.83 27.60 16.05
CA SER O 355 41.77 26.70 16.68
C SER O 355 42.79 27.48 17.51
N ARG O 356 43.60 26.74 18.26
CA ARG O 356 44.54 27.36 19.19
C ARG O 356 45.69 28.05 18.47
N ASP O 357 46.02 27.61 17.25
CA ASP O 357 47.11 28.23 16.52
C ASP O 357 46.72 29.56 15.89
N MET O 358 45.44 29.72 15.53
CA MET O 358 44.98 30.96 14.92
C MET O 358 44.60 32.01 15.95
N LEU O 359 44.15 31.60 17.13
CA LEU O 359 43.85 32.55 18.18
C LEU O 359 45.10 33.31 18.62
N ALA O 360 46.26 32.66 18.54
CA ALA O 360 47.50 33.31 18.96
C ALA O 360 48.02 34.27 17.91
N ALA O 361 47.86 33.93 16.63
CA ALA O 361 48.34 34.80 15.56
C ALA O 361 47.64 36.15 15.58
N GLY O 362 46.40 36.21 16.05
CA GLY O 362 45.68 37.46 16.10
C GLY O 362 46.18 38.42 17.17
N THR O 363 46.87 37.91 18.18
CA THR O 363 47.40 38.74 19.26
C THR O 363 48.76 39.28 18.86
N THR O 364 48.90 40.61 18.86
CA THR O 364 50.15 41.25 18.51
C THR O 364 50.36 42.52 19.32
N VAL P 48 11.38 -52.68 -26.41
CA VAL P 48 10.86 -54.02 -26.16
C VAL P 48 9.73 -53.95 -25.13
N SER P 49 9.68 -52.86 -24.37
CA SER P 49 8.64 -52.71 -23.38
C SER P 49 7.26 -52.62 -24.05
N PRO P 50 6.23 -53.22 -23.47
CA PRO P 50 4.88 -53.04 -24.01
C PRO P 50 4.43 -51.59 -24.09
N LEU P 51 5.09 -50.68 -23.39
CA LEU P 51 4.76 -49.27 -23.44
C LEU P 51 5.18 -48.61 -24.75
N ALA P 52 5.86 -49.34 -25.63
CA ALA P 52 6.29 -48.81 -26.92
C ALA P 52 5.66 -49.56 -28.09
N ARG P 53 4.60 -50.33 -27.84
CA ARG P 53 3.89 -51.07 -28.87
C ARG P 53 2.41 -50.68 -28.91
N SER P 54 2.11 -49.45 -28.54
CA SER P 54 0.73 -48.98 -28.56
C SER P 54 0.21 -48.84 -29.98
N VAL P 55 -1.11 -48.84 -30.12
CA VAL P 55 -1.78 -48.72 -31.41
C VAL P 55 -1.72 -47.25 -31.83
N ASP P 56 -0.95 -46.95 -32.87
CA ASP P 56 -0.76 -45.59 -33.35
C ASP P 56 -1.49 -45.45 -34.68
N ALA P 57 -2.77 -45.14 -34.60
CA ALA P 57 -3.64 -44.96 -35.77
C ALA P 57 -3.97 -43.47 -35.87
N ALA P 58 -3.27 -42.78 -36.76
CA ALA P 58 -3.43 -41.34 -36.91
C ALA P 58 -4.85 -40.97 -37.29
N ILE P 59 -5.28 -41.38 -38.47
CA ILE P 59 -6.59 -41.04 -39.02
C ILE P 59 -7.43 -42.31 -39.05
N PRO P 60 -8.56 -42.37 -38.33
CA PRO P 60 -9.35 -43.59 -38.33
C PRO P 60 -9.86 -43.95 -39.72
N GLU P 61 -10.03 -45.25 -39.94
CA GLU P 61 -10.50 -45.74 -41.23
C GLU P 61 -11.88 -45.22 -41.59
N GLU P 62 -12.69 -44.84 -40.60
CA GLU P 62 -14.02 -44.33 -40.88
C GLU P 62 -13.97 -43.05 -41.70
N ALA P 63 -12.87 -42.31 -41.61
CA ALA P 63 -12.72 -41.08 -42.38
C ALA P 63 -12.68 -41.36 -43.87
N PHE P 64 -12.13 -42.51 -44.26
CA PHE P 64 -12.04 -42.88 -45.67
C PHE P 64 -13.30 -43.55 -46.19
N ASN P 65 -14.05 -44.24 -45.32
CA ASN P 65 -15.25 -44.96 -45.74
C ASN P 65 -16.48 -44.11 -45.49
N GLN P 66 -16.57 -43.01 -46.23
CA GLN P 66 -17.70 -42.09 -46.19
C GLN P 66 -18.44 -42.11 -47.52
N PRO P 67 -19.74 -41.84 -47.53
CA PRO P 67 -20.49 -41.80 -48.78
C PRO P 67 -20.07 -40.59 -49.60
N PRO P 68 -19.98 -40.73 -50.92
CA PRO P 68 -19.54 -39.60 -51.76
C PRO P 68 -20.61 -38.52 -51.87
N THR P 69 -20.14 -37.31 -52.14
CA THR P 69 -21.02 -36.19 -52.46
C THR P 69 -21.03 -36.03 -53.98
N LEU P 70 -22.18 -36.28 -54.59
CA LEU P 70 -22.33 -36.25 -56.04
C LEU P 70 -22.71 -34.86 -56.51
N THR P 71 -22.21 -34.48 -57.68
CA THR P 71 -22.39 -33.13 -58.22
C THR P 71 -22.74 -33.21 -59.70
N THR P 72 -23.55 -32.24 -60.14
CA THR P 72 -23.86 -32.08 -61.56
C THR P 72 -24.11 -30.61 -61.86
N THR P 73 -23.72 -30.20 -63.06
CA THR P 73 -23.98 -28.85 -63.57
C THR P 73 -24.98 -28.94 -64.71
N LEU P 74 -26.06 -28.18 -64.61
CA LEU P 74 -27.11 -28.19 -65.62
C LEU P 74 -26.79 -27.22 -66.74
N PRO P 75 -27.49 -27.35 -67.88
CA PRO P 75 -27.18 -26.48 -69.02
C PRO P 75 -27.31 -24.99 -68.71
N ASN P 76 -28.30 -24.60 -67.91
CA ASN P 76 -28.52 -23.19 -67.60
C ASN P 76 -27.57 -22.65 -66.53
N GLY P 77 -26.76 -23.50 -65.92
CA GLY P 77 -25.75 -23.06 -64.98
C GLY P 77 -26.02 -23.40 -63.53
N ILE P 78 -27.20 -23.90 -63.20
CA ILE P 78 -27.49 -24.30 -61.83
C ILE P 78 -26.69 -25.54 -61.47
N ARG P 79 -26.18 -25.57 -60.24
CA ARG P 79 -25.39 -26.69 -59.74
C ARG P 79 -26.16 -27.42 -58.66
N VAL P 80 -26.14 -28.76 -58.74
CA VAL P 80 -26.84 -29.63 -57.81
C VAL P 80 -25.82 -30.54 -57.12
N ALA P 81 -25.94 -30.70 -55.80
CA ALA P 81 -25.02 -31.51 -55.02
C ALA P 81 -25.78 -32.25 -53.92
N THR P 82 -25.47 -33.54 -53.76
CA THR P 82 -26.20 -34.40 -52.83
C THR P 82 -25.28 -35.42 -52.18
N GLN P 83 -25.55 -35.73 -50.91
CA GLN P 83 -24.92 -36.84 -50.20
C GLN P 83 -26.01 -37.68 -49.54
N ARG P 84 -26.05 -38.96 -49.86
CA ARG P 84 -27.04 -39.87 -49.32
C ARG P 84 -26.55 -40.47 -48.00
N LEU P 85 -27.39 -40.36 -46.97
CA LEU P 85 -27.12 -40.93 -45.65
C LEU P 85 -28.18 -41.97 -45.35
N PRO P 86 -27.93 -43.26 -45.61
CA PRO P 86 -29.02 -44.24 -45.55
C PRO P 86 -29.69 -44.35 -44.19
N PHE P 87 -28.99 -44.05 -43.11
CA PHE P 87 -29.53 -44.18 -41.76
C PHE P 87 -30.41 -42.99 -41.35
N HIS P 88 -31.24 -42.51 -42.26
CA HIS P 88 -32.14 -41.40 -41.97
C HIS P 88 -33.43 -41.59 -42.75
N GLN P 89 -34.53 -41.10 -42.17
CA GLN P 89 -35.83 -41.14 -42.82
C GLN P 89 -36.30 -39.78 -43.31
N THR P 90 -35.75 -38.70 -42.77
CA THR P 90 -36.07 -37.34 -43.18
C THR P 90 -34.98 -36.84 -44.14
N ALA P 91 -35.01 -35.55 -44.43
CA ALA P 91 -34.06 -34.95 -45.36
C ALA P 91 -34.18 -33.44 -45.29
N THR P 92 -33.13 -32.75 -45.76
CA THR P 92 -33.11 -31.30 -45.87
C THR P 92 -32.69 -30.93 -47.28
N VAL P 93 -33.49 -30.08 -47.92
CA VAL P 93 -33.19 -29.55 -49.25
C VAL P 93 -33.29 -28.02 -49.19
N GLY P 94 -32.44 -27.34 -49.95
CA GLY P 94 -32.39 -25.91 -49.89
C GLY P 94 -31.69 -25.30 -51.09
N VAL P 95 -31.64 -23.96 -51.10
CA VAL P 95 -31.01 -23.18 -52.15
C VAL P 95 -30.02 -22.23 -51.51
N TRP P 96 -28.77 -22.29 -51.96
CA TRP P 96 -27.71 -21.41 -51.47
C TRP P 96 -27.36 -20.42 -52.58
N ILE P 97 -27.44 -19.13 -52.26
CA ILE P 97 -27.26 -18.05 -53.23
C ILE P 97 -26.06 -17.22 -52.83
N ASP P 98 -25.33 -16.72 -53.84
CA ASP P 98 -24.11 -15.95 -53.62
C ASP P 98 -24.42 -14.46 -53.77
N SER P 99 -25.19 -13.95 -52.81
CA SER P 99 -25.53 -12.54 -52.77
C SER P 99 -25.86 -12.17 -51.33
N GLY P 100 -25.88 -10.87 -51.07
CA GLY P 100 -26.18 -10.39 -49.73
C GLY P 100 -26.10 -8.88 -49.66
N SER P 101 -25.98 -8.39 -48.42
CA SER P 101 -25.95 -6.94 -48.18
C SER P 101 -24.76 -6.28 -48.87
N ARG P 102 -23.67 -7.03 -49.10
CA ARG P 102 -22.53 -6.44 -49.78
C ARG P 102 -22.83 -6.08 -51.22
N TYR P 103 -23.88 -6.66 -51.80
CA TYR P 103 -24.28 -6.38 -53.17
C TYR P 103 -25.43 -5.39 -53.25
N ASP P 104 -25.73 -4.70 -52.16
CA ASP P 104 -26.66 -3.58 -52.18
C ASP P 104 -25.95 -2.32 -52.67
N THR P 105 -26.75 -1.33 -53.06
CA THR P 105 -26.24 -0.01 -53.37
C THR P 105 -26.23 0.85 -52.12
N LYS P 106 -25.34 1.84 -52.09
CA LYS P 106 -25.26 2.74 -50.95
C LYS P 106 -26.58 3.44 -50.69
N GLU P 107 -27.34 3.73 -51.75
CA GLU P 107 -28.58 4.46 -51.59
C GLU P 107 -29.74 3.57 -51.14
N THR P 108 -29.64 2.26 -51.33
CA THR P 108 -30.70 1.33 -50.97
C THR P 108 -30.20 0.20 -50.09
N ASN P 109 -29.16 0.45 -49.30
CA ASN P 109 -28.68 -0.55 -48.36
C ASN P 109 -29.81 -1.02 -47.46
N GLY P 110 -30.12 -2.30 -47.54
CA GLY P 110 -31.20 -2.91 -46.79
C GLY P 110 -32.23 -3.63 -47.63
N ALA P 111 -32.18 -3.52 -48.95
CA ALA P 111 -33.15 -4.19 -49.80
C ALA P 111 -33.00 -5.71 -49.74
N ALA P 112 -31.77 -6.21 -49.60
CA ALA P 112 -31.56 -7.65 -49.57
C ALA P 112 -32.30 -8.30 -48.40
N HIS P 113 -32.22 -7.67 -47.22
CA HIS P 113 -32.94 -8.20 -46.06
C HIS P 113 -34.44 -7.95 -46.20
N PHE P 114 -34.82 -6.80 -46.76
CA PHE P 114 -36.24 -6.55 -47.03
C PHE P 114 -36.83 -7.63 -47.91
N LEU P 115 -36.10 -8.02 -48.96
CA LEU P 115 -36.57 -9.07 -49.87
C LEU P 115 -36.81 -10.38 -49.13
N GLU P 116 -36.03 -10.65 -48.08
CA GLU P 116 -36.22 -11.89 -47.33
C GLU P 116 -37.64 -11.99 -46.78
N HIS P 117 -38.13 -10.92 -46.15
CA HIS P 117 -39.47 -10.94 -45.58
C HIS P 117 -40.53 -11.08 -46.67
N MET P 118 -40.39 -10.30 -47.75
CA MET P 118 -41.41 -10.29 -48.80
C MET P 118 -41.53 -11.63 -49.50
N THR P 119 -40.50 -12.46 -49.46
CA THR P 119 -40.54 -13.76 -50.12
C THR P 119 -41.54 -14.71 -49.49
N PHE P 120 -42.08 -14.39 -48.31
CA PHE P 120 -43.06 -15.22 -47.64
C PHE P 120 -44.43 -14.55 -47.55
N LYS P 121 -44.71 -13.59 -48.44
CA LYS P 121 -45.94 -12.81 -48.37
C LYS P 121 -46.91 -13.09 -49.50
N GLY P 122 -46.53 -13.85 -50.50
CA GLY P 122 -47.46 -14.27 -51.53
C GLY P 122 -46.83 -14.38 -52.91
N THR P 123 -47.37 -15.31 -53.69
CA THR P 123 -47.02 -15.49 -55.10
C THR P 123 -48.29 -15.33 -55.95
N LYS P 124 -48.15 -15.60 -57.24
CA LYS P 124 -49.29 -15.54 -58.15
C LYS P 124 -50.21 -16.73 -57.99
N ARG P 125 -49.67 -17.89 -57.62
CA ARG P 125 -50.45 -19.12 -57.49
C ARG P 125 -50.71 -19.50 -56.04
N ARG P 126 -50.06 -18.85 -55.08
CA ARG P 126 -50.26 -19.11 -53.66
C ARG P 126 -50.28 -17.79 -52.91
N SER P 127 -51.16 -17.69 -51.92
CA SER P 127 -51.26 -16.51 -51.07
C SER P 127 -50.53 -16.75 -49.76
N ARG P 128 -50.50 -15.72 -48.91
CA ARG P 128 -49.86 -15.84 -47.62
C ARG P 128 -50.48 -16.96 -46.80
N ILE P 129 -51.81 -16.99 -46.73
CA ILE P 129 -52.49 -18.00 -45.92
C ILE P 129 -52.30 -19.38 -46.53
N GLN P 130 -52.38 -19.48 -47.85
CA GLN P 130 -52.28 -20.78 -48.51
C GLN P 130 -50.88 -21.37 -48.34
N LEU P 131 -49.85 -20.54 -48.42
CA LEU P 131 -48.49 -21.02 -48.23
C LEU P 131 -48.29 -21.59 -46.85
N GLU P 132 -48.74 -20.87 -45.82
CA GLU P 132 -48.53 -21.31 -44.44
C GLU P 132 -49.23 -22.63 -44.17
N GLN P 133 -50.43 -22.82 -44.72
CA GLN P 133 -51.20 -24.01 -44.42
C GLN P 133 -50.62 -25.25 -45.10
N GLU P 134 -50.08 -25.08 -46.31
CA GLU P 134 -49.51 -26.22 -47.03
C GLU P 134 -48.32 -26.80 -46.29
N ILE P 135 -47.47 -25.94 -45.72
CA ILE P 135 -46.32 -26.43 -44.96
C ILE P 135 -46.78 -27.15 -43.70
N GLU P 136 -47.75 -26.58 -42.99
CA GLU P 136 -48.22 -27.18 -41.74
C GLU P 136 -48.83 -28.55 -42.00
N ASN P 137 -49.55 -28.72 -43.11
CA ASN P 137 -50.24 -29.98 -43.37
C ASN P 137 -49.27 -31.12 -43.67
N MET P 138 -48.02 -30.82 -43.98
CA MET P 138 -47.01 -31.84 -44.21
C MET P 138 -46.10 -32.05 -43.01
N GLY P 139 -46.19 -31.21 -41.99
CA GLY P 139 -45.26 -31.29 -40.89
C GLY P 139 -43.85 -30.83 -41.21
N ALA P 140 -43.67 -30.13 -42.32
CA ALA P 140 -42.35 -29.66 -42.74
C ALA P 140 -42.01 -28.34 -42.08
N HIS P 141 -40.77 -27.89 -42.32
CA HIS P 141 -40.27 -26.62 -41.82
C HIS P 141 -39.64 -25.85 -42.97
N LEU P 142 -39.68 -24.52 -42.86
CA LEU P 142 -39.17 -23.62 -43.89
C LEU P 142 -38.52 -22.44 -43.22
N ASN P 143 -37.22 -22.26 -43.46
CA ASN P 143 -36.43 -21.21 -42.82
C ASN P 143 -35.58 -20.49 -43.85
N ALA P 144 -35.09 -19.31 -43.47
CA ALA P 144 -34.25 -18.50 -44.34
C ALA P 144 -33.45 -17.51 -43.50
N TYR P 145 -32.27 -17.15 -44.00
CA TYR P 145 -31.46 -16.10 -43.40
C TYR P 145 -30.60 -15.44 -44.46
N THR P 146 -30.18 -14.21 -44.16
CA THR P 146 -29.41 -13.37 -45.06
C THR P 146 -28.19 -12.83 -44.33
N SER P 147 -27.04 -12.87 -45.00
CA SER P 147 -25.80 -12.35 -44.43
C SER P 147 -25.16 -11.39 -45.43
N ARG P 148 -23.86 -11.10 -45.22
CA ARG P 148 -23.18 -10.11 -46.04
C ARG P 148 -22.83 -10.64 -47.43
N GLU P 149 -22.56 -11.94 -47.56
CA GLU P 149 -22.16 -12.52 -48.84
C GLU P 149 -22.95 -13.77 -49.23
N GLN P 150 -23.82 -14.29 -48.36
CA GLN P 150 -24.57 -15.50 -48.67
C GLN P 150 -26.01 -15.37 -48.15
N THR P 151 -26.94 -15.94 -48.91
CA THR P 151 -28.36 -16.00 -48.56
C THR P 151 -28.85 -17.43 -48.73
N VAL P 152 -29.65 -17.91 -47.78
CA VAL P 152 -30.00 -19.32 -47.69
C VAL P 152 -31.50 -19.50 -47.48
N TYR P 153 -32.08 -20.46 -48.21
CA TYR P 153 -33.44 -20.95 -48.01
C TYR P 153 -33.40 -22.47 -47.97
N TYR P 154 -34.01 -23.06 -46.93
CA TYR P 154 -33.99 -24.51 -46.81
C TYR P 154 -35.27 -25.02 -46.15
N ALA P 155 -35.55 -26.30 -46.38
CA ALA P 155 -36.73 -26.97 -45.85
C ALA P 155 -36.36 -28.35 -45.32
N LYS P 156 -37.10 -28.79 -44.30
CA LYS P 156 -36.94 -30.10 -43.69
C LYS P 156 -38.27 -30.84 -43.72
N ALA P 157 -38.25 -32.07 -44.22
CA ALA P 157 -39.48 -32.85 -44.36
C ALA P 157 -39.12 -34.31 -44.62
N PHE P 158 -40.16 -35.13 -44.75
CA PHE P 158 -40.00 -36.54 -45.11
C PHE P 158 -39.60 -36.68 -46.58
N LYS P 159 -39.13 -37.87 -46.93
CA LYS P 159 -38.69 -38.14 -48.30
C LYS P 159 -39.81 -37.92 -49.30
N LYS P 160 -41.00 -38.46 -49.02
CA LYS P 160 -42.11 -38.37 -49.96
C LYS P 160 -42.52 -36.94 -50.25
N ASP P 161 -42.24 -36.01 -49.35
CA ASP P 161 -42.64 -34.61 -49.48
C ASP P 161 -41.53 -33.73 -50.06
N ILE P 162 -40.48 -34.33 -50.62
CA ILE P 162 -39.33 -33.56 -51.11
C ILE P 162 -39.73 -32.83 -52.38
N PRO P 163 -40.37 -33.49 -53.36
CA PRO P 163 -40.77 -32.77 -54.58
C PRO P 163 -41.62 -31.54 -54.29
N GLN P 164 -42.61 -31.67 -53.40
CA GLN P 164 -43.46 -30.54 -53.06
C GLN P 164 -42.68 -29.42 -52.39
N CYS P 165 -41.53 -29.73 -51.78
CA CYS P 165 -40.69 -28.68 -51.20
C CYS P 165 -39.92 -27.95 -52.29
N VAL P 166 -39.41 -28.68 -53.29
CA VAL P 166 -38.68 -28.04 -54.38
C VAL P 166 -39.60 -27.12 -55.17
N ASP P 167 -40.86 -27.52 -55.34
CA ASP P 167 -41.83 -26.69 -56.03
C ASP P 167 -42.07 -25.38 -55.29
N ILE P 168 -42.17 -25.45 -53.95
CA ILE P 168 -42.42 -24.25 -53.16
C ILE P 168 -41.21 -23.33 -53.17
N LEU P 169 -40.01 -23.90 -53.11
CA LEU P 169 -38.80 -23.07 -53.05
C LEU P 169 -38.62 -22.29 -54.34
N SER P 170 -38.79 -22.94 -55.49
CA SER P 170 -38.62 -22.26 -56.77
C SER P 170 -39.66 -21.16 -56.97
N ASP P 171 -40.88 -21.40 -56.49
CA ASP P 171 -41.96 -20.44 -56.73
C ASP P 171 -41.72 -19.14 -55.98
N ILE P 172 -41.39 -19.21 -54.69
CA ILE P 172 -41.23 -18.00 -53.91
C ILE P 172 -39.96 -17.25 -54.28
N LEU P 173 -39.01 -17.92 -54.94
CA LEU P 173 -37.76 -17.28 -55.35
C LEU P 173 -37.84 -16.65 -56.73
N LEU P 174 -38.79 -17.05 -57.57
CA LEU P 174 -38.88 -16.59 -58.93
C LEU P 174 -40.18 -15.88 -59.28
N ASN P 175 -41.24 -16.07 -58.50
CA ASN P 175 -42.57 -15.58 -58.87
C ASN P 175 -43.24 -14.83 -57.72
N SER P 176 -42.45 -14.27 -56.81
CA SER P 176 -43.03 -13.54 -55.69
C SER P 176 -43.59 -12.20 -56.15
N THR P 177 -44.79 -11.88 -55.69
CA THR P 177 -45.43 -10.60 -55.97
C THR P 177 -45.07 -9.63 -54.86
N ILE P 178 -44.39 -8.55 -55.23
CA ILE P 178 -43.91 -7.56 -54.26
C ILE P 178 -44.92 -6.43 -54.20
N ASP P 179 -46.10 -6.71 -53.65
CA ASP P 179 -47.19 -5.74 -53.67
C ASP P 179 -46.82 -4.48 -52.90
N GLU P 180 -47.01 -3.32 -53.55
CA GLU P 180 -46.67 -2.06 -52.92
C GLU P 180 -47.39 -1.87 -51.59
N GLU P 181 -48.57 -2.47 -51.44
CA GLU P 181 -49.33 -2.30 -50.21
C GLU P 181 -48.73 -3.12 -49.07
N ALA P 182 -48.12 -4.26 -49.39
CA ALA P 182 -47.48 -5.07 -48.36
C ALA P 182 -46.10 -4.52 -47.98
N VAL P 183 -45.40 -3.90 -48.92
CA VAL P 183 -44.11 -3.29 -48.62
C VAL P 183 -44.26 -2.22 -47.54
N GLN P 184 -45.38 -1.51 -47.52
CA GLN P 184 -45.59 -0.47 -46.53
C GLN P 184 -45.96 -1.04 -45.17
N MET P 185 -46.62 -2.21 -45.15
CA MET P 185 -46.96 -2.84 -43.88
C MET P 185 -45.72 -3.41 -43.20
N GLU P 186 -44.82 -4.04 -43.95
CA GLU P 186 -43.64 -4.64 -43.35
C GLU P 186 -42.76 -3.58 -42.69
N LYS P 187 -42.81 -2.34 -43.16
CA LYS P 187 -41.98 -1.29 -42.57
C LYS P 187 -42.16 -1.16 -41.08
N HIS P 188 -43.30 -1.59 -40.54
CA HIS P 188 -43.54 -1.53 -39.10
C HIS P 188 -42.97 -2.74 -38.37
N VAL P 189 -42.90 -3.89 -39.04
CA VAL P 189 -42.33 -5.09 -38.42
C VAL P 189 -40.81 -5.07 -38.43
N ILE P 190 -40.20 -4.33 -39.36
CA ILE P 190 -38.76 -4.29 -39.47
C ILE P 190 -38.17 -3.20 -38.58
N LEU P 191 -38.85 -2.06 -38.47
CA LEU P 191 -38.41 -1.01 -37.55
C LEU P 191 -38.45 -1.50 -36.10
N ARG P 192 -39.32 -2.46 -35.80
CA ARG P 192 -39.34 -3.04 -34.46
C ARG P 192 -38.16 -3.98 -34.26
N GLU P 193 -37.81 -4.76 -35.28
CA GLU P 193 -36.66 -5.67 -35.17
C GLU P 193 -35.37 -4.90 -34.94
N MET P 194 -35.27 -3.68 -35.48
CA MET P 194 -34.09 -2.86 -35.26
C MET P 194 -33.92 -2.47 -33.79
N GLU P 195 -35.00 -2.50 -33.02
CA GLU P 195 -34.93 -2.19 -31.60
C GLU P 195 -34.56 -3.40 -30.75
N GLU P 196 -35.02 -4.59 -31.15
CA GLU P 196 -34.65 -5.81 -30.42
C GLU P 196 -33.21 -6.20 -30.70
N VAL P 197 -32.76 -6.04 -31.95
CA VAL P 197 -31.36 -6.29 -32.28
C VAL P 197 -30.45 -5.41 -31.43
N GLU P 198 -30.88 -4.19 -31.13
CA GLU P 198 -30.13 -3.30 -30.26
C GLU P 198 -30.06 -3.81 -28.83
N ARG P 199 -30.75 -4.90 -28.50
CA ARG P 199 -30.71 -5.47 -27.17
C ARG P 199 -29.80 -6.70 -27.06
N GLN P 200 -29.47 -7.33 -28.18
CA GLN P 200 -28.46 -8.40 -28.21
C GLN P 200 -27.11 -7.74 -28.48
N THR P 201 -26.32 -7.59 -27.41
CA THR P 201 -25.16 -6.71 -27.47
C THR P 201 -24.05 -7.28 -28.35
N GLU P 202 -23.86 -8.61 -28.31
CA GLU P 202 -22.78 -9.21 -29.09
C GLU P 202 -22.95 -8.95 -30.58
N GLU P 203 -24.18 -9.01 -31.08
CA GLU P 203 -24.45 -8.76 -32.48
C GLU P 203 -24.19 -7.30 -32.84
N VAL P 204 -24.49 -6.39 -31.92
CA VAL P 204 -24.28 -4.96 -32.17
C VAL P 204 -22.79 -4.65 -32.24
N ILE P 205 -21.98 -5.30 -31.40
CA ILE P 205 -20.55 -5.02 -31.35
C ILE P 205 -19.85 -5.50 -32.61
N PHE P 206 -20.23 -6.67 -33.11
CA PHE P 206 -19.61 -7.17 -34.34
C PHE P 206 -19.99 -6.32 -35.55
N ASP P 207 -21.22 -5.80 -35.58
CA ASP P 207 -21.59 -4.87 -36.65
C ASP P 207 -20.75 -3.61 -36.59
N ARG P 208 -20.57 -3.05 -35.40
CA ARG P 208 -19.74 -1.86 -35.25
C ARG P 208 -18.29 -2.14 -35.61
N LEU P 209 -17.84 -3.38 -35.41
CA LEU P 209 -16.47 -3.73 -35.78
C LEU P 209 -16.30 -3.75 -37.29
N HIS P 210 -17.32 -4.24 -38.01
CA HIS P 210 -17.30 -4.20 -39.47
C HIS P 210 -17.39 -2.76 -39.98
N THR P 211 -18.13 -1.90 -39.28
CA THR P 211 -18.34 -0.54 -39.77
C THR P 211 -17.04 0.26 -39.75
N THR P 212 -16.23 0.10 -38.72
CA THR P 212 -14.99 0.87 -38.62
C THR P 212 -13.82 0.22 -39.35
N ALA P 213 -13.79 -1.11 -39.44
CA ALA P 213 -12.69 -1.79 -40.11
C ALA P 213 -12.79 -1.65 -41.63
N PHE P 214 -14.00 -1.75 -42.17
CA PHE P 214 -14.20 -1.71 -43.62
C PHE P 214 -14.97 -0.45 -44.02
N ARG P 215 -14.45 0.71 -43.65
CA ARG P 215 -15.11 1.98 -43.94
C ARG P 215 -15.28 2.22 -45.43
N ASP P 216 -14.35 1.73 -46.24
CA ASP P 216 -14.25 2.10 -47.65
C ASP P 216 -14.77 1.02 -48.59
N SER P 217 -15.67 0.16 -48.12
CA SER P 217 -16.10 -0.98 -48.92
C SER P 217 -17.54 -1.32 -48.57
N PRO P 218 -18.29 -1.92 -49.50
CA PRO P 218 -19.64 -2.41 -49.15
C PRO P 218 -19.64 -3.52 -48.11
N LEU P 219 -18.50 -4.18 -47.87
CA LEU P 219 -18.43 -5.19 -46.83
C LEU P 219 -18.67 -4.61 -45.44
N GLY P 220 -18.60 -3.28 -45.30
CA GLY P 220 -18.91 -2.61 -44.06
C GLY P 220 -20.36 -2.27 -43.83
N TYR P 221 -21.19 -2.33 -44.87
CA TYR P 221 -22.62 -2.09 -44.69
C TYR P 221 -23.21 -3.04 -43.66
N THR P 222 -24.22 -2.57 -42.95
CA THR P 222 -25.02 -3.44 -42.11
C THR P 222 -26.00 -4.25 -42.96
N ILE P 223 -26.51 -5.32 -42.37
CA ILE P 223 -27.48 -6.16 -43.08
C ILE P 223 -28.84 -5.48 -43.12
N LEU P 224 -29.27 -4.88 -42.01
CA LEU P 224 -30.59 -4.27 -41.94
C LEU P 224 -30.65 -2.96 -42.71
N GLY P 225 -29.62 -2.13 -42.56
CA GLY P 225 -29.58 -0.83 -43.21
C GLY P 225 -30.05 0.28 -42.30
N PRO P 226 -29.84 1.53 -42.70
CA PRO P 226 -30.26 2.66 -41.88
C PRO P 226 -31.78 2.77 -41.79
N GLU P 227 -32.22 3.51 -40.76
CA GLU P 227 -33.65 3.70 -40.56
C GLU P 227 -34.27 4.46 -41.73
N GLU P 228 -33.65 5.56 -42.16
CA GLU P 228 -34.23 6.36 -43.22
C GLU P 228 -34.39 5.58 -44.50
N ASN P 229 -33.54 4.57 -44.73
CA ASN P 229 -33.68 3.75 -45.92
C ASN P 229 -34.86 2.80 -45.79
N ILE P 230 -35.12 2.30 -44.58
CA ILE P 230 -36.27 1.43 -44.37
C ILE P 230 -37.57 2.20 -44.53
N ARG P 231 -37.59 3.48 -44.14
CA ARG P 231 -38.83 4.24 -44.22
C ARG P 231 -39.17 4.63 -45.65
N ASN P 232 -38.16 4.83 -46.51
CA ASN P 232 -38.36 5.25 -47.88
C ASN P 232 -38.16 4.12 -48.88
N MET P 233 -38.44 2.88 -48.47
CA MET P 233 -38.26 1.73 -49.35
C MET P 233 -39.49 1.55 -50.25
N THR P 234 -39.23 1.24 -51.52
CA THR P 234 -40.28 1.00 -52.50
C THR P 234 -40.05 -0.33 -53.19
N ARG P 235 -41.08 -0.82 -53.87
CA ARG P 235 -40.98 -2.09 -54.58
C ARG P 235 -40.02 -2.03 -55.76
N GLU P 236 -39.76 -0.83 -56.28
CA GLU P 236 -38.83 -0.71 -57.40
C GLU P 236 -37.38 -0.93 -56.96
N HIS P 237 -37.04 -0.51 -55.74
CA HIS P 237 -35.70 -0.76 -55.22
C HIS P 237 -35.46 -2.25 -55.05
N ILE P 238 -36.50 -3.00 -54.68
CA ILE P 238 -36.37 -4.42 -54.43
C ILE P 238 -36.26 -5.20 -55.72
N LEU P 239 -37.06 -4.82 -56.73
CA LEU P 239 -36.96 -5.49 -58.02
C LEU P 239 -35.59 -5.30 -58.67
N GLU P 240 -34.97 -4.14 -58.46
CA GLU P 240 -33.65 -3.91 -59.03
C GLU P 240 -32.62 -4.83 -58.40
N TYR P 241 -32.71 -5.06 -57.09
CA TYR P 241 -31.80 -6.00 -56.44
C TYR P 241 -31.93 -7.39 -57.03
N ILE P 242 -33.17 -7.82 -57.30
CA ILE P 242 -33.40 -9.17 -57.81
C ILE P 242 -32.78 -9.34 -59.19
N ASN P 243 -33.09 -8.42 -60.11
CA ASN P 243 -32.66 -8.57 -61.50
C ASN P 243 -31.16 -8.48 -61.67
N ARG P 244 -30.45 -7.90 -60.70
CA ARG P 244 -29.01 -7.72 -60.80
C ARG P 244 -28.21 -8.81 -60.09
N ASN P 245 -28.83 -9.57 -59.20
CA ASN P 245 -28.10 -10.48 -58.33
C ASN P 245 -28.55 -11.93 -58.44
N TYR P 246 -29.84 -12.20 -58.58
CA TYR P 246 -30.35 -13.57 -58.58
C TYR P 246 -30.28 -14.13 -59.99
N THR P 247 -29.14 -14.71 -60.33
CA THR P 247 -28.90 -15.34 -61.61
C THR P 247 -28.52 -16.80 -61.41
N SER P 248 -28.36 -17.53 -62.52
CA SER P 248 -28.15 -18.96 -62.48
C SER P 248 -26.72 -19.36 -62.10
N ASP P 249 -25.75 -18.48 -62.33
CA ASP P 249 -24.36 -18.77 -62.00
C ASP P 249 -24.04 -18.53 -60.54
N ARG P 250 -25.00 -18.08 -59.74
CA ARG P 250 -24.78 -17.74 -58.33
C ARG P 250 -25.69 -18.53 -57.40
N MET P 251 -26.16 -19.71 -57.82
CA MET P 251 -27.15 -20.48 -57.06
C MET P 251 -26.79 -21.95 -57.04
N VAL P 252 -26.86 -22.57 -55.86
CA VAL P 252 -26.60 -23.99 -55.67
C VAL P 252 -27.81 -24.61 -54.97
N VAL P 253 -28.19 -25.81 -55.42
CA VAL P 253 -29.23 -26.61 -54.79
C VAL P 253 -28.55 -27.82 -54.16
N ALA P 254 -28.71 -28.00 -52.86
CA ALA P 254 -28.06 -29.06 -52.12
C ALA P 254 -29.07 -29.82 -51.27
N ALA P 255 -28.79 -31.10 -51.05
CA ALA P 255 -29.66 -31.97 -50.27
C ALA P 255 -28.83 -33.01 -49.55
N ALA P 256 -29.39 -33.54 -48.46
CA ALA P 256 -28.76 -34.61 -47.71
C ALA P 256 -29.81 -35.42 -46.96
N GLY P 257 -29.61 -36.73 -46.94
CA GLY P 257 -30.51 -37.64 -46.24
C GLY P 257 -30.86 -38.84 -47.10
N ASP P 258 -32.12 -39.29 -47.01
CA ASP P 258 -32.63 -40.32 -47.89
C ASP P 258 -33.06 -39.64 -49.19
N VAL P 259 -32.06 -39.36 -50.02
CA VAL P 259 -32.23 -38.55 -51.23
C VAL P 259 -31.57 -39.27 -52.40
N ASP P 260 -32.17 -39.13 -53.57
CA ASP P 260 -31.62 -39.66 -54.81
C ASP P 260 -31.16 -38.51 -55.70
N HIS P 261 -29.97 -38.64 -56.27
CA HIS P 261 -29.36 -37.54 -57.02
C HIS P 261 -30.06 -37.33 -58.35
N LYS P 262 -30.26 -38.41 -59.12
CA LYS P 262 -30.86 -38.27 -60.44
C LYS P 262 -32.25 -37.66 -60.38
N GLU P 263 -33.01 -37.96 -59.33
CA GLU P 263 -34.36 -37.41 -59.21
C GLU P 263 -34.34 -35.95 -58.77
N LEU P 264 -33.36 -35.56 -57.97
CA LEU P 264 -33.24 -34.15 -57.58
C LEU P 264 -32.74 -33.29 -58.73
N THR P 265 -32.03 -33.88 -59.69
CA THR P 265 -31.55 -33.13 -60.85
C THR P 265 -32.65 -32.89 -61.87
N ALA P 266 -33.65 -33.77 -61.90
CA ALA P 266 -34.76 -33.62 -62.84
C ALA P 266 -35.83 -32.67 -62.31
N LEU P 267 -36.06 -32.66 -61.01
CA LEU P 267 -36.99 -31.69 -60.43
C LEU P 267 -36.46 -30.27 -60.57
N VAL P 268 -35.14 -30.10 -60.40
CA VAL P 268 -34.55 -28.77 -60.50
C VAL P 268 -34.57 -28.29 -61.95
N GLU P 269 -34.33 -29.19 -62.90
CA GLU P 269 -34.35 -28.81 -64.30
C GLU P 269 -35.74 -28.37 -64.74
N LYS P 270 -36.78 -28.88 -64.09
CA LYS P 270 -38.16 -28.57 -64.47
C LYS P 270 -38.68 -27.29 -63.81
N HIS P 271 -38.41 -27.11 -62.52
CA HIS P 271 -39.00 -26.01 -61.77
C HIS P 271 -38.14 -24.76 -61.75
N PHE P 272 -36.85 -24.85 -62.09
CA PHE P 272 -35.96 -23.70 -62.12
C PHE P 272 -35.58 -23.30 -63.54
N ALA P 273 -36.47 -23.54 -64.50
CA ALA P 273 -36.16 -23.21 -65.89
C ALA P 273 -36.29 -21.72 -66.18
N GLY P 274 -37.21 -21.03 -65.51
CA GLY P 274 -37.39 -19.61 -65.74
C GLY P 274 -36.46 -18.75 -64.92
N LEU P 275 -35.17 -19.07 -64.92
CA LEU P 275 -34.17 -18.32 -64.17
C LEU P 275 -33.24 -17.62 -65.15
N PRO P 276 -33.09 -16.29 -65.07
CA PRO P 276 -32.28 -15.59 -66.07
C PRO P 276 -30.80 -15.91 -65.93
N GLN P 277 -30.10 -15.88 -67.05
CA GLN P 277 -28.68 -16.12 -67.12
C GLN P 277 -27.90 -14.82 -67.08
N PRO P 278 -26.62 -14.86 -66.72
CA PRO P 278 -25.85 -13.61 -66.58
C PRO P 278 -25.65 -12.92 -67.92
N LYS P 279 -25.72 -11.59 -67.90
CA LYS P 279 -25.46 -10.75 -69.05
C LYS P 279 -24.19 -9.96 -68.83
N ARG P 280 -23.27 -10.02 -69.78
CA ARG P 280 -22.01 -9.29 -69.71
C ARG P 280 -21.92 -8.34 -70.90
N SER P 281 -21.59 -7.08 -70.62
CA SER P 281 -21.45 -6.05 -71.64
C SER P 281 -20.01 -5.85 -72.06
N LYS P 282 -19.28 -6.94 -72.26
CA LYS P 282 -17.86 -6.87 -72.63
C LYS P 282 -17.05 -6.14 -71.57
N ILE P 283 -17.35 -6.44 -70.30
CA ILE P 283 -16.68 -5.82 -69.16
C ILE P 283 -16.04 -6.93 -68.35
N ILE P 284 -14.71 -6.98 -68.35
CA ILE P 284 -13.97 -7.97 -67.58
C ILE P 284 -13.02 -7.22 -66.64
N LEU P 285 -13.59 -6.54 -65.64
CA LEU P 285 -12.82 -5.75 -64.71
C LEU P 285 -12.82 -6.41 -63.33
N PRO P 286 -11.67 -6.59 -62.69
CA PRO P 286 -11.68 -7.17 -61.34
C PRO P 286 -12.08 -6.30 -60.17
N THR P 287 -12.61 -6.96 -59.13
CA THR P 287 -13.04 -6.26 -57.94
C THR P 287 -11.84 -5.89 -57.07
N GLU P 288 -11.95 -4.77 -56.38
CA GLU P 288 -10.89 -4.27 -55.52
C GLU P 288 -11.00 -4.88 -54.13
N LYS P 289 -9.88 -5.31 -53.59
CA LYS P 289 -9.86 -5.93 -52.27
C LYS P 289 -10.19 -4.89 -51.20
N PRO P 290 -11.06 -5.20 -50.24
CA PRO P 290 -11.36 -4.21 -49.20
C PRO P 290 -10.13 -3.77 -48.43
N PHE P 291 -10.09 -2.48 -48.11
CA PHE P 291 -8.99 -1.89 -47.35
C PHE P 291 -9.32 -1.93 -45.86
N PHE P 292 -8.32 -2.31 -45.06
CA PHE P 292 -8.48 -2.49 -43.62
C PHE P 292 -7.99 -1.24 -42.89
N CYS P 293 -8.90 -0.58 -42.19
CA CYS P 293 -8.60 0.64 -41.45
C CYS P 293 -8.38 0.31 -39.98
N GLY P 294 -7.20 0.64 -39.47
CA GLY P 294 -6.94 0.58 -38.05
C GLY P 294 -7.56 1.76 -37.33
N SER P 295 -8.57 1.50 -36.51
CA SER P 295 -9.33 2.57 -35.89
C SER P 295 -10.15 2.00 -34.73
N GLU P 296 -10.71 2.89 -33.93
CA GLU P 296 -11.57 2.52 -32.81
C GLU P 296 -12.87 3.30 -32.86
N LEU P 297 -13.96 2.64 -32.44
CA LEU P 297 -15.28 3.24 -32.35
C LEU P 297 -15.91 2.79 -31.03
N LEU P 298 -16.01 3.72 -30.06
CA LEU P 298 -16.38 3.41 -28.69
C LEU P 298 -17.60 4.22 -28.27
N HIS P 299 -18.57 3.54 -27.65
CA HIS P 299 -19.76 4.19 -27.09
C HIS P 299 -19.66 4.14 -25.56
N ARG P 300 -19.30 5.28 -24.96
CA ARG P 300 -19.23 5.39 -23.50
C ARG P 300 -20.61 5.62 -22.92
N ASN P 301 -20.95 4.86 -21.88
CA ASN P 301 -22.26 4.96 -21.24
C ASN P 301 -22.13 4.41 -19.82
N ASP P 302 -22.28 5.29 -18.82
CA ASP P 302 -22.17 4.91 -17.43
C ASP P 302 -23.53 4.65 -16.79
N ASP P 303 -24.58 4.51 -17.58
CA ASP P 303 -25.94 4.30 -17.09
C ASP P 303 -26.53 3.00 -17.62
N MET P 304 -25.69 1.96 -17.78
CA MET P 304 -26.18 0.67 -18.27
C MET P 304 -25.54 -0.51 -17.54
N GLY P 305 -25.18 -0.33 -16.28
CA GLY P 305 -24.64 -1.41 -15.47
C GLY P 305 -23.13 -1.44 -15.41
N PRO P 306 -22.58 -2.42 -14.67
CA PRO P 306 -21.13 -2.50 -14.46
C PRO P 306 -20.34 -3.28 -15.49
N THR P 307 -20.99 -3.82 -16.52
CA THR P 307 -20.33 -4.70 -17.48
C THR P 307 -20.07 -3.99 -18.80
N ALA P 308 -18.83 -4.08 -19.27
CA ALA P 308 -18.41 -3.55 -20.56
C ALA P 308 -18.28 -4.68 -21.59
N HIS P 309 -18.39 -4.31 -22.86
CA HIS P 309 -18.30 -5.24 -23.98
C HIS P 309 -17.31 -4.69 -25.01
N VAL P 310 -16.44 -5.56 -25.52
CA VAL P 310 -15.36 -5.14 -26.42
C VAL P 310 -15.07 -6.24 -27.43
N ALA P 311 -14.58 -5.83 -28.60
CA ALA P 311 -14.13 -6.75 -29.64
C ALA P 311 -12.95 -6.14 -30.38
N VAL P 312 -11.95 -6.97 -30.67
CA VAL P 312 -10.74 -6.57 -31.39
C VAL P 312 -10.59 -7.46 -32.61
N GLY P 313 -10.08 -6.89 -33.69
CA GLY P 313 -10.00 -7.61 -34.95
C GLY P 313 -8.71 -7.34 -35.70
N PHE P 314 -8.25 -8.35 -36.42
CA PHE P 314 -7.13 -8.30 -37.35
C PHE P 314 -7.62 -8.62 -38.75
N GLU P 315 -6.87 -8.14 -39.75
CA GLU P 315 -7.10 -8.58 -41.13
C GLU P 315 -6.70 -10.05 -41.28
N GLY P 316 -7.61 -10.84 -41.82
CA GLY P 316 -7.42 -12.28 -41.98
C GLY P 316 -7.12 -12.68 -43.41
N VAL P 317 -7.59 -13.87 -43.78
CA VAL P 317 -7.33 -14.43 -45.11
C VAL P 317 -8.65 -14.90 -45.71
N PRO P 318 -8.70 -15.03 -47.03
CA PRO P 318 -9.94 -15.48 -47.69
C PRO P 318 -10.08 -17.01 -47.70
N TRP P 319 -11.26 -17.46 -48.14
CA TRP P 319 -11.60 -18.88 -48.08
C TRP P 319 -10.50 -19.76 -48.65
N LYS P 320 -10.08 -19.48 -49.88
CA LYS P 320 -9.20 -20.36 -50.63
C LYS P 320 -7.71 -20.22 -50.26
N SER P 321 -7.39 -19.46 -49.23
CA SER P 321 -5.99 -19.23 -48.88
C SER P 321 -5.31 -20.55 -48.53
N PRO P 322 -4.05 -20.75 -48.95
CA PRO P 322 -3.29 -21.91 -48.47
C PRO P 322 -3.05 -21.92 -46.97
N ASP P 323 -3.32 -20.82 -46.27
CA ASP P 323 -3.10 -20.72 -44.84
C ASP P 323 -4.40 -20.68 -44.04
N ALA P 324 -5.54 -20.99 -44.68
CA ALA P 324 -6.82 -20.89 -43.99
C ALA P 324 -6.95 -21.93 -42.89
N VAL P 325 -6.44 -23.14 -43.12
CA VAL P 325 -6.54 -24.20 -42.10
C VAL P 325 -5.79 -23.79 -40.84
N THR P 326 -4.64 -23.13 -41.00
CA THR P 326 -3.86 -22.72 -39.84
C THR P 326 -4.59 -21.64 -39.03
N PHE P 327 -5.32 -20.76 -39.69
CA PHE P 327 -6.10 -19.76 -38.95
C PHE P 327 -7.20 -20.42 -38.12
N MET P 328 -7.82 -21.47 -38.66
CA MET P 328 -8.77 -22.24 -37.86
C MET P 328 -8.12 -22.77 -36.60
N LEU P 329 -6.90 -23.30 -36.71
CA LEU P 329 -6.19 -23.83 -35.56
C LEU P 329 -5.82 -22.74 -34.57
N MET P 330 -5.29 -21.61 -35.06
CA MET P 330 -4.93 -20.51 -34.18
C MET P 330 -6.13 -20.00 -33.39
N GLN P 331 -7.32 -20.05 -33.99
CA GLN P 331 -8.53 -19.68 -33.28
C GLN P 331 -8.78 -20.60 -32.08
N ALA P 332 -8.45 -21.88 -32.21
CA ALA P 332 -8.69 -22.85 -31.15
C ALA P 332 -7.63 -22.82 -30.05
N ILE P 333 -6.42 -22.34 -30.36
CA ILE P 333 -5.38 -22.24 -29.34
C ILE P 333 -5.73 -21.16 -28.33
N VAL P 334 -6.30 -20.05 -28.79
CA VAL P 334 -6.75 -19.00 -27.87
C VAL P 334 -8.02 -19.45 -27.14
N GLY P 335 -8.97 -20.02 -27.88
CA GLY P 335 -10.10 -20.67 -27.26
C GLY P 335 -11.10 -19.72 -26.61
N SER P 336 -11.80 -20.24 -25.59
CA SER P 336 -12.93 -19.55 -25.00
C SER P 336 -13.01 -19.90 -23.51
N TYR P 337 -13.88 -19.19 -22.79
CA TYR P 337 -14.04 -19.36 -21.36
C TYR P 337 -15.31 -18.66 -20.89
N ARG P 338 -16.04 -19.31 -20.00
CA ARG P 338 -17.18 -18.71 -19.31
C ARG P 338 -17.04 -18.96 -17.81
N LYS P 339 -17.25 -17.91 -17.02
CA LYS P 339 -17.09 -18.01 -15.58
C LYS P 339 -18.20 -18.83 -14.94
N HIS P 340 -19.42 -18.74 -15.47
CA HIS P 340 -20.57 -19.46 -14.94
C HIS P 340 -20.79 -20.81 -15.60
N ASP P 341 -19.80 -21.33 -16.33
CA ASP P 341 -19.92 -22.64 -16.95
C ASP P 341 -18.55 -23.19 -17.29
N GLU P 342 -17.70 -23.38 -16.27
CA GLU P 342 -16.35 -23.87 -16.51
C GLU P 342 -16.36 -25.35 -16.90
N GLY P 343 -17.21 -26.15 -16.27
CA GLY P 343 -17.23 -27.58 -16.50
C GLY P 343 -16.59 -28.34 -15.36
N ILE P 344 -15.83 -29.40 -15.69
CA ILE P 344 -15.17 -30.19 -14.66
C ILE P 344 -13.69 -29.82 -14.48
N VAL P 345 -13.14 -29.01 -15.37
CA VAL P 345 -11.76 -28.54 -15.26
C VAL P 345 -11.79 -27.10 -14.72
N PRO P 346 -11.32 -26.86 -13.50
CA PRO P 346 -11.27 -25.47 -13.01
C PRO P 346 -10.33 -24.62 -13.86
N GLY P 347 -10.76 -23.39 -14.13
CA GLY P 347 -9.99 -22.51 -14.99
C GLY P 347 -8.59 -22.24 -14.49
N LYS P 348 -8.40 -22.25 -13.17
CA LYS P 348 -7.10 -21.97 -12.59
C LYS P 348 -6.06 -23.03 -12.92
N VAL P 349 -6.48 -24.24 -13.28
CA VAL P 349 -5.57 -25.33 -13.61
C VAL P 349 -5.74 -25.81 -15.06
N SER P 350 -6.37 -24.99 -15.91
CA SER P 350 -6.56 -25.34 -17.31
C SER P 350 -5.22 -25.52 -18.03
N ALA P 351 -5.24 -26.34 -19.08
CA ALA P 351 -4.09 -26.47 -19.96
C ALA P 351 -3.92 -25.27 -20.88
N ASN P 352 -5.02 -24.60 -21.20
CA ASN P 352 -4.98 -23.39 -22.01
C ASN P 352 -4.32 -22.26 -21.23
N ALA P 353 -3.18 -21.78 -21.73
CA ALA P 353 -2.42 -20.76 -21.00
C ALA P 353 -3.21 -19.46 -20.87
N THR P 354 -3.96 -19.08 -21.90
CA THR P 354 -4.73 -17.85 -21.85
C THR P 354 -5.78 -17.91 -20.74
N VAL P 355 -6.54 -18.99 -20.69
CA VAL P 355 -7.53 -19.17 -19.63
C VAL P 355 -6.86 -19.12 -18.27
N ARG P 356 -5.73 -19.80 -18.12
CA ARG P 356 -5.06 -19.87 -16.82
C ARG P 356 -4.62 -18.49 -16.34
N ASN P 357 -4.07 -17.67 -17.25
CA ASN P 357 -3.61 -16.35 -16.86
C ASN P 357 -4.79 -15.43 -16.53
N VAL P 358 -5.90 -15.57 -17.24
CA VAL P 358 -7.06 -14.73 -16.98
C VAL P 358 -7.70 -15.07 -15.64
N CYS P 359 -7.84 -16.36 -15.35
CA CYS P 359 -8.53 -16.79 -14.13
C CYS P 359 -7.73 -16.47 -12.86
N ASN P 360 -6.40 -16.42 -12.96
CA ASN P 360 -5.55 -16.20 -11.80
C ASN P 360 -5.21 -14.73 -11.57
N LYS P 361 -5.81 -13.81 -12.33
CA LYS P 361 -5.44 -12.41 -12.23
C LYS P 361 -5.97 -11.79 -10.95
N MET P 362 -5.07 -11.14 -10.20
CA MET P 362 -5.39 -10.54 -8.90
C MET P 362 -6.05 -11.55 -7.96
N THR P 363 -5.76 -12.83 -8.15
CA THR P 363 -6.26 -13.96 -7.38
C THR P 363 -7.78 -14.11 -7.44
N VAL P 364 -8.45 -13.40 -8.35
CA VAL P 364 -9.91 -13.48 -8.44
C VAL P 364 -10.43 -13.68 -9.84
N GLY P 365 -9.67 -13.39 -10.90
CA GLY P 365 -10.16 -13.53 -12.25
C GLY P 365 -10.66 -12.23 -12.84
N CYS P 366 -10.36 -11.98 -14.12
CA CYS P 366 -10.59 -10.68 -14.74
C CYS P 366 -11.53 -10.74 -15.94
N ALA P 367 -12.32 -11.79 -16.09
CA ALA P 367 -13.25 -11.87 -17.22
C ALA P 367 -14.50 -12.63 -16.82
N ASP P 368 -15.66 -12.13 -17.27
CA ASP P 368 -16.89 -12.91 -17.22
C ASP P 368 -16.93 -13.95 -18.33
N MET P 369 -16.48 -13.59 -19.54
CA MET P 369 -16.41 -14.51 -20.66
C MET P 369 -15.55 -13.90 -21.75
N PHE P 370 -14.98 -14.76 -22.59
CA PHE P 370 -14.33 -14.33 -23.82
C PHE P 370 -14.32 -15.49 -24.81
N SER P 371 -14.16 -15.15 -26.09
CA SER P 371 -14.12 -16.15 -27.15
C SER P 371 -13.38 -15.58 -28.36
N ALA P 372 -12.60 -16.43 -29.02
CA ALA P 372 -11.92 -16.09 -30.25
C ALA P 372 -12.79 -16.45 -31.45
N PHE P 373 -12.59 -15.72 -32.54
CA PHE P 373 -13.35 -15.96 -33.77
C PHE P 373 -12.43 -15.84 -34.98
N ASN P 374 -12.83 -16.50 -36.06
CA ASN P 374 -12.17 -16.39 -37.36
C ASN P 374 -13.25 -16.46 -38.42
N THR P 375 -13.32 -15.43 -39.28
CA THR P 375 -14.35 -15.32 -40.30
C THR P 375 -13.70 -15.09 -41.66
N CYS P 376 -14.11 -15.88 -42.65
CA CYS P 376 -13.58 -15.83 -44.00
C CYS P 376 -14.59 -15.22 -44.95
N TYR P 377 -14.10 -14.44 -45.92
CA TYR P 377 -14.92 -13.93 -47.01
C TYR P 377 -14.27 -14.28 -48.35
N SER P 378 -14.81 -13.74 -49.44
CA SER P 378 -14.32 -14.11 -50.77
C SER P 378 -12.93 -13.56 -51.03
N ASP P 379 -12.61 -12.36 -50.54
CA ASP P 379 -11.35 -11.71 -50.86
C ASP P 379 -10.64 -11.14 -49.63
N THR P 380 -11.12 -11.39 -48.42
CA THR P 380 -10.42 -11.01 -47.20
C THR P 380 -11.03 -11.80 -46.04
N GLY P 381 -10.59 -11.49 -44.82
CA GLY P 381 -11.08 -12.16 -43.64
C GLY P 381 -10.91 -11.30 -42.40
N LEU P 382 -11.34 -11.84 -41.26
CA LEU P 382 -11.33 -11.12 -39.99
C LEU P 382 -11.07 -12.09 -38.85
N PHE P 383 -10.03 -11.82 -38.05
CA PHE P 383 -9.61 -12.65 -36.93
C PHE P 383 -9.50 -11.82 -35.66
N GLY P 384 -9.99 -12.35 -34.54
CA GLY P 384 -9.96 -11.61 -33.29
C GLY P 384 -10.67 -12.31 -32.14
N PHE P 385 -11.18 -11.49 -31.22
CA PHE P 385 -11.84 -12.00 -30.01
C PHE P 385 -12.88 -11.00 -29.49
N TYR P 386 -13.84 -11.54 -28.74
CA TYR P 386 -14.88 -10.78 -28.05
C TYR P 386 -14.85 -11.12 -26.55
N ALA P 387 -15.24 -10.16 -25.71
CA ALA P 387 -15.13 -10.34 -24.27
C ALA P 387 -16.13 -9.45 -23.54
N GLN P 388 -16.50 -9.90 -22.34
CA GLN P 388 -17.28 -9.13 -21.37
C GLN P 388 -16.52 -9.11 -20.05
N CYS P 389 -16.60 -7.99 -19.32
CA CYS P 389 -15.77 -7.83 -18.13
C CYS P 389 -16.30 -6.70 -17.26
N ASP P 390 -15.87 -6.71 -16.00
CA ASP P 390 -16.18 -5.67 -15.03
C ASP P 390 -15.47 -4.37 -15.38
N GLU P 391 -16.07 -3.26 -14.97
CA GLU P 391 -15.52 -1.94 -15.26
C GLU P 391 -14.04 -1.85 -14.91
N VAL P 392 -13.68 -2.22 -13.68
CA VAL P 392 -12.32 -2.04 -13.18
C VAL P 392 -11.37 -3.12 -13.67
N ALA P 393 -11.88 -4.17 -14.32
CA ALA P 393 -11.07 -5.28 -14.82
C ALA P 393 -10.79 -5.20 -16.31
N LEU P 394 -11.31 -4.18 -17.00
CA LEU P 394 -11.28 -4.17 -18.46
C LEU P 394 -9.86 -4.15 -19.01
N GLU P 395 -8.99 -3.32 -18.45
CA GLU P 395 -7.63 -3.21 -19.00
C GLU P 395 -6.87 -4.52 -18.84
N HIS P 396 -6.92 -5.14 -17.66
CA HIS P 396 -6.26 -6.42 -17.47
C HIS P 396 -6.75 -7.46 -18.47
N CYS P 397 -8.07 -7.55 -18.66
CA CYS P 397 -8.64 -8.59 -19.50
C CYS P 397 -8.17 -8.46 -20.95
N VAL P 398 -8.28 -7.26 -21.51
CA VAL P 398 -7.95 -7.07 -22.92
C VAL P 398 -6.47 -7.35 -23.16
N MET P 399 -5.60 -6.89 -22.26
CA MET P 399 -4.16 -7.06 -22.48
C MET P 399 -3.72 -8.51 -22.30
N GLU P 400 -4.43 -9.29 -21.48
CA GLU P 400 -4.07 -10.70 -21.31
C GLU P 400 -4.36 -11.50 -22.58
N ILE P 401 -5.51 -11.24 -23.21
CA ILE P 401 -5.85 -11.97 -24.43
C ILE P 401 -4.95 -11.55 -25.59
N MET P 402 -4.62 -10.26 -25.68
CA MET P 402 -3.64 -9.83 -26.67
C MET P 402 -2.32 -10.55 -26.49
N PHE P 403 -1.89 -10.73 -25.23
CA PHE P 403 -0.64 -11.41 -24.95
C PHE P 403 -0.65 -12.84 -25.47
N GLY P 404 -1.82 -13.48 -25.49
CA GLY P 404 -1.90 -14.85 -25.97
C GLY P 404 -1.82 -14.98 -27.47
N ILE P 405 -2.35 -14.00 -28.20
CA ILE P 405 -2.24 -14.00 -29.65
C ILE P 405 -0.80 -13.75 -30.07
N THR P 406 -0.13 -12.79 -29.44
CA THR P 406 1.25 -12.48 -29.76
C THR P 406 2.21 -13.60 -29.35
N SER P 407 1.79 -14.49 -28.46
CA SER P 407 2.60 -15.65 -28.12
C SER P 407 2.69 -16.63 -29.27
N LEU P 408 1.71 -16.62 -30.17
CA LEU P 408 1.73 -17.51 -31.33
C LEU P 408 2.95 -17.28 -32.21
N SER P 409 3.51 -16.09 -32.20
CA SER P 409 4.65 -15.75 -33.04
C SER P 409 6.00 -16.07 -32.39
N TYR P 410 6.03 -16.36 -31.10
CA TYR P 410 7.28 -16.43 -30.36
C TYR P 410 7.50 -17.74 -29.62
N ALA P 411 6.47 -18.24 -28.91
CA ALA P 411 6.71 -19.19 -27.83
C ALA P 411 5.68 -20.31 -27.69
N VAL P 412 4.74 -20.48 -28.62
CA VAL P 412 3.76 -21.54 -28.48
C VAL P 412 4.44 -22.90 -28.55
N THR P 413 3.94 -23.85 -27.76
CA THR P 413 4.52 -25.18 -27.65
C THR P 413 3.68 -26.21 -28.40
N ASP P 414 4.32 -27.35 -28.70
CA ASP P 414 3.63 -28.44 -29.38
C ASP P 414 2.59 -29.11 -28.51
N GLU P 415 2.71 -29.04 -27.18
CA GLU P 415 1.63 -29.50 -26.32
C GLU P 415 0.38 -28.66 -26.53
N GLU P 416 0.54 -27.34 -26.66
CA GLU P 416 -0.61 -26.46 -26.86
C GLU P 416 -1.24 -26.68 -28.22
N VAL P 417 -0.42 -26.92 -29.25
CA VAL P 417 -0.95 -27.15 -30.59
C VAL P 417 -1.78 -28.43 -30.64
N GLU P 418 -1.27 -29.50 -30.02
CA GLU P 418 -1.97 -30.78 -30.10
C GLU P 418 -3.23 -30.80 -29.24
N ARG P 419 -3.25 -30.04 -28.14
CA ARG P 419 -4.47 -29.88 -27.37
C ARG P 419 -5.54 -29.16 -28.21
N ALA P 420 -5.13 -28.11 -28.94
CA ALA P 420 -6.07 -27.37 -29.77
C ALA P 420 -6.57 -28.21 -30.93
N LYS P 421 -5.69 -29.00 -31.55
CA LYS P 421 -6.11 -29.89 -32.63
C LYS P 421 -7.20 -30.85 -32.16
N ALA P 422 -7.02 -31.44 -30.98
CA ALA P 422 -7.98 -32.43 -30.50
C ALA P 422 -9.35 -31.81 -30.27
N GLN P 423 -9.39 -30.59 -29.74
CA GLN P 423 -10.66 -29.93 -29.48
C GLN P 423 -11.35 -29.55 -30.78
N LEU P 424 -10.61 -28.96 -31.72
CA LEU P 424 -11.16 -28.60 -33.02
C LEU P 424 -11.79 -29.81 -33.70
N LYS P 425 -11.10 -30.96 -33.68
CA LYS P 425 -11.63 -32.15 -34.34
C LYS P 425 -12.94 -32.61 -33.68
N THR P 426 -13.01 -32.56 -32.36
CA THR P 426 -14.21 -33.03 -31.67
C THR P 426 -15.42 -32.20 -32.04
N GLN P 427 -15.24 -30.88 -32.15
CA GLN P 427 -16.36 -29.99 -32.42
C GLN P 427 -16.79 -30.05 -33.88
N LEU P 428 -15.85 -29.85 -34.80
CA LEU P 428 -16.17 -29.85 -36.22
C LEU P 428 -16.80 -31.18 -36.63
N LEU P 429 -16.11 -32.29 -36.38
CA LEU P 429 -16.62 -33.60 -36.78
C LEU P 429 -17.88 -33.98 -36.01
N GLY P 430 -18.11 -33.39 -34.83
CA GLY P 430 -19.30 -33.71 -34.07
C GLY P 430 -20.55 -33.03 -34.58
N HIS P 431 -20.41 -31.85 -35.19
CA HIS P 431 -21.56 -31.08 -35.64
C HIS P 431 -22.17 -31.61 -36.93
N LEU P 432 -21.52 -32.58 -37.58
CA LEU P 432 -22.04 -33.16 -38.82
C LEU P 432 -22.95 -34.36 -38.56
N ASP P 433 -23.92 -34.17 -37.67
CA ASP P 433 -24.84 -35.24 -37.29
C ASP P 433 -26.17 -35.17 -38.04
N SER P 434 -26.84 -34.02 -38.02
CA SER P 434 -28.15 -33.90 -38.64
C SER P 434 -28.01 -33.68 -40.15
N THR P 435 -29.16 -33.77 -40.85
CA THR P 435 -29.16 -33.54 -42.28
C THR P 435 -29.00 -32.06 -42.60
N THR P 436 -29.43 -31.18 -41.70
CA THR P 436 -29.34 -29.74 -41.93
C THR P 436 -27.88 -29.28 -41.88
N ALA P 437 -27.15 -29.69 -40.84
CA ALA P 437 -25.75 -29.30 -40.73
C ALA P 437 -24.94 -29.80 -41.92
N VAL P 438 -25.23 -31.01 -42.40
CA VAL P 438 -24.52 -31.54 -43.55
C VAL P 438 -24.86 -30.74 -44.80
N ALA P 439 -26.15 -30.43 -45.00
CA ALA P 439 -26.54 -29.66 -46.18
C ALA P 439 -25.92 -28.27 -46.16
N GLU P 440 -25.88 -27.63 -45.00
CA GLU P 440 -25.19 -26.35 -44.87
C GLU P 440 -23.72 -26.47 -45.22
N ASP P 441 -23.11 -27.62 -44.93
CA ASP P 441 -21.69 -27.80 -45.23
C ASP P 441 -21.48 -28.00 -46.73
N ILE P 442 -22.39 -28.70 -47.38
CA ILE P 442 -22.31 -28.88 -48.84
C ILE P 442 -22.44 -27.53 -49.53
N GLY P 443 -23.53 -26.81 -49.24
CA GLY P 443 -23.80 -25.57 -49.96
C GLY P 443 -22.74 -24.51 -49.72
N ARG P 444 -22.36 -24.31 -48.46
CA ARG P 444 -21.36 -23.30 -48.13
C ARG P 444 -20.04 -23.57 -48.83
N GLN P 445 -19.65 -24.85 -48.95
CA GLN P 445 -18.37 -25.17 -49.57
C GLN P 445 -18.43 -25.07 -51.09
N MET P 446 -19.59 -25.33 -51.69
CA MET P 446 -19.72 -25.21 -53.14
C MET P 446 -19.57 -23.76 -53.59
N LEU P 447 -20.01 -22.81 -52.78
CA LEU P 447 -19.85 -21.40 -53.13
C LEU P 447 -18.44 -20.91 -52.82
N ALA P 448 -17.89 -21.29 -51.67
CA ALA P 448 -16.57 -20.82 -51.27
C ALA P 448 -15.46 -21.45 -52.10
N TYR P 449 -15.39 -22.78 -52.12
CA TYR P 449 -14.27 -23.49 -52.73
C TYR P 449 -14.54 -23.96 -54.15
N GLY P 450 -15.79 -23.97 -54.59
CA GLY P 450 -16.15 -24.62 -55.83
C GLY P 450 -16.26 -26.13 -55.76
N ARG P 451 -16.21 -26.70 -54.56
CA ARG P 451 -16.24 -28.14 -54.36
C ARG P 451 -16.44 -28.40 -52.87
N ARG P 452 -16.72 -29.65 -52.54
CA ARG P 452 -16.74 -30.10 -51.14
C ARG P 452 -15.45 -30.85 -50.85
N MET P 453 -14.78 -30.47 -49.77
CA MET P 453 -13.56 -31.17 -49.35
C MET P 453 -13.94 -32.42 -48.56
N PRO P 454 -13.45 -33.60 -48.93
CA PRO P 454 -13.71 -34.79 -48.11
C PRO P 454 -13.07 -34.69 -46.73
N LEU P 455 -13.67 -35.41 -45.77
CA LEU P 455 -13.18 -35.36 -44.40
C LEU P 455 -11.73 -35.78 -44.30
N ALA P 456 -11.33 -36.79 -45.08
CA ALA P 456 -9.96 -37.29 -44.99
C ALA P 456 -8.95 -36.25 -45.43
N GLU P 457 -9.30 -35.43 -46.42
CA GLU P 457 -8.38 -34.40 -46.89
C GLU P 457 -8.16 -33.33 -45.83
N PHE P 458 -9.23 -32.88 -45.18
CA PHE P 458 -9.09 -31.90 -44.12
C PHE P 458 -8.20 -32.42 -43.01
N LEU P 459 -8.40 -33.68 -42.60
CA LEU P 459 -7.60 -34.24 -41.52
C LEU P 459 -6.15 -34.43 -41.91
N LYS P 460 -5.87 -34.71 -43.19
CA LYS P 460 -4.50 -34.80 -43.64
C LYS P 460 -3.81 -33.45 -43.63
N ARG P 461 -4.52 -32.39 -44.01
CA ARG P 461 -3.94 -31.05 -43.98
C ARG P 461 -3.74 -30.56 -42.56
N LEU P 462 -4.64 -30.92 -41.65
CA LEU P 462 -4.52 -30.49 -40.25
C LEU P 462 -3.41 -31.25 -39.52
N GLU P 463 -3.06 -32.44 -39.98
CA GLU P 463 -2.12 -33.29 -39.24
C GLU P 463 -0.69 -32.77 -39.30
N VAL P 464 -0.30 -32.14 -40.40
CA VAL P 464 1.11 -31.80 -40.63
C VAL P 464 1.42 -30.38 -40.17
N ILE P 465 0.51 -29.76 -39.43
CA ILE P 465 0.73 -28.41 -38.89
C ILE P 465 1.27 -28.56 -37.47
N ASP P 466 2.50 -28.12 -37.26
CA ASP P 466 3.15 -28.15 -35.96
C ASP P 466 3.35 -26.72 -35.43
N ALA P 467 4.13 -26.58 -34.36
CA ALA P 467 4.32 -25.29 -33.72
C ALA P 467 5.16 -24.35 -34.57
N GLU P 468 6.09 -24.89 -35.36
CA GLU P 468 6.95 -24.04 -36.18
C GLU P 468 6.19 -23.45 -37.37
N GLU P 469 5.14 -24.12 -37.82
CA GLU P 469 4.31 -23.59 -38.90
C GLU P 469 3.33 -22.54 -38.38
N VAL P 470 2.82 -22.71 -37.16
CA VAL P 470 2.02 -21.67 -36.53
C VAL P 470 2.84 -20.40 -36.39
N LYS P 471 4.09 -20.52 -35.94
CA LYS P 471 4.94 -19.34 -35.76
C LYS P 471 5.17 -18.63 -37.10
N ARG P 472 5.34 -19.40 -38.18
CA ARG P 472 5.57 -18.79 -39.49
C ARG P 472 4.37 -17.97 -39.95
N VAL P 473 3.16 -18.49 -39.76
CA VAL P 473 1.96 -17.80 -40.25
C VAL P 473 1.66 -16.58 -39.40
N ALA P 474 1.82 -16.69 -38.08
CA ALA P 474 1.52 -15.56 -37.21
C ALA P 474 2.53 -14.43 -37.40
N TRP P 475 3.80 -14.78 -37.64
CA TRP P 475 4.82 -13.78 -37.91
C TRP P 475 4.51 -13.00 -39.19
N LYS P 476 3.86 -13.65 -40.15
CA LYS P 476 3.60 -13.03 -41.45
C LYS P 476 2.38 -12.11 -41.41
N TYR P 477 1.34 -12.50 -40.68
CA TYR P 477 0.05 -11.81 -40.73
C TYR P 477 -0.30 -11.04 -39.46
N LEU P 478 0.05 -11.54 -38.27
CA LEU P 478 -0.42 -10.97 -37.02
C LEU P 478 0.62 -10.14 -36.28
N HIS P 479 1.91 -10.44 -36.44
CA HIS P 479 2.95 -9.70 -35.74
C HIS P 479 3.12 -8.29 -36.30
N ASP P 480 3.03 -7.30 -35.41
CA ASP P 480 3.24 -5.89 -35.76
C ASP P 480 2.25 -5.44 -36.83
N ALA P 481 0.97 -5.70 -36.59
CA ALA P 481 -0.09 -5.45 -37.54
C ALA P 481 -1.12 -4.47 -36.99
N GLU P 482 -1.95 -3.95 -37.89
CA GLU P 482 -3.01 -3.02 -37.54
C GLU P 482 -4.18 -3.76 -36.89
N VAL P 483 -4.83 -3.08 -35.95
CA VAL P 483 -5.99 -3.61 -35.24
C VAL P 483 -7.12 -2.60 -35.27
N ALA P 484 -8.35 -3.11 -35.21
CA ALA P 484 -9.57 -2.32 -35.10
C ALA P 484 -10.34 -2.75 -33.85
N VAL P 485 -11.02 -1.78 -33.23
CA VAL P 485 -11.65 -1.99 -31.92
C VAL P 485 -13.05 -1.39 -31.91
N ALA P 486 -13.99 -2.10 -31.28
CA ALA P 486 -15.33 -1.59 -30.99
C ALA P 486 -15.69 -1.93 -29.54
N GLY P 487 -16.42 -1.02 -28.90
CA GLY P 487 -16.75 -1.17 -27.50
C GLY P 487 -18.02 -0.44 -27.11
N LEU P 488 -18.56 -0.85 -25.95
CA LEU P 488 -19.79 -0.27 -25.42
C LEU P 488 -19.83 -0.47 -23.90
N GLY P 489 -20.27 0.57 -23.20
CA GLY P 489 -20.50 0.49 -21.77
C GLY P 489 -19.60 1.39 -20.95
N PRO P 490 -19.36 1.01 -19.68
CA PRO P 490 -18.49 1.82 -18.82
C PRO P 490 -17.02 1.64 -19.14
N LEU P 491 -16.48 2.52 -20.00
CA LEU P 491 -15.19 2.31 -20.64
C LEU P 491 -14.11 3.27 -20.13
N PHE P 492 -14.23 3.75 -18.89
CA PHE P 492 -13.25 4.73 -18.39
C PHE P 492 -11.84 4.16 -18.38
N GLY P 493 -11.70 2.85 -18.13
CA GLY P 493 -10.39 2.25 -18.03
C GLY P 493 -9.92 1.54 -19.29
N MET P 494 -10.50 1.87 -20.43
CA MET P 494 -10.15 1.23 -21.68
C MET P 494 -8.74 1.62 -22.11
N PRO P 495 -7.93 0.68 -22.61
CA PRO P 495 -6.60 1.04 -23.12
C PRO P 495 -6.68 1.97 -24.33
N GLN P 496 -5.61 2.74 -24.53
CA GLN P 496 -5.48 3.54 -25.73
C GLN P 496 -5.32 2.63 -26.96
N LEU P 497 -5.82 3.10 -28.10
CA LEU P 497 -5.63 2.35 -29.34
C LEU P 497 -4.17 2.05 -29.59
N ILE P 498 -3.29 3.01 -29.31
CA ILE P 498 -1.86 2.80 -29.55
C ILE P 498 -1.30 1.74 -28.59
N ASN P 499 -1.83 1.65 -27.37
CA ASN P 499 -1.42 0.57 -26.48
C ASN P 499 -1.75 -0.79 -27.09
N LEU P 500 -2.96 -0.93 -27.61
CA LEU P 500 -3.35 -2.18 -28.28
C LEU P 500 -2.49 -2.43 -29.51
N ARG P 501 -2.09 -1.37 -30.22
CA ARG P 501 -1.33 -1.54 -31.45
C ARG P 501 0.08 -2.04 -31.18
N ARG P 502 0.69 -1.59 -30.10
CA ARG P 502 2.06 -1.97 -29.76
C ARG P 502 2.13 -3.26 -28.96
N ALA P 503 1.00 -3.79 -28.50
CA ALA P 503 0.96 -5.09 -27.87
C ALA P 503 1.00 -6.24 -28.87
N THR P 504 1.02 -5.93 -30.17
CA THR P 504 1.15 -6.93 -31.22
C THR P 504 2.59 -7.37 -31.43
N PHE P 505 3.54 -6.76 -30.73
CA PHE P 505 4.93 -7.19 -30.73
C PHE P 505 5.46 -7.14 -29.31
N TRP P 506 6.55 -7.88 -29.07
CA TRP P 506 7.24 -7.87 -27.80
C TRP P 506 8.62 -7.24 -27.97
N LEU P 507 9.10 -6.58 -26.92
CA LEU P 507 10.44 -6.02 -26.92
C LEU P 507 11.47 -6.98 -26.35
N ARG P 508 11.08 -7.86 -25.43
CA ARG P 508 11.83 -9.06 -25.19
C ARG P 508 11.89 -9.84 -26.49
N TYR P 509 13.05 -10.37 -26.83
CA TYR P 509 13.26 -11.02 -28.12
C TYR P 509 13.06 -10.04 -29.27
N PRO Q 67 -42.18 -57.90 -24.43
CA PRO Q 67 -41.17 -58.54 -25.29
C PRO Q 67 -39.79 -57.88 -25.16
N ALA Q 68 -39.05 -58.29 -24.13
CA ALA Q 68 -37.75 -57.72 -23.87
C ALA Q 68 -36.73 -58.20 -24.90
N PRO Q 69 -35.65 -57.45 -25.11
CA PRO Q 69 -34.64 -57.87 -26.07
C PRO Q 69 -33.80 -59.02 -25.53
N GLU Q 70 -33.25 -59.80 -26.45
CA GLU Q 70 -32.40 -60.93 -26.12
C GLU Q 70 -30.96 -60.45 -25.95
N TYR Q 71 -30.41 -60.66 -24.76
CA TYR Q 71 -29.07 -60.19 -24.43
C TYR Q 71 -28.06 -61.30 -24.66
N ARG Q 72 -26.98 -60.97 -25.37
CA ARG Q 72 -25.86 -61.88 -25.56
C ARG Q 72 -24.93 -61.83 -24.36
N ARG Q 73 -24.36 -62.98 -24.02
CA ARG Q 73 -23.50 -63.10 -22.86
C ARG Q 73 -22.06 -62.75 -23.22
N VAL Q 74 -21.41 -62.03 -22.32
CA VAL Q 74 -19.99 -61.71 -22.41
C VAL Q 74 -19.31 -62.20 -21.14
N PRO Q 75 -18.63 -63.34 -21.19
CA PRO Q 75 -18.03 -63.90 -19.98
C PRO Q 75 -16.72 -63.23 -19.58
N PHE Q 76 -16.45 -63.26 -18.27
CA PHE Q 76 -15.18 -62.79 -17.77
C PHE Q 76 -14.05 -63.71 -18.20
N VAL Q 77 -12.92 -63.13 -18.58
CA VAL Q 77 -11.75 -63.88 -19.00
C VAL Q 77 -10.51 -63.24 -18.38
N LYS Q 78 -9.58 -64.08 -17.94
CA LYS Q 78 -8.31 -63.63 -17.38
C LYS Q 78 -7.28 -63.54 -18.51
N GLU Q 79 -6.63 -62.38 -18.62
CA GLU Q 79 -5.71 -62.10 -19.70
C GLU Q 79 -4.39 -61.60 -19.15
N ASP Q 80 -3.31 -61.89 -19.88
CA ASP Q 80 -2.00 -61.37 -19.53
C ASP Q 80 -1.97 -59.85 -19.69
N MET Q 81 -1.51 -59.16 -18.64
CA MET Q 81 -1.51 -57.71 -18.67
C MET Q 81 -0.64 -57.17 -19.80
N GLU Q 82 0.53 -57.76 -20.01
CA GLU Q 82 1.46 -57.22 -21.01
C GLU Q 82 0.91 -57.35 -22.42
N LYS Q 83 0.02 -58.31 -22.66
CA LYS Q 83 -0.55 -58.48 -23.99
C LYS Q 83 -1.71 -57.53 -24.24
N VAL Q 84 -2.48 -57.21 -23.19
CA VAL Q 84 -3.56 -56.26 -23.32
C VAL Q 84 -3.02 -54.84 -23.53
N MET Q 85 -1.78 -54.57 -23.13
CA MET Q 85 -1.20 -53.25 -23.32
C MET Q 85 -0.87 -52.99 -24.78
N GLU Q 86 -0.76 -54.03 -25.60
CA GLU Q 86 -0.58 -53.87 -27.03
C GLU Q 86 -1.84 -53.38 -27.75
N GLU Q 87 -2.96 -53.26 -27.03
CA GLU Q 87 -4.21 -52.79 -27.62
C GLU Q 87 -4.64 -51.42 -27.14
N VAL Q 88 -3.95 -50.85 -26.16
CA VAL Q 88 -4.35 -49.53 -25.66
C VAL Q 88 -3.98 -48.47 -26.69
N PRO Q 89 -4.86 -47.51 -27.00
CA PRO Q 89 -4.51 -46.48 -27.98
C PRO Q 89 -3.33 -45.65 -27.51
N GLU Q 90 -2.56 -45.16 -28.47
CA GLU Q 90 -1.44 -44.29 -28.17
C GLU Q 90 -1.94 -42.99 -27.55
N PHE Q 91 -1.16 -42.48 -26.60
CA PHE Q 91 -1.50 -41.27 -25.87
C PHE Q 91 -0.21 -40.58 -25.43
N LYS Q 92 -0.13 -39.28 -25.64
CA LYS Q 92 1.04 -38.49 -25.26
C LYS Q 92 0.61 -37.26 -24.48
N TYR Q 93 1.30 -37.01 -23.37
CA TYR Q 93 1.16 -35.77 -22.61
C TYR Q 93 2.34 -34.83 -22.80
N TYR Q 94 3.54 -35.37 -22.97
CA TYR Q 94 4.74 -34.61 -23.28
C TYR Q 94 5.17 -34.87 -24.72
N TYR Q 95 5.76 -33.85 -25.35
CA TYR Q 95 6.37 -33.98 -26.67
C TYR Q 95 7.84 -33.57 -26.52
N VAL Q 96 8.69 -34.57 -26.30
CA VAL Q 96 10.12 -34.34 -26.09
C VAL Q 96 10.77 -34.46 -27.48
N GLY Q 97 10.92 -33.32 -28.14
CA GLY Q 97 11.37 -33.30 -29.51
C GLY Q 97 10.33 -33.89 -30.45
N LYS Q 98 10.72 -33.99 -31.73
CA LYS Q 98 9.88 -34.57 -32.76
C LYS Q 98 10.74 -35.32 -33.75
N GLU Q 99 10.27 -36.52 -34.14
CA GLU Q 99 11.00 -37.34 -35.09
C GLU Q 99 10.82 -36.84 -36.52
N ASN Q 100 9.57 -36.57 -36.91
CA ASN Q 100 9.30 -36.10 -38.27
C ASN Q 100 9.88 -34.71 -38.47
N THR Q 101 10.47 -34.48 -39.65
CA THR Q 101 11.14 -33.23 -39.96
C THR Q 101 10.75 -32.69 -41.33
N LYS Q 102 9.61 -33.10 -41.87
CA LYS Q 102 9.19 -32.69 -43.20
C LYS Q 102 8.30 -31.46 -43.20
N GLY Q 103 7.75 -31.07 -42.06
CA GLY Q 103 6.97 -29.86 -42.00
C GLY Q 103 5.64 -29.97 -42.73
N ASN Q 104 5.10 -28.81 -43.10
CA ASN Q 104 3.85 -28.74 -43.84
C ASN Q 104 4.14 -29.05 -45.31
N VAL Q 105 3.86 -30.29 -45.72
CA VAL Q 105 4.11 -30.69 -47.10
C VAL Q 105 3.08 -30.14 -48.07
N TYR Q 106 2.01 -29.52 -47.58
CA TYR Q 106 0.99 -28.91 -48.43
C TYR Q 106 1.11 -27.39 -48.44
N GLU Q 107 2.30 -26.87 -48.18
CA GLU Q 107 2.51 -25.43 -48.21
C GLU Q 107 2.33 -24.90 -49.62
N GLY Q 108 1.62 -23.77 -49.73
CA GLY Q 108 1.44 -23.10 -51.00
C GLY Q 108 0.31 -23.62 -51.87
N ILE Q 109 -0.42 -24.64 -51.43
CA ILE Q 109 -1.47 -25.25 -52.22
C ILE Q 109 -2.81 -24.72 -51.73
N PRO Q 110 -3.62 -24.08 -52.57
CA PRO Q 110 -4.89 -23.52 -52.11
C PRO Q 110 -5.97 -24.60 -51.99
N LEU Q 111 -7.01 -24.25 -51.26
CA LEU Q 111 -8.07 -25.19 -50.90
C LEU Q 111 -9.06 -25.45 -52.04
N ASP Q 112 -8.93 -24.78 -53.17
CA ASP Q 112 -9.71 -25.14 -54.35
C ASP Q 112 -9.08 -26.31 -55.11
N GLN Q 113 -8.00 -26.88 -54.60
CA GLN Q 113 -7.28 -27.98 -55.23
C GLN Q 113 -7.12 -29.11 -54.23
N SER Q 114 -7.32 -30.35 -54.69
CA SER Q 114 -7.28 -31.51 -53.83
C SER Q 114 -5.88 -32.09 -53.75
N ILE Q 115 -5.52 -32.61 -52.58
CA ILE Q 115 -4.21 -33.21 -52.33
C ILE Q 115 -4.31 -34.71 -52.07
N LEU Q 116 -5.45 -35.32 -52.34
CA LEU Q 116 -5.62 -36.75 -52.11
C LEU Q 116 -5.04 -37.57 -53.25
N GLU Q 117 -4.75 -38.83 -52.95
CA GLU Q 117 -4.18 -39.80 -53.88
C GLU Q 117 -5.15 -40.95 -54.08
N PRO Q 118 -4.97 -41.73 -55.16
CA PRO Q 118 -5.91 -42.85 -55.41
C PRO Q 118 -5.96 -43.86 -54.28
N ALA Q 119 -4.87 -44.05 -53.54
CA ALA Q 119 -4.87 -44.98 -52.41
C ALA Q 119 -5.78 -44.53 -51.28
N ASP Q 120 -6.30 -43.30 -51.33
CA ASP Q 120 -7.19 -42.78 -50.30
C ASP Q 120 -8.66 -42.92 -50.67
N LEU Q 121 -8.97 -43.54 -51.81
CA LEU Q 121 -10.34 -43.71 -52.26
C LEU Q 121 -10.84 -45.12 -51.92
N ARG Q 122 -12.13 -45.21 -51.61
CA ARG Q 122 -12.74 -46.47 -51.21
C ARG Q 122 -14.14 -46.56 -51.83
N ASP Q 123 -14.66 -47.78 -51.86
CA ASP Q 123 -16.06 -48.03 -52.18
C ASP Q 123 -16.84 -48.11 -50.87
N TYR Q 124 -17.85 -47.27 -50.73
CA TYR Q 124 -18.53 -47.11 -49.46
C TYR Q 124 -19.27 -48.40 -49.08
N VAL Q 125 -19.17 -48.77 -47.80
CA VAL Q 125 -19.89 -49.91 -47.25
C VAL Q 125 -20.66 -49.41 -46.03
N PRO Q 126 -22.00 -49.43 -46.04
CA PRO Q 126 -22.74 -48.87 -44.92
C PRO Q 126 -22.43 -49.60 -43.63
N PRO Q 127 -22.56 -48.93 -42.47
CA PRO Q 127 -22.29 -49.60 -41.19
C PRO Q 127 -23.50 -50.30 -40.61
N HIS Q 128 -23.34 -50.86 -39.41
CA HIS Q 128 -24.42 -51.56 -38.71
C HIS Q 128 -25.12 -50.54 -37.81
N SER Q 129 -26.29 -50.09 -38.24
CA SER Q 129 -26.99 -49.00 -37.58
C SER Q 129 -28.08 -49.47 -36.61
N ASN Q 130 -28.40 -50.77 -36.60
CA ASN Q 130 -29.34 -51.29 -35.62
C ASN Q 130 -28.66 -51.41 -34.26
N ILE Q 131 -29.48 -51.38 -33.21
CA ILE Q 131 -28.99 -51.50 -31.84
C ILE Q 131 -28.67 -52.96 -31.55
N GLN Q 132 -27.48 -53.21 -31.00
CA GLN Q 132 -27.09 -54.53 -30.54
C GLN Q 132 -27.03 -54.55 -29.02
N TYR Q 133 -27.37 -55.71 -28.43
CA TYR Q 133 -27.55 -55.85 -27.00
C TYR Q 133 -26.63 -56.94 -26.44
N SER Q 134 -26.07 -56.68 -25.26
CA SER Q 134 -25.21 -57.64 -24.58
C SER Q 134 -25.29 -57.42 -23.07
N LYS Q 135 -24.84 -58.42 -22.31
CA LYS Q 135 -24.85 -58.35 -20.86
C LYS Q 135 -23.64 -59.06 -20.28
N LEU Q 136 -23.07 -58.48 -19.23
CA LEU Q 136 -21.97 -59.10 -18.49
C LEU Q 136 -22.54 -60.04 -17.43
N ASP Q 137 -21.63 -60.77 -16.78
CA ASP Q 137 -22.02 -61.74 -15.76
C ASP Q 137 -22.39 -61.08 -14.44
N ASN Q 138 -21.91 -59.87 -14.18
CA ASN Q 138 -22.32 -59.14 -12.99
C ASN Q 138 -23.66 -58.42 -13.15
N GLY Q 139 -24.27 -58.49 -14.33
CA GLY Q 139 -25.59 -57.93 -14.56
C GLY Q 139 -25.64 -56.64 -15.35
N LEU Q 140 -24.50 -56.08 -15.73
CA LEU Q 140 -24.49 -54.83 -16.49
C LEU Q 140 -25.04 -55.07 -17.90
N ARG Q 141 -26.03 -54.28 -18.28
CA ARG Q 141 -26.60 -54.31 -19.62
C ARG Q 141 -25.89 -53.30 -20.52
N ILE Q 142 -25.62 -53.71 -21.77
CA ILE Q 142 -24.89 -52.89 -22.74
C ILE Q 142 -25.67 -52.82 -24.03
N ALA Q 143 -25.69 -51.64 -24.65
CA ALA Q 143 -26.38 -51.42 -25.92
C ALA Q 143 -25.64 -50.35 -26.72
N SER Q 144 -25.39 -50.62 -28.00
CA SER Q 144 -24.64 -49.68 -28.83
C SER Q 144 -25.14 -49.73 -30.27
N MET Q 145 -24.84 -48.65 -31.01
CA MET Q 145 -25.19 -48.53 -32.41
C MET Q 145 -24.12 -47.70 -33.10
N ASP Q 146 -23.87 -48.00 -34.38
CA ASP Q 146 -22.84 -47.34 -35.16
C ASP Q 146 -23.46 -46.72 -36.41
N ARG Q 147 -23.24 -45.42 -36.59
CA ARG Q 147 -23.75 -44.68 -37.74
C ARG Q 147 -22.63 -44.26 -38.71
N GLY Q 148 -21.38 -44.57 -38.39
CA GLY Q 148 -20.27 -44.24 -39.26
C GLY Q 148 -19.63 -42.90 -39.00
N GLY Q 149 -20.07 -42.17 -37.98
CA GLY Q 149 -19.45 -40.93 -37.64
C GLY Q 149 -18.11 -41.12 -36.93
N LEU Q 150 -17.43 -39.99 -36.71
CA LEU Q 150 -16.10 -40.00 -36.12
C LEU Q 150 -16.08 -39.57 -34.66
N THR Q 151 -17.14 -38.94 -34.16
CA THR Q 151 -17.27 -38.56 -32.77
C THR Q 151 -18.26 -39.50 -32.09
N ALA Q 152 -17.84 -40.13 -30.99
CA ALA Q 152 -18.67 -41.06 -30.25
C ALA Q 152 -19.28 -40.41 -29.03
N SER Q 153 -20.41 -40.96 -28.59
CA SER Q 153 -21.08 -40.56 -27.35
C SER Q 153 -21.14 -41.77 -26.43
N LEU Q 154 -20.76 -41.57 -25.18
CA LEU Q 154 -20.71 -42.63 -24.18
C LEU Q 154 -21.53 -42.19 -22.96
N GLY Q 155 -22.26 -43.14 -22.38
CA GLY Q 155 -23.10 -42.83 -21.23
C GLY Q 155 -23.33 -43.99 -20.29
N LEU Q 156 -23.26 -43.70 -18.98
CA LEU Q 156 -23.51 -44.68 -17.93
C LEU Q 156 -24.71 -44.22 -17.12
N PHE Q 157 -25.81 -44.96 -17.21
CA PHE Q 157 -27.06 -44.60 -16.55
C PHE Q 157 -27.24 -45.43 -15.28
N VAL Q 158 -27.59 -44.76 -14.18
CA VAL Q 158 -27.78 -45.42 -12.88
C VAL Q 158 -29.18 -45.10 -12.37
N HIS Q 159 -29.84 -46.14 -11.86
CA HIS Q 159 -31.20 -46.00 -11.33
C HIS Q 159 -31.14 -45.62 -9.85
N ALA Q 160 -30.75 -44.36 -9.62
CA ALA Q 160 -30.54 -43.86 -8.26
C ALA Q 160 -30.76 -42.36 -8.15
N GLY Q 161 -32.00 -41.91 -8.34
CA GLY Q 161 -32.32 -40.50 -8.32
C GLY Q 161 -32.86 -40.02 -6.98
N THR Q 162 -33.30 -38.76 -6.97
CA THR Q 162 -33.75 -38.11 -5.76
C THR Q 162 -35.01 -38.75 -5.17
N ARG Q 163 -35.76 -39.53 -5.95
CA ARG Q 163 -36.97 -40.14 -5.43
C ARG Q 163 -36.69 -41.24 -4.42
N PHE Q 164 -35.43 -41.61 -4.20
CA PHE Q 164 -35.08 -42.67 -3.26
C PHE Q 164 -34.49 -42.13 -1.96
N GLU Q 165 -34.54 -40.82 -1.74
CA GLU Q 165 -33.95 -40.20 -0.56
C GLU Q 165 -34.96 -40.15 0.59
N ASP Q 166 -34.47 -39.88 1.79
CA ASP Q 166 -35.30 -39.77 2.98
C ASP Q 166 -34.82 -38.59 3.83
N VAL Q 167 -35.51 -38.38 4.95
CA VAL Q 167 -35.28 -37.21 5.78
C VAL Q 167 -33.86 -37.14 6.33
N THR Q 168 -33.16 -38.27 6.40
CA THR Q 168 -31.77 -38.28 6.84
C THR Q 168 -30.78 -38.22 5.70
N ASN Q 169 -31.25 -38.13 4.45
CA ASN Q 169 -30.39 -38.18 3.28
C ASN Q 169 -30.57 -37.02 2.30
N PHE Q 170 -31.57 -36.17 2.48
CA PHE Q 170 -31.89 -35.16 1.47
C PHE Q 170 -30.64 -34.41 1.03
N GLY Q 171 -30.35 -34.49 -0.26
CA GLY Q 171 -29.22 -33.81 -0.86
C GLY Q 171 -28.07 -34.71 -1.26
N VAL Q 172 -28.15 -36.02 -0.99
CA VAL Q 172 -27.00 -36.89 -1.19
C VAL Q 172 -26.74 -37.11 -2.68
N THR Q 173 -27.79 -37.22 -3.49
CA THR Q 173 -27.60 -37.44 -4.91
C THR Q 173 -26.97 -36.23 -5.58
N HIS Q 174 -27.30 -35.03 -5.12
CA HIS Q 174 -26.66 -33.83 -5.61
C HIS Q 174 -25.19 -33.78 -5.21
N MET Q 175 -24.85 -34.29 -4.02
CA MET Q 175 -23.45 -34.35 -3.59
C MET Q 175 -22.64 -35.27 -4.49
N ILE Q 176 -23.21 -36.44 -4.84
CA ILE Q 176 -22.51 -37.39 -5.68
C ILE Q 176 -22.28 -36.81 -7.08
N GLN Q 177 -23.19 -35.97 -7.55
CA GLN Q 177 -23.04 -35.38 -8.88
C GLN Q 177 -21.89 -34.37 -8.91
N ASN Q 178 -21.72 -33.60 -7.85
CA ASN Q 178 -20.67 -32.59 -7.78
C ASN Q 178 -19.32 -33.18 -7.42
N LEU Q 179 -19.26 -34.44 -6.99
CA LEU Q 179 -18.00 -35.13 -6.73
C LEU Q 179 -17.62 -36.07 -7.88
N ALA Q 180 -18.32 -35.99 -9.00
CA ALA Q 180 -17.99 -36.81 -10.15
C ALA Q 180 -16.59 -36.49 -10.66
N PHE Q 181 -15.88 -37.53 -11.07
CA PHE Q 181 -14.53 -37.42 -11.61
C PHE Q 181 -13.52 -36.95 -10.56
N ALA Q 182 -13.81 -37.17 -9.29
CA ALA Q 182 -12.86 -36.92 -8.22
C ALA Q 182 -11.92 -38.12 -8.09
N SER Q 183 -11.11 -38.14 -7.03
CA SER Q 183 -10.06 -39.15 -6.92
C SER Q 183 -10.65 -40.54 -6.73
N THR Q 184 -10.06 -41.51 -7.43
CA THR Q 184 -10.41 -42.92 -7.32
C THR Q 184 -9.19 -43.72 -6.88
N ALA Q 185 -9.39 -45.02 -6.72
CA ALA Q 185 -8.33 -45.89 -6.20
C ALA Q 185 -7.10 -45.89 -7.10
N HIS Q 186 -7.27 -45.69 -8.40
CA HIS Q 186 -6.17 -45.76 -9.35
C HIS Q 186 -5.95 -44.46 -10.13
N LEU Q 187 -6.61 -43.36 -9.78
CA LEU Q 187 -6.42 -42.11 -10.49
C LEU Q 187 -6.91 -40.94 -9.64
N SER Q 188 -6.10 -39.89 -9.57
CA SER Q 188 -6.40 -38.70 -8.80
C SER Q 188 -7.37 -37.78 -9.55
N LEU Q 189 -7.90 -36.79 -8.82
CA LEU Q 189 -8.81 -35.82 -9.42
C LEU Q 189 -8.11 -35.01 -10.51
N LEU Q 190 -6.93 -34.48 -10.21
CA LEU Q 190 -6.25 -33.59 -11.15
C LEU Q 190 -5.87 -34.33 -12.44
N ARG Q 191 -5.33 -35.54 -12.33
CA ARG Q 191 -4.94 -36.28 -13.52
C ARG Q 191 -6.14 -36.72 -14.34
N THR Q 192 -7.31 -36.88 -13.71
CA THR Q 192 -8.50 -37.31 -14.44
C THR Q 192 -9.06 -36.18 -15.30
N VAL Q 193 -9.24 -35.00 -14.72
CA VAL Q 193 -9.84 -33.90 -15.46
C VAL Q 193 -8.84 -33.29 -16.43
N LYS Q 194 -7.55 -33.35 -16.13
CA LYS Q 194 -6.54 -32.80 -17.03
C LYS Q 194 -6.32 -33.68 -18.25
N THR Q 195 -6.44 -35.00 -18.09
CA THR Q 195 -6.25 -35.92 -19.20
C THR Q 195 -7.43 -35.92 -20.16
N ILE Q 196 -8.64 -35.73 -19.64
CA ILE Q 196 -9.82 -35.60 -20.50
C ILE Q 196 -9.69 -34.37 -21.40
N GLU Q 197 -9.30 -33.24 -20.81
CA GLU Q 197 -9.14 -32.01 -21.58
C GLU Q 197 -8.13 -32.18 -22.70
N VAL Q 198 -6.95 -32.72 -22.38
CA VAL Q 198 -5.88 -32.85 -23.36
C VAL Q 198 -6.28 -33.81 -24.48
N LEU Q 199 -7.19 -34.75 -24.21
CA LEU Q 199 -7.70 -35.62 -25.26
C LEU Q 199 -8.69 -34.91 -26.17
N GLY Q 200 -9.22 -33.76 -25.75
CA GLY Q 200 -10.20 -33.02 -26.54
C GLY Q 200 -11.63 -33.42 -26.30
N ALA Q 201 -11.91 -34.10 -25.20
CA ALA Q 201 -13.24 -34.60 -24.90
C ALA Q 201 -13.97 -33.68 -23.93
N ASN Q 202 -15.28 -33.87 -23.85
CA ASN Q 202 -16.11 -33.21 -22.85
C ASN Q 202 -16.87 -34.26 -22.06
N ALA Q 203 -17.02 -34.04 -20.76
CA ALA Q 203 -17.66 -35.02 -19.89
C ALA Q 203 -18.39 -34.29 -18.76
N GLY Q 204 -19.38 -34.97 -18.18
CA GLY Q 204 -20.12 -34.39 -17.08
C GLY Q 204 -21.05 -35.40 -16.43
N CYS Q 205 -21.74 -34.92 -15.39
CA CYS Q 205 -22.69 -35.71 -14.61
C CYS Q 205 -23.95 -34.89 -14.37
N VAL Q 206 -25.11 -35.49 -14.59
CA VAL Q 206 -26.40 -34.84 -14.43
C VAL Q 206 -27.28 -35.67 -13.50
N VAL Q 207 -27.87 -35.01 -12.49
CA VAL Q 207 -28.75 -35.67 -11.53
C VAL Q 207 -30.20 -35.39 -11.92
N GLY Q 208 -31.06 -36.37 -11.65
CA GLY Q 208 -32.47 -36.27 -11.93
C GLY Q 208 -33.33 -36.86 -10.84
N ARG Q 209 -34.64 -36.97 -11.08
CA ARG Q 209 -35.55 -37.50 -10.08
C ARG Q 209 -35.62 -39.03 -10.09
N GLU Q 210 -35.26 -39.66 -11.20
CA GLU Q 210 -35.24 -41.11 -11.29
C GLU Q 210 -33.91 -41.70 -11.75
N HIS Q 211 -33.04 -40.91 -12.38
CA HIS Q 211 -31.82 -41.42 -12.97
C HIS Q 211 -30.66 -40.48 -12.73
N LEU Q 212 -29.46 -41.04 -12.65
CA LEU Q 212 -28.21 -40.31 -12.67
C LEU Q 212 -27.41 -40.77 -13.89
N VAL Q 213 -26.77 -39.83 -14.59
CA VAL Q 213 -26.10 -40.13 -15.85
C VAL Q 213 -24.71 -39.50 -15.87
N TYR Q 214 -23.70 -40.32 -16.15
CA TYR Q 214 -22.34 -39.88 -16.47
C TYR Q 214 -22.14 -40.03 -17.98
N SER Q 215 -21.57 -39.00 -18.62
CA SER Q 215 -21.43 -39.01 -20.07
C SER Q 215 -20.12 -38.36 -20.50
N ALA Q 216 -19.66 -38.76 -21.70
CA ALA Q 216 -18.50 -38.13 -22.34
C ALA Q 216 -18.63 -38.27 -23.85
N GLU Q 217 -18.03 -37.32 -24.58
CA GLU Q 217 -17.95 -37.35 -26.03
C GLU Q 217 -16.51 -37.12 -26.47
N CYS Q 218 -16.06 -37.86 -27.47
CA CYS Q 218 -14.67 -37.84 -27.89
C CYS Q 218 -14.53 -38.51 -29.24
N LEU Q 219 -13.38 -38.32 -29.87
CA LEU Q 219 -13.00 -39.08 -31.05
C LEU Q 219 -13.11 -40.57 -30.75
N ARG Q 220 -13.60 -41.32 -31.74
CA ARG Q 220 -14.00 -42.71 -31.50
C ARG Q 220 -12.82 -43.65 -31.28
N SER Q 221 -11.59 -43.19 -31.51
CA SER Q 221 -10.42 -43.99 -31.23
C SER Q 221 -9.99 -43.91 -29.77
N HIS Q 222 -10.53 -42.97 -29.00
CA HIS Q 222 -10.20 -42.77 -27.60
C HIS Q 222 -11.16 -43.47 -26.65
N MET Q 223 -12.08 -44.28 -27.17
CA MET Q 223 -13.07 -44.92 -26.30
C MET Q 223 -12.43 -45.76 -25.21
N PRO Q 224 -11.45 -46.63 -25.50
CA PRO Q 224 -10.85 -47.42 -24.41
C PRO Q 224 -10.24 -46.58 -23.31
N LEU Q 225 -9.76 -45.38 -23.62
CA LEU Q 225 -9.17 -44.52 -22.59
C LEU Q 225 -10.24 -43.86 -21.71
N LEU Q 226 -11.44 -43.64 -22.24
CA LEU Q 226 -12.49 -42.95 -21.51
C LEU Q 226 -13.35 -43.89 -20.66
N VAL Q 227 -13.42 -45.17 -21.01
CA VAL Q 227 -14.27 -46.10 -20.27
C VAL Q 227 -13.91 -46.16 -18.78
N PRO Q 228 -12.64 -46.39 -18.40
CA PRO Q 228 -12.33 -46.47 -16.96
C PRO Q 228 -12.59 -45.19 -16.20
N MET Q 229 -12.41 -44.02 -16.82
CA MET Q 229 -12.67 -42.76 -16.14
C MET Q 229 -14.15 -42.51 -15.93
N LEU Q 230 -15.02 -43.26 -16.62
CA LEU Q 230 -16.45 -43.21 -16.35
C LEU Q 230 -16.89 -44.25 -15.31
N THR Q 231 -16.38 -45.48 -15.40
CA THR Q 231 -16.80 -46.53 -14.48
C THR Q 231 -16.19 -46.37 -13.10
N GLY Q 232 -15.04 -45.71 -13.00
CA GLY Q 232 -14.38 -45.59 -11.71
C GLY Q 232 -15.22 -44.87 -10.67
N ASN Q 233 -16.12 -43.99 -11.11
CA ASN Q 233 -16.94 -43.22 -10.17
C ASN Q 233 -17.88 -44.13 -9.37
N VAL Q 234 -18.24 -45.29 -9.93
CA VAL Q 234 -19.17 -46.21 -9.29
C VAL Q 234 -18.49 -47.48 -8.81
N LEU Q 235 -17.20 -47.66 -9.08
CA LEU Q 235 -16.49 -48.86 -8.70
C LEU Q 235 -15.62 -48.68 -7.46
N PHE Q 236 -14.80 -47.63 -7.41
CA PHE Q 236 -13.94 -47.39 -6.25
C PHE Q 236 -13.60 -45.90 -6.11
N PRO Q 237 -14.59 -45.07 -5.80
CA PRO Q 237 -14.29 -43.72 -5.33
C PRO Q 237 -13.80 -43.72 -3.90
N ARG Q 238 -12.96 -42.72 -3.57
CA ARG Q 238 -12.31 -42.63 -2.27
C ARG Q 238 -13.02 -41.69 -1.30
N PHE Q 239 -13.58 -40.58 -1.78
CA PHE Q 239 -14.27 -39.61 -0.93
C PHE Q 239 -13.35 -39.10 0.19
N LEU Q 240 -12.34 -38.34 -0.24
CA LEU Q 240 -11.33 -37.81 0.67
C LEU Q 240 -11.87 -36.56 1.37
N PRO Q 241 -11.58 -36.40 2.67
CA PRO Q 241 -12.14 -35.23 3.39
C PRO Q 241 -11.82 -33.90 2.74
N TRP Q 242 -10.55 -33.64 2.43
CA TRP Q 242 -10.17 -32.33 1.91
C TRP Q 242 -10.76 -32.06 0.53
N GLU Q 243 -11.14 -33.10 -0.21
CA GLU Q 243 -11.85 -32.87 -1.47
C GLU Q 243 -13.32 -32.55 -1.24
N LEU Q 244 -13.94 -33.11 -0.21
CA LEU Q 244 -15.31 -32.73 0.13
C LEU Q 244 -15.38 -31.30 0.63
N LYS Q 245 -14.35 -30.84 1.33
CA LYS Q 245 -14.34 -29.47 1.87
C LYS Q 245 -14.08 -28.43 0.78
N ALA Q 246 -13.50 -28.85 -0.34
CA ALA Q 246 -13.27 -27.93 -1.46
C ALA Q 246 -14.47 -27.85 -2.39
N CYS Q 247 -15.42 -28.78 -2.30
CA CYS Q 247 -16.60 -28.81 -3.13
C CYS Q 247 -17.82 -28.17 -2.46
N LYS Q 248 -17.73 -27.87 -1.17
CA LYS Q 248 -18.88 -27.37 -0.41
C LYS Q 248 -19.35 -26.01 -0.90
N GLU Q 249 -18.50 -25.25 -1.59
CA GLU Q 249 -18.89 -23.93 -2.06
C GLU Q 249 -19.90 -24.03 -3.20
N LYS Q 250 -19.54 -24.75 -4.27
CA LYS Q 250 -20.43 -24.93 -5.41
C LYS Q 250 -21.72 -25.68 -5.06
N LEU Q 251 -21.83 -26.23 -3.85
CA LEU Q 251 -23.01 -27.00 -3.50
C LEU Q 251 -24.20 -26.12 -3.18
N ILE Q 252 -23.97 -24.91 -2.67
CA ILE Q 252 -25.07 -24.01 -2.34
C ILE Q 252 -25.42 -23.07 -3.49
N MET Q 253 -24.43 -22.73 -4.33
CA MET Q 253 -24.67 -21.79 -5.43
C MET Q 253 -25.60 -22.34 -6.49
N ALA Q 254 -26.07 -23.58 -6.38
CA ALA Q 254 -26.96 -24.13 -7.38
C ALA Q 254 -28.37 -23.53 -7.28
N ARG Q 255 -29.01 -23.71 -6.12
CA ARG Q 255 -30.35 -23.15 -5.94
C ARG Q 255 -30.33 -21.62 -6.02
N LYS Q 256 -29.24 -21.00 -5.55
CA LYS Q 256 -29.13 -19.54 -5.69
C LYS Q 256 -29.17 -19.13 -7.15
N ARG Q 257 -28.46 -19.86 -8.01
CA ARG Q 257 -28.55 -19.62 -9.45
C ARG Q 257 -29.89 -20.04 -10.02
N LEU Q 258 -30.62 -20.92 -9.32
CA LEU Q 258 -31.93 -21.35 -9.78
C LEU Q 258 -33.00 -20.27 -9.57
N GLU Q 259 -32.81 -19.42 -8.56
CA GLU Q 259 -33.83 -18.42 -8.25
C GLU Q 259 -34.05 -17.46 -9.40
N HIS Q 260 -32.97 -17.06 -10.08
CA HIS Q 260 -33.05 -16.14 -11.21
C HIS Q 260 -33.29 -16.86 -12.53
N MET Q 261 -34.01 -17.98 -12.51
CA MET Q 261 -34.39 -18.72 -13.71
C MET Q 261 -35.87 -19.06 -13.56
N PRO Q 262 -36.77 -18.17 -13.98
CA PRO Q 262 -38.20 -18.37 -13.69
C PRO Q 262 -38.75 -19.71 -14.11
N ASP Q 263 -38.48 -20.13 -15.35
CA ASP Q 263 -39.07 -21.38 -15.85
C ASP Q 263 -38.68 -22.57 -14.98
N GLN Q 264 -37.41 -22.64 -14.58
CA GLN Q 264 -36.97 -23.75 -13.74
C GLN Q 264 -37.56 -23.67 -12.34
N MET Q 265 -37.85 -22.46 -11.86
CA MET Q 265 -38.44 -22.33 -10.53
C MET Q 265 -39.92 -22.73 -10.53
N VAL Q 266 -40.64 -22.40 -11.60
CA VAL Q 266 -42.04 -22.80 -11.69
C VAL Q 266 -42.15 -24.31 -11.76
N SER Q 267 -41.21 -24.96 -12.43
CA SER Q 267 -41.24 -26.42 -12.55
C SER Q 267 -41.01 -27.08 -11.19
N GLU Q 268 -40.01 -26.62 -10.46
CA GLU Q 268 -39.75 -27.16 -9.12
C GLU Q 268 -40.97 -26.99 -8.22
N LEU Q 269 -41.54 -25.78 -8.20
CA LEU Q 269 -42.73 -25.55 -7.39
C LEU Q 269 -43.87 -26.47 -7.79
N LEU Q 270 -43.95 -26.83 -9.07
CA LEU Q 270 -45.01 -27.73 -9.52
C LEU Q 270 -44.84 -29.13 -8.95
N HIS Q 271 -43.59 -29.59 -8.85
CA HIS Q 271 -43.34 -30.94 -8.34
C HIS Q 271 -43.52 -31.00 -6.83
N THR Q 272 -42.91 -30.04 -6.11
CA THR Q 272 -43.04 -30.02 -4.65
C THR Q 272 -44.49 -29.94 -4.22
N THR Q 273 -45.35 -29.32 -5.02
CA THR Q 273 -46.75 -29.16 -4.67
C THR Q 273 -47.62 -30.33 -5.13
N ALA Q 274 -47.23 -30.99 -6.22
CA ALA Q 274 -48.03 -32.09 -6.73
C ALA Q 274 -47.89 -33.33 -5.86
N TRP Q 275 -46.67 -33.67 -5.46
CA TRP Q 275 -46.39 -34.86 -4.66
C TRP Q 275 -45.82 -34.40 -3.33
N HIS Q 276 -46.71 -33.98 -2.43
CA HIS Q 276 -46.28 -33.40 -1.16
C HIS Q 276 -45.50 -34.41 -0.33
N ASN Q 277 -44.25 -34.08 -0.05
CA ASN Q 277 -43.37 -34.86 0.85
C ASN Q 277 -43.38 -36.34 0.51
N ASN Q 278 -43.13 -36.68 -0.76
CA ASN Q 278 -42.95 -38.08 -1.12
C ASN Q 278 -42.46 -38.19 -2.56
N THR Q 279 -41.70 -39.26 -2.80
CA THR Q 279 -41.21 -39.67 -4.12
C THR Q 279 -40.84 -38.51 -5.03
N LEU Q 280 -41.70 -38.24 -6.03
CA LEU Q 280 -41.38 -37.27 -7.06
C LEU Q 280 -41.41 -35.84 -6.57
N GLY Q 281 -41.82 -35.60 -5.33
CA GLY Q 281 -41.86 -34.27 -4.76
C GLY Q 281 -40.61 -33.81 -4.06
N HIS Q 282 -39.64 -34.70 -3.84
CA HIS Q 282 -38.38 -34.29 -3.25
C HIS Q 282 -37.65 -33.32 -4.17
N LYS Q 283 -36.87 -32.44 -3.58
CA LYS Q 283 -36.12 -31.45 -4.33
C LYS Q 283 -34.90 -32.08 -5.00
N LEU Q 284 -34.39 -31.39 -6.02
CA LEU Q 284 -33.22 -31.89 -6.75
C LEU Q 284 -31.92 -31.51 -6.04
N HIS Q 285 -31.80 -30.27 -5.60
CA HIS Q 285 -30.56 -29.74 -5.05
C HIS Q 285 -30.60 -29.71 -3.53
N CYS Q 286 -29.43 -29.46 -2.94
CA CYS Q 286 -29.28 -29.44 -1.50
C CYS Q 286 -29.78 -28.11 -0.92
N THR Q 287 -29.88 -28.08 0.40
CA THR Q 287 -30.23 -26.88 1.16
C THR Q 287 -29.24 -26.73 2.30
N GLU Q 288 -29.32 -25.59 2.99
CA GLU Q 288 -28.44 -25.36 4.14
C GLU Q 288 -28.62 -26.44 5.20
N ARG Q 289 -29.83 -26.99 5.32
CA ARG Q 289 -30.06 -28.10 6.23
C ARG Q 289 -29.27 -29.33 5.82
N SER Q 290 -29.14 -29.56 4.50
CA SER Q 290 -28.47 -30.77 4.02
C SER Q 290 -27.02 -30.83 4.48
N LEU Q 291 -26.41 -29.69 4.78
CA LEU Q 291 -25.01 -29.66 5.18
C LEU Q 291 -24.75 -30.35 6.51
N GLY Q 292 -25.81 -30.73 7.24
CA GLY Q 292 -25.63 -31.44 8.50
C GLY Q 292 -25.28 -32.90 8.37
N HIS Q 293 -25.36 -33.47 7.17
CA HIS Q 293 -25.05 -34.87 6.93
C HIS Q 293 -24.21 -35.03 5.69
N TYR Q 294 -23.25 -34.13 5.49
CA TYR Q 294 -22.39 -34.14 4.31
C TYR Q 294 -21.02 -34.73 4.70
N ASN Q 295 -21.02 -36.02 4.97
CA ASN Q 295 -19.83 -36.76 5.36
C ASN Q 295 -19.75 -38.07 4.58
N PRO Q 296 -18.54 -38.63 4.46
CA PRO Q 296 -18.38 -39.82 3.60
C PRO Q 296 -19.22 -41.02 3.97
N ASP Q 297 -19.50 -41.22 5.27
CA ASP Q 297 -20.22 -42.43 5.68
C ASP Q 297 -21.66 -42.42 5.17
N VAL Q 298 -22.31 -41.26 5.19
CA VAL Q 298 -23.67 -41.16 4.67
C VAL Q 298 -23.69 -41.42 3.17
N ILE Q 299 -22.74 -40.83 2.44
CA ILE Q 299 -22.67 -41.03 1.00
C ILE Q 299 -22.45 -42.51 0.67
N ARG Q 300 -21.44 -43.12 1.29
CA ARG Q 300 -21.09 -44.49 0.97
C ARG Q 300 -22.21 -45.46 1.32
N HIS Q 301 -23.04 -45.11 2.31
CA HIS Q 301 -24.18 -45.95 2.65
C HIS Q 301 -25.26 -45.88 1.59
N TYR Q 302 -25.39 -44.74 0.91
CA TYR Q 302 -26.40 -44.60 -0.13
C TYR Q 302 -26.01 -45.38 -1.39
N MET Q 303 -24.73 -45.35 -1.75
CA MET Q 303 -24.28 -46.07 -2.95
C MET Q 303 -24.36 -47.57 -2.77
N LEU Q 304 -24.21 -48.08 -1.55
CA LEU Q 304 -24.26 -49.51 -1.31
C LEU Q 304 -25.68 -50.08 -1.47
N GLN Q 305 -26.69 -49.22 -1.44
CA GLN Q 305 -28.07 -49.65 -1.60
C GLN Q 305 -28.59 -49.53 -3.03
N HIS Q 306 -27.94 -48.72 -3.88
CA HIS Q 306 -28.51 -48.39 -5.19
C HIS Q 306 -27.57 -48.56 -6.38
N PHE Q 307 -26.25 -48.60 -6.19
CA PHE Q 307 -25.31 -48.59 -7.30
C PHE Q 307 -24.77 -49.98 -7.64
N SER Q 308 -25.62 -51.00 -7.64
CA SER Q 308 -25.19 -52.31 -8.10
C SER Q 308 -25.26 -52.40 -9.63
N PRO Q 309 -24.46 -53.28 -10.24
CA PRO Q 309 -24.50 -53.39 -11.71
C PRO Q 309 -25.88 -53.67 -12.27
N GLU Q 310 -26.72 -54.43 -11.56
CA GLU Q 310 -28.05 -54.73 -12.08
C GLU Q 310 -28.90 -53.47 -12.27
N ASN Q 311 -28.56 -52.38 -11.59
CA ASN Q 311 -29.29 -51.12 -11.70
C ASN Q 311 -28.58 -50.12 -12.61
N MET Q 312 -27.83 -50.60 -13.60
CA MET Q 312 -27.06 -49.72 -14.47
C MET Q 312 -27.09 -50.22 -15.90
N VAL Q 313 -27.02 -49.27 -16.84
CA VAL Q 313 -26.99 -49.55 -18.27
C VAL Q 313 -25.91 -48.66 -18.89
N PHE Q 314 -25.16 -49.21 -19.85
CA PHE Q 314 -24.15 -48.47 -20.58
C PHE Q 314 -24.52 -48.42 -22.05
N VAL Q 315 -24.37 -47.24 -22.66
CA VAL Q 315 -24.79 -46.99 -24.04
C VAL Q 315 -23.67 -46.25 -24.77
N GLY Q 316 -23.42 -46.64 -26.01
CA GLY Q 316 -22.50 -45.92 -26.86
C GLY Q 316 -23.06 -45.76 -28.26
N VAL Q 317 -22.62 -44.69 -28.92
CA VAL Q 317 -23.04 -44.38 -30.29
C VAL Q 317 -21.79 -44.05 -31.09
N ASN Q 318 -21.69 -44.63 -32.30
CA ASN Q 318 -20.50 -44.54 -33.15
C ASN Q 318 -19.32 -45.29 -32.52
N VAL Q 319 -19.57 -46.54 -32.14
CA VAL Q 319 -18.56 -47.43 -31.61
C VAL Q 319 -18.78 -48.83 -32.17
N ASN Q 320 -17.73 -49.63 -32.13
CA ASN Q 320 -17.82 -51.05 -32.45
C ASN Q 320 -18.36 -51.80 -31.23
N HIS Q 321 -19.44 -52.55 -31.42
CA HIS Q 321 -20.09 -53.23 -30.29
C HIS Q 321 -19.13 -54.19 -29.59
N ASP Q 322 -18.48 -55.07 -30.36
CA ASP Q 322 -17.61 -56.08 -29.76
C ASP Q 322 -16.46 -55.44 -28.99
N GLU Q 323 -15.88 -54.36 -29.52
CA GLU Q 323 -14.78 -53.71 -28.83
C GLU Q 323 -15.24 -53.04 -27.54
N LEU Q 324 -16.45 -52.50 -27.52
CA LEU Q 324 -16.95 -51.87 -26.31
C LEU Q 324 -17.18 -52.90 -25.22
N CYS Q 325 -17.66 -54.09 -25.58
CA CYS Q 325 -17.88 -55.14 -24.59
C CYS Q 325 -16.57 -55.60 -23.97
N THR Q 326 -15.52 -55.74 -24.79
CA THR Q 326 -14.24 -56.22 -24.30
C THR Q 326 -13.66 -55.28 -23.24
N TRP Q 327 -13.69 -53.97 -23.51
CA TRP Q 327 -13.10 -53.02 -22.58
C TRP Q 327 -13.97 -52.83 -21.34
N LEU Q 328 -15.29 -52.99 -21.46
CA LEU Q 328 -16.14 -52.96 -20.28
C LEU Q 328 -15.93 -54.18 -19.39
N MET Q 329 -15.71 -55.34 -20.01
CA MET Q 329 -15.39 -56.54 -19.27
C MET Q 329 -14.07 -56.39 -18.51
N ARG Q 330 -13.07 -55.77 -19.15
CA ARG Q 330 -11.77 -55.59 -18.52
C ARG Q 330 -11.81 -54.60 -17.36
N ALA Q 331 -12.78 -53.70 -17.33
CA ALA Q 331 -12.87 -52.74 -16.24
C ALA Q 331 -13.40 -53.38 -14.96
N PHE Q 332 -14.08 -54.51 -15.05
CA PHE Q 332 -14.75 -55.14 -13.92
C PHE Q 332 -14.18 -56.48 -13.51
N VAL Q 333 -13.15 -56.99 -14.22
CA VAL Q 333 -12.77 -58.38 -14.04
C VAL Q 333 -11.89 -58.59 -12.80
N ASP Q 334 -11.08 -57.61 -12.41
CA ASP Q 334 -10.08 -57.80 -11.36
C ASP Q 334 -10.52 -57.30 -9.99
N TYR Q 335 -11.68 -56.66 -9.88
CA TYR Q 335 -12.09 -56.03 -8.63
C TYR Q 335 -13.57 -56.30 -8.37
N ASN Q 336 -13.97 -56.13 -7.12
CA ASN Q 336 -15.30 -56.50 -6.67
C ASN Q 336 -16.25 -55.30 -6.73
N ALA Q 337 -17.42 -55.52 -7.31
CA ALA Q 337 -18.44 -54.49 -7.43
C ALA Q 337 -19.40 -54.55 -6.24
N ILE Q 338 -20.17 -53.47 -6.09
CA ILE Q 338 -21.19 -53.42 -5.04
C ILE Q 338 -22.17 -54.57 -5.24
N PRO Q 339 -22.50 -55.35 -4.21
CA PRO Q 339 -23.34 -56.53 -4.42
C PRO Q 339 -24.80 -56.15 -4.56
N PRO Q 340 -25.61 -56.99 -5.18
CA PRO Q 340 -27.02 -56.65 -5.39
C PRO Q 340 -27.79 -56.59 -4.08
N SER Q 341 -28.97 -55.99 -4.18
CA SER Q 341 -29.86 -55.84 -3.04
C SER Q 341 -31.28 -55.71 -3.56
N LYS Q 342 -32.24 -56.26 -2.82
CA LYS Q 342 -33.64 -56.18 -3.16
C LYS Q 342 -34.25 -54.94 -2.51
N ARG Q 343 -34.86 -54.08 -3.33
CA ARG Q 343 -35.49 -52.86 -2.85
C ARG Q 343 -36.93 -52.80 -3.35
N THR Q 344 -37.81 -52.28 -2.52
CA THR Q 344 -39.20 -52.08 -2.87
C THR Q 344 -39.43 -50.61 -3.19
N VAL Q 345 -40.00 -50.34 -4.36
CA VAL Q 345 -40.21 -48.98 -4.83
C VAL Q 345 -41.58 -48.50 -4.36
N ALA Q 346 -41.60 -47.45 -3.55
CA ALA Q 346 -42.85 -46.90 -3.06
C ALA Q 346 -43.60 -46.16 -4.17
N SER Q 347 -44.91 -46.33 -4.19
CA SER Q 347 -45.76 -45.69 -5.18
C SER Q 347 -45.94 -44.20 -4.82
N PRO Q 348 -45.91 -43.31 -5.80
CA PRO Q 348 -46.13 -41.89 -5.49
C PRO Q 348 -47.55 -41.63 -5.01
N VAL Q 349 -47.69 -40.58 -4.21
CA VAL Q 349 -48.99 -40.15 -3.67
C VAL Q 349 -49.22 -38.73 -4.16
N TYR Q 350 -50.21 -38.57 -5.04
CA TYR Q 350 -50.55 -37.26 -5.59
C TYR Q 350 -51.55 -36.57 -4.69
N THR Q 351 -51.26 -35.33 -4.33
CA THR Q 351 -52.10 -34.54 -3.43
C THR Q 351 -52.63 -33.25 -4.04
N GLY Q 352 -51.91 -32.65 -4.99
CA GLY Q 352 -52.27 -31.35 -5.50
C GLY Q 352 -52.18 -30.28 -4.42
N GLY Q 353 -52.50 -29.05 -4.82
CA GLY Q 353 -52.52 -27.94 -3.90
C GLY Q 353 -52.18 -26.64 -4.61
N ASP Q 354 -51.72 -25.68 -3.81
CA ASP Q 354 -51.50 -24.32 -4.28
C ASP Q 354 -50.28 -23.74 -3.57
N VAL Q 355 -49.51 -22.93 -4.30
CA VAL Q 355 -48.33 -22.27 -3.75
C VAL Q 355 -48.10 -20.97 -4.52
N ARG Q 356 -47.68 -19.94 -3.79
CA ARG Q 356 -47.33 -18.65 -4.36
C ARG Q 356 -45.89 -18.31 -4.00
N LEU Q 357 -45.26 -17.49 -4.84
CA LEU Q 357 -43.90 -17.02 -4.57
C LEU Q 357 -43.76 -15.63 -5.19
N GLU Q 358 -43.77 -14.61 -4.34
CA GLU Q 358 -43.61 -13.24 -4.80
C GLU Q 358 -42.14 -12.93 -5.06
N THR Q 359 -41.88 -12.19 -6.14
CA THR Q 359 -40.53 -11.82 -6.52
C THR Q 359 -40.61 -10.62 -7.45
N PRO Q 360 -39.60 -9.75 -7.45
CA PRO Q 360 -39.62 -8.61 -8.38
C PRO Q 360 -39.62 -9.08 -9.83
N SER Q 361 -40.69 -8.74 -10.55
CA SER Q 361 -40.83 -9.13 -11.94
C SER Q 361 -41.93 -8.32 -12.59
N PRO Q 362 -41.84 -8.03 -13.90
CA PRO Q 362 -42.91 -7.29 -14.57
C PRO Q 362 -44.08 -8.16 -14.99
N HIS Q 363 -43.94 -9.49 -14.98
CA HIS Q 363 -44.99 -10.39 -15.41
C HIS Q 363 -45.50 -11.22 -14.23
N ALA Q 364 -46.72 -11.72 -14.39
CA ALA Q 364 -47.34 -12.66 -13.47
C ALA Q 364 -47.32 -14.05 -14.10
N HIS Q 365 -46.44 -14.91 -13.60
CA HIS Q 365 -46.38 -16.29 -14.07
C HIS Q 365 -47.42 -17.13 -13.35
N MET Q 366 -48.13 -17.96 -14.11
CA MET Q 366 -49.21 -18.78 -13.57
C MET Q 366 -49.21 -20.13 -14.28
N ALA Q 367 -49.39 -21.20 -13.49
CA ALA Q 367 -49.43 -22.56 -14.01
C ALA Q 367 -50.48 -23.36 -13.26
N ILE Q 368 -51.22 -24.18 -14.00
CA ILE Q 368 -52.26 -25.05 -13.48
C ILE Q 368 -52.11 -26.41 -14.14
N ALA Q 369 -52.19 -27.48 -13.35
CA ALA Q 369 -51.91 -28.81 -13.86
C ALA Q 369 -52.78 -29.85 -13.15
N PHE Q 370 -52.78 -31.05 -13.72
CA PHE Q 370 -53.50 -32.20 -13.20
C PHE Q 370 -52.62 -33.44 -13.30
N GLU Q 371 -53.04 -34.52 -12.67
CA GLU Q 371 -52.27 -35.76 -12.65
C GLU Q 371 -52.58 -36.63 -13.87
N THR Q 372 -51.55 -37.32 -14.35
CA THR Q 372 -51.70 -38.32 -15.39
C THR Q 372 -51.53 -39.72 -14.78
N PRO Q 373 -52.59 -40.52 -14.68
CA PRO Q 373 -52.44 -41.84 -14.05
C PRO Q 373 -51.54 -42.77 -14.85
N GLY Q 374 -50.62 -43.42 -14.13
CA GLY Q 374 -49.80 -44.48 -14.70
C GLY Q 374 -48.49 -44.05 -15.29
N GLY Q 375 -48.36 -42.78 -15.68
CA GLY Q 375 -47.11 -42.31 -16.25
C GLY Q 375 -46.73 -43.03 -17.53
N TRP Q 376 -45.42 -43.17 -17.73
CA TRP Q 376 -44.90 -43.77 -18.97
C TRP Q 376 -45.49 -45.15 -19.20
N ASN Q 377 -45.77 -45.90 -18.14
CA ASN Q 377 -46.27 -47.26 -18.25
C ASN Q 377 -47.77 -47.36 -17.97
N GLY Q 378 -48.49 -46.25 -18.05
CA GLY Q 378 -49.92 -46.26 -17.80
C GLY Q 378 -50.76 -46.76 -18.96
N GLY Q 379 -50.25 -46.68 -20.18
CA GLY Q 379 -50.95 -47.18 -21.35
C GLY Q 379 -51.56 -46.12 -22.25
N ASP Q 380 -51.38 -44.83 -21.92
CA ASP Q 380 -51.95 -43.74 -22.71
C ASP Q 380 -50.92 -42.64 -22.95
N LEU Q 381 -49.64 -43.02 -23.05
CA LEU Q 381 -48.59 -42.03 -23.26
C LEU Q 381 -48.81 -41.26 -24.56
N VAL Q 382 -49.13 -41.97 -25.65
CA VAL Q 382 -49.22 -41.33 -26.95
C VAL Q 382 -50.40 -40.37 -27.01
N ALA Q 383 -51.49 -40.66 -26.28
CA ALA Q 383 -52.65 -39.77 -26.31
C ALA Q 383 -52.34 -38.41 -25.72
N TYR Q 384 -51.56 -38.37 -24.64
CA TYR Q 384 -51.22 -37.08 -24.03
C TYR Q 384 -50.25 -36.29 -24.89
N SER Q 385 -49.41 -36.97 -25.69
CA SER Q 385 -48.48 -36.27 -26.57
C SER Q 385 -49.19 -35.69 -27.80
N VAL Q 386 -50.29 -36.30 -28.21
CA VAL Q 386 -51.09 -35.73 -29.30
C VAL Q 386 -51.87 -34.52 -28.81
N LEU Q 387 -52.47 -34.62 -27.63
CA LEU Q 387 -53.17 -33.47 -27.05
C LEU Q 387 -52.24 -32.29 -26.87
N GLN Q 388 -51.00 -32.53 -26.45
CA GLN Q 388 -50.04 -31.44 -26.29
C GLN Q 388 -49.78 -30.73 -27.61
N THR Q 389 -49.76 -31.49 -28.71
CA THR Q 389 -49.45 -30.89 -30.00
C THR Q 389 -50.60 -30.04 -30.51
N ILE Q 390 -51.84 -30.46 -30.25
CA ILE Q 390 -53.00 -29.67 -30.62
C ILE Q 390 -52.95 -28.29 -29.98
N LEU Q 391 -52.69 -28.25 -28.66
CA LEU Q 391 -52.78 -27.00 -27.94
C LEU Q 391 -51.63 -26.06 -28.29
N GLY Q 392 -50.40 -26.58 -28.34
CA GLY Q 392 -49.24 -25.73 -28.63
C GLY Q 392 -48.21 -25.79 -27.51
N GLY Q 393 -46.97 -26.07 -27.90
CA GLY Q 393 -45.87 -26.13 -26.96
C GLY Q 393 -44.91 -24.96 -27.12
N GLY Q 394 -43.66 -25.17 -26.76
CA GLY Q 394 -42.65 -24.13 -26.88
C GLY Q 394 -42.36 -23.74 -28.32
N GLY Q 405 -45.09 -22.33 -35.14
CA GLY Q 405 -46.49 -22.66 -34.92
C GLY Q 405 -47.38 -21.42 -34.93
N MET Q 406 -48.44 -21.47 -35.74
CA MET Q 406 -49.39 -20.37 -35.79
C MET Q 406 -50.82 -20.83 -36.08
N TYR Q 407 -51.10 -22.15 -36.06
CA TYR Q 407 -52.45 -22.66 -36.20
C TYR Q 407 -52.82 -23.59 -35.06
N THR Q 408 -52.15 -23.46 -33.92
CA THR Q 408 -52.49 -24.20 -32.72
C THR Q 408 -53.64 -23.52 -31.98
N ARG Q 409 -54.33 -24.32 -31.15
CA ARG Q 409 -55.50 -23.81 -30.44
C ARG Q 409 -55.17 -22.64 -29.54
N LEU Q 410 -53.96 -22.63 -28.96
CA LEU Q 410 -53.60 -21.56 -28.03
C LEU Q 410 -53.20 -20.28 -28.76
N TYR Q 411 -52.71 -20.39 -29.99
CA TYR Q 411 -52.32 -19.19 -30.73
C TYR Q 411 -53.55 -18.48 -31.30
N LEU Q 412 -54.56 -19.23 -31.71
CA LEU Q 412 -55.75 -18.66 -32.34
C LEU Q 412 -56.79 -18.19 -31.31
N ASN Q 413 -57.02 -18.98 -30.27
CA ASN Q 413 -58.09 -18.70 -29.32
C ASN Q 413 -57.67 -17.84 -28.14
N VAL Q 414 -56.38 -17.75 -27.86
CA VAL Q 414 -55.91 -17.06 -26.66
C VAL Q 414 -55.05 -15.85 -27.04
N LEU Q 415 -53.94 -16.09 -27.73
CA LEU Q 415 -52.98 -15.03 -27.98
C LEU Q 415 -53.56 -13.95 -28.88
N ASN Q 416 -54.22 -14.34 -29.97
CA ASN Q 416 -54.73 -13.36 -30.92
C ASN Q 416 -55.93 -12.59 -30.40
N GLN Q 417 -56.66 -13.13 -29.43
CA GLN Q 417 -57.83 -12.48 -28.87
C GLN Q 417 -57.54 -11.74 -27.57
N ASN Q 418 -56.27 -11.64 -27.18
CA ASN Q 418 -55.89 -10.95 -25.95
C ASN Q 418 -54.49 -10.40 -26.14
N GLU Q 419 -54.37 -9.07 -26.18
CA GLU Q 419 -53.07 -8.44 -26.40
C GLU Q 419 -52.25 -8.34 -25.13
N TRP Q 420 -52.88 -8.49 -23.96
CA TRP Q 420 -52.17 -8.43 -22.69
C TRP Q 420 -51.51 -9.75 -22.30
N VAL Q 421 -51.67 -10.79 -23.10
CA VAL Q 421 -50.98 -12.06 -22.86
C VAL Q 421 -49.65 -12.05 -23.60
N GLU Q 422 -48.57 -12.33 -22.88
CA GLU Q 422 -47.25 -12.37 -23.47
C GLU Q 422 -46.87 -13.74 -24.02
N SER Q 423 -47.42 -14.81 -23.46
CA SER Q 423 -47.12 -16.16 -23.94
C SER Q 423 -48.05 -17.15 -23.25
N ALA Q 424 -48.06 -18.37 -23.79
CA ALA Q 424 -48.89 -19.46 -23.29
C ALA Q 424 -48.45 -20.74 -23.97
N MET Q 425 -48.58 -21.86 -23.26
CA MET Q 425 -48.15 -23.15 -23.78
C MET Q 425 -48.71 -24.26 -22.90
N ALA Q 426 -48.57 -25.49 -23.38
CA ALA Q 426 -48.97 -26.69 -22.67
C ALA Q 426 -47.75 -27.58 -22.45
N PHE Q 427 -47.73 -28.30 -21.32
CA PHE Q 427 -46.63 -29.17 -20.97
C PHE Q 427 -47.14 -30.55 -20.60
N ASN Q 428 -46.22 -31.53 -20.66
CA ASN Q 428 -46.53 -32.93 -20.37
C ASN Q 428 -45.27 -33.56 -19.81
N THR Q 429 -45.23 -33.77 -18.49
CA THR Q 429 -44.07 -34.32 -17.80
C THR Q 429 -44.44 -35.70 -17.25
N GLN Q 430 -43.83 -36.74 -17.80
CA GLN Q 430 -44.14 -38.12 -17.47
C GLN Q 430 -42.95 -38.81 -16.82
N TYR Q 431 -43.25 -39.66 -15.82
CA TYR Q 431 -42.26 -40.46 -15.13
C TYR Q 431 -42.70 -41.93 -15.20
N THR Q 432 -41.92 -42.80 -14.56
CA THR Q 432 -42.14 -44.24 -14.71
C THR Q 432 -43.57 -44.64 -14.36
N ASP Q 433 -44.14 -44.02 -13.32
CA ASP Q 433 -45.47 -44.44 -12.86
C ASP Q 433 -46.33 -43.26 -12.41
N SER Q 434 -46.09 -42.06 -12.94
CA SER Q 434 -46.92 -40.90 -12.64
C SER Q 434 -46.43 -39.72 -13.48
N GLY Q 435 -47.32 -38.75 -13.69
CA GLY Q 435 -46.99 -37.55 -14.44
C GLY Q 435 -48.01 -36.46 -14.20
N ILE Q 436 -47.71 -35.27 -14.73
CA ILE Q 436 -48.63 -34.13 -14.70
C ILE Q 436 -48.78 -33.52 -16.08
N PHE Q 437 -49.92 -32.84 -16.27
CA PHE Q 437 -50.29 -32.20 -17.53
C PHE Q 437 -51.02 -30.89 -17.21
N GLY Q 438 -50.64 -29.80 -17.87
CA GLY Q 438 -51.30 -28.54 -17.62
C GLY Q 438 -50.86 -27.43 -18.54
N LEU Q 439 -51.20 -26.19 -18.13
CA LEU Q 439 -50.96 -24.99 -18.91
C LEU Q 439 -50.05 -24.03 -18.14
N TYR Q 440 -49.43 -23.12 -18.89
CA TYR Q 440 -48.47 -22.17 -18.32
C TYR Q 440 -48.57 -20.86 -19.08
N MET Q 441 -48.79 -19.76 -18.37
CA MET Q 441 -49.06 -18.46 -18.98
C MET Q 441 -48.29 -17.35 -18.29
N LEU Q 442 -47.85 -16.36 -19.08
CA LEU Q 442 -47.42 -15.06 -18.60
C LEU Q 442 -48.46 -14.02 -19.04
N ALA Q 443 -48.62 -12.97 -18.22
CA ALA Q 443 -49.65 -11.98 -18.49
C ALA Q 443 -49.34 -10.69 -17.74
N ASP Q 444 -50.18 -9.69 -17.97
CA ASP Q 444 -50.05 -8.41 -17.29
C ASP Q 444 -50.42 -8.56 -15.82
N PRO Q 445 -49.56 -8.14 -14.89
CA PRO Q 445 -49.88 -8.34 -13.46
C PRO Q 445 -51.18 -7.68 -13.01
N THR Q 446 -51.80 -6.85 -13.82
CA THR Q 446 -53.05 -6.18 -13.46
C THR Q 446 -54.28 -6.93 -13.93
N LYS Q 447 -54.12 -8.05 -14.65
CA LYS Q 447 -55.25 -8.82 -15.17
C LYS Q 447 -55.09 -10.29 -14.86
N SER Q 448 -54.63 -10.61 -13.65
CA SER Q 448 -54.48 -12.01 -13.26
C SER Q 448 -55.83 -12.70 -13.12
N ALA Q 449 -56.86 -11.97 -12.68
CA ALA Q 449 -58.18 -12.56 -12.56
C ALA Q 449 -58.72 -13.00 -13.91
N ASN Q 450 -58.38 -12.27 -14.98
CA ASN Q 450 -58.83 -12.65 -16.31
C ASN Q 450 -58.00 -13.79 -16.88
N ALA Q 451 -56.71 -13.85 -16.51
CA ALA Q 451 -55.88 -14.97 -16.93
C ALA Q 451 -56.43 -16.29 -16.43
N VAL Q 452 -57.00 -16.30 -15.22
CA VAL Q 452 -57.55 -17.53 -14.66
C VAL Q 452 -58.82 -17.92 -15.40
N LYS Q 453 -59.62 -16.95 -15.83
CA LYS Q 453 -60.87 -17.26 -16.51
C LYS Q 453 -60.60 -17.87 -17.89
N VAL Q 454 -59.55 -17.40 -18.58
CA VAL Q 454 -59.28 -17.92 -19.91
C VAL Q 454 -58.69 -19.33 -19.84
N MET Q 455 -57.83 -19.57 -18.84
CA MET Q 455 -57.28 -20.91 -18.67
C MET Q 455 -58.37 -21.92 -18.34
N ALA Q 456 -59.30 -21.54 -17.46
CA ALA Q 456 -60.40 -22.45 -17.12
C ALA Q 456 -61.25 -22.76 -18.34
N GLU Q 457 -61.47 -21.78 -19.21
CA GLU Q 457 -62.30 -22.01 -20.39
C GLU Q 457 -61.63 -22.99 -21.35
N GLN Q 458 -60.30 -22.92 -21.47
CA GLN Q 458 -59.58 -23.86 -22.32
C GLN Q 458 -59.66 -25.29 -21.76
N PHE Q 459 -59.49 -25.45 -20.45
CA PHE Q 459 -59.63 -26.76 -19.86
C PHE Q 459 -61.03 -27.34 -20.08
N GLY Q 460 -62.04 -26.47 -20.15
CA GLY Q 460 -63.40 -26.92 -20.34
C GLY Q 460 -63.69 -27.50 -21.71
N LYS Q 461 -62.89 -27.15 -22.72
CA LYS Q 461 -63.07 -27.63 -24.08
C LYS Q 461 -61.99 -28.59 -24.53
N MET Q 462 -61.03 -28.94 -23.67
CA MET Q 462 -59.94 -29.81 -24.08
C MET Q 462 -60.44 -31.15 -24.60
N GLY Q 463 -61.57 -31.64 -24.09
CA GLY Q 463 -62.05 -32.95 -24.45
C GLY Q 463 -62.84 -32.97 -25.74
N SER Q 464 -62.61 -32.00 -26.63
CA SER Q 464 -63.31 -31.94 -27.91
C SER Q 464 -62.35 -31.40 -28.95
N VAL Q 465 -62.14 -32.17 -30.01
CA VAL Q 465 -61.27 -31.78 -31.11
C VAL Q 465 -61.95 -32.14 -32.43
N THR Q 466 -61.59 -31.40 -33.47
CA THR Q 466 -62.12 -31.65 -34.81
C THR Q 466 -61.17 -32.55 -35.61
N LYS Q 467 -61.69 -33.08 -36.72
CA LYS Q 467 -60.89 -33.96 -37.55
C LYS Q 467 -59.68 -33.25 -38.13
N GLU Q 468 -59.83 -31.99 -38.51
CA GLU Q 468 -58.71 -31.25 -39.09
C GLU Q 468 -57.63 -30.99 -38.04
N GLU Q 469 -58.03 -30.61 -36.82
CA GLU Q 469 -57.05 -30.39 -35.76
C GLU Q 469 -56.30 -31.67 -35.44
N LEU Q 470 -57.03 -32.77 -35.28
CA LEU Q 470 -56.41 -34.04 -34.92
C LEU Q 470 -55.44 -34.51 -36.00
N GLN Q 471 -55.86 -34.46 -37.26
CA GLN Q 471 -55.01 -34.96 -38.34
C GLN Q 471 -53.76 -34.11 -38.50
N ARG Q 472 -53.88 -32.80 -38.31
CA ARG Q 472 -52.71 -31.93 -38.40
C ARG Q 472 -51.76 -32.14 -37.23
N ALA Q 473 -52.29 -32.54 -36.08
CA ALA Q 473 -51.43 -32.76 -34.92
C ALA Q 473 -50.60 -34.04 -35.08
N LYS Q 474 -51.23 -35.11 -35.53
CA LYS Q 474 -50.51 -36.36 -35.76
C LYS Q 474 -49.32 -36.15 -36.68
N ASN Q 475 -49.55 -35.51 -37.84
CA ASN Q 475 -48.48 -35.28 -38.80
C ASN Q 475 -47.35 -34.45 -38.17
N SER Q 476 -47.71 -33.46 -37.35
CA SER Q 476 -46.69 -32.66 -36.69
C SER Q 476 -45.91 -33.48 -35.66
N LEU Q 477 -46.57 -34.43 -35.00
CA LEU Q 477 -45.89 -35.21 -33.97
C LEU Q 477 -44.92 -36.21 -34.58
N LYS Q 478 -45.33 -36.90 -35.64
CA LYS Q 478 -44.44 -37.87 -36.27
C LYS Q 478 -43.17 -37.21 -36.80
N SER Q 479 -43.31 -36.03 -37.41
CA SER Q 479 -42.14 -35.34 -37.94
C SER Q 479 -41.17 -34.97 -36.83
N SER Q 480 -41.69 -34.45 -35.71
CA SER Q 480 -40.83 -34.06 -34.61
C SER Q 480 -40.01 -35.24 -34.09
N ILE Q 481 -40.64 -36.40 -33.94
CA ILE Q 481 -39.96 -37.57 -33.41
C ILE Q 481 -38.75 -37.91 -34.27
N PHE Q 482 -38.99 -38.20 -35.56
CA PHE Q 482 -37.89 -38.60 -36.43
C PHE Q 482 -36.82 -37.53 -36.50
N MET Q 483 -37.21 -36.26 -36.46
CA MET Q 483 -36.24 -35.18 -36.57
C MET Q 483 -35.39 -35.05 -35.32
N ASN Q 484 -36.00 -35.23 -34.14
CA ASN Q 484 -35.22 -35.19 -32.90
C ASN Q 484 -34.13 -36.25 -32.89
N LEU Q 485 -34.41 -37.42 -33.45
CA LEU Q 485 -33.50 -38.54 -33.42
C LEU Q 485 -32.40 -38.48 -34.48
N GLU Q 486 -32.18 -37.32 -35.07
CA GLU Q 486 -31.03 -37.13 -35.95
C GLU Q 486 -29.75 -36.81 -35.19
N CYS Q 487 -29.86 -36.44 -33.92
CA CYS Q 487 -28.72 -36.01 -33.12
C CYS Q 487 -28.23 -37.14 -32.22
N ARG Q 488 -26.91 -37.26 -32.12
CA ARG Q 488 -26.30 -38.31 -31.29
C ARG Q 488 -26.78 -38.22 -29.85
N GLY Q 489 -26.69 -37.03 -29.24
CA GLY Q 489 -26.99 -36.91 -27.83
C GLY Q 489 -28.39 -37.37 -27.47
N ILE Q 490 -29.38 -36.99 -28.27
CA ILE Q 490 -30.76 -37.33 -27.97
C ILE Q 490 -30.98 -38.83 -28.09
N VAL Q 491 -30.35 -39.46 -29.09
CA VAL Q 491 -30.50 -40.90 -29.27
C VAL Q 491 -29.95 -41.64 -28.06
N MET Q 492 -28.77 -41.25 -27.59
CA MET Q 492 -28.17 -41.91 -26.44
C MET Q 492 -29.06 -41.80 -25.21
N GLU Q 493 -29.55 -40.59 -24.92
CA GLU Q 493 -30.37 -40.38 -23.73
C GLU Q 493 -31.69 -41.13 -23.82
N ASP Q 494 -32.26 -41.24 -25.02
CA ASP Q 494 -33.55 -41.92 -25.16
C ASP Q 494 -33.41 -43.42 -24.96
N VAL Q 495 -32.35 -44.03 -25.50
CA VAL Q 495 -32.18 -45.47 -25.38
C VAL Q 495 -31.92 -45.87 -23.93
N GLY Q 496 -31.00 -45.15 -23.27
CA GLY Q 496 -30.71 -45.45 -21.88
C GLY Q 496 -31.89 -45.20 -20.96
N ARG Q 497 -32.62 -44.10 -21.19
CA ARG Q 497 -33.75 -43.76 -20.35
C ARG Q 497 -34.88 -44.78 -20.50
N GLN Q 498 -35.05 -45.36 -21.68
CA GLN Q 498 -36.12 -46.33 -21.89
C GLN Q 498 -35.80 -47.69 -21.27
N LEU Q 499 -34.53 -48.09 -21.26
CA LEU Q 499 -34.16 -49.40 -20.73
C LEU Q 499 -34.20 -49.45 -19.21
N LEU Q 500 -34.10 -48.30 -18.54
CA LEU Q 500 -34.25 -48.27 -17.09
C LEU Q 500 -35.72 -48.23 -16.68
N MET Q 501 -36.57 -47.58 -17.47
CA MET Q 501 -37.96 -47.39 -17.10
C MET Q 501 -38.86 -48.52 -17.57
N SER Q 502 -38.44 -49.30 -18.56
CA SER Q 502 -39.31 -50.34 -19.12
C SER Q 502 -38.57 -51.57 -19.63
N ASN Q 503 -37.24 -51.60 -19.59
CA ASN Q 503 -36.46 -52.74 -20.06
C ASN Q 503 -36.71 -53.04 -21.53
N ARG Q 504 -37.21 -52.07 -22.29
CA ARG Q 504 -37.42 -52.22 -23.72
C ARG Q 504 -37.27 -50.86 -24.39
N VAL Q 505 -36.88 -50.88 -25.66
CA VAL Q 505 -36.75 -49.68 -26.47
C VAL Q 505 -37.83 -49.70 -27.55
N ILE Q 506 -38.70 -48.70 -27.54
CA ILE Q 506 -39.73 -48.54 -28.56
C ILE Q 506 -39.14 -47.73 -29.72
N SER Q 507 -39.25 -48.28 -30.92
CA SER Q 507 -38.72 -47.62 -32.10
C SER Q 507 -39.63 -46.48 -32.57
N PRO Q 508 -39.10 -45.55 -33.35
CA PRO Q 508 -39.95 -44.49 -33.91
C PRO Q 508 -41.02 -45.02 -34.86
N GLN Q 509 -40.77 -46.15 -35.51
CA GLN Q 509 -41.79 -46.74 -36.38
C GLN Q 509 -42.97 -47.26 -35.59
N GLU Q 510 -42.73 -47.77 -34.38
CA GLU Q 510 -43.83 -48.22 -33.53
C GLU Q 510 -44.60 -47.06 -32.92
N PHE Q 511 -43.91 -45.95 -32.64
CA PHE Q 511 -44.61 -44.74 -32.19
C PHE Q 511 -45.61 -44.27 -33.23
N CYS Q 512 -45.20 -44.24 -34.51
CA CYS Q 512 -46.07 -43.76 -35.57
C CYS Q 512 -47.34 -44.60 -35.66
N THR Q 513 -47.19 -45.92 -35.65
CA THR Q 513 -48.35 -46.80 -35.68
C THR Q 513 -49.30 -46.50 -34.53
N ALA Q 514 -48.76 -46.14 -33.36
CA ALA Q 514 -49.60 -45.82 -32.22
C ALA Q 514 -50.23 -44.45 -32.36
N ILE Q 515 -49.48 -43.48 -32.87
CA ILE Q 515 -50.01 -42.14 -33.10
C ILE Q 515 -51.21 -42.21 -34.05
N ASP Q 516 -51.10 -43.00 -35.12
CA ASP Q 516 -52.16 -43.06 -36.11
C ASP Q 516 -53.43 -43.69 -35.57
N ALA Q 517 -53.36 -44.42 -34.47
CA ALA Q 517 -54.51 -45.10 -33.91
C ALA Q 517 -55.20 -44.30 -32.81
N VAL Q 518 -54.76 -43.08 -32.54
CA VAL Q 518 -55.43 -42.23 -31.56
C VAL Q 518 -56.71 -41.68 -32.17
N THR Q 519 -57.81 -41.79 -31.44
CA THR Q 519 -59.12 -41.35 -31.91
C THR Q 519 -59.60 -40.15 -31.11
N GLU Q 520 -60.80 -39.68 -31.47
CA GLU Q 520 -61.41 -38.58 -30.73
C GLU Q 520 -61.94 -39.03 -29.39
N ALA Q 521 -62.35 -40.29 -29.28
CA ALA Q 521 -62.87 -40.80 -28.01
C ALA Q 521 -61.76 -40.94 -26.97
N ASP Q 522 -60.57 -41.37 -27.40
CA ASP Q 522 -59.46 -41.51 -26.48
C ASP Q 522 -59.13 -40.17 -25.82
N ILE Q 523 -59.06 -39.10 -26.63
CA ILE Q 523 -58.81 -37.78 -26.08
C ILE Q 523 -59.82 -37.45 -24.99
N LYS Q 524 -61.11 -37.59 -25.31
CA LYS Q 524 -62.16 -37.26 -24.36
C LYS Q 524 -62.09 -38.15 -23.11
N ARG Q 525 -61.59 -39.37 -23.26
CA ARG Q 525 -61.51 -40.29 -22.12
C ARG Q 525 -60.42 -39.89 -21.15
N VAL Q 526 -59.24 -39.52 -21.66
CA VAL Q 526 -58.11 -39.21 -20.78
C VAL Q 526 -58.25 -37.85 -20.11
N VAL Q 527 -59.02 -36.93 -20.71
CA VAL Q 527 -59.24 -35.63 -20.07
C VAL Q 527 -60.16 -35.78 -18.87
N ASP Q 528 -61.19 -36.62 -18.99
CA ASP Q 528 -62.11 -36.83 -17.88
C ASP Q 528 -61.41 -37.45 -16.67
N ALA Q 529 -60.66 -38.53 -16.91
CA ALA Q 529 -59.91 -39.16 -15.82
C ALA Q 529 -58.95 -38.17 -15.18
N MET Q 530 -58.33 -37.32 -15.99
CA MET Q 530 -57.40 -36.32 -15.47
C MET Q 530 -58.06 -35.40 -14.46
N TYR Q 531 -59.36 -35.13 -14.61
CA TYR Q 531 -60.06 -34.16 -13.78
C TYR Q 531 -60.69 -34.75 -12.54
N LYS Q 532 -60.50 -36.05 -12.28
CA LYS Q 532 -61.09 -36.68 -11.10
C LYS Q 532 -60.32 -36.39 -9.82
N LYS Q 533 -59.11 -35.83 -9.91
CA LYS Q 533 -58.32 -35.46 -8.75
C LYS Q 533 -58.14 -33.95 -8.71
N PRO Q 534 -57.80 -33.39 -7.56
CA PRO Q 534 -57.67 -31.94 -7.43
C PRO Q 534 -56.60 -31.39 -8.37
N PRO Q 535 -56.58 -30.07 -8.60
CA PRO Q 535 -55.53 -29.47 -9.43
C PRO Q 535 -54.28 -29.10 -8.65
N THR Q 536 -53.27 -28.63 -9.37
CA THR Q 536 -52.04 -28.11 -8.79
C THR Q 536 -51.82 -26.72 -9.38
N VAL Q 537 -51.83 -25.70 -8.52
CA VAL Q 537 -51.77 -24.31 -8.93
C VAL Q 537 -50.46 -23.69 -8.44
N VAL Q 538 -49.83 -22.92 -9.31
CA VAL Q 538 -48.59 -22.22 -8.98
C VAL Q 538 -48.65 -20.82 -9.56
N ALA Q 539 -48.16 -19.85 -8.79
CA ALA Q 539 -48.06 -18.47 -9.21
C ALA Q 539 -46.71 -17.91 -8.81
N TYR Q 540 -46.11 -17.13 -9.69
CA TYR Q 540 -44.74 -16.66 -9.53
C TYR Q 540 -44.62 -15.29 -10.16
N GLY Q 541 -43.85 -14.41 -9.51
CA GLY Q 541 -43.65 -13.07 -10.02
C GLY Q 541 -44.40 -12.01 -9.23
N ASP Q 542 -45.20 -11.21 -9.92
CA ASP Q 542 -46.03 -10.18 -9.30
C ASP Q 542 -47.44 -10.74 -9.15
N VAL Q 543 -47.81 -11.09 -7.93
CA VAL Q 543 -49.06 -11.80 -7.65
C VAL Q 543 -50.02 -10.91 -6.89
N SER Q 544 -50.04 -9.62 -7.23
CA SER Q 544 -50.84 -8.66 -6.47
C SER Q 544 -52.33 -8.79 -6.74
N THR Q 545 -52.74 -9.39 -7.87
CA THR Q 545 -54.15 -9.52 -8.21
C THR Q 545 -54.55 -10.97 -8.48
N VAL Q 546 -53.74 -11.92 -8.03
CA VAL Q 546 -54.04 -13.34 -8.23
C VAL Q 546 -55.14 -13.74 -7.26
N PRO Q 547 -56.27 -14.28 -7.74
CA PRO Q 547 -57.38 -14.61 -6.83
C PRO Q 547 -56.98 -15.54 -5.69
N HIS Q 548 -57.95 -15.83 -4.83
CA HIS Q 548 -57.76 -16.70 -3.67
C HIS Q 548 -57.99 -18.15 -4.04
N TYR Q 549 -57.26 -19.04 -3.38
CA TYR Q 549 -57.32 -20.48 -3.61
C TYR Q 549 -58.73 -20.97 -3.89
N GLU Q 550 -59.70 -20.50 -3.11
CA GLU Q 550 -61.07 -20.97 -3.28
C GLU Q 550 -61.70 -20.44 -4.57
N GLU Q 551 -61.24 -19.29 -5.05
CA GLU Q 551 -61.82 -18.70 -6.25
C GLU Q 551 -61.30 -19.37 -7.51
N VAL Q 552 -60.03 -19.77 -7.52
CA VAL Q 552 -59.49 -20.53 -8.64
C VAL Q 552 -60.20 -21.87 -8.76
N ARG Q 553 -60.37 -22.56 -7.64
CA ARG Q 553 -61.08 -23.84 -7.65
C ARG Q 553 -62.51 -23.67 -8.15
N ALA Q 554 -63.16 -22.57 -7.78
CA ALA Q 554 -64.55 -22.37 -8.17
C ALA Q 554 -64.69 -22.05 -9.65
N ALA Q 555 -63.77 -21.25 -10.19
CA ALA Q 555 -63.81 -20.95 -11.61
C ALA Q 555 -63.69 -22.22 -12.44
N LEU Q 556 -62.78 -23.12 -12.06
CA LEU Q 556 -62.65 -24.40 -12.76
C LEU Q 556 -63.94 -25.19 -12.70
N ARG Q 557 -64.62 -25.18 -11.55
CA ARG Q 557 -65.84 -25.96 -11.39
C ARG Q 557 -67.01 -25.40 -12.18
N ALA Q 558 -66.96 -24.13 -12.55
CA ALA Q 558 -68.06 -23.54 -13.31
C ALA Q 558 -67.92 -23.81 -14.81
N ALA Q 559 -66.70 -24.02 -15.28
CA ALA Q 559 -66.44 -24.40 -16.67
C ALA Q 559 -66.55 -25.92 -16.88
N GLY Q 560 -67.01 -26.66 -15.89
CA GLY Q 560 -67.15 -28.10 -16.02
C GLY Q 560 -65.92 -28.90 -15.72
N VAL Q 561 -64.92 -28.30 -15.06
CA VAL Q 561 -63.69 -29.00 -14.73
C VAL Q 561 -63.76 -29.52 -13.29
N SER R 2 36.01 33.37 -18.17
CA SER R 2 36.61 32.06 -18.01
C SER R 2 37.05 31.48 -19.36
N TYR R 3 36.93 32.28 -20.40
CA TYR R 3 37.33 31.89 -21.75
C TYR R 3 38.43 32.81 -22.26
N PRO R 4 39.34 32.30 -23.10
CA PRO R 4 40.37 33.17 -23.67
C PRO R 4 39.81 34.26 -24.55
N TYR R 5 38.72 33.97 -25.24
CA TYR R 5 38.01 34.91 -26.10
C TYR R 5 36.61 34.38 -26.28
N TYR R 6 35.71 35.26 -26.74
CA TYR R 6 34.34 34.89 -27.05
C TYR R 6 34.11 35.03 -28.54
N CYS R 7 33.65 33.95 -29.17
CA CYS R 7 33.50 33.93 -30.61
C CYS R 7 32.41 34.90 -31.06
N GLU R 8 32.54 35.36 -32.30
CA GLU R 8 31.67 36.39 -32.86
C GLU R 8 31.13 35.93 -34.21
N PHE R 9 30.00 36.53 -34.59
CA PHE R 9 29.34 36.26 -35.86
C PHE R 9 29.54 37.45 -36.80
N PHE R 10 29.61 37.14 -38.09
CA PHE R 10 29.63 38.16 -39.15
C PHE R 10 30.88 39.05 -39.04
N VAL R 11 32.03 38.40 -38.95
CA VAL R 11 33.32 39.10 -38.95
C VAL R 11 33.85 39.11 -40.36
N LYS R 12 34.37 40.26 -40.79
CA LYS R 12 34.97 40.43 -42.11
C LYS R 12 36.47 40.25 -42.00
N PHE R 13 36.98 39.12 -42.50
CA PHE R 13 38.40 38.84 -42.47
C PHE R 13 39.05 39.41 -43.73
N PRO R 14 40.00 40.34 -43.61
CA PRO R 14 40.46 41.08 -44.79
C PRO R 14 41.54 40.36 -45.57
N ASN R 15 41.81 40.88 -46.76
CA ASN R 15 42.87 40.40 -47.63
C ASN R 15 44.10 41.28 -47.51
N TYR R 16 45.27 40.64 -47.46
CA TYR R 16 46.52 41.36 -47.29
C TYR R 16 46.86 42.17 -48.54
N ILE R 17 47.31 43.40 -48.33
CA ILE R 17 47.67 44.32 -49.40
C ILE R 17 49.20 44.35 -49.48
N PRO R 18 49.81 43.77 -50.52
CA PRO R 18 51.27 43.79 -50.61
C PRO R 18 51.78 45.21 -50.79
N PRO R 19 52.98 45.52 -50.29
CA PRO R 19 53.56 46.84 -50.54
C PRO R 19 54.34 46.91 -51.84
N LYS R 20 54.90 48.08 -52.14
CA LYS R 20 55.74 48.25 -53.33
C LYS R 20 57.19 47.89 -53.02
N ASP R 21 57.76 48.51 -51.99
CA ASP R 21 59.11 48.20 -51.55
C ASP R 21 59.06 47.56 -50.17
N PRO R 22 59.63 46.36 -49.96
CA PRO R 22 59.57 45.76 -48.63
C PRO R 22 60.04 46.67 -47.51
N ALA R 23 60.96 47.60 -47.80
CA ALA R 23 61.43 48.53 -46.78
C ALA R 23 60.37 49.54 -46.36
N GLU R 24 59.24 49.61 -47.08
CA GLU R 24 58.21 50.58 -46.74
C GLU R 24 57.54 50.23 -45.42
N ARG R 25 57.33 48.95 -45.16
CA ARG R 25 56.63 48.51 -43.96
C ARG R 25 57.51 48.49 -42.71
N LEU R 26 58.72 49.07 -42.78
CA LEU R 26 59.53 49.22 -41.58
C LEU R 26 59.00 50.33 -40.67
N VAL R 27 58.14 51.19 -41.19
CA VAL R 27 57.46 52.21 -40.39
C VAL R 27 56.02 51.74 -40.14
N ASP R 28 55.50 52.10 -38.99
CA ASP R 28 54.16 51.69 -38.60
C ASP R 28 53.14 52.18 -39.63
N PRO R 29 52.34 51.28 -40.23
CA PRO R 29 51.36 51.73 -41.23
C PRO R 29 50.19 52.49 -40.64
N ARG R 30 50.22 52.75 -39.34
CA ARG R 30 49.20 53.60 -38.74
C ARG R 30 49.31 55.04 -39.21
N GLN R 31 50.51 55.47 -39.60
CA GLN R 31 50.71 56.85 -40.02
C GLN R 31 49.93 57.16 -41.30
N LYS R 32 49.75 56.18 -42.18
CA LYS R 32 49.03 56.41 -43.42
C LYS R 32 47.53 56.57 -43.20
N LEU R 33 46.99 55.94 -42.15
CA LEU R 33 45.55 55.94 -41.91
C LEU R 33 45.10 57.01 -40.93
N GLU R 34 46.01 57.59 -40.16
CA GLU R 34 45.65 58.52 -39.10
C GLU R 34 45.14 59.84 -39.67
N PRO R 35 45.78 60.41 -40.68
CA PRO R 35 45.27 61.68 -41.24
C PRO R 35 43.82 61.60 -41.67
N GLY R 36 43.47 60.60 -42.48
CA GLY R 36 42.09 60.45 -42.90
C GLY R 36 41.15 60.25 -41.73
N CYS R 37 41.55 59.47 -40.74
CA CYS R 37 40.72 59.26 -39.57
C CYS R 37 40.65 60.50 -38.69
N THR R 38 41.65 61.39 -38.76
CA THR R 38 41.62 62.61 -37.96
C THR R 38 40.63 63.62 -38.53
N ALA R 39 40.40 63.60 -39.84
CA ALA R 39 39.46 64.52 -40.45
C ALA R 39 38.01 64.12 -40.19
N ARG R 40 37.74 62.83 -40.07
CA ARG R 40 36.38 62.36 -39.83
C ARG R 40 35.94 62.56 -38.38
N CYS R 41 36.87 62.70 -37.45
CA CYS R 41 36.56 62.99 -36.05
C CYS R 41 36.76 64.47 -35.73
N SER R 42 36.68 65.35 -36.73
CA SER R 42 36.96 66.76 -36.52
C SER R 42 35.95 67.41 -35.57
N LEU R 43 34.75 66.83 -35.43
CA LEU R 43 33.78 67.37 -34.48
C LEU R 43 34.33 67.40 -33.07
N TRP R 44 35.24 66.49 -32.73
CA TRP R 44 35.87 66.47 -31.42
C TRP R 44 37.20 67.20 -31.37
N VAL R 45 37.87 67.38 -32.52
CA VAL R 45 39.07 68.19 -32.55
C VAL R 45 38.78 69.62 -32.15
N ASN R 46 37.59 70.12 -32.48
CA ASN R 46 37.26 71.52 -32.19
C ASN R 46 36.78 71.69 -30.75
N GLU R 47 36.05 70.71 -30.21
CA GLU R 47 35.63 70.79 -28.82
C GLU R 47 36.82 70.76 -27.87
N TYR R 48 37.91 70.10 -28.27
CA TYR R 48 39.10 70.06 -27.42
C TYR R 48 39.86 71.37 -27.48
N ASP R 49 40.05 71.91 -28.69
CA ASP R 49 40.76 73.18 -28.82
C ASP R 49 40.01 74.31 -28.14
N ALA R 50 38.67 74.24 -28.11
CA ALA R 50 37.88 75.29 -27.46
C ALA R 50 37.93 75.19 -25.95
N CYS R 51 38.05 73.98 -25.41
CA CYS R 51 38.14 73.81 -23.97
C CYS R 51 39.49 74.23 -23.42
N THR R 52 40.54 74.18 -24.24
CA THR R 52 41.85 74.65 -23.79
C THR R 52 41.85 76.15 -23.55
N LYS R 53 41.19 76.91 -24.44
CA LYS R 53 41.14 78.36 -24.28
C LYS R 53 40.40 78.74 -22.99
N ARG R 54 39.31 78.06 -22.69
CA ARG R 54 38.55 78.37 -21.48
C ARG R 54 39.35 78.08 -20.23
N VAL R 55 40.28 77.12 -20.29
CA VAL R 55 41.10 76.77 -19.14
C VAL R 55 42.32 77.67 -19.03
N ARG R 56 42.89 78.06 -20.17
CA ARG R 56 44.03 78.98 -20.16
C ARG R 56 43.67 80.36 -19.63
N ALA R 57 42.39 80.72 -19.65
CA ALA R 57 41.96 82.05 -19.26
C ALA R 57 41.57 82.15 -17.79
N ARG R 58 41.17 81.04 -17.17
CA ARG R 58 40.80 81.08 -15.76
C ARG R 58 41.95 81.59 -14.91
N THR R 59 41.61 82.27 -13.83
CA THR R 59 42.62 82.82 -12.93
C THR R 59 43.20 81.73 -12.04
N ASP R 60 42.35 80.97 -11.36
CA ASP R 60 42.82 79.90 -10.50
C ASP R 60 43.47 78.79 -11.33
N ASN R 61 44.10 77.84 -10.63
CA ASN R 61 44.81 76.75 -11.28
C ASN R 61 43.95 75.48 -11.18
N LYS R 62 42.82 75.52 -11.88
CA LYS R 62 41.88 74.41 -11.91
C LYS R 62 41.34 74.25 -13.32
N GLY R 63 40.88 73.04 -13.62
CA GLY R 63 40.34 72.72 -14.92
C GLY R 63 41.27 71.83 -15.71
N ASN R 64 40.68 71.01 -16.58
CA ASN R 64 41.43 70.12 -17.46
C ASN R 64 40.59 69.84 -18.70
N CYS R 65 41.17 69.08 -19.62
CA CYS R 65 40.52 68.73 -20.88
C CYS R 65 40.54 67.23 -21.12
N SER R 66 40.60 66.44 -20.05
CA SER R 66 40.71 64.99 -20.21
C SER R 66 39.48 64.41 -20.90
N GLY R 67 38.30 64.90 -20.54
CA GLY R 67 37.07 64.41 -21.14
C GLY R 67 37.04 64.49 -22.64
N GLN R 68 37.25 65.70 -23.17
CA GLN R 68 37.25 65.88 -24.62
C GLN R 68 38.41 65.15 -25.28
N TYR R 69 39.55 65.08 -24.60
CA TYR R 69 40.73 64.42 -25.17
C TYR R 69 40.49 62.93 -25.33
N GLU R 70 39.85 62.30 -24.35
CA GLU R 70 39.59 60.87 -24.42
C GLU R 70 38.63 60.54 -25.56
N GLU R 71 37.56 61.31 -25.70
CA GLU R 71 36.59 61.06 -26.77
C GLU R 71 37.24 61.19 -28.14
N LEU R 72 38.11 62.20 -28.31
CA LEU R 72 38.75 62.42 -29.60
C LEU R 72 39.56 61.20 -30.03
N HIS R 73 40.49 60.76 -29.18
CA HIS R 73 41.40 59.69 -29.56
C HIS R 73 40.73 58.33 -29.61
N VAL R 74 39.61 58.16 -28.89
CA VAL R 74 38.84 56.94 -29.02
C VAL R 74 38.20 56.86 -30.41
N CYS R 75 37.70 57.99 -30.90
CA CYS R 75 37.12 58.02 -32.24
C CYS R 75 38.14 57.60 -33.30
N ILE R 76 39.38 58.07 -33.15
CA ILE R 76 40.41 57.78 -34.14
C ILE R 76 40.80 56.32 -34.11
N ASP R 77 41.01 55.76 -32.91
CA ASP R 77 41.39 54.35 -32.80
C ASP R 77 40.35 53.44 -33.42
N ARG R 78 39.06 53.77 -33.24
CA ARG R 78 38.01 52.94 -33.84
C ARG R 78 38.01 53.05 -35.36
N CYS R 79 38.44 54.19 -35.91
CA CYS R 79 38.52 54.33 -37.37
C CYS R 79 39.71 53.55 -37.92
N VAL R 80 40.82 53.50 -37.18
CA VAL R 80 42.00 52.77 -37.65
C VAL R 80 41.75 51.27 -37.63
N ALA R 81 41.06 50.77 -36.61
CA ALA R 81 40.84 49.34 -36.48
C ALA R 81 40.12 48.76 -37.68
N LYS R 82 39.32 49.58 -38.37
CA LYS R 82 38.54 49.09 -39.50
C LYS R 82 39.43 48.52 -40.60
N ASP R 83 40.68 48.97 -40.70
CA ASP R 83 41.52 48.62 -41.84
C ASP R 83 42.96 48.26 -41.49
N ILE R 84 43.36 48.34 -40.22
CA ILE R 84 44.78 48.17 -39.88
C ILE R 84 45.28 46.79 -40.25
N PHE R 85 44.45 45.74 -40.04
CA PHE R 85 44.91 44.38 -40.29
C PHE R 85 45.14 44.08 -41.77
N LYS R 86 44.66 44.95 -42.68
CA LYS R 86 44.90 44.74 -44.09
C LYS R 86 46.38 44.84 -44.46
N TYR R 87 47.18 45.51 -43.64
CA TYR R 87 48.59 45.74 -43.92
C TYR R 87 49.51 44.92 -43.02
N LEU R 88 48.96 44.00 -42.23
CA LEU R 88 49.73 43.15 -41.34
C LEU R 88 49.65 41.71 -41.80
N LYS R 89 50.80 41.04 -41.81
CA LYS R 89 50.86 39.62 -42.16
C LYS R 89 50.11 38.77 -41.14
N GLN S 3 -7.85 28.50 41.16
CA GLN S 3 -8.77 28.37 40.04
C GLN S 3 -8.61 29.52 39.06
N PHE S 4 -7.48 29.54 38.36
CA PHE S 4 -7.20 30.60 37.40
C PHE S 4 -8.02 30.44 36.12
N HIS S 5 -8.42 29.20 35.80
CA HIS S 5 -9.21 28.98 34.60
C HIS S 5 -10.64 29.51 34.75
N ARG S 6 -11.17 29.51 35.98
CA ARG S 6 -12.53 29.98 36.20
C ARG S 6 -12.62 31.50 36.13
N GLU S 7 -11.53 32.20 36.42
CA GLU S 7 -11.55 33.66 36.31
C GLU S 7 -11.51 34.11 34.86
N ILE S 8 -10.67 33.49 34.04
CA ILE S 8 -10.65 33.81 32.62
C ILE S 8 -12.01 33.51 32.01
N GLY S 9 -12.65 32.43 32.45
CA GLY S 9 -13.97 32.09 31.96
C GLY S 9 -15.03 33.11 32.30
N LYS S 10 -14.81 33.89 33.37
CA LYS S 10 -15.76 34.92 33.73
C LYS S 10 -15.69 36.10 32.78
N LEU S 11 -14.48 36.44 32.33
CA LEU S 11 -14.32 37.52 31.34
C LEU S 11 -14.95 37.14 30.02
N PHE S 12 -14.66 35.94 29.50
CA PHE S 12 -15.30 35.46 28.28
C PHE S 12 -16.81 35.52 28.40
N ALA S 13 -17.34 35.18 29.58
CA ALA S 13 -18.79 35.09 29.74
C ALA S 13 -19.43 36.47 29.79
N SER S 14 -18.74 37.45 30.37
CA SER S 14 -19.29 38.80 30.41
C SER S 14 -19.41 39.38 29.01
N TYR S 15 -18.34 39.27 28.22
CA TYR S 15 -18.40 39.74 26.84
C TYR S 15 -19.42 38.96 26.02
N SER S 16 -19.65 37.70 26.37
CA SER S 16 -20.63 36.89 25.64
C SER S 16 -22.04 37.37 25.92
N ASN S 17 -22.37 37.61 27.18
CA ASN S 17 -23.72 38.03 27.54
C ASN S 17 -24.04 39.42 26.97
N LYS S 18 -23.02 40.27 26.82
CA LYS S 18 -23.25 41.61 26.27
C LYS S 18 -23.67 41.53 24.81
N ILE S 19 -23.02 40.66 24.02
CA ILE S 19 -23.40 40.48 22.63
C ILE S 19 -24.85 40.04 22.53
N THR S 20 -25.26 39.10 23.37
CA THR S 20 -26.61 38.55 23.29
C THR S 20 -27.66 39.60 23.65
N ALA S 21 -27.41 40.37 24.72
CA ALA S 21 -28.38 41.37 25.16
C ALA S 21 -28.57 42.48 24.12
N ASN S 22 -27.62 42.67 23.22
CA ASN S 22 -27.70 43.70 22.19
C ASN S 22 -27.90 43.13 20.79
N SER S 23 -28.46 41.92 20.69
CA SER S 23 -28.67 41.28 19.40
C SER S 23 -30.11 41.49 18.95
N PRO S 24 -30.36 42.00 17.75
CA PRO S 24 -31.74 42.21 17.31
C PRO S 24 -32.43 40.90 16.97
N VAL S 25 -33.75 40.98 16.91
CA VAL S 25 -34.59 39.81 16.69
C VAL S 25 -35.26 39.86 15.30
N GLN S 26 -34.68 40.63 14.38
CA GLN S 26 -35.19 40.73 13.02
C GLN S 26 -34.08 41.33 12.16
N TYR S 27 -34.30 41.28 10.85
CA TYR S 27 -33.29 41.80 9.93
C TYR S 27 -33.12 43.30 10.09
N VAL S 28 -31.86 43.72 10.11
CA VAL S 28 -31.51 45.14 10.17
C VAL S 28 -30.34 45.39 9.21
N PRO S 29 -30.40 46.41 8.36
CA PRO S 29 -29.31 46.64 7.40
C PRO S 29 -27.97 46.82 8.10
N SER S 30 -26.92 46.31 7.45
CA SER S 30 -25.58 46.47 7.98
C SER S 30 -25.16 47.94 7.91
N PRO S 31 -24.29 48.37 8.81
CA PRO S 31 -23.88 49.78 8.82
C PRO S 31 -22.89 50.07 7.69
N PRO S 32 -22.83 51.30 7.21
CA PRO S 32 -21.84 51.64 6.18
C PRO S 32 -20.43 51.36 6.66
N THR S 33 -19.63 50.77 5.76
CA THR S 33 -18.24 50.46 6.09
C THR S 33 -17.36 51.72 6.06
N LYS S 34 -17.26 52.34 4.88
CA LYS S 34 -16.42 53.52 4.74
C LYS S 34 -16.96 54.67 5.58
N GLY S 35 -16.04 55.51 6.06
CA GLY S 35 -16.41 56.66 6.85
C GLY S 35 -16.95 57.79 6.00
N LYS S 36 -17.51 58.79 6.70
CA LYS S 36 -18.10 59.92 6.00
C LYS S 36 -17.05 60.77 5.28
N VAL S 37 -15.83 60.81 5.82
CA VAL S 37 -14.77 61.57 5.16
C VAL S 37 -14.37 60.92 3.85
N ARG S 38 -14.42 59.59 3.78
CA ARG S 38 -14.05 58.89 2.56
C ARG S 38 -15.18 58.87 1.54
N ARG S 39 -16.44 58.82 2.00
CA ARG S 39 -17.58 58.86 1.09
C ARG S 39 -17.85 60.25 0.54
N ALA S 40 -17.15 61.28 1.03
CA ALA S 40 -17.31 62.64 0.54
C ALA S 40 -16.29 62.97 -0.55
N LEU S 41 -15.04 62.52 -0.37
CA LEU S 41 -14.03 62.73 -1.41
C LEU S 41 -14.37 61.95 -2.67
N SER S 42 -14.87 60.72 -2.51
CA SER S 42 -15.20 59.90 -3.67
C SER S 42 -16.30 60.54 -4.51
N SER S 43 -17.36 61.01 -3.85
CA SER S 43 -18.47 61.61 -4.58
C SER S 43 -18.06 62.92 -5.25
N ALA S 44 -17.08 63.63 -4.69
CA ALA S 44 -16.63 64.88 -5.28
C ALA S 44 -15.76 64.65 -6.50
N LEU S 45 -14.87 63.66 -6.44
CA LEU S 45 -14.00 63.31 -7.56
C LEU S 45 -14.63 62.32 -8.52
N MET S 46 -15.80 61.78 -8.19
CA MET S 46 -16.46 60.78 -9.03
C MET S 46 -16.65 61.22 -10.47
N PRO S 47 -17.23 62.39 -10.76
CA PRO S 47 -17.50 62.72 -12.18
C PRO S 47 -16.28 62.71 -13.07
N VAL S 48 -15.08 62.88 -12.51
CA VAL S 48 -13.86 62.90 -13.29
C VAL S 48 -13.13 61.56 -13.24
N TRP S 49 -13.08 60.95 -12.05
CA TRP S 49 -12.42 59.65 -11.91
C TRP S 49 -13.18 58.56 -12.67
N PHE S 50 -14.52 58.59 -12.61
CA PHE S 50 -15.30 57.56 -13.27
C PHE S 50 -15.29 57.72 -14.79
N LYS S 51 -15.38 58.96 -15.26
CA LYS S 51 -15.48 59.20 -16.70
C LYS S 51 -14.24 58.72 -17.44
N PHE S 52 -13.05 59.03 -16.92
CA PHE S 52 -11.83 58.84 -17.67
C PHE S 52 -11.00 57.63 -17.24
N PHE S 53 -11.28 57.03 -16.09
CA PHE S 53 -10.47 55.89 -15.65
C PHE S 53 -11.32 54.69 -15.24
N ARG S 54 -12.05 54.80 -14.14
CA ARG S 54 -12.75 53.64 -13.58
C ARG S 54 -13.81 53.10 -14.53
N GLY S 55 -14.49 53.99 -15.25
CA GLY S 55 -15.52 53.60 -16.18
C GLY S 55 -14.99 52.74 -17.32
N PRO S 56 -14.00 53.26 -18.05
CA PRO S 56 -13.40 52.46 -19.14
C PRO S 56 -12.68 51.22 -18.65
N LEU S 57 -12.15 51.21 -17.43
CA LEU S 57 -11.55 50.00 -16.87
C LEU S 57 -12.60 48.89 -16.73
N ASP S 58 -13.78 49.24 -16.21
CA ASP S 58 -14.85 48.26 -16.08
C ASP S 58 -15.28 47.71 -17.43
N ARG S 59 -15.35 48.57 -18.44
CA ARG S 59 -15.85 48.17 -19.74
C ARG S 59 -14.83 47.34 -20.52
N TRP S 60 -13.54 47.66 -20.39
CA TRP S 60 -12.50 46.83 -20.99
C TRP S 60 -12.49 45.44 -20.37
N ASN S 61 -12.62 45.37 -19.05
CA ASN S 61 -12.60 44.08 -18.35
C ASN S 61 -13.67 43.14 -18.91
N LEU S 62 -14.90 43.61 -19.06
CA LEU S 62 -15.97 42.72 -19.49
C LEU S 62 -15.80 42.31 -20.95
N ALA S 63 -15.20 43.18 -21.78
CA ALA S 63 -14.92 42.82 -23.17
C ALA S 63 -13.83 41.74 -23.25
N VAL S 64 -12.78 41.87 -22.45
CA VAL S 64 -11.72 40.88 -22.43
C VAL S 64 -12.26 39.52 -22.01
N MET S 65 -13.07 39.50 -20.95
CA MET S 65 -13.63 38.23 -20.47
C MET S 65 -14.57 37.62 -21.51
N ALA S 66 -15.43 38.43 -22.12
CA ALA S 66 -16.43 37.89 -23.03
C ALA S 66 -15.79 37.30 -24.29
N LYS S 67 -14.73 37.92 -24.79
CA LYS S 67 -14.11 37.43 -26.02
C LYS S 67 -13.34 36.13 -25.79
N TYR S 68 -12.74 35.98 -24.61
CA TYR S 68 -11.99 34.76 -24.32
C TYR S 68 -12.95 33.58 -24.12
N LEU S 69 -14.02 33.79 -23.37
CA LEU S 69 -15.00 32.72 -23.14
C LEU S 69 -15.66 32.30 -24.45
N ARG S 70 -16.08 33.27 -25.28
CA ARG S 70 -16.77 32.95 -26.52
C ARG S 70 -15.87 32.24 -27.51
N ASP S 71 -14.57 32.56 -27.52
CA ASP S 71 -13.63 31.86 -28.39
C ASP S 71 -13.61 30.36 -28.09
N HIS S 72 -13.84 29.99 -26.84
CA HIS S 72 -13.79 28.60 -26.39
C HIS S 72 -15.19 28.00 -26.18
N GLY S 73 -16.24 28.77 -26.37
CA GLY S 73 -17.59 28.27 -26.17
C GLY S 73 -18.00 28.06 -24.73
N LEU S 74 -17.43 28.84 -23.80
CA LEU S 74 -17.60 28.62 -22.37
C LEU S 74 -18.52 29.67 -21.74
N MET S 75 -19.06 29.30 -20.58
CA MET S 75 -19.75 30.19 -19.66
C MET S 75 -18.81 30.58 -18.53
N TYR S 76 -19.09 31.73 -17.90
CA TYR S 76 -18.28 32.19 -16.78
C TYR S 76 -18.26 31.18 -15.64
N ASP S 77 -19.42 30.61 -15.31
CA ASP S 77 -19.50 29.67 -14.20
C ASP S 77 -18.73 28.36 -14.46
N ASP S 78 -18.38 28.08 -15.71
CA ASP S 78 -17.54 26.92 -16.00
C ASP S 78 -16.13 27.07 -15.47
N LEU S 79 -15.73 28.26 -15.03
CA LEU S 79 -14.37 28.51 -14.58
C LEU S 79 -14.12 28.11 -13.13
N TYR S 80 -15.16 27.77 -12.37
CA TYR S 80 -14.98 27.36 -10.98
C TYR S 80 -14.59 25.89 -10.89
N SER S 81 -13.81 25.57 -9.86
CA SER S 81 -13.21 24.25 -9.70
C SER S 81 -14.01 23.39 -8.72
N ASP S 82 -14.01 22.09 -8.98
CA ASP S 82 -14.61 21.11 -8.08
C ASP S 82 -13.73 20.81 -6.87
N LYS S 83 -12.56 21.42 -6.77
CA LYS S 83 -11.72 21.28 -5.59
C LYS S 83 -12.13 22.22 -4.47
N GLU S 84 -13.06 23.14 -4.71
CA GLU S 84 -13.69 23.92 -3.65
C GLU S 84 -14.77 23.09 -2.97
N PRO S 85 -14.76 22.95 -1.64
CA PRO S 85 -15.81 22.14 -0.99
C PRO S 85 -17.22 22.65 -1.26
N VAL S 86 -17.44 23.96 -1.24
CA VAL S 86 -18.77 24.50 -1.49
C VAL S 86 -19.23 24.14 -2.90
N PHE S 87 -18.37 24.39 -3.90
CA PHE S 87 -18.76 24.14 -5.28
C PHE S 87 -18.91 22.65 -5.56
N ALA S 88 -18.11 21.81 -4.89
CA ALA S 88 -18.27 20.37 -5.05
C ALA S 88 -19.64 19.91 -4.57
N ARG S 89 -20.09 20.43 -3.43
CA ARG S 89 -21.42 20.08 -2.93
C ARG S 89 -22.51 20.57 -3.88
N ALA S 90 -22.32 21.76 -4.46
CA ALA S 90 -23.30 22.30 -5.40
C ALA S 90 -23.42 21.42 -6.64
N LEU S 91 -22.30 20.93 -7.14
CA LEU S 91 -22.32 20.06 -8.32
C LEU S 91 -23.05 18.75 -8.04
N GLU S 92 -23.01 18.26 -6.81
CA GLU S 92 -23.72 17.03 -6.45
C GLU S 92 -25.23 17.22 -6.48
N LEU S 93 -25.72 18.45 -6.34
CA LEU S 93 -27.14 18.74 -6.28
C LEU S 93 -27.76 19.02 -7.65
N LEU S 94 -26.97 19.02 -8.72
CA LEU S 94 -27.48 19.42 -10.02
C LEU S 94 -28.42 18.37 -10.61
N PRO S 95 -29.36 18.79 -11.45
CA PRO S 95 -30.17 17.82 -12.20
C PRO S 95 -29.44 17.36 -13.44
N PRO S 96 -29.85 16.23 -14.03
CA PRO S 96 -29.05 15.64 -15.13
C PRO S 96 -28.80 16.57 -16.31
N ASP S 97 -29.81 17.34 -16.73
CA ASP S 97 -29.69 18.09 -17.97
C ASP S 97 -28.64 19.19 -17.86
N ILE S 98 -28.55 19.87 -16.71
CA ILE S 98 -27.56 20.92 -16.54
C ILE S 98 -26.16 20.33 -16.39
N GLN S 99 -26.05 19.17 -15.74
CA GLN S 99 -24.75 18.54 -15.57
C GLN S 99 -24.18 18.05 -16.90
N ALA S 100 -25.05 17.58 -17.80
CA ALA S 100 -24.60 17.08 -19.08
C ALA S 100 -24.06 18.20 -19.97
N ALA S 101 -24.71 19.37 -19.94
CA ALA S 101 -24.28 20.48 -20.78
C ALA S 101 -22.93 21.04 -20.31
N ARG S 102 -22.70 21.07 -19.00
CA ARG S 102 -21.41 21.51 -18.47
C ARG S 102 -20.30 20.54 -18.85
N PHE S 103 -20.55 19.23 -18.71
CA PHE S 103 -19.57 18.23 -19.13
C PHE S 103 -19.16 18.44 -20.57
N ARG S 104 -20.11 18.72 -21.44
CA ARG S 104 -19.82 18.85 -22.87
C ARG S 104 -19.03 20.13 -23.17
N ARG S 105 -19.40 21.25 -22.54
CA ARG S 105 -18.69 22.50 -22.78
C ARG S 105 -17.24 22.41 -22.32
N LEU S 106 -16.99 21.73 -21.20
CA LEU S 106 -15.63 21.60 -20.70
C LEU S 106 -14.77 20.74 -21.61
N MET S 107 -15.35 19.68 -22.17
CA MET S 107 -14.61 18.85 -23.13
C MET S 107 -14.26 19.67 -24.38
N ARG S 108 -15.23 20.42 -24.90
CA ARG S 108 -15.00 21.17 -26.13
C ARG S 108 -13.99 22.29 -25.93
N GLY S 109 -13.96 22.91 -24.74
CA GLY S 109 -13.04 24.01 -24.50
C GLY S 109 -11.60 23.57 -24.34
N THR S 110 -11.39 22.38 -23.78
CA THR S 110 -10.03 21.84 -23.69
C THR S 110 -9.49 21.51 -25.07
N TYR S 111 -10.36 21.00 -25.95
CA TYR S 111 -9.95 20.67 -27.32
C TYR S 111 -9.59 21.93 -28.10
N LEU S 112 -10.38 22.99 -27.95
CA LEU S 112 -10.12 24.23 -28.68
C LEU S 112 -8.85 24.91 -28.19
N ASN S 113 -8.60 24.89 -26.89
CA ASN S 113 -7.38 25.47 -26.34
C ASN S 113 -6.15 24.68 -26.79
N HIS S 114 -6.31 23.38 -27.04
CA HIS S 114 -5.21 22.56 -27.54
C HIS S 114 -4.84 22.93 -28.97
N LEU S 115 -5.84 23.16 -29.82
CA LEU S 115 -5.58 23.51 -31.22
C LEU S 115 -5.24 24.98 -31.40
N ARG S 116 -5.70 25.84 -30.48
CA ARG S 116 -5.55 27.28 -30.61
C ARG S 116 -6.20 27.78 -31.91
N LEU S 117 -7.47 27.44 -32.10
CA LEU S 117 -8.27 27.88 -33.24
C LEU S 117 -9.59 28.45 -32.75
N TYR S 118 -9.92 29.65 -33.21
CA TYR S 118 -11.16 30.30 -32.80
C TYR S 118 -12.38 29.59 -33.35
N LEU S 119 -13.50 29.71 -32.64
CA LEU S 119 -14.78 29.33 -33.19
C LEU S 119 -15.25 30.38 -34.21
N PRO S 120 -16.08 29.98 -35.18
CA PRO S 120 -16.71 30.97 -36.06
C PRO S 120 -17.59 31.94 -35.29
N VAL S 121 -17.80 33.11 -35.87
CA VAL S 121 -18.54 34.16 -35.18
C VAL S 121 -19.97 33.74 -34.88
N HIS S 122 -20.58 32.96 -35.79
CA HIS S 122 -21.97 32.57 -35.60
C HIS S 122 -22.15 31.51 -34.53
N GLU S 123 -21.06 30.94 -34.00
CA GLU S 123 -21.14 30.06 -32.85
C GLU S 123 -20.84 30.79 -31.53
N GLN S 124 -20.59 32.09 -31.59
CA GLN S 124 -20.27 32.91 -30.42
C GLN S 124 -21.43 33.79 -29.98
N ASN S 125 -22.60 33.65 -30.61
CA ASN S 125 -23.72 34.56 -30.35
C ASN S 125 -24.52 34.07 -29.14
N TYR S 126 -23.97 34.32 -27.95
CA TYR S 126 -24.64 33.98 -26.70
C TYR S 126 -24.05 34.81 -25.57
N ASP S 127 -24.83 34.97 -24.51
CA ASP S 127 -24.41 35.69 -23.31
C ASP S 127 -23.74 34.73 -22.34
N PRO S 128 -22.44 34.89 -22.05
CA PRO S 128 -21.75 33.93 -21.19
C PRO S 128 -21.91 34.17 -19.69
N PHE S 129 -22.62 35.22 -19.26
CA PHE S 129 -22.66 35.62 -17.86
C PHE S 129 -23.97 35.25 -17.17
N ILE S 130 -24.69 34.25 -17.67
CA ILE S 130 -25.91 33.76 -17.02
C ILE S 130 -25.52 32.93 -15.80
N PRO S 131 -25.99 33.25 -14.58
CA PRO S 131 -25.61 32.48 -13.38
C PRO S 131 -26.44 31.22 -13.17
N TYR S 132 -26.08 30.16 -13.88
CA TYR S 132 -26.85 28.91 -13.84
C TYR S 132 -26.58 28.07 -12.59
N MET S 133 -25.55 28.38 -11.82
CA MET S 133 -25.20 27.63 -10.61
C MET S 133 -25.71 28.26 -9.32
N ALA S 134 -26.33 29.44 -9.39
CA ALA S 134 -26.59 30.20 -8.17
C ALA S 134 -27.51 29.48 -7.19
N PRO S 135 -28.65 28.93 -7.58
CA PRO S 135 -29.51 28.27 -6.59
C PRO S 135 -28.82 27.14 -5.85
N TYR S 136 -27.92 26.41 -6.52
CA TYR S 136 -27.23 25.28 -5.90
C TYR S 136 -26.06 25.73 -5.05
N VAL S 137 -25.46 26.88 -5.36
CA VAL S 137 -24.37 27.39 -4.54
C VAL S 137 -24.90 27.89 -3.20
N GLU S 138 -26.07 28.55 -3.20
CA GLU S 138 -26.59 29.11 -1.96
C GLU S 138 -27.12 28.03 -1.03
N GLU S 139 -27.61 26.92 -1.58
CA GLU S 139 -28.04 25.79 -0.74
C GLU S 139 -26.83 25.05 -0.17
N ALA S 140 -25.76 24.94 -0.95
CA ALA S 140 -24.54 24.30 -0.44
C ALA S 140 -23.96 25.08 0.72
N LYS S 141 -23.91 26.41 0.62
CA LYS S 141 -23.40 27.24 1.70
C LYS S 141 -24.17 27.03 2.99
N PHE S 142 -25.49 26.84 2.89
CA PHE S 142 -26.32 26.63 4.06
C PHE S 142 -26.03 25.29 4.73
N GLN S 143 -25.86 24.24 3.93
CA GLN S 143 -25.59 22.92 4.48
C GLN S 143 -24.26 22.87 5.23
N LEU S 144 -23.21 23.47 4.66
CA LEU S 144 -21.88 23.40 5.23
C LEU S 144 -21.69 24.36 6.40
N GLN S 145 -22.46 25.44 6.46
CA GLN S 145 -22.40 26.34 7.61
C GLN S 145 -23.05 25.70 8.84
N GLU S 146 -24.09 24.89 8.63
CA GLU S 146 -24.69 24.15 9.74
C GLU S 146 -23.71 23.13 10.30
N GLU S 147 -23.10 22.33 9.44
CA GLU S 147 -22.15 21.31 9.89
C GLU S 147 -21.02 21.93 10.69
N GLU S 148 -20.51 23.08 10.27
CA GLU S 148 -19.37 23.69 10.93
C GLU S 148 -19.75 24.23 12.31
N GLU S 149 -20.97 24.76 12.45
CA GLU S 149 -21.38 25.34 13.72
C GLU S 149 -21.77 24.28 14.74
N LEU S 150 -22.28 23.13 14.29
CA LEU S 150 -22.78 22.10 15.17
C LEU S 150 -21.73 21.05 15.54
N LEU S 151 -20.68 20.89 14.74
CA LEU S 151 -19.66 19.89 14.95
C LEU S 151 -18.23 20.43 15.08
N GLY S 152 -17.95 21.62 14.54
CA GLY S 152 -16.58 22.10 14.46
C GLY S 152 -16.28 23.32 15.30
N TYR S 153 -16.91 23.42 16.46
CA TYR S 153 -16.75 24.58 17.34
C TYR S 153 -15.62 24.43 18.36
N HIS S 154 -14.89 23.32 18.33
CA HIS S 154 -13.81 23.08 19.28
C HIS S 154 -12.69 22.32 18.60
N MET S 155 -11.48 22.46 19.14
CA MET S 155 -10.30 21.74 18.67
C MET S 155 -10.25 20.40 19.40
N TRP S 156 -10.69 19.34 18.73
CA TRP S 156 -10.80 18.02 19.34
C TRP S 156 -9.46 17.27 19.29
N GLU S 157 -9.23 16.45 20.32
CA GLU S 157 -8.06 15.60 20.42
C GLU S 157 -8.32 14.26 19.70
N GLY S 158 -7.24 13.53 19.44
CA GLY S 158 -7.38 12.22 18.81
C GLY S 158 -6.10 11.40 18.91
N VAL S 159 -6.26 10.10 18.63
CA VAL S 159 -5.13 9.18 18.59
C VAL S 159 -4.28 9.48 17.37
N TRP S 160 -2.97 9.58 17.57
CA TRP S 160 -2.04 10.00 16.53
C TRP S 160 -1.53 8.82 15.71
N TYR S 161 -1.48 9.03 14.39
CA TYR S 161 -0.93 8.06 13.44
C TYR S 161 -1.51 6.66 13.69
N SER S 162 -2.83 6.61 13.57
CA SER S 162 -3.62 5.40 13.79
C SER S 162 -4.76 5.38 12.80
N GLY S 163 -4.98 4.23 12.16
CA GLY S 163 -6.07 4.09 11.21
C GLY S 163 -5.84 4.72 9.87
N GLY S 164 -4.59 4.99 9.50
CA GLY S 164 -4.26 5.60 8.23
C GLY S 164 -4.28 7.12 8.21
N VAL S 165 -4.73 7.76 9.28
CA VAL S 165 -4.81 9.20 9.37
C VAL S 165 -3.83 9.71 10.44
N THR S 166 -3.60 11.02 10.45
CA THR S 166 -2.61 11.61 11.34
C THR S 166 -3.14 11.74 12.77
N GLY S 167 -4.44 11.98 12.93
CA GLY S 167 -5.04 12.19 14.23
C GLY S 167 -5.39 13.61 14.56
N PHE S 168 -5.07 14.56 13.68
CA PHE S 168 -5.34 15.97 13.92
C PHE S 168 -6.57 16.48 13.16
N GLY S 169 -7.33 15.59 12.53
CA GLY S 169 -8.61 15.97 11.95
C GLY S 169 -8.96 15.33 10.62
N ASP S 170 -7.97 14.80 9.91
CA ASP S 170 -8.21 14.21 8.61
C ASP S 170 -9.02 12.91 8.73
N LYS S 171 -9.91 12.70 7.76
CA LYS S 171 -10.74 11.50 7.68
C LYS S 171 -10.38 10.59 6.52
N GLU S 172 -9.89 11.13 5.41
CA GLU S 172 -9.49 10.28 4.28
C GLU S 172 -8.01 9.92 4.40
N PRO S 173 -7.65 8.65 4.25
CA PRO S 173 -6.29 8.22 4.61
C PRO S 173 -5.24 8.48 3.55
N GLY S 174 -4.01 8.64 4.02
CA GLY S 174 -2.85 8.71 3.16
C GLY S 174 -2.71 9.99 2.37
N GLU S 175 -3.17 11.12 2.92
CA GLU S 175 -3.12 12.40 2.23
C GLU S 175 -2.13 13.38 2.83
N HIS S 176 -1.26 12.92 3.72
CA HIS S 176 -0.18 13.72 4.27
C HIS S 176 1.07 12.87 4.31
N PHE S 177 2.23 13.52 4.20
CA PHE S 177 3.46 12.78 3.94
C PHE S 177 3.78 11.79 5.06
N LEU S 178 3.58 12.20 6.31
CA LEU S 178 3.88 11.31 7.43
C LEU S 178 2.93 10.12 7.55
N VAL S 179 1.93 9.99 6.67
CA VAL S 179 1.15 8.76 6.54
C VAL S 179 1.24 8.21 5.12
N ALA S 180 2.25 8.61 4.37
CA ALA S 180 2.51 8.05 3.04
C ALA S 180 3.06 6.63 3.14
N LEU S 181 2.92 5.88 2.05
CA LEU S 181 3.44 4.53 1.93
C LEU S 181 2.84 3.63 3.00
N PRO S 182 1.55 3.27 2.86
CA PRO S 182 0.90 2.50 3.93
C PRO S 182 1.41 1.07 4.08
N ASN S 183 1.88 0.43 3.02
CA ASN S 183 2.27 -0.97 3.07
C ASN S 183 3.60 -1.18 2.36
N LEU S 184 4.35 -2.17 2.86
CA LEU S 184 5.59 -2.62 2.25
C LEU S 184 5.42 -3.86 1.38
N TYR S 185 4.52 -4.75 1.76
CA TYR S 185 4.19 -5.96 1.02
C TYR S 185 2.74 -5.91 0.56
N GLY S 186 2.35 -6.88 -0.25
CA GLY S 186 0.98 -7.00 -0.72
C GLY S 186 0.72 -6.27 -2.02
N ALA S 187 -0.57 -6.12 -2.32
CA ALA S 187 -1.04 -5.43 -3.52
C ALA S 187 -1.84 -4.17 -3.20
N GLY S 188 -1.88 -3.74 -1.94
CA GLY S 188 -2.56 -2.50 -1.60
C GLY S 188 -4.07 -2.59 -1.75
N GLY S 189 -4.69 -1.44 -2.01
CA GLY S 189 -6.13 -1.38 -2.14
C GLY S 189 -6.60 0.05 -2.23
N SER S 190 -7.92 0.20 -2.47
CA SER S 190 -8.57 1.48 -2.63
C SER S 190 -9.47 1.81 -1.43
N PRO S 191 -9.42 3.04 -0.91
CA PRO S 191 -10.38 3.41 0.14
C PRO S 191 -11.83 3.36 -0.33
N MET S 192 -12.09 3.49 -1.63
CA MET S 192 -13.44 3.45 -2.15
C MET S 192 -14.01 2.04 -2.24
N GLN S 193 -13.22 1.02 -1.91
CA GLN S 193 -13.67 -0.38 -1.96
C GLN S 193 -13.57 -1.04 -0.59
N ALA S 194 -13.78 -0.28 0.48
CA ALA S 194 -13.71 -0.82 1.82
C ALA S 194 -15.04 -1.45 2.21
N GLY T 27 -6.96 14.65 -6.72
CA GLY T 27 -7.83 13.73 -7.44
C GLY T 27 -9.22 14.28 -7.66
N ALA T 28 -10.14 13.40 -8.02
CA ALA T 28 -11.52 13.78 -8.30
C ALA T 28 -12.33 13.87 -7.02
N PRO T 29 -13.50 14.49 -7.06
CA PRO T 29 -14.38 14.50 -5.88
C PRO T 29 -14.92 13.11 -5.57
N LYS T 30 -15.34 12.95 -4.32
CA LYS T 30 -15.80 11.65 -3.85
C LYS T 30 -16.98 11.13 -4.68
N PHE T 31 -17.94 12.01 -5.00
CA PHE T 31 -19.12 11.56 -5.72
C PHE T 31 -18.81 11.17 -7.16
N GLU T 32 -17.63 11.51 -7.67
CA GLU T 32 -17.17 11.03 -8.97
C GLU T 32 -16.28 9.80 -8.88
N ARG T 33 -15.55 9.63 -7.77
CA ARG T 33 -14.62 8.51 -7.64
C ARG T 33 -15.33 7.18 -7.45
N LYS T 34 -16.61 7.20 -7.07
CA LYS T 34 -17.34 5.97 -6.83
C LYS T 34 -17.37 5.10 -8.08
N MET T 35 -16.97 3.83 -7.93
CA MET T 35 -16.88 2.90 -9.03
C MET T 35 -18.15 2.08 -9.18
N LEU T 36 -18.44 1.68 -10.42
CA LEU T 36 -19.57 0.82 -10.73
C LEU T 36 -19.24 -0.66 -10.56
N GLY T 37 -18.01 -1.05 -10.89
CA GLY T 37 -17.58 -2.43 -10.76
C GLY T 37 -17.06 -2.74 -9.36
N SER T 38 -16.61 -3.99 -9.20
CA SER T 38 -16.16 -4.50 -7.91
C SER T 38 -14.76 -5.11 -7.91
N TYR T 39 -14.19 -5.43 -9.06
CA TYR T 39 -12.82 -5.92 -9.19
C TYR T 39 -11.86 -4.98 -8.47
N PRO T 40 -10.79 -5.49 -7.87
CA PRO T 40 -9.88 -4.61 -7.11
C PRO T 40 -8.98 -3.76 -7.99
N VAL T 41 -8.63 -2.58 -7.47
CA VAL T 41 -7.72 -1.67 -8.16
C VAL T 41 -6.31 -2.20 -8.06
N SER T 42 -5.68 -2.41 -9.20
CA SER T 42 -4.32 -2.90 -9.25
C SER T 42 -3.33 -1.76 -8.95
N PRO T 43 -2.17 -2.06 -8.37
CA PRO T 43 -1.27 -0.97 -7.95
C PRO T 43 -0.77 -0.09 -9.08
N GLU T 44 -0.53 -0.64 -10.27
CA GLU T 44 -0.09 0.19 -11.39
C GLU T 44 -1.19 1.15 -11.86
N PHE T 45 -2.43 0.99 -11.42
CA PHE T 45 -3.55 1.83 -11.82
C PHE T 45 -4.11 2.68 -10.67
N GLU T 46 -3.32 2.90 -9.61
CA GLU T 46 -3.85 3.64 -8.46
C GLU T 46 -4.18 5.08 -8.83
N MET T 47 -3.34 5.72 -9.65
CA MET T 47 -3.55 7.11 -9.98
C MET T 47 -4.68 7.29 -11.00
N VAL T 48 -4.88 6.30 -11.87
CA VAL T 48 -5.97 6.36 -12.84
C VAL T 48 -7.31 6.48 -12.14
N TRP T 49 -7.56 5.63 -11.15
CA TRP T 49 -8.86 5.58 -10.50
C TRP T 49 -9.02 6.61 -9.40
N ARG T 50 -7.93 7.25 -8.96
CA ARG T 50 -8.07 8.41 -8.07
C ARG T 50 -8.67 9.62 -8.79
N ASP T 51 -8.70 9.61 -10.12
CA ASP T 51 -9.24 10.71 -10.90
C ASP T 51 -10.38 10.27 -11.82
N ARG T 52 -11.12 9.24 -11.41
CA ARG T 52 -12.28 8.82 -12.17
C ARG T 52 -13.30 9.95 -12.29
N LEU T 53 -13.91 10.06 -13.47
CA LEU T 53 -14.93 11.07 -13.73
C LEU T 53 -16.05 10.45 -14.55
N THR T 54 -17.29 10.66 -14.11
CA THR T 54 -18.45 10.11 -14.80
C THR T 54 -18.72 10.89 -16.09
N ALA T 55 -18.99 10.15 -17.17
CA ALA T 55 -19.30 10.73 -18.47
C ALA T 55 -20.78 11.05 -18.52
N HIS T 56 -21.15 12.20 -17.93
CA HIS T 56 -22.54 12.62 -17.88
C HIS T 56 -23.10 12.82 -19.27
N GLY T 57 -24.07 12.00 -19.64
CA GLY T 57 -24.71 12.07 -20.94
C GLY T 57 -24.16 11.12 -21.98
N GLY T 58 -22.93 10.65 -21.82
CA GLY T 58 -22.32 9.73 -22.76
C GLY T 58 -21.62 10.44 -23.91
N TYR T 59 -20.85 9.65 -24.67
CA TYR T 59 -20.22 10.17 -25.88
C TYR T 59 -19.77 9.01 -26.78
N ILE T 60 -19.47 9.36 -28.02
CA ILE T 60 -18.99 8.42 -29.05
C ILE T 60 -17.66 8.94 -29.57
N GLN T 61 -16.63 8.08 -29.53
CA GLN T 61 -15.26 8.45 -29.84
C GLN T 61 -14.76 7.70 -31.07
N GLN T 62 -14.09 8.41 -31.98
CA GLN T 62 -13.44 7.82 -33.15
C GLN T 62 -12.00 8.30 -33.23
N THR T 63 -11.07 7.36 -33.35
CA THR T 63 -9.65 7.66 -33.46
C THR T 63 -9.03 6.78 -34.54
N ILE T 64 -8.12 7.35 -35.33
CA ILE T 64 -7.42 6.64 -36.40
C ILE T 64 -6.00 6.31 -35.93
N SER T 65 -5.47 5.21 -36.46
CA SER T 65 -4.11 4.80 -36.09
C SER T 65 -3.09 5.81 -36.63
N PRO T 66 -2.06 6.14 -35.85
CA PRO T 66 -1.04 7.08 -36.36
C PRO T 66 -0.30 6.58 -37.58
N TYR T 67 -0.26 5.26 -37.80
CA TYR T 67 0.37 4.71 -39.00
C TYR T 67 -0.43 4.97 -40.27
N GLN T 68 -1.63 5.53 -40.16
CA GLN T 68 -2.50 5.80 -41.31
C GLN T 68 -2.95 7.25 -41.36
N LEU T 69 -2.10 8.17 -40.89
CA LEU T 69 -2.39 9.61 -40.91
C LEU T 69 -1.18 10.38 -41.44
N LYS T 70 -1.47 11.47 -42.15
CA LYS T 70 -0.47 12.51 -42.35
C LYS T 70 -0.28 13.27 -41.05
N PHE T 71 0.95 13.36 -40.56
CA PHE T 71 1.20 13.93 -39.23
C PHE T 71 2.08 15.18 -39.21
N ILE T 72 2.60 15.65 -40.34
CA ILE T 72 3.30 16.92 -40.41
C ILE T 72 2.51 17.97 -41.17
N TYR T 73 1.85 17.57 -42.26
CA TYR T 73 1.02 18.52 -43.01
C TYR T 73 -0.05 19.19 -42.14
N PRO T 74 -0.78 18.49 -41.27
CA PRO T 74 -1.76 19.19 -40.42
C PRO T 74 -1.18 20.35 -39.62
N PHE T 75 0.09 20.26 -39.20
CA PHE T 75 0.69 21.35 -38.45
C PHE T 75 0.78 22.62 -39.31
N TRP T 76 1.21 22.48 -40.56
CA TRP T 76 1.37 23.63 -41.44
C TRP T 76 0.06 24.08 -42.06
N HIS T 77 -0.88 23.15 -42.25
CA HIS T 77 -2.19 23.52 -42.77
C HIS T 77 -2.88 24.55 -41.88
N THR T 78 -2.68 24.45 -40.56
CA THR T 78 -3.31 25.34 -39.60
C THR T 78 -2.33 26.36 -39.02
N PHE T 79 -1.18 26.56 -39.66
CA PHE T 79 -0.14 27.41 -39.09
C PHE T 79 -0.63 28.85 -38.92
N PHE T 80 -1.22 29.42 -39.97
CA PHE T 80 -1.59 30.84 -39.92
C PHE T 80 -2.65 31.11 -38.86
N ALA T 81 -3.61 30.20 -38.70
CA ALA T 81 -4.64 30.40 -37.69
C ALA T 81 -4.07 30.28 -36.28
N ARG T 82 -3.22 29.29 -36.04
CA ARG T 82 -2.62 29.12 -34.72
C ARG T 82 -1.71 30.30 -34.38
N CYS T 83 -0.93 30.78 -35.35
CA CYS T 83 -0.02 31.88 -35.09
C CYS T 83 -0.78 33.18 -34.79
N TRP T 84 -1.89 33.41 -35.50
CA TRP T 84 -2.71 34.59 -35.23
C TRP T 84 -3.25 34.57 -33.80
N CYS T 85 -3.79 33.42 -33.38
CA CYS T 85 -4.37 33.31 -32.05
C CYS T 85 -3.34 33.58 -30.95
N LYS T 86 -2.14 33.00 -31.08
CA LYS T 86 -1.13 33.17 -30.04
C LYS T 86 -0.61 34.61 -30.01
N CYS T 87 -0.20 35.14 -31.16
CA CYS T 87 0.39 36.47 -31.20
C CYS T 87 -0.61 37.56 -30.81
N SER T 88 -1.89 37.39 -31.15
CA SER T 88 -2.89 38.37 -30.77
C SER T 88 -3.08 38.40 -29.26
N ALA T 89 -3.01 37.23 -28.61
CA ALA T 89 -3.21 37.17 -27.17
C ALA T 89 -2.11 37.90 -26.41
N TYR T 90 -0.88 37.83 -26.90
CA TYR T 90 0.29 38.33 -26.17
C TYR T 90 0.58 39.81 -26.42
N ALA T 91 -0.02 40.42 -27.44
CA ALA T 91 0.35 41.78 -27.84
C ALA T 91 0.24 42.79 -26.71
N TRP T 92 -0.99 43.14 -26.32
CA TRP T 92 -1.19 44.12 -25.25
C TRP T 92 -0.41 43.76 -23.98
N PRO T 93 -0.61 42.56 -23.41
CA PRO T 93 -0.07 42.32 -22.06
C PRO T 93 1.45 42.29 -21.98
N TRP T 94 2.15 41.84 -23.02
CA TRP T 94 3.60 41.71 -23.00
C TRP T 94 4.33 42.82 -23.76
N VAL T 95 3.87 43.18 -24.94
CA VAL T 95 4.64 44.07 -25.81
C VAL T 95 4.56 45.52 -25.33
N TRP T 96 3.39 45.96 -24.91
CA TRP T 96 3.17 47.36 -24.54
C TRP T 96 3.95 47.74 -23.29
N PRO T 97 4.03 46.88 -22.27
CA PRO T 97 4.94 47.19 -21.15
C PRO T 97 6.41 47.07 -21.52
N GLY T 98 6.75 46.24 -22.51
CA GLY T 98 8.13 46.11 -22.91
C GLY T 98 8.66 47.36 -23.62
N LEU T 99 7.84 47.94 -24.49
CA LEU T 99 8.25 49.17 -25.17
C LEU T 99 8.47 50.29 -24.16
N ILE T 100 7.63 50.37 -23.13
CA ILE T 100 7.79 51.40 -22.11
C ILE T 100 9.08 51.19 -21.32
N THR T 101 9.39 49.93 -21.00
CA THR T 101 10.63 49.64 -20.27
C THR T 101 11.85 49.97 -21.13
N PHE T 102 11.78 49.68 -22.42
CA PHE T 102 12.88 50.02 -23.32
C PHE T 102 13.11 51.52 -23.37
N GLY T 103 12.03 52.30 -23.47
CA GLY T 103 12.18 53.74 -23.49
C GLY T 103 12.79 54.29 -22.23
N LEU T 104 12.36 53.78 -21.07
CA LEU T 104 12.94 54.23 -19.81
C LEU T 104 14.43 53.93 -19.74
N VAL T 105 14.86 52.84 -20.38
CA VAL T 105 16.29 52.50 -20.37
C VAL T 105 17.09 53.53 -21.14
N LYS T 106 16.51 54.09 -22.21
CA LYS T 106 17.21 55.09 -23.01
C LYS T 106 17.26 56.43 -22.29
N LYS T 107 16.11 56.87 -21.76
CA LYS T 107 16.08 58.11 -20.99
C LYS T 107 17.07 58.08 -19.84
N MET T 108 17.19 56.93 -19.17
CA MET T 108 18.14 56.80 -18.06
C MET T 108 19.56 57.04 -18.55
N ASN T 109 19.93 56.41 -19.67
CA ASN T 109 21.29 56.53 -20.16
C ASN T 109 21.59 57.91 -20.72
N HIS T 110 20.57 58.66 -21.14
CA HIS T 110 20.78 60.01 -21.63
C HIS T 110 21.01 61.00 -20.50
N ASP T 111 20.41 60.76 -19.33
CA ASP T 111 20.60 61.64 -18.19
C ASP T 111 21.91 61.37 -17.46
N VAL T 112 22.42 60.14 -17.57
CA VAL T 112 23.70 59.81 -16.92
C VAL T 112 24.84 60.56 -17.60
N GLU T 113 24.84 60.57 -18.94
CA GLU T 113 25.91 61.25 -19.68
C GLU T 113 25.91 62.74 -19.38
N GLU T 114 24.75 63.38 -19.46
CA GLU T 114 24.67 64.82 -19.20
C GLU T 114 25.07 65.15 -17.77
N ASP T 115 24.79 64.26 -16.82
CA ASP T 115 25.15 64.52 -15.44
C ASP T 115 26.66 64.38 -15.20
N ILE T 116 27.36 63.61 -16.03
CA ILE T 116 28.80 63.46 -15.88
C ILE T 116 29.51 64.71 -16.36
N ARG T 117 28.97 65.38 -17.38
CA ARG T 117 29.63 66.55 -17.95
C ARG T 117 29.34 67.81 -17.17
N ASP T 118 28.20 67.86 -16.47
CA ASP T 118 27.88 69.00 -15.62
C ASP T 118 28.65 68.99 -14.31
N HIS T 119 29.45 67.96 -14.05
CA HIS T 119 30.21 67.84 -12.82
C HIS T 119 31.71 67.71 -13.02
N TYR T 120 32.15 67.16 -14.16
CA TYR T 120 33.56 66.89 -14.39
C TYR T 120 34.15 67.62 -15.58
N TRP T 121 33.35 68.02 -16.56
CA TRP T 121 33.87 68.69 -17.75
C TRP T 121 33.90 70.20 -17.56
N TYR T 122 34.90 70.83 -18.18
CA TYR T 122 35.07 72.27 -18.11
C TYR T 122 34.86 72.90 -19.48
N ILE U 33 29.72 -38.81 36.30
CA ILE U 33 29.64 -37.37 36.11
C ILE U 33 28.42 -37.02 35.26
N ARG U 34 27.54 -36.20 35.83
CA ARG U 34 26.33 -35.78 35.14
C ARG U 34 26.53 -34.48 34.36
N PHE U 35 27.36 -33.57 34.85
CA PHE U 35 27.58 -32.30 34.19
C PHE U 35 28.13 -32.51 32.78
N GLY U 36 27.46 -31.91 31.79
CA GLY U 36 27.93 -31.92 30.43
C GLY U 36 27.80 -33.25 29.70
N ASN U 37 27.16 -34.24 30.31
CA ASN U 37 27.13 -35.59 29.79
C ASN U 37 25.75 -35.91 29.24
N PRO U 38 25.59 -36.18 27.94
CA PRO U 38 24.25 -36.49 27.43
C PRO U 38 23.71 -37.83 27.87
N TRP U 39 24.53 -38.68 28.50
CA TRP U 39 24.09 -39.97 29.00
C TRP U 39 23.61 -39.92 30.44
N ARG U 40 23.81 -38.82 31.16
CA ARG U 40 23.51 -38.79 32.60
C ARG U 40 23.01 -37.45 33.14
N ASP U 41 23.00 -36.39 32.35
CA ASP U 41 22.85 -35.05 32.89
C ASP U 41 21.53 -34.89 33.63
N ASP U 42 21.60 -34.32 34.83
CA ASP U 42 20.44 -33.95 35.63
C ASP U 42 20.91 -32.99 36.71
N TYR U 43 19.98 -32.15 37.20
CA TYR U 43 20.31 -31.25 38.29
C TYR U 43 20.61 -32.05 39.55
N PRO U 44 21.64 -31.67 40.31
CA PRO U 44 21.81 -32.26 41.65
C PRO U 44 20.64 -31.88 42.55
N GLU U 45 20.59 -32.53 43.71
CA GLU U 45 19.45 -32.35 44.60
C GLU U 45 19.46 -30.97 45.26
N TRP U 46 20.63 -30.34 45.40
CA TRP U 46 20.68 -29.04 46.05
C TRP U 46 20.20 -27.92 45.15
N ILE U 47 20.14 -28.14 43.84
CA ILE U 47 19.55 -27.16 42.95
C ILE U 47 18.03 -27.29 42.91
N TRP U 48 17.52 -28.53 42.90
CA TRP U 48 16.08 -28.72 42.99
C TRP U 48 15.51 -28.11 44.27
N LYS U 49 16.29 -28.10 45.35
CA LYS U 49 15.81 -27.51 46.59
C LYS U 49 15.75 -25.99 46.49
N SER U 50 16.77 -25.37 45.90
CA SER U 50 16.76 -23.91 45.76
C SER U 50 15.53 -23.44 44.99
N LEU U 51 15.05 -24.23 44.04
CA LEU U 51 13.85 -23.86 43.29
C LEU U 51 12.58 -24.00 44.12
N ARG U 52 12.62 -24.71 45.24
CA ARG U 52 11.45 -24.88 46.09
C ARG U 52 11.37 -23.86 47.21
N VAL U 53 12.44 -23.11 47.46
CA VAL U 53 12.40 -22.09 48.50
C VAL U 53 11.30 -21.07 48.19
N SER U 54 10.76 -20.46 49.24
CA SER U 54 9.65 -19.53 49.11
C SER U 54 9.84 -18.34 50.03
N ARG U 55 9.68 -17.14 49.48
CA ARG U 55 9.69 -15.89 50.23
C ARG U 55 8.42 -15.10 49.97
N LYS U 56 7.30 -15.79 49.83
CA LYS U 56 6.03 -15.14 49.58
C LYS U 56 5.66 -14.24 50.75
N ASP U 57 5.18 -13.03 50.43
CA ASP U 57 4.71 -12.07 51.42
C ASP U 57 5.83 -11.51 52.29
N LYS U 58 7.05 -11.46 51.76
CA LYS U 58 8.19 -10.86 52.44
C LYS U 58 8.78 -9.76 51.57
N ASP U 59 9.23 -8.68 52.21
CA ASP U 59 9.83 -7.56 51.48
C ASP U 59 10.74 -6.81 52.46
N MET U 60 12.05 -7.10 52.37
CA MET U 60 13.02 -6.50 53.28
C MET U 60 13.34 -5.05 52.94
N PHE U 61 13.03 -4.59 51.73
CA PHE U 61 13.31 -3.24 51.29
C PHE U 61 12.12 -2.31 51.43
N ALA U 62 11.02 -2.78 52.02
CA ALA U 62 9.82 -1.95 52.14
C ALA U 62 10.08 -0.62 52.84
N PRO U 63 10.89 -0.54 53.90
CA PRO U 63 11.13 0.77 54.52
C PRO U 63 11.74 1.79 53.58
N PHE U 64 12.39 1.35 52.50
CA PHE U 64 12.93 2.28 51.52
C PHE U 64 11.84 2.84 50.61
N PHE U 65 10.89 2.00 50.22
CA PHE U 65 9.80 2.46 49.36
C PHE U 65 8.88 3.41 50.10
N LYS U 66 8.73 3.25 51.41
CA LYS U 66 7.88 4.14 52.19
C LYS U 66 8.47 5.55 52.26
N LEU U 67 9.77 5.66 52.43
CA LEU U 67 10.42 6.96 52.50
C LEU U 67 10.27 7.71 51.19
N LEU U 68 10.55 7.05 50.07
CA LEU U 68 10.41 7.68 48.77
C LEU U 68 8.99 8.19 48.54
N ASN U 69 7.99 7.39 48.92
CA ASN U 69 6.61 7.78 48.68
C ASN U 69 6.15 8.91 49.58
N ALA U 70 6.86 9.16 50.69
CA ALA U 70 6.48 10.22 51.60
C ALA U 70 7.01 11.59 51.20
N THR U 71 7.87 11.66 50.17
CA THR U 71 8.38 12.93 49.70
C THR U 71 7.44 13.62 48.71
N LYS U 72 6.49 12.88 48.16
CA LYS U 72 5.53 13.40 47.18
C LYS U 72 6.20 13.83 45.89
N LEU U 73 7.38 13.29 45.60
CA LEU U 73 8.04 13.57 44.32
C LEU U 73 7.19 13.13 43.14
N TYR U 74 6.41 12.05 43.31
CA TYR U 74 5.56 11.58 42.22
C TYR U 74 4.41 12.54 41.94
N GLU U 75 3.76 13.03 42.99
CA GLU U 75 2.59 13.88 42.80
C GLU U 75 2.95 15.24 42.22
N TYR U 76 4.15 15.74 42.49
CA TYR U 76 4.52 17.10 42.13
C TYR U 76 5.46 17.19 40.93
N CYS U 77 6.11 16.10 40.52
CA CYS U 77 7.18 16.19 39.54
C CYS U 77 7.19 15.09 38.48
N LEU U 78 6.56 13.94 38.70
CA LEU U 78 6.67 12.83 37.79
C LEU U 78 5.34 12.34 37.21
N LYS U 79 4.20 12.72 37.79
CA LYS U 79 2.91 12.25 37.28
C LYS U 79 2.53 12.93 35.97
N ASP U 80 2.95 14.19 35.78
CA ASP U 80 2.67 14.96 34.57
C ASP U 80 3.91 14.99 33.69
N ASN U 81 3.74 14.62 32.41
CA ASN U 81 4.89 14.50 31.52
C ASN U 81 5.56 15.84 31.26
N ARG U 82 4.80 16.93 31.20
CA ARG U 82 5.40 18.25 31.07
C ARG U 82 6.34 18.54 32.23
N ARG U 83 5.90 18.24 33.46
CA ARG U 83 6.76 18.46 34.62
C ARG U 83 7.87 17.43 34.71
N TYR U 84 7.57 16.17 34.32
CA TYR U 84 8.60 15.14 34.25
C TYR U 84 9.79 15.59 33.41
N CYS U 85 9.51 16.23 32.28
CA CYS U 85 10.59 16.70 31.41
C CYS U 85 11.29 17.92 31.99
N MET U 86 10.58 18.78 32.71
CA MET U 86 11.25 19.85 33.45
C MET U 86 12.22 19.27 34.46
N PHE U 87 11.81 18.19 35.14
CA PHE U 87 12.67 17.53 36.12
C PHE U 87 13.91 16.94 35.47
N VAL U 88 13.76 16.33 34.29
CA VAL U 88 14.89 15.73 33.60
C VAL U 88 15.93 16.79 33.24
N MET U 89 15.50 17.84 32.54
CA MET U 89 16.45 18.85 32.08
C MET U 89 17.09 19.60 33.24
N GLY U 90 16.30 19.92 34.26
CA GLY U 90 16.83 20.69 35.38
C GLY U 90 17.79 19.89 36.24
N VAL U 91 17.40 18.68 36.64
CA VAL U 91 18.25 17.85 37.47
C VAL U 91 19.52 17.48 36.71
N GLY U 92 19.40 17.22 35.41
CA GLY U 92 20.58 16.87 34.63
C GLY U 92 21.57 18.02 34.52
N LEU U 93 21.07 19.25 34.45
CA LEU U 93 21.94 20.40 34.37
C LEU U 93 22.77 20.55 35.65
N VAL U 94 22.13 20.39 36.82
CA VAL U 94 22.83 20.57 38.08
C VAL U 94 23.72 19.38 38.40
N SER U 95 23.24 18.16 38.14
CA SER U 95 24.01 16.97 38.47
C SER U 95 25.29 16.90 37.65
N SER U 96 25.20 17.19 36.35
CA SER U 96 26.39 17.14 35.51
C SER U 96 27.47 18.09 36.00
N TRP U 97 27.08 19.23 36.56
CA TRP U 97 28.06 20.19 37.04
C TRP U 97 28.75 19.70 38.32
N MET U 98 27.96 19.13 39.24
CA MET U 98 28.55 18.61 40.47
C MET U 98 29.44 17.40 40.20
N TRP U 99 29.07 16.59 39.22
CA TRP U 99 29.86 15.41 38.86
C TRP U 99 31.26 15.80 38.37
N SER U 100 31.33 16.82 37.52
CA SER U 100 32.62 17.27 37.01
C SER U 100 33.49 17.87 38.12
N GLU U 101 32.88 18.69 38.97
CA GLU U 101 33.65 19.32 40.05
C GLU U 101 34.23 18.27 40.99
N TRP U 102 33.45 17.24 41.33
CA TRP U 102 33.93 16.21 42.23
C TRP U 102 35.10 15.44 41.61
N TRP U 103 34.95 15.03 40.34
CA TRP U 103 36.03 14.27 39.70
C TRP U 103 37.31 15.09 39.58
N ASN U 104 37.19 16.41 39.42
CA ASN U 104 38.40 17.25 39.35
C ASN U 104 39.13 17.27 40.68
N SER U 105 38.39 17.23 41.79
CA SER U 105 39.03 17.21 43.11
C SER U 105 39.76 15.89 43.35
N VAL U 106 39.14 14.77 42.99
CA VAL U 106 39.80 13.47 43.08
C VAL U 106 41.08 13.48 42.26
N TRP U 107 40.98 13.97 41.02
CA TRP U 107 42.14 14.04 40.14
C TRP U 107 43.28 14.83 40.76
N ARG U 108 42.98 15.96 41.40
CA ARG U 108 44.03 16.77 42.00
C ARG U 108 44.64 16.10 43.23
N ARG U 109 43.85 15.32 43.97
CA ARG U 109 44.36 14.69 45.18
C ARG U 109 45.28 13.52 44.85
N ILE U 110 44.85 12.66 43.92
CA ILE U 110 45.68 11.52 43.51
C ILE U 110 47.00 12.00 42.94
N ASN U 111 47.00 13.15 42.26
CA ASN U 111 48.15 13.63 41.52
C ASN U 111 48.83 14.81 42.20
N LYS U 112 48.73 14.88 43.53
CA LYS U 112 49.38 15.96 44.26
C LYS U 112 50.89 15.88 44.09
N GLY U 113 51.50 17.01 43.70
CA GLY U 113 52.92 17.09 43.51
C GLY U 113 53.41 16.85 42.11
N LYS U 114 52.54 16.38 41.21
CA LYS U 114 52.91 16.12 39.83
C LYS U 114 52.34 17.11 38.82
N LEU U 115 51.31 17.87 39.19
CA LEU U 115 50.69 18.80 38.27
C LEU U 115 51.43 20.13 38.26
N TYR U 116 51.22 20.89 37.18
CA TYR U 116 51.99 22.12 36.96
C TYR U 116 51.82 23.11 38.10
N ASN U 117 50.60 23.30 38.58
CA ASN U 117 50.35 24.30 39.61
C ASN U 117 50.91 23.94 40.97
N ASP U 118 51.45 22.72 41.12
CA ASP U 118 51.92 22.25 42.43
C ASP U 118 53.41 22.44 42.64
N VAL U 119 54.17 22.77 41.60
CA VAL U 119 55.62 22.90 41.70
C VAL U 119 56.05 24.22 41.05
N PRO U 120 56.03 25.33 41.79
CA PRO U 120 56.45 26.60 41.19
C PRO U 120 57.87 26.54 40.65
N TYR U 121 58.05 27.13 39.48
CA TYR U 121 59.35 27.14 38.83
C TYR U 121 60.20 28.28 39.40
N VAL U 122 61.45 27.98 39.71
CA VAL U 122 62.39 28.93 40.28
C VAL U 122 63.38 29.34 39.19
N TYR U 123 63.52 30.65 38.99
CA TYR U 123 64.43 31.17 37.99
C TYR U 123 65.87 31.17 38.52
N PRO U 124 66.86 31.00 37.63
CA PRO U 124 68.26 31.03 38.06
C PRO U 124 68.69 32.42 38.54
N SER V 2 -9.40 -50.63 -16.92
CA SER V 2 -8.48 -51.75 -16.96
C SER V 2 -7.10 -51.35 -16.44
N ARG V 3 -6.40 -52.32 -15.85
CA ARG V 3 -5.06 -52.03 -15.30
C ARG V 3 -4.09 -51.60 -16.39
N ALA V 4 -4.23 -52.15 -17.61
CA ALA V 4 -3.36 -51.74 -18.70
C ALA V 4 -3.54 -50.26 -19.04
N VAL V 5 -4.79 -49.80 -19.12
CA VAL V 5 -5.05 -48.38 -19.39
C VAL V 5 -4.45 -47.51 -18.28
N TYR V 6 -4.70 -47.88 -17.02
CA TYR V 6 -4.20 -47.08 -15.91
C TYR V 6 -2.68 -47.00 -15.93
N ALA V 7 -2.01 -48.05 -16.40
CA ALA V 7 -0.56 -48.04 -16.44
C ALA V 7 -0.04 -47.04 -17.45
N LYS V 8 -0.68 -46.95 -18.62
CA LYS V 8 -0.22 -46.02 -19.65
C LYS V 8 -0.45 -44.58 -19.24
N LEU V 9 -1.54 -44.30 -18.54
CA LEU V 9 -1.77 -42.95 -18.03
C LEU V 9 -0.74 -42.59 -16.97
N TRP V 10 -0.40 -43.53 -16.08
CA TRP V 10 0.63 -43.25 -15.08
C TRP V 10 1.96 -42.88 -15.74
N ALA V 11 2.35 -43.63 -16.77
CA ALA V 11 3.65 -43.48 -17.41
C ALA V 11 3.75 -42.25 -18.31
N SER V 12 2.62 -41.62 -18.65
CA SER V 12 2.64 -40.50 -19.58
C SER V 12 3.58 -39.39 -19.14
N THR V 13 3.79 -39.24 -17.83
CA THR V 13 4.62 -38.17 -17.28
C THR V 13 5.91 -38.70 -16.64
N ALA V 14 6.43 -39.81 -17.16
CA ALA V 14 7.62 -40.40 -16.59
C ALA V 14 8.88 -39.59 -16.89
N GLN V 15 8.93 -38.92 -18.05
CA GLN V 15 10.12 -38.21 -18.49
C GLN V 15 10.07 -36.72 -18.17
N TYR V 16 9.68 -36.38 -16.94
CA TYR V 16 9.65 -34.98 -16.51
C TYR V 16 11.01 -34.32 -16.70
N THR V 17 12.08 -34.98 -16.24
CA THR V 17 13.40 -34.36 -16.26
C THR V 17 13.84 -34.05 -17.68
N GLN V 18 13.55 -34.96 -18.62
CA GLN V 18 13.95 -34.74 -20.00
C GLN V 18 13.18 -33.57 -20.62
N ARG V 19 11.89 -33.46 -20.30
CA ARG V 19 11.10 -32.37 -20.86
C ARG V 19 11.54 -31.01 -20.32
N ARG V 20 11.99 -30.95 -19.06
CA ARG V 20 12.54 -29.71 -18.54
C ARG V 20 13.82 -29.34 -19.29
N HIS V 21 14.62 -30.33 -19.69
CA HIS V 21 15.82 -30.05 -20.46
C HIS V 21 15.47 -29.51 -21.85
N TYR V 22 14.39 -30.02 -22.44
CA TYR V 22 13.93 -29.49 -23.72
C TYR V 22 13.44 -28.05 -23.56
N ALA V 23 12.88 -27.71 -22.40
CA ALA V 23 12.51 -26.33 -22.13
C ALA V 23 13.74 -25.43 -22.07
N TRP V 24 14.80 -25.90 -21.42
CA TRP V 24 16.04 -25.14 -21.37
C TRP V 24 16.51 -24.74 -22.76
N TYR V 25 16.55 -25.72 -23.68
CA TYR V 25 16.99 -25.43 -25.05
C TYR V 25 16.13 -24.35 -25.70
N GLN V 26 14.82 -24.49 -25.62
CA GLN V 26 13.92 -23.54 -26.29
C GLN V 26 14.16 -22.11 -25.79
N ILE V 27 14.26 -21.92 -24.48
CA ILE V 27 14.40 -20.57 -23.94
C ILE V 27 15.78 -20.00 -24.26
N TRP V 28 16.83 -20.80 -24.09
CA TRP V 28 18.18 -20.31 -24.34
C TRP V 28 18.40 -19.97 -25.80
N SER V 29 17.65 -20.59 -26.71
CA SER V 29 17.77 -20.25 -28.12
C SER V 29 17.17 -18.88 -28.42
N ARG V 30 16.16 -18.46 -27.64
CA ARG V 30 15.58 -17.14 -27.83
C ARG V 30 16.41 -16.05 -27.17
N VAL V 31 17.18 -16.39 -26.14
CA VAL V 31 17.89 -15.40 -25.36
C VAL V 31 19.31 -15.14 -25.89
N ILE V 32 19.96 -16.14 -26.46
CA ILE V 32 21.39 -16.06 -26.75
C ILE V 32 21.71 -14.99 -27.79
N PRO V 33 20.80 -14.61 -28.71
CA PRO V 33 21.16 -13.55 -29.66
C PRO V 33 21.43 -12.20 -29.02
N TRP V 34 20.96 -11.95 -27.79
CA TRP V 34 21.24 -10.70 -27.13
C TRP V 34 22.72 -10.50 -26.83
N SER V 35 23.55 -11.54 -27.04
CA SER V 35 24.98 -11.40 -26.80
C SER V 35 25.67 -10.57 -27.87
N VAL V 36 25.05 -10.39 -29.03
CA VAL V 36 25.67 -9.67 -30.14
C VAL V 36 25.60 -8.18 -29.89
N PRO V 37 24.43 -7.59 -29.62
CA PRO V 37 24.40 -6.16 -29.25
C PRO V 37 25.33 -5.82 -28.09
N TRP V 38 25.26 -6.60 -27.01
CA TRP V 38 26.10 -6.32 -25.85
C TRP V 38 27.58 -6.53 -26.17
N GLY V 39 27.88 -7.40 -27.12
CA GLY V 39 29.25 -7.65 -27.51
C GLY V 39 29.84 -6.54 -28.36
N ILE V 40 29.02 -5.98 -29.25
CA ILE V 40 29.49 -4.86 -30.08
C ILE V 40 29.84 -3.67 -29.20
N PHE V 41 29.00 -3.38 -28.21
CA PHE V 41 29.24 -2.22 -27.35
C PHE V 41 30.50 -2.39 -26.52
N ALA V 42 30.77 -3.62 -26.07
CA ALA V 42 31.95 -3.86 -25.26
C ALA V 42 33.23 -3.58 -26.04
N MET V 43 33.34 -4.15 -27.24
CA MET V 43 34.50 -3.89 -28.08
C MET V 43 34.58 -2.42 -28.45
N TRP V 44 33.43 -1.80 -28.72
CA TRP V 44 33.38 -0.37 -29.02
C TRP V 44 33.97 0.46 -27.89
N MET V 45 33.83 0.00 -26.65
CA MET V 45 34.31 0.78 -25.51
C MET V 45 35.81 0.59 -25.27
N VAL V 46 36.34 -0.63 -25.46
CA VAL V 46 37.74 -0.90 -25.17
C VAL V 46 38.64 -0.71 -26.38
N PHE V 47 38.07 -0.39 -27.54
CA PHE V 47 38.88 -0.19 -28.74
C PHE V 47 39.94 0.89 -28.56
N PRO V 48 39.64 2.06 -27.99
CA PRO V 48 40.66 3.12 -27.92
C PRO V 48 41.76 2.87 -26.90
N ALA V 49 41.61 1.89 -26.02
CA ALA V 49 42.64 1.57 -25.04
C ALA V 49 43.65 0.56 -25.54
N MET V 50 43.49 0.04 -26.74
CA MET V 50 44.41 -0.94 -27.29
C MET V 50 45.47 -0.26 -28.15
N PRO V 51 46.59 -0.95 -28.40
CA PRO V 51 47.65 -0.35 -29.21
C PRO V 51 47.18 -0.02 -30.62
N VAL V 52 47.91 0.89 -31.25
CA VAL V 52 47.60 1.29 -32.63
C VAL V 52 47.71 0.10 -33.57
N GLU V 53 48.72 -0.75 -33.36
CA GLU V 53 48.93 -1.87 -34.28
C GLU V 53 47.75 -2.83 -34.27
N TYR V 54 47.15 -3.04 -33.10
CA TYR V 54 46.01 -3.95 -33.01
C TYR V 54 44.74 -3.31 -33.58
N ARG V 55 44.59 -2.00 -33.44
CA ARG V 55 43.40 -1.33 -33.94
C ARG V 55 43.31 -1.41 -35.46
N GLN V 56 44.44 -1.46 -36.15
CA GLN V 56 44.45 -1.57 -37.60
C GLN V 56 44.21 -3.00 -38.09
N ALA V 57 44.30 -3.99 -37.21
CA ALA V 57 44.12 -5.39 -37.59
C ALA V 57 42.65 -5.80 -37.57
N LEU V 58 41.94 -5.43 -36.50
CA LEU V 58 40.53 -5.78 -36.38
C LEU V 58 39.65 -5.11 -37.45
N THR V 59 40.17 -4.11 -38.15
CA THR V 59 39.40 -3.36 -39.14
C THR V 59 39.90 -3.57 -40.56
N PHE V 60 40.94 -4.39 -40.75
CA PHE V 60 41.48 -4.69 -42.07
C PHE V 60 42.05 -3.43 -42.73
N GLY V 61 42.84 -2.68 -41.96
CA GLY V 61 43.49 -1.50 -42.48
C GLY V 61 42.60 -0.30 -42.73
N ILE V 62 41.32 -0.40 -42.39
CA ILE V 62 40.41 0.73 -42.61
C ILE V 62 40.72 1.86 -41.64
N TRP V 63 40.79 1.55 -40.35
CA TRP V 63 41.05 2.58 -39.35
C TRP V 63 42.47 3.10 -39.48
N GLN V 64 42.62 4.42 -39.25
CA GLN V 64 43.91 5.08 -39.26
C GLN V 64 43.89 6.17 -38.20
N LYS V 65 45.08 6.68 -37.87
CA LYS V 65 45.18 7.73 -36.88
C LYS V 65 44.45 8.98 -37.37
N PRO V 66 43.90 9.78 -36.45
CA PRO V 66 43.26 11.04 -36.88
C PRO V 66 44.26 12.02 -37.45
N ASN V 67 43.83 12.77 -38.46
CA ASN V 67 44.62 13.83 -39.07
C ASN V 67 43.96 15.16 -38.75
N ILE V 68 44.45 15.82 -37.69
CA ILE V 68 43.90 17.09 -37.24
C ILE V 68 44.86 18.24 -37.44
N GLY V 69 46.04 17.99 -38.01
CA GLY V 69 46.97 19.06 -38.34
C GLY V 69 48.00 19.41 -37.29
N THR V 70 48.31 18.49 -36.38
CA THR V 70 49.31 18.74 -35.35
C THR V 70 50.27 17.56 -35.25
N HIS V 71 51.41 17.81 -34.60
CA HIS V 71 52.42 16.79 -34.30
C HIS V 71 52.92 16.11 -35.57
N GLY V 72 53.47 16.93 -36.47
CA GLY V 72 54.02 16.44 -37.70
C GLY V 72 55.51 16.16 -37.59
N PRO V 73 56.09 15.55 -38.63
CA PRO V 73 57.52 15.21 -38.57
C PRO V 73 58.40 16.43 -38.39
N ASP V 74 59.53 16.22 -37.72
CA ASP V 74 60.52 17.26 -37.45
C ASP V 74 61.48 17.36 -38.63
N PRO V 75 61.72 18.56 -39.18
CA PRO V 75 62.67 18.69 -40.30
C PRO V 75 64.06 18.17 -39.97
N LYS W 65 -36.18 45.65 -28.11
CA LYS W 65 -37.38 45.69 -27.30
C LYS W 65 -37.04 45.58 -25.82
N LEU W 66 -36.34 44.52 -25.46
CA LEU W 66 -35.83 44.33 -24.11
C LEU W 66 -34.33 44.58 -24.07
N GLU W 67 -33.86 45.07 -22.93
CA GLU W 67 -32.45 45.34 -22.75
C GLU W 67 -31.67 44.04 -22.61
N GLY W 68 -30.48 44.01 -23.20
CA GLY W 68 -29.58 42.90 -23.03
C GLY W 68 -29.82 41.74 -23.97
N SER W 69 -29.73 40.51 -23.45
CA SER W 69 -29.79 39.30 -24.24
C SER W 69 -31.10 38.53 -24.06
N LEU W 70 -32.16 39.20 -23.66
CA LEU W 70 -33.42 38.55 -23.37
C LEU W 70 -34.41 38.72 -24.52
N LEU W 71 -35.32 37.76 -24.63
CA LEU W 71 -36.43 37.76 -25.57
C LEU W 71 -37.74 37.65 -24.81
N PRO W 72 -38.86 38.06 -25.41
CA PRO W 72 -40.15 37.93 -24.75
C PRO W 72 -40.43 36.48 -24.35
N PRO W 73 -40.74 36.23 -23.09
CA PRO W 73 -40.95 34.84 -22.64
C PRO W 73 -42.30 34.33 -23.10
N PRO W 74 -42.40 33.06 -23.48
CA PRO W 74 -43.72 32.48 -23.76
C PRO W 74 -44.54 32.33 -22.50
N HIS W 75 -45.86 32.39 -22.66
CA HIS W 75 -46.76 32.19 -21.54
C HIS W 75 -47.00 30.71 -21.34
N ILE W 76 -46.56 30.19 -20.20
CA ILE W 76 -46.71 28.77 -19.86
C ILE W 76 -47.30 28.68 -18.46
N PRO W 77 -48.54 28.19 -18.31
CA PRO W 77 -49.13 28.09 -16.96
C PRO W 77 -48.23 27.30 -16.01
N GLY W 78 -47.98 27.88 -14.84
CA GLY W 78 -47.14 27.29 -13.83
C GLY W 78 -45.79 27.96 -13.65
N ILE W 79 -45.37 28.77 -14.62
CA ILE W 79 -44.08 29.48 -14.56
C ILE W 79 -44.36 30.95 -14.29
N ARG W 80 -44.05 31.40 -13.07
CA ARG W 80 -44.07 32.81 -12.74
C ARG W 80 -42.84 33.49 -13.33
N ARG W 81 -43.05 34.65 -13.96
CA ARG W 81 -42.01 35.34 -14.71
C ARG W 81 -41.57 36.60 -13.97
N ALA W 82 -40.26 36.80 -13.87
CA ALA W 82 -39.73 38.01 -13.28
C ALA W 82 -39.88 39.18 -14.26
N PRO W 83 -39.95 40.41 -13.74
CA PRO W 83 -40.00 41.58 -14.63
C PRO W 83 -38.69 41.78 -15.36
N ARG W 84 -38.78 42.24 -16.61
CA ARG W 84 -37.63 42.40 -17.49
C ARG W 84 -37.52 43.86 -17.92
N GLU W 85 -36.29 44.37 -17.91
CA GLU W 85 -36.06 45.77 -18.24
C GLU W 85 -36.30 46.01 -19.73
N PRO W 86 -36.91 47.14 -20.09
CA PRO W 86 -37.02 47.50 -21.50
C PRO W 86 -35.75 48.14 -22.03
N ALA W 87 -35.64 48.15 -23.36
CA ALA W 87 -34.46 48.70 -24.01
C ALA W 87 -34.36 50.20 -23.77
N SER W 88 -33.12 50.68 -23.69
CA SER W 88 -32.83 52.09 -23.45
C SER W 88 -32.08 52.69 -24.64
N PRO W 89 -31.96 54.01 -24.72
CA PRO W 89 -31.25 54.63 -25.84
C PRO W 89 -29.74 54.40 -25.78
N LYS W 90 -29.13 54.48 -26.95
CA LYS W 90 -27.68 54.33 -27.09
C LYS W 90 -27.00 55.69 -27.05
N MET W 91 -25.67 55.66 -26.94
CA MET W 91 -24.82 56.84 -26.96
C MET W 91 -23.83 56.73 -28.11
N ALA W 92 -23.16 57.84 -28.40
CA ALA W 92 -22.18 57.89 -29.48
C ALA W 92 -20.87 57.25 -29.05
N GLY W 93 -20.25 56.52 -29.98
CA GLY W 93 -18.93 56.00 -29.79
C GLY W 93 -18.79 54.48 -29.70
N MET W 94 -19.79 53.71 -30.13
CA MET W 94 -19.75 52.25 -30.03
C MET W 94 -19.87 51.57 -31.39
N GLU W 95 -19.83 52.32 -32.48
CA GLU W 95 -19.97 51.71 -33.80
C GLU W 95 -18.80 50.79 -34.11
N GLY W 96 -19.10 49.59 -34.60
CA GLY W 96 -18.10 48.64 -35.01
C GLY W 96 -17.49 47.81 -33.89
N ARG W 97 -17.93 48.00 -32.64
CA ARG W 97 -17.36 47.32 -31.50
C ARG W 97 -18.34 46.31 -30.91
N MET W 98 -17.81 45.31 -30.23
CA MET W 98 -18.64 44.30 -29.58
C MET W 98 -19.43 44.98 -28.46
N PRO W 99 -20.76 44.81 -28.41
CA PRO W 99 -21.56 45.63 -27.50
C PRO W 99 -21.41 45.23 -26.03
N VAL W 100 -21.36 46.24 -25.17
CA VAL W 100 -21.39 46.11 -23.72
C VAL W 100 -22.36 47.15 -23.19
N ARG W 101 -23.20 46.77 -22.24
CA ARG W 101 -24.32 47.63 -21.86
C ARG W 101 -23.84 48.83 -21.05
N LEU W 102 -24.67 49.85 -21.05
CA LEU W 102 -24.51 51.07 -20.26
C LEU W 102 -25.18 50.91 -18.91
N PRO W 103 -24.85 51.77 -17.95
CA PRO W 103 -25.53 51.72 -16.66
C PRO W 103 -27.01 52.02 -16.82
N PRO W 104 -27.84 51.58 -15.87
CA PRO W 104 -29.28 51.81 -15.99
C PRO W 104 -29.63 53.29 -16.05
N GLU W 105 -30.86 53.56 -16.49
CA GLU W 105 -31.34 54.93 -16.64
C GLU W 105 -31.23 55.71 -15.33
N GLY W 106 -31.95 55.26 -14.31
CA GLY W 106 -31.89 55.91 -13.01
C GLY W 106 -30.66 55.50 -12.24
N SER W 107 -29.54 56.18 -12.50
CA SER W 107 -28.28 55.83 -11.86
C SER W 107 -27.29 56.97 -12.07
N ARG W 108 -26.48 57.24 -11.05
CA ARG W 108 -25.45 58.27 -11.18
C ARG W 108 -24.38 57.87 -12.17
N PHE W 109 -24.09 56.57 -12.29
CA PHE W 109 -23.06 56.12 -13.21
C PHE W 109 -23.42 56.48 -14.65
N ARG W 110 -24.70 56.40 -15.01
CA ARG W 110 -25.10 56.74 -16.37
C ARG W 110 -24.87 58.22 -16.67
N GLN W 111 -24.97 59.07 -15.65
CA GLN W 111 -24.77 60.50 -15.86
C GLN W 111 -23.32 60.85 -16.16
N TYR W 112 -22.38 59.95 -15.89
CA TYR W 112 -20.96 60.22 -16.04
C TYR W 112 -20.27 59.38 -17.11
N VAL W 113 -20.86 58.28 -17.55
CA VAL W 113 -20.19 57.40 -18.51
C VAL W 113 -20.15 58.05 -19.88
N ASP W 114 -19.07 57.76 -20.63
CA ASP W 114 -18.92 58.19 -22.00
C ASP W 114 -18.09 57.17 -22.78
N PRO W 115 -18.71 56.36 -23.65
CA PRO W 115 -17.95 55.31 -24.34
C PRO W 115 -16.77 55.82 -25.15
N ARG W 116 -16.73 57.10 -25.49
CA ARG W 116 -15.62 57.63 -26.29
C ARG W 116 -14.30 57.59 -25.54
N ALA W 117 -14.33 57.54 -24.20
CA ALA W 117 -13.10 57.48 -23.42
C ALA W 117 -12.44 56.11 -23.46
N ASP W 118 -13.13 55.07 -23.92
CA ASP W 118 -12.52 53.74 -24.01
C ASP W 118 -11.28 53.77 -24.90
N VAL W 119 -11.30 54.59 -25.96
CA VAL W 119 -10.23 54.57 -26.94
C VAL W 119 -8.92 55.08 -26.34
N TYR W 120 -8.99 56.06 -25.41
CA TYR W 120 -7.79 56.64 -24.82
C TYR W 120 -7.30 55.90 -23.59
N PHE W 121 -8.02 54.88 -23.14
CA PHE W 121 -7.66 54.23 -21.87
C PHE W 121 -6.25 53.64 -21.87
N PRO W 122 -5.73 53.08 -22.95
CA PRO W 122 -4.38 52.49 -22.88
C PRO W 122 -3.32 53.48 -22.42
N LEU W 123 -3.51 54.78 -22.67
CA LEU W 123 -2.58 55.80 -22.20
C LEU W 123 -2.92 56.28 -20.80
N THR W 124 -4.20 56.52 -20.53
CA THR W 124 -4.61 56.97 -19.21
C THR W 124 -4.11 56.03 -18.12
N ALA W 125 -4.11 54.73 -18.39
CA ALA W 125 -3.70 53.76 -17.38
C ALA W 125 -2.23 53.91 -17.05
N VAL W 126 -1.39 54.17 -18.07
CA VAL W 126 0.03 54.35 -17.83
C VAL W 126 0.30 55.61 -17.03
N LEU W 127 -0.53 56.64 -17.21
CA LEU W 127 -0.25 57.93 -16.60
C LEU W 127 -0.63 57.97 -15.12
N VAL W 128 -1.75 57.33 -14.75
CA VAL W 128 -2.19 57.42 -13.37
C VAL W 128 -1.28 56.61 -12.44
N THR W 129 -0.68 55.55 -12.96
CA THR W 129 0.17 54.69 -12.15
C THR W 129 1.63 55.13 -12.20
N LEU W 130 2.24 55.07 -13.38
CA LEU W 130 3.66 55.38 -13.53
C LEU W 130 3.95 56.87 -13.48
N GLY W 131 2.94 57.72 -13.69
CA GLY W 131 3.14 59.15 -13.73
C GLY W 131 3.56 59.70 -12.38
N PRO W 132 2.70 59.55 -11.37
CA PRO W 132 3.06 60.03 -10.03
C PRO W 132 4.37 59.45 -9.52
N LEU W 133 4.61 58.16 -9.78
CA LEU W 133 5.85 57.54 -9.31
C LEU W 133 7.06 58.18 -9.96
N TYR W 134 6.97 58.54 -11.24
CA TYR W 134 8.10 59.13 -11.93
C TYR W 134 8.39 60.54 -11.43
N MET W 135 7.35 61.33 -11.18
CA MET W 135 7.56 62.68 -10.69
C MET W 135 8.03 62.67 -9.23
N PHE W 136 7.45 61.80 -8.40
CA PHE W 136 7.89 61.69 -7.02
C PHE W 136 9.35 61.23 -6.95
N SER W 137 9.75 60.35 -7.87
CA SER W 137 11.13 59.84 -7.85
C SER W 137 12.11 60.89 -8.36
N LYS W 138 11.70 61.70 -9.34
CA LYS W 138 12.56 62.71 -9.91
C LYS W 138 12.72 63.94 -9.02
N ALA W 139 12.01 63.99 -7.89
CA ALA W 139 12.04 65.14 -6.98
C ALA W 139 12.75 64.85 -5.66
N PHE W 140 12.57 63.65 -5.10
CA PHE W 140 13.11 63.31 -3.80
C PHE W 140 14.16 62.21 -3.83
N PHE W 141 14.07 61.27 -4.77
CA PHE W 141 15.06 60.19 -4.86
C PHE W 141 16.27 60.67 -5.65
N SER X 53 -11.27 23.71 8.31
CA SER X 53 -12.64 23.42 8.73
C SER X 53 -12.76 21.97 9.18
N TYR X 54 -13.97 21.59 9.61
CA TYR X 54 -14.19 20.25 10.13
C TYR X 54 -14.08 19.22 9.01
N GLY X 55 -13.26 18.19 9.24
CA GLY X 55 -13.14 17.08 8.32
C GLY X 55 -11.80 16.90 7.66
N ASN X 56 -10.87 17.84 7.77
CA ASN X 56 -9.56 17.73 7.13
C ASN X 56 -8.46 17.99 8.15
N GLY X 57 -7.24 17.62 7.76
CA GLY X 57 -6.08 17.74 8.62
C GLY X 57 -5.04 18.75 8.17
N THR X 58 -5.47 19.77 7.44
CA THR X 58 -4.60 20.90 7.10
C THR X 58 -4.61 21.85 8.30
N VAL X 59 -3.68 21.61 9.23
CA VAL X 59 -3.71 22.26 10.54
C VAL X 59 -2.51 23.16 10.80
N LEU X 60 -1.46 23.09 9.98
CA LEU X 60 -0.31 23.97 10.15
C LEU X 60 -0.37 25.21 9.26
N MET X 61 -0.89 25.09 8.04
CA MET X 61 -0.93 26.24 7.13
C MET X 61 -1.74 27.40 7.70
N PRO X 62 -2.86 27.19 8.39
CA PRO X 62 -3.54 28.34 9.03
C PRO X 62 -2.70 29.04 10.08
N ILE X 63 -1.76 28.34 10.71
CA ILE X 63 -0.87 28.97 11.67
C ILE X 63 0.20 29.78 10.94
N VAL X 64 0.75 29.22 9.86
CA VAL X 64 1.74 29.93 9.06
C VAL X 64 1.15 31.22 8.50
N ARG X 65 -0.13 31.19 8.12
CA ARG X 65 -0.77 32.38 7.56
C ARG X 65 -0.78 33.53 8.57
N ARG X 66 -1.13 33.24 9.82
CA ARG X 66 -1.25 34.29 10.83
C ARG X 66 0.11 34.81 11.27
N VAL X 67 1.15 33.98 11.21
CA VAL X 67 2.48 34.44 11.58
C VAL X 67 3.07 35.32 10.49
N PHE X 68 2.89 34.94 9.23
CA PHE X 68 3.42 35.73 8.12
C PHE X 68 2.78 37.11 8.08
N ILE X 69 1.45 37.17 8.15
CA ILE X 69 0.76 38.46 8.14
C ILE X 69 1.29 39.35 9.26
N GLY X 70 1.33 38.82 10.48
CA GLY X 70 1.83 39.61 11.60
C GLY X 70 3.24 40.12 11.38
N ALA X 71 4.10 39.28 10.79
CA ALA X 71 5.47 39.70 10.54
C ALA X 71 5.52 40.86 9.55
N LEU X 72 4.65 40.84 8.53
CA LEU X 72 4.65 41.92 7.55
C LEU X 72 4.19 43.24 8.17
N VAL X 73 3.15 43.19 9.00
CA VAL X 73 2.65 44.40 9.64
C VAL X 73 3.73 45.05 10.50
N GLY X 74 4.63 44.24 11.07
CA GLY X 74 5.67 44.79 11.92
C GLY X 74 6.85 45.36 11.16
N ILE X 75 7.15 44.80 9.98
CA ILE X 75 8.28 45.28 9.20
C ILE X 75 7.98 46.65 8.61
N TYR X 76 6.79 46.81 8.04
CA TYR X 76 6.42 48.07 7.41
C TYR X 76 5.97 49.13 8.41
N ALA X 77 5.78 48.76 9.68
CA ALA X 77 5.51 49.73 10.71
C ALA X 77 6.78 50.22 11.38
N TYR X 78 7.83 49.40 11.40
CA TYR X 78 9.11 49.80 11.94
C TYR X 78 9.89 50.70 10.99
N ALA X 79 9.58 50.64 9.70
CA ALA X 79 10.26 51.49 8.70
C ALA X 79 9.61 52.86 8.61
N ALA X 80 8.29 52.93 8.72
CA ALA X 80 7.61 54.22 8.65
C ALA X 80 7.99 55.11 9.83
N THR X 81 8.02 54.55 11.03
CA THR X 81 8.39 55.33 12.21
C THR X 81 9.82 55.84 12.13
N ASP X 82 10.67 55.19 11.33
CA ASP X 82 12.05 55.63 11.17
C ASP X 82 12.21 56.66 10.05
N VAL X 83 11.34 56.62 9.04
CA VAL X 83 11.42 57.54 7.90
C VAL X 83 10.41 58.66 8.03
N VAL X 84 9.13 58.33 8.25
CA VAL X 84 8.07 59.32 8.31
C VAL X 84 7.96 59.87 9.74
N LEU X 85 7.24 59.16 10.60
CA LEU X 85 7.06 59.60 11.98
C LEU X 85 8.41 59.63 12.70
C1 CDL Y . 23.53 -17.02 25.10
O1 CDL Y . 24.79 -17.26 25.74
CA2 CDL Y . 23.63 -17.40 23.65
OA2 CDL Y . 23.63 -18.84 23.55
PA1 CDL Y . 22.57 -19.60 22.64
OA3 CDL Y . 22.63 -21.04 22.98
OA4 CDL Y . 21.26 -18.90 22.71
OA5 CDL Y . 23.18 -19.41 21.18
CA3 CDL Y . 24.02 -20.42 20.59
CA4 CDL Y . 25.25 -19.77 20.01
OA6 CDL Y . 25.92 -19.03 21.07
CA5 CDL Y . 26.79 -19.71 21.84
OA7 CDL Y . 27.19 -20.81 21.59
C11 CDL Y . 27.19 -18.91 23.04
C12 CDL Y . 28.09 -19.67 24.00
C13 CDL Y . 29.56 -19.34 23.81
C14 CDL Y . 30.45 -20.00 24.85
C15 CDL Y . 31.93 -19.76 24.64
C16 CDL Y . 32.81 -20.76 25.36
C17 CDL Y . 34.29 -20.39 25.37
C18 CDL Y . 35.18 -21.50 25.91
C19 CDL Y . 36.65 -21.13 25.99
C20 CDL Y . 37.56 -22.30 26.30
C21 CDL Y . 39.03 -21.94 26.40
C22 CDL Y . 39.95 -23.15 26.48
C23 CDL Y . 41.41 -22.80 26.64
C24 CDL Y . 41.79 -22.32 28.03
C25 CDL Y . 43.27 -22.01 28.18
C26 CDL Y . 43.70 -21.62 29.59
C27 CDL Y . 43.56 -22.75 30.58
CA6 CDL Y . 24.90 -18.80 18.92
OA8 CDL Y . 26.08 -18.05 18.58
CA7 CDL Y . 26.18 -16.80 19.03
OA9 CDL Y . 25.41 -16.32 19.83
C31 CDL Y . 27.33 -16.06 18.42
C32 CDL Y . 28.68 -16.68 18.75
C33 CDL Y . 28.95 -16.80 20.23
C34 CDL Y . 30.36 -17.24 20.56
C35 CDL Y . 31.38 -16.12 20.55
C36 CDL Y . 32.78 -16.56 20.14
C37 CDL Y . 33.02 -16.50 18.65
C38 CDL Y . 33.65 -15.19 18.18
C39 CDL Y . 35.15 -15.17 18.31
C40 CDL Y . 35.77 -13.78 18.19
C41 CDL Y . 37.27 -13.80 17.92
C42 CDL Y . 37.94 -12.44 18.05
C43 CDL Y . 39.12 -12.25 17.12
C44 CDL Y . 40.35 -11.65 17.79
C45 CDL Y . 41.25 -12.68 18.45
C46 CDL Y . 42.57 -12.11 18.96
C47 CDL Y . 43.54 -13.17 19.41
CB2 CDL Y . 23.14 -15.58 25.34
OB2 CDL Y . 22.84 -15.40 26.74
PB2 CDL Y . 22.50 -13.95 27.31
OB3 CDL Y . 22.49 -14.03 28.78
OB4 CDL Y . 21.29 -13.43 26.61
OB5 CDL Y . 23.75 -13.05 26.90
CB3 CDL Y . 24.95 -13.08 27.69
CB4 CDL Y . 25.20 -11.69 28.24
OB6 CDL Y . 25.48 -10.83 27.09
CB5 CDL Y . 25.03 -9.57 27.13
OB7 CDL Y . 24.18 -9.18 27.90
C51 CDL Y . 25.71 -8.73 26.10
C52 CDL Y . 26.01 -7.32 26.58
C53 CDL Y . 27.11 -6.66 25.78
C54 CDL Y . 26.81 -6.52 24.31
C55 CDL Y . 28.05 -6.53 23.43
C56 CDL Y . 28.78 -5.21 23.35
C57 CDL Y . 30.28 -5.33 23.30
C58 CDL Y . 30.82 -6.05 22.08
C59 CDL Y . 32.17 -6.72 22.31
C60 CDL Y . 32.09 -8.02 23.08
C61 CDL Y . 31.57 -9.19 22.27
C62 CDL Y . 31.18 -10.41 23.08
C63 CDL Y . 30.01 -10.19 24.03
C64 CDL Y . 29.30 -11.45 24.47
C65 CDL Y . 28.51 -12.13 23.37
C66 CDL Y . 27.57 -13.22 23.87
C67 CDL Y . 26.79 -13.88 22.76
CB6 CDL Y . 26.40 -11.65 29.15
OB8 CDL Y . 26.44 -10.36 29.79
CB7 CDL Y . 26.24 -10.32 31.10
OB9 CDL Y . 26.46 -11.24 31.84
C71 CDL Y . 25.71 -8.99 31.54
C72 CDL Y . 26.02 -8.67 32.99
C73 CDL Y . 27.50 -8.42 33.24
C74 CDL Y . 27.81 -7.96 34.64
C75 CDL Y . 29.16 -7.28 34.78
C76 CDL Y . 30.35 -8.21 34.62
C77 CDL Y . 31.68 -7.48 34.44
C78 CDL Y . 31.95 -6.40 35.48
C79 CDL Y . 33.31 -5.72 35.33
C80 CDL Y . 34.51 -6.62 35.57
C81 CDL Y . 34.64 -7.13 37.00
C82 CDL Y . 34.04 -8.51 37.22
C83 CDL Y . 34.03 -8.97 38.67
C84 CDL Y . 35.40 -9.20 39.27
C85 CDL Y . 36.00 -7.99 39.99
C86 CDL Y . 35.62 -7.87 41.47
C87 CDL Y . 34.15 -7.64 41.71
H1 CDL Y . 22.88 -17.70 25.65
H1O1 CDL Y . 24.68 -18.05 26.33
HA22 CDL Y . 24.51 -17.00 23.16
HA21 CDL Y . 22.78 -17.04 23.07
HA32 CDL Y . 24.28 -21.18 21.33
HA31 CDL Y . 23.45 -20.93 19.82
HA4 CDL Y . 25.89 -20.54 19.59
H112 CDL Y . 26.31 -18.55 23.58
H111 CDL Y . 27.68 -18.00 22.70
H122 CDL Y . 27.92 -20.73 23.88
H121 CDL Y . 27.79 -19.45 25.02
H132 CDL Y . 29.70 -18.27 23.85
H131 CDL Y . 29.87 -19.63 22.82
H142 CDL Y . 30.25 -21.07 24.87
H141 CDL Y . 30.16 -19.66 25.85
H152 CDL Y . 32.19 -18.75 24.96
H151 CDL Y . 32.14 -19.77 23.57
H162 CDL Y . 32.68 -21.74 24.90
H161 CDL Y . 32.46 -20.89 26.38
H172 CDL Y . 34.43 -19.48 25.95
H171 CDL Y . 34.61 -20.12 24.36
H182 CDL Y . 35.07 -22.38 25.29
H181 CDL Y . 34.82 -21.81 26.89
H192 CDL Y . 36.79 -20.35 26.75
H191 CDL Y . 36.96 -20.65 25.06
H202 CDL Y . 37.43 -23.06 25.53
H201 CDL Y . 37.24 -22.79 27.22
H212 CDL Y . 39.19 -21.30 27.25
H211 CDL Y . 39.31 -21.34 25.54
H222 CDL Y . 39.81 -23.77 25.60
H221 CDL Y . 39.63 -23.79 27.29
H232 CDL Y . 41.68 -22.05 25.90
H231 CDL Y . 42.02 -23.66 26.36
H242 CDL Y . 41.49 -23.07 28.76
H241 CDL Y . 41.20 -21.44 28.29
H252 CDL Y . 43.54 -21.21 27.49
H251 CDL Y . 43.85 -22.87 27.86
H262 CDL Y . 43.12 -20.76 29.92
H261 CDL Y . 44.73 -21.27 29.57
H273 CDL Y . 44.06 -23.66 30.25
H272 CDL Y . 42.51 -23.01 30.77
H271 CDL Y . 44.00 -22.50 31.55
HA62 CDL Y . 24.08 -18.15 19.21
HA61 CDL Y . 24.58 -19.32 18.02
H312 CDL Y . 27.21 -16.02 17.35
H311 CDL Y . 27.30 -15.04 18.75
H322 CDL Y . 29.48 -16.07 18.28
H321 CDL Y . 28.77 -17.64 18.27
H332 CDL Y . 28.24 -17.51 20.67
H331 CDL Y . 28.74 -15.85 20.72
H342 CDL Y . 30.67 -18.01 19.84
H341 CDL Y . 30.37 -17.75 21.52
H352 CDL Y . 31.43 -15.66 21.54
H351 CDL Y . 31.05 -15.33 19.89
H362 CDL Y . 33.53 -15.96 20.66
H361 CDL Y . 32.96 -17.57 20.50
H372 CDL Y . 32.09 -16.68 18.12
H371 CDL Y . 33.66 -17.33 18.36
H382 CDL Y . 33.22 -14.37 18.74
H381 CDL Y . 33.36 -15.01 17.15
H392 CDL Y . 35.60 -15.82 17.54
H391 CDL Y . 35.46 -15.62 19.25
H402 CDL Y . 35.56 -13.21 19.10
H401 CDL Y . 35.27 -13.23 17.40
H412 CDL Y . 37.74 -14.50 18.61
H411 CDL Y . 37.46 -14.21 16.93
H422 CDL Y . 38.26 -12.29 19.08
H421 CDL Y . 37.21 -11.66 17.88
H432 CDL Y . 38.82 -11.62 16.28
H431 CDL Y . 39.39 -13.20 16.66
H442 CDL Y . 40.04 -10.91 18.52
H441 CDL Y . 40.92 -11.07 17.06
H452 CDL Y . 40.72 -13.16 19.26
H451 CDL Y . 41.46 -13.49 17.75
H462 CDL Y . 42.37 -11.42 19.78
H461 CDL Y . 43.02 -11.49 18.19
H473 CDL Y . 43.59 -14.00 18.71
H472 CDL Y . 44.55 -12.79 19.51
H471 CDL Y . 43.26 -13.59 20.38
HB22 CDL Y . 22.28 -15.30 24.74
HB21 CDL Y . 23.95 -14.90 25.09
HB32 CDL Y . 25.77 -13.38 27.05
HB31 CDL Y . 24.87 -13.83 28.48
HB4 CDL Y . 24.30 -11.36 28.74
H512 CDL Y . 25.08 -8.71 25.22
H511 CDL Y . 26.64 -9.21 25.77
H522 CDL Y . 26.27 -7.33 27.64
H521 CDL Y . 25.11 -6.72 26.54
H532 CDL Y . 28.04 -7.22 25.91
H531 CDL Y . 27.33 -5.68 26.19
H542 CDL Y . 26.24 -5.62 24.13
H541 CDL Y . 26.13 -7.31 23.98
H552 CDL Y . 28.73 -7.30 23.78
H551 CDL Y . 27.78 -6.86 22.42
H562 CDL Y . 28.43 -4.65 22.48
H561 CDL Y . 28.48 -4.58 24.20
H572 CDL Y . 30.72 -4.33 23.34
H571 CDL Y . 30.64 -5.82 24.21
H582 CDL Y . 30.89 -5.36 21.24
H581 CDL Y . 30.10 -6.79 21.75
H592 CDL Y . 32.82 -6.03 22.83
H591 CDL Y . 32.66 -6.89 21.36
H602 CDL Y . 33.08 -8.27 23.48
H601 CDL Y . 31.47 -7.89 23.97
H612 CDL Y . 30.71 -8.87 21.68
H611 CDL Y . 32.31 -9.47 21.53
H622 CDL Y . 32.04 -10.76 23.65
H621 CDL Y . 30.95 -11.25 22.42
H632 CDL Y . 29.30 -9.51 23.56
H631 CDL Y . 30.36 -9.63 24.91
H642 CDL Y . 28.64 -11.22 25.31
H641 CDL Y . 30.02 -12.14 24.89
H652 CDL Y . 27.93 -11.39 22.83
H651 CDL Y . 29.19 -12.54 22.63
H662 CDL Y . 28.15 -13.98 24.41
H661 CDL Y . 26.89 -12.81 24.60
H673 CDL Y . 27.44 -14.37 22.02
H672 CDL Y . 26.18 -13.18 22.20
H671 CDL Y . 26.12 -14.65 23.13
HB62 CDL Y . 26.33 -12.45 29.88
HB61 CDL Y . 27.33 -11.81 28.61
H712 CDL Y . 26.15 -8.23 30.89
H711 CDL Y . 24.64 -8.93 31.36
H722 CDL Y . 25.44 -7.81 33.30
H721 CDL Y . 25.67 -9.48 33.63
H732 CDL Y . 28.06 -9.33 33.02
H731 CDL Y . 27.87 -7.70 32.52
H742 CDL Y . 27.77 -8.81 35.32
H741 CDL Y . 27.03 -7.30 34.99
H752 CDL Y . 29.24 -6.47 34.07
H751 CDL Y . 29.22 -6.78 35.75
H762 CDL Y . 30.18 -8.87 33.78
H761 CDL Y . 30.41 -8.88 35.48
H772 CDL Y . 32.49 -8.22 34.45
H771 CDL Y . 31.72 -7.05 33.45
H782 CDL Y . 31.86 -6.80 36.48
H781 CDL Y . 31.17 -5.64 35.43
H792 CDL Y . 33.38 -5.28 34.33
H791 CDL Y . 33.36 -4.86 36.00
H802 CDL Y . 34.49 -7.46 34.88
H801 CDL Y . 35.41 -6.08 35.30
H812 CDL Y . 34.19 -6.42 37.69
H811 CDL Y . 35.69 -7.15 37.28
H822 CDL Y . 34.58 -9.24 36.62
H821 CDL Y . 33.03 -8.55 36.81
H832 CDL Y . 33.48 -8.25 39.26
H831 CDL Y . 33.44 -9.89 38.76
H842 CDL Y . 35.37 -10.05 39.96
H841 CDL Y . 36.09 -9.52 38.49
H852 CDL Y . 37.08 -8.01 39.89
H851 CDL Y . 35.69 -7.08 39.48
H862 CDL Y . 36.20 -7.07 41.92
H861 CDL Y . 35.95 -8.77 42.00
H873 CDL Y . 33.96 -7.37 42.75
H872 CDL Y . 33.55 -8.51 41.50
H871 CDL Y . 33.77 -6.83 41.11
C4 A1IJD Z . 14.62 -6.07 14.02
C6 A1IJD Z . 14.91 -6.97 15.15
C7 A1IJD Z . 14.47 -8.31 15.14
C8 A1IJD Z . 14.74 -9.12 16.22
C10 A1IJD Z . 15.87 -7.35 17.35
N12 A1IJD Z . 16.03 -5.17 16.31
C17 A1IJD Z . 13.50 -3.51 12.61
C20 A1IJD Z . 15.59 -2.21 11.34
C21 A1IJD Z . 15.85 -3.08 12.38
C24 A1IJD Z . 15.61 -0.17 8.27
C24 A1IJD Z . 12.03 -0.34 8.82
C26 A1IJD Z . 16.64 1.91 8.85
C26 A1IJD Z . 11.02 1.65 9.70
C28 A1IJD Z . 15.09 0.90 10.37
C28 A1IJD Z . 13.00 0.75 10.73
C1 A1IJD Z . 16.29 -2.89 15.56
C11 A1IJD Z . 15.61 -6.50 16.27
C14 A1IJD Z . 16.34 -9.10 19.50
C16 A1IJD Z . 14.81 -3.74 13.03
C18 A1IJD Z . 13.24 -2.63 11.56
C19 A1IJD Z . 14.29 -1.99 10.92
C2 A1IJD Z . 15.78 -4.27 15.29
C3 A1IJD Z . 15.09 -4.68 14.14
C9 A1IJD Z . 15.44 -8.66 17.33
O13 A1IJD Z . 15.64 -9.55 18.34
O22 A1IJD Z . 14.04 -1.20 9.80
O5 A1IJD Z . 14.02 -6.47 13.02
CL15 A1IJD Z . 14.21 -10.78 16.17
C23 A1IJD Z . 14.91 -0.15 9.48
C23 A1IJD Z . 13.01 -0.27 9.80
C25 A1IJD Z . 16.47 0.86 7.96
C25 A1IJD Z . 11.03 0.62 8.77
C27 A1IJD Z . 15.95 1.93 10.05
C27 A1IJD Z . 12.00 1.71 10.67
C30 A1IJD Z . 18.83 2.75 8.76
C30 A1IJD Z . 10.29 3.73 8.92
F31 A1IJD Z . 19.35 3.72 9.49
F31 A1IJD Z . 9.28 4.58 8.95
F32 A1IJD Z . 19.52 2.68 7.65
F32 A1IJD Z . 10.51 3.42 7.65
F33 A1IJD Z . 19.04 1.62 9.43
F33 A1IJD Z . 11.35 4.37 9.36
O29 A1IJD Z . 17.54 2.95 8.53
O29 A1IJD Z . 10.03 2.63 9.64
H7 A1IJD Z . 13.98 -8.65 14.37
H10 A1IJD Z . 16.36 -6.99 18.11
H12 A1IJD Z . 16.48 -4.89 17.01
H17 A1IJD Z . 12.76 -3.94 13.07
H20 A1IJD Z . 16.34 -1.75 10.91
H21 A1IJD Z . 16.78 -3.21 12.67
H24 A1IJD Z . 15.48 -0.91 7.65
H24 A1IJD Z . 12.03 -1.07 8.16
H28 A1IJD Z . 14.61 0.92 11.21
H28 A1IJD Z . 13.68 0.81 11.42
H1B A1IJD Z . 16.81 -2.57 14.80
H1A A1IJD Z . 16.87 -2.90 16.35
H1C A1IJD Z . 15.58 -2.24 15.74
H14C A1IJD Z . 16.44 -9.86 20.10
H14B A1IJD Z . 15.85 -8.41 19.98
H14A A1IJD Z . 17.25 -8.79 19.27
H18 A1IJD Z . 12.32 -2.49 11.28
H25 A1IJD Z . 16.95 0.85 7.11
H25 A1IJD Z . 10.34 0.57 8.08
H27 A1IJD Z . 16.05 2.65 10.69
H27 A1IJD Z . 12.02 2.42 11.35
C4 A1IJD AA . 34.72 -14.76 6.78
C6 A1IJD AA . 34.12 -15.93 7.45
C7 A1IJD AA . 33.46 -15.78 8.68
C8 A1IJD AA . 32.92 -16.88 9.30
C10 A1IJD AA . 33.66 -18.30 7.54
N12 A1IJD AA . 34.87 -17.36 5.67
C17 A1IJD AA . 37.23 -13.35 5.16
C20 A1IJD AA . 35.88 -12.24 3.00
C21 A1IJD AA . 35.33 -13.31 3.69
C24 A1IJD AA . 39.73 -11.38 1.87
C26 A1IJD AA . 41.65 -9.96 2.07
C28 A1IJD AA . 39.56 -9.26 2.98
C1 A1IJD AA . 36.12 -16.71 3.72
C11 A1IJD AA . 34.21 -17.21 6.88
C14 A1IJD AA . 32.54 -20.49 8.90
C16 A1IJD AA . 35.99 -13.88 4.77
C18 A1IJD AA . 37.78 -12.29 4.47
C19 A1IJD AA . 37.10 -11.73 3.40
C2 A1IJD AA . 35.46 -16.32 4.99
C3 A1IJD AA . 35.40 -15.02 5.50
C9 A1IJD AA . 33.01 -18.14 8.75
O13 A1IJD AA . 32.46 -19.18 9.46
O22 A1IJD AA . 37.60 -10.61 2.72
O5 A1IJD AA . 34.66 -13.63 7.26
CL15 A1IJD AA . 32.11 -16.66 10.83
C23 A1IJD AA . 38.97 -10.43 2.54
C25 A1IJD AA . 41.07 -11.15 1.64
C27 A1IJD AA . 40.90 -9.02 2.74
C30 A1IJD AA . 43.79 -9.22 2.73
F31 A1IJD AA . 45.07 -9.44 2.46
F32 A1IJD AA . 43.54 -9.78 3.91
F33 A1IJD AA . 43.64 -7.92 2.87
O29 A1IJD AA . 43.01 -9.72 1.78
H7 A1IJD AA . 33.40 -14.89 9.08
H10 A1IJD AA . 33.74 -19.18 7.12
H12 A1IJD AA . 34.91 -18.17 5.32
H17 A1IJD AA . 37.71 -13.74 5.91
H20 A1IJD AA . 35.40 -11.85 2.25
H21 A1IJD AA . 34.46 -13.66 3.41
H24 A1IJD AA . 39.31 -12.21 1.57
H28 A1IJD AA . 39.02 -8.59 3.45
H1B A1IJD AA . 35.57 -16.42 2.95
H1A A1IJD AA . 36.21 -17.70 3.67
H1C A1IJD AA . 37.02 -16.34 3.60
H14C A1IJD AA . 32.12 -21.10 9.52
H14B A1IJD AA . 33.47 -20.77 8.78
H14A A1IJD AA . 32.06 -20.53 8.05
H18 A1IJD AA . 38.65 -11.92 4.74
H25 A1IJD AA . 41.61 -11.81 1.16
H27 A1IJD AA . 41.27 -8.18 3.07
CHA HEM BA . 39.66 7.63 8.26
CHB HEM BA . 36.90 3.65 8.52
CHC HEM BA . 33.01 6.30 7.41
CHD HEM BA . 35.83 10.16 6.71
C1A HEM BA . 39.24 6.32 8.46
C2A HEM BA . 40.08 5.24 8.92
C3A HEM BA . 39.32 4.14 8.99
C4A HEM BA . 37.98 4.49 8.58
CMA HEM BA . 39.77 2.73 9.43
CAA HEM BA . 41.58 5.33 9.27
CBA HEM BA . 41.72 5.79 10.72
CGA HEM BA . 43.17 6.01 11.07
O1A HEM BA . 43.91 5.00 11.23
O2A HEM BA . 43.59 7.19 11.20
C1B HEM BA . 35.59 4.01 8.26
C2B HEM BA . 34.44 3.13 8.29
C3B HEM BA . 33.36 3.86 7.98
C4B HEM BA . 33.80 5.22 7.75
CMB HEM BA . 34.49 1.62 8.61
CAB HEM BA . 31.88 3.43 7.87
CBB HEM BA . 31.45 2.20 8.09
C1C HEM BA . 33.43 7.55 7.04
C2C HEM BA . 32.63 8.59 6.43
C3C HEM BA . 33.41 9.66 6.23
C4C HEM BA . 34.73 9.33 6.73
CMC HEM BA . 31.13 8.43 6.07
CAC HEM BA . 33.05 11.03 5.61
CBC HEM BA . 31.85 11.30 5.10
C1D HEM BA . 37.11 9.83 7.08
C2D HEM BA . 38.27 10.69 7.09
C3D HEM BA . 39.33 10.00 7.51
C4D HEM BA . 38.87 8.66 7.80
CMD HEM BA . 38.27 12.17 6.66
CAD HEM BA . 40.79 10.50 7.66
CBD HEM BA . 41.09 10.90 9.11
CGD HEM BA . 41.89 9.84 9.83
O1D HEM BA . 42.57 9.01 9.18
O2D HEM BA . 41.84 9.85 11.08
NA HEM BA . 37.97 5.84 8.27
NB HEM BA . 35.17 5.27 7.93
NC HEM BA . 34.70 8.04 7.21
ND HEM BA . 37.52 8.59 7.53
FE HEM BA . 36.32 6.97 7.92
HHB HEM BA . 37.06 2.71 8.75
HHC HEM BA . 32.05 6.11 7.32
HHD HEM BA . 35.72 11.01 6.25
HMA HEM BA . 39.08 2.09 9.20
HMAA HEM BA . 39.94 2.73 10.39
HMAB HEM BA . 40.58 2.49 8.95
HAA HEM BA . 42.00 5.97 8.70
HAAA HEM BA . 42.00 4.47 9.16
HBA HEM BA . 41.36 5.12 11.32
HBAA HEM BA . 41.24 6.61 10.85
HMB HEM BA . 35.41 1.33 8.66
HMBA HEM BA . 34.03 1.13 7.94
HMBB HEM BA . 34.08 1.46 9.47
HAB HEM BA . 31.21 4.12 7.75
HBB HEM BA . 30.56 1.94 7.81
HBBA HEM BA . 31.95 1.60 8.67
HMC HEM BA . 30.66 9.25 6.27
HMCA HEM BA . 30.74 7.72 6.60
HMCB HEM BA . 31.03 8.22 5.14
HAC HEM BA . 33.74 11.67 5.50
HBC HEM BA . 31.41 12.13 5.33
HBCA HEM BA . 31.35 10.61 4.63
HMD HEM BA . 39.19 12.52 6.65
HMDA HEM BA . 37.74 12.69 7.29
HMDB HEM BA . 37.89 12.25 5.76
HAD HEM BA . 40.91 11.28 7.10
HADA HEM BA . 41.40 9.81 7.38
HBD HEM BA . 40.26 11.05 9.58
HBDA HEM BA . 41.60 11.72 9.10
HHA HEM BA . 40.62 7.75 8.15
CHA HEM CA . 19.43 -10.19 10.84
CHB HEM CA . 21.38 -5.78 10.31
CHC HEM CA . 25.15 -7.75 8.01
CHD HEM CA . 22.75 -11.96 7.80
C1A HEM CA . 19.69 -8.85 10.98
C2A HEM CA . 18.99 -7.94 11.87
C3A HEM CA . 19.51 -6.73 11.73
C4A HEM CA . 20.58 -6.82 10.75
CMA HEM CA . 19.07 -5.45 12.49
CAA HEM CA . 17.83 -8.34 12.80
CBA HEM CA . 18.31 -8.43 14.26
CGA HEM CA . 19.35 -9.51 14.42
O1A HEM CA . 20.48 -9.19 14.86
O2A HEM CA . 19.05 -10.69 14.10
C1B HEM CA . 22.58 -5.92 9.65
C2B HEM CA . 23.51 -4.85 9.32
C3B HEM CA . 24.56 -5.39 8.69
C4B HEM CA . 24.32 -6.82 8.59
CMB HEM CA . 23.28 -3.37 9.69
CAB HEM CA . 25.81 -4.69 8.12
CBB HEM CA . 25.87 -3.37 7.92
C1C HEM CA . 24.86 -9.09 7.81
C2C HEM CA . 25.76 -10.10 7.31
C3C HEM CA . 25.10 -11.26 7.26
C4C HEM CA . 23.75 -11.01 7.72
CMC HEM CA . 27.23 -9.84 6.93
CAC HEM CA . 25.60 -12.64 6.79
CBC HEM CA . 26.62 -12.79 5.96
C1D HEM CA . 21.64 -11.86 8.61
C2D HEM CA . 20.66 -12.91 8.85
C3D HEM CA . 19.74 -12.42 9.69
C4D HEM CA . 20.10 -11.05 10.01
CMD HEM CA . 20.70 -14.32 8.25
CAD HEM CA . 18.51 -13.19 10.23
CBD HEM CA . 18.90 -13.99 11.47
CGD HEM CA . 17.76 -14.85 11.95
O1D HEM CA . 17.99 -16.06 12.20
O2D HEM CA . 16.62 -14.33 12.08
NA HEM CA . 20.65 -8.12 10.32
NB HEM CA . 23.11 -7.10 9.19
NC HEM CA . 23.63 -9.68 8.04
ND HEM CA . 21.27 -10.75 9.33
FE HEM CA . 22.24 -8.94 9.35
HHB HEM CA . 21.21 -4.90 10.70
HHC HEM CA . 25.94 -7.42 7.54
HHD HEM CA . 22.97 -12.85 7.48
HMA HEM CA . 18.13 -5.28 12.33
HMAA HEM CA . 19.59 -4.69 12.19
HMAB HEM CA . 19.21 -5.59 13.45
HAA HEM CA . 17.49 -9.21 12.54
HAAA HEM CA . 17.11 -7.70 12.73
HBA HEM CA . 17.56 -8.63 14.82
HBAA HEM CA . 18.69 -7.58 14.52
HMB HEM CA . 24.13 -2.95 9.89
HMBA HEM CA . 22.70 -3.31 10.45
HMBB HEM CA . 22.86 -2.90 8.95
HAB HEM CA . 26.60 -5.21 7.93
HBB HEM CA . 26.70 -2.99 7.59
HBBA HEM CA . 25.07 -2.84 7.90
HMC HEM CA . 27.73 -10.66 6.96
HMCA HEM CA . 27.62 -9.22 7.57
HMCB HEM CA . 27.29 -9.46 6.05
HAC HEM CA . 25.21 -13.43 7.18
HBC HEM CA . 26.90 -13.68 5.70
HBCA HEM CA . 26.94 -12.04 5.45
HMD HEM CA . 19.88 -14.80 8.45
HMDA HEM CA . 21.47 -14.81 8.61
HMDB HEM CA . 20.80 -14.26 7.28
HAD HEM CA . 18.18 -13.78 9.56
HADA HEM CA . 17.81 -12.55 10.47
HBD HEM CA . 19.15 -13.37 12.18
HBDA HEM CA . 19.66 -14.55 11.25
HHA HEM CA . 18.79 -10.59 11.46
MG MG DA . 17.09 -30.88 1.21
FE HEC EA . 69.65 9.97 18.24
CHA HEC EA . 68.60 7.41 16.20
CHB HEC EA . 67.08 9.28 20.42
CHC HEC EA . 70.97 12.18 20.52
CHD HEC EA . 72.22 10.72 16.07
NA HEC EA . 68.15 8.56 18.32
C1A HEC EA . 67.84 7.67 17.31
C2A HEC EA . 66.58 7.05 17.65
C3A HEC EA . 66.17 7.56 18.81
C4A HEC EA . 67.14 8.53 19.26
CMA HEC EA . 64.86 7.19 19.56
CAA HEC EA . 65.86 5.98 16.80
CBA HEC EA . 66.15 4.58 17.30
CGA HEC EA . 65.35 3.60 16.47
O1A HEC EA . 65.20 3.85 15.25
O2A HEC EA . 64.88 2.58 17.02
NB HEC EA . 69.12 10.61 20.11
C1B HEC EA . 68.03 10.19 20.84
C2B HEC EA . 68.06 10.86 22.11
C3B HEC EA . 69.13 11.66 22.13
C4B HEC EA . 69.82 11.52 20.88
CMB HEC EA . 67.03 10.71 23.24
CAB HEC EA . 69.56 12.57 23.30
CBB HEC EA . 69.81 11.73 24.58
NC HEC EA . 71.30 11.22 18.29
C1C HEC EA . 71.65 12.06 19.33
C2C HEC EA . 72.89 12.72 18.94
C3C HEC EA . 73.23 12.35 17.71
C4C HEC EA . 72.23 11.38 17.28
CMC HEC EA . 73.62 13.79 19.78
CAC HEC EA . 74.44 12.86 16.89
CBC HEC EA . 75.79 12.71 17.64
ND HEC EA . 70.30 9.19 16.41
C1D HEC EA . 71.41 9.66 15.72
C2D HEC EA . 71.60 8.83 14.54
C3D HEC EA . 70.47 7.80 14.58
C4D HEC EA . 69.72 8.10 15.78
CMD HEC EA . 72.69 8.97 13.47
CAD HEC EA . 70.22 6.67 13.54
CBD HEC EA . 70.70 5.32 14.09
CGD HEC EA . 70.64 4.27 13.02
O1D HEC EA . 71.40 3.26 13.11
O2D HEC EA . 69.83 4.41 12.07
HHA HEC EA . 68.32 6.66 15.64
HHB HEC EA . 66.31 9.15 21.00
HHC HEC EA . 71.37 12.75 21.21
HMA1 HEC EA . 64.40 8.00 19.83
HMA2 HEC EA . 65.10 6.67 20.36
HMA3 HEC EA . 64.29 6.66 18.99
HAA1 HEC EA . 66.17 6.05 15.88
HAA2 HEC EA . 64.91 6.15 16.84
HBA1 HEC EA . 65.90 4.50 18.24
HBA2 HEC EA . 67.09 4.38 17.21
HMB1 HEC EA . 67.45 10.24 23.99
HMB2 HEC EA . 66.28 10.18 22.92
HMB3 HEC EA . 66.72 11.58 23.52
HAB HEC EA . 69.98 13.44 23.39
HBB1 HEC EA . 70.69 11.95 24.91
HBB2 HEC EA . 69.77 10.79 24.37
HBB3 HEC EA . 69.13 11.95 25.24
HMC1 HEC EA . 73.77 14.58 19.24
HMC2 HEC EA . 74.47 13.44 20.08
HMC3 HEC EA . 73.07 14.01 20.54
HAC HEC EA . 74.46 12.41 16.03
HBC1 HEC EA . 76.16 13.59 17.78
HBC2 HEC EA . 75.62 12.30 18.49
HBC3 HEC EA . 76.42 12.16 17.14
HMD1 HEC EA . 73.31 8.21 13.50
HMD2 HEC EA . 73.18 9.80 13.63
HMD3 HEC EA . 72.25 9.02 12.60
HAD1 HEC EA . 69.27 6.60 13.33
HAD2 HEC EA . 70.72 6.86 12.74
HBD1 HEC EA . 71.61 5.40 14.41
HBD2 HEC EA . 70.13 5.04 14.83
O12 PC1 FA . 9.94 2.08 -32.83
P PC1 FA . 10.11 1.37 -31.54
O14 PC1 FA . 9.10 1.58 -30.47
O13 PC1 FA . 10.17 -0.20 -31.84
C11 PC1 FA . 8.95 -0.97 -31.95
C12 PC1 FA . 9.38 -2.41 -32.05
N PC1 FA . 9.86 -2.89 -33.40
C13 PC1 FA . 10.40 -1.77 -34.24
C14 PC1 FA . 10.95 -3.89 -33.20
C15 PC1 FA . 8.74 -3.54 -34.15
O11 PC1 FA . 11.52 1.79 -30.94
C1 PC1 FA . 12.34 0.87 -30.20
C2 PC1 FA . 11.75 0.68 -28.83
O21 PC1 FA . 11.83 1.96 -28.12
C21 PC1 FA . 10.86 2.24 -27.24
O22 PC1 FA . 10.09 1.43 -26.81
C22 PC1 FA . 10.85 3.70 -26.91
C23 PC1 FA . 10.24 4.01 -25.54
C24 PC1 FA . 10.20 5.50 -25.25
C25 PC1 FA . 11.55 6.10 -24.88
C26 PC1 FA . 11.87 7.41 -25.57
C27 PC1 FA . 13.35 7.79 -25.46
C28 PC1 FA . 13.59 9.26 -25.13
C29 PC1 FA . 14.08 9.51 -23.72
C2A PC1 FA . 13.32 10.61 -22.99
C2B PC1 FA . 13.47 10.61 -21.48
C2C PC1 FA . 14.83 11.05 -20.95
C2D PC1 FA . 15.71 9.91 -20.47
C2E PC1 FA . 16.83 10.31 -19.53
C2F PC1 FA . 16.59 9.87 -18.10
C2G PC1 FA . 17.64 10.34 -17.10
C2H PC1 FA . 17.33 9.95 -15.66
C2I PC1 FA . 18.43 10.30 -14.70
C3 PC1 FA . 12.52 -0.33 -28.03
O31 PC1 FA . 13.80 0.26 -27.72
C31 PC1 FA . 14.87 -0.52 -27.91
O32 PC1 FA . 14.92 -1.68 -27.60
C32 PC1 FA . 16.02 0.25 -28.50
C33 PC1 FA . 16.91 0.89 -27.45
C34 PC1 FA . 18.34 1.07 -27.93
C35 PC1 FA . 19.32 1.40 -26.82
C36 PC1 FA . 19.42 2.88 -26.51
C37 PC1 FA . 20.61 3.56 -27.15
C38 PC1 FA . 21.81 3.71 -26.21
C39 PC1 FA . 21.66 4.86 -25.24
C3A PC1 FA . 22.83 5.02 -24.27
C3B PC1 FA . 23.06 3.84 -23.35
C3C PC1 FA . 24.20 2.93 -23.78
C3D PC1 FA . 23.85 1.44 -23.74
C3E PC1 FA . 23.95 0.81 -22.37
C3F PC1 FA . 22.80 1.14 -21.43
C3G PC1 FA . 21.44 0.65 -21.93
C3H PC1 FA . 20.47 0.22 -20.84
C3I PC1 FA . 20.90 -1.03 -20.09
H111 PC1 FA . 8.36 -0.59 -32.77
H112 PC1 FA . 8.35 -0.78 -31.06
H121 PC1 FA . 10.16 -2.60 -31.31
H122 PC1 FA . 8.56 -3.05 -31.75
H131 PC1 FA . 10.73 -2.11 -35.21
H132 PC1 FA . 11.24 -1.26 -33.77
H133 PC1 FA . 9.65 -1.02 -34.43
H141 PC1 FA . 11.29 -4.34 -34.13
H142 PC1 FA . 10.62 -4.72 -32.57
H143 PC1 FA . 11.82 -3.46 -32.72
H151 PC1 FA . 9.06 -3.97 -35.09
H152 PC1 FA . 7.95 -2.83 -34.38
H153 PC1 FA . 8.30 -4.35 -33.57
H11 PC1 FA . 13.34 1.27 -30.16
H12 PC1 FA . 12.43 -0.08 -30.72
H2 PC1 FA . 10.72 0.36 -28.92
H221 PC1 FA . 10.30 4.23 -27.68
H222 PC1 FA . 11.85 4.09 -26.98
H231 PC1 FA . 10.82 3.50 -24.78
H232 PC1 FA . 9.25 3.58 -25.48
H241 PC1 FA . 9.49 5.69 -24.45
H242 PC1 FA . 9.79 6.04 -26.10
H251 PC1 FA . 12.33 5.37 -25.07
H252 PC1 FA . 11.59 6.25 -23.80
H261 PC1 FA . 11.25 8.20 -25.15
H262 PC1 FA . 11.58 7.36 -26.60
H271 PC1 FA . 13.85 7.54 -26.39
H272 PC1 FA . 13.84 7.16 -24.72
H281 PC1 FA . 12.69 9.84 -25.32
H282 PC1 FA . 14.30 9.67 -25.84
H291 PC1 FA . 15.14 9.77 -23.74
H292 PC1 FA . 14.04 8.60 -23.13
H2A1 PC1 FA . 12.27 10.54 -23.24
H2A2 PC1 FA . 13.62 11.58 -23.38
H2B1 PC1 FA . 13.25 9.61 -21.10
H2B2 PC1 FA . 12.69 11.23 -21.04
H2C1 PC1 FA . 14.70 11.77 -20.15
H2C2 PC1 FA . 15.35 11.60 -21.74
H2D1 PC1 FA . 16.11 9.37 -21.34
H2D2 PC1 FA . 15.07 9.18 -19.97
H2E1 PC1 FA . 16.97 11.39 -19.55
H2E2 PC1 FA . 17.77 9.91 -19.88
H2F1 PC1 FA . 15.60 10.18 -17.77
H2F2 PC1 FA . 16.54 8.77 -18.06
H2G1 PC1 FA . 17.76 11.42 -17.18
H2G2 PC1 FA . 18.62 9.95 -17.38
H2H1 PC1 FA . 17.10 8.89 -15.60
H2H2 PC1 FA . 16.41 10.43 -15.35
H2I1 PC1 FA . 19.35 10.57 -15.22
H2I2 PC1 FA . 18.67 9.46 -14.05
H2I3 PC1 FA . 18.17 11.14 -14.05
H31 PC1 FA . 12.69 -1.25 -28.57
H32 PC1 FA . 11.98 -0.57 -27.12
H321 PC1 FA . 15.61 1.00 -29.17
H322 PC1 FA . 16.59 -0.41 -29.14
H331 PC1 FA . 16.89 0.29 -26.55
H332 PC1 FA . 16.50 1.86 -27.16
H341 PC1 FA . 18.67 0.19 -28.47
H342 PC1 FA . 18.36 1.86 -28.69
H351 PC1 FA . 20.30 1.01 -27.08
H352 PC1 FA . 19.05 0.85 -25.92
H361 PC1 FA . 18.50 3.39 -26.78
H362 PC1 FA . 19.48 3.00 -25.42
H371 PC1 FA . 20.92 3.00 -28.03
H372 PC1 FA . 20.32 4.53 -27.53
H381 PC1 FA . 22.72 3.82 -26.78
H382 PC1 FA . 21.95 2.78 -25.66
H391 PC1 FA . 20.73 4.74 -24.68
H392 PC1 FA . 21.51 5.79 -25.78
H3A1 PC1 FA . 22.69 5.93 -23.69
H3A2 PC1 FA . 23.73 5.22 -24.85
H3B1 PC1 FA . 22.15 3.26 -23.26
H3B2 PC1 FA . 23.25 4.19 -22.34
H3C1 PC1 FA . 25.07 3.12 -23.15
H3C2 PC1 FA . 24.53 3.21 -24.78
H3D1 PC1 FA . 24.50 0.92 -24.44
H3D2 PC1 FA . 22.86 1.29 -24.15
H3E1 PC1 FA . 24.89 1.11 -21.90
H3E2 PC1 FA . 24.04 -0.27 -22.48
H3F1 PC1 FA . 22.77 2.22 -21.28
H3F2 PC1 FA . 23.00 0.73 -20.45
H3G1 PC1 FA . 21.59 -0.18 -22.62
H3G2 PC1 FA . 20.98 1.42 -22.54
H3H1 PC1 FA . 19.48 0.06 -21.28
H3H2 PC1 FA . 20.30 1.02 -20.14
H3I1 PC1 FA . 20.92 -1.90 -20.74
H3I2 PC1 FA . 20.24 -1.27 -19.26
H3I3 PC1 FA . 21.90 -0.94 -19.67
C1 CDL GA . 34.52 8.20 -33.31
O1 CDL GA . 33.68 7.31 -32.57
CA2 CDL GA . 35.86 7.54 -33.55
OA2 CDL GA . 35.86 6.22 -32.96
PA1 CDL GA . 37.23 5.41 -32.81
OA3 CDL GA . 38.17 5.89 -33.85
OA4 CDL GA . 37.65 5.43 -31.39
OA5 CDL GA . 36.84 3.92 -33.20
CA3 CDL GA . 36.24 3.64 -34.48
CA4 CDL GA . 36.31 2.17 -34.77
OA6 CDL GA . 35.63 1.93 -36.04
CA5 CDL GA . 36.38 1.77 -37.13
OA7 CDL GA . 37.59 1.78 -37.12
C11 CDL GA . 35.53 1.61 -38.36
C12 CDL GA . 35.01 0.19 -38.55
C13 CDL GA . 35.58 -0.51 -39.77
C14 CDL GA . 35.48 -2.02 -39.73
C15 CDL GA . 34.18 -2.58 -40.27
C16 CDL GA . 33.38 -3.37 -39.24
C17 CDL GA . 32.59 -2.52 -38.28
C18 CDL GA . 31.90 -3.29 -37.17
C19 CDL GA . 30.78 -4.19 -37.64
C20 CDL GA . 30.07 -4.90 -36.51
C21 CDL GA . 29.00 -5.88 -36.96
C22 CDL GA . 27.79 -5.22 -37.60
C23 CDL GA . 26.68 -6.19 -37.99
C24 CDL GA . 26.03 -6.89 -36.81
C25 CDL GA . 24.84 -7.77 -37.19
C26 CDL GA . 25.19 -8.99 -38.03
C27 CDL GA . 26.09 -9.96 -37.33
CA6 CDL GA . 35.59 1.36 -33.72
OA8 CDL GA . 35.85 -0.05 -33.94
CA7 CDL GA . 35.49 -0.88 -32.97
OA9 CDL GA . 35.19 -0.52 -31.86
C31 CDL GA . 35.49 -2.30 -33.42
C32 CDL GA . 36.31 -2.53 -34.68
C33 CDL GA . 36.59 -4.00 -34.95
C34 CDL GA . 35.36 -4.81 -35.36
C35 CDL GA . 35.68 -6.27 -35.65
C36 CDL GA . 34.52 -7.06 -36.22
C37 CDL GA . 34.83 -8.52 -36.46
C38 CDL GA . 33.68 -9.32 -37.05
C39 CDL GA . 33.37 -8.97 -38.49
C40 CDL GA . 32.23 -9.80 -39.09
C41 CDL GA . 32.04 -9.59 -40.57
C42 CDL GA . 30.90 -10.42 -41.17
C43 CDL GA . 30.77 -10.31 -42.67
C44 CDL GA . 29.65 -11.13 -43.26
C45 CDL GA . 29.58 -11.10 -44.78
C46 CDL GA . 28.46 -11.94 -45.36
C47 CDL GA . 28.47 -11.96 -46.88
CB2 CDL GA . 34.64 9.52 -32.59
OB2 CDL GA . 33.33 10.09 -32.42
PB2 CDL GA . 33.08 11.17 -31.27
OB3 CDL GA . 33.86 12.37 -31.63
OB4 CDL GA . 33.33 10.53 -29.95
OB5 CDL GA . 31.54 11.56 -31.36
CB3 CDL GA . 31.07 12.80 -30.78
CB4 CDL GA . 29.61 12.68 -30.41
OB6 CDL GA . 29.50 12.82 -28.96
CB5 CDL GA . 28.62 13.71 -28.46
OB7 CDL GA . 27.98 14.46 -29.14
C51 CDL GA . 28.52 13.61 -26.97
C52 CDL GA . 27.54 14.62 -26.39
C53 CDL GA . 27.19 14.37 -24.93
C54 CDL GA . 26.25 13.21 -24.72
C55 CDL GA . 25.68 13.12 -23.32
C56 CDL GA . 24.87 11.86 -23.07
C57 CDL GA . 24.15 11.85 -21.75
C58 CDL GA . 25.05 12.18 -20.56
C59 CDL GA . 24.41 11.88 -19.21
C60 CDL GA . 24.34 10.41 -18.89
C61 CDL GA . 23.53 10.10 -17.64
C62 CDL GA . 22.03 10.11 -17.87
C63 CDL GA . 21.54 8.98 -18.76
C64 CDL GA . 21.12 9.43 -20.15
C65 CDL GA . 20.76 8.29 -21.10
C66 CDL GA . 20.28 8.76 -22.46
C67 CDL GA . 19.93 7.62 -23.39
CB6 CDL GA . 29.04 11.35 -30.80
OB8 CDL GA . 29.11 11.23 -32.23
CB7 CDL GA . 27.96 11.20 -32.91
OB9 CDL GA . 26.89 10.96 -32.41
C71 CDL GA . 28.18 11.53 -34.36
C72 CDL GA . 27.75 10.42 -35.31
C73 CDL GA . 26.30 10.47 -35.71
C74 CDL GA . 25.90 11.77 -36.38
C75 CDL GA . 24.81 11.64 -37.42
C76 CDL GA . 25.26 11.00 -38.71
C77 CDL GA . 24.22 11.06 -39.83
C78 CDL GA . 23.02 10.16 -39.60
C79 CDL GA . 21.93 10.33 -40.64
C80 CDL GA . 20.81 9.30 -40.53
C81 CDL GA . 19.42 9.88 -40.69
C82 CDL GA . 19.14 10.42 -42.08
C83 CDL GA . 17.97 11.38 -42.13
C84 CDL GA . 16.66 10.82 -41.61
C85 CDL GA . 16.06 9.74 -42.48
C86 CDL GA . 14.71 9.26 -42.01
C87 CDL GA . 13.97 8.50 -43.07
H1 CDL GA . 33.96 8.30 -34.23
H1O1 CDL GA . 33.09 6.85 -33.21
HA22 CDL GA . 36.68 8.12 -33.13
HA21 CDL GA . 36.07 7.41 -34.61
HA32 CDL GA . 35.21 4.00 -34.50
HA31 CDL GA . 36.78 4.20 -35.23
HA4 CDL GA . 37.35 1.85 -34.80
H112 CDL GA . 36.08 1.90 -39.25
H111 CDL GA . 34.72 2.31 -38.29
H122 CDL GA . 35.21 -0.40 -37.65
H121 CDL GA . 33.93 0.22 -38.62
H132 CDL GA . 36.62 -0.22 -39.90
H131 CDL GA . 35.09 -0.12 -40.66
H142 CDL GA . 35.63 -2.36 -38.70
H141 CDL GA . 36.31 -2.46 -40.28
H152 CDL GA . 34.37 -3.20 -41.13
H151 CDL GA . 33.57 -1.77 -40.66
H162 CDL GA . 32.70 -4.05 -39.77
H161 CDL GA . 34.04 -4.04 -38.70
H172 CDL GA . 31.87 -1.92 -38.82
H171 CDL GA . 33.26 -1.77 -37.83
H182 CDL GA . 31.52 -2.58 -36.43
H181 CDL GA . 32.64 -3.88 -36.63
H192 CDL GA . 31.15 -4.91 -38.36
H191 CDL GA . 30.05 -3.60 -38.21
H202 CDL GA . 29.62 -4.16 -35.84
H201 CDL GA . 30.80 -5.41 -35.88
H212 CDL GA . 29.42 -6.60 -37.64
H211 CDL GA . 28.68 -6.48 -36.11
H222 CDL GA . 28.10 -4.66 -38.47
H221 CDL GA . 27.39 -4.46 -36.93
H232 CDL GA . 27.08 -6.93 -38.68
H231 CDL GA . 25.92 -5.66 -38.56
H242 CDL GA . 26.77 -7.50 -36.28
H241 CDL GA . 25.72 -6.15 -36.08
H252 CDL GA . 24.10 -7.17 -37.71
H251 CDL GA . 24.33 -8.09 -36.28
H262 CDL GA . 25.65 -8.67 -38.96
H261 CDL GA . 24.28 -9.50 -38.34
H273 CDL GA . 25.66 -10.34 -36.40
H272 CDL GA . 26.31 -10.84 -37.94
H271 CDL GA . 27.05 -9.52 -37.07
HA62 CDL GA . 35.90 1.65 -32.72
HA61 CDL GA . 34.51 1.51 -33.78
H312 CDL GA . 35.86 -2.95 -32.62
H311 CDL GA . 34.47 -2.62 -33.58
H322 CDL GA . 37.25 -1.99 -34.60
H321 CDL GA . 35.80 -2.08 -35.52
H332 CDL GA . 37.05 -4.45 -34.07
H331 CDL GA . 37.35 -4.08 -35.73
H342 CDL GA . 34.62 -4.75 -34.57
H341 CDL GA . 34.89 -4.35 -36.22
H352 CDL GA . 36.04 -6.75 -34.75
H351 CDL GA . 36.53 -6.33 -36.34
H362 CDL GA . 33.66 -6.97 -35.57
H361 CDL GA . 34.19 -6.60 -37.16
H372 CDL GA . 35.70 -8.60 -37.11
H371 CDL GA . 35.15 -8.98 -35.52
H382 CDL GA . 33.89 -10.38 -36.96
H381 CDL GA . 32.78 -9.16 -36.44
H392 CDL GA . 34.26 -9.10 -39.10
H391 CDL GA . 33.13 -7.91 -38.58
H402 CDL GA . 31.30 -9.57 -38.56
H401 CDL GA . 32.41 -10.85 -38.89
H412 CDL GA . 32.96 -9.83 -41.10
H411 CDL GA . 31.86 -8.54 -40.79
H422 CDL GA . 31.03 -11.46 -40.88
H421 CDL GA . 29.96 -10.12 -40.70
H432 CDL GA . 31.71 -10.59 -43.14
H431 CDL GA . 30.64 -9.26 -42.96
H442 CDL GA . 29.75 -12.17 -42.93
H441 CDL GA . 28.70 -10.81 -42.85
H452 CDL GA . 30.54 -11.43 -45.19
H451 CDL GA . 29.49 -10.07 -45.12
H462 CDL GA . 27.50 -11.58 -45.00
H461 CDL GA . 28.53 -12.96 -44.99
H473 CDL GA . 29.44 -12.22 -47.29
H472 CDL GA . 28.20 -10.99 -47.30
H471 CDL GA . 27.74 -12.68 -47.27
HB22 CDL GA . 35.26 10.22 -33.14
HB21 CDL GA . 35.08 9.39 -31.61
HB32 CDL GA . 31.20 13.59 -31.52
HB31 CDL GA . 31.69 13.08 -29.95
HB4 CDL GA . 29.07 13.49 -30.90
H512 CDL GA . 29.52 13.77 -26.56
H511 CDL GA . 28.27 12.60 -26.67
H522 CDL GA . 26.63 14.62 -26.99
H521 CDL GA . 27.94 15.62 -26.51
H532 CDL GA . 26.74 15.26 -24.51
H531 CDL GA . 28.10 14.22 -24.36
H542 CDL GA . 26.73 12.27 -24.99
H541 CDL GA . 25.42 13.29 -25.43
H552 CDL GA . 25.07 14.00 -23.11
H551 CDL GA . 26.50 13.19 -22.60
H562 CDL GA . 24.17 11.72 -23.89
H561 CDL GA . 25.53 10.99 -23.14
H572 CDL GA . 23.69 10.87 -21.61
H571 CDL GA . 23.32 12.54 -21.77
H582 CDL GA . 25.99 11.62 -20.64
H581 CDL GA . 25.35 13.22 -20.60
H592 CDL GA . 24.96 12.40 -18.44
H591 CDL GA . 23.42 12.32 -19.18
H602 CDL GA . 25.34 10.01 -18.78
H601 CDL GA . 23.92 9.86 -19.72
H612 CDL GA . 23.78 10.83 -16.87
H611 CDL GA . 23.85 9.15 -17.23
H622 CDL GA . 21.73 11.07 -18.29
H621 CDL GA . 21.53 10.08 -16.90
H632 CDL GA . 20.71 8.48 -18.29
H631 CDL GA . 22.31 8.21 -18.84
H642 CDL GA . 21.90 10.04 -20.60
H641 CDL GA . 20.27 10.10 -20.07
H652 CDL GA . 19.99 7.68 -20.63
H651 CDL GA . 21.60 7.62 -21.21
H662 CDL GA . 19.41 9.41 -22.34
H661 CDL GA . 21.04 9.40 -22.92
H673 CDL GA . 20.65 6.81 -23.32
H672 CDL GA . 18.94 7.21 -23.18
H671 CDL GA . 19.92 7.94 -24.43
HB62 CDL GA . 28.03 11.25 -30.44
HB61 CDL GA . 29.61 10.53 -30.36
H712 CDL GA . 29.23 11.72 -34.49
H711 CDL GA . 27.69 12.46 -34.62
H722 CDL GA . 27.95 9.45 -34.83
H721 CDL GA . 28.38 10.44 -36.19
H732 CDL GA . 25.68 10.29 -34.85
H731 CDL GA . 26.09 9.64 -36.39
H742 CDL GA . 26.79 12.21 -36.85
H741 CDL GA . 25.61 12.49 -35.62
H752 CDL GA . 24.37 12.61 -37.63
H751 CDL GA . 23.98 11.06 -37.00
H762 CDL GA . 25.53 9.96 -38.53
H761 CDL GA . 26.18 11.46 -39.04
H772 CDL GA . 24.69 10.80 -40.77
H771 CDL GA . 23.90 12.09 -39.96
H782 CDL GA . 22.61 10.35 -38.62
H781 CDL GA . 23.34 9.13 -39.57
H792 CDL GA . 22.36 10.29 -41.63
H791 CDL GA . 21.51 11.33 -40.57
H802 CDL GA . 20.88 8.81 -39.55
H801 CDL GA . 20.97 8.51 -41.26
H812 CDL GA . 19.25 10.67 -39.96
H811 CDL GA . 18.68 9.13 -40.44
H822 CDL GA . 18.95 9.59 -42.77
H821 CDL GA . 20.03 10.90 -42.48
H832 CDL GA . 17.83 11.73 -43.16
H831 CDL GA . 18.23 12.28 -41.57
H842 CDL GA . 15.94 11.63 -41.47
H841 CDL GA . 16.81 10.43 -40.60
H852 CDL GA . 16.74 8.91 -42.54
H851 CDL GA . 15.98 10.10 -43.51
H862 CDL GA . 14.10 10.09 -41.66
H861 CDL GA . 14.82 8.62 -41.13
H873 CDL GA . 13.49 9.17 -43.78
H872 CDL GA . 13.18 7.86 -42.66
H871 CDL GA . 14.62 7.86 -43.64
C1 CDL HA . -11.39 53.84 -5.33
O1 CDL HA . -12.51 52.95 -5.33
CA2 CDL HA . -10.18 53.10 -5.86
OA2 CDL HA . -10.63 51.92 -6.54
PA1 CDL HA . -11.25 52.03 -8.02
OA3 CDL HA . -11.79 50.71 -8.39
OA4 CDL HA . -12.14 53.21 -8.08
OA5 CDL HA . -9.95 52.33 -8.89
CA3 CDL HA . -9.35 51.32 -9.73
CA4 CDL HA . -8.05 50.89 -9.11
OA6 CDL HA . -7.03 51.86 -9.46
CA5 CDL HA . -5.99 52.00 -8.63
OA7 CDL HA . -5.74 51.23 -7.73
C11 CDL HA . -5.18 53.22 -8.96
C12 CDL HA . -3.69 53.05 -8.70
C13 CDL HA . -2.99 54.36 -8.39
C14 CDL HA . -1.51 54.22 -8.13
C15 CDL HA . -0.81 55.53 -7.80
C16 CDL HA . 0.37 55.38 -6.85
C17 CDL HA . 1.29 56.58 -6.82
C18 CDL HA . 2.40 56.47 -5.78
C19 CDL HA . 3.38 57.64 -5.80
C20 CDL HA . 4.56 57.48 -4.85
C21 CDL HA . 4.19 57.53 -3.38
C22 CDL HA . 5.35 57.25 -2.44
C23 CDL HA . 5.88 55.83 -2.52
C24 CDL HA . 6.88 55.47 -1.44
C25 CDL HA . 8.16 56.28 -1.49
C26 CDL HA . 9.24 55.80 -0.52
C27 CDL HA . 8.84 55.92 0.92
CA6 CDL HA . -7.61 49.54 -9.63
OA8 CDL HA . -7.05 49.70 -10.96
CA7 CDL HA . -6.28 48.72 -11.41
OA9 CDL HA . -5.94 47.79 -10.75
C31 CDL HA . -5.89 48.94 -12.84
C32 CDL HA . -4.38 49.06 -13.01
C33 CDL HA . -3.93 49.13 -14.46
C34 CDL HA . -2.43 49.18 -14.62
C35 CDL HA . -1.93 48.91 -16.02
C36 CDL HA . -0.48 49.28 -16.24
C37 CDL HA . 0.05 48.93 -17.62
C38 CDL HA . 1.29 49.70 -18.04
C39 CDL HA . 2.58 49.24 -17.36
C40 CDL HA . 3.80 50.04 -17.80
C41 CDL HA . 5.13 49.37 -17.50
C42 CDL HA . 5.49 49.31 -16.03
C43 CDL HA . 6.45 48.19 -15.69
C44 CDL HA . 7.87 48.41 -16.18
C45 CDL HA . 8.78 49.05 -15.14
C46 CDL HA . 10.24 49.07 -15.53
C47 CDL HA . 11.14 49.66 -14.47
CB2 CDL HA . -11.19 54.39 -3.95
OB2 CDL HA . -12.34 55.18 -3.60
PB2 CDL HA . -12.70 55.47 -2.07
OB3 CDL HA . -11.63 54.87 -1.24
OB4 CDL HA . -14.10 55.05 -1.82
OB5 CDL HA . -12.60 57.06 -1.95
CB3 CDL HA . -11.30 57.69 -1.78
CB4 CDL HA . -11.15 58.76 -2.82
OB6 CDL HA . -10.63 58.13 -4.03
CB5 CDL HA . -11.19 58.45 -5.20
OB7 CDL HA . -12.30 58.92 -5.31
C51 CDL HA . -10.27 58.13 -6.34
C52 CDL HA . -9.06 59.06 -6.40
C53 CDL HA . -7.82 58.35 -6.92
C54 CDL HA . -6.62 59.27 -7.12
C55 CDL HA . -5.36 58.53 -7.52
C56 CDL HA . -4.22 59.45 -7.98
C57 CDL HA . -3.81 60.49 -6.94
C58 CDL HA . -2.59 61.29 -7.35
C59 CDL HA . -2.27 62.43 -6.39
C60 CDL HA . -1.04 63.25 -6.79
C61 CDL HA . 0.28 62.51 -6.63
C62 CDL HA . 1.49 63.33 -7.04
C63 CDL HA . 2.81 62.66 -6.74
C64 CDL HA . 4.03 63.38 -7.29
C65 CDL HA . 4.20 64.79 -6.74
C66 CDL HA . 5.47 65.47 -7.20
C67 CDL HA . 5.63 66.87 -6.65
CB6 CDL HA . -10.16 59.81 -2.39
OB8 CDL HA . -8.83 59.24 -2.47
CB7 CDL HA . -7.82 60.00 -2.03
OB9 CDL HA . -7.42 59.99 -0.90
C71 CDL HA . -7.27 60.85 -3.14
C72 CDL HA . -6.70 62.17 -2.64
C73 CDL HA . -6.11 63.01 -3.77
C74 CDL HA . -5.53 64.34 -3.32
C75 CDL HA . -4.94 65.17 -4.45
C76 CDL HA . -4.39 66.51 -4.01
C77 CDL HA . -3.24 66.43 -3.00
C78 CDL HA . -2.09 65.55 -3.46
C79 CDL HA . -0.85 65.67 -2.59
C80 CDL HA . 0.26 64.70 -2.95
C81 CDL HA . 1.58 64.97 -2.23
C82 CDL HA . 2.63 63.90 -2.49
C83 CDL HA . 3.96 64.16 -1.80
C84 CDL HA . 4.69 65.41 -2.29
C85 CDL HA . 4.50 66.63 -1.38
C86 CDL HA . 5.23 67.86 -1.88
C87 CDL HA . 5.08 69.05 -0.97
H1 CDL HA . -11.73 54.61 -6.03
H1O1 CDL HA . -12.44 52.39 -4.51
HA22 CDL HA . -9.49 52.81 -5.06
HA21 CDL HA . -9.61 53.69 -6.57
HA32 CDL HA . -9.20 51.71 -10.73
HA31 CDL HA . -10.03 50.48 -9.83
HA4 CDL HA . -8.17 50.81 -8.03
H112 CDL HA . -5.54 54.10 -8.42
H111 CDL HA . -5.36 53.45 -10.01
H122 CDL HA . -3.23 52.56 -9.55
H121 CDL HA . -3.54 52.35 -7.88
H132 CDL HA . -3.47 54.83 -7.53
H131 CDL HA . -3.17 55.07 -9.20
H142 CDL HA . -1.03 53.77 -9.00
H141 CDL HA . -1.34 53.51 -7.33
H152 CDL HA . -1.53 56.23 -7.37
H151 CDL HA . -0.48 56.01 -8.71
H162 CDL HA . 0.93 54.49 -7.12
H161 CDL HA . -0.01 55.17 -5.84
H172 CDL HA . 0.72 57.48 -6.66
H171 CDL HA . 1.74 56.72 -7.81
H182 CDL HA . 2.94 55.54 -5.92
H181 CDL HA . 1.96 56.38 -4.78
H192 CDL HA . 2.86 58.56 -5.56
H191 CDL HA . 3.74 57.79 -6.81
H202 CDL HA . 5.05 56.53 -5.07
H201 CDL HA . 5.32 58.22 -5.07
H212 CDL HA . 3.38 56.83 -3.18
H211 CDL HA . 3.77 58.51 -3.15
H222 CDL HA . 5.05 57.46 -1.41
H221 CDL HA . 6.16 57.95 -2.64
H232 CDL HA . 6.34 55.67 -3.50
H231 CDL HA . 5.05 55.12 -2.49
H242 CDL HA . 7.11 54.40 -1.48
H241 CDL HA . 6.42 55.59 -0.46
H252 CDL HA . 7.95 57.32 -1.30
H251 CDL HA . 8.56 56.26 -2.51
H262 CDL HA . 10.16 56.35 -0.69
H261 CDL HA . 9.49 54.77 -0.75
H273 CDL HA . 9.66 55.72 1.60
H272 CDL HA . 8.04 55.22 1.19
H271 CDL HA . 8.47 56.92 1.16
HA62 CDL HA . -8.43 48.83 -9.64
HA61 CDL HA . -6.84 49.12 -9.00
H312 CDL HA . -6.38 49.83 -13.24
H311 CDL HA . -6.27 48.11 -13.43
H322 CDL HA . -3.90 48.22 -12.52
H321 CDL HA . -4.02 49.94 -12.47
H332 CDL HA . -4.39 50.00 -14.93
H331 CDL HA . -4.33 48.27 -14.99
H342 CDL HA . -1.97 48.48 -13.92
H341 CDL HA . -2.06 50.15 -14.28
H352 CDL HA . -2.56 49.43 -16.74
H351 CDL HA . -2.07 47.85 -16.25
H362 CDL HA . 0.14 48.80 -15.49
H361 CDL HA . -0.35 50.35 -16.07
H372 CDL HA . -0.74 49.07 -18.36
H371 CDL HA . 0.26 47.86 -17.66
H382 CDL HA . 1.14 50.75 -17.84
H381 CDL HA . 1.41 49.64 -19.11
H392 CDL HA . 2.75 48.19 -17.56
H391 CDL HA . 2.47 49.31 -16.28
H402 CDL HA . 3.77 51.02 -17.32
H401 CDL HA . 3.73 50.26 -18.85
H412 CDL HA . 5.91 49.88 -18.04
H411 CDL HA . 5.12 48.37 -17.91
H422 CDL HA . 4.58 49.21 -15.43
H421 CDL HA . 5.91 50.26 -15.73
H432 CDL HA . 6.47 48.05 -14.61
H431 CDL HA . 6.08 47.25 -16.09
H442 CDL HA . 7.86 49.04 -17.08
H441 CDL HA . 8.29 47.47 -16.51
H452 CDL HA . 8.68 48.51 -14.21
H451 CDL HA . 8.44 50.06 -14.92
H462 CDL HA . 10.37 49.62 -16.47
H461 CDL HA . 10.58 48.07 -15.77
H473 CDL HA . 12.15 49.25 -14.51
H472 CDL HA . 11.23 50.73 -14.56
H471 CDL HA . 10.75 49.45 -13.47
HB22 CDL HA . -10.29 55.00 -3.87
HB21 CDL HA . -11.12 53.58 -3.22
HB32 CDL HA . -10.54 56.92 -1.90
HB31 CDL HA . -11.20 58.06 -0.77
HB4 CDL HA . -12.12 59.20 -3.01
H512 CDL HA . -9.96 57.10 -6.27
H511 CDL HA . -10.82 58.19 -7.28
H522 CDL HA . -8.87 59.47 -5.42
H521 CDL HA . -9.28 59.92 -7.02
H532 CDL HA . -8.06 57.85 -7.87
H531 CDL HA . -7.56 57.54 -6.26
H542 CDL HA . -6.46 59.85 -6.22
H541 CDL HA . -6.86 60.03 -7.87
H552 CDL HA . -5.57 57.81 -8.30
H551 CDL HA . -5.01 57.92 -6.69
H562 CDL HA . -4.50 59.94 -8.91
H561 CDL HA . -3.36 58.84 -8.23
H572 CDL HA . -3.62 59.99 -5.99
H571 CDL HA . -4.64 61.15 -6.73
H582 CDL HA . -1.74 60.64 -7.45
H581 CDL HA . -2.74 61.70 -8.35
H592 CDL HA . -2.11 62.03 -5.39
H591 CDL HA . -3.12 63.08 -6.29
H602 CDL HA . -1.02 64.17 -6.21
H601 CDL HA . -1.15 63.58 -7.82
H612 CDL HA . 0.25 61.59 -7.22
H611 CDL HA . 0.39 62.17 -5.60
H622 CDL HA . 1.44 64.30 -6.57
H621 CDL HA . 1.43 63.56 -8.11
H632 CDL HA . 2.80 61.64 -7.13
H631 CDL HA . 2.92 62.53 -5.66
H642 CDL HA . 4.92 62.80 -7.11
H641 CDL HA . 3.95 63.44 -8.38
H652 CDL HA . 4.19 64.76 -5.65
H651 CDL HA . 3.35 65.40 -6.99
H662 CDL HA . 5.48 65.51 -8.30
H661 CDL HA . 6.34 64.87 -6.94
H673 CDL HA . 5.91 66.85 -5.59
H672 CDL HA . 4.73 67.45 -6.74
H671 CDL HA . 6.42 67.42 -7.15
HB62 CDL HA . -10.38 60.14 -1.38
HB61 CDL HA . -10.19 60.70 -3.02
H712 CDL HA . -6.51 60.28 -3.66
H711 CDL HA . -8.04 61.04 -3.88
H722 CDL HA . -5.94 61.98 -1.89
H721 CDL HA . -7.47 62.74 -2.13
H732 CDL HA . -5.35 62.44 -4.29
H731 CDL HA . -6.87 63.19 -4.53
H742 CDL HA . -4.77 64.16 -2.56
H741 CDL HA . -6.30 64.92 -2.80
H752 CDL HA . -5.70 65.32 -5.21
H751 CDL HA . -4.17 64.59 -4.95
H762 CDL HA . -5.19 67.12 -3.60
H761 CDL HA . -4.05 67.07 -4.89
H772 CDL HA . -3.62 66.07 -2.06
H771 CDL HA . -2.87 67.43 -2.79
H782 CDL HA . -1.82 65.78 -4.48
H781 CDL HA . -2.40 64.51 -3.48
H792 CDL HA . -0.46 66.69 -2.64
H791 CDL HA . -1.11 65.54 -1.54
H802 CDL HA . 0.42 64.72 -4.03
H801 CDL HA . -0.07 63.69 -2.74
H812 CDL HA . 1.41 65.07 -1.16
H811 CDL HA . 1.96 65.94 -2.54
H822 CDL HA . 2.80 63.79 -3.55
H821 CDL HA . 2.25 62.93 -2.18
H832 CDL HA . 4.62 63.30 -1.93
H831 CDL HA . 3.82 64.23 -0.72
H842 CDL HA . 4.36 65.66 -3.29
H841 CDL HA . 5.74 65.20 -2.39
H852 CDL HA . 4.83 66.39 -0.37
H851 CDL HA . 3.44 66.85 -1.28
H862 CDL HA . 6.29 67.64 -2.00
H861 CDL HA . 4.89 68.12 -2.88
H873 CDL HA . 5.33 68.81 0.07
H872 CDL HA . 5.71 69.89 -1.26
H871 CDL HA . 4.06 69.43 -0.95
C1 CDL IA . 1.02 7.17 25.87
O1 CDL IA . -0.22 6.49 26.04
CA2 CDL IA . 0.97 7.95 24.57
OA2 CDL IA . 0.35 9.23 24.79
PA1 CDL IA . 0.20 10.28 23.59
OA3 CDL IA . -0.81 9.75 22.65
OA4 CDL IA . 0.01 11.62 24.16
OA5 CDL IA . 1.61 10.22 22.86
CA3 CDL IA . 1.70 9.97 21.43
CA4 CDL IA . 3.14 9.98 21.03
OA6 CDL IA . 3.64 11.31 21.36
CA5 CDL IA . 4.95 11.54 21.17
OA7 CDL IA . 5.82 10.95 21.74
C11 CDL IA . 5.16 12.63 20.16
C12 CDL IA . 6.63 12.91 19.89
C13 CDL IA . 7.18 13.98 20.79
C14 CDL IA . 7.79 15.15 20.05
C15 CDL IA . 9.14 14.84 19.45
C16 CDL IA . 10.19 14.47 20.49
C17 CDL IA . 10.60 13.02 20.44
C18 CDL IA . 11.46 12.67 19.25
C19 CDL IA . 12.71 11.86 19.59
C20 CDL IA . 13.74 11.84 18.48
C21 CDL IA . 13.22 11.42 17.11
C22 CDL IA . 13.58 12.39 16.00
C23 CDL IA . 15.03 12.36 15.60
C24 CDL IA . 15.26 12.44 14.09
C25 CDL IA . 16.73 12.36 13.69
C26 CDL IA . 17.01 12.79 12.26
C27 CDL IA . 18.47 13.11 12.01
CA6 CDL IA . 3.29 9.73 19.55
OA8 CDL IA . 3.61 8.33 19.35
CA7 CDL IA . 3.69 7.94 18.08
OA9 CDL IA . 2.77 7.95 17.31
C31 CDL IA . 5.07 7.48 17.72
C32 CDL IA . 6.16 8.49 18.07
C33 CDL IA . 7.45 8.27 17.31
C34 CDL IA . 8.50 7.46 18.06
C35 CDL IA . 9.22 8.25 19.12
C36 CDL IA . 10.29 9.19 18.58
C37 CDL IA . 11.67 8.54 18.40
C38 CDL IA . 11.82 7.71 17.14
C39 CDL IA . 13.25 7.60 16.65
C40 CDL IA . 13.49 8.11 15.22
C41 CDL IA . 14.96 8.32 14.89
C42 CDL IA . 15.27 8.43 13.39
C43 CDL IA . 16.77 8.40 13.10
C44 CDL IA . 17.19 8.96 11.75
C45 CDL IA . 18.63 9.46 11.73
C46 CDL IA . 19.15 10.01 10.42
C47 CDL IA . 20.62 10.45 10.52
CB2 CDL IA . 2.16 6.18 25.94
OB2 CDL IA . 2.22 5.42 24.74
PB2 CDL IA . 3.53 4.58 24.39
OB3 CDL IA . 3.24 3.80 23.17
OB4 CDL IA . 3.97 3.88 25.61
OB5 CDL IA . 4.65 5.65 24.02
CB3 CDL IA . 4.66 6.30 22.72
CB4 CDL IA . 6.08 6.50 22.28
OB6 CDL IA . 6.71 5.20 22.16
CB5 CDL IA . 6.73 4.62 20.96
OB7 CDL IA . 6.29 5.11 19.96
C51 CDL IA . 7.38 3.27 21.02
C52 CDL IA . 8.72 3.20 20.30
C53 CDL IA . 9.58 4.41 20.62
C54 CDL IA . 11.03 4.29 20.22
C55 CDL IA . 11.85 5.43 20.78
C56 CDL IA . 13.22 5.61 20.17
C57 CDL IA . 13.95 6.80 20.77
C58 CDL IA . 15.21 7.20 20.03
C59 CDL IA . 15.42 8.69 19.97
C60 CDL IA . 16.73 9.08 19.29
C61 CDL IA . 16.58 9.66 17.90
C62 CDL IA . 17.70 9.28 16.95
C63 CDL IA . 18.44 10.48 16.38
C64 CDL IA . 19.59 10.08 15.47
C65 CDL IA . 20.49 11.24 15.07
C66 CDL IA . 21.59 10.84 14.08
C67 CDL IA . 22.22 12.03 13.38
CB6 CDL IA . 6.85 7.29 23.31
OB8 CDL IA . 8.05 7.81 22.70
CB7 CDL IA . 8.75 8.68 23.43
OB9 CDL IA . 8.73 8.72 24.63
C71 CDL IA . 9.56 9.60 22.58
C72 CDL IA . 10.98 9.10 22.35
C73 CDL IA . 11.85 9.20 23.59
C74 CDL IA . 13.34 9.18 23.28
C75 CDL IA . 14.14 10.21 24.05
C76 CDL IA . 15.52 10.46 23.47
C77 CDL IA . 15.53 11.47 22.33
C78 CDL IA . 16.91 11.76 21.73
C79 CDL IA . 16.87 12.58 20.44
C80 CDL IA . 18.21 12.81 19.77
C81 CDL IA . 18.16 13.86 18.66
C82 CDL IA . 19.39 13.89 17.76
C83 CDL IA . 20.61 14.61 18.32
C84 CDL IA . 21.92 14.08 17.78
C85 CDL IA . 22.98 15.14 17.55
C86 CDL IA . 24.38 14.56 17.30
C87 CDL IA . 25.30 15.51 16.56
H1 CDL IA . 1.03 7.83 26.72
H1O1 CDL IA . -0.91 7.16 26.25
HA22 CDL IA . 0.43 7.42 23.79
HA21 CDL IA . 1.95 8.14 24.17
HA32 CDL IA . 1.13 10.72 20.89
HA31 CDL IA . 1.22 9.02 21.21
HA4 CDL IA . 3.67 9.21 21.57
H112 CDL IA . 4.66 13.55 20.47
H111 CDL IA . 4.65 12.35 19.24
H122 CDL IA . 6.77 13.18 18.84
H121 CDL IA . 7.21 11.99 20.01
H132 CDL IA . 7.91 13.54 21.46
H131 CDL IA . 6.39 14.35 21.47
H142 CDL IA . 7.88 16.01 20.72
H141 CDL IA . 7.10 15.49 19.27
H152 CDL IA . 9.50 15.69 18.87
H151 CDL IA . 9.04 14.03 18.72
H162 CDL IA . 9.83 14.73 21.47
H161 CDL IA . 11.07 15.09 20.35
H172 CDL IA . 11.10 12.73 21.37
H171 CDL IA . 9.71 12.38 20.42
H182 CDL IA . 11.76 13.59 18.74
H181 CDL IA . 10.86 12.16 18.51
H192 CDL IA . 13.15 12.27 20.49
H191 CDL IA . 12.42 10.86 19.87
H202 CDL IA . 14.53 11.16 18.77
H201 CDL IA . 14.25 12.80 18.42
H212 CDL IA . 13.62 10.44 16.86
H211 CDL IA . 12.15 11.26 17.13
H222 CDL IA . 13.31 13.40 16.31
H221 CDL IA . 12.94 12.21 15.13
H232 CDL IA . 15.51 11.46 16.00
H231 CDL IA . 15.57 13.18 16.09
H242 CDL IA . 14.83 13.36 13.70
H241 CDL IA . 14.70 11.65 13.60
H252 CDL IA . 17.35 12.93 14.38
H251 CDL IA . 17.08 11.33 13.82
H262 CDL IA . 16.38 13.64 12.01
H261 CDL IA . 16.68 12.01 11.57
H273 CDL IA . 18.72 14.12 12.34
H272 CDL IA . 18.74 13.06 10.96
H271 CDL IA . 19.13 12.43 12.54
HA62 CDL IA . 2.41 10.03 19.00
HA61 CDL IA . 4.11 10.31 19.13
H312 CDL IA . 5.12 7.23 16.67
H311 CDL IA . 5.26 6.54 18.23
H322 CDL IA . 6.35 8.46 19.14
H321 CDL IA . 5.79 9.50 17.90
H332 CDL IA . 7.23 7.77 16.36
H331 CDL IA . 7.87 9.23 17.02
H342 CDL IA . 9.21 7.05 17.35
H341 CDL IA . 8.02 6.59 18.51
H352 CDL IA . 9.66 7.57 19.85
H351 CDL IA . 8.50 8.83 19.69
H362 CDL IA . 10.39 10.04 19.25
H361 CDL IA . 9.97 9.62 17.64
H372 CDL IA . 11.87 7.92 19.26
H371 CDL IA . 12.44 9.30 18.42
H382 CDL IA . 11.18 8.10 16.35
H381 CDL IA . 11.43 6.71 17.32
H392 CDL IA . 13.91 8.12 17.34
H391 CDL IA . 13.58 6.56 16.71
H402 CDL IA . 13.03 7.43 14.51
H401 CDL IA . 12.94 9.05 15.09
H412 CDL IA . 15.55 7.51 15.33
H411 CDL IA . 15.32 9.21 15.38
H422 CDL IA . 14.76 7.64 12.85
H421 CDL IA . 14.84 9.35 13.00
H432 CDL IA . 17.30 8.91 13.90
H431 CDL IA . 17.13 7.37 13.19
H442 CDL IA . 16.52 9.76 11.44
H441 CDL IA . 17.07 8.20 10.98
H452 CDL IA . 18.76 10.22 12.50
H451 CDL IA . 19.30 8.66 12.06
H462 CDL IA . 18.52 10.83 10.08
H461 CDL IA . 19.04 9.26 9.64
H473 CDL IA . 20.72 11.45 10.95
H472 CDL IA . 21.11 10.48 9.54
H471 CDL IA . 21.20 9.78 11.14
HB22 CDL IA . 3.10 6.67 26.11
HB21 CDL IA . 2.01 5.50 26.76
HB32 CDL IA . 4.13 5.67 22.02
HB31 CDL IA . 4.10 7.22 22.76
HB4 CDL IA . 6.08 7.01 21.33
H512 CDL IA . 6.70 2.53 20.61
H511 CDL IA . 7.51 2.97 22.05
H522 CDL IA . 8.56 3.10 19.22
H521 CDL IA . 9.24 2.30 20.58
H532 CDL IA . 9.51 4.62 21.68
H531 CDL IA . 9.15 5.28 20.13
H542 CDL IA . 11.13 4.24 19.14
H541 CDL IA . 11.43 3.34 20.56
H552 CDL IA . 11.30 6.35 20.69
H551 CDL IA . 11.94 5.31 21.85
H562 CDL IA . 13.81 4.69 20.28
H561 CDL IA . 13.13 5.73 19.09
H572 CDL IA . 13.28 7.65 20.83
H571 CDL IA . 14.18 6.59 21.81
H582 CDL IA . 15.23 6.76 19.04
H581 CDL IA . 16.06 6.76 20.54
H592 CDL IA . 14.58 9.14 19.46
H591 CDL IA . 15.38 9.10 20.97
H602 CDL IA . 17.40 8.23 19.30
H601 CDL IA . 17.24 9.82 19.91
H612 CDL IA . 16.53 10.75 17.97
H611 CDL IA . 15.61 9.39 17.48
H622 CDL IA . 17.32 8.66 16.16
H621 CDL IA . 18.41 8.64 17.47
H632 CDL IA . 18.81 11.07 17.20
H631 CDL IA . 17.75 11.13 15.86
H642 CDL IA . 20.16 9.28 15.93
H641 CDL IA . 19.20 9.61 14.57
H652 CDL IA . 19.90 12.05 14.65
H651 CDL IA . 20.95 11.67 15.95
H662 CDL IA . 22.35 10.26 14.60
H661 CDL IA . 21.18 10.15 13.34
H673 CDL IA . 22.74 12.69 14.08
H672 CDL IA . 21.49 12.64 12.86
H671 CDL IA . 22.96 11.71 12.64
HB62 CDL IA . 6.24 8.11 23.68
HB61 CDL IA . 7.12 6.68 24.16
H712 CDL IA . 9.05 9.72 21.62
H711 CDL IA . 9.58 10.60 22.99
H722 CDL IA . 10.93 8.07 22.01
H721 CDL IA . 11.43 9.65 21.52
H732 CDL IA . 11.60 8.38 24.27
H731 CDL IA . 11.60 10.09 24.14
H742 CDL IA . 13.50 9.33 22.22
H741 CDL IA . 13.74 8.19 23.47
H752 CDL IA . 13.58 11.14 24.08
H751 CDL IA . 14.22 9.91 25.09
H762 CDL IA . 15.94 9.52 23.12
H761 CDL IA . 16.20 10.77 24.26
H772 CDL IA . 15.08 12.40 22.66
H771 CDL IA . 14.85 11.14 21.54
H782 CDL IA . 17.46 10.84 21.58
H781 CDL IA . 17.51 12.29 22.46
H792 CDL IA . 16.39 13.54 20.64
H791 CDL IA . 16.18 12.12 19.74
H802 CDL IA . 18.56 11.86 19.36
H801 CDL IA . 18.97 13.07 20.50
H812 CDL IA . 18.00 14.84 19.08
H811 CDL IA . 17.28 13.70 18.04
H822 CDL IA . 19.13 14.33 16.79
H821 CDL IA . 19.69 12.88 17.49
H832 CDL IA . 20.59 14.54 19.40
H831 CDL IA . 20.53 15.68 18.12
H842 CDL IA . 21.75 13.55 16.84
H841 CDL IA . 22.31 13.31 18.44
H852 CDL IA . 23.02 15.81 18.41
H851 CDL IA . 22.70 15.78 16.72
H862 CDL IA . 24.29 13.63 16.75
H861 CDL IA . 24.82 14.29 18.24
H873 CDL IA . 25.84 16.18 17.24
H872 CDL IA . 26.06 14.98 15.98
H871 CDL IA . 24.77 16.14 15.86
ZN ZN JA . -31.19 -19.38 40.98
C1 CDL KA . 13.92 -11.76 -9.16
O1 CDL KA . 12.60 -11.43 -9.58
CA2 CDL KA . 13.88 -12.90 -8.19
OA2 CDL KA . 15.23 -13.26 -7.83
PA1 CDL KA . 15.55 -14.31 -6.68
OA3 CDL KA . 14.72 -13.97 -5.50
OA4 CDL KA . 15.50 -15.68 -7.23
OA5 CDL KA . 17.05 -13.97 -6.30
CA3 CDL KA . 17.43 -12.60 -6.01
CA4 CDL KA . 18.87 -12.55 -5.58
OA6 CDL KA . 19.16 -11.19 -5.11
CA5 CDL KA . 19.56 -11.05 -3.84
OA7 CDL KA . 19.84 -11.96 -3.11
C11 CDL KA . 19.60 -9.60 -3.45
C12 CDL KA . 20.99 -9.08 -3.14
C13 CDL KA . 21.05 -7.57 -3.04
C14 CDL KA . 21.92 -6.91 -4.09
C15 CDL KA . 21.86 -5.39 -4.08
C16 CDL KA . 22.99 -4.72 -4.84
C17 CDL KA . 22.54 -3.54 -5.70
C18 CDL KA . 23.62 -2.96 -6.59
C19 CDL KA . 24.76 -2.30 -5.84
C20 CDL KA . 25.96 -3.21 -5.59
C21 CDL KA . 27.09 -2.54 -4.85
C22 CDL KA . 28.18 -3.49 -4.40
C23 CDL KA . 29.19 -2.85 -3.45
C24 CDL KA . 30.06 -3.85 -2.72
C25 CDL KA . 31.21 -4.42 -3.54
C26 CDL KA . 32.33 -3.43 -3.77
C27 CDL KA . 33.58 -4.07 -4.31
CA6 CDL KA . 19.80 -12.84 -6.73
OA8 CDL KA . 21.13 -12.96 -6.22
CA7 CDL KA . 22.13 -12.90 -7.10
OA9 CDL KA . 21.98 -12.98 -8.29
C31 CDL KA . 23.45 -12.68 -6.41
C32 CDL KA . 23.75 -11.21 -6.16
C33 CDL KA . 24.96 -10.99 -5.27
C34 CDL KA . 26.25 -11.59 -5.80
C35 CDL KA . 27.48 -11.20 -5.01
C36 CDL KA . 27.49 -11.70 -3.58
C37 CDL KA . 28.70 -12.53 -3.24
C38 CDL KA . 28.73 -13.88 -3.93
C39 CDL KA . 30.06 -14.61 -3.81
C40 CDL KA . 31.19 -14.00 -4.63
C41 CDL KA . 31.02 -14.12 -6.13
C42 CDL KA . 32.13 -13.47 -6.92
C43 CDL KA . 31.89 -13.41 -8.42
C44 CDL KA . 32.23 -14.69 -9.18
C45 CDL KA . 31.06 -15.66 -9.31
C46 CDL KA . 31.39 -16.90 -10.13
C47 CDL KA . 31.68 -16.59 -11.57
CB2 CDL KA . 14.61 -10.53 -8.59
OB2 CDL KA . 14.14 -10.31 -7.24
PB2 CDL KA . 13.97 -8.85 -6.64
OB3 CDL KA . 12.74 -8.27 -7.21
OB4 CDL KA . 14.10 -8.93 -5.16
OB5 CDL KA . 15.19 -8.00 -7.21
CB3 CDL KA . 16.51 -8.20 -6.67
CB4 CDL KA . 17.43 -7.14 -7.21
OB6 CDL KA . 18.79 -7.64 -7.05
CB5 CDL KA . 19.39 -8.18 -8.13
OB7 CDL KA . 18.95 -9.11 -8.73
C51 CDL KA . 20.65 -7.44 -8.46
C52 CDL KA . 21.90 -8.19 -8.03
C53 CDL KA . 23.14 -7.33 -8.07
C54 CDL KA . 24.38 -8.02 -7.52
C55 CDL KA . 25.59 -7.11 -7.40
C56 CDL KA . 26.81 -7.80 -6.81
C57 CDL KA . 28.04 -6.92 -6.73
C58 CDL KA . 29.23 -7.59 -6.05
C59 CDL KA . 29.67 -8.89 -6.72
C60 CDL KA . 30.88 -9.52 -6.06
C61 CDL KA . 32.20 -8.85 -6.40
C62 CDL KA . 33.37 -9.35 -5.60
C63 CDL KA . 34.71 -8.78 -6.04
C64 CDL KA . 35.83 -8.96 -5.05
C65 CDL KA . 37.14 -8.33 -5.48
C66 CDL KA . 38.20 -8.29 -4.40
C67 CDL KA . 39.44 -7.56 -4.85
CB6 CDL KA . 17.32 -5.86 -6.41
OB8 CDL KA . 17.80 -4.77 -7.22
CB7 CDL KA . 17.53 -3.54 -6.76
OB9 CDL KA . 16.65 -3.29 -6.00
C71 CDL KA . 18.48 -2.52 -7.33
C72 CDL KA . 18.53 -1.24 -6.51
C73 CDL KA . 17.27 -0.40 -6.61
C74 CDL KA . 17.27 0.84 -5.73
C75 CDL KA . 16.03 1.70 -5.89
C76 CDL KA . 16.08 3.01 -5.12
C77 CDL KA . 15.39 2.96 -3.76
C78 CDL KA . 16.07 2.07 -2.75
C79 CDL KA . 15.47 2.14 -1.35
C80 CDL KA . 15.59 3.50 -0.70
C81 CDL KA . 14.26 4.12 -0.32
C82 CDL KA . 13.65 3.56 0.96
C83 CDL KA . 12.19 3.95 1.17
C84 CDL KA . 11.63 3.58 2.53
C85 CDL KA . 11.78 2.12 2.91
C86 CDL KA . 11.03 1.12 2.03
C87 CDL KA . 11.81 0.65 0.82
H1 CDL KA . 14.39 -12.05 -10.10
H1O1 CDL KA . 12.08 -11.14 -8.79
HA22 CDL KA . 13.37 -13.77 -8.59
HA21 CDL KA . 13.38 -12.65 -7.26
HA32 CDL KA . 16.78 -12.18 -5.24
HA31 CDL KA . 17.26 -12.01 -6.91
HA4 CDL KA . 19.05 -13.29 -4.82
H112 CDL KA . 18.95 -9.42 -2.59
H111 CDL KA . 19.14 -9.02 -4.25
H122 CDL KA . 21.35 -9.54 -2.23
H121 CDL KA . 21.69 -9.43 -3.90
H132 CDL KA . 21.42 -7.29 -2.05
H131 CDL KA . 20.05 -7.16 -3.08
H142 CDL KA . 21.64 -7.28 -5.08
H141 CDL KA . 22.95 -7.24 -3.97
H152 CDL KA . 21.85 -5.04 -3.05
H151 CDL KA . 20.91 -5.07 -4.49
H162 CDL KA . 23.73 -4.37 -4.12
H161 CDL KA . 23.51 -5.44 -5.46
H172 CDL KA . 22.14 -2.76 -5.05
H171 CDL KA . 21.69 -3.86 -6.31
H182 CDL KA . 23.16 -2.23 -7.26
H181 CDL KA . 24.00 -3.73 -7.25
H192 CDL KA . 25.09 -1.42 -6.39
H191 CDL KA . 24.41 -1.91 -4.90
H202 CDL KA . 25.64 -4.09 -5.06
H201 CDL KA . 26.32 -3.60 -6.55
H212 CDL KA . 26.70 -2.01 -3.99
H211 CDL KA . 27.53 -1.75 -5.47
H222 CDL KA . 27.74 -4.36 -3.93
H221 CDL KA . 28.71 -3.89 -5.26
H232 CDL KA . 29.82 -2.15 -3.99
H231 CDL KA . 28.66 -2.23 -2.72
H242 CDL KA . 30.47 -3.40 -1.81
H241 CDL KA . 29.44 -4.67 -2.35
H252 CDL KA . 30.83 -4.77 -4.50
H251 CDL KA . 31.61 -5.30 -3.06
H262 CDL KA . 32.01 -2.63 -4.46
H261 CDL KA . 32.56 -2.90 -2.85
H273 CDL KA . 33.97 -4.84 -3.64
H272 CDL KA . 34.38 -3.35 -4.47
H271 CDL KA . 33.40 -4.56 -5.27
HA62 CDL KA . 19.49 -13.74 -7.27
HA61 CDL KA . 19.78 -12.02 -7.45
H312 CDL KA . 24.24 -13.14 -6.99
H311 CDL KA . 23.44 -13.23 -5.47
H322 CDL KA . 22.87 -10.73 -5.74
H321 CDL KA . 23.90 -10.72 -7.11
H332 CDL KA . 25.10 -9.93 -5.10
H331 CDL KA . 24.76 -11.40 -4.29
H342 CDL KA . 26.37 -11.31 -6.85
H341 CDL KA . 26.16 -12.68 -5.83
H352 CDL KA . 27.58 -10.11 -5.01
H351 CDL KA . 28.37 -11.54 -5.53
H362 CDL KA . 26.59 -12.26 -3.39
H361 CDL KA . 27.43 -10.85 -2.90
H372 CDL KA . 28.77 -12.67 -2.16
H371 CDL KA . 29.60 -11.98 -3.50
H382 CDL KA . 28.45 -13.76 -4.98
H381 CDL KA . 27.95 -14.50 -3.51
H392 CDL KA . 29.92 -15.66 -4.09
H391 CDL KA . 30.35 -14.66 -2.76
H402 CDL KA . 31.31 -12.95 -4.35
H401 CDL KA . 32.13 -14.46 -4.33
H412 CDL KA . 30.06 -13.69 -6.43
H411 CDL KA . 30.95 -15.18 -6.39
H422 CDL KA . 33.07 -14.00 -6.73
H421 CDL KA . 32.31 -12.47 -6.54
H432 CDL KA . 32.46 -12.58 -8.84
H431 CDL KA . 30.85 -13.13 -8.61
H442 CDL KA . 33.06 -15.19 -8.70
H441 CDL KA . 32.59 -14.43 -10.17
H452 CDL KA . 30.72 -15.97 -8.32
H451 CDL KA . 30.21 -15.15 -9.73
H462 CDL KA . 32.23 -17.43 -9.68
H461 CDL KA . 30.55 -17.61 -10.06
H473 CDL KA . 30.92 -15.96 -12.04
H472 CDL KA . 31.74 -17.49 -12.18
H471 CDL KA . 32.62 -16.07 -11.69
HB22 CDL KA . 15.69 -10.62 -8.59
HB21 CDL KA . 14.37 -9.64 -9.18
HB32 CDL KA . 16.45 -8.15 -5.59
HB31 CDL KA . 16.85 -9.21 -6.89
HB4 CDL KA . 17.22 -6.98 -8.25
H512 CDL KA . 20.67 -7.27 -9.54
H511 CDL KA . 20.64 -6.44 -8.02
H522 CDL KA . 22.03 -9.08 -8.64
H521 CDL KA . 21.75 -8.59 -7.02
H532 CDL KA . 23.33 -7.01 -9.09
H531 CDL KA . 22.97 -6.40 -7.52
H542 CDL KA . 24.16 -8.46 -6.55
H541 CDL KA . 24.63 -8.87 -8.15
H552 CDL KA . 25.34 -6.22 -6.81
H551 CDL KA . 25.84 -6.70 -8.38
H562 CDL KA . 26.56 -8.19 -5.82
H561 CDL KA . 27.02 -8.68 -7.40
H572 CDL KA . 28.33 -6.60 -7.73
H571 CDL KA . 27.80 -5.99 -6.21
H582 CDL KA . 30.06 -6.89 -6.00
H581 CDL KA . 28.99 -7.78 -5.01
H592 CDL KA . 28.85 -9.60 -6.73
H591 CDL KA . 29.88 -8.70 -7.77
H602 CDL KA . 30.93 -10.58 -6.32
H601 CDL KA . 30.75 -9.52 -4.98
H612 CDL KA . 32.40 -8.98 -7.46
H611 CDL KA . 32.10 -7.77 -6.28
H622 CDL KA . 33.22 -9.15 -4.54
H621 CDL KA . 33.42 -10.44 -5.65
H632 CDL KA . 34.99 -9.23 -7.00
H631 CDL KA . 34.58 -7.72 -6.28
H642 CDL KA . 35.53 -8.57 -4.08
H641 CDL KA . 35.99 -10.03 -4.87
H652 CDL KA . 37.53 -8.86 -6.35
H651 CDL KA . 36.95 -7.32 -5.85
H662 CDL KA . 37.79 -7.82 -3.50
H661 CDL KA . 38.46 -9.30 -4.10
H673 CDL KA . 39.27 -6.49 -4.94
H672 CDL KA . 39.81 -7.90 -5.80
H671 CDL KA . 40.26 -7.67 -4.13
HB62 CDL KA . 17.89 -5.94 -5.50
HB61 CDL KA . 16.29 -5.67 -6.13
H712 CDL KA . 19.47 -2.97 -7.40
H711 CDL KA . 18.21 -2.29 -8.36
H722 CDL KA . 19.39 -0.66 -6.82
H721 CDL KA . 18.72 -1.48 -5.46
H732 CDL KA . 16.40 -1.01 -6.37
H731 CDL KA . 17.11 -0.12 -7.64
H742 CDL KA . 17.38 0.53 -4.69
H741 CDL KA . 18.16 1.42 -5.93
H752 CDL KA . 15.15 1.14 -5.59
H751 CDL KA . 15.88 1.91 -6.95
H762 CDL KA . 17.11 3.31 -4.99
H761 CDL KA . 15.64 3.80 -5.73
H772 CDL KA . 15.32 3.98 -3.37
H771 CDL KA . 14.36 2.65 -3.89
H782 CDL KA . 16.03 1.03 -3.09
H781 CDL KA . 17.14 2.29 -2.71
H792 CDL KA . 15.94 1.39 -0.71
H791 CDL KA . 14.43 1.85 -1.39
H802 CDL KA . 16.14 4.18 -1.35
H801 CDL KA . 16.22 3.43 0.19
H812 CDL KA . 14.38 5.20 -0.21
H811 CDL KA . 13.56 4.00 -1.14
H822 CDL KA . 14.24 3.87 1.81
H821 CDL KA . 13.74 2.47 0.94
H832 CDL KA . 11.58 3.52 0.38
H831 CDL KA . 12.09 5.03 1.02
H842 CDL KA . 10.57 3.85 2.56
H841 CDL KA . 12.08 4.20 3.29
H852 CDL KA . 11.46 1.99 3.94
H851 CDL KA . 12.83 1.86 2.93
H862 CDL KA . 10.75 0.25 2.62
H861 CDL KA . 10.08 1.54 1.71
H873 CDL KA . 11.34 -0.21 0.35
H872 CDL KA . 11.89 1.42 0.05
H871 CDL KA . 12.82 0.35 1.07
C1 CDL LA . 22.58 -12.33 31.88
O1 CDL LA . 22.82 -11.86 30.56
CA2 CDL LA . 22.56 -11.15 32.81
OA2 CDL LA . 21.39 -10.35 32.53
PA1 CDL LA . 21.36 -8.80 32.90
OA3 CDL LA . 19.95 -8.35 32.84
OA4 CDL LA . 22.36 -8.08 32.06
OA5 CDL LA . 21.83 -8.71 34.42
CA3 CDL LA . 20.95 -9.15 35.46
CA4 CDL LA . 21.54 -8.85 36.82
OA6 CDL LA . 21.11 -7.51 37.21
CA5 CDL LA . 21.06 -7.24 38.53
OA7 CDL LA . 21.18 -8.07 39.39
C11 CDL LA . 20.81 -5.78 38.77
C12 CDL LA . 21.78 -4.85 38.04
C13 CDL LA . 23.23 -5.27 38.15
C14 CDL LA . 23.88 -5.65 36.82
C15 CDL LA . 24.55 -4.49 36.11
C16 CDL LA . 26.05 -4.42 36.34
C17 CDL LA . 26.73 -3.27 35.62
C18 CDL LA . 28.23 -3.19 35.88
C19 CDL LA . 28.92 -2.02 35.22
C20 CDL LA . 28.75 -1.96 33.72
C21 CDL LA . 29.75 -1.05 33.03
C22 CDL LA . 29.60 -0.99 31.52
C23 CDL LA . 30.90 -1.08 30.77
C24 CDL LA . 31.86 0.07 31.05
C25 CDL LA . 33.30 -0.22 30.66
C26 CDL LA . 34.00 -1.26 31.53
C27 CDL LA . 34.07 -0.88 32.99
CA6 CDL LA . 23.04 -8.86 36.81
OA8 CDL LA . 23.52 -10.21 36.56
CA7 CDL LA . 24.77 -10.46 36.95
OA9 CDL LA . 25.51 -9.63 37.41
C31 CDL LA . 25.14 -11.90 36.75
C32 CDL LA . 26.61 -12.08 36.40
C33 CDL LA . 27.16 -13.44 36.76
C34 CDL LA . 27.27 -13.70 38.26
C35 CDL LA . 28.17 -14.87 38.63
C36 CDL LA . 28.23 -15.14 40.12
C37 CDL LA . 29.00 -16.41 40.48
C38 CDL LA . 29.21 -16.61 41.97
C39 CDL LA . 28.21 -17.55 42.64
C40 CDL LA . 26.79 -17.00 42.74
C41 CDL LA . 26.67 -15.78 43.64
C42 CDL LA . 25.78 -15.99 44.86
C43 CDL LA . 24.31 -16.12 44.53
C44 CDL LA . 23.42 -16.27 45.75
C45 CDL LA . 21.94 -16.42 45.43
C46 CDL LA . 21.05 -16.51 46.66
C47 CDL LA . 19.58 -16.60 46.32
CB2 CDL LA . 23.62 -13.36 32.25
OB2 CDL LA . 23.18 -14.11 33.40
PB2 CDL LA . 22.72 -15.63 33.25
OB3 CDL LA . 21.77 -15.70 32.11
OB4 CDL LA . 22.28 -16.12 34.57
OB5 CDL LA . 24.05 -16.39 32.83
CB3 CDL LA . 24.93 -16.90 33.85
CB4 CDL LA . 26.29 -17.14 33.27
OB6 CDL LA . 26.67 -15.95 32.52
CB5 CDL LA . 27.73 -15.24 32.95
OB7 CDL LA . 28.12 -15.24 34.08
C51 CDL LA . 28.34 -14.46 31.82
C52 CDL LA . 29.28 -13.36 32.29
C53 CDL LA . 29.78 -12.49 31.15
C54 CDL LA . 30.65 -11.34 31.60
C55 CDL LA . 31.14 -10.46 30.46
C56 CDL LA . 32.02 -9.30 30.89
C57 CDL LA . 33.33 -9.73 31.53
C58 CDL LA . 34.28 -8.57 31.84
C59 CDL LA . 35.60 -9.01 32.42
C60 CDL LA . 36.58 -7.87 32.66
C61 CDL LA . 37.94 -8.32 33.18
C62 CDL LA . 37.91 -8.91 34.57
C63 CDL LA . 39.27 -9.38 35.06
C64 CDL LA . 39.27 -9.94 36.48
C65 CDL LA . 39.67 -8.94 37.55
C66 CDL LA . 38.81 -7.70 37.61
C67 CDL LA . 39.20 -6.77 38.74
CB6 CDL LA . 26.29 -18.29 32.31
OB8 CDL LA . 27.65 -18.55 31.89
CB7 CDL LA . 27.84 -19.00 30.64
OB9 CDL LA . 27.01 -18.90 29.78
C71 CDL LA . 29.18 -19.62 30.48
C72 CDL LA . 30.18 -18.73 29.74
C73 CDL LA . 31.60 -19.28 29.75
C74 CDL LA . 31.78 -20.59 29.02
C75 CDL LA . 31.68 -21.83 29.90
C76 CDL LA . 32.88 -22.04 30.82
C77 CDL LA . 32.66 -23.10 31.89
C78 CDL LA . 32.32 -24.46 31.35
C79 CDL LA . 32.02 -25.50 32.42
C80 CDL LA . 33.23 -25.96 33.19
C81 CDL LA . 34.27 -26.68 32.33
C82 CDL LA . 35.14 -27.67 33.10
C83 CDL LA . 34.39 -28.91 33.57
C84 CDL LA . 35.26 -29.93 34.27
C85 CDL LA . 34.48 -31.10 34.84
C86 CDL LA . 35.35 -32.15 35.51
C87 CDL LA . 34.55 -33.25 36.15
H1 CDL LA . 21.60 -12.78 31.77
H1O1 CDL LA . 22.09 -12.20 29.97
HA22 CDL LA . 23.44 -10.53 32.74
HA21 CDL LA . 22.47 -11.44 33.86
HA32 CDL LA . 20.74 -10.21 35.36
HA31 CDL LA . 20.00 -8.64 35.35
HA4 CDL LA . 21.20 -9.60 37.52
H112 CDL LA . 19.79 -5.51 38.52
H111 CDL LA . 20.87 -5.60 39.85
H122 CDL LA . 21.65 -3.84 38.41
H121 CDL LA . 21.48 -4.79 36.99
H132 CDL LA . 23.80 -4.46 38.59
H131 CDL LA . 23.34 -6.09 38.87
H142 CDL LA . 23.12 -6.08 36.17
H141 CDL LA . 24.59 -6.45 36.98
H152 CDL LA . 24.09 -3.56 36.43
H151 CDL LA . 24.35 -4.55 35.05
H162 CDL LA . 26.49 -5.37 36.02
H161 CDL LA . 26.26 -4.38 37.40
H172 CDL LA . 26.26 -2.33 35.89
H171 CDL LA . 26.56 -3.37 34.55
H182 CDL LA . 28.69 -4.12 35.57
H181 CDL LA . 28.40 -3.16 36.96
H192 CDL LA . 28.55 -1.09 35.66
H191 CDL LA . 29.98 -2.03 35.47
H202 CDL LA . 27.74 -1.62 33.49
H201 CDL LA . 28.80 -2.97 33.31
H212 CDL LA . 30.76 -1.38 33.27
H211 CDL LA . 29.68 -0.06 33.44
H222 CDL LA . 29.09 -0.06 31.24
H221 CDL LA . 28.92 -1.78 31.18
H232 CDL LA . 30.71 -1.13 29.69
H231 CDL LA . 31.38 -2.03 30.98
H242 CDL LA . 31.82 0.33 32.11
H241 CDL LA . 31.52 0.96 30.55
H252 CDL LA . 33.33 -0.53 29.62
H251 CDL LA . 33.87 0.71 30.69
H262 CDL LA . 35.01 -1.44 31.15
H261 CDL LA . 33.50 -2.23 31.42
H273 CDL LA . 34.46 0.13 33.14
H272 CDL LA . 33.09 -0.92 33.47
H271 CDL LA . 34.72 -1.55 33.55
HA62 CDL LA . 23.43 -8.50 37.75
HA61 CDL LA . 23.45 -8.22 36.03
H312 CDL LA . 24.87 -12.47 37.63
H311 CDL LA . 24.52 -12.30 35.96
H322 CDL LA . 27.19 -11.30 36.90
H321 CDL LA . 26.76 -11.89 35.35
H332 CDL LA . 28.14 -13.59 36.30
H331 CDL LA . 26.53 -14.21 36.31
H342 CDL LA . 27.61 -12.79 38.75
H341 CDL LA . 26.27 -13.87 38.66
H352 CDL LA . 29.18 -14.68 38.26
H351 CDL LA . 27.85 -15.76 38.10
H362 CDL LA . 28.69 -14.29 40.63
H361 CDL LA . 27.23 -15.19 40.53
H372 CDL LA . 29.97 -16.40 39.97
H371 CDL LA . 28.50 -17.27 40.07
H382 CDL LA . 29.21 -15.65 42.48
H381 CDL LA . 30.22 -17.00 42.14
H392 CDL LA . 28.57 -17.83 43.62
H391 CDL LA . 28.18 -18.49 42.09
H402 CDL LA . 26.41 -16.77 41.75
H401 CDL LA . 26.13 -17.78 43.11
H412 CDL LA . 26.28 -14.95 43.05
H411 CDL LA . 27.65 -15.45 43.96
H422 CDL LA . 25.92 -15.17 45.56
H421 CDL LA . 26.11 -16.87 45.40
H432 CDL LA . 24.15 -16.95 43.84
H431 CDL LA . 23.98 -15.24 43.97
H442 CDL LA . 23.75 -17.14 46.33
H441 CDL LA . 23.56 -15.43 46.42
H452 CDL LA . 21.79 -17.31 44.82
H451 CDL LA . 21.62 -15.60 44.80
H462 CDL LA . 21.34 -17.37 47.27
H461 CDL LA . 21.24 -15.66 47.30
H473 CDL LA . 19.38 -17.27 45.51
H472 CDL LA . 19.17 -15.63 46.04
H471 CDL LA . 18.99 -16.94 47.17
HB22 CDL LA . 24.59 -12.91 32.46
HB21 CDL LA . 23.77 -14.07 31.44
HB32 CDL LA . 24.50 -17.84 34.21
HB31 CDL LA . 24.94 -16.24 34.70
HB4 CDL LA . 26.99 -17.31 34.08
H512 CDL LA . 28.87 -15.15 31.18
H511 CDL LA . 27.56 -14.03 31.19
H522 CDL LA . 30.12 -13.80 32.83
H521 CDL LA . 28.78 -12.75 33.04
H532 CDL LA . 28.93 -12.11 30.59
H531 CDL LA . 30.32 -13.11 30.44
H542 CDL LA . 31.50 -11.73 32.17
H541 CDL LA . 30.11 -10.73 32.32
H552 CDL LA . 30.28 -10.07 29.90
H551 CDL LA . 31.68 -11.07 29.73
H562 CDL LA . 31.46 -8.65 31.57
H561 CDL LA . 32.23 -8.67 30.03
H572 CDL LA . 33.83 -10.44 30.89
H571 CDL LA . 33.13 -10.29 32.45
H582 CDL LA . 34.44 -7.98 30.94
H581 CDL LA . 33.79 -7.89 32.53
H592 CDL LA . 36.06 -9.75 31.78
H591 CDL LA . 35.43 -9.55 33.36
H602 CDL LA . 36.71 -7.30 31.74
H601 CDL LA . 36.15 -7.15 33.35
H612 CDL LA . 38.63 -7.47 33.16
H611 CDL LA . 38.39 -9.03 32.49
H622 CDL LA . 37.49 -8.19 35.27
H621 CDL LA . 37.21 -9.74 34.61
H632 CDL LA . 39.98 -8.55 35.02
H631 CDL LA . 39.68 -10.12 34.37
H642 CDL LA . 39.93 -10.81 36.53
H641 CDL LA . 38.28 -10.34 36.71
H652 CDL LA . 40.71 -8.66 37.42
H651 CDL LA . 39.65 -9.43 38.53
H662 CDL LA . 37.76 -7.97 37.70
H661 CDL LA . 38.87 -7.15 36.66
H673 CDL LA . 38.37 -6.16 39.08
H672 CDL LA . 39.99 -6.07 38.44
H671 CDL LA . 39.58 -7.30 39.61
HB62 CDL LA . 25.66 -18.07 31.46
HB61 CDL LA . 25.90 -19.19 32.76
H712 CDL LA . 29.05 -20.57 29.95
H711 CDL LA . 29.59 -19.91 31.45
H722 CDL LA . 30.15 -17.74 30.18
H721 CDL LA . 29.84 -18.59 28.71
H732 CDL LA . 31.93 -19.37 30.79
H731 CDL LA . 32.27 -18.52 29.33
H742 CDL LA . 32.76 -20.59 28.52
H741 CDL LA . 31.07 -20.66 28.20
H752 CDL LA . 31.54 -22.71 29.28
H751 CDL LA . 30.78 -21.78 30.50
H762 CDL LA . 33.16 -21.10 31.29
H761 CDL LA . 33.75 -22.30 30.22
H772 CDL LA . 31.88 -22.77 32.56
H771 CDL LA . 33.54 -23.16 32.51
H782 CDL LA . 33.14 -24.83 30.72
H781 CDL LA . 31.47 -24.41 30.66
H792 CDL LA . 31.52 -26.36 31.97
H791 CDL LA . 31.29 -25.08 33.11
H802 CDL LA . 32.93 -26.60 34.02
H801 CDL LA . 33.70 -25.11 33.68
H812 CDL LA . 34.91 -25.94 31.84
H811 CDL LA . 33.78 -27.18 31.52
H822 CDL LA . 35.98 -27.97 32.48
H821 CDL LA . 35.60 -27.17 33.95
H832 CDL LA . 33.90 -29.37 32.72
H831 CDL LA . 33.58 -28.62 34.23
H842 CDL LA . 36.02 -30.30 33.59
H841 CDL LA . 35.82 -29.44 35.07
H852 CDL LA . 33.89 -31.56 34.05
H851 CDL LA . 33.74 -30.74 35.54
H862 CDL LA . 35.98 -31.68 36.26
H861 CDL LA . 36.04 -32.57 34.79
H873 CDL LA . 34.04 -32.93 37.05
H872 CDL LA . 33.77 -33.63 35.48
H871 CDL LA . 35.16 -34.10 36.43
C1 CDL MA . 12.33 -6.80 47.23
O1 CDL MA . 11.06 -6.17 47.40
CA2 CDL MA . 12.61 -7.66 48.45
OA2 CDL MA . 12.24 -9.03 48.20
PA1 CDL MA . 12.78 -10.17 49.19
OA3 CDL MA . 12.38 -9.82 50.57
OA4 CDL MA . 12.41 -11.49 48.65
OA5 CDL MA . 14.37 -9.97 49.12
CA3 CDL MA . 15.24 -11.04 48.68
CA4 CDL MA . 16.13 -10.53 47.59
OA6 CDL MA . 17.33 -11.36 47.54
CA5 CDL MA . 17.87 -11.61 46.33
OA7 CDL MA . 17.52 -11.07 45.32
C11 CDL MA . 18.98 -12.61 46.43
C12 CDL MA . 20.33 -11.99 46.75
C13 CDL MA . 21.51 -12.73 46.12
C14 CDL MA . 21.95 -12.17 44.78
C15 CDL MA . 23.28 -11.41 44.84
C16 CDL MA . 24.46 -12.20 44.31
C17 CDL MA . 25.78 -11.46 44.39
C18 CDL MA . 26.99 -12.25 43.92
C19 CDL MA . 27.07 -12.45 42.41
C20 CDL MA . 27.88 -11.40 41.68
C21 CDL MA . 29.38 -11.52 41.88
C22 CDL MA . 30.21 -10.52 41.09
C23 CDL MA . 30.06 -10.63 39.58
C24 CDL MA . 30.37 -12.02 39.01
C25 CDL MA . 30.31 -12.10 37.50
C26 CDL MA . 31.44 -11.40 36.76
C27 CDL MA . 32.78 -12.08 36.95
CA6 CDL MA . 16.57 -9.11 47.83
OA8 CDL MA . 17.39 -8.70 46.71
CA7 CDL MA . 16.76 -8.24 45.63
OA9 CDL MA . 15.67 -8.62 45.27
C31 CDL MA . 17.57 -7.20 44.92
C32 CDL MA . 19.01 -7.14 45.39
C33 CDL MA . 19.79 -8.40 45.06
C34 CDL MA . 21.15 -8.48 45.72
C35 CDL MA . 22.10 -7.37 45.33
C36 CDL MA . 22.42 -7.33 43.84
C37 CDL MA . 23.47 -6.32 43.47
C38 CDL MA . 24.87 -6.66 43.95
C39 CDL MA . 25.89 -6.68 42.84
C40 CDL MA . 25.78 -7.88 41.92
C41 CDL MA . 26.64 -7.80 40.66
C42 CDL MA . 28.09 -7.42 40.91
C43 CDL MA . 28.38 -5.93 40.89
C44 CDL MA . 28.10 -5.24 39.56
C45 CDL MA . 28.97 -5.73 38.41
C46 CDL MA . 30.44 -5.37 38.54
C47 CDL MA . 31.28 -6.47 39.14
CB2 CDL MA . 12.36 -7.53 45.91
OB2 CDL MA . 11.90 -6.62 44.89
PB2 CDL MA . 12.44 -6.73 43.39
OB3 CDL MA . 11.38 -6.17 42.53
OB4 CDL MA . 12.93 -8.11 43.15
OB5 CDL MA . 13.68 -5.72 43.30
CB3 CDL MA . 14.00 -4.84 44.40
CB4 CDL MA . 14.77 -3.66 43.88
OB6 CDL MA . 16.14 -4.07 43.60
CB5 CDL MA . 16.86 -3.28 42.79
OB7 CDL MA . 16.39 -2.41 42.11
C51 CDL MA . 18.33 -3.62 42.84
C52 CDL MA . 19.20 -2.38 42.97
C53 CDL MA . 20.70 -2.67 42.90
C54 CDL MA . 21.21 -2.86 41.47
C55 CDL MA . 22.66 -3.32 41.39
C56 CDL MA . 23.71 -2.22 41.54
C57 CDL MA . 25.14 -2.73 41.43
C58 CDL MA . 26.17 -1.66 41.09
C59 CDL MA . 26.30 -0.56 42.13
C60 CDL MA . 27.41 0.45 41.83
C61 CDL MA . 27.31 1.11 40.46
C62 CDL MA . 28.22 0.49 39.40
C63 CDL MA . 29.66 1.00 39.44
C64 CDL MA . 29.84 2.36 38.77
C65 CDL MA . 30.06 3.52 39.74
C66 CDL MA . 31.38 3.49 40.49
C67 CDL MA . 32.58 3.55 39.58
CB6 CDL MA . 14.82 -2.56 44.91
OB8 CDL MA . 16.18 -2.37 45.37
CB7 CDL MA . 16.36 -1.45 46.33
OB9 CDL MA . 16.51 -1.72 47.48
C71 CDL MA . 16.39 -0.06 45.75
C72 CDL MA . 17.79 0.53 45.69
C73 CDL MA . 17.84 1.85 44.94
C74 CDL MA . 19.19 2.14 44.31
C75 CDL MA . 19.50 1.27 43.09
C76 CDL MA . 20.99 1.09 42.82
C77 CDL MA . 21.64 2.29 42.17
C78 CDL MA . 23.16 2.31 42.31
C79 CDL MA . 23.86 3.21 41.32
C80 CDL MA . 25.28 3.59 41.71
C81 CDL MA . 25.38 4.65 42.80
C82 CDL MA . 24.87 6.02 42.38
C83 CDL MA . 24.98 7.09 43.45
C84 CDL MA . 26.23 7.94 43.37
C85 CDL MA . 27.53 7.17 43.49
C86 CDL MA . 28.75 8.07 43.63
C87 CDL MA . 30.05 7.30 43.75
H1 CDL MA . 12.98 -5.93 47.21
H1O1 CDL MA . 11.23 -5.22 47.60
HA22 CDL MA . 12.07 -7.30 49.32
HA21 CDL MA . 13.66 -7.65 48.71
HA32 CDL MA . 14.67 -11.90 48.37
HA31 CDL MA . 15.84 -11.35 49.53
HA4 CDL MA . 15.58 -10.57 46.64
H112 CDL MA . 19.06 -13.19 45.51
H111 CDL MA . 18.70 -13.34 47.19
H122 CDL MA . 20.33 -10.95 46.42
H121 CDL MA . 20.45 -11.94 47.83
H132 CDL MA . 21.24 -13.78 46.00
H131 CDL MA . 22.34 -12.73 46.83
H142 CDL MA . 21.18 -11.51 44.40
H141 CDL MA . 22.02 -12.97 44.07
H152 CDL MA . 23.48 -11.09 45.85
H151 CDL MA . 23.19 -10.49 44.27
H162 CDL MA . 24.27 -12.49 43.28
H161 CDL MA . 24.53 -13.15 44.84
H172 CDL MA . 25.96 -11.13 45.42
H171 CDL MA . 25.72 -10.53 43.82
H182 CDL MA . 27.90 -11.77 44.27
H181 CDL MA . 26.99 -13.23 44.41
H192 CDL MA . 26.06 -12.48 41.99
H191 CDL MA . 27.48 -13.43 42.19
H202 CDL MA . 27.56 -10.41 42.00
H201 CDL MA . 27.65 -11.43 40.61
H212 CDL MA . 29.62 -11.41 42.94
H211 CDL MA . 29.70 -12.53 41.66
H222 CDL MA . 31.26 -10.64 41.36
H221 CDL MA . 29.98 -9.52 41.42
H232 CDL MA . 29.05 -10.35 39.29
H231 CDL MA . 30.70 -9.90 39.10
H242 CDL MA . 29.69 -12.74 39.45
H241 CDL MA . 31.35 -12.34 39.36
H252 CDL MA . 29.35 -11.70 37.16
H251 CDL MA . 30.27 -13.14 37.20
H262 CDL MA . 31.50 -10.36 37.07
H261 CDL MA . 31.20 -11.35 35.71
H273 CDL MA . 32.78 -13.10 36.57
H272 CDL MA . 33.08 -12.13 38.00
H271 CDL MA . 33.57 -11.55 36.43
HA62 CDL MA . 15.73 -8.44 47.96
HA61 CDL MA . 17.18 -9.05 48.73
H312 CDL MA . 17.53 -7.37 43.84
H311 CDL MA . 17.09 -6.23 45.06
H322 CDL MA . 19.50 -6.27 44.95
H321 CDL MA . 19.04 -6.95 46.46
H332 CDL MA . 19.91 -8.49 43.98
H331 CDL MA . 19.21 -9.28 45.33
H342 CDL MA . 21.61 -9.44 45.49
H341 CDL MA . 21.03 -8.49 46.81
H352 CDL MA . 23.03 -7.46 45.90
H351 CDL MA . 21.70 -6.41 45.64
H362 CDL MA . 22.72 -8.32 43.51
H361 CDL MA . 21.50 -7.13 43.29
H372 CDL MA . 23.18 -5.34 43.86
H371 CDL MA . 23.48 -6.19 42.39
H382 CDL MA . 24.85 -7.63 44.46
H381 CDL MA . 25.17 -5.96 44.72
H392 CDL MA . 26.89 -6.63 43.27
H391 CDL MA . 25.80 -5.77 42.25
H402 CDL MA . 24.74 -8.03 41.64
H401 CDL MA . 26.03 -8.78 42.47
H412 CDL MA . 26.17 -7.12 39.96
H411 CDL MA . 26.60 -8.76 40.15
H422 CDL MA . 28.73 -7.93 40.18
H421 CDL MA . 28.41 -7.84 41.87
H432 CDL MA . 29.42 -5.76 41.17
H431 CDL MA . 27.83 -5.41 41.67
H442 CDL MA . 28.23 -4.17 39.67
H441 CDL MA . 27.05 -5.34 39.29
H452 CDL MA . 28.59 -5.33 37.47
H451 CDL MA . 28.88 -6.80 38.30
H462 CDL MA . 30.54 -4.46 39.14
H461 CDL MA . 30.85 -5.08 37.57
H473 CDL MA . 31.09 -6.62 40.19
H472 CDL MA . 32.35 -6.26 39.04
H471 CDL MA . 31.11 -7.42 38.64
HB22 CDL MA . 13.37 -7.88 45.67
HB21 CDL MA . 11.72 -8.39 45.92
HB32 CDL MA . 13.06 -4.51 44.82
HB31 CDL MA . 14.52 -5.38 45.18
HB4 CDL MA . 14.31 -3.32 42.95
H512 CDL MA . 18.57 -4.17 41.94
H511 CDL MA . 18.52 -4.31 43.66
H522 CDL MA . 18.98 -1.87 43.90
H521 CDL MA . 18.93 -1.67 42.20
H532 CDL MA . 20.93 -3.54 43.49
H531 CDL MA . 21.25 -1.86 43.37
H542 CDL MA . 21.09 -1.92 40.93
H541 CDL MA . 20.58 -3.56 40.94
H552 CDL MA . 22.82 -3.85 40.46
H551 CDL MA . 22.84 -4.08 42.15
H562 CDL MA . 23.56 -1.71 42.50
H561 CDL MA . 23.53 -1.44 40.81
H572 CDL MA . 25.18 -3.52 40.68
H571 CDL MA . 25.42 -3.23 42.35
H582 CDL MA . 25.94 -1.23 40.12
H581 CDL MA . 27.14 -2.14 40.94
H592 CDL MA . 26.46 -1.00 43.11
H591 CDL MA . 25.35 -0.03 42.23
H602 CDL MA . 28.37 -0.04 41.93
H601 CDL MA . 27.42 1.21 42.60
H612 CDL MA . 27.53 2.16 40.56
H611 CDL MA . 26.28 1.08 40.12
H622 CDL MA . 27.80 0.66 38.42
H621 CDL MA . 28.22 -0.60 39.51
H632 CDL MA . 30.30 0.28 38.95
H631 CDL MA . 30.00 1.04 40.47
H642 CDL MA . 28.97 2.57 38.15
H641 CDL MA . 30.67 2.31 38.08
H652 CDL MA . 29.24 3.57 40.46
H651 CDL MA . 29.99 4.46 39.20
H662 CDL MA . 31.43 2.60 41.11
H661 CDL MA . 31.42 4.31 41.19
H673 CDL MA . 32.69 2.65 38.99
H672 CDL MA . 33.51 3.69 40.12
H671 CDL MA . 32.51 4.38 38.86
HB62 CDL MA . 14.43 -1.63 44.49
HB61 CDL MA . 14.20 -2.80 45.78
H712 CDL MA . 15.73 0.56 46.35
H711 CDL MA . 15.94 -0.06 44.76
H722 CDL MA . 18.48 -0.19 45.26
H721 CDL MA . 18.15 0.68 46.71
H732 CDL MA . 17.57 2.67 45.61
H731 CDL MA . 17.07 1.87 44.17
H742 CDL MA . 19.98 2.03 45.05
H741 CDL MA . 19.25 3.20 44.02
H752 CDL MA . 19.02 1.71 42.22
H751 CDL MA . 19.02 0.30 43.21
H762 CDL MA . 21.12 0.21 42.20
H761 CDL MA . 21.49 0.84 43.75
H772 CDL MA . 21.37 2.33 41.12
H771 CDL MA . 21.23 3.20 42.59
H782 CDL MA . 23.43 2.61 43.33
H781 CDL MA . 23.54 1.29 42.22
H792 CDL MA . 23.27 4.11 41.15
H791 CDL MA . 23.87 2.72 40.34
H802 CDL MA . 25.80 2.70 42.04
H801 CDL MA . 25.83 3.92 40.83
H812 CDL MA . 26.41 4.73 43.14
H811 CDL MA . 24.83 4.32 43.68
H822 CDL MA . 23.82 5.95 42.05
H821 CDL MA . 25.40 6.34 41.49
H832 CDL MA . 24.93 6.61 44.43
H831 CDL MA . 24.10 7.73 43.42
H842 CDL MA . 26.19 8.72 44.12
H841 CDL MA . 26.23 8.49 42.42
H852 CDL MA . 27.48 6.49 44.35
H851 CDL MA . 27.66 6.52 42.64
H862 CDL MA . 28.80 8.74 42.77
H861 CDL MA . 28.64 8.72 44.49
H873 CDL MA . 30.10 6.71 44.65
H872 CDL MA . 30.92 7.96 43.75
H871 CDL MA . 30.18 6.60 42.92
C1 CDL NA . 3.12 13.62 -47.45
O1 CDL NA . 2.74 12.26 -47.59
CA2 CDL NA . 2.68 14.39 -48.67
OA2 CDL NA . 1.41 15.05 -48.42
PA1 CDL NA . 0.93 16.20 -49.41
OA3 CDL NA . 0.91 15.67 -50.78
OA4 CDL NA . -0.31 16.82 -48.86
OA5 CDL NA . 2.14 17.25 -49.35
CA3 CDL NA . 1.94 18.61 -48.93
CA4 CDL NA . 2.92 18.94 -47.83
OA6 CDL NA . 3.10 20.39 -47.80
CA5 CDL NA . 3.31 20.96 -46.61
OA7 CDL NA . 3.46 20.34 -45.59
C11 CDL NA . 3.31 22.45 -46.71
C12 CDL NA . 4.67 23.03 -47.04
C13 CDL NA . 4.92 24.40 -46.43
C14 CDL NA . 5.65 24.37 -45.10
C15 CDL NA . 7.09 24.84 -45.15
C16 CDL NA . 7.31 26.25 -44.65
C17 CDL NA . 8.75 26.73 -44.73
C18 CDL NA . 8.97 28.16 -44.27
C19 CDL NA . 8.89 28.36 -42.77
C20 CDL NA . 10.22 28.26 -42.05
C21 CDL NA . 11.14 29.45 -42.27
C22 CDL NA . 12.44 29.41 -41.49
C23 CDL NA . 12.26 29.38 -39.97
C24 CDL NA . 11.46 30.54 -39.41
C25 CDL NA . 11.36 30.56 -37.90
C26 CDL NA . 12.64 30.93 -37.16
C27 CDL NA . 13.04 32.38 -37.37
CA6 CDL NA . 4.26 18.31 -48.08
OA8 CDL NA . 5.13 18.64 -46.97
CA7 CDL NA . 5.06 17.88 -45.88
OA9 CDL NA . 4.04 17.34 -45.52
C31 CDL NA . 6.37 17.77 -45.18
C32 CDL NA . 7.38 18.81 -45.67
C33 CDL NA . 6.98 20.23 -45.35
C34 CDL NA . 7.83 21.30 -46.03
C35 CDL NA . 9.29 21.25 -45.64
C36 CDL NA . 9.54 21.47 -44.16
C37 CDL NA . 11.00 21.57 -43.80
C38 CDL NA . 11.69 22.82 -44.29
C39 CDL NA . 12.37 23.61 -43.19
C40 CDL NA . 11.40 24.34 -42.27
C41 CDL NA . 12.04 24.93 -41.02
C42 CDL NA . 13.31 25.75 -41.28
C43 CDL NA . 14.61 24.96 -41.27
C44 CDL NA . 14.94 24.30 -39.93
C45 CDL NA . 15.17 25.27 -38.80
C46 CDL NA . 16.43 26.12 -38.94
C47 CDL NA . 16.18 27.49 -39.54
CB2 CDL NA . 2.62 14.15 -46.13
OB2 CDL NA . 2.99 13.21 -45.10
PB2 CDL NA . 3.28 13.68 -43.61
OB3 CDL NA . 2.99 12.53 -42.74
OB4 CDL NA . 2.60 14.97 -43.37
OB5 CDL NA . 4.86 13.93 -43.53
CB3 CDL NA . 5.72 13.56 -44.62
CB4 CDL NA . 7.12 13.33 -44.12
OB6 CDL NA . 7.74 14.64 -43.86
CB5 CDL NA . 8.81 14.64 -43.05
OB7 CDL NA . 9.14 13.70 -42.37
C51 CDL NA . 9.55 15.95 -43.12
C52 CDL NA . 11.05 15.76 -43.26
C53 CDL NA . 11.84 17.06 -43.19
C54 CDL NA . 12.06 17.59 -41.78
C55 CDL NA . 12.69 18.97 -41.71
C56 CDL NA . 14.20 19.00 -41.88
C57 CDL NA . 14.80 20.40 -41.78
C58 CDL NA . 16.28 20.45 -41.44
C59 CDL NA . 17.18 19.80 -42.48
C60 CDL NA . 18.67 19.95 -42.19
C61 CDL NA . 19.10 19.45 -40.83
C62 CDL NA . 19.26 20.53 -39.79
C63 CDL NA . 20.61 21.26 -39.83
C64 CDL NA . 21.74 20.48 -39.17
C65 CDL NA . 22.73 19.86 -40.14
C66 CDL NA . 23.60 20.86 -40.90
C67 CDL NA . 24.47 21.70 -39.99
CB6 CDL NA . 7.96 12.62 -45.15
OB8 CDL NA . 9.01 13.49 -45.63
CB7 CDL NA . 9.80 13.02 -46.58
OB9 CDL NA . 9.69 13.29 -47.74
C71 CDL NA . 10.85 12.11 -46.01
C72 CDL NA . 12.24 12.74 -45.96
C73 CDL NA . 13.25 11.89 -45.21
C74 CDL NA . 14.38 12.70 -44.60
C75 CDL NA . 13.96 13.52 -43.39
C76 CDL NA . 14.82 14.75 -43.13
C77 CDL NA . 16.16 14.44 -42.49
C78 CDL NA . 17.18 15.55 -42.64
C79 CDL NA . 18.33 15.47 -41.65
C80 CDL NA . 19.57 16.26 -42.06
C81 CDL NA . 20.41 15.61 -43.15
C82 CDL NA . 21.08 14.32 -42.72
C83 CDL NA . 21.94 13.67 -43.80
C84 CDL NA . 23.42 14.02 -43.72
C85 CDL NA . 23.72 15.51 -43.86
C86 CDL NA . 25.20 15.81 -44.01
C87 CDL NA . 25.50 17.28 -44.13
H1 CDL NA . 4.21 13.52 -47.42
H1O1 CDL NA . 3.56 11.74 -47.80
HA22 CDL NA . 2.56 13.75 -49.54
HA21 CDL NA . 3.38 15.16 -48.94
HA32 CDL NA . 0.91 18.78 -48.60
HA31 CDL NA . 2.11 19.26 -49.79
HA4 CDL NA . 2.53 18.57 -46.89
H112 CDL NA . 2.93 22.91 -45.80
H111 CDL NA . 2.57 22.73 -47.46
H122 CDL NA . 5.44 22.34 -46.72
H121 CDL NA . 4.78 23.08 -48.12
H132 CDL NA . 3.97 24.91 -46.30
H131 CDL NA . 5.47 25.03 -47.14
H142 CDL NA . 5.61 23.35 -44.70
H141 CDL NA . 5.09 24.96 -44.38
H152 CDL NA . 7.46 24.76 -46.18
H151 CDL NA . 7.71 24.15 -44.59
H162 CDL NA . 6.97 26.31 -43.61
H161 CDL NA . 6.65 26.94 -45.17
H172 CDL NA . 9.10 26.62 -45.76
H171 CDL NA . 9.39 26.07 -44.17
H182 CDL NA . 9.94 28.51 -44.63
H181 CDL NA . 8.26 28.82 -44.77
H192 CDL NA . 8.19 27.64 -42.34
H191 CDL NA . 8.44 29.32 -42.55
H202 CDL NA . 10.74 27.34 -42.36
H201 CDL NA . 10.05 28.11 -40.98
H212 CDL NA . 11.37 29.54 -43.33
H211 CDL NA . 10.60 30.37 -42.04
H222 CDL NA . 13.06 30.26 -41.76
H221 CDL NA . 13.03 28.55 -41.80
H232 CDL NA . 11.81 28.43 -39.67
H231 CDL NA . 13.25 29.36 -39.50
H242 CDL NA . 10.46 30.51 -39.83
H241 CDL NA . 11.87 31.47 -39.77
H252 CDL NA . 11.02 29.59 -37.54
H251 CDL NA . 10.56 31.24 -37.60
H262 CDL NA . 13.45 30.28 -37.47
H261 CDL NA . 12.52 30.73 -36.10
H273 CDL NA . 12.29 33.07 -37.00
H272 CDL NA . 13.20 32.62 -38.42
H271 CDL NA . 13.97 32.62 -36.85
HA62 CDL NA . 4.20 17.23 -48.20
HA61 CDL NA . 4.72 18.71 -48.99
H312 CDL NA . 6.22 17.88 -44.11
H311 CDL NA . 6.76 16.77 -45.32
H322 CDL NA . 8.35 18.59 -45.23
H321 CDL NA . 7.54 18.70 -46.74
H332 CDL NA . 7.00 20.38 -44.27
H331 CDL NA . 5.93 20.39 -45.61
H342 CDL NA . 7.43 22.28 -45.80
H341 CDL NA . 7.72 21.20 -47.11
H352 CDL NA . 9.85 21.99 -46.21
H351 CDL NA . 9.73 20.30 -45.95
H362 CDL NA . 9.02 22.36 -43.83
H361 CDL NA . 9.08 20.66 -43.59
H372 CDL NA . 11.54 20.70 -44.18
H371 CDL NA . 11.11 21.50 -42.71
H382 CDL NA . 10.96 23.46 -44.80
H381 CDL NA . 12.41 22.57 -45.07
H392 CDL NA . 13.07 24.32 -43.63
H391 CDL NA . 12.98 22.93 -42.60
H402 CDL NA . 10.60 23.66 -41.98
H401 CDL NA . 10.90 25.13 -42.83
H412 CDL NA . 12.25 24.13 -40.31
H411 CDL NA . 11.32 25.56 -40.51
H422 CDL NA . 13.37 26.56 -40.56
H421 CDL NA . 13.21 26.25 -42.24
H432 CDL NA . 15.43 25.61 -41.56
H431 CDL NA . 14.61 24.20 -42.04
H442 CDL NA . 15.82 23.67 -40.05
H441 CDL NA . 14.16 23.59 -39.65
H452 CDL NA . 15.22 24.74 -37.85
H451 CDL NA . 14.31 25.93 -38.68
H462 CDL NA . 17.16 25.59 -39.54
H461 CDL NA . 16.92 26.23 -37.97
H473 CDL NA . 15.92 27.44 -40.60
H472 CDL NA . 17.04 28.13 -39.46
H471 CDL NA . 15.36 27.99 -39.04
HB22 CDL NA . 3.04 15.13 -45.89
HB21 CDL NA . 1.54 14.25 -46.13
HB32 CDL NA . 5.33 12.62 -45.05
HB31 CDL NA . 5.67 14.30 -45.41
HB4 CDL NA . 7.07 12.78 -43.19
H512 CDL NA . 9.30 16.51 -42.22
H511 CDL NA . 9.16 16.55 -43.94
H522 CDL NA . 11.26 15.25 -44.18
H521 CDL NA . 11.41 15.09 -42.48
H532 CDL NA . 11.35 17.83 -43.79
H531 CDL NA . 12.81 16.93 -43.67
H542 CDL NA . 12.67 16.87 -41.23
H541 CDL NA . 11.11 17.59 -41.24
H552 CDL NA . 12.41 19.45 -40.78
H551 CDL NA . 12.25 19.61 -42.47
H562 CDL NA . 14.48 18.55 -42.83
H561 CDL NA . 14.68 18.35 -41.13
H572 CDL NA . 14.24 20.96 -41.03
H571 CDL NA . 14.61 20.94 -42.70
H582 CDL NA . 16.44 20.00 -40.47
H581 CDL NA . 16.58 21.49 -41.31
H592 CDL NA . 16.95 20.20 -43.47
H591 CDL NA . 16.93 18.74 -42.57
H602 CDL NA . 18.96 20.99 -42.30
H601 CDL NA . 19.24 19.43 -42.97
H612 CDL NA . 20.04 18.90 -40.92
H611 CDL NA . 18.39 18.69 -40.47
H622 CDL NA . 19.10 20.11 -38.79
H621 CDL NA . 18.46 21.27 -39.89
H632 CDL NA . 20.50 22.23 -39.35
H631 CDL NA . 20.85 21.48 -40.86
H642 CDL NA . 21.32 19.71 -38.53
H641 CDL NA . 22.26 21.13 -38.48
H652 CDL NA . 22.22 19.22 -40.84
H651 CDL NA . 23.39 19.18 -39.58
H662 CDL NA . 22.98 21.49 -41.52
H661 CDL NA . 24.23 20.31 -41.60
H673 CDL NA . 23.87 22.40 -39.41
H672 CDL NA . 25.19 22.29 -40.56
H671 CDL NA . 25.02 21.10 -39.28
HB62 CDL NA . 8.39 11.71 -44.72
HB61 CDL NA . 7.36 12.32 -46.00
H712 CDL NA . 10.86 11.19 -46.61
H711 CDL NA . 10.57 11.78 -45.02
H722 CDL NA . 12.17 13.73 -45.54
H721 CDL NA . 12.59 12.90 -46.98
H732 CDL NA . 13.67 11.15 -45.88
H731 CDL NA . 12.75 11.32 -44.44
H742 CDL NA . 14.81 13.36 -45.35
H741 CDL NA . 15.20 12.05 -44.31
H752 CDL NA . 13.96 12.89 -42.50
H751 CDL NA . 12.91 13.83 -43.49
H762 CDL NA . 14.26 15.45 -42.50
H761 CDL NA . 14.97 15.28 -44.06
H772 CDL NA . 16.01 14.22 -41.43
H771 CDL NA . 16.54 13.52 -42.90
H782 CDL NA . 17.58 15.54 -43.65
H781 CDL NA . 16.69 16.51 -42.55
H792 CDL NA . 18.60 14.43 -41.48
H791 CDL NA . 17.99 15.81 -40.68
H802 CDL NA . 19.26 17.25 -42.39
H801 CDL NA . 20.19 16.45 -41.18
H812 CDL NA . 21.15 16.32 -43.50
H811 CDL NA . 19.79 15.42 -44.02
H822 CDL NA . 20.33 13.59 -42.39
H821 CDL NA . 21.69 14.50 -41.84
H832 CDL NA . 21.55 13.94 -44.79
H831 CDL NA . 21.82 12.59 -43.76
H842 CDL NA . 23.97 13.47 -44.49
H841 CDL NA . 23.82 13.66 -42.78
H852 CDL NA . 23.18 15.91 -44.72
H851 CDL NA . 23.32 16.04 -43.01
H862 CDL NA . 25.74 15.40 -43.16
H861 CDL NA . 25.60 15.27 -44.86
H873 CDL NA . 25.09 17.71 -45.05
H872 CDL NA . 26.57 17.48 -44.16
H871 CDL NA . 25.09 17.86 -43.31
C1 CDL OA . 12.80 -21.97 -12.15
O1 CDL OA . 12.83 -20.86 -11.24
CA2 CDL OA . 14.20 -22.51 -12.32
OA2 CDL OA . 14.18 -23.58 -13.29
PA1 CDL OA . 15.46 -24.48 -13.54
OA3 CDL OA . 16.04 -24.87 -12.24
OA4 CDL OA . 15.12 -25.54 -14.52
OA5 CDL OA . 16.50 -23.48 -14.22
CA3 CDL OA . 16.23 -22.93 -15.53
CA4 CDL OA . 17.48 -22.36 -16.11
OA6 CDL OA . 17.11 -21.45 -17.19
CA5 CDL OA . 17.81 -20.31 -17.34
OA7 CDL OA . 18.80 -20.06 -16.71
C11 CDL OA . 17.18 -19.43 -18.37
C12 CDL OA . 17.31 -17.94 -18.05
C13 CDL OA . 18.48 -17.27 -18.75
C14 CDL OA . 18.29 -15.78 -19.02
C15 CDL OA . 18.98 -14.86 -18.03
C16 CDL OA . 19.53 -13.59 -18.64
C17 CDL OA . 18.56 -12.82 -19.54
C18 CDL OA . 17.31 -12.32 -18.83
C19 CDL OA . 17.57 -11.23 -17.79
C20 CDL OA . 16.32 -10.62 -17.19
C21 CDL OA . 15.51 -9.79 -18.15
C22 CDL OA . 15.58 -8.29 -17.91
C23 CDL OA . 14.68 -7.81 -16.78
C24 CDL OA . 14.69 -6.31 -16.60
C25 CDL OA . 13.73 -5.82 -15.52
C26 CDL OA . 13.76 -4.32 -15.30
C27 CDL OA . 12.75 -3.86 -14.29
CA6 CDL OA . 18.37 -23.43 -16.69
OA8 CDL OA . 19.57 -22.80 -17.19
CA7 CDL OA . 20.64 -22.81 -16.40
OA9 CDL OA . 20.61 -23.08 -15.23
C31 CDL OA . 21.88 -22.44 -17.16
C32 CDL OA . 22.90 -21.67 -16.35
C33 CDL OA . 23.93 -20.96 -17.22
C34 CDL OA . 25.07 -20.32 -16.46
C35 CDL OA . 26.08 -19.60 -17.33
C36 CDL OA . 25.56 -18.36 -18.02
C37 CDL OA . 25.21 -17.21 -17.09
C38 CDL OA . 23.74 -17.13 -16.72
C39 CDL OA . 23.40 -16.04 -15.71
C40 CDL OA . 24.17 -16.15 -14.41
C41 CDL OA . 23.55 -15.39 -13.24
C42 CDL OA . 23.27 -13.93 -13.54
C43 CDL OA . 22.69 -13.17 -12.37
C44 CDL OA . 22.32 -11.73 -12.68
C45 CDL OA . 21.76 -10.97 -11.50
C46 CDL OA . 21.40 -9.53 -11.81
C47 CDL OA . 20.40 -9.38 -12.93
CB2 CDL OA . 12.17 -21.54 -13.45
OB2 CDL OA . 10.75 -21.34 -13.24
PB2 CDL OA . 9.74 -21.57 -14.45
OB3 CDL OA . 8.38 -21.23 -13.96
OB4 CDL OA . 9.98 -22.92 -15.02
OB5 CDL OA . 10.16 -20.46 -15.51
CB3 CDL OA . 10.27 -19.07 -15.11
CB4 CDL OA . 11.01 -18.31 -16.18
OB6 CDL OA . 11.68 -17.17 -15.56
CB5 CDL OA . 13.01 -17.05 -15.73
OB7 CDL OA . 13.75 -17.97 -15.91
C51 CDL OA . 13.45 -15.62 -15.66
C52 CDL OA . 14.93 -15.45 -15.90
C53 CDL OA . 15.39 -14.00 -15.96
C54 CDL OA . 15.59 -13.33 -14.61
C55 CDL OA . 14.33 -12.72 -14.01
C56 CDL OA . 14.34 -11.21 -13.95
C57 CDL OA . 15.42 -10.60 -13.07
C58 CDL OA . 15.13 -9.16 -12.66
C59 CDL OA . 16.19 -8.54 -11.75
C60 CDL OA . 17.37 -7.94 -12.50
C61 CDL OA . 17.05 -6.64 -13.22
C62 CDL OA . 18.27 -5.89 -13.70
C63 CDL OA . 17.95 -4.58 -14.40
C64 CDL OA . 19.16 -3.72 -14.71
C65 CDL OA . 20.22 -4.38 -15.61
C66 CDL OA . 19.86 -4.51 -17.08
C67 CDL OA . 18.84 -5.61 -17.38
CB6 CDL OA . 10.06 -17.80 -17.23
OB8 CDL OA . 10.49 -18.29 -18.52
CB7 CDL OA . 10.32 -17.46 -19.55
OB9 CDL OA . 9.24 -17.08 -19.93
C71 CDL OA . 11.63 -17.09 -20.16
C72 CDL OA . 12.07 -15.66 -19.87
C73 CDL OA . 13.53 -15.45 -20.19
C74 CDL OA . 14.03 -14.03 -20.06
C75 CDL OA . 13.36 -13.07 -21.02
C76 CDL OA . 14.09 -11.75 -21.18
C77 CDL OA . 15.36 -11.84 -22.01
C78 CDL OA . 16.18 -10.57 -22.04
C79 CDL OA . 15.39 -9.31 -22.38
C80 CDL OA . 16.19 -8.02 -22.29
C81 CDL OA . 17.59 -8.11 -22.86
C82 CDL OA . 18.32 -6.78 -22.90
C83 CDL OA . 17.54 -5.67 -23.59
C84 CDL OA . 18.35 -4.40 -23.84
C85 CDL OA . 17.65 -3.39 -24.72
C86 CDL OA . 16.25 -2.96 -24.31
C87 CDL OA . 15.16 -3.98 -24.62
H1 CDL OA . 12.16 -22.67 -11.60
H1O1 CDL OA . 13.61 -20.98 -10.63
HA22 CDL OA . 14.62 -22.88 -11.39
HA21 CDL OA . 14.89 -21.76 -12.70
HA32 CDL OA . 15.45 -22.18 -15.46
HA31 CDL OA . 15.84 -23.73 -16.16
HA4 CDL OA . 18.04 -21.84 -15.32
H112 CDL OA . 16.14 -19.67 -18.51
H111 CDL OA . 17.65 -19.66 -19.32
H122 CDL OA . 17.39 -17.81 -16.98
H121 CDL OA . 16.38 -17.44 -18.31
H132 CDL OA . 18.67 -17.77 -19.69
H131 CDL OA . 19.39 -17.43 -18.18
H142 CDL OA . 18.63 -15.56 -20.02
H141 CDL OA . 17.22 -15.55 -19.05
H152 CDL OA . 19.79 -15.40 -17.54
H151 CDL OA . 18.29 -14.61 -17.23
H162 CDL OA . 20.43 -13.83 -19.22
H161 CDL OA . 19.90 -12.92 -17.86
H172 CDL OA . 19.07 -11.98 -20.00
H171 CDL OA . 18.26 -13.44 -20.38
H182 CDL OA . 16.61 -11.94 -19.57
H181 CDL OA . 16.78 -13.15 -18.37
H192 CDL OA . 18.19 -10.45 -18.23
H191 CDL OA . 18.20 -11.63 -16.99
H202 CDL OA . 15.69 -11.42 -16.79
H201 CDL OA . 16.59 -10.03 -16.31
H212 CDL OA . 14.47 -10.11 -18.13
H211 CDL OA . 15.82 -10.00 -19.17
H222 CDL OA . 16.60 -8.01 -17.69
H221 CDL OA . 15.34 -7.75 -18.82
H232 CDL OA . 13.66 -8.16 -16.96
H231 CDL OA . 14.97 -8.31 -15.85
H242 CDL OA . 14.44 -5.83 -17.54
H241 CDL OA . 15.69 -5.97 -16.36
H252 CDL OA . 13.94 -6.33 -14.58
H251 CDL OA . 12.71 -6.13 -15.78
H262 CDL OA . 13.61 -3.81 -16.24
H261 CDL OA . 14.76 -4.02 -14.99
H273 CDL OA . 12.93 -2.83 -13.99
H272 CDL OA . 12.78 -4.46 -13.39
H271 CDL OA . 11.73 -3.91 -14.67
HA62 CDL OA . 17.85 -23.96 -17.49
HA61 CDL OA . 18.64 -24.17 -15.95
H312 CDL OA . 21.61 -21.88 -18.04
H311 CDL OA . 22.33 -23.35 -17.55
H322 CDL OA . 23.40 -22.34 -15.65
H321 CDL OA . 22.38 -20.95 -15.71
H332 CDL OA . 23.42 -20.20 -17.82
H331 CDL OA . 24.33 -21.67 -17.94
H342 CDL OA . 25.58 -21.10 -15.87
H341 CDL OA . 24.67 -19.64 -15.70
H352 CDL OA . 26.47 -20.29 -18.08
H351 CDL OA . 26.95 -19.34 -16.74
H362 CDL OA . 24.70 -18.61 -18.63
H361 CDL OA . 26.30 -18.01 -18.75
H372 CDL OA . 25.53 -16.26 -17.53
H371 CDL OA . 25.80 -17.29 -16.18
H382 CDL OA . 23.16 -16.96 -17.64
H381 CDL OA . 23.39 -18.08 -16.36
H392 CDL OA . 23.58 -15.07 -16.16
H391 CDL OA . 22.33 -16.05 -15.51
H402 CDL OA . 24.27 -17.20 -14.13
H401 CDL OA . 25.19 -15.81 -14.56
H412 CDL OA . 22.62 -15.88 -12.95
H411 CDL OA . 24.19 -15.47 -12.38
H422 CDL OA . 22.60 -13.84 -14.39
H421 CDL OA . 24.19 -13.44 -13.87
H432 CDL OA . 23.40 -13.19 -11.54
H431 CDL OA . 21.82 -13.69 -11.99
H442 CDL OA . 21.61 -11.73 -13.50
H441 CDL OA . 23.18 -11.21 -13.08
H452 CDL OA . 22.47 -11.00 -10.68
H451 CDL OA . 20.87 -11.48 -11.12
H462 CDL OA . 21.03 -9.04 -10.91
H461 CDL OA . 22.31 -8.98 -12.06
H473 CDL OA . 20.04 -8.35 -13.03
H472 CDL OA . 20.82 -9.66 -13.89
H471 CDL OA . 19.53 -10.02 -12.77
HB22 CDL OA . 12.30 -22.27 -14.23
HB21 CDL OA . 12.58 -20.60 -13.79
HB32 CDL OA . 10.79 -19.02 -14.17
HB31 CDL OA . 9.27 -18.67 -14.93
HB4 CDL OA . 11.76 -18.98 -16.60
H512 CDL OA . 13.17 -15.22 -14.69
H511 CDL OA . 12.89 -15.02 -16.37
H522 CDL OA . 15.21 -15.96 -16.82
H521 CDL OA . 15.49 -15.98 -15.13
H532 CDL OA . 14.71 -13.42 -16.56
H531 CDL OA . 16.35 -13.95 -16.50
H542 CDL OA . 16.38 -12.58 -14.68
H541 CDL OA . 15.99 -14.07 -13.91
H552 CDL OA . 13.47 -13.06 -14.57
H551 CDL OA . 14.18 -13.12 -13.02
H562 CDL OA . 14.41 -10.79 -14.95
H561 CDL OA . 13.38 -10.86 -13.58
H572 CDL OA . 16.38 -10.64 -13.60
H571 CDL OA . 15.57 -11.22 -12.19
H582 CDL OA . 14.16 -9.12 -12.18
H581 CDL OA . 15.01 -8.55 -13.55
H592 CDL OA . 15.72 -7.79 -11.14
H591 CDL OA . 16.54 -9.28 -11.05
H602 CDL OA . 17.78 -8.67 -13.19
H601 CDL OA . 18.19 -7.77 -11.80
H612 CDL OA . 16.47 -6.00 -12.56
H611 CDL OA . 16.39 -6.84 -14.06
H622 CDL OA . 18.85 -6.53 -14.36
H621 CDL OA . 18.95 -5.70 -12.86
H632 CDL OA . 17.27 -4.01 -13.76
H631 CDL OA . 17.37 -4.77 -15.30
H642 CDL OA . 19.64 -3.39 -13.79
H641 CDL OA . 18.83 -2.79 -15.19
H652 CDL OA . 20.48 -5.35 -15.22
H651 CDL OA . 21.14 -3.81 -15.53
H662 CDL OA . 20.76 -4.68 -17.66
H661 CDL OA . 19.48 -3.56 -17.44
H673 CDL OA . 17.82 -5.26 -17.32
H672 CDL OA . 18.97 -6.01 -18.38
H671 CDL OA . 18.94 -6.45 -16.69
HB62 CDL OA . 10.02 -16.71 -17.25
HB61 CDL OA . 9.06 -18.15 -17.05
H712 CDL OA . 11.57 -17.26 -21.24
H711 CDL OA . 12.40 -17.78 -19.81
H722 CDL OA . 11.86 -15.41 -18.84
H721 CDL OA . 11.46 -14.97 -20.45
H732 CDL OA . 13.73 -15.82 -21.19
H731 CDL OA . 14.13 -16.10 -19.55
H742 CDL OA . 15.09 -14.00 -20.20
H741 CDL OA . 13.86 -13.68 -19.04
H752 CDL OA . 12.33 -12.88 -20.70
H751 CDL OA . 13.25 -13.55 -21.99
H762 CDL OA . 14.32 -11.34 -20.20
H761 CDL OA . 13.41 -11.03 -21.63
H772 CDL OA . 15.11 -12.14 -23.02
H771 CDL OA . 15.98 -12.66 -21.63
H782 CDL OA . 16.98 -10.68 -22.76
H781 CDL OA . 16.70 -10.42 -21.09
H792 CDL OA . 14.53 -9.22 -21.73
H791 CDL OA . 14.96 -9.41 -23.38
H802 CDL OA . 16.22 -7.70 -21.25
H801 CDL OA . 15.62 -7.24 -22.79
H812 CDL OA . 17.55 -8.54 -23.85
H811 CDL OA . 18.17 -8.82 -22.29
H822 CDL OA . 19.28 -6.92 -23.41
H821 CDL OA . 18.59 -6.48 -21.89
H832 CDL OA . 16.69 -5.41 -22.96
H831 CDL OA . 17.11 -6.03 -24.51
H842 CDL OA . 19.31 -4.68 -24.28
H841 CDL OA . 18.62 -3.95 -22.89
H852 CDL OA . 17.62 -3.77 -25.74
H851 CDL OA . 18.28 -2.50 -24.80
H862 CDL OA . 16.24 -2.75 -23.25
H861 CDL OA . 16.00 -2.01 -24.76
H873 CDL OA . 14.25 -3.49 -24.98
H872 CDL OA . 14.87 -4.58 -23.77
H871 CDL OA . 15.47 -4.68 -25.40
C1 CDL PA . 3.01 28.75 -25.23
O1 CDL PA . 3.67 29.85 -25.86
CA2 CDL PA . 2.80 29.08 -23.77
OA2 CDL PA . 1.73 30.04 -23.67
PA1 CDL PA . 0.46 29.77 -22.75
OA3 CDL PA . -0.57 30.79 -23.08
OA4 CDL PA . 0.10 28.34 -22.81
OA5 CDL PA . 1.02 30.11 -21.29
CA3 CDL PA . 0.84 31.41 -20.71
CA4 CDL PA . 2.14 31.89 -20.14
OA6 CDL PA . 3.14 31.88 -21.21
CA5 CDL PA . 3.22 32.98 -21.98
OA7 CDL PA . 2.68 34.02 -21.72
C11 CDL PA . 4.07 32.73 -23.19
C12 CDL PA . 4.12 33.91 -24.15
C13 CDL PA . 5.34 34.77 -23.98
C14 CDL PA . 5.45 35.88 -25.02
C15 CDL PA . 6.62 36.81 -24.82
C16 CDL PA . 6.47 38.13 -25.53
C17 CDL PA . 7.72 38.98 -25.56
C18 CDL PA . 7.50 40.38 -26.10
C19 CDL PA . 8.77 41.23 -26.19
C20 CDL PA . 8.50 42.69 -26.50
C21 CDL PA . 9.76 43.54 -26.60
C22 CDL PA . 9.48 45.02 -26.69
C23 CDL PA . 10.72 45.87 -26.87
C24 CDL PA . 11.33 45.82 -28.26
C25 CDL PA . 12.55 46.71 -28.42
C26 CDL PA . 13.11 46.76 -29.83
C27 CDL PA . 12.18 47.42 -30.83
CA6 CDL PA . 2.64 30.98 -19.04
OA8 CDL PA . 4.00 31.35 -18.71
CA7 CDL PA . 4.98 30.58 -19.18
OA9 CDL PA . 4.81 29.69 -19.96
C31 CDL PA . 6.31 30.95 -18.57
C32 CDL PA . 6.76 32.36 -18.91
C33 CDL PA . 6.84 32.64 -20.39
C34 CDL PA . 7.46 33.98 -20.72
C35 CDL PA . 8.98 33.98 -20.72
C36 CDL PA . 9.58 35.31 -20.33
C37 CDL PA . 9.81 35.46 -18.83
C38 CDL PA . 11.18 35.04 -18.37
C39 CDL PA . 12.23 36.15 -18.51
C40 CDL PA . 13.66 35.67 -18.39
C41 CDL PA . 14.66 36.79 -18.14
C42 CDL PA . 16.11 36.37 -18.28
C43 CDL PA . 17.06 37.13 -17.36
C44 CDL PA . 18.32 37.63 -18.03
C45 CDL PA . 18.16 38.99 -18.69
C46 CDL PA . 19.46 39.58 -19.21
C47 CDL PA . 19.32 41.01 -19.66
CB2 CDL PA . 3.81 27.49 -25.47
OB2 CDL PA . 3.74 27.14 -26.86
PB2 CDL PA . 4.57 25.92 -27.43
OB3 CDL PA . 4.50 25.95 -28.91
OB4 CDL PA . 4.15 24.68 -26.73
OB5 CDL PA . 6.09 26.23 -27.03
CB3 CDL PA . 6.86 27.14 -27.83
CB4 CDL PA . 8.05 26.40 -28.38
OB6 CDL PA . 8.89 26.03 -27.24
CB5 CDL PA . 9.52 24.85 -27.27
OB7 CDL PA . 9.23 23.97 -28.04
C51 CDL PA . 10.61 24.80 -26.25
C52 CDL PA . 11.85 24.06 -26.74
C53 CDL PA . 13.09 24.44 -25.95
C54 CDL PA . 12.99 24.14 -24.46
C55 CDL PA . 13.82 25.06 -23.60
C56 CDL PA . 15.29 24.70 -23.52
C57 CDL PA . 16.21 25.91 -23.49
C58 CDL PA . 16.04 26.80 -22.27
C59 CDL PA . 16.45 28.24 -22.51
C60 CDL PA . 15.43 29.05 -23.28
C61 CDL PA . 14.22 29.45 -22.46
C62 CDL PA . 13.04 29.99 -23.27
C63 CDL PA . 12.43 28.97 -24.21
C64 CDL PA . 11.01 29.28 -24.64
C65 CDL PA . 9.98 29.15 -23.53
C66 CDL PA . 8.54 29.20 -24.02
C67 CDL PA . 7.53 29.07 -22.90
CB6 CDL PA . 8.88 27.25 -29.30
OB8 CDL PA . 9.87 26.41 -29.94
CB7 CDL PA . 9.75 26.24 -31.26
OB9 CDL PA . 9.21 27.01 -31.99
C71 CDL PA . 10.39 24.95 -31.69
C72 CDL PA . 10.83 24.97 -33.14
C73 CDL PA . 12.00 25.89 -33.40
C74 CDL PA . 12.54 25.81 -34.82
C75 CDL PA . 13.96 26.35 -34.96
C76 CDL PA . 14.07 27.85 -34.80
C77 CDL PA . 15.49 28.36 -34.63
C78 CDL PA . 16.47 27.82 -35.68
C79 CDL PA . 17.88 28.37 -35.53
C80 CDL PA . 18.03 29.87 -35.78
C81 CDL PA . 17.73 30.30 -37.20
C82 CDL PA . 16.30 30.78 -37.42
C83 CDL PA . 15.94 31.08 -38.88
C84 CDL PA . 16.71 32.24 -39.48
C85 CDL PA . 17.99 31.87 -40.21
C86 CDL PA . 17.82 31.51 -41.68
C87 CDL PA . 17.01 30.26 -41.92
H1 CDL PA . 2.06 28.73 -25.77
H1O1 CDL PA . 3.01 30.29 -26.46
HA22 CDL PA . 3.69 29.48 -23.29
HA21 CDL PA . 2.49 28.21 -23.19
HA32 CDL PA . 0.45 32.11 -21.44
HA31 CDL PA . 0.09 31.33 -19.94
HA4 CDL PA . 2.02 32.88 -19.72
H112 CDL PA . 3.74 31.84 -23.72
H111 CDL PA . 5.07 32.50 -22.85
H122 CDL PA . 3.21 34.50 -24.03
H121 CDL PA . 4.07 33.53 -25.17
H132 CDL PA . 6.23 34.16 -24.01
H131 CDL PA . 5.34 35.21 -22.98
H142 CDL PA . 4.52 36.45 -25.03
H141 CDL PA . 5.50 35.43 -26.01
H152 CDL PA . 7.54 36.32 -25.13
H151 CDL PA . 6.76 36.98 -23.75
H162 CDL PA . 5.65 38.70 -25.08
H161 CDL PA . 6.13 37.96 -26.55
H172 CDL PA . 8.50 38.48 -26.14
H171 CDL PA . 8.15 39.04 -24.55
H182 CDL PA . 6.78 40.89 -25.47
H181 CDL PA . 7.03 40.33 -27.07
H192 CDL PA . 9.42 40.80 -26.95
H191 CDL PA . 9.33 41.14 -25.27
H202 CDL PA . 7.86 43.11 -25.73
H201 CDL PA . 7.93 42.77 -27.42
H212 CDL PA . 10.34 43.22 -27.46
H211 CDL PA . 10.41 43.33 -25.75
H222 CDL PA . 8.94 45.34 -25.80
H221 CDL PA . 8.79 45.21 -27.51
H232 CDL PA . 11.47 45.57 -26.14
H231 CDL PA . 10.49 46.90 -26.59
H242 CDL PA . 10.56 46.10 -28.99
H241 CDL PA . 11.57 44.80 -28.51
H252 CDL PA . 13.32 46.39 -27.73
H251 CDL PA . 12.30 47.72 -28.10
H262 CDL PA . 13.36 45.76 -30.16
H261 CDL PA . 14.06 47.29 -29.82
H273 CDL PA . 11.84 48.39 -30.49
H272 CDL PA . 11.29 46.82 -31.01
H271 CDL PA . 12.66 47.57 -31.79
HA62 CDL PA . 2.57 29.93 -19.33
HA61 CDL PA . 2.04 31.10 -18.14
H312 CDL PA . 6.25 30.83 -17.49
H311 CDL PA . 7.05 30.23 -18.91
H322 CDL PA . 7.73 32.54 -18.45
H321 CDL PA . 6.09 33.07 -18.43
H332 CDL PA . 5.83 32.58 -20.81
H331 CDL PA . 7.39 31.85 -20.89
H342 CDL PA . 7.10 34.72 -20.01
H341 CDL PA . 7.08 34.32 -21.68
H352 CDL PA . 9.34 33.69 -21.71
H351 CDL PA . 9.34 33.19 -20.06
H362 CDL PA . 10.53 35.45 -20.85
H361 CDL PA . 8.96 36.12 -20.69
H372 CDL PA . 9.04 34.89 -18.29
H371 CDL PA . 9.62 36.49 -18.54
H382 CDL PA . 11.52 34.16 -18.93
H381 CDL PA . 11.14 34.70 -17.34
H392 CDL PA . 12.04 36.91 -17.75
H391 CDL PA . 12.09 36.67 -19.45
H402 CDL PA . 13.94 35.13 -19.30
H401 CDL PA . 13.74 34.93 -17.60
H412 CDL PA . 14.45 37.61 -18.82
H411 CDL PA . 14.48 37.21 -17.15
H422 CDL PA . 16.43 36.50 -19.31
H421 CDL PA . 16.20 35.31 -18.09
H432 CDL PA . 17.32 36.48 -16.52
H431 CDL PA . 16.54 37.96 -16.90
H442 CDL PA . 18.65 36.90 -18.76
H441 CDL PA . 19.12 37.67 -17.30
H452 CDL PA . 17.45 38.92 -19.51
H451 CDL PA . 17.70 39.68 -18.00
H462 CDL PA . 19.84 38.97 -20.03
H461 CDL PA . 20.23 39.51 -18.44
H473 CDL PA . 18.74 41.61 -18.97
H472 CDL PA . 20.28 41.50 -19.77
H471 CDL PA . 18.82 41.09 -20.63
HB22 CDL PA . 3.44 26.67 -24.87
HB21 CDL PA . 4.86 27.63 -25.21
HB32 CDL PA . 7.19 27.96 -27.20
HB31 CDL PA . 6.26 27.58 -28.61
HB4 CDL PA . 7.70 25.50 -28.88
H512 CDL PA . 10.20 24.32 -25.37
H511 CDL PA . 10.87 25.80 -25.93
H522 CDL PA . 12.01 24.27 -27.79
H521 CDL PA . 11.69 22.99 -26.69
H532 CDL PA . 13.30 25.50 -26.08
H531 CDL PA . 13.96 23.94 -26.36
H542 CDL PA . 13.29 23.10 -24.29
H541 CDL PA . 11.96 24.17 -24.14
H552 CDL PA . 13.72 26.08 -23.95
H551 CDL PA . 13.41 25.09 -22.58
H562 CDL PA . 15.49 24.08 -22.66
H561 CDL PA . 15.56 24.07 -24.37
H572 CDL PA . 17.24 25.56 -23.53
H571 CDL PA . 16.09 26.49 -24.40
H582 CDL PA . 16.61 26.39 -21.43
H581 CDL PA . 15.01 26.76 -21.93
H592 CDL PA . 17.41 28.27 -23.03
H591 CDL PA . 16.66 28.72 -21.56
H602 CDL PA . 15.91 29.95 -23.68
H601 CDL PA . 15.11 28.50 -24.16
H612 CDL PA . 13.88 28.61 -21.86
H611 CDL PA . 14.51 30.20 -21.72
H622 CDL PA . 13.36 30.87 -23.83
H621 CDL PA . 12.29 30.38 -22.60
H632 CDL PA . 12.45 27.99 -23.72
H631 CDL PA . 13.06 28.85 -25.08
H642 CDL PA . 10.74 28.64 -25.48
H641 CDL PA . 10.98 30.28 -25.05
H652 CDL PA . 10.15 28.23 -22.98
H651 CDL PA . 10.14 29.94 -22.80
H662 CDL PA . 8.37 30.13 -24.56
H661 CDL PA . 8.38 28.42 -24.75
H673 CDL PA . 7.61 29.87 -22.19
H672 CDL PA . 7.65 28.14 -22.35
H671 CDL PA . 6.51 29.09 -23.27
HB62 CDL PA . 8.24 27.73 -30.03
HB61 CDL PA . 9.40 28.05 -28.77
H712 CDL PA . 11.24 24.76 -31.04
H711 CDL PA . 9.71 24.12 -31.51
H722 CDL PA . 11.07 23.95 -33.46
H721 CDL PA . 9.98 25.24 -33.77
H732 CDL PA . 11.70 26.91 -33.18
H731 CDL PA . 12.79 25.67 -32.69
H742 CDL PA . 11.88 26.34 -35.49
H741 CDL PA . 12.51 24.78 -35.15
H752 CDL PA . 14.61 25.86 -34.24
H751 CDL PA . 14.34 26.06 -35.93
H762 CDL PA . 13.47 28.18 -33.95
H761 CDL PA . 13.61 28.34 -35.66
H772 CDL PA . 15.49 29.44 -34.65
H771 CDL PA . 15.85 28.10 -33.64
H782 CDL PA . 16.11 28.02 -36.68
H781 CDL PA . 16.51 26.73 -35.61
H792 CDL PA . 18.27 28.13 -34.54
H791 CDL PA . 18.55 27.82 -36.20
H802 CDL PA . 17.39 30.41 -35.10
H801 CDL PA . 19.04 30.17 -35.52
H812 CDL PA . 17.95 29.48 -37.89
H811 CDL PA . 18.42 31.09 -37.50
H822 CDL PA . 16.12 31.68 -36.83
H821 CDL PA . 15.60 30.06 -37.01
H832 CDL PA . 16.11 30.18 -39.46
H831 CDL PA . 14.87 31.25 -38.96
H842 CDL PA . 16.05 32.78 -40.16
H841 CDL PA . 16.92 32.98 -38.71
H852 CDL PA . 18.71 32.68 -40.11
H851 CDL PA . 18.47 31.04 -39.70
H862 CDL PA . 18.80 31.40 -42.15
H861 CDL PA . 17.36 32.34 -42.21
H873 CDL PA . 17.06 29.93 -42.96
H872 CDL PA . 15.95 30.41 -41.70
H871 CDL PA . 17.35 29.43 -41.31
C4 A1IJD QA . 5.20 14.88 -14.12
C6 A1IJD QA . 4.72 15.70 -15.24
C7 A1IJD QA . 3.45 16.26 -15.22
C8 A1IJD QA . 3.00 17.01 -16.29
C10 A1IJD QA . 5.07 16.65 -17.44
N12 A1IJD QA . 6.80 15.32 -16.42
C17 A1IJD QA . 6.38 12.34 -12.70
C20 A1IJD QA . 8.75 13.02 -11.46
C21 A1IJD QA . 8.28 13.79 -12.51
C24 A1IJD QA . 10.30 11.67 -8.41
C24 A1IJD QA . 7.75 9.15 -8.91
C26 A1IJD QA . 12.52 11.00 -8.99
C26 A1IJD QA . 8.55 7.06 -9.77
C28 A1IJD QA . 10.70 10.54 -10.49
C28 A1IJD QA . 9.22 9.12 -10.82
C1 A1IJD QA . 8.68 13.98 -15.68
C11 A1IJD QA . 5.54 15.90 -16.37
C14 A1IJD QA . 4.07 18.18 -19.58
C16 A1IJD QA . 7.08 13.46 -13.14
C18 A1IJD QA . 6.86 11.57 -11.65
C19 A1IJD QA . 8.04 11.92 -11.02
C2 A1IJD QA . 7.31 14.54 -15.40
C3 A1IJD QA . 6.56 14.30 -14.25
C9 A1IJD QA . 3.80 17.21 -17.42
O13 A1IJD QA . 3.26 17.96 -18.43
O22 A1IJD QA . 8.47 11.21 -9.90
O5 A1IJD QA . 4.51 14.70 -13.11
CL15 A1IJD QA . 1.42 17.71 -16.24
C23 A1IJD QA . 9.84 11.14 -9.59
C23 A1IJD QA . 8.46 9.82 -9.88
C25 A1IJD QA . 11.65 11.60 -8.11
C25 A1IJD QA . 7.79 7.77 -8.85
C27 A1IJD QA . 12.06 10.47 -10.18
C27 A1IJD QA . 9.26 7.73 -10.75
C30 A1IJD QA . 14.60 12.06 -8.81
C30 A1IJD QA . 9.60 5.13 -8.98
F31 A1IJD QA . 15.77 11.84 -9.39
F31 A1IJD QA . 9.54 3.81 -8.99
F32 A1IJD QA . 14.85 12.61 -7.64
F32 A1IJD QA . 9.53 5.53 -7.72
F33 A1IJD QA . 13.97 12.96 -9.54
F33 A1IJD QA . 10.79 5.46 -9.44
O29 A1IJD QA . 13.90 10.94 -8.68
O29 A1IJD QA . 8.61 5.66 -9.71
H7 A1IJD QA . 2.86 16.12 -14.45
H10 A1IJD QA . 5.66 16.77 -18.21
H12 A1IJD QA . 7.31 15.47 -17.11
H17 A1IJD QA . 5.54 12.08 -13.15
H20 A1IJD QA . 9.60 13.28 -11.03
H21 A1IJD QA . 8.79 14.57 -12.80
H24 A1IJD QA . 9.68 12.10 -7.78
H24 A1IJD QA . 7.21 9.65 -8.26
H28 A1IJD QA . 10.38 10.15 -11.33
H28 A1IJD QA . 9.73 9.59 -11.50
H1B A1IJD QA . 9.28 14.17 -14.94
H1A A1IJD QA . 9.05 14.41 -16.48
H1C A1IJD QA . 8.68 13.02 -15.85
H14C A1IJD QA . 3.56 18.77 -20.18
H14B A1IJD QA . 4.23 17.34 -20.07
H14A A1IJD QA . 4.90 18.62 -19.36
H18 A1IJD QA . 6.35 10.78 -11.35
H25 A1IJD QA . 11.98 11.98 -7.26
H25 A1IJD QA . 7.28 7.29 -8.17
H27 A1IJD QA . 12.64 10.03 -10.83
H27 A1IJD QA . 9.80 7.27 -11.42
C4 A1IJD RA . 12.29 35.59 -6.98
C6 A1IJD RA . 11.02 35.93 -7.65
C7 A1IJD RA . 10.69 35.33 -8.86
C8 A1IJD RA . 9.50 35.66 -9.49
C10 A1IJD RA . 8.95 37.17 -7.72
N12 A1IJD RA . 10.47 37.45 -5.87
C17 A1IJD RA . 15.03 36.51 -5.37
C20 A1IJD RA . 14.96 34.76 -3.22
C21 A1IJD RA . 13.80 35.08 -3.90
C24 A1IJD RA . 18.19 37.05 -2.11
C26 A1IJD RA . 20.53 37.52 -2.32
C28 A1IJD RA . 19.64 35.49 -3.21
C1 A1IJD RA . 11.80 37.96 -3.91
C11 A1IJD RA . 10.14 36.86 -7.07
C14 A1IJD RA . 6.58 37.80 -9.07
C16 A1IJD RA . 13.81 35.95 -4.98
C18 A1IJD RA . 16.19 36.20 -4.69
C19 A1IJD RA . 16.16 35.33 -3.61
C2 A1IJD RA . 11.64 37.19 -5.19
C3 A1IJD RA . 12.56 36.27 -5.70
C9 A1IJD RA . 8.62 36.59 -8.93
O13 A1IJD RA . 7.49 36.86 -9.63
O22 A1IJD RA . 17.32 34.95 -2.94
O5 A1IJD RA . 13.08 34.79 -7.46
CL15 A1IJD RA . 9.11 34.92 -11.00
C23 A1IJD RA . 18.38 35.84 -2.77
C25 A1IJD RA . 19.27 37.88 -1.88
C27 A1IJD RA . 20.72 36.32 -2.99
C30 A1IJD RA . 22.51 38.61 -2.99
F31 A1IJD RA . 23.21 39.70 -2.74
F32 A1IJD RA . 21.92 38.78 -4.17
F33 A1IJD RA . 23.37 37.62 -3.13
O29 A1IJD RA . 21.62 38.37 -2.04
H7 A1IJD RA . 11.29 34.68 -9.27
H10 A1IJD RA . 8.36 37.83 -7.30
H12 A1IJD RA . 9.90 38.02 -5.50
H17 A1IJD RA . 15.07 37.13 -6.12
H20 A1IJD RA . 14.93 34.15 -2.46
H21 A1IJD RA . 12.95 34.67 -3.61
H24 A1IJD RA . 17.30 37.30 -1.79
H28 A1IJD RA . 19.78 34.64 -3.69
H1B A1IJD RA . 11.65 37.36 -3.16
H1A A1IJD RA . 11.13 38.67 -3.88
H1C A1IJD RA . 12.68 38.37 -3.80
H14C A1IJD RA . 5.83 37.90 -9.69
H14B A1IJD RA . 6.99 38.69 -8.96
H14A A1IJD RA . 6.21 37.48 -8.22
H18 A1IJD RA . 17.04 36.60 -4.97
H25 A1IJD RA . 19.13 38.73 -1.41
H27 A1IJD RA . 21.59 36.03 -3.32
CHA HEM SA . 32.21 24.27 -8.55
CHB HEM SA . 27.40 24.89 -8.77
CHC HEM SA . 26.76 20.23 -7.64
CHD HEM SA . 31.53 19.74 -6.99
C1A HEM SA . 30.97 24.83 -8.75
C2A HEM SA . 30.71 26.18 -9.20
C3A HEM SA . 29.40 26.35 -9.27
C4A HEM SA . 28.76 25.12 -8.84
CMA HEM SA . 28.65 27.63 -9.70
CAA HEM SA . 31.79 27.23 -9.57
CBA HEM SA . 32.22 27.02 -11.02
CGA HEM SA . 33.35 27.96 -11.37
O1A HEM SA . 33.11 29.17 -11.54
O2A HEM SA . 34.50 27.46 -11.51
C1B HEM SA . 26.80 23.69 -8.51
C2B HEM SA . 25.38 23.41 -8.52
C3B HEM SA . 25.20 22.12 -8.21
C4B HEM SA . 26.50 21.55 -7.99
CMB HEM SA . 24.30 24.47 -8.85
CAB HEM SA . 23.88 21.31 -8.08
CBB HEM SA . 22.68 21.83 -8.31
C1C HEM SA . 27.99 19.71 -7.28
C2C HEM SA . 28.21 18.42 -6.67
C3C HEM SA . 29.54 18.28 -6.49
C4C HEM SA . 30.18 19.49 -6.99
CMC HEM SA . 27.10 17.41 -6.31
CAC HEM SA . 30.32 17.09 -5.87
CBC HEM SA . 29.72 16.03 -5.34
C1D HEM SA . 32.14 20.91 -7.37
C2D HEM SA . 33.57 21.19 -7.37
C3D HEM SA . 33.75 22.44 -7.80
C4D HEM SA . 32.44 23.00 -8.08
CMD HEM SA . 34.67 20.20 -6.94
CAD HEM SA . 35.10 23.18 -7.97
CBD HEM SA . 35.59 23.14 -9.41
CGD HEM SA . 35.35 24.43 -10.14
O1D HEM SA . 35.19 25.49 -9.48
O2D HEM SA . 35.30 24.39 -11.40
NA HEM SA . 29.76 24.22 -8.53
NB HEM SA . 27.46 22.52 -8.18
NC HEM SA . 29.20 20.33 -7.47
ND HEM SA . 31.49 22.05 -7.80
FE HEM SA . 29.48 22.22 -8.19
HHB HEM SA . 26.83 25.64 -9.00
HHC HEM SA . 25.99 19.65 -7.55
HHD HEM SA . 32.10 19.09 -6.51
HMA HEM SA . 27.70 27.56 -9.46
HMAA HEM SA . 28.75 27.76 -10.65
HMAB HEM SA . 29.02 28.40 -9.22
HAA HEM SA . 32.56 27.12 -8.99
HAAA HEM SA . 31.43 28.13 -9.46
HBA HEM SA . 31.47 27.21 -11.61
HBAA HEM SA . 32.51 26.11 -11.14
HMB HEM SA . 24.69 25.35 -8.89
HMBA HEM SA . 23.62 24.47 -8.16
HMBB HEM SA . 23.89 24.26 -9.70
HAB HEM SA . 23.95 20.37 -7.96
HBB HEM SA . 21.89 21.33 -8.03
HBBA HEM SA . 22.56 22.60 -8.88
HMC HEM SA . 27.40 16.52 -6.50
HMCA HEM SA . 26.31 17.60 -6.83
HMCB HEM SA . 26.88 17.49 -5.37
HAC HEM SA . 31.26 17.18 -5.76
HBC HEM SA . 30.03 15.15 -5.57
HBCA HEM SA . 28.88 16.12 -4.87
HMD HEM SA . 35.53 20.65 -6.95
HMDA HEM SA . 34.69 19.45 -7.57
HMDB HEM SA . 34.48 19.87 -6.05
HAD HEM SA . 35.77 22.76 -7.40
HADA HEM SA . 35.00 24.09 -7.68
HBD HEM SA . 35.15 22.42 -9.87
HBDA HEM SA . 36.55 22.96 -9.41
HHA HEM SA . 32.96 24.90 -8.45
CHA HEM TA . 5.41 21.22 -10.93
CHB HEM TA . 9.99 19.71 -10.44
CHC HEM TA . 11.07 23.83 -8.15
CHD HEM TA . 6.34 24.87 -7.92
C1A HEM TA . 6.58 20.50 -11.08
C2A HEM TA . 6.77 19.38 -11.97
C3A HEM TA . 8.03 18.96 -11.83
C4A HEM TA . 8.69 19.81 -10.86
CMA HEM TA . 8.67 17.78 -12.61
CAA HEM TA . 5.69 18.79 -12.90
CBA HEM TA . 5.95 19.19 -14.35
CGA HEM TA . 5.84 20.69 -14.52
O1A HEM TA . 6.83 21.32 -14.97
O2A HEM TA . 4.77 21.26 -14.20
C1B HEM TA . 10.70 20.70 -9.79
C2B HEM TA . 12.12 20.66 -9.46
C3B HEM TA . 12.42 21.81 -8.83
C4B HEM TA . 11.21 22.60 -8.73
CMB HEM TA . 13.06 19.50 -9.82
CAB HEM TA . 13.79 22.27 -8.27
CBB HEM TA . 14.81 21.43 -8.08
C1C HEM TA . 9.89 24.52 -7.94
C2C HEM TA . 9.74 25.86 -7.44
C3C HEM TA . 8.45 26.15 -7.39
C4C HEM TA . 7.72 24.98 -7.83
CMC HEM TA . 10.93 26.78 -7.08
CAC HEM TA . 7.75 27.45 -6.92
CBC HEM TA . 8.34 28.32 -6.09
C1D HEM TA . 5.67 23.99 -8.72
C2D HEM TA . 4.24 23.96 -8.95
C3D HEM TA . 3.97 22.95 -9.79
C4D HEM TA . 5.23 22.30 -10.11
CMD HEM TA . 3.22 24.94 -8.33
CAD HEM TA . 2.58 22.55 -10.32
CBD HEM TA . 2.23 23.38 -11.55
CGD HEM TA . 0.83 23.10 -12.02
O1D HEM TA . 0.09 24.08 -12.26
O2D HEM TA . 0.44 21.91 -12.14
NA HEM TA . 7.76 20.73 -10.43
NB HEM TA . 10.19 21.88 -9.31
NC HEM TA . 8.63 24.01 -8.17
ND HEM TA . 6.23 22.96 -9.44
FE HEM TA . 8.24 22.46 -9.47
HHB HEM TA . 10.52 18.99 -10.82
HHC HEM TA . 11.85 24.19 -7.70
HHD HEM TA . 5.83 25.63 -7.59
HMA HEM TA . 8.16 16.96 -12.44
HMAA HEM TA . 9.59 17.64 -12.31
HMAB HEM TA . 8.66 17.97 -13.56
HAA HEM TA . 4.83 19.12 -12.62
HAAA HEM TA . 5.69 17.83 -12.83
HBA HEM TA . 5.29 18.77 -14.91
HBAA HEM TA . 6.82 18.90 -14.62
HMB HEM TA . 13.93 19.85 -10.05
HMBA HEM TA . 12.71 19.03 -10.59
HMBB HEM TA . 13.13 18.88 -9.08
HAB HEM TA . 13.93 23.20 -8.08
HBB HEM TA . 15.65 21.79 -7.75
HBBA HEM TA . 14.67 20.48 -8.06
HMC HEM TA . 10.66 27.71 -7.11
HMCA HEM TA . 11.64 26.65 -7.72
HMCB HEM TA . 11.26 26.57 -6.20
HAC HEM TA . 6.91 27.68 -7.30
HBC HEM TA . 7.87 29.12 -5.85
HBCA HEM TA . 9.11 28.04 -5.59
HMD HEM TA . 2.31 24.65 -8.53
HMDA HEM TA . 3.36 25.84 -8.70
HMDB HEM TA . 3.35 24.97 -7.37
HAD HEM TA . 1.91 22.70 -9.63
HADA HEM TA . 2.58 21.61 -10.56
HBD HEM TA . 2.86 23.15 -12.26
HBDA HEM TA . 2.33 24.31 -11.34
HHA HEM TA . 4.68 21.01 -11.55
MG MG UA . -11.45 33.39 -1.19
FE HEC VA . 54.00 44.91 -18.73
CHA HEC VA . 51.41 45.85 -16.68
CHB HEC VA . 51.76 43.46 -20.89
CHC HEC VA . 56.51 44.40 -21.03
CHD HEC VA . 56.29 46.32 -16.58
NA HEC VA . 51.96 44.73 -18.80
C1A HEC VA . 51.09 45.11 -17.79
C2A HEC VA . 49.78 44.60 -18.12
C3A HEC VA . 49.87 43.93 -19.27
C4A HEC VA . 51.24 44.01 -19.73
CMA HEC VA . 48.73 43.22 -20.01
CAA HEC VA . 48.52 44.78 -17.26
CBA HEC VA . 47.66 45.93 -17.76
CGA HEC VA . 46.41 46.00 -16.92
O1A HEC VA . 46.51 45.73 -15.70
O2A HEC VA . 45.33 46.33 -17.46
NB HEC VA . 54.11 44.08 -20.61
C1B HEC VA . 53.06 43.54 -21.33
C2B HEC VA . 53.58 43.11 -22.60
C3B HEC VA . 54.88 43.38 -22.64
C4B HEC VA . 55.26 43.98 -21.38
CMB HEC VA . 52.75 42.45 -23.73
CAB HEC VA . 55.84 43.08 -23.80
CBB HEC VA . 55.38 43.81 -25.08
NC HEC VA . 56.03 45.29 -18.80
C1C HEC VA . 56.88 44.98 -19.84
C2C HEC VA . 58.22 45.46 -19.47
C3C HEC VA . 58.16 45.96 -18.23
C4C HEC VA . 56.78 45.88 -17.79
CMC HEC VA . 59.49 45.29 -20.31
CAC HEC VA . 59.36 46.52 -17.43
CBC HEC VA . 60.15 47.62 -18.18
ND HEC VA . 53.88 45.92 -16.91
C1D HEC VA . 54.97 46.43 -16.22
C2D HEC VA . 54.49 47.13 -15.05
C3D HEC VA . 52.96 46.99 -15.07
C4D HEC VA . 52.67 46.22 -16.27
CMD HEC VA . 55.34 47.84 -13.98
CAD HEC VA . 51.97 47.56 -14.04
CBD HEC VA . 51.29 48.82 -14.58
CGD HEC VA . 50.47 49.49 -13.51
O1D HEC VA . 50.24 50.73 -13.60
O2D HEC VA . 50.05 48.78 -12.55
HHA HEC VA . 50.67 46.15 -16.12
HHB HEC VA . 51.13 42.96 -21.47
HHC HEC VA . 57.20 44.30 -21.72
HMA1 HEC VA . 49.02 42.32 -20.28
HMA2 HEC VA . 48.50 43.73 -20.81
HMA3 HEC VA . 47.94 43.15 -19.44
HAA1 HEC VA . 48.78 44.96 -16.35
HAA2 HEC VA . 48.00 43.96 -17.29
HBA1 HEC VA . 47.43 45.78 -18.69
HBA2 HEC VA . 48.15 46.76 -17.67
HMB1 HEC VA . 52.69 43.07 -24.47
HMB2 HEC VA . 51.87 42.24 -23.40
HMB3 HEC VA . 53.20 41.64 -24.00
HAB HEC VA . 56.77 42.81 -23.89
HBB1 HEC VA . 56.13 44.32 -25.42
HBB2 HEC VA . 54.65 44.43 -24.87
HBB3 HEC VA . 55.08 43.18 -25.74
HMC1 HEC VA . 60.19 44.86 -19.77
HMC2 HEC VA . 59.80 46.15 -20.62
HMC3 HEC VA . 59.28 44.72 -21.07
HAC HEC VA . 59.06 46.84 -16.57
HBC1 HEC VA . 61.06 47.31 -18.33
HBC2 HEC VA . 59.74 47.76 -19.03
HBC3 HEC VA . 60.18 48.46 -17.68
HMD1 HEC VA . 55.18 48.80 -14.02
HMD2 HEC VA . 56.28 47.65 -14.15
HMD3 HEC VA . 55.09 47.50 -13.10
HAD1 HEC VA . 51.29 46.89 -13.81
HAD2 HEC VA . 52.45 47.80 -13.23
HBD1 HEC VA . 51.96 49.44 -14.90
HBD2 HEC VA . 50.70 48.59 -15.31
C1 CDL WA . 32.34 -44.57 5.20
O1 CDL WA . 30.92 -44.80 5.20
CA2 CDL WA . 32.60 -43.18 5.71
OA2 CDL WA . 31.42 -42.72 6.41
PA1 CDL WA . 31.11 -43.25 7.88
OA3 CDL WA . 29.76 -42.76 8.27
OA4 CDL WA . 31.38 -44.70 7.95
OA5 CDL WA . 32.21 -42.48 8.75
CA3 CDL WA . 31.86 -41.35 9.59
CA4 CDL WA . 32.41 -40.10 8.97
OA6 CDL WA . 33.82 -40.00 9.31
CA5 CDL WA . 34.62 -39.32 8.47
OA7 CDL WA . 34.21 -38.63 7.57
C11 CDL WA . 36.07 -39.55 8.80
C12 CDL WA . 36.94 -38.33 8.52
C13 CDL WA . 38.38 -38.70 8.21
C14 CDL WA . 39.28 -37.49 7.94
C15 CDL WA . 40.70 -37.85 7.60
C16 CDL WA . 41.38 -36.88 6.64
C17 CDL WA . 42.88 -37.00 6.60
C18 CDL WA . 43.55 -36.12 5.56
C19 CDL WA . 45.07 -36.18 5.56
C20 CDL WA . 45.74 -35.19 4.62
C21 CDL WA . 45.52 -35.50 3.15
C22 CDL WA . 46.08 -34.46 2.20
C23 CDL WA . 45.38 -33.11 2.28
C24 CDL WA . 45.79 -32.14 1.20
C25 CDL WA . 47.25 -31.71 1.24
C26 CDL WA . 47.61 -30.60 0.27
C27 CDL WA . 47.41 -30.99 -1.17
CA6 CDL WA . 31.71 -38.87 9.50
OA8 CDL WA . 32.22 -38.57 10.81
CA7 CDL WA . 32.01 -37.34 11.27
OA9 CDL WA . 31.54 -36.45 10.61
C31 CDL WA . 32.44 -37.19 12.69
C32 CDL WA . 33.55 -36.16 12.86
C33 CDL WA . 33.91 -35.87 14.30
C34 CDL WA . 34.96 -34.78 14.45
C35 CDL WA . 35.10 -34.23 15.85
C36 CDL WA . 36.35 -33.40 16.06
C37 CDL WA . 36.44 -32.77 17.44
C38 CDL WA . 37.86 -32.37 17.84
C39 CDL WA . 38.38 -31.11 17.17
C40 CDL WA . 39.80 -30.75 17.59
C41 CDL WA . 40.19 -29.31 17.29
C42 CDL WA . 40.37 -29.01 15.82
C43 CDL WA . 40.19 -27.53 15.48
C44 CDL WA . 41.32 -26.64 15.96
C45 CDL WA . 42.38 -26.38 14.92
C46 CDL WA . 43.39 -25.32 15.31
C47 CDL WA . 44.42 -25.05 14.23
CB2 CDL WA . 32.86 -44.80 3.80
OB2 CDL WA . 32.68 -46.18 3.47
PB2 CDL WA . 32.64 -46.64 1.94
OB3 CDL WA . 32.92 -45.45 1.11
OB4 CDL WA . 31.40 -47.41 1.70
OB5 CDL WA . 33.89 -47.62 1.81
CB3 CDL WA . 35.22 -47.09 1.64
CB4 CDL WA . 36.13 -47.70 2.66
OB6 CDL WA . 36.02 -46.88 3.88
CB5 CDL WA . 35.88 -47.52 5.06
OB7 CDL WA . 35.49 -48.65 5.16
C51 CDL WA . 36.27 -46.62 6.19
C52 CDL WA . 37.77 -46.34 6.24
C53 CDL WA . 38.08 -44.95 6.76
C54 CDL WA . 39.56 -44.68 6.94
C55 CDL WA . 39.88 -43.24 7.34
C56 CDL WA . 41.32 -43.02 7.78
C57 CDL WA . 42.36 -43.41 6.74
C58 CDL WA . 43.78 -43.05 7.13
C59 CDL WA . 44.83 -43.57 6.18
C60 CDL WA . 46.26 -43.22 6.57
C61 CDL WA . 46.60 -41.75 6.40
C62 CDL WA . 48.02 -41.40 6.80
C63 CDL WA . 48.41 -39.96 6.50
C64 CDL WA . 49.77 -39.55 7.04
C65 CDL WA . 50.93 -40.36 6.47
C66 CDL WA . 52.29 -39.88 6.94
C67 CDL WA . 53.43 -40.70 6.37
CB6 CDL WA . 37.56 -47.67 2.23
OB8 CDL WA . 38.03 -46.31 2.29
CB7 CDL WA . 39.27 -46.06 1.85
OB9 CDL WA . 39.54 -45.76 0.72
C71 CDL WA . 40.28 -46.23 2.96
C72 CDL WA . 41.64 -46.69 2.46
C73 CDL WA . 42.66 -46.82 3.58
C74 CDL WA . 44.04 -47.28 3.12
C75 CDL WA . 45.05 -47.39 4.24
C76 CDL WA . 46.42 -47.89 3.79
C77 CDL WA . 47.12 -46.98 2.78
C78 CDL WA . 47.25 -45.54 3.23
C79 CDL WA . 48.16 -44.70 2.35
C80 CDL WA . 48.19 -43.23 2.72
C81 CDL WA . 49.27 -42.43 1.99
C82 CDL WA . 49.19 -40.93 2.24
C83 CDL WA . 50.28 -40.13 1.54
C84 CDL WA . 51.68 -40.44 2.02
C85 CDL WA . 52.45 -41.39 1.13
C86 CDL WA . 53.87 -41.67 1.61
C87 CDL WA . 54.64 -42.59 0.69
H1 CDL WA . 32.69 -45.33 5.88
H1O1 CDL WA . 30.55 -44.38 4.39
HA22 CDL WA . 32.85 -42.47 4.92
HA21 CDL WA . 33.42 -43.14 6.43
HA32 CDL WA . 32.26 -41.51 10.59
HA31 CDL WA . 30.79 -41.30 9.70
HA4 CDL WA . 32.27 -40.15 7.89
H112 CDL WA . 36.47 -40.40 8.24
H111 CDL WA . 36.12 -39.84 9.84
H122 CDL WA . 36.89 -37.65 9.37
H121 CDL WA . 36.51 -37.75 7.71
H132 CDL WA . 38.40 -39.37 7.35
H131 CDL WA . 38.79 -39.29 9.02
H142 CDL WA . 39.26 -36.83 8.81
H141 CDL WA . 38.84 -36.89 7.15
H152 CDL WA . 40.73 -38.86 7.18
H151 CDL WA . 41.29 -37.93 8.51
H162 CDL WA . 41.09 -35.87 6.91
H161 CDL WA . 40.97 -37.02 5.64
H172 CDL WA . 43.18 -38.04 6.45
H171 CDL WA . 43.29 -36.76 7.59
H182 CDL WA . 43.22 -35.09 5.69
H181 CDL WA . 43.17 -36.38 4.58
H192 CDL WA . 45.40 -37.19 5.33
H191 CDL WA . 45.44 -36.01 6.58
H202 CDL WA . 45.36 -34.19 4.83
H201 CDL WA . 46.79 -35.13 4.84
H212 CDL WA . 44.46 -35.63 2.95
H211 CDL WA . 45.95 -36.48 2.92
H222 CDL WA . 46.03 -34.82 1.18
H221 CDL WA . 47.15 -34.33 2.38
H232 CDL WA . 45.57 -32.66 3.26
H231 CDL WA . 44.31 -33.25 2.26
H242 CDL WA . 45.16 -31.24 1.24
H241 CDL WA . 45.56 -32.56 0.22
H252 CDL WA . 47.88 -32.58 1.05
H251 CDL WA . 47.51 -31.41 2.26
H262 CDL WA . 48.64 -30.28 0.43
H261 CDL WA . 47.01 -29.72 0.49
H273 CDL WA . 47.82 -30.24 -1.85
H272 CDL WA . 46.36 -31.11 -1.43
H271 CDL WA . 47.92 -31.93 -1.41
HA62 CDL WA . 30.63 -39.01 9.51
HA61 CDL WA . 31.91 -38.02 8.85
H312 CDL WA . 32.76 -38.15 13.09
H311 CDL WA . 31.58 -36.91 13.30
H322 CDL WA . 33.25 -35.24 12.36
H321 CDL WA . 34.44 -36.48 12.31
H332 CDL WA . 34.25 -36.78 14.77
H331 CDL WA . 33.01 -35.59 14.84
H342 CDL WA . 34.73 -33.98 13.76
H341 CDL WA . 35.92 -35.17 14.11
H352 CDL WA . 35.07 -35.04 16.57
H351 CDL WA . 34.22 -33.63 16.08
H362 CDL WA . 36.41 -32.62 15.30
H361 CDL WA . 37.23 -34.02 15.89
H372 CDL WA . 36.04 -33.45 18.19
H371 CDL WA . 35.80 -31.91 17.49
H382 CDL WA . 38.54 -33.20 17.65
H381 CDL WA . 37.91 -32.23 18.93
H392 CDL WA . 37.71 -30.28 17.37
H391 CDL WA . 38.35 -31.24 16.09
H402 CDL WA . 40.50 -31.42 17.11
H401 CDL WA . 39.92 -30.95 18.65
H412 CDL WA . 41.10 -29.06 17.82
H411 CDL WA . 39.44 -28.64 17.71
H422 CDL WA . 39.69 -29.61 15.22
H421 CDL WA . 41.36 -29.32 15.51
H432 CDL WA . 40.09 -27.43 14.40
H431 CDL WA . 39.25 -27.18 15.89
H442 CDL WA . 41.78 -27.07 16.85
H441 CDL WA . 40.90 -25.69 16.30
H452 CDL WA . 41.91 -26.10 13.98
H451 CDL WA . 42.90 -27.31 14.70
H462 CDL WA . 43.89 -25.59 16.23
H461 CDL WA . 42.87 -24.39 15.54
H473 CDL WA . 44.79 -24.03 14.26
H472 CDL WA . 45.28 -25.71 14.31
H471 CDL WA . 44.00 -25.20 13.23
HB22 CDL WA . 33.91 -44.53 3.72
HB21 CDL WA . 32.32 -44.19 3.09
HB32 CDL WA . 35.18 -46.02 1.75
HB31 CDL WA . 35.57 -47.27 0.62
HB4 CDL WA . 35.80 -48.72 2.86
H512 CDL WA . 35.70 -45.70 6.12
H511 CDL WA . 35.95 -47.06 7.14
H522 CDL WA . 38.20 -46.48 5.24
H521 CDL WA . 38.26 -47.09 6.85
H532 CDL WA . 37.56 -44.80 7.70
H531 CDL WA . 37.66 -44.21 6.08
H542 CDL WA . 40.10 -44.94 6.03
H541 CDL WA . 39.97 -45.36 7.69
H552 CDL WA . 39.20 -42.92 8.13
H551 CDL WA . 39.66 -42.58 6.51
H562 CDL WA . 41.51 -43.55 8.71
H561 CDL WA . 41.45 -41.97 8.04
H572 CDL WA . 42.11 -42.94 5.79
H571 CDL WA . 42.29 -44.48 6.53
H582 CDL WA . 43.86 -41.97 7.23
H581 CDL WA . 43.98 -43.42 8.14
H592 CDL WA . 44.63 -43.19 5.17
H591 CDL WA . 44.74 -44.65 6.07
H602 CDL WA . 46.96 -43.82 5.99
H601 CDL WA . 46.44 -43.52 7.60
H612 CDL WA . 45.90 -41.15 6.98
H611 CDL WA . 46.42 -41.44 5.37
H622 CDL WA . 48.71 -42.08 6.32
H621 CDL WA . 48.16 -41.58 7.87
H632 CDL WA . 47.65 -39.28 6.89
H631 CDL WA . 48.38 -39.79 5.42
H642 CDL WA . 49.94 -38.50 6.85
H641 CDL WA . 49.77 -39.64 8.12
H652 CDL WA . 50.88 -40.35 5.39
H651 CDL WA . 50.81 -41.41 6.74
H662 CDL WA . 52.33 -39.89 8.03
H661 CDL WA . 52.43 -38.84 6.67
H673 CDL WA . 53.59 -40.49 5.32
H672 CDL WA . 53.25 -41.76 6.46
H671 CDL WA . 54.37 -40.48 6.88
HB62 CDL WA . 37.66 -48.04 1.21
HB61 CDL WA . 38.20 -48.28 2.86
H712 CDL WA . 40.37 -45.27 3.48
H711 CDL WA . 39.91 -46.92 3.71
H722 CDL WA . 42.01 -46.00 1.70
H721 CDL WA . 41.53 -47.64 1.94
H732 CDL WA . 42.76 -45.87 4.09
H731 CDL WA . 42.29 -47.50 4.34
H742 CDL WA . 44.41 -46.60 2.36
H741 CDL WA . 43.95 -48.24 2.60
H752 CDL WA . 44.67 -48.06 5.00
H751 CDL WA . 45.15 -46.44 4.74
H762 CDL WA . 46.33 -48.89 3.38
H761 CDL WA . 47.06 -48.01 4.67
H772 CDL WA . 46.59 -47.03 1.84
H771 CDL WA . 48.11 -47.38 2.56
H782 CDL WA . 47.61 -45.50 4.26
H781 CDL WA . 46.26 -45.07 3.27
H792 CDL WA . 49.18 -45.10 2.39
H791 CDL WA . 47.88 -44.82 1.31
H802 CDL WA . 48.32 -43.12 3.79
H801 CDL WA . 47.22 -42.79 2.51
H812 CDL WA . 49.22 -42.63 0.92
H811 CDL WA . 50.24 -42.80 2.29
H822 CDL WA . 49.23 -40.75 3.32
H821 CDL WA . 48.21 -40.57 1.94
H832 CDL WA . 50.07 -39.07 1.67
H831 CDL WA . 50.21 -40.28 0.47
H842 CDL WA . 51.65 -40.84 3.03
H841 CDL WA . 52.24 -39.50 2.13
H852 CDL WA . 52.49 -40.99 0.11
H851 CDL WA . 51.92 -42.33 1.01
H862 CDL WA . 54.41 -40.74 1.73
H861 CDL WA . 53.84 -42.10 2.61
H873 CDL WA . 54.62 -42.25 -0.35
H872 CDL WA . 55.68 -42.67 0.97
H871 CDL WA . 54.23 -43.59 0.68
C1 CDL XA . 29.51 20.23 33.01
O1 CDL XA . 28.28 20.20 32.28
CA2 CDL XA . 29.92 21.66 33.24
OA2 CDL XA . 28.94 22.55 32.66
PA1 CDL XA . 29.26 24.11 32.50
OA3 CDL XA . 30.25 24.48 33.53
OA4 CDL XA . 29.55 24.40 31.08
OA5 CDL XA . 27.89 24.82 32.90
CA3 CDL XA . 27.29 24.57 34.18
CA4 CDL XA . 26.24 25.61 34.46
OA6 CDL XA . 25.62 25.27 35.74
CA5 CDL XA . 26.02 25.94 36.84
OA7 CDL XA . 26.83 26.83 36.81
C11 CDL XA . 25.34 25.43 38.06
C12 CDL XA . 23.93 25.99 38.26
C13 CDL XA . 23.81 26.88 39.48
C14 CDL XA . 22.62 27.83 39.44
C15 CDL XA . 21.33 27.24 39.98
C16 CDL XA . 20.20 27.18 38.98
C17 CDL XA . 20.31 26.01 38.01
C18 CDL XA . 19.27 26.01 36.91
C19 CDL XA . 17.84 25.78 37.39
C20 CDL XA . 16.83 25.73 36.26
C21 CDL XA . 15.39 25.60 36.72
C22 CDL XA . 15.07 24.27 37.37
C23 CDL XA . 13.61 24.10 37.76
C24 CDL XA . 12.64 24.08 36.60
C25 CDL XA . 11.20 23.80 36.98
C26 CDL XA . 10.54 24.87 37.83
C27 CDL XA . 10.41 26.20 37.11
CA6 CDL XA . 25.16 25.62 33.42
OA8 CDL XA . 24.30 26.76 33.65
CA7 CDL XA . 23.42 27.04 32.68
OA9 CDL XA . 23.49 26.57 31.57
C31 CDL XA . 22.38 28.01 33.13
C32 CDL XA . 22.77 28.77 34.39
C33 CDL XA . 21.87 29.96 34.66
C34 CDL XA . 20.45 29.60 35.07
C35 CDL XA . 19.58 30.81 35.37
C36 CDL XA . 18.22 30.48 35.94
C37 CDL XA . 17.34 31.70 36.18
C38 CDL XA . 15.99 31.38 36.78
C39 CDL XA . 16.04 30.93 38.23
C40 CDL XA . 14.67 30.64 38.84
C41 CDL XA . 14.70 30.36 40.33
C42 CDL XA . 13.33 30.08 40.92
C43 CDL XA . 13.34 29.91 42.43
C44 CDL XA . 11.97 29.64 43.03
C45 CDL XA . 11.96 29.58 44.55
C46 CDL XA . 10.59 29.31 45.15
C47 CDL XA . 10.58 29.33 46.66
CB2 CDL XA . 30.56 19.43 32.29
OB2 CDL XA . 30.10 18.08 32.12
PB2 CDL XA . 30.73 17.16 30.97
OB3 CDL XA . 32.15 16.93 31.33
OB4 CDL XA . 30.41 17.77 29.67
OB5 CDL XA . 29.98 15.75 31.08
CB3 CDL XA . 30.59 14.57 30.50
CB4 CDL XA . 29.52 13.57 30.14
OB6 CDL XA . 29.54 13.39 28.68
CB5 CDL XA . 29.59 12.14 28.20
OB7 CDL XA . 29.73 11.16 28.88
C51 CDL XA . 29.46 12.12 26.71
C52 CDL XA . 29.54 10.71 26.13
C53 CDL XA . 29.11 10.62 24.68
C54 CDL XA . 27.61 10.70 24.47
C55 CDL XA . 27.16 10.33 23.08
C56 CDL XA . 25.70 10.58 22.84
C57 CDL XA . 25.18 10.05 21.51
C58 CDL XA . 26.02 10.49 20.32
C59 CDL XA . 25.36 10.21 18.98
C60 CDL XA . 24.22 11.15 18.65
C61 CDL XA . 23.45 10.74 17.41
C62 CDL XA . 22.45 9.64 17.65
C63 CDL XA . 21.29 10.03 18.55
C64 CDL XA . 21.34 9.42 19.95
C65 CDL XA . 20.26 9.91 20.89
C66 CDL XA . 20.30 9.26 22.25
C67 CDL XA . 19.23 9.76 23.20
CB6 CDL XA . 28.15 14.04 30.53
OB8 CDL XA . 28.11 14.18 31.97
CB7 CDL XA . 27.32 13.34 32.65
OB9 CDL XA . 26.42 12.73 32.17
C71 CDL XA . 27.72 13.31 34.09
C72 CDL XA . 26.61 13.74 35.05
C73 CDL XA . 25.68 12.63 35.47
C74 CDL XA . 26.39 11.46 36.14
C75 CDL XA . 25.56 10.73 37.18
C76 CDL XA . 25.39 11.50 38.48
C77 CDL XA . 24.76 10.71 39.59
C78 CDL XA . 23.28 10.41 39.38
C79 CDL XA . 22.67 9.50 40.42
C80 CDL XA . 21.17 9.36 40.32
C81 CDL XA . 20.66 7.94 40.49
C82 CDL XA . 20.88 7.37 41.89
C83 CDL XA . 20.80 5.86 41.94
C84 CDL XA . 19.51 5.27 41.42
C85 CDL XA . 18.31 5.54 42.30
C86 CDL XA . 17.04 4.87 41.84
C87 CDL XA . 15.99 4.83 42.91
H1 CDL XA . 29.21 19.74 33.94
H1O1 CDL XA . 27.54 20.07 32.92
HA22 CDL XA . 30.90 21.89 32.82
HA21 CDL XA . 29.97 21.91 34.30
HA32 CDL XA . 26.86 23.56 34.20
HA31 CDL XA . 28.08 24.60 34.93
HA4 CDL XA . 26.71 26.60 34.49
H112 CDL XA . 25.93 25.64 38.95
H111 CDL XA . 25.31 24.35 37.99
H122 CDL XA . 23.63 26.52 37.36
H121 CDL XA . 23.23 25.16 38.33
H132 CDL XA . 24.73 27.46 39.59
H131 CDL XA . 23.76 26.26 40.37
H142 CDL XA . 22.45 28.17 38.42
H141 CDL XA . 22.86 28.74 39.99
H152 CDL XA . 21.00 27.81 40.85
H151 CDL XA . 21.52 26.24 40.38
H162 CDL XA . 19.25 27.14 39.50
H161 CDL XA . 20.16 28.11 38.42
H172 CDL XA . 20.26 25.08 38.56
H171 CDL XA . 21.29 26.01 37.56
H182 CDL XA . 19.51 25.26 36.18
H181 CDL XA . 19.32 26.95 36.35
H192 CDL XA . 17.56 26.56 38.10
H191 CDL XA . 17.79 24.86 37.96
H202 CDL XA . 17.07 24.91 35.60
H201 CDL XA . 16.94 26.63 35.63
H212 CDL XA . 15.14 26.41 37.40
H211 CDL XA . 14.72 25.76 35.87
H222 CDL XA . 15.70 24.13 38.24
H221 CDL XA . 15.37 23.46 36.70
H232 CDL XA . 13.34 24.89 38.46
H231 CDL XA . 13.50 23.18 38.34
H242 CDL XA . 12.68 25.04 36.06
H241 CDL XA . 12.97 23.35 35.86
H252 CDL XA . 11.15 22.84 37.50
H251 CDL XA . 10.62 23.63 36.08
H262 CDL XA . 11.09 25.01 38.76
H261 CDL XA . 9.55 24.54 38.14
H273 CDL XA . 9.84 26.12 36.20
H272 CDL XA . 9.92 26.95 37.73
H271 CDL XA . 11.39 26.61 36.84
HA62 CDL XA . 25.58 25.64 32.43
HA61 CDL XA . 24.55 24.72 33.49
H312 CDL XA . 22.15 28.70 32.32
H311 CDL XA . 21.46 27.46 33.29
H322 CDL XA . 23.80 29.09 34.30
H321 CDL XA . 22.76 28.09 35.24
H332 CDL XA . 21.84 30.60 33.78
H331 CDL XA . 22.32 30.58 35.43
H342 CDL XA . 19.98 29.00 34.29
H341 CDL XA . 20.48 28.95 35.94
H352 CDL XA . 19.46 31.40 34.46
H351 CDL XA . 20.11 31.48 36.05
H362 CDL XA . 17.70 29.78 35.30
H361 CDL XA . 18.35 29.93 36.88
H372 CDL XA . 17.87 32.41 36.83
H371 CDL XA . 17.21 32.24 35.25
H382 CDL XA . 15.34 32.26 36.70
H381 CDL XA . 15.49 30.62 36.19
H392 CDL XA . 16.55 31.68 38.84
H391 CDL XA . 16.66 30.04 38.32
H402 CDL XA . 14.21 29.80 38.31
H401 CDL XA . 14.01 31.48 38.63
H412 CDL XA . 15.15 31.21 40.84
H411 CDL XA . 15.37 29.53 40.53
H422 CDL XA . 12.64 30.87 40.65
H421 CDL XA . 12.91 29.18 40.46
H432 CDL XA . 13.76 30.80 42.89
H431 CDL XA . 14.02 29.11 42.71
H442 CDL XA . 11.26 30.40 42.69
H441 CDL XA . 11.57 28.71 42.62
H452 CDL XA . 12.35 30.51 44.95
H451 CDL XA . 12.65 28.81 44.89
H462 CDL XA . 10.21 28.36 44.78
H461 CDL XA . 9.87 30.05 44.76
H473 CDL XA . 11.04 30.23 47.06
H472 CDL XA . 11.13 28.48 47.07
H471 CDL XA . 9.58 29.28 47.06
HB22 CDL XA . 31.50 19.41 32.83
HB21 CDL XA . 30.76 19.83 31.30
HB32 CDL XA . 31.26 14.14 31.24
HB31 CDL XA . 31.20 14.85 29.66
HB4 CDL XA . 29.75 12.63 30.63
H512 CDL XA . 30.24 12.75 26.29
H511 CDL XA . 28.53 12.61 26.41
H522 CDL XA . 28.93 10.05 26.74
H521 CDL XA . 30.55 10.34 26.24
H532 CDL XA . 29.47 9.68 24.25
H531 CDL XA . 29.61 11.39 24.09
H542 CDL XA . 27.25 11.69 24.73
H541 CDL XA . 27.12 10.04 25.18
H552 CDL XA . 27.41 9.29 22.87
H551 CDL XA . 27.75 10.88 22.34
H562 CDL XA . 25.11 10.16 23.65
H561 CDL XA . 25.48 11.65 22.89
H572 CDL XA . 24.15 10.36 21.38
H571 CDL XA . 25.14 8.96 21.54
H582 CDL XA . 26.24 11.55 20.40
H581 CDL XA . 27.00 10.01 20.35
H592 CDL XA . 26.12 10.27 18.20
H591 CDL XA . 25.03 9.17 18.95
H602 CDL XA . 24.60 12.16 18.55
H601 CDL XA . 23.54 11.19 19.50
H612 CDL XA . 24.15 10.43 16.64
H611 CDL XA . 22.96 11.62 16.99
H622 CDL XA . 22.96 8.77 18.08
H621 CDL XA . 22.08 9.28 16.70
H632 CDL XA . 20.35 9.74 18.08
H631 CDL XA . 21.24 11.11 18.63
H642 CDL XA . 22.32 9.58 20.39
H641 CDL XA . 21.26 8.34 19.86
H652 CDL XA . 19.29 9.76 20.43
H651 CDL XA . 20.34 10.99 21.01
H662 CDL XA . 20.20 8.18 22.15
H661 CDL XA . 21.28 9.39 22.72
H673 CDL XA . 19.10 10.84 23.13
H672 CDL XA . 18.26 9.32 23.00
H671 CDL XA . 19.46 9.55 24.24
HB62 CDL XA . 27.39 13.35 30.18
HB61 CDL XA . 27.91 15.00 30.08
H712 CDL XA . 28.58 13.96 34.23
H711 CDL XA . 28.08 12.32 34.35
H722 CDL XA . 26.04 14.53 34.57
H721 CDL XA . 27.06 14.19 35.93
H732 CDL XA . 25.12 12.28 34.60
H731 CDL XA . 24.93 13.02 36.14
H742 CDL XA . 27.31 11.81 36.60
H741 CDL XA . 26.71 10.74 35.38
H752 CDL XA . 25.99 9.76 37.40
H751 CDL XA . 24.57 10.51 36.77
H762 CDL XA . 24.81 12.40 38.29
H761 CDL XA . 26.36 11.88 38.79
H772 CDL XA . 24.89 11.22 40.54
H771 CDL XA . 25.30 9.77 39.73
H782 CDL XA . 23.14 9.98 38.39
H781 CDL XA . 22.72 11.35 39.34
H792 CDL XA . 22.94 9.84 41.42
H791 CDL XA . 23.13 8.51 40.35
H802 CDL XA . 20.83 9.74 39.36
H801 CDL XA . 20.69 10.01 41.05
H812 CDL XA . 21.12 7.28 39.77
H811 CDL XA . 19.61 7.90 40.26
H822 CDL XA . 20.14 7.80 42.57
H821 CDL XA . 21.83 7.71 42.28
H832 CDL XA . 20.98 5.53 42.96
H831 CDL XA . 21.64 5.45 41.37
H842 CDL XA . 19.62 4.19 41.30
H841 CDL XA . 19.31 5.63 40.41
H852 CDL XA . 18.15 6.61 42.37
H851 CDL XA . 18.53 5.25 43.33
H862 CDL XA . 17.25 3.86 41.50
H861 CDL XA . 16.64 5.38 40.96
H873 CDL XA . 16.17 4.03 43.63
H872 CDL XA . 14.99 4.67 42.51
H871 CDL XA . 15.95 5.76 43.48
C1 CDL YA . 5.82 -4.13 -25.87
O1 CDL YA . 4.48 -4.59 -26.05
CA2 CDL YA . 6.37 -4.68 -24.58
OA2 CDL YA . 6.91 -6.00 -24.81
PA1 CDL YA . 7.59 -6.81 -23.60
OA3 CDL YA . 6.53 -7.20 -22.65
OA4 CDL YA . 8.46 -7.86 -24.18
OA5 CDL YA . 8.50 -5.72 -22.88
CA3 CDL YA . 8.38 -5.49 -21.46
CA4 CDL YA . 9.36 -4.43 -21.06
OA6 CDL YA . 10.68 -4.93 -21.41
CA5 CDL YA . 11.73 -4.13 -21.22
OA7 CDL YA . 11.88 -3.09 -21.80
C11 CDL YA . 12.69 -4.70 -20.22
C12 CDL YA . 13.88 -3.79 -19.96
C13 CDL YA . 15.04 -4.12 -20.88
C14 CDL YA . 16.32 -4.44 -20.13
C15 CDL YA . 17.00 -3.22 -19.55
C16 CDL YA . 17.42 -2.20 -20.58
C17 CDL YA . 16.62 -0.92 -20.54
C18 CDL YA . 16.95 -0.06 -19.34
C19 CDL YA . 17.19 1.41 -19.69
C20 CDL YA . 17.87 2.20 -18.58
C21 CDL YA . 17.22 2.10 -17.22
C22 CDL YA . 18.18 1.71 -16.11
C23 CDL YA . 19.13 2.82 -15.72
C24 CDL YA . 19.36 2.94 -14.21
C25 CDL YA . 20.29 4.08 -13.82
C26 CDL YA . 20.80 4.00 -12.39
C27 CDL YA . 22.03 4.87 -12.15
CA6 CDL YA . 9.29 -4.14 -19.59
OA8 CDL YA . 8.46 -2.97 -19.38
CA7 CDL YA . 8.23 -2.64 -18.10
OA9 CDL YA . 7.64 -3.33 -17.33
C31 CDL YA . 8.83 -1.30 -17.76
C32 CDL YA . 10.30 -1.18 -18.12
C33 CDL YA . 11.00 -0.06 -17.36
C34 CDL YA . 11.11 1.25 -18.12
C35 CDL YA . 12.17 1.25 -19.19
C36 CDL YA . 13.59 1.42 -18.66
C37 CDL YA . 14.03 2.87 -18.48
C38 CDL YA . 13.53 3.54 -17.22
C39 CDL YA . 14.41 4.69 -16.74
C40 CDL YA . 14.96 4.52 -15.32
C41 CDL YA . 16.09 5.48 -14.99
C42 CDL YA . 16.40 5.63 -13.50
C43 CDL YA . 17.38 6.77 -13.22
C44 CDL YA . 18.10 6.71 -11.87
C45 CDL YA . 19.43 7.45 -11.88
C46 CDL YA . 20.19 7.47 -10.56
C47 CDL YA . 21.51 8.25 -10.67
CB2 CDL YA . 5.85 -2.62 -25.97
OB2 CDL YA . 5.33 -2.05 -24.75
PB2 CDL YA . 5.60 -0.52 -24.41
OB3 CDL YA . 4.83 -0.21 -23.18
OB4 CDL YA . 5.36 0.27 -25.64
OB5 CDL YA . 7.14 -0.40 -24.04
CB3 CDL YA . 7.64 -0.83 -22.76
CB4 CDL YA . 8.75 0.09 -22.33
OB6 CDL YA . 8.20 1.43 -22.21
CB5 CDL YA . 7.79 1.84 -21.00
OB7 CDL YA . 7.87 1.18 -20.00
C51 CDL YA . 7.23 3.23 -21.06
C52 CDL YA . 8.08 4.27 -20.35
C53 CDL YA . 9.55 4.09 -20.68
C54 CDL YA . 10.44 5.25 -20.29
C55 CDL YA . 11.83 5.09 -20.86
C56 CDL YA . 12.88 6.00 -20.26
C57 CDL YA . 14.25 5.74 -20.86
C58 CDL YA . 15.40 6.39 -20.13
C59 CDL YA . 16.65 5.56 -20.08
C60 CDL YA . 17.83 6.26 -19.41
C61 CDL YA . 18.16 5.76 -18.03
C62 CDL YA . 18.64 6.85 -17.08
C63 CDL YA . 20.02 6.61 -16.51
C64 CDL YA . 20.51 7.73 -15.61
C65 CDL YA . 21.97 7.63 -15.22
C66 CDL YA . 22.42 8.70 -14.23
C67 CDL YA . 23.73 8.38 -13.55
CB6 CDL YA . 9.84 0.13 -23.36
OB8 CDL YA . 11.03 0.67 -22.77
CB7 CDL YA . 12.15 0.60 -23.51
OB9 CDL YA . 12.15 0.55 -24.71
C71 CDL YA . 13.37 0.58 -22.65
C72 CDL YA . 13.96 1.98 -22.43
C73 CDL YA . 14.61 2.55 -23.68
C74 CDL YA . 15.60 3.68 -23.38
C75 CDL YA . 16.89 3.58 -24.15
C76 CDL YA . 18.01 4.43 -23.58
C77 CDL YA . 18.77 3.76 -22.45
C78 CDL YA . 19.92 4.58 -21.86
C79 CDL YA . 20.50 4.01 -20.58
C80 CDL YA . 21.57 4.86 -19.91
C81 CDL YA . 22.33 4.12 -18.80
C82 CDL YA . 23.19 5.02 -17.90
C83 CDL YA . 24.52 5.43 -18.48
C84 CDL YA . 25.02 6.77 -17.95
C85 CDL YA . 26.52 6.84 -17.73
C86 CDL YA . 27.03 8.26 -17.49
C87 CDL YA . 28.36 8.32 -16.75
H1 CDL YA . 6.31 -4.56 -26.73
H1O1 CDL YA . 4.52 -5.55 -26.25
HA22 CDL YA . 5.63 -4.73 -23.81
HA21 CDL YA . 7.17 -4.07 -24.18
HA32 CDL YA . 8.56 -6.41 -20.91
HA31 CDL YA . 7.36 -5.21 -21.23
HA4 CDL YA . 9.13 -3.51 -21.61
H112 CDL YA . 13.03 -5.68 -20.52
H111 CDL YA . 12.15 -4.89 -19.29
H122 CDL YA . 14.18 -3.87 -18.91
H121 CDL YA . 13.59 -2.76 -20.08
H132 CDL YA . 15.20 -3.27 -21.53
H131 CDL YA . 14.77 -4.93 -21.54
H142 CDL YA . 17.01 -4.96 -20.80
H141 CDL YA . 16.11 -5.17 -19.35
H152 CDL YA . 17.87 -3.52 -18.97
H151 CDL YA . 16.34 -2.76 -18.81
H162 CDL YA . 17.36 -2.66 -21.57
H161 CDL YA . 18.48 -1.98 -20.45
H172 CDL YA . 16.74 -0.37 -21.46
H171 CDL YA . 15.56 -1.16 -20.51
H182 CDL YA . 17.84 -0.45 -18.84
H181 CDL YA . 16.16 -0.15 -18.60
H192 CDL YA . 17.78 1.47 -20.60
H191 CDL YA . 16.24 1.88 -19.97
H202 CDL YA . 17.88 3.25 -18.88
H201 CDL YA . 18.92 1.92 -18.54
H212 CDL YA . 16.77 3.05 -16.97
H211 CDL YA . 16.38 1.40 -17.23
H222 CDL YA . 18.75 0.84 -16.41
H221 CDL YA . 17.63 1.37 -15.23
H232 CDL YA . 18.79 3.77 -16.12
H231 CDL YA . 20.10 2.67 -16.22
H242 CDL YA . 19.75 2.00 -13.82
H241 CDL YA . 18.41 3.05 -13.71
H252 CDL YA . 21.12 4.15 -14.52
H251 CDL YA . 19.76 5.03 -13.95
H262 CDL YA . 21.02 2.96 -12.13
H261 CDL YA . 20.02 4.28 -11.70
H273 CDL YA . 22.94 4.39 -12.49
H272 CDL YA . 22.16 5.11 -11.10
H271 CDL YA . 21.97 5.81 -12.69
HA62 CDL YA . 8.91 -4.99 -19.04
HA61 CDL YA . 10.26 -3.91 -19.18
H312 CDL YA . 8.67 -1.10 -16.70
H311 CDL YA . 8.25 -0.53 -18.27
H322 CDL YA . 10.40 -1.02 -19.19
H321 CDL YA . 10.81 -2.12 -17.95
H332 CDL YA . 10.50 0.12 -16.41
H331 CDL YA . 12.00 -0.39 -17.08
H342 CDL YA . 11.29 2.05 -17.42
H341 CDL YA . 10.13 1.48 -18.56
H352 CDL YA . 11.96 2.03 -19.93
H351 CDL YA . 12.11 0.32 -19.75
H362 CDL YA . 14.28 0.91 -19.33
H361 CDL YA . 13.69 0.90 -17.71
H372 CDL YA . 13.71 3.44 -19.35
H371 CDL YA . 15.12 2.93 -18.51
H382 CDL YA . 13.40 2.81 -16.43
H381 CDL YA . 12.52 3.93 -17.40
H392 CDL YA . 15.23 4.83 -17.44
H391 CDL YA . 13.86 5.63 -16.80
H402 CDL YA . 14.16 4.64 -14.60
H401 CDL YA . 15.28 3.50 -15.18
H412 CDL YA . 15.90 6.45 -15.43
H411 CDL YA . 17.00 5.13 -15.49
H422 CDL YA . 15.48 5.79 -12.95
H421 CDL YA . 16.79 4.70 -13.11
H432 CDL YA . 18.11 6.81 -14.02
H431 CDL YA . 16.85 7.71 -13.31
H442 CDL YA . 18.24 5.68 -11.56
H441 CDL YA . 17.45 7.13 -11.10
H452 CDL YA . 20.07 7.02 -12.64
H451 CDL YA . 19.28 8.48 -12.19
H462 CDL YA . 20.38 6.45 -10.23
H461 CDL YA . 19.57 7.89 -9.77
H473 CDL YA . 22.31 7.67 -11.10
H472 CDL YA . 21.86 8.60 -9.69
H471 CDL YA . 21.40 9.14 -11.29
HB22 CDL YA . 6.86 -2.25 -26.14
HB21 CDL YA . 5.25 -2.27 -26.78
HB32 CDL YA . 6.82 -0.80 -22.05
HB31 CDL YA . 7.95 -1.86 -22.79
HB4 CDL YA . 9.13 -0.25 -21.37
H512 CDL YA . 6.23 3.22 -20.65
H511 CDL YA . 7.09 3.51 -22.09
H522 CDL YA . 7.91 4.22 -19.28
H521 CDL YA . 7.76 5.27 -20.64
H532 CDL YA . 9.66 3.89 -21.74
H531 CDL YA . 9.92 3.19 -20.20
H542 CDL YA . 10.48 5.37 -19.21
H541 CDL YA . 10.00 6.18 -20.64
H552 CDL YA . 12.14 4.06 -20.76
H551 CDL YA . 11.79 5.24 -21.93
H562 CDL YA . 12.61 7.04 -20.36
H561 CDL YA . 12.93 5.84 -19.18
H572 CDL YA . 14.43 4.67 -20.93
H571 CDL YA . 14.24 6.05 -21.90
H582 CDL YA . 15.10 6.72 -19.14
H581 CDL YA . 15.64 7.32 -20.65
H592 CDL YA . 16.43 4.62 -19.56
H591 CDL YA . 16.92 5.24 -21.08
H602 CDL YA . 17.65 7.33 -19.42
H601 CDL YA . 18.70 6.15 -20.03
H612 CDL YA . 18.94 5.00 -18.10
H611 CDL YA . 17.32 5.23 -17.60
H622 CDL YA . 17.92 6.99 -16.28
H621 CDL YA . 18.63 7.80 -17.60
H632 CDL YA . 20.71 6.47 -17.34
H631 CDL YA . 20.05 5.65 -16.00
H642 CDL YA . 20.30 8.68 -16.06
H641 CDL YA . 19.90 7.74 -14.71
H652 CDL YA . 22.18 6.64 -14.80
H651 CDL YA . 22.59 7.67 -16.11
H662 CDL YA . 22.50 9.64 -14.76
H661 CDL YA . 21.64 8.87 -13.49
H673 CDL YA . 24.56 8.32 -14.25
H672 CDL YA . 23.70 7.43 -13.02
H671 CDL YA . 24.01 9.13 -12.81
HB62 CDL YA . 10.03 -0.87 -23.73
HB61 CDL YA . 9.56 0.73 -24.22
H712 CDL YA . 13.13 0.13 -21.69
H711 CDL YA . 14.13 -0.07 -23.08
H722 CDL YA . 13.16 2.63 -22.09
H721 CDL YA . 14.67 1.95 -21.61
H732 CDL YA . 13.83 2.91 -24.35
H731 CDL YA . 15.11 1.76 -24.24
H742 CDL YA . 15.82 3.69 -22.32
H741 CDL YA . 15.13 4.64 -23.56
H752 CDL YA . 17.21 2.53 -24.19
H751 CDL YA . 16.72 3.84 -25.20
H762 CDL YA . 17.59 5.38 -23.24
H761 CDL YA . 18.68 4.73 -24.38
H772 CDL YA . 19.15 2.80 -22.78
H771 CDL YA . 18.07 3.49 -21.65
H782 CDL YA . 19.60 5.61 -21.71
H781 CDL YA . 20.70 4.67 -22.60
H792 CDL YA . 20.89 3.01 -20.77
H791 CDL YA . 19.70 3.82 -19.87
H802 CDL YA . 21.11 5.75 -19.50
H801 CDL YA . 22.28 5.24 -20.65
H812 CDL YA . 22.95 3.34 -19.23
H811 CDL YA . 21.61 3.58 -18.18
H822 CDL YA . 23.34 4.52 -16.94
H821 CDL YA . 22.64 5.91 -17.64
H832 CDL YA . 24.46 5.46 -19.57
H831 CDL YA . 25.27 4.66 -18.29
H842 CDL YA . 24.52 6.99 -17.01
H841 CDL YA . 24.71 7.56 -18.61
H852 CDL YA . 27.04 6.41 -18.59
H851 CDL YA . 26.81 6.20 -16.90
H862 CDL YA . 26.28 8.83 -16.94
H861 CDL YA . 27.12 8.78 -18.43
H873 CDL YA . 29.21 8.26 -17.44
H872 CDL YA . 28.48 9.23 -16.18
H871 CDL YA . 28.48 7.49 -16.04
ZN ZN ZA . -35.57 -10.25 -40.72
C1 CDL AB . -7.58 24.12 12.23
O1 CDL AB . -6.74 23.40 11.33
CA2 CDL AB . -7.04 25.53 12.37
OA2 CDL AB . -7.84 26.24 13.33
PA1 CDL AB . -7.64 27.80 13.57
OA3 CDL AB . -7.55 28.47 12.26
OA4 CDL AB . -8.65 28.28 14.55
OA5 CDL AB . -6.20 27.91 14.24
CA3 CDL AB . -5.97 27.36 15.56
CA4 CDL AB . -4.69 27.91 16.12
OA6 CDL AB . -4.27 27.04 17.21
CA5 CDL AB . -2.96 26.79 17.35
OA7 CDL AB . -2.11 27.35 16.72
C11 CDL AB . -2.72 25.75 18.40
C12 CDL AB . -1.53 24.84 18.08
C13 CDL AB . -0.24 25.26 18.78
C14 CDL AB . 0.72 24.12 19.06
C15 CDL AB . 1.87 24.00 18.06
C16 CDL AB . 3.19 23.56 18.68
C17 CDL AB . 3.10 22.34 19.59
C18 CDL AB . 2.64 21.07 18.89
C19 CDL AB . 3.61 20.53 17.86
C20 CDL AB . 3.22 19.18 17.28
C21 CDL AB . 3.29 18.02 18.26
C22 CDL AB . 4.44 17.07 18.02
C23 CDL AB . 4.19 16.06 16.91
C24 CDL AB . 5.30 15.06 16.73
C25 CDL AB . 5.01 14.01 15.68
C26 CDL AB . 6.15 13.02 15.46
C27 CDL AB . 5.81 11.95 14.47
CA6 CDL AB . -4.89 29.29 16.69
OA8 CDL AB . -3.62 29.77 17.17
CA7 CDL AB . -2.91 30.56 16.36
OA9 CDL AB . -3.13 30.70 15.19
C31 CDL AB . -1.80 31.24 17.11
C32 CDL AB . -0.54 31.45 16.29
C33 CDL AB . 0.68 31.75 17.15
C34 CDL AB . 1.92 32.16 16.37
C35 CDL AB . 3.13 32.44 17.24
C36 CDL AB . 3.70 31.23 17.95
C37 CDL AB . 4.32 30.18 17.02
C38 CDL AB . 3.38 29.03 16.68
C39 CDL AB . 3.95 28.03 15.68
C40 CDL AB . 4.38 28.66 14.36
C41 CDL AB . 4.53 27.68 13.22
C42 CDL AB . 5.43 26.49 13.52
C43 CDL AB . 5.58 25.53 12.35
C44 CDL AB . 6.40 24.30 12.69
C45 CDL AB . 6.58 23.35 11.52
C46 CDL AB . 7.42 22.13 11.84
C47 CDL AB . 6.85 21.30 12.97
CB2 CDL AB . -7.68 23.38 13.54
OB2 CDL AB . -8.49 22.20 13.35
PB2 CDL AB . -9.32 21.62 14.57
OB3 CDL AB . -9.99 20.39 14.10
OB4 CDL AB . -10.16 22.72 15.13
OB5 CDL AB . -8.21 21.20 15.64
CB3 CDL AB . -7.12 20.34 15.24
CB4 CDL AB . -6.05 20.40 16.30
OB6 CDL AB . -4.76 20.12 15.68
CB5 CDL AB . -3.78 21.02 15.83
OB7 CDL AB . -3.97 22.19 16.00
C51 CDL AB . -2.42 20.38 15.77
C52 CDL AB . -1.29 21.38 15.99
C53 CDL AB . 0.09 20.74 16.04
C54 CDL AB . 0.71 20.42 14.69
C55 CDL AB . 0.31 19.07 14.12
C56 CDL AB . 1.44 18.05 14.07
C57 CDL AB . 2.61 18.44 13.19
C58 CDL AB . 3.47 17.25 12.78
C59 CDL AB . 4.64 17.61 11.87
C60 CDL AB . 5.88 18.09 12.59
C61 CDL AB . 6.64 16.98 13.32
C62 CDL AB . 8.01 17.39 13.80
C63 CDL AB . 8.77 16.28 14.50
C64 CDL AB . 10.23 16.60 14.81
C65 CDL AB . 10.45 17.83 15.68
C66 CDL AB . 10.12 17.68 17.16
C67 CDL AB . 8.63 17.68 17.47
CB6 CDL AB . -6.30 19.37 17.37
OB8 CDL AB . -6.38 20.02 18.65
CB7 CDL AB . -5.87 19.36 19.69
OB9 CDL AB . -6.30 18.32 20.08
C71 CDL AB . -4.70 20.09 20.28
C72 CDL AB . -3.36 19.45 20.00
C73 CDL AB . -2.22 20.41 20.30
C74 CDL AB . -0.83 19.80 20.17
C75 CDL AB . -0.57 18.68 21.14
C76 CDL AB . 0.90 18.34 21.30
C77 CDL AB . 1.69 19.35 22.11
C78 CDL AB . 3.19 19.10 22.13
C79 CDL AB . 3.59 17.68 22.50
C80 CDL AB . 5.07 17.39 22.39
C81 CDL AB . 5.96 18.50 22.95
C82 CDL AB . 7.44 18.15 22.99
C83 CDL AB . 7.74 16.84 23.69
C84 CDL AB . 9.22 16.59 23.94
C85 CDL AB . 9.51 15.40 24.84
C86 CDL AB . 8.88 14.07 24.44
C87 CDL AB . 7.40 13.95 24.77
H1 CDL AB . -8.52 24.11 11.69
H1O1 CDL AB . -6.31 24.03 10.71
HA22 CDL AB . -7.03 26.07 11.43
HA21 CDL AB . -6.01 25.54 12.75
HA32 CDL AB . -5.94 26.28 15.50
HA31 CDL AB . -6.81 27.61 16.19
HA4 CDL AB . -3.94 27.96 15.34
H112 CDL AB . -3.59 25.14 18.56
H111 CDL AB . -2.57 26.26 19.35
H122 CDL AB . -1.39 24.80 17.01
H121 CDL AB . -1.79 23.81 18.37
H132 CDL AB . -0.48 25.76 19.72
H131 CDL AB . 0.24 26.04 18.19
H142 CDL AB . 1.13 24.25 20.06
H141 CDL AB . 0.18 23.18 19.11
H152 CDL AB . 2.01 24.96 17.55
H151 CDL AB . 1.59 23.31 17.27
H162 CDL AB . 3.61 24.40 19.24
H161 CDL AB . 3.91 23.38 17.89
H172 CDL AB . 4.07 22.17 20.04
H171 CDL AB . 2.45 22.55 20.44
H182 CDL AB . 2.44 20.31 19.65
H181 CDL AB . 1.67 21.23 18.45
H192 CDL AB . 4.60 20.45 18.30
H191 CDL AB . 3.73 21.25 17.05
H202 CDL AB . 2.20 19.24 16.88
H201 CDL AB . 3.83 18.96 16.40
H212 CDL AB . 2.35 17.46 18.25
H211 CDL AB . 3.36 18.41 19.28
H222 CDL AB . 5.35 17.64 17.80
H221 CDL AB . 4.68 16.55 18.95
H232 CDL AB . 3.25 15.55 17.11
H231 CDL AB . 4.02 16.60 15.98
H242 CDL AB . 5.51 14.56 17.68
H241 CDL AB . 6.24 15.57 16.50
H252 CDL AB . 4.77 14.48 14.74
H251 CDL AB . 4.12 13.47 15.95
H262 CDL AB . 6.43 12.57 16.42
H261 CDL AB . 7.04 13.55 15.14
H273 CDL AB . 6.69 11.37 14.18
H272 CDL AB . 5.38 12.35 13.56
H271 CDL AB . 5.09 11.23 14.87
HA62 CDL AB . -5.63 29.28 17.48
HA61 CDL AB . -5.26 29.99 15.93
H312 CDL AB . -1.56 30.65 18.00
H311 CDL AB . -2.16 32.18 17.49
H322 CDL AB . -0.70 32.26 15.58
H321 CDL AB . -0.35 30.58 15.66
H332 CDL AB . 0.90 30.89 17.76
H331 CDL AB . 0.43 32.54 17.86
H342 CDL AB . 1.68 33.05 15.78
H341 CDL AB . 2.15 31.41 15.63
H352 CDL AB . 2.89 33.21 17.97
H351 CDL AB . 3.91 32.90 16.63
H362 CDL AB . 2.94 30.76 18.56
H361 CDL AB . 4.46 31.55 18.66
H372 CDL AB . 5.23 29.79 17.47
H371 CDL AB . 4.65 30.66 16.10
H382 CDL AB . 3.12 28.50 17.59
H381 CDL AB . 2.43 29.41 16.31
H392 CDL AB . 4.81 27.52 16.12
H391 CDL AB . 3.23 27.24 15.49
H402 CDL AB . 3.67 29.44 14.08
H401 CDL AB . 5.32 29.20 14.49
H412 CDL AB . 3.54 27.31 12.92
H411 CDL AB . 4.90 28.19 12.33
H422 CDL AB . 5.04 25.95 14.38
H421 CDL AB . 6.40 26.85 13.84
H432 CDL AB . 6.05 26.06 11.52
H431 CDL AB . 4.61 25.24 11.99
H442 CDL AB . 5.93 23.77 13.52
H441 CDL AB . 7.37 24.59 13.07
H452 CDL AB . 7.03 23.88 10.68
H451 CDL AB . 5.61 23.04 11.15
H462 CDL AB . 7.52 21.51 10.94
H461 CDL AB . 8.44 22.43 12.08
H473 CDL AB . 7.36 20.34 13.08
H472 CDL AB . 6.94 21.81 13.93
H471 CDL AB . 5.80 21.08 12.82
HB22 CDL AB . -8.12 24.00 14.32
HB21 CDL AB . -6.71 23.07 13.89
HB32 CDL AB . -6.73 20.69 14.29
HB31 CDL AB . -7.49 19.33 15.08
HB4 CDL AB . -6.03 21.41 16.71
H512 CDL AB . -2.31 19.90 14.80
H511 CDL AB . -2.34 19.57 16.49
H522 CDL AB . -1.48 21.94 16.90
H521 CDL AB . -1.32 22.13 15.20
H532 CDL AB . 0.06 19.85 16.66
H531 CDL AB . 0.77 21.41 16.57
H542 CDL AB . 1.79 20.50 14.76
H541 CDL AB . 0.42 21.20 13.99
H552 CDL AB . -0.52 18.67 14.69
H551 CDL AB . -0.10 19.21 13.12
H562 CDL AB . 1.79 17.85 15.08
H561 CDL AB . 1.04 17.10 13.73
H572 CDL AB . 3.23 19.17 13.69
H571 CDL AB . 2.25 18.95 12.30
H582 CDL AB . 2.86 16.49 12.31
H581 CDL AB . 3.85 16.76 13.67
H592 CDL AB . 4.88 16.74 11.25
H591 CDL AB . 4.32 18.36 11.14
H602 CDL AB . 5.62 18.88 13.28
H601 CDL AB . 6.55 18.56 11.87
H612 CDL AB . 6.72 16.11 12.69
H611 CDL AB . 6.05 16.64 14.18
H622 CDL AB . 7.93 18.26 14.44
H621 CDL AB . 8.60 17.75 12.95
H632 CDL AB . 8.74 15.38 13.88
H631 CDL AB . 8.24 15.99 15.41
H642 CDL AB . 10.78 16.72 13.88
H641 CDL AB . 10.69 15.75 15.29
H652 CDL AB . 9.90 18.68 15.28
H651 CDL AB . 11.49 18.14 15.60
H662 CDL AB . 10.60 18.46 17.73
H661 CDL AB . 10.57 16.76 17.52
H673 CDL AB . 8.20 16.68 17.42
H672 CDL AB . 8.42 18.05 18.47
H671 CDL AB . 8.07 18.30 16.78
HB62 CDL AB . -5.53 18.60 17.39
HB61 CDL AB . -7.24 18.85 17.21
H712 CDL AB . -4.87 20.18 21.35
H711 CDL AB . -4.70 21.11 19.92
H722 CDL AB . -3.31 19.12 18.96
H721 CDL AB . -3.25 18.54 20.59
H732 CDL AB . -2.35 20.82 21.29
H731 CDL AB . -2.29 21.26 19.64
H742 CDL AB . -0.08 20.58 20.28
H741 CDL AB . -0.69 19.43 19.15
H752 CDL AB . -1.11 17.79 20.84
H751 CDL AB . -0.99 18.94 22.12
H762 CDL AB . 1.34 18.22 20.31
H761 CDL AB . 0.98 17.35 21.76
H772 CDL AB . 1.31 19.38 23.12
H771 CDL AB . 1.51 20.35 21.72
H782 CDL AB . 3.65 19.78 22.84
H781 CDL AB . 3.63 19.38 21.18
H792 CDL AB . 3.08 16.97 21.85
H791 CDL AB . 3.23 17.43 23.50
H802 CDL AB . 5.34 17.19 21.36
H801 CDL AB . 5.27 16.47 22.91
H812 CDL AB . 5.61 18.77 23.94
H811 CDL AB . 5.83 19.40 22.36
H822 CDL AB . 7.98 18.96 23.48
H821 CDL AB . 7.83 18.14 21.98
H832 CDL AB . 7.35 16.03 23.08
H831 CDL AB . 7.19 16.77 24.61
H842 CDL AB . 9.66 17.49 24.36
H841 CDL AB . 9.73 16.48 22.99
H852 CDL AB . 9.21 15.65 25.86
H851 CDL AB . 10.58 15.27 24.92
H862 CDL AB . 9.02 13.91 23.38
H861 CDL AB . 9.42 13.26 24.91
H873 CDL AB . 7.15 12.96 25.14
H872 CDL AB . 6.75 14.13 23.91
H871 CDL AB . 7.08 14.66 25.54
C1 CDL BB . 0.65 18.21 9.09
O1 CDL BB . 0.00 17.01 9.51
CA2 CDL BB . -0.24 18.95 8.12
OA2 CDL BB . 0.40 20.19 7.76
PA1 CDL BB . -0.17 21.12 6.61
OA3 CDL BB . -0.49 20.28 5.43
OA4 CDL BB . -1.22 22.01 7.16
OA5 CDL BB . 1.09 22.01 6.21
CA3 CDL BB . 2.35 21.37 5.91
CA4 CDL BB . 3.36 22.40 5.48
OA6 CDL BB . 4.55 21.70 5.01
CA5 CDL BB . 4.92 21.90 3.73
OA7 CDL BB . 4.42 22.71 3.00
C11 CDL BB . 6.02 20.94 3.34
C12 CDL BB . 7.34 21.64 3.01
C13 CDL BB . 8.50 20.67 2.91
C14 CDL BB . 9.58 20.87 3.96
C15 CDL BB . 10.66 19.81 3.94
C16 CDL BB . 11.92 20.19 4.69
C17 CDL BB . 12.49 19.08 5.55
C18 CDL BB . 13.66 19.48 6.44
C19 CDL BB . 14.91 19.89 5.69
C20 CDL BB . 15.03 21.38 5.43
C21 CDL BB . 16.29 21.77 4.68
C22 CDL BB . 16.33 23.21 4.22
C23 CDL BB . 17.46 23.53 3.26
C24 CDL BB . 17.30 24.86 2.53
C25 CDL BB . 17.66 26.08 3.35
C26 CDL BB . 19.15 26.24 3.58
C27 CDL BB . 19.51 27.60 4.11
CA6 CDL BB . 3.77 23.29 6.62
OA8 CDL BB . 4.57 24.36 6.10
CA7 CDL BB . 5.30 25.06 6.98
OA9 CDL BB . 5.13 25.00 8.16
C31 CDL BB . 6.33 25.88 6.27
C32 CDL BB . 7.62 25.12 6.03
C33 CDL BB . 8.60 25.87 5.13
C34 CDL BB . 9.02 27.22 5.65
C35 CDL BB . 10.14 27.87 4.85
C36 CDL BB . 9.77 28.21 3.42
C37 CDL BB . 9.96 29.67 3.07
C38 CDL BB . 8.98 30.60 3.76
C39 CDL BB . 9.33 32.07 3.64
C40 CDL BB . 10.54 32.50 4.44
C41 CDL BB . 10.35 32.46 5.95
C42 CDL BB . 11.58 32.85 6.74
C43 CDL BB . 11.48 32.64 8.24
C44 CDL BB . 10.76 33.74 8.99
C45 CDL BB . 9.26 33.54 9.13
C46 CDL BB . 8.56 34.61 9.96
C47 CDL BB . 8.99 34.63 11.40
CB2 CDL BB . 2.01 17.89 8.51
OB2 CDL BB . 1.85 17.41 7.16
PB2 CDL BB . 2.82 16.29 6.56
OB3 CDL BB . 2.41 14.99 7.15
OB4 CDL BB . 2.83 16.43 5.09
OB5 CDL BB . 4.27 16.62 7.12
CB3 CDL BB . 4.99 17.74 6.57
CB4 CDL BB . 6.41 17.71 7.10
OB6 CDL BB . 6.95 19.05 6.94
CB5 CDL BB . 6.96 19.85 8.02
OB7 CDL BB . 5.97 20.16 8.62
C51 CDL BB . 8.35 20.30 8.34
C52 CDL BB . 8.63 21.73 7.90
C53 CDL BB . 10.11 22.07 7.93
C54 CDL BB . 10.43 23.45 7.38
C55 CDL BB . 11.91 23.73 7.25
C56 CDL BB . 12.21 25.10 6.66
C57 CDL BB . 13.70 25.42 6.55
C58 CDL BB . 13.99 26.75 5.88
C59 CDL BB . 13.34 27.95 6.54
C60 CDL BB . 13.67 29.27 5.88
C61 CDL BB . 15.05 29.79 6.21
C62 CDL BB . 15.47 31.01 5.40
C63 CDL BB . 16.79 31.60 5.84
C64 CDL BB . 17.40 32.56 4.84
C65 CDL BB . 18.75 33.11 5.26
C66 CDL BB . 19.48 33.86 4.17
C67 CDL BB . 20.86 34.29 4.61
CB6 CDL BB . 7.27 16.76 6.31
OB8 CDL BB . 8.41 16.38 7.12
CB7 CDL BB . 9.14 15.37 6.66
OB9 CDL BB . 8.72 14.54 5.89
C71 CDL BB . 10.53 15.38 7.21
C72 CDL BB . 11.51 14.56 6.38
C73 CDL BB . 11.28 13.06 6.50
C74 CDL BB . 12.20 12.22 5.62
C75 CDL BB . 12.01 10.74 5.78
C76 CDL BB . 13.01 9.89 5.01
C77 CDL BB . 12.51 9.40 3.65
C78 CDL BB . 12.29 10.50 2.64
C79 CDL BB . 11.94 10.01 1.24
C80 CDL BB . 13.03 9.17 0.59
C81 CDL BB . 12.58 7.77 0.22
C82 CDL BB . 11.75 7.70 -1.05
C83 CDL BB . 11.06 6.35 -1.25
C84 CDL BB . 10.39 6.18 -2.61
C85 CDL BB . 9.41 7.27 -2.99
C86 CDL BB . 8.17 7.39 -2.10
C87 CDL BB . 8.36 8.27 -0.90
H1 CDL BB . 0.75 18.76 10.02
H1O1 CDL BB . -0.14 16.44 8.73
HA22 CDL BB . -1.23 19.15 8.52
HA21 CDL BB . -0.40 18.40 7.20
HA32 CDL BB . 2.22 20.60 5.15
HA31 CDL BB . 2.68 20.86 6.81
HA4 CDL BB . 2.92 23.03 4.71
H112 CDL BB . 5.72 20.34 2.48
H111 CDL BB . 6.15 20.23 4.15
H122 CDL BB . 7.24 22.21 2.10
H121 CDL BB . 7.55 22.39 3.78
H132 CDL BB . 8.94 20.74 1.92
H131 CDL BB . 8.12 19.65 2.96
H142 CDL BB . 9.12 20.91 4.95
H141 CDL BB . 10.03 21.86 3.83
H152 CDL BB . 10.91 19.55 2.91
H151 CDL BB . 10.26 18.89 4.36
H162 CDL BB . 12.67 20.51 3.98
H161 CDL BB . 11.74 21.07 5.31
H172 CDL BB . 12.79 18.25 4.92
H171 CDL BB . 11.69 18.66 6.17
H182 CDL BB . 13.90 18.66 7.11
H181 CDL BB . 13.35 20.29 7.10
H192 CDL BB . 15.79 19.54 6.23
H191 CDL BB . 14.96 19.36 4.75
H202 CDL BB . 14.16 21.74 4.89
H201 CDL BB . 15.00 21.92 6.39
H212 CDL BB . 16.41 21.12 3.82
H211 CDL BB . 17.18 21.56 5.29
H222 CDL BB . 15.37 23.46 3.75
H221 CDL BB . 16.38 23.87 5.09
H232 CDL BB . 18.41 23.53 3.81
H231 CDL BB . 17.56 22.72 2.54
H242 CDL BB . 17.90 24.84 1.63
H241 CDL BB . 16.27 24.95 2.17
H252 CDL BB . 17.14 26.04 4.31
H251 CDL BB . 17.26 26.96 2.86
H262 CDL BB . 19.51 25.48 4.25
H261 CDL BB . 19.68 26.06 2.64
H273 CDL BB . 19.20 28.40 3.43
H272 CDL BB . 20.58 27.71 4.26
H271 CDL BB . 19.03 27.80 5.06
HA62 CDL BB . 2.90 23.67 7.16
HA61 CDL BB . 4.37 22.73 7.34
H312 CDL BB . 6.54 26.79 6.86
H311 CDL BB . 5.92 26.25 5.34
H322 CDL BB . 7.39 24.15 5.60
H321 CDL BB . 8.10 24.90 6.98
H332 CDL BB . 9.48 25.25 4.96
H331 CDL BB . 8.15 25.98 4.14
H342 CDL BB . 9.32 27.14 6.70
H341 CDL BB . 8.17 27.89 5.68
H352 CDL BB . 11.01 27.21 4.85
H351 CDL BB . 10.49 28.77 5.36
H362 CDL BB . 8.73 27.92 3.23
H361 CDL BB . 10.35 27.59 2.74
H372 CDL BB . 9.90 29.80 2.00
H371 CDL BB . 10.98 29.96 3.33
H382 CDL BB . 8.89 30.32 4.81
H381 CDL BB . 7.99 30.44 3.36
H392 CDL BB . 8.47 32.67 3.93
H391 CDL BB . 9.48 32.31 2.59
H402 CDL BB . 11.41 31.89 4.18
H401 CDL BB . 10.83 33.50 4.15
H412 CDL BB . 10.02 31.47 6.26
H411 CDL BB . 9.52 33.11 6.21
H422 CDL BB . 11.82 33.90 6.54
H421 CDL BB . 12.44 32.31 6.35
H432 CDL BB . 12.48 32.51 8.66
H431 CDL BB . 10.99 31.69 8.44
H442 CDL BB . 10.94 34.70 8.51
H441 CDL BB . 11.20 33.86 9.98
H452 CDL BB . 8.80 33.48 8.15
H451 CDL BB . 9.06 32.56 9.57
H462 CDL BB . 8.73 35.59 9.51
H461 CDL BB . 7.48 34.48 9.89
H473 CDL BB . 8.95 33.65 11.86
H472 CDL BB . 8.37 35.28 12.01
H471 CDL BB . 10.02 34.99 11.51
HB22 CDL BB . 2.65 18.76 8.51
HB21 CDL BB . 2.50 17.13 9.10
HB32 CDL BB . 4.99 17.65 5.49
HB31 CDL BB . 4.48 18.67 6.80
HB4 CDL BB . 6.38 17.45 8.16
H512 CDL BB . 8.51 20.20 9.41
H511 CDL BB . 9.08 19.63 7.90
H522 CDL BB . 8.07 22.42 8.51
H521 CDL BB . 8.23 21.88 6.89
H532 CDL BB . 10.47 22.00 8.95
H531 CDL BB . 10.67 21.31 7.39
H542 CDL BB . 9.94 23.58 6.40
H541 CDL BB . 9.96 24.21 8.00
H552 CDL BB . 12.39 22.96 6.65
H551 CDL BB . 12.39 23.65 8.22
H562 CDL BB . 11.74 25.17 5.67
H561 CDL BB . 11.70 25.85 7.24
H572 CDL BB . 14.13 25.42 7.56
H571 CDL BB . 14.21 24.62 6.04
H582 CDL BB . 15.06 26.89 5.83
H581 CDL BB . 13.68 26.70 4.83
H592 CDL BB . 12.26 27.82 6.56
H591 CDL BB . 13.61 27.99 7.59
H602 CDL BB . 12.91 30.01 6.15
H601 CDL BB . 13.57 29.16 4.80
H612 CDL BB . 15.10 30.04 7.27
H611 CDL BB . 15.78 29.00 6.09
H622 CDL BB . 15.51 30.75 4.34
H621 CDL BB . 14.68 31.76 5.45
H632 CDL BB . 16.65 32.12 6.79
H631 CDL BB . 17.49 30.81 6.06
H642 CDL BB . 17.49 32.07 3.87
H641 CDL BB . 16.71 33.38 4.66
H652 CDL BB . 18.62 33.75 6.13
H651 CDL BB . 19.37 32.29 5.62
H662 CDL BB . 19.55 33.24 3.27
H661 CDL BB . 18.91 34.73 3.87
H673 CDL BB . 21.55 33.45 4.70
H672 CDL BB . 20.85 34.80 5.56
H671 CDL BB . 21.32 34.98 3.89
HB62 CDL BB . 7.60 17.23 5.39
HB61 CDL BB . 6.73 15.87 6.03
H712 CDL BB . 10.87 16.42 7.28
H711 CDL BB . 10.53 15.03 8.25
H722 CDL BB . 12.53 14.81 6.70
H721 CDL BB . 11.46 14.86 5.35
H732 CDL BB . 10.25 12.83 6.26
H731 CDL BB . 11.40 12.76 7.54
H742 CDL BB . 12.04 12.51 4.58
H741 CDL BB . 13.23 12.50 5.81
H752 CDL BB . 11.00 10.45 5.49
H751 CDL BB . 12.07 10.48 6.85
H762 CDL BB . 13.93 10.45 4.87
H761 CDL BB . 13.30 9.03 5.61
H772 CDL BB . 13.21 8.66 3.27
H771 CDL BB . 11.59 8.84 3.79
H782 CDL BB . 11.49 11.17 2.98
H781 CDL BB . 13.17 11.13 2.59
H792 CDL BB . 11.69 10.85 0.60
H791 CDL BB . 11.01 9.42 1.29
H802 CDL BB . 13.89 9.13 1.23
H801 CDL BB . 13.38 9.69 -0.30
H812 CDL BB . 13.46 7.13 0.11
H811 CDL BB . 12.03 7.33 1.04
H822 CDL BB . 12.37 7.92 -1.91
H821 CDL BB . 11.00 8.49 -1.03
H832 CDL BB . 10.33 6.19 -0.46
H831 CDL BB . 11.79 5.56 -1.11
H842 CDL BB . 9.89 5.22 -2.63
H841 CDL BB . 11.17 6.10 -3.38
H852 CDL BB . 9.10 7.11 -4.02
H851 CDL BB . 9.93 8.23 -3.01
H862 CDL BB . 7.34 7.77 -2.70
H861 CDL BB . 7.86 6.40 -1.79
H873 CDL BB . 7.42 8.52 -0.42
H872 CDL BB . 8.99 7.82 -0.14
H871 CDL BB . 8.82 9.22 -1.16
C1 CDL CB . 5.81 24.87 -32.01
O1 CDL CB . 6.32 24.74 -30.68
CA2 CDL CB . 6.66 24.05 -32.94
OA2 CDL CB . 6.48 22.66 -32.65
PA1 CDL CB . 7.61 21.59 -33.01
OA3 CDL CB . 6.99 20.25 -32.96
OA4 CDL CB . 8.81 21.85 -32.19
OA5 CDL CB . 7.97 21.88 -34.55
CA3 CDL CB . 7.04 21.52 -35.59
CA4 CDL CB . 7.66 21.74 -36.94
OA6 CDL CB . 8.37 20.53 -37.34
CA5 CDL CB . 8.52 20.30 -38.65
OA7 CDL CB . 7.99 20.95 -39.51
C11 CDL CB . 9.44 19.14 -38.90
C12 CDL CB . 10.76 19.24 -38.17
C13 CDL CB . 11.44 20.60 -38.29
C14 CDL CB . 11.60 21.33 -36.96
C15 CDL CB . 12.92 21.06 -36.26
C16 CDL CB . 13.97 22.12 -36.49
C17 CDL CB . 15.28 21.86 -35.78
C18 CDL CB . 16.34 22.91 -36.06
C19 CDL CB . 17.68 22.63 -35.40
C20 CDL CB . 17.62 22.47 -33.90
C21 CDL CB . 18.97 22.61 -33.22
C22 CDL CB . 18.91 22.46 -31.71
C23 CDL CB . 19.74 23.49 -30.96
C24 CDL CB . 21.23 23.43 -31.26
C25 CDL CB . 21.98 24.69 -30.87
C26 CDL CB . 21.68 25.90 -31.73
C27 CDL CB . 22.00 25.69 -33.21
CA6 CDL CB . 8.65 22.87 -36.93
OA8 CDL CB . 7.99 24.13 -36.69
CA7 CDL CB . 8.64 25.22 -37.09
OA9 CDL CB . 9.75 25.21 -37.55
C31 CDL CB . 7.82 26.46 -36.90
C32 CDL CB . 8.67 27.67 -36.56
C33 CDL CB . 8.03 28.99 -36.92
C34 CDL CB . 7.90 29.24 -38.41
C35 CDL CB . 7.64 30.69 -38.79
C36 CDL CB . 7.47 30.92 -40.27
C37 CDL CB . 7.05 32.34 -40.63
C38 CDL CB . 7.03 32.63 -42.13
C39 CDL CB . 5.66 32.50 -42.79
C40 CDL CB . 5.12 31.09 -42.89
C41 CDL CB . 5.93 30.18 -43.78
C42 CDL CB . 5.18 29.65 -45.00
C43 CDL CB . 4.09 28.64 -44.66
C44 CDL CB . 3.37 28.10 -45.88
C45 CDL CB . 2.27 27.10 -45.55
C46 CDL CB . 1.60 26.50 -46.77
C47 CDL CB . 0.55 25.46 -46.43
CB2 CDL CB . 5.74 26.33 -32.37
OB2 CDL CB . 4.89 26.50 -33.52
PB2 CDL CB . 3.45 27.18 -33.37
OB3 CDL CB . 2.77 26.53 -32.22
OB4 CDL CB . 2.78 27.18 -34.69
OB5 CDL CB . 3.78 28.68 -32.95
CB3 CDL CB . 3.98 29.68 -33.98
CB4 CDL CB . 4.73 30.84 -33.41
OB6 CDL CB . 5.87 30.32 -32.66
CB5 CDL CB . 7.10 30.63 -33.10
OB7 CDL CB . 7.36 30.92 -34.24
C51 CDL CB . 8.10 30.57 -31.98
C52 CDL CB . 9.54 30.53 -32.46
C53 CDL CB . 10.52 30.32 -31.33
C54 CDL CB . 11.97 30.19 -31.78
C55 CDL CB . 12.95 29.96 -30.64
C56 CDL CB . 14.40 29.83 -31.08
C57 CDL CB . 14.96 31.09 -31.73
C58 CDL CB . 16.44 31.01 -32.04
C59 CDL CB . 17.01 32.29 -32.64
C60 CDL CB . 18.50 32.25 -32.88
C61 CDL CB . 19.09 33.56 -33.41
C62 CDL CB . 18.62 33.93 -34.81
C63 CDL CB . 19.18 35.25 -35.30
C64 CDL CB . 18.76 35.62 -36.71
C65 CDL CB . 19.76 35.24 -37.79
C66 CDL CB . 20.11 33.76 -37.84
C67 CDL CB . 21.05 33.42 -38.98
CB6 CDL CB . 3.88 31.63 -32.45
OB8 CDL CB . 4.61 32.80 -32.04
CB7 CDL CB . 4.41 33.24 -30.79
OB9 CDL CB . 3.93 32.58 -29.91
C71 CDL CB . 4.85 34.67 -30.63
C72 CDL CB . 6.17 34.81 -29.91
C73 CDL CB . 6.73 36.22 -29.93
C74 CDL CB . 5.88 37.25 -29.19
C75 CDL CB . 4.89 38.00 -30.07
C76 CDL CB . 5.54 39.02 -30.99
C77 CDL CB . 4.60 39.57 -32.05
C78 CDL CB . 3.35 40.24 -31.51
C79 CDL CB . 2.39 40.71 -32.58
C80 CDL CB . 2.85 41.92 -33.36
C81 CDL CB . 3.03 43.17 -32.51
C82 CDL CB . 2.87 44.47 -33.28
C83 CDL CB . 1.45 44.74 -33.74
C84 CDL CB . 1.27 46.07 -34.45
C85 CDL CB . -0.13 46.28 -35.01
C86 CDL CB . -0.33 47.62 -35.68
C87 CDL CB . -1.69 47.77 -36.31
H1 CDL CB . 4.81 24.44 -31.89
H1O1 CDL CB . 5.58 24.43 -30.09
HA22 CDL CB . 7.72 24.30 -32.87
HA21 CDL CB . 6.38 24.19 -33.99
HA32 CDL CB . 6.12 22.07 -35.47
HA31 CDL CB . 6.78 20.47 -35.47
HA4 CDL CB . 6.87 22.00 -37.65
H112 CDL CB . 8.96 18.20 -38.64
H111 CDL CB . 9.60 19.06 -39.97
H122 CDL CB . 11.44 18.46 -38.55
H121 CDL CB . 10.62 18.97 -37.12
H132 CDL CB . 12.43 20.46 -38.74
H131 CDL CB . 10.91 21.22 -39.01
H142 CDL CB . 10.78 21.07 -36.31
H141 CDL CB . 11.49 22.40 -37.13
H152 CDL CB . 13.31 20.08 -36.58
H151 CDL CB . 12.75 20.94 -35.20
H162 CDL CB . 13.57 23.08 -36.19
H161 CDL CB . 14.14 22.24 -37.56
H172 CDL CB . 15.66 20.88 -36.05
H171 CDL CB . 15.11 21.79 -34.71
H182 CDL CB . 15.98 23.88 -35.74
H181 CDL CB . 16.48 23.01 -37.14
H192 CDL CB . 18.13 21.74 -35.85
H191 CDL CB . 18.38 23.42 -35.66
H202 CDL CB . 17.20 21.49 -33.67
H201 CDL CB . 16.91 23.18 -33.48
H212 CDL CB . 19.40 23.58 -33.47
H211 CDL CB . 19.67 21.89 -33.63
H222 CDL CB . 19.27 21.46 -31.43
H221 CDL CB . 17.88 22.49 -31.36
H232 CDL CB . 19.58 23.38 -29.89
H231 CDL CB . 19.35 24.48 -31.19
H242 CDL CB . 21.39 23.22 -32.32
H241 CDL CB . 21.67 22.57 -30.75
H252 CDL CB . 21.79 24.92 -29.83
H251 CDL CB . 23.06 24.48 -30.90
H262 CDL CB . 22.23 26.77 -31.37
H261 CDL CB . 20.63 26.18 -31.63
H273 CDL CB . 23.01 25.30 -33.35
H272 CDL CB . 21.31 24.99 -33.68
H271 CDL CB . 21.94 26.62 -33.77
HA62 CDL CB . 9.19 22.91 -37.88
HA61 CDL CB . 9.41 22.73 -36.16
H312 CDL CB . 7.20 26.65 -37.77
H311 CDL CB . 7.11 26.27 -36.10
H322 CDL CB . 9.64 27.58 -37.05
H321 CDL CB . 8.92 27.65 -35.49
H332 CDL CB . 8.58 29.81 -36.46
H331 CDL CB . 7.04 29.04 -36.45
H342 CDL CB . 8.80 28.88 -38.91
H341 CDL CB . 7.11 28.61 -38.81
H352 CDL CB . 8.46 31.31 -38.42
H351 CDL CB . 6.78 31.06 -38.25
H362 CDL CB . 8.40 30.69 -40.79
H361 CDL CB . 6.75 30.20 -40.68
H372 CDL CB . 7.71 33.05 -40.14
H371 CDL CB . 6.07 32.55 -40.22
H382 CDL CB . 7.74 31.98 -42.64
H381 CDL CB . 7.43 33.63 -42.30
H392 CDL CB . 5.69 32.96 -43.78
H391 CDL CB . 4.95 33.13 -42.24
H402 CDL CB . 5.04 30.66 -41.89
H401 CDL CB . 4.09 31.13 -43.25
H412 CDL CB . 6.29 29.33 -43.19
H411 CDL CB . 6.84 30.68 -44.12
H422 CDL CB . 5.88 29.20 -45.70
H421 CDL CB . 4.74 30.48 -45.55
H432 CDL CB . 3.37 29.09 -43.98
H431 CDL CB . 4.53 27.81 -44.10
H442 CDL CB . 2.95 28.91 -46.46
H441 CDL CB . 4.09 27.63 -46.55
H452 CDL CB . 1.52 27.59 -44.93
H451 CDL CB . 2.66 26.31 -44.92
H462 CDL CB . 1.16 27.28 -47.37
H461 CDL CB . 2.35 26.05 -47.41
H473 CDL CB . -0.09 25.77 -45.61
H472 CDL CB . 1.00 24.50 -46.14
H471 CDL CB . -0.10 25.25 -47.27
HB22 CDL CB . 6.72 26.74 -32.60
HB21 CDL CB . 5.31 26.92 -31.56
HB32 CDL CB . 3.00 29.98 -34.33
HB31 CDL CB . 4.49 29.23 -34.83
HB4 CDL CB . 5.07 31.47 -34.23
H512 CDL CB . 7.94 31.43 -31.34
H511 CDL CB . 7.90 29.71 -31.34
H522 CDL CB . 9.78 31.44 -33.00
H521 CDL CB . 9.66 29.74 -33.21
H532 CDL CB . 10.24 29.43 -30.76
H531 CDL CB . 10.44 31.13 -30.61
H542 CDL CB . 12.24 31.07 -32.35
H541 CDL CB . 12.05 29.37 -32.50
H552 CDL CB . 12.66 29.07 -30.08
H551 CDL CB . 12.86 30.76 -29.91
H562 CDL CB . 14.50 28.99 -31.76
H561 CDL CB . 15.01 29.57 -30.23
H572 CDL CB . 14.77 31.95 -31.08
H571 CDL CB . 14.40 31.31 -32.64
H582 CDL CB . 17.00 30.75 -31.14
H581 CDL CB . 16.63 30.19 -32.72
H592 CDL CB . 16.77 33.13 -31.98
H591 CDL CB . 16.49 32.52 -33.56
H602 CDL CB . 19.02 31.96 -31.96
H601 CDL CB . 18.75 31.44 -33.58
H612 CDL CB . 20.18 33.50 -33.39
H611 CDL CB . 18.86 34.36 -32.71
H622 CDL CB . 18.87 33.13 -35.50
H621 CDL CB . 17.53 33.97 -34.83
H632 CDL CB . 20.27 35.22 -35.25
H631 CDL CB . 18.91 36.05 -34.61
H642 CDL CB . 18.55 36.69 -36.77
H641 CDL CB . 17.80 35.16 -36.93
H652 CDL CB . 20.67 35.82 -37.66
H651 CDL CB . 19.39 35.55 -38.76
H662 CDL CB . 19.20 33.16 -37.93
H661 CDL CB . 20.55 33.45 -36.90
H673 CDL CB . 20.94 32.40 -39.31
H672 CDL CB . 22.10 33.54 -38.69
H671 CDL CB . 20.90 34.06 -39.84
HB62 CDL CB . 3.62 31.01 -31.60
HB61 CDL CB . 2.94 31.94 -32.90
H712 CDL CB . 4.07 35.20 -30.10
H711 CDL CB . 4.90 35.15 -31.61
H722 CDL CB . 6.88 34.12 -30.34
H721 CDL CB . 6.06 34.47 -28.87
H732 CDL CB . 6.87 36.53 -30.96
H731 CDL CB . 7.74 36.22 -29.50
H742 CDL CB . 6.54 37.97 -28.70
H741 CDL CB . 5.34 36.77 -28.37
H752 CDL CB . 4.15 38.49 -29.44
H751 CDL CB . 4.31 37.30 -30.66
H762 CDL CB . 6.41 38.59 -31.47
H761 CDL CB . 5.93 39.84 -30.40
H772 CDL CB . 4.31 38.76 -32.73
H771 CDL CB . 5.14 40.26 -32.69
H782 CDL CB . 3.64 41.09 -30.90
H781 CDL CB . 2.83 39.57 -30.82
H792 CDL CB . 1.41 40.91 -32.14
H791 CDL CB . 2.19 39.89 -33.27
H802 CDL CB . 2.16 42.11 -34.18
H801 CDL CB . 3.80 41.69 -33.85
H812 CDL CB . 4.00 43.15 -32.02
H811 CDL CB . 2.31 43.15 -31.68
H822 CDL CB . 3.22 45.30 -32.67
H821 CDL CB . 3.54 44.47 -34.13
H832 CDL CB . 0.77 44.69 -32.90
H831 CDL CB . 1.11 43.95 -34.40
H842 CDL CB . 1.51 46.89 -33.77
H841 CDL CB . 2.00 46.16 -35.25
H852 CDL CB . -0.86 46.15 -34.21
H851 CDL CB . -0.36 45.49 -35.71
H862 CDL CB . 0.44 47.78 -36.43
H861 CDL CB . -0.17 48.43 -34.97
H873 CDL CB . -1.79 47.17 -37.21
H872 CDL CB . -2.49 47.45 -35.64
H871 CDL CB . -1.90 48.80 -36.60
O12 PC1 DB . 8.47 6.13 32.70
P PC1 DB . 8.05 6.72 31.41
O14 PC1 DB . 7.52 5.82 30.37
O13 PC1 DB . 6.93 7.82 31.72
C11 PC1 DB . 5.54 7.43 31.83
C12 PC1 DB . 4.75 8.72 31.94
N PC1 DB . 4.73 9.40 33.30
C13 PC1 DB . 5.93 9.06 34.12
C14 PC1 DB . 4.72 10.89 33.08
C15 PC1 DB . 3.51 9.01 34.04
O11 PC1 DB . 9.30 7.48 30.81
C1 PC1 DB . 9.16 8.70 30.06
C2 PC1 DB . 8.62 8.39 28.70
O21 PC1 DB . 9.62 7.59 27.99
C21 PC1 DB . 9.16 6.68 27.12
O22 PC1 DB . 8.05 6.65 26.69
C22 PC1 DB . 10.24 5.68 26.78
C23 PC1 DB . 10.06 5.02 25.42
C24 PC1 DB . 11.13 3.98 25.12
C25 PC1 DB . 12.48 4.58 24.74
C26 PC1 DB . 13.67 3.95 25.42
C27 PC1 DB . 14.94 4.78 25.30
C28 PC1 DB . 16.19 3.97 24.98
C29 PC1 DB . 16.70 4.16 23.55
C2A PC1 DB . 17.00 2.86 22.83
C2B PC1 DB . 17.09 2.97 21.31
C2C PC1 DB . 18.32 3.68 20.79
C2D PC1 DB . 18.07 5.09 20.30
C2E PC1 DB . 19.11 5.64 19.35
C2F PC1 DB . 18.61 5.77 17.91
C2G PC1 DB . 19.66 6.22 16.92
C2H PC1 DB . 19.16 6.24 15.49
C2I PC1 DB . 20.15 6.83 14.51
C3 PC1 DB . 8.38 9.63 27.90
O31 PC1 DB . 9.67 10.19 27.58
C31 PC1 DB . 9.83 11.50 27.76
O32 PC1 DB . 8.98 12.32 27.45
C32 PC1 DB . 11.16 11.83 28.34
C33 PC1 DB . 12.23 12.07 27.29
C34 PC1 DB . 13.33 13.00 27.75
C35 PC1 DB . 14.23 13.50 26.64
C36 PC1 DB . 15.39 12.59 26.32
C37 PC1 DB . 16.69 13.01 26.95
C38 PC1 DB . 17.60 13.79 26.00
C39 PC1 DB . 18.35 12.91 25.03
C3A PC1 DB . 19.25 13.65 24.06
C3B PC1 DB . 18.52 14.63 23.13
C3C PC1 DB . 18.61 16.08 23.57
C3D PC1 DB . 17.29 16.82 23.54
C3E PC1 DB . 16.87 17.32 22.15
C3F PC1 DB . 16.33 16.23 21.23
C3G PC1 DB . 15.06 15.56 21.74
C3H PC1 DB . 14.08 15.12 20.65
C3I PC1 DB . 13.45 16.28 19.90
H111 PC1 DB . 5.43 6.74 32.66
H112 PC1 DB . 5.27 6.86 30.95
H121 PC1 DB . 5.13 9.43 31.19
H122 PC1 DB . 3.73 8.55 31.64
H131 PC1 DB . 5.91 9.53 35.10
H132 PC1 DB . 6.86 9.34 33.64
H133 PC1 DB . 5.99 7.99 34.32
H141 PC1 DB . 4.62 11.43 34.01
H142 PC1 DB . 3.88 11.19 32.47
H143 PC1 DB . 5.62 11.23 32.61
H151 PC1 DB . 3.41 9.54 34.99
H152 PC1 DB . 3.50 7.95 34.27
H153 PC1 DB . 2.60 9.22 33.48
H11 PC1 DB . 10.15 9.18 30.01
H12 PC1 DB . 8.53 9.41 30.59
H2 PC1 DB . 7.69 7.84 28.80
H221 PC1 DB . 10.27 4.92 27.56
H222 PC1 DB . 11.20 6.17 26.84
H231 PC1 DB . 10.06 5.78 24.65
H232 PC1 DB . 9.07 4.58 25.35
H241 PC1 DB . 10.79 3.33 24.33
H242 PC1 DB . 11.26 3.32 25.98
H251 PC1 DB . 12.46 5.66 24.92
H252 PC1 DB . 12.61 4.50 23.67
H261 PC1 DB . 13.84 2.95 25.01
H262 PC1 DB . 13.43 3.76 26.46
H271 PC1 DB . 15.10 5.33 26.23
H272 PC1 DB . 14.80 5.56 24.57
H281 PC1 DB . 16.01 2.92 25.18
H282 PC1 DB . 16.98 4.23 25.67
H291 PC1 DB . 17.60 4.77 23.58
H292 PC1 DB . 15.99 4.74 22.98
H2A1 PC1 DB . 16.24 2.13 23.10
H2A2 PC1 DB . 17.92 2.43 23.22
H2B1 PC1 DB . 16.20 3.46 20.95
H2B2 PC1 DB . 17.03 1.97 20.89
H2C1 PC1 DB . 18.77 3.09 19.98
H2C2 PC1 DB . 19.09 3.68 21.56
H2D1 PC1 DB . 17.95 5.75 21.16
H2D2 PC1 DB . 17.10 5.12 19.80
H2E1 PC1 DB . 20.01 5.03 19.37
H2E2 PC1 DB . 19.45 6.62 19.70
H2F1 PC1 DB . 18.18 4.81 17.59
H2F2 PC1 DB . 17.77 6.45 17.89
H2G1 PC1 DB . 20.54 5.58 17.00
H2G2 PC1 DB . 20.04 7.21 17.19
H2H1 PC1 DB . 18.22 6.78 15.43
H2H2 PC1 DB . 18.89 5.23 15.18
H2I1 PC1 DB . 20.97 7.33 15.02
H2I2 PC1 DB . 19.69 7.56 13.85
H2I3 PC1 DB . 20.60 6.07 13.86
H31 PC1 DB . 7.81 10.38 28.44
H32 PC1 DB . 7.83 9.39 26.99
H321 PC1 DB . 11.46 11.04 29.02
H322 PC1 DB . 11.06 12.71 28.98
H331 PC1 DB . 11.77 12.44 26.38
H332 PC1 DB . 12.67 11.11 27.00
H341 PC1 DB . 12.89 13.85 28.29
H342 PC1 DB . 13.94 12.50 28.51
H351 PC1 DB . 14.60 14.50 26.89
H352 PC1 DB . 13.63 13.67 25.74
H361 PC1 DB . 15.14 11.57 26.61
H362 PC1 DB . 15.50 12.54 25.24
H371 PC1 DB . 16.49 13.62 27.83
H372 PC1 DB . 17.22 12.15 27.33
H381 PC1 DB . 18.30 14.39 26.57
H382 PC1 DB . 17.01 14.52 25.45
H391 PC1 DB . 17.63 12.29 24.49
H392 PC1 DB . 18.94 12.18 25.58
H3A1 PC1 DB . 19.83 12.94 23.47
H3A2 PC1 DB . 20.00 14.19 24.63
H3B1 PC1 DB . 17.48 14.34 23.05
H3B2 PC1 DB . 18.91 14.53 22.12
H3C1 PC1 DB . 19.33 16.59 22.92
H3C2 PC1 DB . 19.04 16.15 24.56
H3D1 PC1 DB . 17.33 17.66 24.22
H3D2 PC1 DB . 16.51 16.18 23.94
H3E1 PC1 DB . 17.73 17.81 21.68
H3E2 PC1 DB . 16.13 18.10 22.26
H3F1 PC1 DB . 17.12 15.49 21.07
H3F2 PC1 DB . 16.16 16.65 20.24
H3G1 PC1 DB . 14.56 16.23 22.43
H3G2 PC1 DB . 15.32 14.70 22.36
H3H1 PC1 DB . 13.30 14.50 21.10
H3H2 PC1 DB . 14.57 14.45 19.95
H3I1 PC1 DB . 12.81 16.89 20.55
H3I2 PC1 DB . 12.82 15.94 19.07
H3I3 PC1 DB . 14.19 16.96 19.47
#